data_2FHH
#
_entry.id   2FHH
#
_cell.length_a   173.957
_cell.length_b   116.172
_cell.length_c   200.203
_cell.angle_alpha   90.00
_cell.angle_beta   112.71
_cell.angle_gamma   90.00
#
_symmetry.space_group_name_H-M   'P 1 21 1'
#
loop_
_entity.id
_entity.type
_entity.pdbx_description
1 polymer '20S proteasome, alpha and beta subunits'
2 polymer 'proteasome, beta subunit'
3 non-polymer '(1R)-3-METHYL-1-{[N-(MORPHOLIN-4-YLCARBONYL)-3-(1-NAPHTHYL)-D-ALANYL]AMINO}BUTYLBORONIC ACID'
4 water water
#
loop_
_entity_poly.entity_id
_entity_poly.type
_entity_poly.pdbx_seq_one_letter_code
_entity_poly.pdbx_strand_id
1 'polypeptide(L)'
;MNSSSFPYFISPEQAMRERSELARKGIARAKSVVALAYAGGVLFVAENPSRSLQKISELYDRVGFAAAGKFNEFDNLRRG
GIQFADTRGYAYDRRDVTGRQLANVYAQTLGTIFTEQAKPYEVELCVAEVAHYGETKRPELYRITYDGSIADEPHFVVMG
GTTEPIANALKESYAENASLTDALRIAVAALRAGSADTSGGDQPTLGVASLEVAVLDANRPRRAFRRITGSALQALLVDQ
ESPQSDGESSG
;
A,B,D,F,I,K,M,O,Q,S,U,W,Y,1
2 'polypeptide(L)'
;TTIVALKYPGGVVMAGDRRSTQGNMISGRDVRKVYITDDYTATGIAGTAAVAVEFARLYAVELEHYEKLEGVPLTFAGKI
NRLAIMVRGNLAAAMQGLLALPLLAGYDIHASDPQSAGRIVSFDAAGGWNIEEEGYQAVGSGSLFAKSSMKKLYSQVTDG
DSGLRVAVEALYDAADDDSATGGPDLVRGIFPTAVIIDADGAVDVPESRIAELARAIIESRSGADTFGSDGGEKHHHHHH
;
H,C,E,G,J,L,N,P,R,T,V,X,Z,2
#
loop_
_chem_comp.id
_chem_comp.type
_chem_comp.name
_chem_comp.formula
M1N non-polymer '(1R)-3-METHYL-1-{[N-(MORPHOLIN-4-YLCARBONYL)-3-(1-NAPHTHYL)-D-ALANYL]AMINO}BUTYLBORONIC ACID' 'C23 H32 B N3 O5'
#
# COMPACT_ATOMS: atom_id res chain seq x y z
N SER A 11 -19.87 32.38 64.06
CA SER A 11 -21.34 32.45 64.30
C SER A 11 -22.13 32.38 62.98
N PRO A 12 -22.18 31.18 62.36
CA PRO A 12 -22.84 30.94 61.07
C PRO A 12 -24.17 31.68 60.87
N GLU A 13 -25.00 31.71 61.90
CA GLU A 13 -26.31 32.41 61.86
C GLU A 13 -26.13 33.92 61.80
N GLN A 14 -25.32 34.44 62.72
CA GLN A 14 -25.00 35.86 62.78
C GLN A 14 -24.21 36.31 61.54
N ALA A 15 -23.37 35.41 61.02
CA ALA A 15 -22.61 35.63 59.79
C ALA A 15 -23.53 35.98 58.64
N MET A 16 -24.57 35.17 58.44
CA MET A 16 -25.54 35.38 57.35
C MET A 16 -26.29 36.69 57.46
N ARG A 17 -26.43 37.19 58.69
CA ARG A 17 -27.13 38.45 58.93
C ARG A 17 -26.31 39.67 58.50
N GLU A 18 -24.99 39.60 58.68
CA GLU A 18 -24.06 40.64 58.22
C GLU A 18 -24.00 40.70 56.69
N ARG A 19 -24.01 39.53 56.05
CA ARG A 19 -24.03 39.43 54.60
C ARG A 19 -25.26 40.18 54.08
N SER A 20 -26.42 39.78 54.60
CA SER A 20 -27.71 40.38 54.22
C SER A 20 -27.65 41.88 54.40
N GLU A 21 -27.21 42.31 55.57
CA GLU A 21 -27.03 43.71 55.88
C GLU A 21 -26.21 44.45 54.81
N LEU A 22 -24.97 44.00 54.61
CA LEU A 22 -24.05 44.62 53.65
C LEU A 22 -24.73 44.80 52.30
N ALA A 23 -25.32 43.72 51.80
CA ALA A 23 -26.00 43.72 50.51
C ALA A 23 -27.16 44.72 50.49
N ARG A 24 -28.03 44.61 51.48
CA ARG A 24 -29.26 45.41 51.53
C ARG A 24 -29.00 46.92 51.59
N LYS A 25 -27.91 47.32 52.25
CA LYS A 25 -27.47 48.72 52.27
C LYS A 25 -27.04 49.19 50.89
N GLY A 26 -26.18 48.42 50.24
CA GLY A 26 -25.75 48.71 48.89
C GLY A 26 -26.90 48.94 47.93
N ILE A 27 -27.95 48.12 48.04
CA ILE A 27 -29.15 48.27 47.21
C ILE A 27 -29.81 49.61 47.49
N ALA A 28 -29.90 49.96 48.78
CA ALA A 28 -30.52 51.21 49.20
C ALA A 28 -29.83 52.44 48.60
N ARG A 29 -28.50 52.53 48.75
CA ARG A 29 -27.75 53.68 48.25
C ARG A 29 -27.69 53.76 46.70
N ALA A 30 -28.09 52.70 46.03
CA ALA A 30 -28.17 52.70 44.56
C ALA A 30 -29.44 53.38 44.07
N LYS A 31 -29.47 53.71 42.78
CA LYS A 31 -30.62 54.38 42.17
C LYS A 31 -31.83 53.46 42.10
N SER A 32 -32.94 53.98 41.59
CA SER A 32 -34.20 53.23 41.55
C SER A 32 -34.61 52.77 40.14
N VAL A 33 -35.19 51.58 40.09
CA VAL A 33 -35.64 50.95 38.84
C VAL A 33 -37.05 50.38 39.03
N VAL A 34 -37.91 50.57 38.02
CA VAL A 34 -39.31 50.09 38.07
C VAL A 34 -39.73 49.40 36.77
N ALA A 35 -40.44 48.29 36.92
CA ALA A 35 -41.05 47.58 35.81
C ALA A 35 -42.53 47.38 36.13
N LEU A 36 -43.38 47.46 35.10
CA LEU A 36 -44.82 47.28 35.29
C LEU A 36 -45.52 46.78 34.04
N ALA A 37 -46.64 46.09 34.24
CA ALA A 37 -47.44 45.54 33.15
C ALA A 37 -48.44 46.58 32.61
N TYR A 38 -48.53 46.68 31.28
CA TYR A 38 -49.46 47.57 30.64
C TYR A 38 -49.99 46.94 29.35
N ALA A 39 -50.96 47.60 28.71
CA ALA A 39 -51.64 47.06 27.52
C ALA A 39 -50.72 46.43 26.48
N GLY A 40 -49.64 47.13 26.09
CA GLY A 40 -48.71 46.66 25.06
C GLY A 40 -47.73 45.57 25.47
N GLY A 41 -47.61 45.33 26.77
CA GLY A 41 -46.68 44.32 27.27
C GLY A 41 -46.09 44.66 28.64
N VAL A 42 -44.80 44.99 28.66
CA VAL A 42 -44.10 45.40 29.90
C VAL A 42 -43.24 46.63 29.68
N LEU A 43 -43.26 47.53 30.67
CA LEU A 43 -42.54 48.79 30.59
C LEU A 43 -41.38 48.80 31.57
N PHE A 44 -40.20 49.17 31.08
CA PHE A 44 -39.01 49.30 31.92
C PHE A 44 -38.58 50.75 32.00
N VAL A 45 -38.57 51.28 33.22
CA VAL A 45 -38.13 52.66 33.48
C VAL A 45 -37.22 52.68 34.68
N ALA A 46 -36.05 53.30 34.51
CA ALA A 46 -35.09 53.46 35.59
C ALA A 46 -34.33 54.78 35.43
N GLU A 47 -34.05 55.46 36.55
CA GLU A 47 -33.25 56.67 36.48
C GLU A 47 -31.80 56.32 36.29
N ASN A 48 -31.22 56.84 35.22
CA ASN A 48 -29.86 56.58 34.87
C ASN A 48 -29.28 57.77 34.13
N PRO A 49 -28.41 58.52 34.80
CA PRO A 49 -27.74 59.67 34.19
C PRO A 49 -26.83 59.26 33.03
N SER A 50 -26.17 58.11 33.16
CA SER A 50 -25.20 57.67 32.15
C SER A 50 -25.83 57.43 30.79
N ARG A 51 -25.05 57.66 29.75
CA ARG A 51 -25.55 57.46 28.40
C ARG A 51 -25.32 56.01 27.92
N SER A 52 -24.34 55.34 28.48
CA SER A 52 -23.92 54.02 28.00
C SER A 52 -24.14 52.91 29.02
N LEU A 53 -23.92 53.19 30.29
CA LEU A 53 -24.05 52.19 31.34
C LEU A 53 -25.50 51.91 31.64
N GLN A 54 -26.06 50.93 30.93
CA GLN A 54 -27.49 50.64 31.00
C GLN A 54 -27.86 49.63 32.07
N LYS A 55 -29.02 49.84 32.69
CA LYS A 55 -29.53 48.97 33.74
C LYS A 55 -30.63 48.03 33.23
N ILE A 56 -31.06 48.24 31.99
CA ILE A 56 -32.14 47.46 31.39
C ILE A 56 -31.68 46.90 30.05
N SER A 57 -31.94 45.62 29.83
CA SER A 57 -31.44 44.94 28.64
C SER A 57 -32.38 43.83 28.12
N GLU A 58 -32.19 43.43 26.87
CA GLU A 58 -32.86 42.26 26.30
C GLU A 58 -32.15 41.00 26.76
N LEU A 59 -32.90 39.90 26.89
CA LEU A 59 -32.32 38.59 27.16
C LEU A 59 -32.57 37.67 25.99
N TYR A 60 -33.83 37.31 25.79
CA TYR A 60 -34.23 36.47 24.67
C TYR A 60 -35.46 37.08 23.97
N ASP A 61 -35.87 36.46 22.87
CA ASP A 61 -37.04 36.86 22.10
C ASP A 61 -38.06 37.72 22.85
N ARG A 62 -38.70 37.12 23.84
CA ARG A 62 -39.81 37.76 24.53
C ARG A 62 -39.53 38.02 26.01
N VAL A 63 -38.29 37.83 26.44
CA VAL A 63 -37.94 38.06 27.86
C VAL A 63 -36.92 39.17 28.03
N GLY A 64 -37.06 39.92 29.12
CA GLY A 64 -36.26 41.11 29.35
C GLY A 64 -35.67 41.23 30.74
N PHE A 65 -34.59 42.02 30.84
CA PHE A 65 -33.79 42.13 32.05
C PHE A 65 -33.73 43.56 32.52
N ALA A 66 -33.82 43.74 33.82
CA ALA A 66 -33.56 45.02 34.46
C ALA A 66 -33.13 44.79 35.89
N ALA A 67 -32.17 45.59 36.35
CA ALA A 67 -31.65 45.45 37.71
C ALA A 67 -31.15 46.77 38.29
N ALA A 68 -31.18 46.87 39.62
CA ALA A 68 -30.57 47.98 40.34
C ALA A 68 -29.45 47.51 41.27
N GLY A 69 -28.46 48.36 41.51
CA GLY A 69 -27.32 48.00 42.36
C GLY A 69 -25.98 48.25 41.72
N LYS A 70 -24.95 47.54 42.19
CA LYS A 70 -23.59 47.75 41.72
C LYS A 70 -23.46 47.23 40.28
N PHE A 71 -23.21 48.15 39.35
CA PHE A 71 -23.24 47.87 37.92
C PHE A 71 -22.45 46.63 37.49
N ASN A 72 -21.13 46.64 37.71
CA ASN A 72 -20.23 45.54 37.34
C ASN A 72 -20.73 44.17 37.76
N GLU A 73 -21.50 44.15 38.84
CA GLU A 73 -22.10 42.92 39.34
C GLU A 73 -23.33 42.50 38.54
N PHE A 74 -24.33 43.37 38.39
CA PHE A 74 -25.50 42.96 37.62
C PHE A 74 -25.24 42.80 36.13
N ASP A 75 -24.34 43.62 35.57
CA ASP A 75 -24.00 43.51 34.14
C ASP A 75 -23.38 42.15 33.86
N ASN A 76 -22.68 41.64 34.86
CA ASN A 76 -22.15 40.29 34.85
C ASN A 76 -23.28 39.27 34.71
N LEU A 77 -24.22 39.29 35.67
CA LEU A 77 -25.37 38.40 35.62
C LEU A 77 -26.14 38.57 34.32
N ARG A 78 -26.29 39.81 33.88
CA ARG A 78 -26.95 40.11 32.60
C ARG A 78 -26.34 39.28 31.48
N ARG A 79 -25.02 39.35 31.35
CA ARG A 79 -24.29 38.59 30.33
C ARG A 79 -24.51 37.10 30.47
N GLY A 80 -24.45 36.61 31.70
CA GLY A 80 -24.69 35.22 31.98
C GLY A 80 -26.05 34.75 31.49
N GLY A 81 -27.07 35.58 31.76
CA GLY A 81 -28.44 35.33 31.30
C GLY A 81 -28.47 35.19 29.80
N ILE A 82 -27.99 36.21 29.10
CA ILE A 82 -27.90 36.17 27.65
C ILE A 82 -27.18 34.90 27.17
N GLN A 83 -26.09 34.54 27.85
CA GLN A 83 -25.33 33.33 27.53
C GLN A 83 -26.19 32.09 27.70
N PHE A 84 -26.85 31.98 28.84
CA PHE A 84 -27.70 30.84 29.13
C PHE A 84 -28.83 30.71 28.12
N ALA A 85 -29.56 31.80 27.91
CA ALA A 85 -30.71 31.81 27.00
C ALA A 85 -30.32 31.39 25.61
N ASP A 86 -29.34 32.07 25.02
CA ASP A 86 -28.92 31.77 23.67
C ASP A 86 -28.53 30.30 23.49
N THR A 87 -27.88 29.71 24.50
CA THR A 87 -27.42 28.31 24.44
C THR A 87 -28.62 27.39 24.49
N ARG A 88 -29.46 27.62 25.50
CA ARG A 88 -30.65 26.83 25.71
C ARG A 88 -31.51 26.82 24.44
N GLY A 89 -31.71 28.00 23.86
CA GLY A 89 -32.41 28.17 22.60
C GLY A 89 -31.86 27.33 21.47
N TYR A 90 -30.54 27.31 21.34
CA TYR A 90 -29.88 26.54 20.27
C TYR A 90 -29.90 25.05 20.54
N ALA A 91 -29.85 24.66 21.80
CA ALA A 91 -29.92 23.26 22.17
C ALA A 91 -31.29 22.65 21.86
N TYR A 92 -32.35 23.41 22.12
CA TYR A 92 -33.69 22.93 21.91
C TYR A 92 -34.43 23.74 20.84
N ASP A 93 -35.24 24.70 21.25
CA ASP A 93 -35.78 25.66 20.31
C ASP A 93 -35.93 27.00 20.98
N ARG A 94 -35.93 28.05 20.18
CA ARG A 94 -36.13 29.40 20.64
C ARG A 94 -37.35 29.48 21.56
N ARG A 95 -38.41 28.79 21.18
CA ARG A 95 -39.67 28.81 21.91
C ARG A 95 -39.63 28.15 23.29
N ASP A 96 -38.52 27.49 23.63
CA ASP A 96 -38.37 26.76 24.90
C ASP A 96 -37.68 27.55 26.00
N VAL A 97 -37.38 28.82 25.75
CA VAL A 97 -36.79 29.67 26.76
C VAL A 97 -37.89 30.49 27.44
N THR A 98 -37.90 30.57 28.76
CA THR A 98 -39.09 31.03 29.47
C THR A 98 -38.95 32.30 30.31
N GLY A 99 -37.74 32.63 30.73
CA GLY A 99 -37.60 33.77 31.64
C GLY A 99 -38.09 33.43 33.04
N ARG A 100 -39.01 32.49 33.13
CA ARG A 100 -39.22 31.79 34.38
C ARG A 100 -37.99 30.94 34.61
N GLN A 101 -37.47 30.32 33.55
CA GLN A 101 -36.20 29.62 33.60
C GLN A 101 -35.09 30.55 34.07
N LEU A 102 -34.98 31.71 33.44
CA LEU A 102 -33.92 32.64 33.76
C LEU A 102 -34.00 33.13 35.20
N ALA A 103 -35.22 33.33 35.69
CA ALA A 103 -35.42 33.69 37.08
C ALA A 103 -34.86 32.62 38.00
N ASN A 104 -35.10 31.35 37.69
CA ASN A 104 -34.51 30.23 38.42
C ASN A 104 -33.00 30.31 38.43
N VAL A 105 -32.43 30.34 37.24
CA VAL A 105 -30.98 30.39 37.07
C VAL A 105 -30.35 31.56 37.85
N TYR A 106 -30.98 32.72 37.80
CA TYR A 106 -30.50 33.85 38.58
C TYR A 106 -30.63 33.62 40.09
N ALA A 107 -31.76 33.04 40.51
CA ALA A 107 -31.96 32.70 41.92
C ALA A 107 -30.90 31.72 42.38
N GLN A 108 -30.58 30.78 41.50
CA GLN A 108 -29.55 29.78 41.78
C GLN A 108 -28.19 30.44 41.95
N THR A 109 -27.82 31.27 40.99
CA THR A 109 -26.53 31.93 40.97
C THR A 109 -26.36 32.83 42.17
N LEU A 110 -27.29 33.77 42.34
CA LEU A 110 -27.26 34.71 43.46
C LEU A 110 -27.29 33.98 44.79
N GLY A 111 -28.00 32.85 44.81
CA GLY A 111 -28.03 31.95 45.96
C GLY A 111 -26.64 31.45 46.32
N THR A 112 -25.95 30.86 45.35
CA THR A 112 -24.57 30.39 45.56
C THR A 112 -23.66 31.53 45.98
N ILE A 113 -23.70 32.63 45.24
CA ILE A 113 -22.90 33.81 45.53
C ILE A 113 -23.04 34.23 46.99
N PHE A 114 -24.27 34.34 47.47
CA PHE A 114 -24.56 34.76 48.85
C PHE A 114 -23.94 33.84 49.92
N THR A 115 -23.50 32.65 49.49
CA THR A 115 -22.90 31.65 50.36
C THR A 115 -21.41 31.52 50.07
N GLU A 116 -21.08 31.24 48.82
CA GLU A 116 -19.73 30.91 48.40
C GLU A 116 -18.79 32.12 48.30
N GLN A 117 -19.20 33.16 47.60
CA GLN A 117 -18.37 34.35 47.40
C GLN A 117 -18.11 35.04 48.71
N ALA A 118 -16.92 35.64 48.85
CA ALA A 118 -16.59 36.36 50.06
C ALA A 118 -17.65 37.42 50.35
N LYS A 119 -17.84 38.34 49.42
CA LYS A 119 -18.83 39.41 49.57
C LYS A 119 -20.00 39.16 48.61
N PRO A 120 -21.24 39.18 49.13
CA PRO A 120 -22.44 38.94 48.33
C PRO A 120 -22.71 40.06 47.34
N TYR A 121 -23.40 39.72 46.25
CA TYR A 121 -23.71 40.70 45.22
C TYR A 121 -24.68 41.75 45.74
N GLU A 122 -24.35 43.01 45.50
CA GLU A 122 -25.24 44.12 45.83
C GLU A 122 -26.14 44.43 44.64
N VAL A 123 -27.08 43.54 44.38
CA VAL A 123 -28.00 43.69 43.25
C VAL A 123 -29.41 43.23 43.60
N GLU A 124 -30.36 43.66 42.77
CA GLU A 124 -31.73 43.13 42.79
C GLU A 124 -32.22 43.10 41.35
N LEU A 125 -32.75 41.95 40.94
CA LEU A 125 -33.02 41.69 39.54
C LEU A 125 -34.50 41.62 39.21
N CYS A 126 -34.82 41.89 37.94
CA CYS A 126 -36.16 41.69 37.41
C CYS A 126 -36.13 41.03 36.03
N VAL A 127 -36.75 39.86 35.94
CA VAL A 127 -36.92 39.17 34.66
C VAL A 127 -38.38 39.26 34.27
N ALA A 128 -38.63 39.71 33.05
CA ALA A 128 -39.97 39.93 32.56
C ALA A 128 -40.23 39.25 31.22
N GLU A 129 -41.33 38.51 31.12
CA GLU A 129 -41.73 37.88 29.87
C GLU A 129 -43.09 38.37 29.41
N VAL A 130 -43.27 38.45 28.11
CA VAL A 130 -44.54 38.84 27.54
C VAL A 130 -44.86 38.03 26.28
N ALA A 131 -46.02 37.38 26.30
CA ALA A 131 -46.47 36.41 25.29
C ALA A 131 -45.97 36.60 23.86
N HIS A 132 -45.82 35.48 23.17
CA HIS A 132 -45.34 35.43 21.79
C HIS A 132 -46.32 36.18 20.89
N TYR A 133 -45.90 36.52 19.67
CA TYR A 133 -46.68 37.42 18.79
C TYR A 133 -48.19 37.21 18.78
N GLY A 134 -48.66 36.22 18.04
CA GLY A 134 -50.10 35.98 17.89
C GLY A 134 -50.80 35.74 19.23
N GLU A 135 -50.20 34.84 20.01
CA GLU A 135 -50.65 34.47 21.34
C GLU A 135 -51.03 35.65 22.24
N THR A 136 -51.93 35.41 23.18
CA THR A 136 -52.30 36.39 24.20
C THR A 136 -52.19 35.76 25.58
N LYS A 137 -51.31 36.31 26.40
CA LYS A 137 -51.06 35.78 27.74
C LYS A 137 -50.62 36.88 28.67
N ARG A 138 -50.98 36.70 29.94
CA ARG A 138 -50.74 37.69 30.98
C ARG A 138 -49.23 37.88 31.19
N PRO A 139 -48.69 39.07 30.86
CA PRO A 139 -47.27 39.37 31.02
C PRO A 139 -46.80 39.00 32.42
N GLU A 140 -45.59 38.46 32.52
CA GLU A 140 -45.07 37.90 33.76
C GLU A 140 -43.85 38.67 34.30
N LEU A 141 -43.83 38.92 35.62
CA LEU A 141 -42.74 39.66 36.24
C LEU A 141 -42.13 38.87 37.40
N TYR A 142 -40.80 38.72 37.39
CA TYR A 142 -40.05 38.01 38.44
C TYR A 142 -39.03 38.90 39.12
N ARG A 143 -38.99 38.84 40.44
CA ARG A 143 -38.00 39.58 41.21
C ARG A 143 -37.08 38.64 41.95
N ILE A 144 -35.79 38.76 41.68
CA ILE A 144 -34.79 37.97 42.37
C ILE A 144 -33.94 38.86 43.24
N THR A 145 -33.88 38.52 44.52
CA THR A 145 -33.15 39.28 45.52
C THR A 145 -31.71 38.80 45.65
N TYR A 146 -30.90 39.56 46.39
CA TYR A 146 -29.49 39.27 46.56
C TYR A 146 -29.21 37.90 47.17
N ASP A 147 -30.11 37.41 48.02
CA ASP A 147 -29.87 36.17 48.74
C ASP A 147 -30.35 34.94 47.97
N GLY A 148 -30.84 35.17 46.75
CA GLY A 148 -31.30 34.07 45.91
C GLY A 148 -32.80 33.79 46.02
N SER A 149 -33.50 34.60 46.82
CA SER A 149 -34.95 34.48 46.94
C SER A 149 -35.61 35.00 45.67
N ILE A 150 -36.73 34.38 45.32
CA ILE A 150 -37.42 34.68 44.07
C ILE A 150 -38.94 34.74 44.27
N ALA A 151 -39.55 35.80 43.77
CA ALA A 151 -41.00 36.00 43.85
C ALA A 151 -41.53 36.59 42.55
N ASP A 152 -42.81 36.34 42.24
CA ASP A 152 -43.40 36.92 41.02
C ASP A 152 -44.59 37.82 41.25
N GLU A 153 -44.35 39.13 41.21
CA GLU A 153 -45.43 40.13 41.25
C GLU A 153 -46.29 40.05 39.98
N PRO A 154 -47.62 40.22 40.13
CA PRO A 154 -48.50 40.09 38.98
C PRO A 154 -48.73 41.41 38.24
N HIS A 155 -48.41 42.54 38.87
CA HIS A 155 -48.67 43.87 38.27
C HIS A 155 -47.44 44.73 38.03
N PHE A 156 -46.63 44.93 39.06
CA PHE A 156 -45.45 45.80 38.97
C PHE A 156 -44.35 45.39 39.94
N VAL A 157 -43.10 45.75 39.60
CA VAL A 157 -41.93 45.47 40.44
C VAL A 157 -41.08 46.71 40.66
N VAL A 158 -40.77 46.99 41.92
CA VAL A 158 -39.86 48.08 42.29
C VAL A 158 -38.59 47.54 42.95
N MET A 159 -37.47 48.23 42.71
CA MET A 159 -36.19 47.84 43.28
C MET A 159 -35.16 48.97 43.22
N GLY A 160 -34.30 49.02 44.25
CA GLY A 160 -33.25 50.03 44.33
C GLY A 160 -33.70 51.26 45.08
N GLY A 161 -32.86 51.73 46.00
CA GLY A 161 -33.19 52.88 46.85
C GLY A 161 -34.32 52.57 47.82
N THR A 162 -35.03 53.61 48.24
CA THR A 162 -36.21 53.44 49.10
C THR A 162 -37.42 53.11 48.24
N THR A 163 -37.92 51.88 48.40
CA THR A 163 -39.01 51.35 47.57
C THR A 163 -40.41 51.76 48.07
N GLU A 164 -40.59 51.80 49.39
CA GLU A 164 -41.91 52.08 49.98
C GLU A 164 -42.68 53.24 49.34
N PRO A 165 -42.10 54.47 49.32
CA PRO A 165 -42.75 55.61 48.63
C PRO A 165 -43.01 55.40 47.14
N ILE A 166 -42.06 54.75 46.45
CA ILE A 166 -42.20 54.45 45.01
C ILE A 166 -43.23 53.34 44.76
N ALA A 167 -43.17 52.30 45.56
CA ALA A 167 -44.08 51.15 45.47
C ALA A 167 -45.48 51.52 45.93
N ASN A 168 -45.54 52.37 46.94
CA ASN A 168 -46.79 52.87 47.48
C ASN A 168 -47.58 53.66 46.43
N ALA A 169 -46.90 54.61 45.80
CA ALA A 169 -47.46 55.43 44.73
C ALA A 169 -48.08 54.57 43.63
N LEU A 170 -47.45 53.44 43.34
CA LEU A 170 -47.94 52.49 42.35
C LEU A 170 -49.17 51.68 42.84
N LYS A 171 -49.17 51.32 44.13
CA LYS A 171 -50.28 50.56 44.70
C LYS A 171 -51.62 51.21 44.39
N GLU A 172 -51.57 52.48 44.00
CA GLU A 172 -52.77 53.24 43.61
C GLU A 172 -52.73 53.67 42.15
N SER A 173 -51.62 54.27 41.72
CA SER A 173 -51.48 54.82 40.37
C SER A 173 -51.53 53.79 39.26
N TYR A 174 -51.30 52.51 39.62
CA TYR A 174 -51.26 51.47 38.61
C TYR A 174 -52.60 51.28 37.91
N ALA A 175 -52.62 51.67 36.64
CA ALA A 175 -53.78 51.40 35.78
C ALA A 175 -53.61 50.05 35.10
N GLU A 176 -54.42 49.10 35.56
CA GLU A 176 -54.41 47.71 35.13
C GLU A 176 -54.00 47.53 33.67
N ASN A 177 -54.74 48.21 32.79
CA ASN A 177 -54.55 48.07 31.37
C ASN A 177 -54.18 49.40 30.71
N ALA A 178 -53.19 50.07 31.30
CA ALA A 178 -52.80 51.41 30.88
C ALA A 178 -52.29 51.47 29.44
N SER A 179 -52.05 52.68 28.97
CA SER A 179 -51.43 52.92 27.67
C SER A 179 -49.92 53.06 27.87
N LEU A 180 -49.17 52.96 26.78
CA LEU A 180 -47.72 53.18 26.83
C LEU A 180 -47.38 54.57 27.38
N THR A 181 -48.05 55.60 26.88
CA THR A 181 -47.84 56.96 27.37
C THR A 181 -48.45 57.17 28.76
N ASP A 182 -49.48 56.39 29.08
CA ASP A 182 -50.15 56.46 30.38
C ASP A 182 -49.32 55.79 31.46
N ALA A 183 -48.87 54.56 31.18
CA ALA A 183 -48.05 53.78 32.12
C ALA A 183 -46.71 54.46 32.41
N LEU A 184 -46.12 55.08 31.39
CA LEU A 184 -44.87 55.82 31.56
C LEU A 184 -45.08 57.01 32.46
N ARG A 185 -46.20 57.69 32.27
CA ARG A 185 -46.61 58.81 33.12
C ARG A 185 -46.76 58.35 34.58
N ILE A 186 -47.57 57.31 34.77
CA ILE A 186 -47.76 56.67 36.08
C ILE A 186 -46.43 56.29 36.73
N ALA A 187 -45.52 55.72 35.92
CA ALA A 187 -44.22 55.26 36.38
C ALA A 187 -43.35 56.42 36.87
N VAL A 188 -42.93 57.30 35.97
CA VAL A 188 -42.03 58.42 36.31
C VAL A 188 -42.54 59.24 37.50
N ALA A 189 -43.88 59.37 37.59
CA ALA A 189 -44.51 60.01 38.74
C ALA A 189 -44.25 59.24 40.03
N ALA A 190 -44.61 57.95 40.02
CA ALA A 190 -44.40 57.05 41.16
C ALA A 190 -42.92 56.99 41.59
N LEU A 191 -42.03 57.21 40.64
CA LEU A 191 -40.58 57.19 40.88
C LEU A 191 -40.15 58.43 41.65
N ARG A 192 -40.62 59.59 41.21
CA ARG A 192 -40.37 60.86 41.91
C ARG A 192 -40.81 60.85 43.38
N ALA A 193 -41.79 59.99 43.70
CA ALA A 193 -42.33 59.91 45.06
C ALA A 193 -41.25 59.54 46.07
N GLY A 194 -40.30 58.72 45.63
CA GLY A 194 -39.12 58.37 46.44
C GLY A 194 -37.88 59.18 46.04
N SER A 195 -37.91 60.48 46.35
CA SER A 195 -36.85 61.41 45.97
C SER A 195 -36.81 62.60 46.95
N LEU A 206 -35.73 67.13 38.04
CA LEU A 206 -35.78 65.70 38.36
C LEU A 206 -36.71 64.93 37.41
N GLY A 207 -36.35 63.67 37.16
CA GLY A 207 -37.11 62.79 36.27
C GLY A 207 -37.22 63.30 34.83
N VAL A 208 -36.14 63.89 34.33
CA VAL A 208 -36.06 64.48 32.98
C VAL A 208 -35.85 63.39 31.89
N ALA A 209 -35.89 63.77 30.61
CA ALA A 209 -35.58 62.84 29.52
C ALA A 209 -34.12 62.39 29.56
N SER A 210 -33.53 62.45 30.74
CA SER A 210 -32.20 61.96 31.02
C SER A 210 -32.28 60.80 32.03
N LEU A 211 -32.82 59.69 31.54
CA LEU A 211 -32.93 58.41 32.26
C LEU A 211 -33.01 57.27 31.23
N GLU A 212 -33.38 56.08 31.67
CA GLU A 212 -33.39 54.92 30.78
C GLU A 212 -34.75 54.25 30.68
N VAL A 213 -35.22 54.10 29.45
CA VAL A 213 -36.55 53.58 29.15
C VAL A 213 -36.52 52.57 28.01
N ALA A 214 -37.18 51.42 28.21
CA ALA A 214 -37.33 50.42 27.17
C ALA A 214 -38.57 49.57 27.44
N VAL A 215 -39.11 48.92 26.40
CA VAL A 215 -40.32 48.11 26.54
C VAL A 215 -40.23 46.73 25.94
N LEU A 216 -41.03 45.83 26.50
CA LEU A 216 -41.27 44.56 25.90
C LEU A 216 -42.57 44.61 25.11
N ASP A 217 -42.48 45.04 23.85
CA ASP A 217 -43.64 45.22 22.95
C ASP A 217 -44.19 43.89 22.44
N ALA A 218 -45.21 43.38 23.13
CA ALA A 218 -45.82 42.10 22.80
C ALA A 218 -46.34 42.06 21.36
N ASN A 219 -46.48 43.23 20.75
CA ASN A 219 -46.98 43.35 19.41
C ASN A 219 -45.92 43.05 18.34
N ARG A 220 -44.65 43.09 18.75
CA ARG A 220 -43.54 42.81 17.83
C ARG A 220 -43.55 41.36 17.38
N PRO A 221 -43.19 41.11 16.10
CA PRO A 221 -43.15 39.75 15.56
C PRO A 221 -42.24 38.77 16.31
N ARG A 222 -40.94 39.05 16.37
CA ARG A 222 -40.02 38.13 17.03
C ARG A 222 -39.41 38.74 18.27
N ARG A 223 -38.41 39.61 18.10
CA ARG A 223 -37.74 40.19 19.24
C ARG A 223 -38.56 41.31 19.88
N ALA A 224 -39.19 40.97 20.99
CA ALA A 224 -40.16 41.84 21.64
C ALA A 224 -39.53 42.92 22.49
N PHE A 225 -38.30 43.34 22.15
CA PHE A 225 -37.62 44.37 22.91
C PHE A 225 -37.50 45.64 22.09
N ARG A 226 -37.54 46.79 22.76
CA ARG A 226 -37.35 48.07 22.09
C ARG A 226 -36.95 49.12 23.10
N ARG A 227 -35.85 49.82 22.83
CA ARG A 227 -35.45 50.94 23.68
C ARG A 227 -36.14 52.19 23.18
N ILE A 228 -36.61 53.02 24.10
CA ILE A 228 -37.16 54.31 23.70
C ILE A 228 -36.10 55.40 23.85
N THR A 229 -35.70 55.93 22.70
CA THR A 229 -34.62 56.91 22.59
C THR A 229 -34.99 58.25 23.22
N GLY A 230 -34.33 59.33 22.80
CA GLY A 230 -34.54 60.65 23.41
C GLY A 230 -35.74 61.41 22.90
N SER A 231 -35.74 61.72 21.61
CA SER A 231 -36.79 62.51 20.96
C SER A 231 -38.16 61.84 21.07
N ALA A 232 -38.22 60.58 20.68
CA ALA A 232 -39.43 59.76 20.72
C ALA A 232 -40.00 59.65 22.13
N LEU A 233 -39.12 59.61 23.12
CA LEU A 233 -39.49 59.55 24.54
C LEU A 233 -40.30 60.76 25.00
N GLN A 234 -39.83 61.95 24.65
CA GLN A 234 -40.47 63.20 25.06
C GLN A 234 -41.97 63.20 24.75
N ALA A 235 -42.32 62.68 23.57
CA ALA A 235 -43.70 62.60 23.09
C ALA A 235 -44.63 61.76 23.97
N LEU A 236 -44.08 61.20 25.05
CA LEU A 236 -44.81 60.33 25.97
C LEU A 236 -44.64 60.79 27.42
N LEU A 237 -43.56 61.51 27.66
CA LEU A 237 -43.10 61.82 29.01
C LEU A 237 -44.05 62.70 29.83
N VAL A 238 -44.01 62.48 31.16
CA VAL A 238 -44.85 63.15 32.17
C VAL A 238 -44.34 64.54 32.59
N ASP A 239 -45.24 65.53 32.58
CA ASP A 239 -45.00 66.86 33.15
C ASP A 239 -44.86 66.76 34.69
N GLN A 240 -43.80 67.35 35.28
CA GLN A 240 -43.63 67.37 36.75
C GLN A 240 -43.91 68.75 37.37
N THR B 1 -26.69 22.52 -6.72
CA THR B 1 -26.99 23.80 -6.05
C THR B 1 -26.48 25.03 -6.80
N THR B 2 -27.24 26.11 -6.72
CA THR B 2 -26.76 27.42 -7.08
C THR B 2 -27.39 28.43 -6.15
N ILE B 3 -26.55 29.26 -5.56
CA ILE B 3 -26.97 30.39 -4.77
C ILE B 3 -26.38 31.57 -5.54
N VAL B 4 -27.14 32.64 -5.69
CA VAL B 4 -26.67 33.76 -6.48
C VAL B 4 -26.94 35.06 -5.74
N ALA B 5 -26.06 36.03 -5.90
CA ALA B 5 -26.23 37.32 -5.24
C ALA B 5 -25.95 38.47 -6.20
N LEU B 6 -26.84 39.47 -6.18
CA LEU B 6 -26.75 40.64 -7.06
C LEU B 6 -26.73 41.95 -6.30
N LYS B 7 -25.94 42.89 -6.82
CA LYS B 7 -25.84 44.23 -6.29
C LYS B 7 -26.55 45.17 -7.25
N TYR B 8 -27.54 45.90 -6.75
CA TYR B 8 -28.21 46.95 -7.52
C TYR B 8 -28.11 48.28 -6.73
N PRO B 9 -28.41 49.43 -7.38
CA PRO B 9 -28.43 50.76 -6.77
C PRO B 9 -28.92 50.84 -5.31
N GLY B 10 -30.16 50.42 -5.08
CA GLY B 10 -30.73 50.41 -3.72
C GLY B 10 -30.00 49.56 -2.69
N GLY B 11 -29.73 48.30 -3.04
CA GLY B 11 -29.09 47.33 -2.15
C GLY B 11 -28.64 46.06 -2.82
N VAL B 12 -29.04 44.91 -2.26
CA VAL B 12 -28.67 43.56 -2.76
C VAL B 12 -29.84 42.59 -2.79
N VAL B 13 -29.77 41.66 -3.73
CA VAL B 13 -30.69 40.53 -3.77
C VAL B 13 -29.90 39.21 -3.79
N MET B 14 -30.37 38.24 -3.01
CA MET B 14 -29.82 36.90 -3.05
C MET B 14 -30.92 35.89 -3.27
N ALA B 15 -30.71 34.96 -4.19
CA ALA B 15 -31.68 33.90 -4.48
C ALA B 15 -30.99 32.57 -4.73
N GLY B 16 -31.59 31.49 -4.25
CA GLY B 16 -31.07 30.18 -4.53
C GLY B 16 -32.15 29.16 -4.77
N ASP B 17 -31.83 28.13 -5.56
CA ASP B 17 -32.73 27.02 -5.88
C ASP B 17 -33.15 26.22 -4.68
N ARG B 18 -33.92 25.15 -4.90
CA ARG B 18 -34.34 24.29 -3.80
C ARG B 18 -34.12 22.81 -4.00
N ARG B 19 -33.26 22.46 -4.94
CA ARG B 19 -32.93 21.05 -5.17
C ARG B 19 -32.01 20.53 -4.09
N SER B 20 -32.18 19.25 -3.76
CA SER B 20 -31.26 18.56 -2.87
C SER B 20 -31.12 17.17 -3.45
N THR B 21 -29.88 16.84 -3.81
CA THR B 21 -29.63 15.63 -4.53
C THR B 21 -28.72 14.72 -3.74
N GLN B 22 -28.73 13.44 -4.09
CA GLN B 22 -27.94 12.45 -3.39
C GLN B 22 -27.53 11.40 -4.38
N GLY B 23 -26.36 11.57 -4.94
CA GLY B 23 -26.00 10.79 -6.09
C GLY B 23 -26.59 11.55 -7.23
N ASN B 24 -27.20 10.84 -8.14
CA ASN B 24 -27.95 11.49 -9.17
C ASN B 24 -29.45 11.22 -8.93
N MET B 25 -29.88 11.46 -7.70
CA MET B 25 -31.15 11.01 -7.23
C MET B 25 -31.72 12.18 -6.50
N ILE B 26 -32.82 12.73 -7.02
CA ILE B 26 -33.45 13.88 -6.38
C ILE B 26 -33.99 13.46 -5.02
N SER B 27 -33.59 14.16 -3.96
CA SER B 27 -34.01 13.82 -2.62
C SER B 27 -34.58 15.03 -1.88
N GLY B 28 -34.75 16.12 -2.60
CA GLY B 28 -35.31 17.32 -2.05
C GLY B 28 -35.80 18.18 -3.19
N ARG B 29 -36.95 18.84 -2.99
CA ARG B 29 -37.48 19.71 -4.03
C ARG B 29 -37.90 21.08 -3.52
N ASP B 30 -37.67 21.33 -2.24
CA ASP B 30 -38.18 22.52 -1.58
C ASP B 30 -37.26 22.99 -0.46
N VAL B 31 -35.96 22.82 -0.65
CA VAL B 31 -35.00 23.22 0.34
C VAL B 31 -34.87 24.74 0.37
N ARG B 32 -34.87 25.31 1.57
CA ARG B 32 -34.64 26.74 1.76
C ARG B 32 -33.15 26.99 1.92
N LYS B 33 -32.47 27.35 0.83
CA LYS B 33 -31.04 27.55 0.90
C LYS B 33 -30.57 28.97 1.23
N VAL B 34 -31.50 29.93 1.31
CA VAL B 34 -31.15 31.31 1.63
C VAL B 34 -31.81 31.79 2.91
N TYR B 35 -31.03 32.39 3.79
CA TYR B 35 -31.45 32.71 5.14
C TYR B 35 -31.25 34.19 5.47
N ILE B 36 -32.15 34.74 6.28
CA ILE B 36 -31.99 36.10 6.77
C ILE B 36 -31.25 36.01 8.10
N THR B 37 -29.94 36.23 8.06
CA THR B 37 -29.11 36.06 9.26
C THR B 37 -29.39 37.12 10.33
N ASP B 38 -29.48 38.38 9.91
CA ASP B 38 -30.06 39.43 10.76
C ASP B 38 -30.73 40.48 9.87
N ASP B 39 -31.04 41.63 10.45
CA ASP B 39 -31.80 42.64 9.76
C ASP B 39 -31.19 43.13 8.45
N TYR B 40 -29.88 43.06 8.31
CA TYR B 40 -29.24 43.55 7.09
C TYR B 40 -28.35 42.52 6.43
N THR B 41 -28.48 41.27 6.83
CA THR B 41 -27.62 40.19 6.37
C THR B 41 -28.42 38.99 5.92
N ALA B 42 -28.22 38.59 4.67
CA ALA B 42 -28.72 37.30 4.19
C ALA B 42 -27.52 36.41 3.92
N THR B 43 -27.64 35.14 4.28
CA THR B 43 -26.58 34.18 4.03
C THR B 43 -27.11 32.94 3.32
N GLY B 44 -26.51 32.61 2.18
CA GLY B 44 -26.85 31.40 1.41
C GLY B 44 -25.70 30.43 1.53
N ILE B 45 -25.99 29.13 1.44
CA ILE B 45 -25.05 28.07 1.84
C ILE B 45 -25.12 26.86 0.90
N ALA B 46 -23.96 26.40 0.41
CA ALA B 46 -23.95 25.33 -0.58
C ALA B 46 -23.18 24.13 -0.09
N GLY B 47 -23.42 22.97 -0.69
CA GLY B 47 -22.74 21.76 -0.28
C GLY B 47 -23.51 20.82 0.62
N THR B 48 -22.90 20.46 1.73
CA THR B 48 -23.44 19.44 2.62
C THR B 48 -24.55 19.99 3.48
N ALA B 49 -25.75 19.48 3.25
CA ALA B 49 -26.96 19.99 3.83
C ALA B 49 -26.91 20.05 5.35
N ALA B 50 -26.54 18.96 6.01
CA ALA B 50 -26.52 19.02 7.45
C ALA B 50 -25.67 20.22 7.95
N VAL B 51 -24.57 20.50 7.26
CA VAL B 51 -23.67 21.56 7.69
C VAL B 51 -24.19 22.94 7.28
N ALA B 52 -24.63 23.07 6.04
CA ALA B 52 -25.27 24.31 5.57
C ALA B 52 -26.37 24.84 6.50
N VAL B 53 -27.31 23.97 6.89
CA VAL B 53 -28.37 24.38 7.82
C VAL B 53 -27.76 24.83 9.15
N GLU B 54 -26.77 24.08 9.62
CA GLU B 54 -26.19 24.39 10.91
C GLU B 54 -25.37 25.64 10.91
N PHE B 55 -24.65 25.90 9.83
CA PHE B 55 -23.94 27.15 9.66
C PHE B 55 -24.89 28.31 9.84
N ALA B 56 -25.94 28.34 9.02
CA ALA B 56 -26.94 29.42 9.03
C ALA B 56 -27.54 29.62 10.40
N ARG B 57 -28.10 28.55 10.94
CA ARG B 57 -28.71 28.60 12.24
C ARG B 57 -27.76 29.17 13.30
N LEU B 58 -26.56 28.60 13.38
CA LEU B 58 -25.54 28.97 14.37
C LEU B 58 -25.05 30.41 14.19
N TYR B 59 -24.77 30.80 12.94
CA TYR B 59 -24.30 32.15 12.59
C TYR B 59 -25.25 33.23 13.08
N ALA B 60 -26.53 33.08 12.76
CA ALA B 60 -27.54 34.02 13.19
C ALA B 60 -27.55 34.18 14.70
N VAL B 61 -27.39 33.07 15.42
CA VAL B 61 -27.35 33.12 16.87
C VAL B 61 -26.18 33.94 17.31
N GLU B 62 -25.02 33.72 16.70
CA GLU B 62 -23.80 34.43 17.08
C GLU B 62 -23.97 35.93 16.93
N LEU B 63 -24.45 36.38 15.77
CA LEU B 63 -24.64 37.81 15.53
C LEU B 63 -25.60 38.44 16.54
N GLU B 64 -26.78 37.84 16.70
CA GLU B 64 -27.76 38.30 17.67
C GLU B 64 -27.18 38.29 19.11
N HIS B 65 -26.39 37.27 19.42
CA HIS B 65 -25.72 37.13 20.72
C HIS B 65 -24.78 38.31 21.02
N TYR B 66 -23.98 38.72 20.04
CA TYR B 66 -23.08 39.85 20.22
C TYR B 66 -23.87 41.10 20.51
N GLU B 67 -24.94 41.30 19.73
CA GLU B 67 -25.82 42.46 19.85
C GLU B 67 -26.42 42.56 21.23
N LYS B 68 -27.08 41.50 21.67
CA LYS B 68 -27.64 41.48 23.02
C LYS B 68 -26.59 41.71 24.10
N LEU B 69 -25.34 41.30 23.86
CA LEU B 69 -24.30 41.45 24.87
C LEU B 69 -23.71 42.84 24.91
N GLU B 70 -23.21 43.30 23.77
CA GLU B 70 -22.53 44.60 23.71
C GLU B 70 -23.48 45.75 23.44
N GLY B 71 -24.72 45.44 23.04
CA GLY B 71 -25.74 46.47 22.84
C GLY B 71 -25.79 47.07 21.45
N VAL B 72 -24.89 46.63 20.57
CA VAL B 72 -24.77 47.17 19.23
C VAL B 72 -24.41 46.02 18.30
N PRO B 73 -25.01 45.98 17.10
CA PRO B 73 -24.64 44.99 16.09
C PRO B 73 -23.16 45.08 15.71
N LEU B 74 -22.58 43.97 15.25
CA LEU B 74 -21.20 43.97 14.77
C LEU B 74 -21.05 44.85 13.53
N THR B 75 -19.82 45.31 13.29
CA THR B 75 -19.48 45.98 12.05
C THR B 75 -19.73 44.98 10.94
N PHE B 76 -19.88 45.45 9.71
CA PHE B 76 -20.01 44.48 8.64
C PHE B 76 -18.72 43.69 8.57
N ALA B 77 -17.59 44.39 8.75
CA ALA B 77 -16.29 43.72 8.81
C ALA B 77 -16.28 42.62 9.87
N GLY B 78 -16.81 42.93 11.06
CA GLY B 78 -16.99 41.95 12.12
C GLY B 78 -17.80 40.75 11.67
N LYS B 79 -18.99 41.01 11.14
CA LYS B 79 -19.84 39.93 10.64
C LYS B 79 -19.12 39.01 9.66
N ILE B 80 -18.38 39.60 8.72
CA ILE B 80 -17.60 38.86 7.74
C ILE B 80 -16.60 37.95 8.46
N ASN B 81 -15.84 38.51 9.37
CA ASN B 81 -14.81 37.76 10.08
C ASN B 81 -15.34 36.54 10.83
N ARG B 82 -16.44 36.72 11.56
CA ARG B 82 -17.07 35.63 12.28
C ARG B 82 -17.48 34.49 11.36
N LEU B 83 -18.17 34.80 10.26
CA LEU B 83 -18.52 33.75 9.31
C LEU B 83 -17.26 33.04 8.79
N ALA B 84 -16.22 33.81 8.49
CA ALA B 84 -14.95 33.22 8.03
C ALA B 84 -14.38 32.22 9.04
N ILE B 85 -14.31 32.63 10.30
CA ILE B 85 -13.82 31.77 11.37
C ILE B 85 -14.58 30.45 11.37
N MET B 86 -15.91 30.55 11.42
CA MET B 86 -16.82 29.41 11.37
C MET B 86 -16.47 28.47 10.24
N VAL B 87 -16.33 29.00 9.03
CA VAL B 87 -15.96 28.20 7.88
C VAL B 87 -14.63 27.49 8.10
N ARG B 88 -13.65 28.18 8.69
CA ARG B 88 -12.32 27.59 8.96
C ARG B 88 -12.44 26.47 9.95
N GLY B 89 -13.19 26.74 11.02
CA GLY B 89 -13.49 25.76 12.03
C GLY B 89 -14.14 24.50 11.49
N ASN B 90 -14.33 24.41 10.18
CA ASN B 90 -14.94 23.22 9.57
C ASN B 90 -13.99 22.50 8.63
N LEU B 91 -12.78 23.04 8.49
CA LEU B 91 -11.84 22.55 7.49
C LEU B 91 -11.59 21.08 7.69
N ALA B 92 -11.43 20.70 8.95
CA ALA B 92 -11.30 19.32 9.34
C ALA B 92 -12.42 18.44 8.73
N ALA B 93 -13.66 18.75 9.10
CA ALA B 93 -14.86 18.09 8.56
C ALA B 93 -14.92 18.13 7.02
N ALA B 94 -14.71 19.32 6.46
CA ALA B 94 -14.69 19.51 5.02
C ALA B 94 -13.82 18.50 4.33
N MET B 95 -12.63 18.32 4.90
CA MET B 95 -11.61 17.39 4.43
C MET B 95 -12.14 15.98 4.25
N GLN B 96 -13.01 15.58 5.16
CA GLN B 96 -13.58 14.25 5.13
C GLN B 96 -14.81 14.06 4.25
N GLY B 97 -15.61 15.11 4.05
CA GLY B 97 -16.79 15.01 3.21
C GLY B 97 -17.74 16.14 3.51
N LEU B 98 -17.87 16.45 4.79
CA LEU B 98 -18.77 17.48 5.27
C LEU B 98 -18.39 18.91 4.84
N LEU B 99 -18.18 19.12 3.54
CA LEU B 99 -17.89 20.47 3.02
C LEU B 99 -19.14 21.33 2.85
N ALA B 100 -19.02 22.62 3.17
CA ALA B 100 -20.11 23.58 3.05
C ALA B 100 -19.60 25.02 2.90
N LEU B 101 -19.88 25.63 1.75
CA LEU B 101 -19.44 26.98 1.43
C LEU B 101 -20.57 27.99 1.43
N PRO B 102 -20.47 29.04 2.27
CA PRO B 102 -21.42 30.15 2.33
C PRO B 102 -21.17 31.32 1.36
N LEU B 103 -22.26 32.01 1.00
CA LEU B 103 -22.24 33.29 0.29
C LEU B 103 -22.94 34.31 1.15
N LEU B 104 -22.27 35.42 1.43
CA LEU B 104 -22.86 36.47 2.27
C LEU B 104 -23.29 37.66 1.43
N ALA B 105 -24.51 38.14 1.69
CA ALA B 105 -25.02 39.38 1.09
C ALA B 105 -25.59 40.24 2.18
N GLY B 106 -25.27 41.53 2.13
CA GLY B 106 -25.73 42.44 3.15
C GLY B 106 -25.79 43.88 2.73
N TYR B 107 -26.41 44.71 3.56
CA TYR B 107 -26.46 46.14 3.36
C TYR B 107 -25.78 46.79 4.53
N ASP B 108 -24.68 47.48 4.27
CA ASP B 108 -23.94 48.16 5.33
C ASP B 108 -24.50 49.53 5.58
N ILE B 109 -25.29 49.64 6.65
CA ILE B 109 -25.93 50.90 7.02
C ILE B 109 -24.95 51.99 7.38
N HIS B 110 -23.65 51.71 7.25
CA HIS B 110 -22.62 52.67 7.60
C HIS B 110 -21.73 53.05 6.41
N ALA B 111 -22.04 52.50 5.24
CA ALA B 111 -21.27 52.84 4.03
C ALA B 111 -21.39 54.34 3.73
N SER B 112 -20.32 54.93 3.19
CA SER B 112 -20.30 56.35 2.82
C SER B 112 -21.49 56.65 1.91
N ASP B 113 -21.50 56.03 0.74
CA ASP B 113 -22.58 56.20 -0.23
C ASP B 113 -23.65 55.12 -0.04
N PRO B 114 -24.83 55.51 0.47
CA PRO B 114 -25.95 54.59 0.76
C PRO B 114 -26.52 53.92 -0.48
N GLN B 115 -25.95 54.22 -1.63
CA GLN B 115 -26.36 53.61 -2.88
C GLN B 115 -25.36 52.54 -3.28
N SER B 116 -24.31 52.39 -2.47
CA SER B 116 -23.26 51.39 -2.65
C SER B 116 -23.09 50.60 -1.37
N ALA B 117 -24.11 50.62 -0.52
CA ALA B 117 -24.04 49.92 0.75
C ALA B 117 -24.33 48.42 0.61
N GLY B 118 -24.64 48.00 -0.62
CA GLY B 118 -24.85 46.60 -0.92
C GLY B 118 -23.52 45.89 -0.93
N ARG B 119 -23.45 44.74 -0.25
CA ARG B 119 -22.22 43.93 -0.16
C ARG B 119 -22.45 42.48 -0.54
N ILE B 120 -21.50 41.94 -1.29
CA ILE B 120 -21.45 40.52 -1.57
C ILE B 120 -20.08 39.99 -1.20
N VAL B 121 -20.03 39.09 -0.23
CA VAL B 121 -18.78 38.48 0.21
C VAL B 121 -18.79 37.01 -0.07
N SER B 122 -17.84 36.54 -0.88
CA SER B 122 -17.69 35.11 -1.15
C SER B 122 -16.68 34.45 -0.21
N PHE B 123 -16.86 33.16 0.05
CA PHE B 123 -16.03 32.48 1.04
C PHE B 123 -15.33 31.24 0.54
N ASP B 124 -14.24 30.95 1.20
CA ASP B 124 -13.26 30.00 0.77
C ASP B 124 -13.23 28.87 1.79
N ALA B 125 -13.09 27.64 1.31
CA ALA B 125 -13.09 26.45 2.19
C ALA B 125 -12.18 26.53 3.42
N ALA B 126 -11.11 27.34 3.33
CA ALA B 126 -10.13 27.51 4.40
C ALA B 126 -10.37 28.74 5.27
N GLY B 127 -11.47 29.45 5.01
CA GLY B 127 -11.87 30.61 5.80
C GLY B 127 -11.45 31.94 5.19
N GLY B 128 -11.00 31.91 3.93
CA GLY B 128 -10.68 33.13 3.21
C GLY B 128 -11.95 33.76 2.72
N TRP B 129 -11.90 35.06 2.40
CA TRP B 129 -13.07 35.78 1.90
C TRP B 129 -12.67 36.96 1.02
N ASN B 130 -13.48 37.23 0.00
CA ASN B 130 -13.25 38.37 -0.88
C ASN B 130 -14.53 39.13 -1.03
N ILE B 131 -14.53 40.40 -0.62
CA ILE B 131 -15.63 41.30 -0.91
C ILE B 131 -15.68 41.56 -2.42
N GLU B 132 -16.77 41.13 -3.05
CA GLU B 132 -16.80 40.90 -4.49
C GLU B 132 -16.60 42.11 -5.39
N GLU B 133 -17.25 43.21 -5.04
CA GLU B 133 -17.30 44.41 -5.89
C GLU B 133 -17.14 44.15 -7.39
N GLU B 134 -18.15 43.50 -7.94
CA GLU B 134 -18.28 43.29 -9.36
C GLU B 134 -19.76 43.11 -9.63
N GLY B 135 -20.56 43.23 -8.59
CA GLY B 135 -22.00 43.24 -8.73
C GLY B 135 -22.70 41.91 -8.60
N TYR B 136 -22.05 40.85 -9.04
CA TYR B 136 -22.61 39.52 -8.92
C TYR B 136 -21.62 38.44 -8.45
N GLN B 137 -22.17 37.40 -7.82
CA GLN B 137 -21.41 36.24 -7.39
C GLN B 137 -22.32 35.02 -7.24
N ALA B 138 -21.76 33.83 -7.37
CA ALA B 138 -22.52 32.60 -7.14
C ALA B 138 -21.71 31.53 -6.39
N VAL B 139 -22.41 30.56 -5.81
CA VAL B 139 -21.77 29.43 -5.18
C VAL B 139 -22.60 28.18 -5.45
N GLY B 140 -21.93 27.08 -5.75
CA GLY B 140 -22.62 25.81 -5.86
C GLY B 140 -22.31 25.10 -7.16
N SER B 141 -22.85 23.90 -7.31
CA SER B 141 -22.56 23.07 -8.47
C SER B 141 -22.82 23.75 -9.77
N GLY B 142 -23.68 24.75 -9.76
CA GLY B 142 -24.04 25.45 -10.99
C GLY B 142 -23.61 26.91 -11.05
N SER B 143 -22.88 27.35 -10.03
CA SER B 143 -22.47 28.73 -9.93
C SER B 143 -21.72 29.19 -11.15
N LEU B 144 -21.01 28.27 -11.76
CA LEU B 144 -20.24 28.56 -12.94
C LEU B 144 -21.11 29.07 -14.09
N PHE B 145 -22.24 28.39 -14.29
CA PHE B 145 -23.18 28.71 -15.34
C PHE B 145 -23.94 29.99 -14.99
N ALA B 146 -24.35 30.13 -13.74
CA ALA B 146 -25.02 31.34 -13.29
C ALA B 146 -24.14 32.55 -13.54
N LYS B 147 -22.99 32.63 -12.88
CA LYS B 147 -22.04 33.72 -13.08
C LYS B 147 -21.85 34.12 -14.53
N SER B 148 -21.80 33.15 -15.42
CA SER B 148 -21.49 33.42 -16.80
C SER B 148 -22.69 34.03 -17.52
N SER B 149 -23.90 33.58 -17.17
CA SER B 149 -25.14 34.16 -17.74
C SER B 149 -25.35 35.53 -17.17
N MET B 150 -25.31 35.58 -15.86
CA MET B 150 -25.40 36.81 -15.13
C MET B 150 -24.32 37.82 -15.52
N LYS B 151 -23.31 37.40 -16.28
CA LYS B 151 -22.29 38.33 -16.78
C LYS B 151 -22.92 39.16 -17.85
N LYS B 152 -23.61 38.49 -18.77
CA LYS B 152 -24.27 39.11 -19.89
C LYS B 152 -25.47 39.95 -19.45
N LEU B 153 -26.31 39.38 -18.58
CA LEU B 153 -27.53 40.03 -18.18
C LEU B 153 -27.38 41.11 -17.11
N TYR B 154 -26.15 41.53 -16.82
CA TYR B 154 -25.97 42.45 -15.69
C TYR B 154 -26.31 43.89 -15.98
N SER B 155 -26.06 44.32 -17.22
CA SER B 155 -26.41 45.68 -17.64
C SER B 155 -27.87 45.98 -17.36
N GLN B 156 -28.74 45.00 -17.57
CA GLN B 156 -30.17 45.14 -17.29
C GLN B 156 -30.54 45.52 -15.85
N VAL B 157 -29.60 45.53 -14.92
CA VAL B 157 -29.95 45.77 -13.52
C VAL B 157 -30.07 47.26 -13.21
N THR B 158 -31.29 47.66 -12.88
CA THR B 158 -31.68 49.07 -12.73
C THR B 158 -32.12 49.33 -11.31
N ASP B 159 -32.87 48.39 -10.75
CA ASP B 159 -33.41 48.52 -9.41
C ASP B 159 -33.72 47.16 -8.85
N GLY B 160 -34.28 47.14 -7.65
CA GLY B 160 -34.67 45.93 -6.96
C GLY B 160 -35.32 44.94 -7.89
N ASP B 161 -36.58 45.20 -8.24
CA ASP B 161 -37.30 44.32 -9.14
C ASP B 161 -36.53 43.97 -10.41
N SER B 162 -35.73 44.91 -10.91
CA SER B 162 -34.92 44.67 -12.09
C SER B 162 -33.85 43.61 -11.82
N GLY B 163 -33.06 43.80 -10.76
CA GLY B 163 -32.05 42.84 -10.35
C GLY B 163 -32.65 41.47 -10.11
N LEU B 164 -33.68 41.40 -9.27
CA LEU B 164 -34.36 40.13 -8.97
C LEU B 164 -34.68 39.25 -10.19
N ARG B 165 -34.98 39.86 -11.33
CA ARG B 165 -35.32 39.04 -12.50
C ARG B 165 -34.08 38.41 -13.07
N VAL B 166 -32.97 39.15 -13.06
CA VAL B 166 -31.71 38.62 -13.52
C VAL B 166 -31.25 37.46 -12.64
N ALA B 167 -31.35 37.65 -11.32
CA ALA B 167 -31.13 36.59 -10.36
C ALA B 167 -31.88 35.33 -10.78
N VAL B 168 -33.20 35.40 -10.76
CA VAL B 168 -34.06 34.28 -11.14
C VAL B 168 -33.67 33.67 -12.48
N GLU B 169 -33.23 34.51 -13.41
CA GLU B 169 -32.87 34.03 -14.74
C GLU B 169 -31.56 33.27 -14.73
N ALA B 170 -30.61 33.73 -13.93
CA ALA B 170 -29.35 33.02 -13.74
C ALA B 170 -29.60 31.64 -13.13
N LEU B 171 -30.37 31.58 -12.04
CA LEU B 171 -30.80 30.33 -11.47
C LEU B 171 -31.52 29.45 -12.49
N TYR B 172 -32.23 30.07 -13.42
CA TYR B 172 -32.86 29.29 -14.50
C TYR B 172 -31.77 28.70 -15.41
N ASP B 173 -30.80 29.53 -15.76
CA ASP B 173 -29.67 29.13 -16.59
C ASP B 173 -28.77 28.06 -15.97
N ALA B 174 -28.64 28.12 -14.65
CA ALA B 174 -27.86 27.14 -13.90
C ALA B 174 -28.52 25.78 -14.01
N ALA B 175 -29.79 25.69 -13.65
CA ALA B 175 -30.52 24.42 -13.73
C ALA B 175 -30.58 23.90 -15.14
N ASP B 176 -30.28 24.74 -16.10
CA ASP B 176 -30.35 24.37 -17.49
C ASP B 176 -29.18 23.51 -17.87
N ASP B 177 -28.13 23.59 -17.06
CA ASP B 177 -26.86 22.95 -17.32
C ASP B 177 -26.39 22.07 -16.19
N ASP B 178 -26.68 22.47 -14.96
CA ASP B 178 -26.30 21.71 -13.79
C ASP B 178 -27.49 20.90 -13.31
N SER B 179 -27.44 19.61 -13.57
CA SER B 179 -28.49 18.70 -13.15
C SER B 179 -28.68 18.61 -11.64
N ALA B 180 -27.80 19.25 -10.88
CA ALA B 180 -27.93 19.23 -9.44
C ALA B 180 -28.48 20.52 -8.91
N THR B 181 -28.91 21.42 -9.81
CA THR B 181 -29.50 22.72 -9.40
C THR B 181 -31.03 22.80 -9.38
N GLY B 182 -31.71 22.33 -10.41
CA GLY B 182 -33.16 22.31 -10.29
C GLY B 182 -33.87 23.63 -10.51
N GLY B 183 -34.55 23.73 -11.65
CA GLY B 183 -35.25 24.95 -12.02
C GLY B 183 -36.63 25.02 -11.38
N PRO B 184 -37.51 25.87 -11.93
CA PRO B 184 -38.86 26.07 -11.41
C PRO B 184 -39.78 24.92 -11.71
N ASP B 185 -40.48 24.42 -10.69
CA ASP B 185 -41.41 23.33 -10.86
C ASP B 185 -42.83 23.86 -11.02
N LEU B 186 -43.28 23.99 -12.27
CA LEU B 186 -44.63 24.45 -12.50
C LEU B 186 -45.61 23.35 -12.09
N VAL B 187 -45.36 22.12 -12.51
CA VAL B 187 -46.27 21.02 -12.17
C VAL B 187 -46.55 20.94 -10.67
N ARG B 188 -45.60 21.42 -9.86
CA ARG B 188 -45.67 21.24 -8.42
C ARG B 188 -45.79 22.59 -7.73
N GLY B 189 -45.49 23.64 -8.47
CA GLY B 189 -45.58 24.99 -7.94
C GLY B 189 -44.52 25.31 -6.90
N ILE B 190 -43.28 24.92 -7.20
CA ILE B 190 -42.11 25.19 -6.35
C ILE B 190 -41.14 26.08 -7.11
N PHE B 191 -40.67 27.14 -6.47
CA PHE B 191 -39.86 28.14 -7.14
C PHE B 191 -38.70 28.55 -6.23
N PRO B 192 -37.56 28.94 -6.81
CA PRO B 192 -36.43 29.49 -6.07
C PRO B 192 -36.85 30.50 -5.02
N THR B 193 -36.19 30.53 -3.87
CA THR B 193 -36.46 31.54 -2.87
C THR B 193 -35.52 32.70 -3.06
N ALA B 194 -35.86 33.86 -2.48
CA ALA B 194 -35.00 35.04 -2.53
C ALA B 194 -35.17 35.96 -1.35
N VAL B 195 -34.22 36.87 -1.20
CA VAL B 195 -34.16 37.87 -0.15
C VAL B 195 -33.65 39.19 -0.76
N ILE B 196 -34.23 40.31 -0.34
CA ILE B 196 -33.79 41.64 -0.78
C ILE B 196 -33.34 42.43 0.42
N ILE B 197 -32.25 43.17 0.29
CA ILE B 197 -31.83 44.09 1.34
C ILE B 197 -31.53 45.50 0.81
N ASP B 198 -32.15 46.49 1.44
CA ASP B 198 -31.91 47.91 1.19
C ASP B 198 -31.90 48.62 2.52
N ALA B 199 -31.84 49.95 2.50
CA ALA B 199 -31.75 50.71 3.75
C ALA B 199 -32.82 50.35 4.77
N ASP B 200 -33.93 49.78 4.30
CA ASP B 200 -35.05 49.45 5.18
C ASP B 200 -34.87 48.13 5.89
N GLY B 201 -34.03 47.27 5.35
CA GLY B 201 -33.78 45.97 5.97
C GLY B 201 -33.81 44.81 4.98
N ALA B 202 -33.87 43.59 5.51
CA ALA B 202 -33.91 42.39 4.69
C ALA B 202 -35.30 41.77 4.74
N VAL B 203 -35.83 41.44 3.57
CA VAL B 203 -37.20 40.95 3.44
C VAL B 203 -37.24 39.76 2.49
N ASP B 204 -38.03 38.74 2.83
CA ASP B 204 -38.27 37.61 1.92
C ASP B 204 -39.10 38.05 0.73
N VAL B 205 -38.58 37.80 -0.46
CA VAL B 205 -39.31 38.05 -1.69
C VAL B 205 -40.45 37.04 -1.81
N PRO B 206 -41.71 37.52 -1.93
CA PRO B 206 -42.83 36.60 -1.99
C PRO B 206 -42.77 35.77 -3.26
N GLU B 207 -43.15 34.50 -3.18
CA GLU B 207 -42.98 33.58 -4.31
C GLU B 207 -43.78 34.00 -5.53
N SER B 208 -44.86 34.72 -5.28
CA SER B 208 -45.70 35.31 -6.28
C SER B 208 -44.86 36.05 -7.33
N ARG B 209 -44.05 37.01 -6.90
CA ARG B 209 -43.26 37.82 -7.82
C ARG B 209 -42.23 36.96 -8.51
N ILE B 210 -41.74 35.94 -7.80
CA ILE B 210 -40.77 34.98 -8.34
C ILE B 210 -41.44 34.08 -9.38
N ALA B 211 -42.52 33.40 -8.99
CA ALA B 211 -43.23 32.48 -9.89
C ALA B 211 -43.61 33.18 -11.18
N GLU B 212 -44.09 34.41 -11.05
CA GLU B 212 -44.39 35.33 -12.13
C GLU B 212 -43.17 35.49 -13.02
N LEU B 213 -42.13 36.09 -12.46
CA LEU B 213 -40.84 36.28 -13.14
C LEU B 213 -40.30 35.03 -13.84
N ALA B 214 -40.48 33.87 -13.19
CA ALA B 214 -40.06 32.59 -13.74
C ALA B 214 -40.81 32.25 -15.02
N ARG B 215 -42.15 32.36 -14.99
CA ARG B 215 -42.98 32.06 -16.17
C ARG B 215 -42.64 32.98 -17.33
N ALA B 216 -42.31 34.23 -17.02
CA ALA B 216 -41.84 35.19 -18.01
C ALA B 216 -40.61 34.65 -18.74
N ILE B 217 -39.59 34.24 -17.98
CA ILE B 217 -38.38 33.61 -18.52
C ILE B 217 -38.73 32.37 -19.34
N ILE B 218 -39.55 31.49 -18.78
CA ILE B 218 -39.93 30.27 -19.47
C ILE B 218 -40.56 30.55 -20.82
N GLU B 219 -41.54 31.46 -20.84
CA GLU B 219 -42.25 31.80 -22.08
C GLU B 219 -41.34 32.46 -23.10
N SER B 220 -40.54 33.43 -22.69
CA SER B 220 -39.65 34.12 -23.62
C SER B 220 -38.60 33.19 -24.22
N ARG B 221 -38.09 32.26 -23.41
CA ARG B 221 -37.14 31.27 -23.92
C ARG B 221 -37.86 30.18 -24.69
N SER B 222 -39.13 29.97 -24.37
CA SER B 222 -39.96 28.96 -25.03
C SER B 222 -40.17 29.30 -26.50
N SER C 11 -15.91 39.64 60.80
CA SER C 11 -16.86 40.77 60.62
C SER C 11 -16.90 41.20 59.15
N PRO C 12 -17.45 40.34 58.27
CA PRO C 12 -17.60 40.57 56.82
C PRO C 12 -17.85 42.01 56.41
N GLU C 13 -18.79 42.67 57.09
CA GLU C 13 -19.12 44.08 56.76
C GLU C 13 -18.03 45.05 57.19
N GLN C 14 -17.55 44.88 58.42
CA GLN C 14 -16.46 45.68 58.96
C GLN C 14 -15.16 45.41 58.17
N ALA C 15 -14.98 44.17 57.72
CA ALA C 15 -13.83 43.79 56.90
C ALA C 15 -13.75 44.62 55.64
N MET C 16 -14.86 44.74 54.93
CA MET C 16 -14.94 45.49 53.68
C MET C 16 -14.61 46.97 53.90
N ARG C 17 -14.87 47.47 55.10
CA ARG C 17 -14.62 48.85 55.46
C ARG C 17 -13.13 49.15 55.58
N GLU C 18 -12.39 48.18 56.12
CA GLU C 18 -10.93 48.27 56.24
C GLU C 18 -10.23 48.22 54.88
N ARG C 19 -10.74 47.38 53.99
CA ARG C 19 -10.20 47.28 52.64
C ARG C 19 -10.34 48.63 51.95
N SER C 20 -11.55 49.16 51.97
CA SER C 20 -11.87 50.48 51.40
C SER C 20 -10.94 51.54 51.94
N GLU C 21 -10.85 51.60 53.27
CA GLU C 21 -9.93 52.51 53.95
C GLU C 21 -8.49 52.44 53.43
N LEU C 22 -7.89 51.24 53.53
CA LEU C 22 -6.52 50.97 53.06
C LEU C 22 -6.29 51.53 51.66
N ALA C 23 -7.18 51.16 50.74
CA ALA C 23 -7.09 51.59 49.35
C ALA C 23 -7.22 53.10 49.23
N ARG C 24 -8.26 53.66 49.82
CA ARG C 24 -8.56 55.09 49.70
C ARG C 24 -7.42 55.98 50.20
N LYS C 25 -6.74 55.55 51.26
CA LYS C 25 -5.58 56.27 51.77
C LYS C 25 -4.43 56.25 50.78
N GLY C 26 -4.12 55.07 50.24
CA GLY C 26 -3.10 54.92 49.21
C GLY C 26 -3.31 55.84 48.03
N ILE C 27 -4.58 55.98 47.59
CA ILE C 27 -4.91 56.89 46.48
C ILE C 27 -4.62 58.33 46.86
N ALA C 28 -4.94 58.69 48.10
CA ALA C 28 -4.67 60.04 48.61
C ALA C 28 -3.18 60.41 48.54
N ARG C 29 -2.34 59.59 49.16
CA ARG C 29 -0.90 59.88 49.22
C ARG C 29 -0.21 59.84 47.85
N ALA C 30 -0.92 59.32 46.84
CA ALA C 30 -0.39 59.31 45.47
C ALA C 30 -0.57 60.67 44.80
N LYS C 31 0.15 60.88 43.70
CA LYS C 31 0.09 62.14 42.94
C LYS C 31 -1.28 62.31 42.25
N SER C 32 -1.46 63.44 41.58
CA SER C 32 -2.74 63.74 40.92
C SER C 32 -2.73 63.61 39.40
N VAL C 33 -3.86 63.14 38.86
CA VAL C 33 -4.06 63.02 37.41
C VAL C 33 -5.43 63.59 37.03
N VAL C 34 -5.48 64.25 35.87
CA VAL C 34 -6.70 64.87 35.37
C VAL C 34 -6.91 64.61 33.88
N ALA C 35 -8.15 64.32 33.52
CA ALA C 35 -8.55 64.21 32.13
C ALA C 35 -9.78 65.08 31.90
N LEU C 36 -9.88 65.69 30.72
CA LEU C 36 -11.01 66.55 30.39
C LEU C 36 -11.28 66.63 28.89
N ALA C 37 -12.54 66.90 28.55
CA ALA C 37 -12.98 67.04 27.16
C ALA C 37 -12.74 68.45 26.63
N TYR C 38 -12.22 68.52 25.41
CA TYR C 38 -11.96 69.79 24.75
C TYR C 38 -12.21 69.65 23.26
N ALA C 39 -12.15 70.77 22.54
CA ALA C 39 -12.42 70.82 21.10
C ALA C 39 -11.86 69.65 20.30
N GLY C 40 -10.57 69.41 20.44
CA GLY C 40 -9.86 68.41 19.64
C GLY C 40 -10.08 66.97 20.06
N GLY C 41 -10.68 66.76 21.24
CA GLY C 41 -10.95 65.42 21.75
C GLY C 41 -10.88 65.30 23.26
N VAL C 42 -9.83 64.66 23.76
CA VAL C 42 -9.62 64.52 25.21
C VAL C 42 -8.16 64.79 25.59
N LEU C 43 -7.99 65.50 26.71
CA LEU C 43 -6.69 65.89 27.21
C LEU C 43 -6.31 65.13 28.48
N PHE C 44 -5.11 64.56 28.48
CA PHE C 44 -4.56 63.87 29.64
C PHE C 44 -3.38 64.64 30.23
N VAL C 45 -3.53 65.04 31.48
CA VAL C 45 -2.49 65.76 32.20
C VAL C 45 -2.33 65.18 33.61
N ALA C 46 -1.10 64.83 33.96
CA ALA C 46 -0.78 64.30 35.27
C ALA C 46 0.61 64.73 35.69
N GLU C 47 0.77 65.07 36.96
CA GLU C 47 2.08 65.39 37.49
C GLU C 47 2.91 64.12 37.68
N ASN C 48 4.04 64.06 37.00
CA ASN C 48 4.91 62.90 37.00
C ASN C 48 6.35 63.35 36.82
N PRO C 49 7.15 63.32 37.90
CA PRO C 49 8.57 63.65 37.83
C PRO C 49 9.36 62.66 36.97
N SER C 50 8.99 61.38 37.00
CA SER C 50 9.69 60.33 36.27
C SER C 50 9.69 60.58 34.77
N ARG C 51 10.76 60.14 34.11
CA ARG C 51 10.89 60.27 32.66
C ARG C 51 10.28 59.09 31.92
N SER C 52 10.22 57.94 32.60
CA SER C 52 9.88 56.68 31.97
C SER C 52 8.60 56.05 32.54
N LEU C 53 8.43 56.16 33.85
CA LEU C 53 7.27 55.58 34.52
C LEU C 53 6.01 56.39 34.27
N GLN C 54 5.29 56.02 33.22
CA GLN C 54 4.16 56.79 32.72
C GLN C 54 2.82 56.39 33.33
N LYS C 55 1.97 57.38 33.57
CA LYS C 55 0.66 57.17 34.19
C LYS C 55 -0.47 57.24 33.15
N ILE C 56 -0.10 57.59 31.92
CA ILE C 56 -1.03 57.78 30.82
C ILE C 56 -0.57 56.98 29.61
N SER C 57 -1.48 56.22 29.01
CA SER C 57 -1.15 55.31 27.92
C SER C 57 -2.25 55.15 26.88
N GLU C 58 -1.88 54.70 25.69
CA GLU C 58 -2.83 54.30 24.66
C GLU C 58 -3.38 52.92 24.98
N LEU C 59 -4.64 52.66 24.61
CA LEU C 59 -5.18 51.30 24.69
C LEU C 59 -5.50 50.77 23.31
N TYR C 60 -6.46 51.38 22.63
CA TYR C 60 -6.82 50.99 21.27
C TYR C 60 -6.97 52.26 20.42
N ASP C 61 -7.18 52.08 19.12
CA ASP C 61 -7.35 53.17 18.18
C ASP C 61 -7.81 54.50 18.75
N ARG C 62 -9.00 54.52 19.33
CA ARG C 62 -9.63 55.76 19.75
C ARG C 62 -9.86 55.82 21.24
N VAL C 63 -9.30 54.86 21.97
CA VAL C 63 -9.50 54.81 23.41
C VAL C 63 -8.19 54.92 24.19
N GLY C 64 -8.24 55.58 25.35
CA GLY C 64 -7.05 55.93 26.12
C GLY C 64 -7.14 55.68 27.60
N PHE C 65 -5.97 55.48 28.20
CA PHE C 65 -5.85 55.06 29.59
C PHE C 65 -5.07 56.07 30.40
N ALA C 66 -5.54 56.31 31.62
CA ALA C 66 -4.80 57.12 32.62
C ALA C 66 -5.23 56.72 34.01
N ALA C 67 -4.26 56.67 34.93
CA ALA C 67 -4.51 56.16 36.27
C ALA C 67 -3.62 56.82 37.30
N ALA C 68 -4.13 56.95 38.52
CA ALA C 68 -3.33 57.40 39.66
C ALA C 68 -3.25 56.28 40.72
N GLY C 69 -2.13 56.23 41.44
CA GLY C 69 -1.95 55.24 42.51
C GLY C 69 -0.65 54.46 42.43
N LYS C 70 -0.64 53.27 43.02
CA LYS C 70 0.55 52.42 43.06
C LYS C 70 0.89 51.94 41.65
N PHE C 71 2.00 52.40 41.09
CA PHE C 71 2.35 52.14 39.68
C PHE C 71 2.25 50.69 39.24
N ASN C 72 3.04 49.80 39.86
CA ASN C 72 3.08 48.38 39.51
C ASN C 72 1.69 47.77 39.38
N GLU C 73 0.75 48.32 40.13
CA GLU C 73 -0.63 47.85 40.09
C GLU C 73 -1.37 48.36 38.89
N PHE C 74 -1.40 49.68 38.68
CA PHE C 74 -2.11 50.19 37.50
C PHE C 74 -1.45 49.84 36.16
N ASP C 75 -0.13 49.75 36.13
CA ASP C 75 0.57 49.37 34.91
C ASP C 75 0.17 47.96 34.52
N ASN C 76 -0.09 47.14 35.53
CA ASN C 76 -0.58 45.79 35.32
C ASN C 76 -1.92 45.83 34.60
N LEU C 77 -2.88 46.54 35.19
CA LEU C 77 -4.19 46.73 34.58
C LEU C 77 -4.10 47.33 33.19
N ARG C 78 -3.21 48.31 33.02
CA ARG C 78 -2.93 48.91 31.72
C ARG C 78 -2.62 47.83 30.69
N ARG C 79 -1.64 46.99 31.00
CA ARG C 79 -1.27 45.88 30.12
C ARG C 79 -2.42 44.98 29.78
N GLY C 80 -3.17 44.60 30.81
CA GLY C 80 -4.38 43.78 30.64
C GLY C 80 -5.37 44.38 29.66
N GLY C 81 -5.61 45.69 29.80
CA GLY C 81 -6.46 46.44 28.88
C GLY C 81 -5.99 46.33 27.44
N ILE C 82 -4.73 46.67 27.22
CA ILE C 82 -4.12 46.55 25.91
C ILE C 82 -4.28 45.13 25.38
N GLN C 83 -4.08 44.15 26.27
CA GLN C 83 -4.24 42.74 25.89
C GLN C 83 -5.68 42.43 25.49
N PHE C 84 -6.63 42.83 26.32
CA PHE C 84 -8.04 42.62 26.03
C PHE C 84 -8.45 43.27 24.70
N ALA C 85 -8.13 44.55 24.53
CA ALA C 85 -8.55 45.31 23.34
C ALA C 85 -7.98 44.72 22.08
N ASP C 86 -6.68 44.48 22.06
CA ASP C 86 -6.04 43.91 20.90
C ASP C 86 -6.65 42.59 20.48
N THR C 87 -7.00 41.73 21.44
CA THR C 87 -7.59 40.42 21.14
C THR C 87 -9.02 40.57 20.62
N ARG C 88 -9.81 41.35 21.34
CA ARG C 88 -11.17 41.65 20.96
C ARG C 88 -11.23 42.19 19.53
N GLY C 89 -10.41 43.19 19.24
CA GLY C 89 -10.25 43.70 17.89
C GLY C 89 -9.98 42.63 16.84
N TYR C 90 -9.06 41.72 17.13
CA TYR C 90 -8.70 40.69 16.16
C TYR C 90 -9.83 39.68 15.99
N ALA C 91 -10.55 39.39 17.08
CA ALA C 91 -11.64 38.41 17.03
C ALA C 91 -12.81 38.91 16.20
N TYR C 92 -13.10 40.21 16.29
CA TYR C 92 -14.20 40.82 15.57
C TYR C 92 -13.71 41.83 14.53
N ASP C 93 -13.78 43.11 14.85
CA ASP C 93 -13.09 44.12 14.08
C ASP C 93 -12.60 45.22 14.99
N ARG C 94 -11.59 45.94 14.53
CA ARG C 94 -11.05 47.10 15.23
C ARG C 94 -12.16 48.00 15.72
N ARG C 95 -13.15 48.25 14.84
CA ARG C 95 -14.24 49.16 15.12
C ARG C 95 -15.21 48.71 16.24
N ASP C 96 -15.01 47.50 16.76
CA ASP C 96 -15.91 46.94 17.76
C ASP C 96 -15.38 47.06 19.20
N VAL C 97 -14.26 47.75 19.37
CA VAL C 97 -13.69 48.02 20.69
C VAL C 97 -14.20 49.38 21.15
N THR C 98 -14.64 49.51 22.41
CA THR C 98 -15.39 50.72 22.77
C THR C 98 -14.85 51.51 23.94
N GLY C 99 -14.04 50.90 24.78
CA GLY C 99 -13.56 51.63 25.96
C GLY C 99 -14.66 51.79 27.00
N ARG C 100 -15.91 51.79 26.55
CA ARG C 100 -17.03 51.50 27.42
C ARG C 100 -16.86 50.04 27.81
N GLN C 101 -16.44 49.21 26.85
CA GLN C 101 -16.08 47.82 27.11
C GLN C 101 -14.97 47.75 28.13
N LEU C 102 -13.90 48.49 27.88
CA LEU C 102 -12.73 48.43 28.73
C LEU C 102 -13.05 48.87 30.15
N ALA C 103 -13.91 49.89 30.28
CA ALA C 103 -14.36 50.33 31.59
C ALA C 103 -15.05 49.20 32.35
N ASN C 104 -15.90 48.44 31.66
CA ASN C 104 -16.51 47.24 32.22
C ASN C 104 -15.49 46.27 32.75
N VAL C 105 -14.60 45.85 31.84
CA VAL C 105 -13.52 44.92 32.13
C VAL C 105 -12.74 45.34 33.36
N TYR C 106 -12.40 46.62 33.41
CA TYR C 106 -11.67 47.14 34.55
C TYR C 106 -12.50 47.10 35.83
N ALA C 107 -13.77 47.47 35.73
CA ALA C 107 -14.69 47.43 36.86
C ALA C 107 -14.81 46.01 37.37
N GLN C 108 -14.89 45.07 36.43
CA GLN C 108 -14.97 43.64 36.74
C GLN C 108 -13.73 43.17 37.47
N THR C 109 -12.57 43.49 36.92
CA THR C 109 -11.28 43.08 37.47
C THR C 109 -11.06 43.65 38.86
N LEU C 110 -11.12 44.98 38.98
CA LEU C 110 -10.95 45.67 40.27
C LEU C 110 -11.98 45.21 41.28
N GLY C 111 -13.18 44.89 40.79
CA GLY C 111 -14.23 44.32 41.62
C GLY C 111 -13.80 43.02 42.26
N THR C 112 -13.32 42.09 41.44
CA THR C 112 -12.79 40.81 41.88
C THR C 112 -11.67 41.01 42.87
N ILE C 113 -10.69 41.82 42.47
CA ILE C 113 -9.52 42.08 43.29
C ILE C 113 -9.92 42.55 44.69
N PHE C 114 -10.83 43.51 44.77
CA PHE C 114 -11.31 44.07 46.04
C PHE C 114 -11.94 43.00 46.96
N THR C 115 -12.21 41.83 46.41
CA THR C 115 -12.84 40.75 47.15
C THR C 115 -11.85 39.60 47.32
N GLU C 116 -11.32 39.11 46.21
CA GLU C 116 -10.48 37.91 46.21
C GLU C 116 -9.04 38.12 46.68
N GLN C 117 -8.37 39.14 46.16
CA GLN C 117 -6.97 39.42 46.53
C GLN C 117 -6.87 39.79 48.00
N ALA C 118 -5.74 39.44 48.62
CA ALA C 118 -5.51 39.74 50.02
C ALA C 118 -5.67 41.23 50.23
N LYS C 119 -4.83 42.00 49.54
CA LYS C 119 -4.83 43.45 49.64
C LYS C 119 -5.41 44.05 48.36
N PRO C 120 -6.39 44.97 48.48
CA PRO C 120 -7.03 45.59 47.31
C PRO C 120 -6.07 46.51 46.57
N TYR C 121 -6.29 46.70 45.27
CA TYR C 121 -5.45 47.57 44.47
C TYR C 121 -5.63 49.03 44.89
N GLU C 122 -4.51 49.73 45.08
CA GLU C 122 -4.56 51.15 45.41
C GLU C 122 -4.42 51.95 44.12
N VAL C 123 -5.50 51.97 43.35
CA VAL C 123 -5.53 52.66 42.06
C VAL C 123 -6.88 53.33 41.82
N GLU C 124 -6.89 54.22 40.84
CA GLU C 124 -8.13 54.77 40.33
C GLU C 124 -7.90 55.07 38.86
N LEU C 125 -8.82 54.60 38.04
CA LEU C 125 -8.62 54.55 36.60
C LEU C 125 -9.51 55.51 35.82
N CYS C 126 -9.04 55.85 34.63
CA CYS C 126 -9.82 56.61 33.67
C CYS C 126 -9.67 56.09 32.25
N VAL C 127 -10.80 55.69 31.66
CA VAL C 127 -10.85 55.20 30.30
C VAL C 127 -11.60 56.26 29.48
N ALA C 128 -10.97 56.70 28.39
CA ALA C 128 -11.54 57.78 27.59
C ALA C 128 -11.58 57.41 26.11
N GLU C 129 -12.74 57.67 25.49
CA GLU C 129 -12.92 57.44 24.07
C GLU C 129 -13.30 58.71 23.35
N VAL C 130 -12.84 58.84 22.10
CA VAL C 130 -13.17 59.98 21.27
C VAL C 130 -13.40 59.58 19.83
N ALA C 131 -14.62 59.86 19.35
CA ALA C 131 -15.11 59.56 18.00
C ALA C 131 -14.08 59.21 16.91
N HIS C 132 -14.42 58.26 16.05
CA HIS C 132 -13.57 57.88 14.93
C HIS C 132 -13.39 59.06 13.97
N TYR C 133 -12.43 58.95 13.04
CA TYR C 133 -11.99 60.08 12.22
C TYR C 133 -13.09 60.99 11.68
N GLY C 134 -13.76 60.59 10.61
CA GLY C 134 -14.81 61.40 9.98
C GLY C 134 -15.95 61.75 10.92
N GLU C 135 -16.43 60.72 11.61
CA GLU C 135 -17.52 60.82 12.58
C GLU C 135 -17.35 61.97 13.58
N THR C 136 -18.46 62.49 14.09
CA THR C 136 -18.42 63.40 15.24
C THR C 136 -19.35 62.94 16.35
N LYS C 137 -18.76 62.71 17.52
CA LYS C 137 -19.46 62.20 18.68
C LYS C 137 -18.87 62.79 19.93
N ARG C 138 -19.72 62.97 20.93
CA ARG C 138 -19.32 63.58 22.19
C ARG C 138 -18.30 62.69 22.93
N PRO C 139 -17.04 63.16 23.06
CA PRO C 139 -15.99 62.41 23.76
C PRO C 139 -16.50 61.87 25.08
N GLU C 140 -16.12 60.63 25.42
CA GLU C 140 -16.63 59.98 26.62
C GLU C 140 -15.55 59.65 27.65
N LEU C 141 -15.88 59.84 28.92
CA LEU C 141 -14.94 59.61 30.02
C LEU C 141 -15.51 58.70 31.07
N TYR C 142 -14.75 57.67 31.45
CA TYR C 142 -15.15 56.71 32.48
C TYR C 142 -14.17 56.67 33.64
N ARG C 143 -14.71 56.65 34.85
CA ARG C 143 -13.89 56.52 36.03
C ARG C 143 -14.22 55.23 36.76
N ILE C 144 -13.19 54.42 36.98
CA ILE C 144 -13.35 53.18 37.73
C ILE C 144 -12.57 53.26 39.01
N THR C 145 -13.25 53.05 40.14
CA THR C 145 -12.61 53.12 41.45
C THR C 145 -12.05 51.77 41.86
N TYR C 146 -11.34 51.78 42.99
CA TYR C 146 -10.69 50.59 43.55
C TYR C 146 -11.64 49.42 43.83
N ASP C 147 -12.87 49.74 44.22
CA ASP C 147 -13.85 48.73 44.65
C ASP C 147 -14.63 48.16 43.49
N GLY C 148 -14.34 48.64 42.28
CA GLY C 148 -14.98 48.13 41.08
C GLY C 148 -16.16 48.95 40.65
N SER C 149 -16.41 50.06 41.37
CA SER C 149 -17.47 51.01 41.00
C SER C 149 -17.08 51.75 39.73
N ILE C 150 -18.08 52.08 38.92
CA ILE C 150 -17.85 52.69 37.63
C ILE C 150 -18.87 53.80 37.37
N ALA C 151 -18.38 54.96 36.96
CA ALA C 151 -19.22 56.12 36.64
C ALA C 151 -18.68 56.85 35.42
N ASP C 152 -19.55 57.55 34.68
CA ASP C 152 -19.07 58.31 33.50
C ASP C 152 -19.37 59.81 33.57
N GLU C 153 -18.35 60.59 33.92
CA GLU C 153 -18.45 62.05 33.89
C GLU C 153 -18.53 62.55 32.46
N PRO C 154 -19.35 63.58 32.20
CA PRO C 154 -19.51 64.07 30.84
C PRO C 154 -18.51 65.14 30.42
N HIS C 155 -17.81 65.75 31.38
CA HIS C 155 -16.91 66.87 31.08
C HIS C 155 -15.44 66.65 31.47
N PHE C 156 -15.21 66.26 32.73
CA PHE C 156 -13.83 66.06 33.22
C PHE C 156 -13.78 65.04 34.35
N VAL C 157 -12.61 64.41 34.51
CA VAL C 157 -12.39 63.47 35.60
C VAL C 157 -11.09 63.77 36.36
N VAL C 158 -11.20 63.75 37.68
CA VAL C 158 -10.11 64.00 38.59
C VAL C 158 -9.85 62.76 39.44
N MET C 159 -8.57 62.48 39.73
CA MET C 159 -8.18 61.32 40.55
C MET C 159 -6.76 61.42 41.12
N GLY C 160 -6.60 60.90 42.33
CA GLY C 160 -5.30 60.90 43.00
C GLY C 160 -5.11 62.11 43.87
N GLY C 161 -4.62 61.90 45.09
CA GLY C 161 -4.43 62.98 46.04
C GLY C 161 -5.74 63.59 46.51
N THR C 162 -5.69 64.85 46.91
CA THR C 162 -6.89 65.58 47.30
C THR C 162 -7.58 66.16 46.08
N THR C 163 -8.78 65.64 45.79
CA THR C 163 -9.51 65.93 44.56
C THR C 163 -10.34 67.23 44.64
N GLU C 164 -10.98 67.45 45.79
CA GLU C 164 -11.88 68.61 46.01
C GLU C 164 -11.36 69.92 45.41
N PRO C 165 -10.17 70.41 45.86
CA PRO C 165 -9.64 71.67 45.34
C PRO C 165 -9.33 71.62 43.84
N ILE C 166 -8.86 70.47 43.36
CA ILE C 166 -8.54 70.30 41.94
C ILE C 166 -9.82 70.20 41.10
N ALA C 167 -10.78 69.43 41.59
CA ALA C 167 -12.08 69.24 40.93
C ALA C 167 -12.94 70.49 41.02
N ASN C 168 -12.85 71.18 42.14
CA ASN C 168 -13.59 72.42 42.33
C ASN C 168 -13.14 73.49 41.34
N ALA C 169 -11.83 73.68 41.22
CA ALA C 169 -11.25 74.63 40.28
C ALA C 169 -11.77 74.41 38.85
N LEU C 170 -11.97 73.14 38.51
CA LEU C 170 -12.50 72.76 37.20
C LEU C 170 -13.99 73.03 37.05
N LYS C 171 -14.76 72.81 38.12
CA LYS C 171 -16.20 73.06 38.10
C LYS C 171 -16.53 74.47 37.60
N GLU C 172 -15.51 75.35 37.60
CA GLU C 172 -15.61 76.71 37.06
C GLU C 172 -14.75 76.94 35.83
N SER C 173 -13.47 76.59 35.93
CA SER C 173 -12.52 76.89 34.84
C SER C 173 -12.74 76.06 33.56
N TYR C 174 -13.58 75.01 33.66
CA TYR C 174 -13.84 74.15 32.50
C TYR C 174 -14.53 74.92 31.36
N ALA C 175 -13.77 75.16 30.30
CA ALA C 175 -14.31 75.74 29.07
C ALA C 175 -14.83 74.61 28.20
N GLU C 176 -16.16 74.52 28.13
CA GLU C 176 -16.91 73.51 27.37
C GLU C 176 -16.18 73.04 26.12
N ASN C 177 -15.89 73.99 25.25
CA ASN C 177 -15.24 73.68 23.97
C ASN C 177 -13.89 74.36 23.82
N ALA C 178 -13.04 74.21 24.84
CA ALA C 178 -11.74 74.87 24.91
C ALA C 178 -10.82 74.53 23.75
N SER C 179 -9.67 75.21 23.71
CA SER C 179 -8.62 74.90 22.77
C SER C 179 -7.62 73.98 23.45
N LEU C 180 -6.77 73.32 22.66
CA LEU C 180 -5.70 72.47 23.19
C LEU C 180 -4.82 73.25 24.18
N THR C 181 -4.39 74.44 23.77
CA THR C 181 -3.58 75.30 24.62
C THR C 181 -4.38 75.92 25.75
N ASP C 182 -5.69 76.08 25.53
CA ASP C 182 -6.56 76.67 26.54
C ASP C 182 -6.95 75.66 27.62
N ALA C 183 -7.32 74.46 27.21
CA ALA C 183 -7.67 73.40 28.15
C ALA C 183 -6.47 72.96 28.99
N LEU C 184 -5.29 72.96 28.38
CA LEU C 184 -4.04 72.66 29.08
C LEU C 184 -3.76 73.68 30.17
N ARG C 185 -3.94 74.96 29.82
CA ARG C 185 -3.84 76.05 30.79
C ARG C 185 -4.83 75.85 31.94
N ILE C 186 -6.10 75.67 31.58
CA ILE C 186 -7.17 75.41 32.55
C ILE C 186 -6.82 74.23 33.47
N ALA C 187 -6.28 73.17 32.87
CA ALA C 187 -5.89 71.95 33.57
C ALA C 187 -4.78 72.20 34.60
N VAL C 188 -3.57 72.51 34.12
CA VAL C 188 -2.40 72.71 34.99
C VAL C 188 -2.68 73.69 36.12
N ALA C 189 -3.50 74.71 35.83
CA ALA C 189 -3.94 75.67 36.85
C ALA C 189 -4.81 75.00 37.90
N ALA C 190 -5.85 74.29 37.44
CA ALA C 190 -6.75 73.55 38.34
C ALA C 190 -6.02 72.50 39.18
N LEU C 191 -4.91 71.99 38.65
CA LEU C 191 -4.08 71.00 39.31
C LEU C 191 -3.31 71.61 40.48
N ARG C 192 -2.71 72.77 40.23
CA ARG C 192 -1.98 73.54 41.25
C ARG C 192 -2.86 73.90 42.45
N ALA C 193 -4.18 73.98 42.23
CA ALA C 193 -5.11 74.34 43.31
C ALA C 193 -5.06 73.36 44.48
N GLY C 194 -4.80 72.09 44.18
CA GLY C 194 -4.58 71.06 45.21
C GLY C 194 -3.10 70.76 45.42
N SER C 195 -2.39 71.73 45.98
CA SER C 195 -0.95 71.64 46.26
C SER C 195 -0.56 72.53 47.43
N LEU C 206 6.66 74.67 40.79
CA LEU C 206 5.56 73.71 40.69
C LEU C 206 4.83 73.75 39.33
N GLY C 207 4.36 72.58 38.88
CA GLY C 207 3.66 72.43 37.60
C GLY C 207 4.47 72.83 36.37
N VAL C 208 5.76 72.50 36.37
CA VAL C 208 6.67 72.86 35.27
C VAL C 208 6.57 71.84 34.12
N ALA C 209 7.30 72.08 33.03
CA ALA C 209 7.37 71.15 31.90
C ALA C 209 8.02 69.81 32.29
N SER C 210 7.96 69.50 33.58
CA SER C 210 8.41 68.22 34.12
C SER C 210 7.22 67.47 34.72
N LEU C 211 6.36 67.02 33.82
CA LEU C 211 5.16 66.22 34.13
C LEU C 211 4.77 65.41 32.88
N GLU C 212 3.58 64.83 32.88
CA GLU C 212 3.17 63.96 31.77
C GLU C 212 1.89 64.43 31.08
N VAL C 213 1.99 64.61 29.76
CA VAL C 213 0.88 65.11 28.96
C VAL C 213 0.73 64.33 27.67
N ALA C 214 -0.52 63.97 27.35
CA ALA C 214 -0.87 63.30 26.09
C ALA C 214 -2.32 63.59 25.73
N VAL C 215 -2.67 63.44 24.45
CA VAL C 215 -4.05 63.69 24.02
C VAL C 215 -4.65 62.61 23.14
N LEU C 216 -5.98 62.54 23.19
CA LEU C 216 -6.74 61.77 22.24
C LEU C 216 -7.22 62.67 21.11
N ASP C 217 -6.37 62.86 20.11
CA ASP C 217 -6.64 63.77 18.99
C ASP C 217 -7.66 63.18 18.01
N ALA C 218 -8.92 63.54 18.21
CA ALA C 218 -10.04 63.08 17.36
C ALA C 218 -9.81 63.33 15.88
N ASN C 219 -8.89 64.24 15.57
CA ASN C 219 -8.60 64.58 14.19
C ASN C 219 -7.65 63.61 13.49
N ARG C 220 -6.96 62.78 14.27
CA ARG C 220 -6.07 61.77 13.71
C ARG C 220 -6.84 60.71 12.91
N PRO C 221 -6.22 60.17 11.83
CA PRO C 221 -6.91 59.20 10.98
C PRO C 221 -7.24 57.89 11.69
N ARG C 222 -6.23 57.17 12.20
CA ARG C 222 -6.48 55.91 12.90
C ARG C 222 -6.19 56.01 14.40
N ARG C 223 -4.91 55.92 14.77
CA ARG C 223 -4.53 55.92 16.18
C ARG C 223 -4.62 57.30 16.78
N ALA C 224 -5.71 57.52 17.51
CA ALA C 224 -6.04 58.84 18.03
C ALA C 224 -5.24 59.24 19.26
N PHE C 225 -4.05 58.69 19.42
CA PHE C 225 -3.21 59.01 20.59
C PHE C 225 -1.99 59.81 20.17
N ARG C 226 -1.56 60.71 21.05
CA ARG C 226 -0.33 61.46 20.84
C ARG C 226 0.21 61.96 22.17
N ARG C 227 1.48 61.66 22.45
CA ARG C 227 2.16 62.22 23.61
C ARG C 227 2.63 63.61 23.25
N ILE C 228 2.50 64.56 24.17
CA ILE C 228 3.11 65.87 23.98
C ILE C 228 4.47 65.94 24.70
N THR C 229 5.53 65.98 23.89
CA THR C 229 6.92 65.94 24.36
C THR C 229 7.30 67.18 25.19
N GLY C 230 8.60 67.49 25.27
CA GLY C 230 9.08 68.60 26.10
C GLY C 230 8.99 69.97 25.44
N SER C 231 9.71 70.16 24.34
CA SER C 231 9.78 71.45 23.69
C SER C 231 8.42 71.92 23.12
N ALA C 232 7.73 71.03 22.41
CA ALA C 232 6.40 71.30 21.85
C ALA C 232 5.38 71.66 22.94
N LEU C 233 5.53 71.06 24.11
CA LEU C 233 4.65 71.31 25.26
C LEU C 233 4.73 72.75 25.76
N GLN C 234 5.95 73.28 25.90
CA GLN C 234 6.16 74.63 26.40
C GLN C 234 5.34 75.68 25.64
N ALA C 235 5.26 75.51 24.32
CA ALA C 235 4.51 76.42 23.43
C ALA C 235 3.00 76.45 23.74
N LEU C 236 2.57 75.70 24.75
CA LEU C 236 1.16 75.59 25.12
C LEU C 236 0.97 75.85 26.62
N LEU C 237 2.05 75.65 27.37
CA LEU C 237 2.03 75.60 28.83
C LEU C 237 1.64 76.93 29.50
N VAL C 238 1.01 76.80 30.68
CA VAL C 238 0.49 77.92 31.49
C VAL C 238 1.53 78.57 32.43
N ASP C 239 1.59 79.90 32.39
CA ASP C 239 2.38 80.69 33.33
C ASP C 239 1.77 80.61 34.75
N GLN C 240 2.58 80.28 35.75
CA GLN C 240 2.12 80.31 37.15
C GLN C 240 2.50 81.60 37.90
N THR D 1 0.86 34.30 -8.82
CA THR D 1 1.21 35.42 -7.94
C THR D 1 2.65 35.86 -8.10
N THR D 2 2.90 37.16 -7.94
CA THR D 2 4.25 37.71 -7.86
C THR D 2 4.16 38.94 -6.95
N ILE D 3 5.00 38.98 -5.93
CA ILE D 3 5.17 40.16 -5.10
C ILE D 3 6.63 40.47 -5.33
N VAL D 4 6.95 41.75 -5.44
CA VAL D 4 8.32 42.14 -5.71
C VAL D 4 8.72 43.28 -4.81
N ALA D 5 10.00 43.32 -4.43
CA ALA D 5 10.50 44.39 -3.57
C ALA D 5 11.81 44.97 -4.08
N LEU D 6 11.91 46.31 -4.11
CA LEU D 6 13.11 47.01 -4.56
C LEU D 6 13.68 47.96 -3.54
N LYS D 7 14.99 48.03 -3.52
CA LYS D 7 15.73 48.95 -2.67
C LYS D 7 16.28 50.07 -3.57
N TYR D 8 15.96 51.31 -3.22
CA TYR D 8 16.52 52.47 -3.90
C TYR D 8 17.15 53.38 -2.83
N PRO D 9 17.96 54.39 -3.24
CA PRO D 9 18.65 55.29 -2.32
C PRO D 9 17.82 55.80 -1.13
N GLY D 10 16.66 56.36 -1.40
CA GLY D 10 15.77 56.85 -0.36
C GLY D 10 15.25 55.81 0.61
N GLY D 11 14.72 54.70 0.07
CA GLY D 11 14.15 53.62 0.88
C GLY D 11 13.83 52.38 0.06
N VAL D 12 12.59 51.91 0.19
CA VAL D 12 12.12 50.68 -0.49
C VAL D 12 10.73 50.80 -1.09
N VAL D 13 10.51 50.03 -2.16
CA VAL D 13 9.20 49.90 -2.76
C VAL D 13 8.83 48.42 -2.86
N MET D 14 7.59 48.09 -2.51
CA MET D 14 7.05 46.75 -2.73
C MET D 14 5.74 46.82 -3.52
N ALA D 15 5.61 45.93 -4.50
CA ALA D 15 4.42 45.87 -5.33
C ALA D 15 4.08 44.45 -5.74
N GLY D 16 2.79 44.13 -5.74
CA GLY D 16 2.34 42.83 -6.16
C GLY D 16 1.06 42.90 -6.94
N ASP D 17 0.86 41.93 -7.84
CA ASP D 17 -0.33 41.83 -8.68
C ASP D 17 -1.59 41.58 -7.88
N ARG D 18 -2.70 41.36 -8.57
CA ARG D 18 -3.97 41.08 -7.90
C ARG D 18 -4.72 39.85 -8.36
N ARG D 19 -4.07 38.99 -9.13
CA ARG D 19 -4.69 37.74 -9.56
C ARG D 19 -4.85 36.75 -8.41
N SER D 20 -5.94 36.00 -8.47
CA SER D 20 -6.19 34.90 -7.56
C SER D 20 -6.76 33.82 -8.39
N THR D 21 -6.08 32.70 -8.42
CA THR D 21 -6.47 31.64 -9.31
C THR D 21 -6.80 30.35 -8.52
N GLN D 22 -7.51 29.43 -9.16
CA GLN D 22 -7.97 28.21 -8.52
C GLN D 22 -8.03 27.14 -9.56
N GLY D 23 -6.95 26.39 -9.69
CA GLY D 23 -6.82 25.53 -10.84
C GLY D 23 -6.26 26.46 -11.86
N ASN D 24 -6.72 26.36 -13.08
CA ASN D 24 -6.36 27.36 -14.06
C ASN D 24 -7.59 28.21 -14.37
N MET D 25 -8.20 28.70 -13.31
CA MET D 25 -9.47 29.34 -13.41
C MET D 25 -9.35 30.60 -12.59
N ILE D 26 -9.42 31.75 -13.25
CA ILE D 26 -9.30 33.03 -12.60
C ILE D 26 -10.44 33.19 -11.60
N SER D 27 -10.11 33.46 -10.34
CA SER D 27 -11.12 33.52 -9.31
C SER D 27 -11.04 34.80 -8.53
N GLY D 28 -10.14 35.69 -8.96
CA GLY D 28 -9.87 36.95 -8.28
C GLY D 28 -9.16 37.85 -9.24
N ARG D 29 -9.53 39.12 -9.25
CA ARG D 29 -8.91 40.07 -10.17
C ARG D 29 -8.49 41.35 -9.49
N ASP D 30 -8.66 41.42 -8.17
CA ASP D 30 -8.45 42.64 -7.41
C ASP D 30 -7.95 42.37 -6.00
N VAL D 31 -7.14 41.32 -5.83
CA VAL D 31 -6.65 40.98 -4.50
C VAL D 31 -5.59 41.98 -4.10
N ARG D 32 -5.66 42.43 -2.85
CA ARG D 32 -4.64 43.29 -2.27
C ARG D 32 -3.58 42.42 -1.59
N LYS D 33 -2.50 42.13 -2.30
CA LYS D 33 -1.51 41.22 -1.76
C LYS D 33 -0.38 41.89 -0.97
N VAL D 34 -0.35 43.22 -0.94
CA VAL D 34 0.70 43.95 -0.24
C VAL D 34 0.11 44.84 0.87
N TYR D 35 0.62 44.69 2.09
CA TYR D 35 0.03 45.32 3.30
C TYR D 35 1.02 46.24 4.00
N ILE D 36 0.50 47.32 4.61
CA ILE D 36 1.32 48.18 5.46
C ILE D 36 1.23 47.67 6.89
N THR D 37 2.23 46.89 7.29
CA THR D 37 2.24 46.25 8.59
C THR D 37 2.33 47.23 9.76
N ASP D 38 3.28 48.15 9.68
CA ASP D 38 3.30 49.34 10.55
C ASP D 38 3.88 50.53 9.77
N ASP D 39 4.23 51.59 10.47
CA ASP D 39 4.71 52.82 9.83
C ASP D 39 5.90 52.64 8.91
N TYR D 40 6.74 51.65 9.18
CA TYR D 40 7.94 51.45 8.40
C TYR D 40 8.07 50.07 7.82
N THR D 41 6.98 49.31 7.87
CA THR D 41 7.06 47.95 7.36
C THR D 41 5.91 47.65 6.44
N ALA D 42 6.25 47.18 5.25
CA ALA D 42 5.28 46.60 4.34
C ALA D 42 5.54 45.12 4.21
N THR D 43 4.48 44.32 4.17
CA THR D 43 4.61 42.89 4.09
C THR D 43 3.73 42.35 2.97
N GLY D 44 4.32 41.59 2.05
CA GLY D 44 3.59 40.98 0.93
C GLY D 44 3.58 39.48 1.14
N ILE D 45 2.57 38.78 0.62
CA ILE D 45 2.31 37.37 0.98
C ILE D 45 1.81 36.54 -0.20
N ALA D 46 2.43 35.39 -0.43
CA ALA D 46 2.11 34.57 -1.58
C ALA D 46 1.63 33.19 -1.17
N GLY D 47 0.88 32.54 -2.05
CA GLY D 47 0.36 31.22 -1.77
C GLY D 47 -1.11 31.18 -1.41
N THR D 48 -1.42 30.44 -0.34
CA THR D 48 -2.77 30.16 0.09
C THR D 48 -3.43 31.41 0.67
N ALA D 49 -4.44 31.89 -0.06
CA ALA D 49 -5.17 33.12 0.27
C ALA D 49 -5.58 33.23 1.72
N ALA D 50 -6.31 32.24 2.22
CA ALA D 50 -6.80 32.33 3.59
C ALA D 50 -5.68 32.59 4.60
N VAL D 51 -4.51 32.00 4.35
CA VAL D 51 -3.38 32.09 5.27
C VAL D 51 -2.66 33.41 5.07
N ALA D 52 -2.40 33.77 3.82
CA ALA D 52 -1.80 35.05 3.46
C ALA D 52 -2.49 36.24 4.15
N VAL D 53 -3.80 36.33 4.00
CA VAL D 53 -4.55 37.42 4.63
C VAL D 53 -4.40 37.37 6.14
N GLU D 54 -4.45 36.17 6.71
CA GLU D 54 -4.37 36.01 8.15
C GLU D 54 -2.98 36.32 8.67
N PHE D 55 -1.94 35.94 7.93
CA PHE D 55 -0.57 36.30 8.31
C PHE D 55 -0.49 37.79 8.50
N ALA D 56 -0.79 38.54 7.44
CA ALA D 56 -0.75 39.99 7.45
C ALA D 56 -1.51 40.59 8.59
N ARG D 57 -2.79 40.24 8.67
CA ARG D 57 -3.67 40.80 9.68
C ARG D 57 -3.12 40.56 11.08
N LEU D 58 -2.71 39.33 11.34
CA LEU D 58 -2.17 38.93 12.63
C LEU D 58 -0.85 39.60 12.98
N TYR D 59 0.08 39.59 12.03
CA TYR D 59 1.40 40.22 12.14
C TYR D 59 1.33 41.66 12.59
N ALA D 60 0.57 42.44 11.84
CA ALA D 60 0.30 43.83 12.15
C ALA D 60 -0.14 44.02 13.60
N VAL D 61 -1.06 43.18 14.06
CA VAL D 61 -1.55 43.24 15.44
C VAL D 61 -0.43 42.99 16.40
N GLU D 62 0.38 41.98 16.12
CA GLU D 62 1.51 41.64 16.98
C GLU D 62 2.46 42.82 17.18
N LEU D 63 2.88 43.43 16.08
CA LEU D 63 3.79 44.57 16.13
C LEU D 63 3.24 45.74 16.92
N GLU D 64 2.03 46.18 16.60
CA GLU D 64 1.41 47.27 17.31
C GLU D 64 1.12 46.92 18.77
N HIS D 65 0.86 45.63 19.05
CA HIS D 65 0.66 45.13 20.42
C HIS D 65 1.95 45.25 21.26
N TYR D 66 3.10 44.90 20.69
CA TYR D 66 4.37 45.08 21.42
C TYR D 66 4.58 46.55 21.75
N GLU D 67 4.32 47.40 20.76
CA GLU D 67 4.49 48.83 20.89
C GLU D 67 3.63 49.40 22.01
N LYS D 68 2.33 49.16 21.97
CA LYS D 68 1.47 49.62 23.04
C LYS D 68 1.87 49.10 24.42
N LEU D 69 2.46 47.92 24.49
CA LEU D 69 2.81 47.34 25.78
C LEU D 69 4.13 47.88 26.32
N GLU D 70 5.18 47.81 25.50
CA GLU D 70 6.52 48.20 25.92
C GLU D 70 6.76 49.69 25.75
N GLY D 71 5.94 50.33 24.92
CA GLY D 71 6.06 51.77 24.68
C GLY D 71 6.98 52.14 23.53
N VAL D 72 7.63 51.15 22.91
CA VAL D 72 8.55 51.37 21.80
C VAL D 72 8.37 50.27 20.75
N PRO D 73 8.41 50.61 19.43
CA PRO D 73 8.32 49.56 18.42
C PRO D 73 9.48 48.60 18.52
N LEU D 74 9.32 47.40 17.97
CA LEU D 74 10.37 46.41 17.94
C LEU D 74 11.55 46.86 17.10
N THR D 75 12.75 46.34 17.37
CA THR D 75 13.89 46.49 16.50
C THR D 75 13.49 45.89 15.16
N PHE D 76 14.19 46.25 14.09
CA PHE D 76 13.88 45.63 12.82
C PHE D 76 14.20 44.15 12.94
N ALA D 77 15.29 43.84 13.62
CA ALA D 77 15.65 42.46 13.91
C ALA D 77 14.50 41.73 14.64
N GLY D 78 13.94 42.39 15.64
CA GLY D 78 12.77 41.89 16.32
C GLY D 78 11.64 41.59 15.37
N LYS D 79 11.26 42.57 14.55
CA LYS D 79 10.18 42.43 13.56
C LYS D 79 10.40 41.22 12.65
N ILE D 80 11.61 41.07 12.14
CA ILE D 80 11.97 39.91 11.33
C ILE D 80 11.69 38.63 12.10
N ASN D 81 12.23 38.54 13.31
CA ASN D 81 12.13 37.32 14.10
C ASN D 81 10.70 36.88 14.28
N ARG D 82 9.84 37.81 14.68
CA ARG D 82 8.41 37.52 14.87
C ARG D 82 7.76 36.96 13.64
N LEU D 83 7.97 37.59 12.50
CA LEU D 83 7.40 37.07 11.27
C LEU D 83 7.89 35.65 11.02
N ALA D 84 9.20 35.45 11.17
CA ALA D 84 9.79 34.13 10.96
C ALA D 84 9.11 33.07 11.83
N ILE D 85 8.95 33.37 13.11
CA ILE D 85 8.32 32.45 14.04
C ILE D 85 6.94 32.06 13.54
N MET D 86 6.13 33.07 13.20
CA MET D 86 4.82 32.88 12.64
C MET D 86 4.84 31.94 11.44
N VAL D 87 5.74 32.18 10.49
CA VAL D 87 5.89 31.27 9.36
C VAL D 87 6.16 29.83 9.80
N ARG D 88 7.04 29.63 10.78
CA ARG D 88 7.36 28.25 11.21
C ARG D 88 6.16 27.64 11.88
N GLY D 89 5.49 28.43 12.71
CA GLY D 89 4.23 28.04 13.30
C GLY D 89 3.18 27.57 12.32
N ASN D 90 3.44 27.63 11.01
CA ASN D 90 2.49 27.16 10.02
C ASN D 90 2.99 25.95 9.22
N LEU D 91 4.18 25.47 9.57
CA LEU D 91 4.82 24.43 8.80
C LEU D 91 3.93 23.19 8.71
N ALA D 92 3.28 22.84 9.83
CA ALA D 92 2.33 21.75 9.87
C ALA D 92 1.31 21.93 8.75
N ALA D 93 0.59 23.06 8.81
CA ALA D 93 -0.43 23.41 7.84
C ALA D 93 0.12 23.43 6.44
N ALA D 94 1.25 24.11 6.26
CA ALA D 94 1.93 24.19 4.97
C ALA D 94 2.14 22.82 4.34
N MET D 95 2.54 21.87 5.17
CA MET D 95 2.80 20.50 4.75
C MET D 95 1.59 19.88 4.13
N GLN D 96 0.40 20.23 4.62
CA GLN D 96 -0.84 19.67 4.08
C GLN D 96 -1.42 20.37 2.86
N GLY D 97 -1.20 21.67 2.72
CA GLY D 97 -1.68 22.41 1.56
C GLY D 97 -1.66 23.89 1.83
N LEU D 98 -1.98 24.26 3.05
CA LEU D 98 -2.08 25.63 3.50
C LEU D 98 -0.73 26.35 3.56
N LEU D 99 -0.03 26.36 2.43
CA LEU D 99 1.29 27.00 2.30
C LEU D 99 1.15 28.49 2.07
N ALA D 100 1.98 29.31 2.74
CA ALA D 100 2.00 30.75 2.51
C ALA D 100 3.33 31.38 2.89
N LEU D 101 4.00 31.98 1.91
CA LEU D 101 5.33 32.60 2.10
C LEU D 101 5.32 34.12 1.98
N PRO D 102 5.71 34.84 3.04
CA PRO D 102 5.83 36.30 3.05
C PRO D 102 7.14 36.89 2.51
N LEU D 103 7.06 38.12 2.01
CA LEU D 103 8.22 38.95 1.70
C LEU D 103 8.10 40.19 2.54
N LEU D 104 9.19 40.56 3.22
CA LEU D 104 9.19 41.72 4.10
C LEU D 104 9.99 42.86 3.50
N ALA D 105 9.42 44.06 3.54
CA ALA D 105 10.12 45.27 3.09
C ALA D 105 9.94 46.36 4.13
N GLY D 106 11.04 47.02 4.49
CA GLY D 106 10.99 48.02 5.56
C GLY D 106 12.10 49.06 5.50
N TYR D 107 11.93 50.12 6.26
CA TYR D 107 12.93 51.17 6.40
C TYR D 107 13.35 51.23 7.87
N ASP D 108 14.61 50.90 8.12
CA ASP D 108 15.13 50.87 9.48
C ASP D 108 15.56 52.26 9.88
N ILE D 109 14.72 52.94 10.66
CA ILE D 109 15.04 54.30 11.10
C ILE D 109 16.23 54.39 12.04
N HIS D 110 16.90 53.26 12.27
CA HIS D 110 18.10 53.26 13.11
C HIS D 110 19.35 52.79 12.37
N ALA D 111 19.26 52.57 11.06
CA ALA D 111 20.43 52.20 10.28
C ALA D 111 21.45 53.33 10.30
N SER D 112 22.74 52.97 10.29
CA SER D 112 23.83 53.95 10.31
C SER D 112 23.65 54.96 9.19
N ASP D 113 23.66 54.46 7.96
CA ASP D 113 23.51 55.27 6.78
C ASP D 113 22.03 55.28 6.35
N PRO D 114 21.31 56.41 6.62
CA PRO D 114 19.88 56.56 6.30
C PRO D 114 19.56 56.50 4.81
N GLN D 115 20.56 56.24 3.98
CA GLN D 115 20.37 56.07 2.56
C GLN D 115 20.44 54.56 2.20
N SER D 116 20.69 53.74 3.22
CA SER D 116 20.72 52.28 3.09
C SER D 116 19.83 51.66 4.16
N ALA D 117 18.89 52.45 4.65
CA ALA D 117 17.97 52.00 5.67
C ALA D 117 16.87 51.13 5.07
N GLY D 118 16.86 51.01 3.75
CA GLY D 118 15.89 50.15 3.07
C GLY D 118 16.25 48.70 3.29
N ARG D 119 15.28 47.87 3.65
CA ARG D 119 15.52 46.44 3.85
C ARG D 119 14.53 45.56 3.13
N ILE D 120 15.06 44.47 2.61
CA ILE D 120 14.25 43.43 2.00
C ILE D 120 14.62 42.07 2.58
N VAL D 121 13.69 41.44 3.29
CA VAL D 121 13.91 40.15 3.95
C VAL D 121 13.00 39.09 3.36
N SER D 122 13.60 38.06 2.77
CA SER D 122 12.78 36.97 2.24
C SER D 122 12.67 35.85 3.25
N PHE D 123 11.61 35.06 3.11
CA PHE D 123 11.28 34.04 4.09
C PHE D 123 11.15 32.64 3.53
N ASP D 124 11.33 31.72 4.45
CA ASP D 124 11.58 30.31 4.21
C ASP D 124 10.40 29.54 4.78
N ALA D 125 9.88 28.57 4.05
CA ALA D 125 8.74 27.79 4.52
C ALA D 125 8.90 27.23 5.95
N ALA D 126 10.15 27.10 6.39
CA ALA D 126 10.51 26.54 7.70
C ALA D 126 10.81 27.61 8.75
N GLY D 127 10.69 28.86 8.37
CA GLY D 127 10.92 29.98 9.29
C GLY D 127 12.29 30.59 9.17
N GLY D 128 13.06 30.18 8.17
CA GLY D 128 14.34 30.80 7.88
C GLY D 128 14.13 32.15 7.21
N TRP D 129 15.17 32.98 7.19
CA TRP D 129 15.09 34.30 6.56
C TRP D 129 16.47 34.79 6.15
N ASN D 130 16.55 35.48 5.02
CA ASN D 130 17.78 36.11 4.56
C ASN D 130 17.55 37.56 4.21
N ILE D 131 18.23 38.45 4.90
CA ILE D 131 18.25 39.86 4.53
C ILE D 131 18.97 40.00 3.20
N GLU D 132 18.22 40.44 2.19
CA GLU D 132 18.60 40.28 0.79
C GLU D 132 19.87 40.93 0.33
N GLU D 133 20.07 42.19 0.74
CA GLU D 133 21.21 43.00 0.27
C GLU D 133 21.68 42.66 -1.14
N GLU D 134 20.81 42.92 -2.10
CA GLU D 134 21.16 42.82 -3.49
C GLU D 134 20.15 43.67 -4.23
N GLY D 135 19.33 44.38 -3.46
CA GLY D 135 18.46 45.40 -4.00
C GLY D 135 17.08 44.95 -4.42
N TYR D 136 16.98 43.73 -4.91
CA TYR D 136 15.69 43.20 -5.36
C TYR D 136 15.40 41.78 -4.89
N GLN D 137 14.12 41.47 -4.72
CA GLN D 137 13.65 40.12 -4.38
C GLN D 137 12.19 39.93 -4.80
N ALA D 138 11.79 38.67 -5.01
CA ALA D 138 10.41 38.35 -5.36
C ALA D 138 9.92 37.08 -4.67
N VAL D 139 8.60 36.92 -4.54
CA VAL D 139 7.99 35.67 -4.08
C VAL D 139 6.75 35.37 -4.88
N GLY D 140 6.54 34.11 -5.25
CA GLY D 140 5.30 33.74 -5.90
C GLY D 140 5.53 32.96 -7.17
N SER D 141 4.44 32.50 -7.76
CA SER D 141 4.51 31.67 -8.95
C SER D 141 5.32 32.27 -10.07
N GLY D 142 5.43 33.58 -10.09
CA GLY D 142 6.14 34.26 -11.17
C GLY D 142 7.41 34.96 -10.71
N SER D 143 7.76 34.84 -9.44
CA SER D 143 8.91 35.54 -8.88
C SER D 143 10.19 35.23 -9.63
N LEU D 144 10.25 34.04 -10.21
CA LEU D 144 11.41 33.65 -11.00
C LEU D 144 11.62 34.57 -12.20
N PHE D 145 10.53 34.90 -12.89
CA PHE D 145 10.57 35.73 -14.07
C PHE D 145 10.82 37.17 -13.67
N ALA D 146 10.16 37.63 -12.61
CA ALA D 146 10.37 38.97 -12.12
C ALA D 146 11.84 39.18 -11.77
N LYS D 147 12.35 38.45 -10.80
CA LYS D 147 13.76 38.53 -10.40
C LYS D 147 14.73 38.64 -11.57
N SER D 148 14.48 37.86 -12.61
CA SER D 148 15.38 37.76 -13.72
C SER D 148 15.29 39.01 -14.62
N SER D 149 14.08 39.56 -14.76
CA SER D 149 13.87 40.80 -15.53
C SER D 149 14.41 41.96 -14.72
N MET D 150 13.99 42.01 -13.47
CA MET D 150 14.48 42.96 -12.49
C MET D 150 16.02 42.92 -12.32
N LYS D 151 16.66 41.86 -12.79
CA LYS D 151 18.10 41.76 -12.75
C LYS D 151 18.68 42.77 -13.72
N LYS D 152 18.19 42.73 -14.96
CA LYS D 152 18.62 43.61 -16.02
C LYS D 152 18.21 45.07 -15.74
N LEU D 153 16.96 45.30 -15.35
CA LEU D 153 16.44 46.64 -15.19
C LEU D 153 16.89 47.37 -13.93
N TYR D 154 17.81 46.80 -13.16
CA TYR D 154 18.08 47.38 -11.84
C TYR D 154 18.97 48.61 -11.86
N SER D 155 19.89 48.66 -12.82
CA SER D 155 20.74 49.83 -13.01
C SER D 155 19.91 51.09 -13.10
N GLN D 156 18.77 51.03 -13.79
CA GLN D 156 17.89 52.20 -13.94
C GLN D 156 17.31 52.76 -12.65
N VAL D 157 17.58 52.13 -11.51
CA VAL D 157 16.98 52.58 -10.25
C VAL D 157 17.75 53.74 -9.65
N THR D 158 17.12 54.90 -9.61
CA THR D 158 17.76 56.15 -9.21
C THR D 158 17.09 56.74 -7.99
N ASP D 159 15.76 56.65 -7.95
CA ASP D 159 14.97 57.22 -6.88
C ASP D 159 13.66 56.48 -6.75
N GLY D 160 12.82 56.91 -5.81
CA GLY D 160 11.50 56.36 -5.60
C GLY D 160 10.78 56.08 -6.91
N ASP D 161 10.31 57.15 -7.54
CA ASP D 161 9.60 57.03 -8.82
C ASP D 161 10.37 56.16 -9.83
N SER D 162 11.70 56.26 -9.83
CA SER D 162 12.51 55.43 -10.71
C SER D 162 12.36 53.94 -10.40
N GLY D 163 12.60 53.54 -9.15
CA GLY D 163 12.42 52.17 -8.71
C GLY D 163 11.03 51.64 -8.97
N LEU D 164 10.02 52.41 -8.59
CA LEU D 164 8.62 52.04 -8.79
C LEU D 164 8.33 51.55 -10.20
N ARG D 165 8.96 52.15 -11.21
CA ARG D 165 8.64 51.73 -12.58
C ARG D 165 9.25 50.38 -12.90
N VAL D 166 10.43 50.11 -12.36
CA VAL D 166 11.08 48.83 -12.54
C VAL D 166 10.22 47.74 -11.88
N ALA D 167 9.80 47.99 -10.64
CA ALA D 167 8.84 47.15 -9.94
C ALA D 167 7.68 46.78 -10.86
N VAL D 168 6.89 47.76 -11.25
CA VAL D 168 5.73 47.50 -12.11
C VAL D 168 6.11 46.77 -13.40
N GLU D 169 7.31 47.03 -13.91
CA GLU D 169 7.75 46.37 -15.14
C GLU D 169 8.03 44.88 -14.90
N ALA D 170 8.67 44.56 -13.78
CA ALA D 170 8.91 43.16 -13.42
C ALA D 170 7.58 42.43 -13.28
N LEU D 171 6.68 42.97 -12.49
CA LEU D 171 5.34 42.39 -12.41
C LEU D 171 4.69 42.26 -13.78
N TYR D 172 4.93 43.20 -14.69
CA TYR D 172 4.43 43.06 -16.05
C TYR D 172 5.09 41.86 -16.74
N ASP D 173 6.40 41.72 -16.56
CA ASP D 173 7.21 40.60 -17.10
C ASP D 173 6.81 39.24 -16.51
N ALA D 174 6.46 39.24 -15.23
CA ALA D 174 5.99 38.04 -14.55
C ALA D 174 4.71 37.56 -15.19
N ALA D 175 3.72 38.44 -15.27
CA ALA D 175 2.42 38.11 -15.86
C ALA D 175 2.56 37.67 -17.29
N ASP D 176 3.68 38.01 -17.90
CA ASP D 176 3.87 37.71 -19.30
C ASP D 176 4.26 36.25 -19.51
N ASP D 177 4.66 35.61 -18.42
CA ASP D 177 5.16 34.25 -18.45
C ASP D 177 4.43 33.33 -17.48
N ASP D 178 4.04 33.85 -16.32
CA ASP D 178 3.32 33.10 -15.32
C ASP D 178 1.84 33.39 -15.42
N SER D 179 1.10 32.46 -16.01
CA SER D 179 -0.34 32.59 -16.15
C SER D 179 -1.09 32.72 -14.84
N ALA D 180 -0.38 32.58 -13.72
CA ALA D 180 -1.01 32.68 -12.42
C ALA D 180 -0.76 34.02 -11.78
N THR D 181 -0.06 34.91 -12.49
CA THR D 181 0.28 36.24 -11.95
C THR D 181 -0.66 37.38 -12.35
N GLY D 182 -1.01 37.50 -13.63
CA GLY D 182 -1.99 38.55 -13.99
C GLY D 182 -1.47 39.98 -14.10
N GLY D 183 -1.41 40.47 -15.33
CA GLY D 183 -0.92 41.81 -15.59
C GLY D 183 -2.02 42.86 -15.44
N PRO D 184 -1.79 44.05 -16.01
CA PRO D 184 -2.70 45.17 -15.83
C PRO D 184 -3.96 44.99 -16.66
N ASP D 185 -5.13 45.16 -16.05
CA ASP D 185 -6.38 45.07 -16.79
C ASP D 185 -6.88 46.45 -17.18
N LEU D 186 -6.60 46.84 -18.42
CA LEU D 186 -7.06 48.11 -18.90
C LEU D 186 -8.57 48.06 -19.12
N VAL D 187 -9.05 46.98 -19.73
CA VAL D 187 -10.49 46.85 -19.96
C VAL D 187 -11.29 47.03 -18.69
N ARG D 188 -10.71 46.74 -17.53
CA ARG D 188 -11.44 46.81 -16.27
C ARG D 188 -10.87 47.88 -15.39
N GLY D 189 -9.69 48.38 -15.75
CA GLY D 189 -9.03 49.39 -14.95
C GLY D 189 -8.53 48.90 -13.60
N ILE D 190 -7.91 47.72 -13.58
CA ILE D 190 -7.28 47.16 -12.36
C ILE D 190 -5.77 47.01 -12.56
N PHE D 191 -5.01 47.44 -11.56
CA PHE D 191 -3.55 47.52 -11.70
C PHE D 191 -2.91 47.04 -10.44
N PRO D 192 -1.67 46.52 -10.51
CA PRO D 192 -0.90 46.11 -9.36
C PRO D 192 -0.91 47.16 -8.28
N THR D 193 -0.89 46.77 -7.02
CA THR D 193 -0.81 47.74 -5.94
C THR D 193 0.64 47.87 -5.49
N ALA D 194 0.96 48.96 -4.79
CA ALA D 194 2.33 49.17 -4.31
C ALA D 194 2.40 50.01 -3.02
N VAL D 195 3.55 49.92 -2.37
CA VAL D 195 3.83 50.69 -1.15
C VAL D 195 5.27 51.17 -1.24
N ILE D 196 5.51 52.38 -0.73
CA ILE D 196 6.85 52.98 -0.68
C ILE D 196 7.19 53.32 0.77
N ILE D 197 8.43 53.06 1.15
CA ILE D 197 8.89 53.41 2.49
C ILE D 197 10.21 54.16 2.42
N ASP D 198 10.23 55.33 3.07
CA ASP D 198 11.42 56.19 3.21
C ASP D 198 11.43 56.71 4.64
N ALA D 199 12.34 57.63 4.95
CA ALA D 199 12.45 58.13 6.32
C ALA D 199 11.14 58.69 6.86
N ASP D 200 10.23 59.07 5.95
CA ASP D 200 8.97 59.68 6.37
C ASP D 200 7.88 58.66 6.71
N GLY D 201 8.05 57.43 6.26
CA GLY D 201 7.09 56.35 6.59
C GLY D 201 6.70 55.50 5.39
N ALA D 202 5.64 54.71 5.56
CA ALA D 202 5.14 53.88 4.48
C ALA D 202 3.83 54.45 3.97
N VAL D 203 3.72 54.53 2.65
CA VAL D 203 2.59 55.16 1.96
C VAL D 203 2.13 54.31 0.79
N ASP D 204 0.82 54.18 0.61
CA ASP D 204 0.23 53.50 -0.53
C ASP D 204 0.45 54.35 -1.77
N VAL D 205 1.10 53.77 -2.76
CA VAL D 205 1.28 54.43 -4.03
C VAL D 205 -0.06 54.49 -4.76
N PRO D 206 -0.52 55.71 -5.13
CA PRO D 206 -1.83 55.83 -5.75
C PRO D 206 -1.87 55.14 -7.11
N GLU D 207 -3.00 54.57 -7.47
CA GLU D 207 -3.06 53.77 -8.68
C GLU D 207 -2.81 54.57 -9.95
N SER D 208 -3.14 55.86 -9.90
CA SER D 208 -2.86 56.82 -10.94
C SER D 208 -1.44 56.67 -11.44
N ARG D 209 -0.45 56.83 -10.57
CA ARG D 209 0.95 56.75 -10.93
C ARG D 209 1.33 55.37 -11.48
N ILE D 210 0.67 54.34 -10.94
CA ILE D 210 0.86 52.96 -11.39
C ILE D 210 0.22 52.76 -12.76
N ALA D 211 -1.05 53.11 -12.89
CA ALA D 211 -1.80 52.96 -14.13
C ALA D 211 -1.08 53.64 -15.28
N GLU D 212 -0.58 54.84 -15.00
CA GLU D 212 0.21 55.61 -15.93
C GLU D 212 1.46 54.80 -16.32
N LEU D 213 2.31 54.52 -15.32
CA LEU D 213 3.50 53.68 -15.48
C LEU D 213 3.28 52.40 -16.28
N ALA D 214 2.14 51.75 -16.03
CA ALA D 214 1.75 50.54 -16.73
C ALA D 214 1.58 50.76 -18.22
N ARG D 215 0.80 51.79 -18.59
CA ARG D 215 0.53 52.13 -20.00
C ARG D 215 1.79 52.50 -20.74
N ALA D 216 2.70 53.14 -20.02
CA ALA D 216 4.04 53.40 -20.49
C ALA D 216 4.72 52.13 -20.99
N ILE D 217 4.81 51.14 -20.09
CA ILE D 217 5.38 49.81 -20.40
C ILE D 217 4.66 49.15 -21.57
N ILE D 218 3.33 49.14 -21.52
CA ILE D 218 2.52 48.53 -22.58
C ILE D 218 2.81 49.14 -23.94
N GLU D 219 2.81 50.48 -24.02
CA GLU D 219 3.11 51.20 -25.27
C GLU D 219 4.50 50.89 -25.80
N SER D 220 5.50 51.07 -24.95
CA SER D 220 6.88 50.87 -25.34
C SER D 220 7.16 49.43 -25.79
N ARG D 221 6.59 48.45 -25.11
CA ARG D 221 6.72 47.06 -25.56
C ARG D 221 5.83 46.78 -26.77
N SER D 222 4.75 47.55 -26.92
CA SER D 222 3.80 47.41 -28.01
C SER D 222 4.41 47.85 -29.35
N SER E 11 14.13 -25.26 -67.76
CA SER E 11 14.92 -24.35 -68.64
C SER E 11 14.77 -22.90 -68.20
N PRO E 12 15.36 -22.54 -67.04
CA PRO E 12 15.30 -21.19 -66.43
C PRO E 12 15.35 -20.04 -67.44
N GLU E 13 16.24 -20.10 -68.41
CA GLU E 13 16.36 -19.04 -69.43
C GLU E 13 15.16 -19.02 -70.39
N GLN E 14 14.79 -20.21 -70.87
CA GLN E 14 13.66 -20.38 -71.76
C GLN E 14 12.34 -20.09 -71.02
N ALA E 15 12.31 -20.41 -69.74
CA ALA E 15 11.16 -20.11 -68.87
C ALA E 15 10.85 -18.61 -68.86
N MET E 16 11.89 -17.80 -68.63
CA MET E 16 11.78 -16.34 -68.63
C MET E 16 11.22 -15.77 -69.93
N ARG E 17 11.50 -16.45 -71.03
CA ARG E 17 11.05 -15.98 -72.35
C ARG E 17 9.56 -16.22 -72.56
N GLU E 18 9.04 -17.31 -72.02
CA GLU E 18 7.61 -17.60 -72.02
C GLU E 18 6.83 -16.59 -71.18
N ARG E 19 7.37 -16.23 -70.02
CA ARG E 19 6.75 -15.22 -69.15
C ARG E 19 6.62 -13.90 -69.90
N SER E 20 7.74 -13.44 -70.46
CA SER E 20 7.80 -12.23 -71.27
C SER E 20 6.77 -12.26 -72.39
N GLU E 21 6.77 -13.36 -73.15
CA GLU E 21 5.78 -13.57 -74.21
C GLU E 21 4.34 -13.39 -73.73
N LEU E 22 3.93 -14.19 -72.74
CA LEU E 22 2.55 -14.13 -72.22
C LEU E 22 2.14 -12.70 -71.89
N ALA E 23 3.00 -12.02 -71.12
CA ALA E 23 2.75 -10.65 -70.70
C ALA E 23 2.63 -9.72 -71.89
N ARG E 24 3.65 -9.73 -72.76
CA ARG E 24 3.72 -8.82 -73.90
C ARG E 24 2.50 -8.95 -74.84
N LYS E 25 2.00 -10.17 -75.02
CA LYS E 25 0.77 -10.42 -75.79
C LYS E 25 -0.45 -9.76 -75.14
N GLY E 26 -0.62 -9.99 -73.84
CA GLY E 26 -1.69 -9.35 -73.08
C GLY E 26 -1.71 -7.84 -73.21
N ILE E 27 -0.52 -7.22 -73.17
CA ILE E 27 -0.36 -5.76 -73.37
C ILE E 27 -0.87 -5.35 -74.75
N ALA E 28 -0.51 -6.14 -75.77
CA ALA E 28 -0.92 -5.90 -77.15
C ALA E 28 -2.44 -5.87 -77.32
N ARG E 29 -3.12 -6.95 -76.92
CA ARG E 29 -4.58 -7.07 -77.06
C ARG E 29 -5.38 -6.06 -76.21
N ALA E 30 -4.71 -5.41 -75.26
CA ALA E 30 -5.33 -4.33 -74.47
C ALA E 30 -5.39 -3.02 -75.26
N LYS E 31 -6.22 -2.10 -74.77
CA LYS E 31 -6.40 -0.76 -75.38
C LYS E 31 -5.14 0.12 -75.27
N SER E 32 -5.20 1.31 -75.87
CA SER E 32 -4.04 2.20 -75.90
C SER E 32 -4.15 3.39 -74.94
N VAL E 33 -3.01 3.75 -74.35
CA VAL E 33 -2.87 4.87 -73.41
C VAL E 33 -1.66 5.74 -73.81
N VAL E 34 -1.83 7.07 -73.71
CA VAL E 34 -0.75 8.01 -74.04
C VAL E 34 -0.63 9.14 -73.03
N ALA E 35 0.61 9.45 -72.67
CA ALA E 35 0.92 10.62 -71.85
C ALA E 35 1.98 11.45 -72.56
N LEU E 36 1.85 12.78 -72.46
CA LEU E 36 2.86 13.69 -73.02
C LEU E 36 2.97 15.03 -72.29
N ALA E 37 4.13 15.65 -72.43
CA ALA E 37 4.43 16.95 -71.81
C ALA E 37 3.94 18.10 -72.69
N TYR E 38 3.28 19.06 -72.04
CA TYR E 38 2.81 20.27 -72.72
C TYR E 38 2.96 21.47 -71.79
N ALA E 39 2.68 22.66 -72.32
CA ALA E 39 2.85 23.93 -71.58
C ALA E 39 2.38 23.89 -70.14
N GLY E 40 1.15 23.43 -69.92
CA GLY E 40 0.54 23.42 -68.60
C GLY E 40 1.02 22.34 -67.65
N GLY E 41 1.74 21.35 -68.17
CA GLY E 41 2.26 20.26 -67.34
C GLY E 41 2.34 18.93 -68.06
N VAL E 42 1.44 18.01 -67.73
CA VAL E 42 1.36 16.70 -68.41
C VAL E 42 -0.09 16.31 -68.74
N LEU E 43 -0.27 15.74 -69.93
CA LEU E 43 -1.59 15.33 -70.40
C LEU E 43 -1.75 13.82 -70.46
N PHE E 44 -2.85 13.33 -69.88
CA PHE E 44 -3.20 11.91 -69.90
C PHE E 44 -4.43 11.66 -70.78
N VAL E 45 -4.24 10.86 -71.81
CA VAL E 45 -5.30 10.49 -72.74
C VAL E 45 -5.25 9.00 -73.02
N ALA E 46 -6.39 8.33 -72.81
CA ALA E 46 -6.51 6.91 -73.06
C ALA E 46 -7.91 6.58 -73.53
N GLU E 47 -8.01 5.67 -74.50
CA GLU E 47 -9.32 5.22 -74.94
C GLU E 47 -9.91 4.24 -73.93
N ASN E 48 -11.07 4.61 -73.41
CA ASN E 48 -11.76 3.86 -72.39
C ASN E 48 -13.26 4.03 -72.53
N PRO E 49 -13.93 2.98 -73.05
CA PRO E 49 -15.39 3.03 -73.20
C PRO E 49 -16.12 3.08 -71.85
N SER E 50 -15.57 2.41 -70.84
CA SER E 50 -16.19 2.35 -69.52
C SER E 50 -16.35 3.73 -68.88
N ARG E 51 -17.39 3.88 -68.07
CA ARG E 51 -17.68 5.11 -67.37
C ARG E 51 -16.95 5.20 -66.04
N SER E 52 -16.68 4.04 -65.43
CA SER E 52 -16.19 3.97 -64.06
C SER E 52 -14.79 3.36 -63.97
N LEU E 53 -14.52 2.35 -64.81
CA LEU E 53 -13.24 1.66 -64.76
C LEU E 53 -12.15 2.49 -65.42
N GLN E 54 -11.47 3.30 -64.60
CA GLN E 54 -10.51 4.29 -65.06
C GLN E 54 -9.10 3.74 -65.17
N LYS E 55 -8.35 4.21 -66.17
CA LYS E 55 -6.95 3.78 -66.42
C LYS E 55 -5.94 4.85 -65.97
N ILE E 56 -6.47 6.03 -65.59
CA ILE E 56 -5.66 7.18 -65.21
C ILE E 56 -6.11 7.68 -63.85
N SER E 57 -5.14 7.92 -62.96
CA SER E 57 -5.43 8.26 -61.59
C SER E 57 -4.39 9.19 -60.97
N GLU E 58 -4.80 9.86 -59.89
CA GLU E 58 -3.92 10.67 -59.07
C GLU E 58 -3.12 9.76 -58.14
N LEU E 59 -1.90 10.15 -57.80
CA LEU E 59 -1.13 9.43 -56.77
C LEU E 59 -0.88 10.34 -55.59
N TYR E 60 -0.07 11.37 -55.79
CA TYR E 60 0.17 12.34 -54.73
C TYR E 60 0.11 13.73 -55.34
N ASP E 61 0.23 14.75 -54.50
CA ASP E 61 0.16 16.15 -54.90
C ASP E 61 0.47 16.44 -56.37
N ARG E 62 1.70 16.18 -56.79
CA ARG E 62 2.18 16.59 -58.12
C ARG E 62 2.51 15.41 -59.01
N VAL E 63 2.17 14.20 -58.56
CA VAL E 63 2.50 13.01 -59.34
C VAL E 63 1.25 12.20 -59.73
N GLY E 64 1.29 11.63 -60.94
CA GLY E 64 0.12 10.97 -61.51
C GLY E 64 0.39 9.61 -62.12
N PHE E 65 -0.69 8.83 -62.23
CA PHE E 65 -0.63 7.41 -62.63
C PHE E 65 -1.48 7.17 -63.87
N ALA E 66 -0.96 6.37 -64.79
CA ALA E 66 -1.71 5.90 -65.96
C ALA E 66 -1.11 4.58 -66.39
N ALA E 67 -1.97 3.63 -66.77
CA ALA E 67 -1.52 2.28 -67.15
C ALA E 67 -2.44 1.61 -68.17
N ALA E 68 -1.86 0.75 -69.00
CA ALA E 68 -2.62 -0.08 -69.93
C ALA E 68 -2.46 -1.57 -69.59
N GLY E 69 -3.49 -2.35 -69.87
CA GLY E 69 -3.43 -3.79 -69.59
C GLY E 69 -4.62 -4.34 -68.80
N LYS E 70 -4.41 -5.47 -68.14
CA LYS E 70 -5.45 -6.12 -67.37
C LYS E 70 -5.82 -5.27 -66.14
N PHE E 71 -7.04 -4.76 -66.15
CA PHE E 71 -7.48 -3.77 -65.14
C PHE E 71 -7.18 -4.14 -63.69
N ASN E 72 -7.77 -5.25 -63.22
CA ASN E 72 -7.64 -5.67 -61.83
C ASN E 72 -6.19 -5.74 -61.37
N GLU E 73 -5.28 -5.96 -62.32
CA GLU E 73 -3.85 -5.95 -62.02
C GLU E 73 -3.29 -4.55 -61.84
N PHE E 74 -3.46 -3.66 -62.82
CA PHE E 74 -2.92 -2.30 -62.62
C PHE E 74 -3.63 -1.49 -61.56
N ASP E 75 -4.94 -1.70 -61.41
CA ASP E 75 -5.70 -1.00 -60.36
C ASP E 75 -5.17 -1.37 -58.98
N ASN E 76 -4.69 -2.61 -58.88
CA ASN E 76 -4.00 -3.08 -57.69
C ASN E 76 -2.75 -2.24 -57.44
N LEU E 77 -1.85 -2.21 -58.43
CA LEU E 77 -0.64 -1.40 -58.34
C LEU E 77 -0.96 0.06 -58.05
N ARG E 78 -1.98 0.60 -58.72
CA ARG E 78 -2.43 1.96 -58.47
C ARG E 78 -2.67 2.17 -56.97
N ARG E 79 -3.49 1.30 -56.38
CA ARG E 79 -3.79 1.38 -54.95
C ARG E 79 -2.53 1.34 -54.11
N GLY E 80 -1.63 0.40 -54.45
CA GLY E 80 -0.33 0.29 -53.79
C GLY E 80 0.46 1.59 -53.79
N GLY E 81 0.55 2.21 -54.96
CA GLY E 81 1.19 3.53 -55.12
C GLY E 81 0.62 4.59 -54.20
N ILE E 82 -0.70 4.77 -54.26
CA ILE E 82 -1.39 5.71 -53.42
C ILE E 82 -1.07 5.40 -51.98
N GLN E 83 -1.03 4.12 -51.63
CA GLN E 83 -0.71 3.68 -50.26
C GLN E 83 0.71 4.04 -49.85
N PHE E 84 1.66 3.75 -50.72
CA PHE E 84 3.05 4.09 -50.48
C PHE E 84 3.22 5.61 -50.35
N ALA E 85 2.71 6.36 -51.33
CA ALA E 85 2.88 7.83 -51.34
C ALA E 85 2.37 8.45 -50.06
N ASP E 86 1.08 8.21 -49.78
CA ASP E 86 0.46 8.71 -48.59
C ASP E 86 1.26 8.46 -47.32
N THR E 87 1.80 7.25 -47.17
CA THR E 87 2.53 6.88 -45.92
C THR E 87 3.85 7.63 -45.87
N ARG E 88 4.59 7.58 -46.99
CA ARG E 88 5.86 8.26 -47.14
C ARG E 88 5.71 9.75 -46.79
N GLY E 89 4.70 10.38 -47.38
CA GLY E 89 4.37 11.78 -47.09
C GLY E 89 4.17 12.04 -45.62
N TYR E 90 3.43 11.15 -44.93
CA TYR E 90 3.17 11.37 -43.51
C TYR E 90 4.40 11.09 -42.65
N ALA E 91 5.23 10.15 -43.09
CA ALA E 91 6.45 9.80 -42.37
C ALA E 91 7.44 10.96 -42.39
N TYR E 92 7.54 11.62 -43.55
CA TYR E 92 8.49 12.71 -43.75
C TYR E 92 7.80 14.07 -43.97
N ASP E 93 7.69 14.47 -45.23
CA ASP E 93 6.85 15.59 -45.60
C ASP E 93 6.28 15.34 -46.97
N ARG E 94 5.14 15.97 -47.22
CA ARG E 94 4.48 15.91 -48.50
C ARG E 94 5.48 16.12 -49.62
N ARG E 95 6.36 17.09 -49.41
CA ARG E 95 7.30 17.56 -50.44
C ARG E 95 8.39 16.54 -50.76
N ASP E 96 8.42 15.44 -50.01
CA ASP E 96 9.47 14.44 -50.13
C ASP E 96 9.06 13.20 -50.95
N VAL E 97 7.87 13.25 -51.56
CA VAL E 97 7.42 12.21 -52.49
C VAL E 97 7.77 12.67 -53.90
N THR E 98 8.32 11.78 -54.72
CA THR E 98 8.90 12.21 -56.01
C THR E 98 8.31 11.59 -57.29
N GLY E 99 7.65 10.43 -57.18
CA GLY E 99 7.17 9.75 -58.38
C GLY E 99 8.31 9.17 -59.21
N ARG E 100 9.50 9.74 -59.05
CA ARG E 100 10.71 9.01 -59.37
C ARG E 100 10.78 7.87 -58.36
N GLN E 101 10.44 8.17 -57.10
CA GLN E 101 10.34 7.17 -56.05
C GLN E 101 9.31 6.11 -56.41
N LEU E 102 8.12 6.56 -56.82
CA LEU E 102 7.05 5.62 -57.18
C LEU E 102 7.42 4.73 -58.38
N ALA E 103 8.12 5.30 -59.36
CA ALA E 103 8.61 4.53 -60.47
C ALA E 103 9.50 3.39 -59.97
N ASN E 104 10.41 3.69 -59.05
CA ASN E 104 11.26 2.65 -58.44
C ASN E 104 10.43 1.57 -57.80
N VAL E 105 9.56 1.97 -56.87
CA VAL E 105 8.70 1.02 -56.18
C VAL E 105 7.93 0.13 -57.16
N TYR E 106 7.39 0.74 -58.21
CA TYR E 106 6.67 0.00 -59.22
C TYR E 106 7.61 -0.98 -59.96
N ALA E 107 8.79 -0.51 -60.31
CA ALA E 107 9.81 -1.36 -60.97
C ALA E 107 10.18 -2.54 -60.06
N GLN E 108 10.33 -2.25 -58.78
CA GLN E 108 10.64 -3.25 -57.78
C GLN E 108 9.52 -4.28 -57.71
N THR E 109 8.29 -3.82 -57.58
CA THR E 109 7.13 -4.70 -57.44
C THR E 109 6.95 -5.60 -58.66
N LEU E 110 6.81 -4.98 -59.83
CA LEU E 110 6.62 -5.73 -61.04
C LEU E 110 7.81 -6.66 -61.30
N GLY E 111 9.00 -6.23 -60.86
CA GLY E 111 10.21 -7.04 -60.94
C GLY E 111 10.03 -8.34 -60.18
N THR E 112 9.67 -8.23 -58.90
CA THR E 112 9.36 -9.39 -58.07
C THR E 112 8.26 -10.26 -58.68
N ILE E 113 7.15 -9.63 -59.04
CA ILE E 113 6.02 -10.32 -59.65
C ILE E 113 6.47 -11.19 -60.83
N PHE E 114 7.26 -10.60 -61.72
CA PHE E 114 7.75 -11.31 -62.92
C PHE E 114 8.57 -12.57 -62.60
N THR E 115 8.99 -12.69 -61.34
CA THR E 115 9.82 -13.80 -60.88
C THR E 115 9.01 -14.70 -59.96
N GLU E 116 8.47 -14.10 -58.90
CA GLU E 116 7.79 -14.78 -57.81
C GLU E 116 6.41 -15.33 -58.18
N GLN E 117 5.54 -14.46 -58.68
CA GLN E 117 4.17 -14.84 -58.99
C GLN E 117 4.14 -15.87 -60.10
N ALA E 118 3.15 -16.76 -60.04
CA ALA E 118 2.96 -17.79 -61.07
C ALA E 118 2.92 -17.16 -62.47
N LYS E 119 1.92 -16.30 -62.68
CA LYS E 119 1.74 -15.59 -63.94
C LYS E 119 2.11 -14.11 -63.75
N PRO E 120 2.94 -13.55 -64.66
CA PRO E 120 3.38 -12.16 -64.56
C PRO E 120 2.25 -11.19 -64.87
N TYR E 121 2.33 -9.99 -64.32
CA TYR E 121 1.33 -8.97 -64.57
C TYR E 121 1.32 -8.52 -66.02
N GLU E 122 0.12 -8.48 -66.61
CA GLU E 122 -0.08 -8.00 -67.96
C GLU E 122 -0.42 -6.52 -67.92
N VAL E 123 0.59 -5.71 -67.60
CA VAL E 123 0.42 -4.27 -67.50
C VAL E 123 1.65 -3.51 -67.99
N GLU E 124 1.45 -2.22 -68.23
CA GLU E 124 2.54 -1.28 -68.49
C GLU E 124 2.16 0.05 -67.89
N LEU E 125 3.07 0.62 -67.13
CA LEU E 125 2.75 1.75 -66.28
C LEU E 125 3.43 3.04 -66.72
N CYS E 126 2.83 4.15 -66.28
CA CYS E 126 3.40 5.48 -66.45
C CYS E 126 3.19 6.36 -65.22
N VAL E 127 4.30 6.81 -64.67
CA VAL E 127 4.31 7.71 -63.53
C VAL E 127 4.82 9.04 -64.03
N ALA E 128 4.06 10.10 -63.76
CA ALA E 128 4.39 11.45 -64.25
C ALA E 128 4.38 12.46 -63.12
N GLU E 129 5.42 13.27 -63.08
CA GLU E 129 5.56 14.34 -62.08
C GLU E 129 5.67 15.71 -62.77
N VAL E 130 5.07 16.72 -62.17
CA VAL E 130 5.15 18.07 -62.71
C VAL E 130 5.34 19.11 -61.60
N ALA E 131 6.44 19.86 -61.70
CA ALA E 131 6.88 20.81 -60.65
C ALA E 131 5.83 21.42 -59.73
N HIS E 132 6.22 21.66 -58.48
CA HIS E 132 5.34 22.30 -57.49
C HIS E 132 4.89 23.68 -57.97
N TYR E 133 3.86 24.22 -57.34
CA TYR E 133 3.20 25.47 -57.73
C TYR E 133 4.11 26.57 -58.30
N GLY E 134 4.75 27.34 -57.41
CA GLY E 134 5.61 28.45 -57.83
C GLY E 134 6.76 28.01 -58.72
N GLU E 135 7.48 26.99 -58.25
CA GLU E 135 8.61 26.37 -58.95
C GLU E 135 8.36 26.16 -60.46
N THR E 136 9.40 26.22 -61.27
CA THR E 136 9.28 25.64 -62.60
C THR E 136 10.40 24.68 -62.95
N LYS E 137 9.97 23.50 -63.39
CA LYS E 137 10.83 22.36 -63.63
C LYS E 137 10.25 21.54 -64.75
N ARG E 138 11.15 20.94 -65.54
CA ARG E 138 10.78 20.16 -66.70
C ARG E 138 9.97 18.93 -66.27
N PRO E 139 8.69 18.85 -66.70
CA PRO E 139 7.79 17.72 -66.37
C PRO E 139 8.47 16.40 -66.67
N GLU E 140 8.30 15.42 -65.77
CA GLU E 140 9.00 14.15 -65.91
C GLU E 140 8.07 12.97 -66.12
N LEU E 141 8.48 12.06 -67.00
CA LEU E 141 7.70 10.88 -67.38
C LEU E 141 8.51 9.60 -67.22
N TYR E 142 7.95 8.63 -66.48
CA TYR E 142 8.58 7.32 -66.35
C TYR E 142 7.70 6.18 -66.83
N ARG E 143 8.32 5.23 -67.54
CA ARG E 143 7.61 4.07 -68.02
C ARG E 143 8.18 2.83 -67.38
N ILE E 144 7.29 2.06 -66.76
CA ILE E 144 7.68 0.82 -66.12
C ILE E 144 7.02 -0.34 -66.85
N THR E 145 7.83 -1.29 -67.33
CA THR E 145 7.31 -2.45 -68.08
C THR E 145 6.99 -3.60 -67.14
N TYR E 146 6.38 -4.64 -67.72
CA TYR E 146 5.94 -5.81 -66.96
C TYR E 146 7.07 -6.56 -66.24
N ASP E 147 8.27 -6.52 -66.80
CA ASP E 147 9.39 -7.29 -66.24
C ASP E 147 10.18 -6.50 -65.19
N GLY E 148 9.71 -5.29 -64.90
CA GLY E 148 10.32 -4.44 -63.89
C GLY E 148 11.35 -3.47 -64.44
N SER E 149 11.50 -3.44 -65.76
CA SER E 149 12.37 -2.46 -66.41
C SER E 149 11.75 -1.07 -66.33
N ILE E 150 12.61 -0.07 -66.21
CA ILE E 150 12.17 1.29 -66.02
C ILE E 150 13.01 2.26 -66.86
N ALA E 151 12.33 3.16 -67.56
CA ALA E 151 12.98 4.15 -68.42
C ALA E 151 12.21 5.47 -68.32
N ASP E 152 12.90 6.60 -68.56
CA ASP E 152 12.23 7.90 -68.54
C ASP E 152 12.30 8.68 -69.85
N GLU E 153 11.21 8.65 -70.61
CA GLU E 153 11.11 9.48 -71.81
C GLU E 153 10.99 10.97 -71.42
N PRO E 154 11.64 11.84 -72.23
CA PRO E 154 11.64 13.27 -71.88
C PRO E 154 10.45 14.04 -72.45
N HIS E 155 9.76 13.45 -73.42
CA HIS E 155 8.70 14.13 -74.19
C HIS E 155 7.31 13.50 -74.07
N PHE E 156 7.22 12.21 -74.41
CA PHE E 156 5.95 11.51 -74.42
C PHE E 156 6.13 10.01 -74.16
N VAL E 157 5.07 9.38 -73.66
CA VAL E 157 5.07 7.93 -73.42
C VAL E 157 3.82 7.26 -73.99
N VAL E 158 4.05 6.17 -74.74
CA VAL E 158 2.98 5.38 -75.33
C VAL E 158 3.00 3.97 -74.73
N MET E 159 1.82 3.39 -74.59
CA MET E 159 1.68 2.03 -74.05
C MET E 159 0.32 1.40 -74.36
N GLY E 160 0.34 0.09 -74.58
CA GLY E 160 -0.89 -0.68 -74.83
C GLY E 160 -1.19 -0.77 -76.30
N GLY E 161 -1.54 -1.98 -76.75
CA GLY E 161 -1.82 -2.24 -78.15
C GLY E 161 -0.57 -2.07 -79.01
N THR E 162 -0.76 -1.74 -80.28
CA THR E 162 0.34 -1.49 -81.20
C THR E 162 0.83 -0.06 -81.06
N THR E 163 2.04 0.10 -80.51
CA THR E 163 2.58 1.42 -80.16
C THR E 163 3.25 2.14 -81.36
N GLU E 164 3.93 1.38 -82.20
CA GLU E 164 4.68 1.89 -83.37
C GLU E 164 3.94 3.03 -84.12
N PRO E 165 2.74 2.75 -84.67
CA PRO E 165 2.02 3.80 -85.41
C PRO E 165 1.57 4.98 -84.53
N ILE E 166 1.22 4.70 -83.27
CA ILE E 166 0.82 5.74 -82.31
C ILE E 166 2.04 6.57 -81.88
N ALA E 167 3.14 5.87 -81.61
CA ALA E 167 4.38 6.49 -81.18
C ALA E 167 5.05 7.23 -82.31
N ASN E 168 4.95 6.68 -83.51
CA ASN E 168 5.53 7.31 -84.70
C ASN E 168 4.84 8.62 -85.03
N ALA E 169 3.52 8.63 -85.02
CA ALA E 169 2.73 9.85 -85.23
C ALA E 169 3.13 10.98 -84.27
N LEU E 170 3.47 10.63 -83.03
CA LEU E 170 3.95 11.59 -82.05
C LEU E 170 5.38 12.08 -82.31
N LYS E 171 6.26 11.17 -82.77
CA LYS E 171 7.64 11.55 -83.07
C LYS E 171 7.72 12.77 -83.98
N GLU E 172 6.60 13.12 -84.61
CA GLU E 172 6.49 14.30 -85.46
C GLU E 172 5.49 15.31 -84.94
N SER E 173 4.28 14.86 -84.64
CA SER E 173 3.20 15.76 -84.21
C SER E 173 3.44 16.41 -82.84
N TYR E 174 4.39 15.89 -82.07
CA TYR E 174 4.68 16.43 -80.73
C TYR E 174 5.16 17.88 -80.79
N ALA E 175 4.29 18.79 -80.37
CA ALA E 175 4.66 20.19 -80.24
C ALA E 175 5.24 20.41 -78.84
N GLU E 176 6.56 20.63 -78.81
CA GLU E 176 7.35 20.73 -77.57
C GLU E 176 6.62 21.47 -76.45
N ASN E 177 6.14 22.68 -76.74
CA ASN E 177 5.45 23.48 -75.75
C ASN E 177 3.99 23.76 -76.14
N ALA E 178 3.27 22.71 -76.52
CA ALA E 178 1.90 22.82 -77.01
C ALA E 178 0.92 23.44 -76.01
N SER E 179 -0.30 23.70 -76.47
CA SER E 179 -1.38 24.14 -75.60
C SER E 179 -2.16 22.92 -75.14
N LEU E 180 -2.97 23.10 -74.09
CA LEU E 180 -3.86 22.06 -73.58
C LEU E 180 -4.76 21.52 -74.70
N THR E 181 -5.39 22.43 -75.43
CA THR E 181 -6.26 22.04 -76.54
C THR E 181 -5.46 21.59 -77.78
N ASP E 182 -4.21 22.05 -77.87
CA ASP E 182 -3.31 21.68 -78.97
C ASP E 182 -2.75 20.27 -78.76
N ALA E 183 -2.23 20.02 -77.55
CA ALA E 183 -1.67 18.71 -77.20
C ALA E 183 -2.71 17.61 -77.21
N LEU E 184 -3.94 17.93 -76.79
CA LEU E 184 -5.06 16.99 -76.86
C LEU E 184 -5.37 16.61 -78.29
N ARG E 185 -5.41 17.62 -79.17
CA ARG E 185 -5.59 17.41 -80.61
C ARG E 185 -4.48 16.50 -81.16
N ILE E 186 -3.23 16.87 -80.89
CA ILE E 186 -2.04 16.07 -81.24
C ILE E 186 -2.15 14.63 -80.77
N ALA E 187 -2.60 14.47 -79.52
CA ALA E 187 -2.73 13.16 -78.89
C ALA E 187 -3.78 12.29 -79.57
N VAL E 188 -5.05 12.68 -79.47
CA VAL E 188 -6.18 11.89 -80.02
C VAL E 188 -5.96 11.51 -81.50
N ALA E 189 -5.32 12.41 -82.24
CA ALA E 189 -4.93 12.15 -83.63
C ALA E 189 -3.88 11.03 -83.70
N ALA E 190 -2.78 11.19 -82.95
CA ALA E 190 -1.71 10.19 -82.90
C ALA E 190 -2.21 8.81 -82.44
N LEU E 191 -3.27 8.83 -81.63
CA LEU E 191 -3.89 7.61 -81.10
C LEU E 191 -4.66 6.86 -82.19
N ARG E 192 -5.45 7.59 -82.98
CA ARG E 192 -6.17 6.99 -84.11
C ARG E 192 -5.26 6.37 -85.14
N ALA E 193 -3.99 6.79 -85.19
CA ALA E 193 -3.02 6.25 -86.13
C ALA E 193 -2.84 4.74 -85.98
N GLY E 194 -2.95 4.26 -84.74
CA GLY E 194 -2.93 2.82 -84.43
C GLY E 194 -4.32 2.25 -84.18
N SER E 195 -5.11 2.19 -85.26
CA SER E 195 -6.51 1.73 -85.21
C SER E 195 -6.95 1.16 -86.56
N LEU E 206 -14.91 6.79 -84.12
CA LEU E 206 -13.66 6.50 -83.41
C LEU E 206 -13.08 7.75 -82.71
N GLY E 207 -12.49 7.55 -81.54
CA GLY E 207 -11.88 8.64 -80.75
C GLY E 207 -12.84 9.75 -80.35
N VAL E 208 -14.07 9.36 -79.98
CA VAL E 208 -15.12 10.32 -79.61
C VAL E 208 -14.98 10.74 -78.14
N ALA E 209 -15.83 11.68 -77.68
CA ALA E 209 -15.84 12.12 -76.27
C ALA E 209 -16.23 10.99 -75.31
N SER E 210 -16.02 9.76 -75.77
CA SER E 210 -16.24 8.57 -74.97
C SER E 210 -14.90 7.87 -74.78
N LEU E 211 -14.06 8.49 -73.97
CA LEU E 211 -12.75 7.96 -73.56
C LEU E 211 -12.34 8.63 -72.23
N GLU E 212 -11.08 8.48 -71.83
CA GLU E 212 -10.63 9.01 -70.54
C GLU E 212 -9.51 10.05 -70.66
N VAL E 213 -9.75 11.20 -70.05
CA VAL E 213 -8.85 12.35 -70.14
C VAL E 213 -8.66 13.01 -68.78
N ALA E 214 -7.40 13.29 -68.43
CA ALA E 214 -7.06 14.02 -67.20
C ALA E 214 -5.69 14.68 -67.34
N VAL E 215 -5.42 15.68 -66.51
CA VAL E 215 -4.17 16.42 -66.63
C VAL E 215 -3.47 16.65 -65.30
N LEU E 216 -2.14 16.76 -65.35
CA LEU E 216 -1.37 17.26 -64.23
C LEU E 216 -1.11 18.76 -64.41
N ASP E 217 -2.07 19.57 -63.95
CA ASP E 217 -2.02 21.04 -64.12
C ASP E 217 -1.02 21.69 -63.16
N ALA E 218 0.20 21.92 -63.65
CA ALA E 218 1.30 22.49 -62.86
C ALA E 218 0.92 23.83 -62.23
N ASN E 219 -0.14 24.39 -62.76
CA ASN E 219 -0.61 25.69 -62.36
C ASN E 219 -1.44 25.64 -61.07
N ARG E 220 -1.93 24.45 -60.73
CA ARG E 220 -2.72 24.26 -59.51
C ARG E 220 -1.88 24.46 -58.26
N PRO E 221 -2.52 24.94 -57.16
CA PRO E 221 -1.79 25.26 -55.93
C PRO E 221 -1.19 24.01 -55.25
N ARG E 222 -2.03 23.08 -54.83
CA ARG E 222 -1.53 21.88 -54.18
C ARG E 222 -1.70 20.65 -55.06
N ARG E 223 -2.91 20.11 -55.11
CA ARG E 223 -3.19 18.90 -55.87
C ARG E 223 -3.26 19.14 -57.38
N ALA E 224 -2.15 18.85 -58.06
CA ALA E 224 -1.99 19.18 -59.46
C ALA E 224 -2.71 18.22 -60.41
N PHE E 225 -3.78 17.61 -59.94
CA PHE E 225 -4.56 16.66 -60.75
C PHE E 225 -5.91 17.25 -61.10
N ARG E 226 -6.40 16.91 -62.29
CA ARG E 226 -7.76 17.27 -62.69
C ARG E 226 -8.22 16.39 -63.84
N ARG E 227 -9.40 15.80 -63.67
CA ARG E 227 -10.02 15.05 -64.74
C ARG E 227 -10.78 16.02 -65.62
N ILE E 228 -10.73 15.80 -66.93
CA ILE E 228 -11.59 16.58 -67.80
C ILE E 228 -12.83 15.78 -68.18
N THR E 229 -13.97 16.29 -67.71
CA THR E 229 -15.27 15.64 -67.83
C THR E 229 -15.76 15.61 -69.29
N GLY E 230 -17.08 15.52 -69.49
CA GLY E 230 -17.65 15.37 -70.82
C GLY E 230 -17.81 16.65 -71.62
N SER E 231 -18.62 17.58 -71.09
CA SER E 231 -18.94 18.83 -71.79
C SER E 231 -17.71 19.71 -72.01
N ALA E 232 -16.96 19.94 -70.93
CA ALA E 232 -15.72 20.73 -70.96
C ALA E 232 -14.68 20.15 -71.93
N LEU E 233 -14.64 18.84 -72.06
CA LEU E 233 -13.74 18.15 -72.99
C LEU E 233 -13.98 18.53 -74.45
N GLN E 234 -15.26 18.49 -74.85
CA GLN E 234 -15.69 18.84 -76.21
C GLN E 234 -15.01 20.09 -76.74
N ALA E 235 -14.99 21.12 -75.89
CA ALA E 235 -14.45 22.44 -76.23
C ALA E 235 -12.95 22.43 -76.54
N LEU E 236 -12.33 21.25 -76.48
CA LEU E 236 -10.90 21.09 -76.75
C LEU E 236 -10.65 20.01 -77.80
N LEU E 237 -11.62 19.10 -77.93
CA LEU E 237 -11.50 17.86 -78.73
C LEU E 237 -11.20 18.08 -80.22
N VAL E 238 -10.47 17.14 -80.81
CA VAL E 238 -10.07 17.14 -82.22
C VAL E 238 -11.12 16.55 -83.19
N ASP E 239 -11.37 17.28 -84.28
CA ASP E 239 -12.21 16.80 -85.37
C ASP E 239 -11.48 15.68 -86.15
N GLN E 240 -12.15 14.54 -86.37
CA GLN E 240 -11.58 13.43 -87.14
C GLN E 240 -12.09 13.39 -88.59
N THR F 1 -7.15 26.30 -23.12
CA THR F 1 -7.67 26.19 -24.50
C THR F 1 -9.16 26.38 -24.62
N THR F 2 -9.59 26.97 -25.73
CA THR F 2 -10.98 26.98 -26.12
C THR F 2 -11.01 26.96 -27.63
N ILE F 3 -11.77 26.03 -28.18
CA ILE F 3 -12.08 26.00 -29.60
C ILE F 3 -13.59 26.15 -29.58
N VAL F 4 -14.11 26.92 -30.54
CA VAL F 4 -15.53 27.21 -30.57
C VAL F 4 -16.06 27.07 -31.99
N ALA F 5 -17.28 26.58 -32.15
CA ALA F 5 -17.88 26.45 -33.48
C ALA F 5 -19.32 26.94 -33.52
N LEU F 6 -19.63 27.68 -34.59
CA LEU F 6 -20.94 28.28 -34.79
C LEU F 6 -21.56 27.87 -36.11
N LYS F 7 -22.87 27.69 -36.06
CA LYS F 7 -23.66 27.41 -37.22
C LYS F 7 -24.49 28.68 -37.53
N TYR F 8 -24.35 29.17 -38.75
CA TYR F 8 -25.18 30.29 -39.25
C TYR F 8 -25.85 29.84 -40.56
N PRO F 9 -26.81 30.63 -41.09
CA PRO F 9 -27.57 30.27 -42.30
C PRO F 9 -26.73 29.72 -43.46
N GLY F 10 -25.71 30.48 -43.87
CA GLY F 10 -24.81 30.04 -44.95
C GLY F 10 -24.07 28.74 -44.70
N GLY F 11 -23.44 28.62 -43.53
CA GLY F 11 -22.64 27.44 -43.19
C GLY F 11 -22.18 27.42 -41.74
N VAL F 12 -20.86 27.24 -41.54
CA VAL F 12 -20.27 27.19 -40.19
C VAL F 12 -18.96 27.97 -40.05
N VAL F 13 -18.70 28.42 -38.83
CA VAL F 13 -17.44 29.06 -38.47
C VAL F 13 -16.84 28.35 -37.25
N MET F 14 -15.54 28.11 -37.30
CA MET F 14 -14.83 27.58 -36.15
C MET F 14 -13.62 28.46 -35.86
N ALA F 15 -13.43 28.80 -34.60
CA ALA F 15 -12.32 29.65 -34.16
C ALA F 15 -11.74 29.16 -32.84
N GLY F 16 -10.42 29.20 -32.70
CA GLY F 16 -9.80 28.86 -31.43
C GLY F 16 -8.62 29.74 -31.08
N ASP F 17 -8.35 29.89 -29.79
CA ASP F 17 -7.26 30.70 -29.28
C ASP F 17 -5.91 30.14 -29.67
N ARG F 18 -4.84 30.70 -29.14
CA ARG F 18 -3.48 30.25 -29.48
C ARG F 18 -2.57 30.06 -28.28
N ARG F 19 -3.13 30.04 -27.08
CA ARG F 19 -2.34 29.79 -25.89
C ARG F 19 -1.93 28.32 -25.79
N SER F 20 -0.74 28.11 -25.24
CA SER F 20 -0.26 26.77 -24.92
C SER F 20 0.43 26.93 -23.61
N THR F 21 -0.06 26.20 -22.64
CA THR F 21 0.40 26.37 -21.29
C THR F 21 1.02 25.06 -20.75
N GLN F 22 1.84 25.19 -19.73
CA GLN F 22 2.50 24.05 -19.13
C GLN F 22 2.64 24.28 -17.65
N GLY F 23 1.69 23.76 -16.89
CA GLY F 23 1.56 24.16 -15.50
C GLY F 23 0.79 25.45 -15.60
N ASN F 24 1.20 26.44 -14.83
CA ASN F 24 0.64 27.77 -15.02
C ASN F 24 1.70 28.69 -15.63
N MET F 25 2.29 28.22 -16.72
CA MET F 25 3.43 28.86 -17.33
C MET F 25 3.15 28.89 -18.77
N ILE F 26 3.02 30.09 -19.31
CA ILE F 26 2.72 30.25 -20.74
C ILE F 26 3.90 29.74 -21.53
N SER F 27 3.64 28.80 -22.43
CA SER F 27 4.70 28.17 -23.20
C SER F 27 4.43 28.29 -24.70
N GLY F 28 3.37 28.97 -25.07
CA GLY F 28 3.02 29.15 -26.45
C GLY F 28 2.10 30.34 -26.53
N ARG F 29 2.23 31.12 -27.60
CA ARG F 29 1.37 32.30 -27.76
C ARG F 29 0.79 32.43 -29.15
N ASP F 30 1.08 31.45 -30.01
CA ASP F 30 0.68 31.51 -31.41
C ASP F 30 0.39 30.11 -31.98
N VAL F 31 -0.18 29.24 -31.18
CA VAL F 31 -0.49 27.90 -31.63
C VAL F 31 -1.70 27.93 -32.57
N ARG F 32 -1.63 27.19 -33.67
CA ARG F 32 -2.76 27.15 -34.57
C ARG F 32 -3.56 25.94 -34.21
N LYS F 33 -4.62 26.13 -33.46
CA LYS F 33 -5.44 25.02 -32.99
C LYS F 33 -6.57 24.59 -33.93
N VAL F 34 -6.82 25.34 -35.00
CA VAL F 34 -7.90 25.01 -35.94
C VAL F 34 -7.34 24.71 -37.33
N TYR F 35 -7.74 23.57 -37.89
CA TYR F 35 -7.18 23.06 -39.16
C TYR F 35 -8.24 22.83 -40.23
N ILE F 36 -7.88 23.06 -41.49
CA ILE F 36 -8.76 22.75 -42.62
C ILE F 36 -8.44 21.32 -43.06
N THR F 37 -9.25 20.39 -42.55
CA THR F 37 -9.05 18.96 -42.79
C THR F 37 -9.19 18.57 -44.27
N ASP F 38 -10.27 19.04 -44.90
CA ASP F 38 -10.42 18.97 -46.35
C ASP F 38 -11.27 20.18 -46.78
N ASP F 39 -11.72 20.17 -48.04
CA ASP F 39 -12.47 21.29 -48.61
C ASP F 39 -13.69 21.73 -47.83
N TYR F 40 -14.35 20.81 -47.13
CA TYR F 40 -15.57 21.14 -46.40
C TYR F 40 -15.52 20.81 -44.92
N THR F 41 -14.32 20.52 -44.44
CA THR F 41 -14.16 20.13 -43.05
C THR F 41 -13.07 20.93 -42.38
N ALA F 42 -13.42 21.53 -41.25
CA ALA F 42 -12.43 22.08 -40.35
C ALA F 42 -12.47 21.29 -39.06
N THR F 43 -11.30 21.03 -38.50
CA THR F 43 -11.19 20.27 -37.26
C THR F 43 -10.34 21.03 -36.21
N GLY F 44 -10.91 21.26 -35.04
CA GLY F 44 -10.17 21.89 -33.96
C GLY F 44 -9.92 20.87 -32.87
N ILE F 45 -8.85 21.06 -32.09
CA ILE F 45 -8.34 20.01 -31.21
C ILE F 45 -7.82 20.56 -29.89
N ALA F 46 -8.25 19.97 -28.77
CA ALA F 46 -7.89 20.47 -27.44
C ALA F 46 -7.13 19.44 -26.62
N GLY F 47 -6.37 19.91 -25.64
CA GLY F 47 -5.63 19.02 -24.77
C GLY F 47 -4.15 18.92 -25.08
N THR F 48 -3.65 17.69 -25.15
CA THR F 48 -2.22 17.46 -25.31
C THR F 48 -1.78 17.80 -26.74
N ALA F 49 -0.94 18.84 -26.80
CA ALA F 49 -0.39 19.36 -28.03
C ALA F 49 0.13 18.29 -28.96
N ALA F 50 1.06 17.47 -28.49
CA ALA F 50 1.69 16.49 -29.39
C ALA F 50 0.62 15.65 -30.08
N VAL F 51 -0.42 15.27 -29.36
CA VAL F 51 -1.50 14.45 -29.89
C VAL F 51 -2.42 15.25 -30.81
N ALA F 52 -2.88 16.42 -30.34
CA ALA F 52 -3.73 17.32 -31.14
C ALA F 52 -3.16 17.57 -32.54
N VAL F 53 -1.88 17.92 -32.61
CA VAL F 53 -1.24 18.17 -33.92
C VAL F 53 -1.29 16.90 -34.77
N GLU F 54 -0.95 15.78 -34.15
CA GLU F 54 -0.91 14.51 -34.84
C GLU F 54 -2.29 14.05 -35.30
N PHE F 55 -3.32 14.26 -34.48
CA PHE F 55 -4.70 13.95 -34.88
C PHE F 55 -5.06 14.65 -36.19
N ALA F 56 -4.97 15.97 -36.17
CA ALA F 56 -5.26 16.79 -37.32
C ALA F 56 -4.49 16.30 -38.56
N ARG F 57 -3.17 16.31 -38.46
CA ARG F 57 -2.33 15.97 -39.58
C ARG F 57 -2.70 14.58 -40.16
N LEU F 58 -2.85 13.58 -39.27
CA LEU F 58 -3.20 12.22 -39.63
C LEU F 58 -4.59 12.09 -40.26
N TYR F 59 -5.58 12.70 -39.61
CA TYR F 59 -6.97 12.73 -40.09
C TYR F 59 -7.10 13.24 -41.51
N ALA F 60 -6.53 14.41 -41.78
CA ALA F 60 -6.54 14.97 -43.14
C ALA F 60 -6.00 14.00 -44.17
N VAL F 61 -4.90 13.33 -43.81
CA VAL F 61 -4.29 12.34 -44.69
C VAL F 61 -5.29 11.22 -44.97
N GLU F 62 -5.94 10.72 -43.93
CA GLU F 62 -6.91 9.65 -44.09
C GLU F 62 -8.03 10.02 -45.06
N LEU F 63 -8.63 11.19 -44.87
CA LEU F 63 -9.70 11.66 -45.74
C LEU F 63 -9.27 11.76 -47.21
N GLU F 64 -8.17 12.46 -47.46
CA GLU F 64 -7.62 12.60 -48.81
C GLU F 64 -7.27 11.25 -49.41
N HIS F 65 -6.74 10.37 -48.58
CA HIS F 65 -6.39 9.00 -48.94
C HIS F 65 -7.60 8.21 -49.43
N TYR F 66 -8.74 8.32 -48.75
CA TYR F 66 -9.96 7.63 -49.19
C TYR F 66 -10.38 8.13 -50.55
N GLU F 67 -10.34 9.45 -50.70
CA GLU F 67 -10.74 10.11 -51.93
C GLU F 67 -9.90 9.66 -53.11
N LYS F 68 -8.58 9.79 -52.98
CA LYS F 68 -7.68 9.33 -54.04
C LYS F 68 -7.88 7.85 -54.38
N LEU F 69 -8.32 7.05 -53.41
CA LEU F 69 -8.47 5.61 -53.64
C LEU F 69 -9.78 5.27 -54.32
N GLU F 70 -10.89 5.69 -53.71
CA GLU F 70 -12.21 5.34 -54.22
C GLU F 70 -12.72 6.32 -55.26
N GLY F 71 -12.09 7.50 -55.34
CA GLY F 71 -12.42 8.51 -56.34
C GLY F 71 -13.48 9.50 -55.91
N VAL F 72 -13.99 9.34 -54.69
CA VAL F 72 -15.07 10.16 -54.15
C VAL F 72 -14.77 10.42 -52.67
N PRO F 73 -14.97 11.67 -52.20
CA PRO F 73 -14.84 11.94 -50.75
C PRO F 73 -15.80 11.08 -49.92
N LEU F 74 -15.48 10.89 -48.64
CA LEU F 74 -16.37 10.16 -47.73
C LEU F 74 -17.67 10.90 -47.49
N THR F 75 -18.72 10.18 -47.10
CA THR F 75 -19.95 10.81 -46.60
C THR F 75 -19.56 11.65 -45.40
N PHE F 76 -20.40 12.61 -45.02
CA PHE F 76 -20.11 13.32 -43.79
C PHE F 76 -20.17 12.31 -42.66
N ALA F 77 -21.16 11.42 -42.71
CA ALA F 77 -21.25 10.36 -41.71
C ALA F 77 -19.95 9.57 -41.66
N GLY F 78 -19.42 9.22 -42.84
CA GLY F 78 -18.12 8.56 -42.93
C GLY F 78 -17.03 9.33 -42.22
N LYS F 79 -16.93 10.62 -42.56
CA LYS F 79 -15.90 11.49 -41.98
C LYS F 79 -15.97 11.49 -40.46
N ILE F 80 -17.19 11.60 -39.93
CA ILE F 80 -17.41 11.56 -38.49
C ILE F 80 -16.89 10.27 -37.88
N ASN F 81 -17.29 9.13 -38.47
CA ASN F 81 -16.90 7.83 -37.97
C ASN F 81 -15.40 7.65 -37.85
N ARG F 82 -14.69 7.99 -38.93
CA ARG F 82 -13.23 7.94 -38.97
C ARG F 82 -12.59 8.71 -37.82
N LEU F 83 -12.96 9.96 -37.66
CA LEU F 83 -12.42 10.73 -36.55
C LEU F 83 -12.74 10.04 -35.23
N ALA F 84 -13.98 9.55 -35.07
CA ALA F 84 -14.36 8.88 -33.82
C ALA F 84 -13.45 7.69 -33.53
N ILE F 85 -13.21 6.88 -34.55
CA ILE F 85 -12.36 5.69 -34.38
C ILE F 85 -11.02 6.14 -33.89
N MET F 86 -10.43 7.10 -34.59
CA MET F 86 -9.16 7.69 -34.24
C MET F 86 -9.08 8.08 -32.76
N VAL F 87 -10.08 8.82 -32.29
CA VAL F 87 -10.17 9.18 -30.88
C VAL F 87 -10.17 7.95 -29.98
N ARG F 88 -10.92 6.89 -30.32
CA ARG F 88 -10.98 5.72 -29.42
C ARG F 88 -9.64 5.03 -29.42
N GLY F 89 -9.04 4.92 -30.60
CA GLY F 89 -7.68 4.43 -30.75
C GLY F 89 -6.64 5.12 -29.87
N ASN F 90 -7.05 6.15 -29.13
CA ASN F 90 -6.12 6.84 -28.24
C ASN F 90 -6.50 6.74 -26.77
N LEU F 91 -7.53 5.94 -26.47
CA LEU F 91 -8.06 5.86 -25.11
C LEU F 91 -7.00 5.38 -24.15
N ALA F 92 -6.23 4.39 -24.61
CA ALA F 92 -5.09 3.90 -23.87
C ALA F 92 -4.18 5.06 -23.43
N ALA F 93 -3.66 5.79 -24.43
CA ALA F 93 -2.81 6.96 -24.22
C ALA F 93 -3.47 7.99 -23.32
N ALA F 94 -4.73 8.32 -23.65
CA ALA F 94 -5.52 9.30 -22.92
C ALA F 94 -5.45 9.01 -21.45
N MET F 95 -5.61 7.72 -21.15
CA MET F 95 -5.73 7.25 -19.79
C MET F 95 -4.48 7.56 -18.99
N GLN F 96 -3.34 7.59 -19.68
CA GLN F 96 -2.06 7.91 -19.05
C GLN F 96 -1.73 9.39 -18.94
N GLY F 97 -2.18 10.19 -19.89
CA GLY F 97 -1.91 11.63 -19.83
C GLY F 97 -2.17 12.24 -21.19
N LEU F 98 -1.80 11.51 -22.24
CA LEU F 98 -1.89 11.97 -23.61
C LEU F 98 -3.35 12.09 -24.11
N LEU F 99 -4.14 12.87 -23.39
CA LEU F 99 -5.55 13.13 -23.74
C LEU F 99 -5.67 14.26 -24.76
N ALA F 100 -6.56 14.06 -25.74
CA ALA F 100 -6.81 15.06 -26.78
C ALA F 100 -8.21 14.91 -27.41
N LEU F 101 -9.08 15.89 -27.19
CA LEU F 101 -10.44 15.91 -27.75
C LEU F 101 -10.63 16.86 -28.94
N PRO F 102 -11.11 16.32 -30.07
CA PRO F 102 -11.42 17.16 -31.23
C PRO F 102 -12.87 17.69 -31.29
N LEU F 103 -13.03 18.79 -32.02
CA LEU F 103 -14.34 19.34 -32.40
C LEU F 103 -14.38 19.41 -33.92
N LEU F 104 -15.42 18.84 -34.51
CA LEU F 104 -15.54 18.88 -35.97
C LEU F 104 -16.59 19.89 -36.41
N ALA F 105 -16.24 20.67 -37.44
CA ALA F 105 -17.16 21.57 -38.12
C ALA F 105 -17.06 21.33 -39.61
N GLY F 106 -18.21 21.22 -40.26
CA GLY F 106 -18.21 20.96 -41.69
C GLY F 106 -19.46 21.43 -42.38
N TYR F 107 -19.39 21.45 -43.71
CA TYR F 107 -20.52 21.76 -44.57
C TYR F 107 -20.85 20.56 -45.44
N ASP F 108 -22.01 19.96 -45.21
CA ASP F 108 -22.45 18.78 -45.94
C ASP F 108 -23.06 19.19 -47.28
N ILE F 109 -22.27 19.10 -48.34
CA ILE F 109 -22.73 19.45 -49.68
C ILE F 109 -23.89 18.57 -50.18
N HIS F 110 -24.34 17.65 -49.34
CA HIS F 110 -25.42 16.74 -49.70
C HIS F 110 -26.66 16.89 -48.81
N ALA F 111 -26.62 17.84 -47.88
CA ALA F 111 -27.77 18.10 -47.00
C ALA F 111 -28.96 18.55 -47.84
N SER F 112 -30.17 18.15 -47.43
CA SER F 112 -31.39 18.49 -48.17
C SER F 112 -31.51 20.02 -48.34
N ASP F 113 -31.55 20.71 -47.21
CA ASP F 113 -31.62 22.16 -47.17
C ASP F 113 -30.19 22.75 -47.07
N PRO F 114 -29.66 23.30 -48.17
CA PRO F 114 -28.30 23.86 -48.24
C PRO F 114 -28.07 25.09 -47.35
N GLN F 115 -29.09 25.43 -46.56
CA GLN F 115 -28.95 26.49 -45.60
C GLN F 115 -28.83 25.91 -44.20
N SER F 116 -28.89 24.58 -44.10
CA SER F 116 -28.69 23.82 -42.87
C SER F 116 -27.61 22.78 -43.08
N ALA F 117 -26.76 23.00 -44.07
CA ALA F 117 -25.69 22.07 -44.38
C ALA F 117 -24.50 22.22 -43.43
N GLY F 118 -24.57 23.23 -42.56
CA GLY F 118 -23.54 23.44 -41.56
C GLY F 118 -23.66 22.37 -40.49
N ARG F 119 -22.54 21.75 -40.14
CA ARG F 119 -22.52 20.70 -39.12
C ARG F 119 -21.49 20.98 -38.03
N ILE F 120 -21.89 20.68 -36.79
CA ILE F 120 -20.98 20.71 -35.67
C ILE F 120 -21.08 19.40 -34.89
N VAL F 121 -19.98 18.66 -34.88
CA VAL F 121 -19.91 17.34 -34.24
C VAL F 121 -18.89 17.38 -33.08
N SER F 122 -19.37 17.19 -31.86
CA SER F 122 -18.49 17.12 -30.69
C SER F 122 -18.09 15.67 -30.40
N PHE F 123 -16.92 15.50 -29.80
CA PHE F 123 -16.39 14.17 -29.58
C PHE F 123 -16.08 13.85 -28.14
N ASP F 124 -16.05 12.56 -27.88
CA ASP F 124 -16.02 12.02 -26.56
C ASP F 124 -14.71 11.22 -26.42
N ALA F 125 -14.06 11.33 -25.28
CA ALA F 125 -12.77 10.66 -25.08
C ALA F 125 -12.74 9.15 -25.43
N ALA F 126 -13.91 8.50 -25.42
CA ALA F 126 -14.01 7.08 -25.72
C ALA F 126 -14.45 6.81 -27.16
N GLY F 127 -14.54 7.87 -27.96
CA GLY F 127 -14.89 7.75 -29.37
C GLY F 127 -16.36 7.98 -29.69
N GLY F 128 -17.13 8.43 -28.70
CA GLY F 128 -18.52 8.78 -28.91
C GLY F 128 -18.59 10.12 -29.60
N TRP F 129 -19.74 10.43 -30.20
CA TRP F 129 -19.94 11.71 -30.92
C TRP F 129 -21.40 12.08 -30.96
N ASN F 130 -21.68 13.37 -30.85
CA ASN F 130 -23.03 13.90 -30.93
C ASN F 130 -23.05 15.04 -31.94
N ILE F 131 -23.82 14.90 -33.02
CA ILE F 131 -24.08 16.00 -33.94
C ILE F 131 -24.92 17.05 -33.21
N GLU F 132 -24.34 18.24 -33.02
CA GLU F 132 -24.82 19.19 -32.01
C GLU F 132 -26.22 19.71 -32.17
N GLU F 133 -26.57 20.09 -33.41
CA GLU F 133 -27.86 20.72 -33.69
C GLU F 133 -28.40 21.64 -32.57
N GLU F 134 -27.66 22.70 -32.30
CA GLU F 134 -28.04 23.68 -31.32
C GLU F 134 -27.30 24.96 -31.69
N GLY F 135 -26.55 24.91 -32.77
CA GLY F 135 -25.95 26.10 -33.33
C GLY F 135 -24.55 26.38 -32.86
N TYR F 136 -24.26 26.05 -31.61
CA TYR F 136 -22.93 26.30 -31.04
C TYR F 136 -22.39 25.13 -30.20
N GLN F 137 -21.06 25.02 -30.15
CA GLN F 137 -20.36 24.08 -29.27
C GLN F 137 -18.94 24.54 -28.99
N ALA F 138 -18.36 24.09 -27.88
CA ALA F 138 -16.96 24.37 -27.60
C ALA F 138 -16.21 23.19 -26.95
N VAL F 139 -14.89 23.21 -27.01
CA VAL F 139 -14.05 22.20 -26.35
C VAL F 139 -12.83 22.86 -25.76
N GLY F 140 -12.43 22.46 -24.56
CA GLY F 140 -11.20 22.96 -23.98
C GLY F 140 -11.41 23.48 -22.59
N SER F 141 -10.32 23.88 -21.95
CA SER F 141 -10.36 24.32 -20.58
C SER F 141 -11.34 25.46 -20.33
N GLY F 142 -11.64 26.24 -21.36
CA GLY F 142 -12.57 27.35 -21.22
C GLY F 142 -13.88 27.17 -21.93
N SER F 143 -14.11 26.00 -22.52
CA SER F 143 -15.30 25.73 -23.30
C SER F 143 -16.59 26.01 -22.54
N LEU F 144 -16.52 25.84 -21.23
CA LEU F 144 -17.64 26.04 -20.34
C LEU F 144 -18.09 27.50 -20.35
N PHE F 145 -17.12 28.41 -20.29
CA PHE F 145 -17.36 29.85 -20.31
C PHE F 145 -17.81 30.30 -21.68
N ALA F 146 -17.16 29.82 -22.72
CA ALA F 146 -17.53 30.16 -24.08
C ALA F 146 -18.96 29.76 -24.34
N LYS F 147 -19.29 28.47 -24.27
CA LYS F 147 -20.67 27.99 -24.48
C LYS F 147 -21.75 28.83 -23.77
N SER F 148 -21.47 29.27 -22.56
CA SER F 148 -22.46 29.98 -21.79
C SER F 148 -22.64 31.43 -22.26
N SER F 149 -21.54 32.07 -22.69
CA SER F 149 -21.60 33.43 -23.26
C SER F 149 -22.25 33.34 -24.62
N MET F 150 -21.72 32.46 -25.43
CA MET F 150 -22.26 32.12 -26.73
C MET F 150 -23.75 31.72 -26.66
N LYS F 151 -24.24 31.37 -25.48
CA LYS F 151 -25.67 31.05 -25.31
C LYS F 151 -26.46 32.33 -25.51
N LYS F 152 -26.06 33.38 -24.80
CA LYS F 152 -26.70 34.69 -24.83
C LYS F 152 -26.55 35.36 -26.18
N LEU F 153 -25.33 35.37 -26.72
CA LEU F 153 -25.04 36.09 -27.95
C LEU F 153 -25.43 35.35 -29.22
N TYR F 154 -26.19 34.27 -29.13
CA TYR F 154 -26.44 33.50 -30.36
C TYR F 154 -27.54 34.08 -31.26
N SER F 155 -28.53 34.74 -30.66
CA SER F 155 -29.57 35.43 -31.43
C SER F 155 -28.97 36.39 -32.43
N GLN F 156 -27.89 37.08 -32.07
CA GLN F 156 -27.18 37.96 -32.98
C GLN F 156 -26.65 37.35 -34.28
N VAL F 157 -26.68 36.03 -34.42
CA VAL F 157 -26.08 35.39 -35.59
C VAL F 157 -27.00 35.45 -36.80
N THR F 158 -26.56 36.18 -37.82
CA THR F 158 -27.36 36.47 -39.02
C THR F 158 -26.71 35.92 -40.27
N ASP F 159 -25.38 36.04 -40.33
CA ASP F 159 -24.61 35.64 -41.49
C ASP F 159 -23.20 35.32 -41.07
N GLY F 160 -22.37 34.92 -42.03
CA GLY F 160 -20.96 34.65 -41.82
C GLY F 160 -20.31 35.65 -40.89
N ASP F 161 -20.07 36.86 -41.39
CA ASP F 161 -19.43 37.91 -40.59
C ASP F 161 -20.13 38.11 -39.24
N SER F 162 -21.45 37.95 -39.22
CA SER F 162 -22.22 38.08 -37.98
C SER F 162 -21.81 37.02 -36.95
N GLY F 163 -21.86 35.75 -37.36
CA GLY F 163 -21.45 34.63 -36.53
C GLY F 163 -20.01 34.77 -36.08
N LEU F 164 -19.11 35.02 -37.02
CA LEU F 164 -17.70 35.22 -36.72
C LEU F 164 -17.43 36.14 -35.53
N ARG F 165 -18.24 37.20 -35.36
CA ARG F 165 -18.02 38.12 -34.25
C ARG F 165 -18.37 37.47 -32.91
N VAL F 166 -19.46 36.71 -32.91
CA VAL F 166 -19.89 36.02 -31.72
C VAL F 166 -18.83 35.01 -31.32
N ALA F 167 -18.33 34.27 -32.30
CA ALA F 167 -17.21 33.36 -32.10
C ALA F 167 -16.07 34.05 -31.35
N VAL F 168 -15.47 35.06 -31.97
CA VAL F 168 -14.37 35.83 -31.38
C VAL F 168 -14.72 36.37 -29.99
N GLU F 169 -15.97 36.75 -29.79
CA GLU F 169 -16.39 37.28 -28.49
C GLU F 169 -16.43 36.20 -27.42
N ALA F 170 -16.89 35.01 -27.80
CA ALA F 170 -16.91 33.86 -26.91
C ALA F 170 -15.48 33.51 -26.49
N LEU F 171 -14.57 33.36 -27.45
CA LEU F 171 -13.16 33.17 -27.13
C LEU F 171 -12.63 34.26 -26.21
N TYR F 172 -13.12 35.48 -26.38
CA TYR F 172 -12.72 36.59 -25.51
C TYR F 172 -13.22 36.34 -24.09
N ASP F 173 -14.47 35.92 -24.00
CA ASP F 173 -15.11 35.57 -22.72
C ASP F 173 -14.46 34.39 -22.00
N ALA F 174 -14.03 33.40 -22.78
CA ALA F 174 -13.32 32.27 -22.24
C ALA F 174 -12.02 32.74 -21.58
N ALA F 175 -11.18 33.45 -22.33
CA ALA F 175 -9.89 33.89 -21.82
C ALA F 175 -10.08 34.77 -20.61
N ASP F 176 -11.29 35.26 -20.43
CA ASP F 176 -11.56 36.22 -19.40
C ASP F 176 -11.66 35.51 -18.09
N ASP F 177 -11.91 34.22 -18.17
CA ASP F 177 -12.14 33.36 -17.00
C ASP F 177 -11.20 32.17 -16.89
N ASP F 178 -10.84 31.63 -18.04
CA ASP F 178 -9.91 30.53 -18.13
C ASP F 178 -8.49 30.99 -18.41
N SER F 179 -7.69 31.02 -17.36
CA SER F 179 -6.28 31.34 -17.39
C SER F 179 -5.47 30.56 -18.41
N ALA F 180 -6.03 29.49 -18.93
CA ALA F 180 -5.30 28.63 -19.84
C ALA F 180 -5.76 28.84 -21.27
N THR F 181 -6.63 29.83 -21.49
CA THR F 181 -7.15 30.10 -22.82
C THR F 181 -6.46 31.24 -23.58
N GLY F 182 -6.21 32.38 -22.95
CA GLY F 182 -5.46 33.42 -23.67
C GLY F 182 -6.21 34.24 -24.73
N GLY F 183 -6.45 35.50 -24.41
CA GLY F 183 -7.19 36.38 -25.29
C GLY F 183 -6.27 37.02 -26.30
N PRO F 184 -6.72 38.10 -26.94
CA PRO F 184 -5.99 38.79 -28.00
C PRO F 184 -4.80 39.56 -27.46
N ASP F 185 -3.63 39.38 -28.07
CA ASP F 185 -2.44 40.10 -27.65
C ASP F 185 -2.22 41.30 -28.57
N LEU F 186 -2.64 42.46 -28.09
CA LEU F 186 -2.46 43.67 -28.86
C LEU F 186 -0.98 44.04 -28.84
N VAL F 187 -0.37 44.01 -27.67
CA VAL F 187 1.06 44.28 -27.54
C VAL F 187 1.93 43.51 -28.53
N ARG F 188 1.48 42.32 -28.93
CA ARG F 188 2.30 41.48 -29.79
C ARG F 188 1.63 41.26 -31.13
N GLY F 189 0.35 41.61 -31.21
CA GLY F 189 -0.39 41.47 -32.46
C GLY F 189 -0.67 40.03 -32.81
N ILE F 190 -1.12 39.26 -31.82
CA ILE F 190 -1.52 37.86 -31.99
C ILE F 190 -3.01 37.68 -31.65
N PHE F 191 -3.75 37.01 -32.52
CA PHE F 191 -5.19 36.96 -32.42
C PHE F 191 -5.67 35.54 -32.72
N PRO F 192 -6.82 35.15 -32.16
CA PRO F 192 -7.43 33.83 -32.45
C PRO F 192 -7.46 33.54 -33.93
N THR F 193 -7.30 32.28 -34.34
CA THR F 193 -7.47 31.94 -35.75
C THR F 193 -8.87 31.43 -35.97
N ALA F 194 -9.32 31.46 -37.23
CA ALA F 194 -10.66 30.99 -37.57
C ALA F 194 -10.76 30.45 -39.00
N VAL F 195 -11.85 29.72 -39.24
CA VAL F 195 -12.12 29.09 -40.52
C VAL F 195 -13.63 29.18 -40.76
N ILE F 196 -14.02 29.39 -42.01
CA ILE F 196 -15.44 29.47 -42.36
C ILE F 196 -15.73 28.50 -43.48
N ILE F 197 -16.89 27.86 -43.41
CA ILE F 197 -17.29 26.88 -44.40
C ILE F 197 -18.72 27.15 -44.86
N ASP F 198 -18.89 27.28 -46.17
CA ASP F 198 -20.20 27.45 -46.84
C ASP F 198 -20.15 26.63 -48.11
N ALA F 199 -21.17 26.75 -48.95
CA ALA F 199 -21.24 25.94 -50.16
C ALA F 199 -19.99 26.02 -51.03
N ASP F 200 -19.23 27.11 -50.87
CA ASP F 200 -18.04 27.37 -51.67
C ASP F 200 -16.81 26.65 -51.18
N GLY F 201 -16.80 26.27 -49.91
CA GLY F 201 -15.68 25.54 -49.33
C GLY F 201 -15.24 26.10 -47.99
N ALA F 202 -14.05 25.68 -47.55
CA ALA F 202 -13.51 26.14 -46.29
C ALA F 202 -12.36 27.09 -46.54
N VAL F 203 -12.37 28.21 -45.85
CA VAL F 203 -11.38 29.24 -46.05
C VAL F 203 -10.93 29.85 -44.72
N ASP F 204 -9.63 30.12 -44.64
CA ASP F 204 -9.05 30.77 -43.48
C ASP F 204 -9.48 32.22 -43.40
N VAL F 205 -10.09 32.56 -42.28
CA VAL F 205 -10.46 33.94 -42.00
C VAL F 205 -9.20 34.77 -41.78
N PRO F 206 -9.02 35.86 -42.56
CA PRO F 206 -7.80 36.66 -42.45
C PRO F 206 -7.75 37.33 -41.10
N GLU F 207 -6.56 37.47 -40.53
CA GLU F 207 -6.46 37.99 -39.18
C GLU F 207 -6.97 39.42 -39.05
N SER F 208 -6.88 40.14 -40.16
CA SER F 208 -7.38 41.50 -40.29
C SER F 208 -8.79 41.61 -39.74
N ARG F 209 -9.73 40.85 -40.30
CA ARG F 209 -11.13 40.92 -39.87
C ARG F 209 -11.29 40.50 -38.41
N ILE F 210 -10.42 39.59 -37.96
CA ILE F 210 -10.42 39.11 -36.59
C ILE F 210 -9.88 40.20 -35.67
N ALA F 211 -8.69 40.69 -35.97
CA ALA F 211 -8.05 41.72 -35.15
C ALA F 211 -8.95 42.92 -34.99
N GLU F 212 -9.60 43.29 -36.08
CA GLU F 212 -10.57 44.36 -36.12
C GLU F 212 -11.68 44.03 -35.15
N LEU F 213 -12.40 42.95 -35.43
CA LEU F 213 -13.46 42.43 -34.58
C LEU F 213 -13.12 42.34 -33.09
N ALA F 214 -11.87 41.95 -32.80
CA ALA F 214 -11.33 41.87 -31.44
C ALA F 214 -11.35 43.23 -30.76
N ARG F 215 -10.74 44.23 -31.41
CA ARG F 215 -10.64 45.57 -30.83
C ARG F 215 -12.01 46.22 -30.63
N ALA F 216 -12.96 45.88 -31.50
CA ALA F 216 -14.36 46.23 -31.32
C ALA F 216 -14.86 45.74 -29.96
N ILE F 217 -14.72 44.43 -29.68
CA ILE F 217 -15.12 43.85 -28.40
C ILE F 217 -14.39 44.51 -27.24
N ILE F 218 -13.07 44.65 -27.37
CA ILE F 218 -12.27 45.25 -26.30
C ILE F 218 -12.73 46.67 -25.98
N GLU F 219 -12.97 47.50 -26.99
CA GLU F 219 -13.44 48.87 -26.77
C GLU F 219 -14.82 48.92 -26.15
N SER F 220 -15.76 48.13 -26.69
CA SER F 220 -17.13 48.15 -26.18
C SER F 220 -17.20 47.66 -24.75
N ARG F 221 -16.42 46.65 -24.41
CA ARG F 221 -16.35 46.20 -23.02
C ARG F 221 -15.54 47.16 -22.16
N SER F 222 -14.60 47.87 -22.78
CA SER F 222 -13.75 48.81 -22.08
C SER F 222 -14.57 49.98 -21.53
N SER G 11 0.24 -39.03 -63.40
CA SER G 11 -0.88 -40.00 -63.52
C SER G 11 -1.43 -40.38 -62.15
N PRO G 12 -2.12 -39.42 -61.47
CA PRO G 12 -2.77 -39.60 -60.16
C PRO G 12 -3.35 -41.00 -59.87
N GLU G 13 -4.10 -41.55 -60.83
CA GLU G 13 -4.69 -42.88 -60.69
C GLU G 13 -3.64 -44.01 -60.71
N GLN G 14 -2.77 -43.96 -61.71
CA GLN G 14 -1.66 -44.89 -61.86
C GLN G 14 -0.64 -44.77 -60.72
N ALA G 15 -0.46 -43.54 -60.22
CA ALA G 15 0.41 -43.28 -59.07
C ALA G 15 -0.05 -44.06 -57.83
N MET G 16 -1.35 -44.01 -57.54
CA MET G 16 -1.94 -44.73 -56.41
C MET G 16 -1.75 -46.26 -56.51
N ARG G 17 -1.66 -46.77 -57.74
CA ARG G 17 -1.49 -48.20 -57.95
C ARG G 17 -0.08 -48.65 -57.62
N GLU G 18 0.91 -47.79 -57.89
CA GLU G 18 2.31 -48.02 -57.54
C GLU G 18 2.51 -48.07 -56.04
N ARG G 19 1.86 -47.15 -55.35
CA ARG G 19 1.89 -47.07 -53.88
C ARG G 19 1.36 -48.36 -53.29
N SER G 20 0.17 -48.74 -53.73
CA SER G 20 -0.47 -50.01 -53.33
C SER G 20 0.48 -51.18 -53.54
N GLU G 21 1.03 -51.28 -54.74
CA GLU G 21 1.95 -52.36 -55.09
C GLU G 21 3.15 -52.42 -54.14
N LEU G 22 3.89 -51.31 -54.03
CA LEU G 22 5.06 -51.21 -53.14
C LEU G 22 4.75 -51.75 -51.75
N ALA G 23 3.67 -51.24 -51.16
CA ALA G 23 3.26 -51.63 -49.82
C ALA G 23 2.90 -53.11 -49.77
N ARG G 24 2.03 -53.54 -50.67
CA ARG G 24 1.51 -54.92 -50.71
C ARG G 24 2.64 -55.96 -50.79
N LYS G 25 3.70 -55.64 -51.56
CA LYS G 25 4.87 -56.49 -51.67
C LYS G 25 5.62 -56.61 -50.35
N GLY G 26 5.89 -55.47 -49.73
CA GLY G 26 6.53 -55.43 -48.42
C GLY G 26 5.82 -56.29 -47.39
N ILE G 27 4.48 -56.26 -47.39
CA ILE G 27 3.65 -57.07 -46.49
C ILE G 27 3.88 -58.57 -46.75
N ALA G 28 3.94 -58.94 -48.03
CA ALA G 28 4.19 -60.32 -48.43
C ALA G 28 5.52 -60.84 -47.92
N ARG G 29 6.61 -60.14 -48.21
CA ARG G 29 7.95 -60.60 -47.80
C ARG G 29 8.15 -60.60 -46.27
N ALA G 30 7.24 -59.98 -45.54
CA ALA G 30 7.27 -59.99 -44.07
C ALA G 30 6.74 -61.31 -43.52
N LYS G 31 7.01 -61.57 -42.24
CA LYS G 31 6.54 -62.78 -41.55
C LYS G 31 5.01 -62.78 -41.37
N SER G 32 4.47 -63.87 -40.81
CA SER G 32 3.03 -64.02 -40.61
C SER G 32 2.55 -63.90 -39.17
N VAL G 33 1.38 -63.28 -39.03
CA VAL G 33 0.74 -63.02 -37.74
C VAL G 33 -0.73 -63.43 -37.82
N VAL G 34 -1.22 -64.06 -36.74
CA VAL G 34 -2.61 -64.51 -36.66
C VAL G 34 -3.25 -64.19 -35.31
N ALA G 35 -4.50 -63.72 -35.37
CA ALA G 35 -5.33 -63.54 -34.19
C ALA G 35 -6.66 -64.24 -34.41
N LEU G 36 -7.23 -64.78 -33.34
CA LEU G 36 -8.52 -65.46 -33.42
C LEU G 36 -9.26 -65.48 -32.10
N ALA G 37 -10.59 -65.59 -32.18
CA ALA G 37 -11.45 -65.63 -31.01
C ALA G 37 -11.58 -67.04 -30.45
N TYR G 38 -11.49 -67.14 -29.12
CA TYR G 38 -11.60 -68.41 -28.44
C TYR G 38 -12.33 -68.20 -27.10
N ALA G 39 -12.67 -69.31 -26.43
CA ALA G 39 -13.41 -69.28 -25.16
C ALA G 39 -13.00 -68.17 -24.19
N GLY G 40 -11.71 -68.10 -23.89
CA GLY G 40 -11.18 -67.15 -22.90
C GLY G 40 -11.08 -65.71 -23.35
N GLY G 41 -11.22 -65.46 -24.65
CA GLY G 41 -11.12 -64.10 -25.21
C GLY G 41 -10.56 -64.04 -26.61
N VAL G 42 -9.31 -63.54 -26.73
CA VAL G 42 -8.61 -63.46 -28.02
C VAL G 42 -7.15 -63.94 -27.91
N LEU G 43 -6.74 -64.71 -28.91
CA LEU G 43 -5.39 -65.26 -28.95
C LEU G 43 -4.53 -64.61 -30.02
N PHE G 44 -3.33 -64.19 -29.62
CA PHE G 44 -2.38 -63.61 -30.54
C PHE G 44 -1.17 -64.50 -30.71
N VAL G 45 -0.95 -64.93 -31.95
CA VAL G 45 0.19 -65.77 -32.29
C VAL G 45 0.86 -65.29 -33.58
N ALA G 46 2.17 -65.10 -33.51
CA ALA G 46 2.94 -64.66 -34.66
C ALA G 46 4.33 -65.26 -34.59
N GLU G 47 4.85 -65.64 -35.75
CA GLU G 47 6.23 -66.13 -35.81
C GLU G 47 7.22 -64.96 -35.71
N ASN G 48 8.06 -65.02 -34.69
CA ASN G 48 9.04 -64.00 -34.42
C ASN G 48 10.27 -64.61 -33.76
N PRO G 49 11.36 -64.71 -34.53
CA PRO G 49 12.63 -65.22 -34.00
C PRO G 49 13.23 -64.31 -32.92
N SER G 50 13.04 -63.00 -33.06
CA SER G 50 13.58 -62.02 -32.13
C SER G 50 13.08 -62.22 -30.71
N ARG G 51 13.92 -61.92 -29.73
CA ARG G 51 13.53 -62.04 -28.33
C ARG G 51 12.89 -60.74 -27.78
N SER G 52 13.24 -59.59 -28.38
CA SER G 52 12.78 -58.30 -27.88
C SER G 52 11.90 -57.53 -28.84
N LEU G 53 12.16 -57.63 -30.15
CA LEU G 53 11.37 -56.93 -31.14
C LEU G 53 10.02 -57.60 -31.35
N GLN G 54 9.03 -57.15 -30.58
CA GLN G 54 7.72 -57.77 -30.52
C GLN G 54 6.72 -57.20 -31.53
N LYS G 55 5.84 -58.07 -32.03
CA LYS G 55 4.85 -57.68 -33.03
C LYS G 55 3.43 -57.63 -32.43
N ILE G 56 3.32 -58.00 -31.16
CA ILE G 56 2.04 -58.02 -30.42
C ILE G 56 2.20 -57.27 -29.11
N SER G 57 1.27 -56.37 -28.84
CA SER G 57 1.32 -55.56 -27.62
C SER G 57 -0.03 -55.20 -27.05
N GLU G 58 -0.02 -54.74 -25.81
CA GLU G 58 -1.20 -54.21 -25.17
C GLU G 58 -1.42 -52.77 -25.64
N LEU G 59 -2.68 -52.34 -25.67
CA LEU G 59 -3.02 -50.93 -25.92
C LEU G 59 -3.67 -50.30 -24.69
N TYR G 60 -4.87 -50.76 -24.36
CA TYR G 60 -5.56 -50.34 -23.15
C TYR G 60 -6.18 -51.55 -22.45
N ASP G 61 -6.78 -51.31 -21.28
CA ASP G 61 -7.37 -52.34 -20.45
C ASP G 61 -7.77 -53.62 -21.18
N ARG G 62 -8.71 -53.50 -22.11
CA ARG G 62 -9.29 -54.69 -22.74
C ARG G 62 -9.04 -54.74 -24.24
N VAL G 63 -8.17 -53.87 -24.74
CA VAL G 63 -7.89 -53.85 -26.17
C VAL G 63 -6.42 -54.16 -26.45
N GLY G 64 -6.16 -54.83 -27.56
CA GLY G 64 -4.83 -55.31 -27.90
C GLY G 64 -4.40 -55.07 -29.34
N PHE G 65 -3.08 -55.05 -29.52
CA PHE G 65 -2.45 -54.66 -30.75
C PHE G 65 -1.61 -55.80 -31.31
N ALA G 66 -1.68 -56.01 -32.62
CA ALA G 66 -0.80 -56.95 -33.32
C ALA G 66 -0.67 -56.50 -34.76
N ALA G 67 0.54 -56.61 -35.32
CA ALA G 67 0.80 -56.12 -36.67
C ALA G 67 1.91 -56.92 -37.38
N ALA G 68 1.81 -57.03 -38.70
CA ALA G 68 2.87 -57.60 -39.53
C ALA G 68 3.44 -56.53 -40.49
N GLY G 69 4.73 -56.62 -40.79
CA GLY G 69 5.37 -55.70 -41.73
C GLY G 69 6.66 -55.08 -41.22
N LYS G 70 7.03 -53.94 -41.78
CA LYS G 70 8.26 -53.24 -41.39
C LYS G 70 8.16 -52.74 -39.94
N PHE G 71 8.98 -53.32 -39.05
CA PHE G 71 8.88 -53.07 -37.61
C PHE G 71 8.83 -51.60 -37.21
N ASN G 72 9.88 -50.84 -37.54
CA ASN G 72 9.96 -49.41 -37.16
C ASN G 72 8.69 -48.63 -37.48
N GLU G 73 7.98 -49.09 -38.50
CA GLU G 73 6.76 -48.46 -38.91
C GLU G 73 5.61 -48.85 -38.01
N PHE G 74 5.35 -50.15 -37.85
CA PHE G 74 4.22 -50.53 -36.99
C PHE G 74 4.44 -50.22 -35.50
N ASP G 75 5.69 -50.33 -35.05
CA ASP G 75 6.01 -50.01 -33.67
C ASP G 75 5.70 -48.54 -33.38
N ASN G 76 5.88 -47.72 -34.41
CA ASN G 76 5.50 -46.32 -34.35
C ASN G 76 3.99 -46.18 -34.10
N LEU G 77 3.19 -46.77 -34.99
CA LEU G 77 1.74 -46.77 -34.83
C LEU G 77 1.32 -47.34 -33.49
N ARG G 78 1.96 -48.43 -33.08
CA ARG G 78 1.72 -49.03 -31.77
C ARG G 78 1.80 -47.97 -30.68
N ARG G 79 2.91 -47.23 -30.67
CA ARG G 79 3.13 -46.18 -29.67
C ARG G 79 2.05 -45.12 -29.73
N GLY G 80 1.73 -44.68 -30.96
CA GLY G 80 0.65 -43.74 -31.20
C GLY G 80 -0.64 -44.20 -30.56
N GLY G 81 -0.99 -45.47 -30.78
CA GLY G 81 -2.19 -46.06 -30.21
C GLY G 81 -2.21 -45.93 -28.70
N ILE G 82 -1.15 -46.41 -28.08
CA ILE G 82 -1.00 -46.35 -26.64
C ILE G 82 -1.14 -44.92 -26.15
N GLN G 83 -0.55 -43.99 -26.91
CA GLN G 83 -0.63 -42.55 -26.63
C GLN G 83 -2.07 -42.07 -26.67
N PHE G 84 -2.74 -42.36 -27.79
CA PHE G 84 -4.12 -42.02 -27.98
C PHE G 84 -4.98 -42.57 -26.84
N ALA G 85 -4.89 -43.87 -26.62
CA ALA G 85 -5.70 -44.57 -25.64
C ALA G 85 -5.56 -43.97 -24.25
N ASP G 86 -4.34 -43.89 -23.76
CA ASP G 86 -4.10 -43.36 -22.43
C ASP G 86 -4.64 -41.98 -22.24
N THR G 87 -4.52 -41.12 -23.25
CA THR G 87 -5.01 -39.72 -23.18
C THR G 87 -6.54 -39.67 -23.13
N ARG G 88 -7.16 -40.32 -24.12
CA ARG G 88 -8.59 -40.48 -24.16
C ARG G 88 -9.19 -40.98 -22.84
N GLY G 89 -8.63 -42.06 -22.30
CA GLY G 89 -9.02 -42.58 -21.00
C GLY G 89 -8.96 -41.55 -19.89
N TYR G 90 -7.91 -40.74 -19.89
CA TYR G 90 -7.71 -39.72 -18.85
C TYR G 90 -8.68 -38.56 -19.02
N ALA G 91 -8.95 -38.20 -20.27
CA ALA G 91 -9.89 -37.14 -20.61
C ALA G 91 -11.30 -37.46 -20.13
N TYR G 92 -11.72 -38.71 -20.34
CA TYR G 92 -13.07 -39.16 -20.04
C TYR G 92 -13.10 -40.17 -18.92
N ASP G 93 -13.21 -41.44 -19.28
CA ASP G 93 -12.92 -42.54 -18.35
C ASP G 93 -12.30 -43.70 -19.08
N ARG G 94 -11.61 -44.54 -18.32
CA ARG G 94 -11.02 -45.76 -18.81
C ARG G 94 -12.02 -46.51 -19.66
N ARG G 95 -13.25 -46.58 -19.16
CA ARG G 95 -14.31 -47.38 -19.78
C ARG G 95 -14.78 -46.87 -21.15
N ASP G 96 -14.30 -45.69 -21.54
CA ASP G 96 -14.73 -45.03 -22.78
C ASP G 96 -13.79 -45.27 -23.97
N VAL G 97 -12.79 -46.12 -23.79
CA VAL G 97 -11.86 -46.47 -24.85
C VAL G 97 -12.35 -47.76 -25.46
N THR G 98 -12.37 -47.88 -26.80
CA THR G 98 -13.12 -48.97 -27.42
C THR G 98 -12.32 -49.89 -28.34
N GLY G 99 -11.20 -49.41 -28.88
CA GLY G 99 -10.47 -50.24 -29.84
C GLY G 99 -11.18 -50.32 -31.17
N ARG G 100 -12.49 -50.15 -31.16
CA ARG G 100 -13.19 -49.73 -32.35
C ARG G 100 -12.71 -48.30 -32.65
N GLN G 101 -12.57 -47.50 -31.59
CA GLN G 101 -11.97 -46.16 -31.69
C GLN G 101 -10.57 -46.21 -32.27
N LEU G 102 -9.74 -47.09 -31.70
CA LEU G 102 -8.34 -47.22 -32.14
C LEU G 102 -8.24 -47.69 -33.60
N ALA G 103 -9.16 -48.57 -34.01
CA ALA G 103 -9.20 -49.01 -35.39
C ALA G 103 -9.45 -47.82 -36.31
N ASN G 104 -10.40 -46.95 -35.94
CA ASN G 104 -10.65 -45.70 -36.67
C ASN G 104 -9.40 -44.85 -36.79
N VAL G 105 -8.81 -44.51 -35.65
CA VAL G 105 -7.60 -43.73 -35.58
C VAL G 105 -6.51 -44.29 -36.49
N TYR G 106 -6.31 -45.60 -36.44
CA TYR G 106 -5.31 -46.25 -37.28
C TYR G 106 -5.68 -46.15 -38.76
N ALA G 107 -6.95 -46.37 -39.07
CA ALA G 107 -7.45 -46.23 -40.42
C ALA G 107 -7.19 -44.81 -40.92
N GLN G 108 -7.48 -43.84 -40.06
CA GLN G 108 -7.25 -42.43 -40.34
C GLN G 108 -5.78 -42.17 -40.65
N THR G 109 -4.90 -42.58 -39.73
CA THR G 109 -3.46 -42.33 -39.84
C THR G 109 -2.86 -42.97 -41.08
N LEU G 110 -3.11 -44.27 -41.24
CA LEU G 110 -2.61 -45.01 -42.38
C LEU G 110 -3.19 -44.45 -43.67
N GLY G 111 -4.42 -43.96 -43.58
CA GLY G 111 -5.08 -43.30 -44.70
C GLY G 111 -4.32 -42.09 -45.17
N THR G 112 -4.03 -41.18 -44.25
CA THR G 112 -3.22 -39.99 -44.53
C THR G 112 -1.83 -40.37 -45.06
N ILE G 113 -1.17 -41.29 -44.37
CA ILE G 113 0.17 -41.71 -44.76
C ILE G 113 0.22 -42.17 -46.22
N PHE G 114 -0.75 -43.00 -46.60
CA PHE G 114 -0.86 -43.54 -47.96
C PHE G 114 -0.99 -42.45 -49.04
N THR G 115 -1.30 -41.23 -48.59
CA THR G 115 -1.50 -40.09 -49.47
C THR G 115 -0.36 -39.10 -49.31
N GLU G 116 -0.15 -38.65 -48.08
CA GLU G 116 0.75 -37.55 -47.76
C GLU G 116 2.22 -37.94 -47.74
N GLN G 117 2.55 -39.03 -47.04
CA GLN G 117 3.95 -39.49 -46.93
C GLN G 117 4.49 -39.91 -48.30
N ALA G 118 5.79 -39.69 -48.52
CA ALA G 118 6.42 -40.06 -49.78
C ALA G 118 6.17 -41.55 -50.05
N LYS G 119 6.61 -42.39 -49.12
CA LYS G 119 6.47 -43.84 -49.24
C LYS G 119 5.45 -44.34 -48.21
N PRO G 120 4.45 -45.13 -48.66
CA PRO G 120 3.39 -45.64 -47.79
C PRO G 120 3.91 -46.65 -46.79
N TYR G 121 3.26 -46.75 -45.64
CA TYR G 121 3.65 -47.71 -44.60
C TYR G 121 3.46 -49.14 -45.07
N GLU G 122 4.49 -49.97 -44.87
CA GLU G 122 4.43 -51.39 -45.21
C GLU G 122 4.01 -52.17 -43.99
N VAL G 123 2.74 -52.05 -43.63
CA VAL G 123 2.20 -52.71 -42.44
C VAL G 123 0.76 -53.17 -42.66
N GLU G 124 0.31 -54.04 -41.77
CA GLU G 124 -1.09 -54.43 -41.69
C GLU G 124 -1.39 -54.69 -40.23
N LEU G 125 -2.46 -54.09 -39.74
CA LEU G 125 -2.71 -54.03 -38.30
C LEU G 125 -3.92 -54.84 -37.86
N CYS G 126 -3.93 -55.21 -36.58
CA CYS G 126 -5.09 -55.84 -35.96
C CYS G 126 -5.32 -55.29 -34.57
N VAL G 127 -6.51 -54.73 -34.37
CA VAL G 127 -6.94 -54.23 -33.08
C VAL G 127 -8.02 -55.18 -32.58
N ALA G 128 -7.85 -55.65 -31.35
CA ALA G 128 -8.78 -56.64 -30.78
C ALA G 128 -9.28 -56.21 -29.40
N GLU G 129 -10.58 -56.32 -29.20
CA GLU G 129 -11.19 -55.99 -27.91
C GLU G 129 -11.96 -57.19 -27.37
N VAL G 130 -11.97 -57.32 -26.05
CA VAL G 130 -12.64 -58.43 -25.40
C VAL G 130 -13.30 -57.97 -24.09
N ALA G 131 -14.62 -58.11 -24.05
CA ALA G 131 -15.49 -57.62 -22.95
C ALA G 131 -14.84 -57.41 -21.57
N HIS G 132 -15.35 -56.42 -20.85
CA HIS G 132 -14.92 -56.13 -19.49
C HIS G 132 -15.17 -57.31 -18.55
N TYR G 133 -14.51 -57.30 -17.40
CA TYR G 133 -14.50 -58.44 -16.45
C TYR G 133 -15.84 -59.17 -16.34
N GLY G 134 -16.76 -58.65 -15.53
CA GLY G 134 -18.04 -59.33 -15.28
C GLY G 134 -18.86 -59.56 -16.55
N GLU G 135 -18.98 -58.50 -17.35
CA GLU G 135 -19.66 -58.47 -18.64
C GLU G 135 -19.34 -59.68 -19.52
N THR G 136 -20.29 -60.08 -20.37
CA THR G 136 -20.02 -61.06 -21.42
C THR G 136 -20.45 -60.51 -22.79
N LYS G 137 -19.47 -60.37 -23.69
CA LYS G 137 -19.71 -59.82 -25.02
C LYS G 137 -18.82 -60.52 -26.03
N ARG G 138 -19.30 -60.60 -27.26
CA ARG G 138 -18.60 -61.27 -28.34
C ARG G 138 -17.30 -60.52 -28.68
N PRO G 139 -16.12 -61.15 -28.38
CA PRO G 139 -14.81 -60.60 -28.73
C PRO G 139 -14.78 -60.01 -30.14
N GLU G 140 -14.18 -58.82 -30.30
CA GLU G 140 -14.16 -58.14 -31.59
C GLU G 140 -12.77 -57.99 -32.21
N LEU G 141 -12.69 -58.19 -33.52
CA LEU G 141 -11.44 -58.13 -34.26
C LEU G 141 -11.51 -57.17 -35.44
N TYR G 142 -10.55 -56.26 -35.53
CA TYR G 142 -10.48 -55.26 -36.60
C TYR G 142 -9.17 -55.36 -37.38
N ARG G 143 -9.28 -55.33 -38.70
CA ARG G 143 -8.11 -55.32 -39.57
C ARG G 143 -8.01 -54.02 -40.34
N ILE G 144 -6.86 -53.37 -40.19
CA ILE G 144 -6.59 -52.12 -40.88
C ILE G 144 -5.47 -52.34 -41.86
N THR G 145 -5.73 -52.07 -43.12
CA THR G 145 -4.75 -52.27 -44.17
C THR G 145 -3.89 -51.02 -44.37
N TYR G 146 -2.87 -51.14 -45.21
CA TYR G 146 -1.92 -50.06 -45.49
C TYR G 146 -2.55 -48.81 -46.07
N ASP G 147 -3.62 -48.98 -46.85
CA ASP G 147 -4.26 -47.86 -47.56
C ASP G 147 -5.31 -47.13 -46.70
N GLY G 148 -5.48 -47.59 -45.46
CA GLY G 148 -6.42 -46.99 -44.53
C GLY G 148 -7.79 -47.65 -44.54
N SER G 149 -7.93 -48.73 -45.31
CA SER G 149 -9.16 -49.49 -45.32
C SER G 149 -9.28 -50.30 -44.03
N ILE G 150 -10.52 -50.48 -43.58
CA ILE G 150 -10.74 -51.13 -42.31
C ILE G 150 -11.97 -52.04 -42.37
N ALA G 151 -11.80 -53.26 -41.85
CA ALA G 151 -12.85 -54.27 -41.82
C ALA G 151 -12.81 -55.05 -40.50
N ASP G 152 -13.94 -55.61 -40.09
CA ASP G 152 -14.00 -56.39 -38.85
C ASP G 152 -14.42 -57.84 -39.04
N GLU G 153 -13.45 -58.76 -39.06
CA GLU G 153 -13.77 -60.17 -39.09
C GLU G 153 -14.34 -60.64 -37.76
N PRO G 154 -15.31 -61.57 -37.82
CA PRO G 154 -16.02 -62.02 -36.62
C PRO G 154 -15.31 -63.15 -35.86
N HIS G 155 -14.43 -63.87 -36.54
CA HIS G 155 -13.83 -65.10 -36.00
C HIS G 155 -12.31 -65.05 -35.87
N PHE G 156 -11.63 -64.70 -36.97
CA PHE G 156 -10.18 -64.75 -37.04
C PHE G 156 -9.62 -63.73 -38.04
N VAL G 157 -8.38 -63.31 -37.81
CA VAL G 157 -7.69 -62.38 -38.70
C VAL G 157 -6.29 -62.87 -39.03
N VAL G 158 -5.96 -62.92 -40.32
CA VAL G 158 -4.61 -63.27 -40.78
C VAL G 158 -3.97 -62.09 -41.51
N MET G 159 -2.66 -61.97 -41.36
CA MET G 159 -1.89 -60.94 -42.06
C MET G 159 -0.37 -61.21 -42.09
N GLY G 160 0.27 -60.75 -43.16
CA GLY G 160 1.71 -60.92 -43.36
C GLY G 160 2.00 -62.17 -44.13
N GLY G 161 2.87 -62.06 -45.13
CA GLY G 161 3.22 -63.18 -45.99
C GLY G 161 2.07 -63.62 -46.87
N THR G 162 2.07 -64.89 -47.24
CA THR G 162 0.98 -65.47 -48.03
C THR G 162 -0.13 -65.91 -47.07
N THR G 163 -1.29 -65.24 -47.17
CA THR G 163 -2.37 -65.48 -46.23
C THR G 163 -3.31 -66.64 -46.65
N GLU G 164 -3.56 -66.79 -47.95
CA GLU G 164 -4.50 -67.82 -48.45
C GLU G 164 -4.36 -69.17 -47.75
N PRO G 165 -3.16 -69.80 -47.82
CA PRO G 165 -2.97 -71.11 -47.17
C PRO G 165 -3.15 -71.07 -45.65
N ILE G 166 -2.73 -69.97 -45.01
CA ILE G 166 -2.87 -69.85 -43.57
C ILE G 166 -4.32 -69.53 -43.18
N ALA G 167 -4.98 -68.68 -43.98
CA ALA G 167 -6.39 -68.30 -43.76
C ALA G 167 -7.33 -69.43 -44.14
N ASN G 168 -6.97 -70.17 -45.19
CA ASN G 168 -7.79 -71.30 -45.62
C ASN G 168 -7.81 -72.41 -44.56
N ALA G 169 -6.64 -72.75 -44.03
CA ALA G 169 -6.53 -73.75 -42.95
C ALA G 169 -7.42 -73.41 -41.76
N LEU G 170 -7.57 -72.11 -41.48
CA LEU G 170 -8.45 -71.63 -40.41
C LEU G 170 -9.95 -71.71 -40.78
N LYS G 171 -10.27 -71.43 -42.04
CA LYS G 171 -11.66 -71.51 -42.51
C LYS G 171 -12.31 -72.82 -42.12
N GLU G 172 -11.49 -73.82 -41.77
CA GLU G 172 -11.98 -75.14 -41.34
C GLU G 172 -11.56 -75.49 -39.90
N SER G 173 -10.28 -75.30 -39.58
CA SER G 173 -9.77 -75.66 -38.26
C SER G 173 -10.28 -74.77 -37.11
N TYR G 174 -10.88 -73.62 -37.43
CA TYR G 174 -11.40 -72.72 -36.39
C TYR G 174 -12.53 -73.35 -35.58
N ALA G 175 -12.20 -73.66 -34.33
CA ALA G 175 -13.21 -74.14 -33.39
C ALA G 175 -13.82 -72.94 -32.69
N GLU G 176 -15.08 -72.68 -33.04
CA GLU G 176 -15.85 -71.52 -32.59
C GLU G 176 -15.54 -71.11 -31.14
N ASN G 177 -15.66 -72.08 -30.25
CA ASN G 177 -15.48 -71.86 -28.82
C ASN G 177 -14.32 -72.68 -28.26
N ALA G 178 -13.18 -72.64 -28.94
CA ALA G 178 -12.00 -73.45 -28.61
C ALA G 178 -11.47 -73.21 -27.19
N SER G 179 -10.52 -74.03 -26.79
CA SER G 179 -9.78 -73.84 -25.55
C SER G 179 -8.51 -73.05 -25.85
N LEU G 180 -7.89 -72.49 -24.80
CA LEU G 180 -6.60 -71.81 -24.93
C LEU G 180 -5.55 -72.72 -25.59
N THR G 181 -5.43 -73.95 -25.10
CA THR G 181 -4.49 -74.89 -25.69
C THR G 181 -4.98 -75.47 -27.02
N ASP G 182 -6.30 -75.46 -27.21
CA ASP G 182 -6.91 -75.93 -28.45
C ASP G 182 -6.72 -74.94 -29.58
N ALA G 183 -7.07 -73.68 -29.30
CA ALA G 183 -6.95 -72.60 -30.29
C ALA G 183 -5.49 -72.34 -30.67
N LEU G 184 -4.59 -72.48 -29.70
CA LEU G 184 -3.16 -72.35 -29.94
C LEU G 184 -2.68 -73.43 -30.90
N ARG G 185 -3.14 -74.66 -30.66
CA ARG G 185 -2.88 -75.79 -31.55
C ARG G 185 -3.41 -75.50 -32.96
N ILE G 186 -4.70 -75.16 -33.04
CA ILE G 186 -5.35 -74.76 -34.28
C ILE G 186 -4.55 -73.68 -35.02
N ALA G 187 -4.11 -72.67 -34.28
CA ALA G 187 -3.33 -71.55 -34.80
C ALA G 187 -2.00 -71.96 -35.43
N VAL G 188 -1.05 -72.39 -34.59
CA VAL G 188 0.30 -72.78 -35.03
C VAL G 188 0.28 -73.76 -36.21
N ALA G 189 -0.71 -74.65 -36.21
CA ALA G 189 -0.90 -75.57 -37.33
C ALA G 189 -1.29 -74.81 -38.59
N ALA G 190 -2.33 -73.98 -38.50
CA ALA G 190 -2.79 -73.17 -39.62
C ALA G 190 -1.69 -72.25 -40.16
N LEU G 191 -0.77 -71.86 -39.27
CA LEU G 191 0.33 -70.98 -39.64
C LEU G 191 1.35 -71.72 -40.49
N ARG G 192 1.72 -72.93 -40.07
CA ARG G 192 2.63 -73.81 -40.83
C ARG G 192 2.15 -74.10 -42.25
N ALA G 193 0.84 -73.99 -42.46
CA ALA G 193 0.22 -74.22 -43.77
C ALA G 193 0.80 -73.31 -44.86
N GLY G 194 1.11 -72.07 -44.48
CA GLY G 194 1.79 -71.11 -45.36
C GLY G 194 3.29 -71.01 -45.08
N SER G 195 4.01 -72.10 -45.39
CA SER G 195 5.46 -72.20 -45.17
C SER G 195 6.11 -73.16 -46.17
N LEU G 206 10.43 -76.00 -37.51
CA LEU G 206 9.49 -74.93 -37.82
C LEU G 206 8.34 -74.82 -36.78
N GLY G 207 7.90 -73.59 -36.50
CA GLY G 207 6.84 -73.32 -35.51
C GLY G 207 7.16 -73.76 -34.09
N VAL G 208 8.42 -73.59 -33.68
CA VAL G 208 8.93 -74.00 -32.35
C VAL G 208 8.54 -72.97 -31.27
N ALA G 209 8.84 -73.28 -30.01
CA ALA G 209 8.62 -72.32 -28.91
C ALA G 209 9.54 -71.11 -29.02
N SER G 210 9.96 -70.83 -30.26
CA SER G 210 10.72 -69.63 -30.61
C SER G 210 9.88 -68.76 -31.56
N LEU G 211 8.83 -68.18 -30.99
CA LEU G 211 7.96 -67.22 -31.67
C LEU G 211 7.25 -66.37 -30.59
N GLU G 212 6.22 -65.62 -30.97
CA GLU G 212 5.57 -64.71 -30.03
C GLU G 212 4.09 -65.01 -29.82
N VAL G 213 3.73 -65.13 -28.53
CA VAL G 213 2.39 -65.53 -28.10
C VAL G 213 1.89 -64.66 -26.95
N ALA G 214 0.67 -64.14 -27.07
CA ALA G 214 0.02 -63.41 -25.98
C ALA G 214 -1.49 -63.52 -26.12
N VAL G 215 -2.22 -63.28 -25.02
CA VAL G 215 -3.70 -63.33 -25.06
C VAL G 215 -4.42 -62.16 -24.40
N LEU G 216 -5.64 -61.91 -24.88
CA LEU G 216 -6.56 -61.01 -24.20
C LEU G 216 -7.50 -61.83 -23.32
N ASP G 217 -7.04 -62.09 -22.09
CA ASP G 217 -7.78 -62.93 -21.16
C ASP G 217 -8.96 -62.20 -20.56
N ALA G 218 -10.14 -62.43 -21.15
CA ALA G 218 -11.38 -61.78 -20.72
C ALA G 218 -11.68 -62.02 -19.25
N ASN G 219 -11.03 -63.01 -18.67
CA ASN G 219 -11.29 -63.35 -17.29
C ASN G 219 -10.51 -62.50 -16.29
N ARG G 220 -9.49 -61.78 -16.79
CA ARG G 220 -8.69 -60.85 -15.96
C ARG G 220 -9.56 -59.70 -15.42
N PRO G 221 -9.21 -59.20 -14.21
CA PRO G 221 -9.99 -58.13 -13.57
C PRO G 221 -9.96 -56.83 -14.35
N ARG G 222 -8.77 -56.22 -14.49
CA ARG G 222 -8.64 -54.98 -15.27
C ARG G 222 -7.88 -55.17 -16.57
N ARG G 223 -6.55 -55.25 -16.48
CA ARG G 223 -5.71 -55.34 -17.67
C ARG G 223 -5.78 -56.73 -18.30
N ALA G 224 -6.60 -56.83 -19.34
CA ALA G 224 -6.92 -58.10 -19.96
C ALA G 224 -5.84 -58.61 -20.90
N PHE G 225 -4.59 -58.20 -20.65
CA PHE G 225 -3.47 -58.66 -21.47
C PHE G 225 -2.56 -59.61 -20.70
N ARG G 226 -1.98 -60.59 -21.40
CA ARG G 226 -0.95 -61.44 -20.82
C ARG G 226 -0.10 -62.06 -21.92
N ARG G 227 1.21 -61.95 -21.74
CA ARG G 227 2.18 -62.61 -22.60
C ARG G 227 2.34 -64.05 -22.11
N ILE G 228 2.40 -65.00 -23.05
CA ILE G 228 2.73 -66.36 -22.69
C ILE G 228 4.23 -66.63 -22.94
N THR G 229 4.95 -66.81 -21.84
CA THR G 229 6.42 -66.89 -21.85
C THR G 229 6.90 -68.21 -22.50
N GLY G 230 8.09 -68.69 -22.15
CA GLY G 230 8.67 -69.87 -22.79
C GLY G 230 8.21 -71.21 -22.24
N SER G 231 8.47 -71.43 -20.96
CA SER G 231 8.17 -72.70 -20.28
C SER G 231 6.66 -73.00 -20.25
N ALA G 232 5.88 -72.01 -19.81
CA ALA G 232 4.42 -72.08 -19.74
C ALA G 232 3.76 -72.35 -21.10
N LEU G 233 4.37 -71.81 -22.16
CA LEU G 233 3.92 -72.00 -23.54
C LEU G 233 3.96 -73.46 -23.95
N GLN G 234 5.09 -74.12 -23.69
CA GLN G 234 5.29 -75.52 -24.07
C GLN G 234 4.13 -76.41 -23.67
N ALA G 235 3.63 -76.19 -22.46
CA ALA G 235 2.53 -76.98 -21.90
C ALA G 235 1.21 -76.83 -22.67
N LEU G 236 1.23 -76.04 -23.74
CA LEU G 236 0.05 -75.81 -24.56
C LEU G 236 0.34 -76.06 -26.06
N LEU G 237 1.63 -76.00 -26.42
CA LEU G 237 2.09 -76.01 -27.81
C LEU G 237 1.76 -77.29 -28.59
N VAL G 238 1.57 -77.12 -29.90
CA VAL G 238 1.20 -78.20 -30.86
C VAL G 238 2.40 -79.01 -31.41
N ASP G 239 2.27 -80.34 -31.38
CA ASP G 239 3.21 -81.26 -32.00
C ASP G 239 3.13 -81.13 -33.53
N GLN G 240 4.26 -80.94 -34.21
CA GLN G 240 4.32 -80.92 -35.69
C GLN G 240 4.75 -82.26 -36.30
N THR H 1 -6.27 -33.95 7.65
CA THR H 1 -5.76 -35.21 7.03
C THR H 1 -4.56 -35.82 7.75
N THR H 2 -4.48 -37.14 7.67
CA THR H 2 -3.27 -37.89 8.02
C THR H 2 -3.18 -39.08 7.11
N ILE H 3 -2.06 -39.21 6.41
CA ILE H 3 -1.73 -40.43 5.70
C ILE H 3 -0.48 -40.93 6.37
N VAL H 4 -0.43 -42.24 6.60
CA VAL H 4 0.70 -42.82 7.31
C VAL H 4 1.24 -44.02 6.56
N ALA H 5 2.54 -44.20 6.63
CA ALA H 5 3.23 -45.31 5.96
C ALA H 5 4.18 -46.04 6.92
N LEU H 6 4.09 -47.37 6.95
CA LEU H 6 4.98 -48.22 7.77
C LEU H 6 5.72 -49.28 6.99
N LYS H 7 6.97 -49.47 7.41
CA LYS H 7 7.85 -50.50 6.87
C LYS H 7 7.95 -51.65 7.88
N TYR H 8 7.62 -52.86 7.43
CA TYR H 8 7.75 -54.07 8.21
C TYR H 8 8.58 -55.08 7.40
N PRO H 9 9.05 -56.17 8.05
CA PRO H 9 9.90 -57.20 7.43
C PRO H 9 9.48 -57.63 6.02
N GLY H 10 8.22 -58.06 5.88
CA GLY H 10 7.69 -58.45 4.58
C GLY H 10 7.65 -57.34 3.51
N GLY H 11 7.13 -56.17 3.87
CA GLY H 11 6.99 -55.05 2.93
C GLY H 11 6.59 -53.74 3.57
N VAL H 12 5.52 -53.13 3.06
CA VAL H 12 4.99 -51.84 3.58
C VAL H 12 3.48 -51.75 3.66
N VAL H 13 3.01 -50.98 4.63
CA VAL H 13 1.60 -50.67 4.78
C VAL H 13 1.40 -49.14 4.77
N MET H 14 0.39 -48.68 4.01
CA MET H 14 0.00 -47.28 4.05
C MET H 14 -1.50 -47.17 4.33
N ALA H 15 -1.84 -46.25 5.23
CA ALA H 15 -3.23 -46.05 5.63
C ALA H 15 -3.51 -44.58 5.90
N GLY H 16 -4.67 -44.11 5.46
CA GLY H 16 -5.04 -42.73 5.69
C GLY H 16 -6.52 -42.58 5.98
N ASP H 17 -6.88 -41.56 6.78
CA ASP H 17 -8.26 -41.31 7.19
C ASP H 17 -9.15 -40.93 6.00
N ARG H 18 -10.38 -40.55 6.29
CA ARG H 18 -11.36 -40.19 5.25
C ARG H 18 -12.08 -38.86 5.45
N ARG H 19 -11.57 -38.02 6.35
CA ARG H 19 -12.13 -36.70 6.58
C ARG H 19 -11.81 -35.76 5.44
N SER H 20 -12.75 -34.87 5.16
CA SER H 20 -12.54 -33.79 4.23
C SER H 20 -13.20 -32.61 4.83
N THR H 21 -12.41 -31.60 5.13
CA THR H 21 -12.93 -30.43 5.82
C THR H 21 -12.83 -29.17 4.94
N GLN H 22 -13.65 -28.17 5.27
CA GLN H 22 -13.66 -26.91 4.56
C GLN H 22 -13.93 -25.86 5.59
N GLY H 23 -12.88 -25.20 6.04
CA GLY H 23 -12.99 -24.32 7.18
C GLY H 23 -12.96 -25.26 8.34
N ASN H 24 -13.82 -25.06 9.31
CA ASN H 24 -13.93 -26.06 10.35
C ASN H 24 -15.29 -26.70 10.22
N MET H 25 -15.56 -27.13 9.00
CA MET H 25 -16.85 -27.68 8.64
C MET H 25 -16.60 -28.99 7.92
N ILE H 26 -17.07 -30.10 8.50
CA ILE H 26 -16.87 -31.39 7.87
C ILE H 26 -17.64 -31.44 6.56
N SER H 27 -16.95 -31.77 5.50
CA SER H 27 -17.53 -31.76 4.17
C SER H 27 -17.32 -33.10 3.48
N GLY H 28 -16.74 -34.05 4.19
CA GLY H 28 -16.45 -35.36 3.64
C GLY H 28 -16.24 -36.30 4.79
N ARG H 29 -16.72 -37.53 4.64
CA ARG H 29 -16.63 -38.50 5.72
C ARG H 29 -16.12 -39.84 5.22
N ASP H 30 -15.83 -39.94 3.93
CA ASP H 30 -15.51 -41.20 3.29
C ASP H 30 -14.57 -41.04 2.10
N VAL H 31 -13.66 -40.08 2.21
CA VAL H 31 -12.72 -39.83 1.14
C VAL H 31 -11.68 -40.96 1.12
N ARG H 32 -11.37 -41.45 -0.08
CA ARG H 32 -10.32 -42.44 -0.26
C ARG H 32 -9.02 -41.75 -0.60
N LYS H 33 -8.22 -41.48 0.41
CA LYS H 33 -6.98 -40.77 0.20
C LYS H 33 -5.74 -41.64 -0.12
N VAL H 34 -5.90 -42.97 -0.14
CA VAL H 34 -4.79 -43.91 -0.41
C VAL H 34 -5.10 -44.71 -1.68
N TYR H 35 -4.20 -44.66 -2.65
CA TYR H 35 -4.43 -45.27 -3.97
C TYR H 35 -3.37 -46.33 -4.32
N ILE H 36 -3.77 -47.34 -5.09
CA ILE H 36 -2.83 -48.30 -5.63
C ILE H 36 -2.35 -47.83 -7.01
N THR H 37 -1.19 -47.19 -7.05
CA THR H 37 -0.69 -46.55 -8.26
C THR H 37 -0.32 -47.56 -9.35
N ASP H 38 0.44 -48.60 -8.96
CA ASP H 38 0.60 -49.81 -9.77
C ASP H 38 0.74 -51.05 -8.86
N ASP H 39 1.17 -52.17 -9.43
CA ASP H 39 1.23 -53.41 -8.68
C ASP H 39 2.07 -53.40 -7.42
N TYR H 40 3.09 -52.53 -7.38
CA TYR H 40 3.96 -52.45 -6.20
C TYR H 40 4.08 -51.03 -5.61
N THR H 41 3.21 -50.13 -6.05
CA THR H 41 3.19 -48.77 -5.52
C THR H 41 1.83 -48.34 -5.01
N ALA H 42 1.83 -47.86 -3.78
CA ALA H 42 0.70 -47.16 -3.23
C ALA H 42 1.10 -45.71 -3.05
N THR H 43 0.20 -44.81 -3.38
CA THR H 43 0.45 -43.41 -3.15
C THR H 43 -0.71 -42.72 -2.40
N GLY H 44 -0.37 -42.05 -1.30
CA GLY H 44 -1.32 -41.27 -0.50
C GLY H 44 -1.06 -39.80 -0.72
N ILE H 45 -2.08 -38.97 -0.53
CA ILE H 45 -2.03 -37.56 -0.99
C ILE H 45 -2.77 -36.64 -0.03
N ALA H 46 -2.13 -35.56 0.37
CA ALA H 46 -2.70 -34.68 1.37
C ALA H 46 -2.85 -33.26 0.86
N GLY H 47 -3.77 -32.50 1.45
CA GLY H 47 -4.05 -31.12 1.04
C GLY H 47 -5.29 -30.86 0.19
N THR H 48 -5.09 -30.20 -0.93
CA THR H 48 -6.20 -29.78 -1.75
C THR H 48 -6.75 -30.95 -2.55
N ALA H 49 -7.99 -31.31 -2.22
CA ALA H 49 -8.66 -32.48 -2.78
C ALA H 49 -8.62 -32.55 -4.29
N ALA H 50 -9.08 -31.50 -4.95
CA ALA H 50 -9.08 -31.49 -6.41
C ALA H 50 -7.71 -31.91 -6.99
N VAL H 51 -6.62 -31.45 -6.37
CA VAL H 51 -5.29 -31.75 -6.85
C VAL H 51 -4.87 -33.16 -6.48
N ALA H 52 -5.05 -33.51 -5.20
CA ALA H 52 -4.72 -34.87 -4.67
C ALA H 52 -5.30 -35.96 -5.54
N VAL H 53 -6.60 -35.88 -5.82
CA VAL H 53 -7.27 -36.85 -6.69
C VAL H 53 -6.60 -36.89 -8.06
N GLU H 54 -6.27 -35.73 -8.59
CA GLU H 54 -5.74 -35.65 -9.93
C GLU H 54 -4.28 -36.11 -9.99
N PHE H 55 -3.50 -35.81 -8.96
CA PHE H 55 -2.14 -36.36 -8.87
C PHE H 55 -2.19 -37.87 -9.01
N ALA H 56 -2.94 -38.50 -8.12
CA ALA H 56 -3.06 -39.95 -8.08
C ALA H 56 -3.47 -40.48 -9.44
N ARG H 57 -4.60 -39.99 -9.93
CA ARG H 57 -5.17 -40.44 -11.18
C ARG H 57 -4.14 -40.35 -12.31
N LEU H 58 -3.54 -39.17 -12.44
CA LEU H 58 -2.55 -38.89 -13.49
C LEU H 58 -1.27 -39.73 -13.38
N TYR H 59 -0.72 -39.81 -12.17
CA TYR H 59 0.51 -40.56 -11.89
C TYR H 59 0.39 -42.03 -12.31
N ALA H 60 -0.69 -42.68 -11.89
CA ALA H 60 -1.00 -44.05 -12.27
C ALA H 60 -0.92 -44.21 -13.78
N VAL H 61 -1.54 -43.28 -14.50
CA VAL H 61 -1.55 -43.35 -15.96
C VAL H 61 -0.14 -43.29 -16.49
N GLU H 62 0.66 -42.38 -15.93
CA GLU H 62 2.05 -42.20 -16.37
C GLU H 62 2.81 -43.51 -16.25
N LEU H 63 2.76 -44.12 -15.08
CA LEU H 63 3.48 -45.37 -14.82
C LEU H 63 3.08 -46.45 -15.81
N GLU H 64 1.79 -46.75 -15.87
CA GLU H 64 1.24 -47.73 -16.82
C GLU H 64 1.60 -47.40 -18.26
N HIS H 65 1.62 -46.11 -18.59
CA HIS H 65 1.97 -45.62 -19.92
C HIS H 65 3.41 -45.94 -20.29
N TYR H 66 4.35 -45.76 -19.35
CA TYR H 66 5.76 -46.12 -19.58
C TYR H 66 5.86 -47.59 -19.89
N GLU H 67 5.22 -48.38 -19.04
CA GLU H 67 5.22 -49.82 -19.13
C GLU H 67 4.74 -50.29 -20.50
N LYS H 68 3.55 -49.87 -20.88
CA LYS H 68 3.01 -50.26 -22.18
C LYS H 68 3.90 -49.84 -23.35
N LEU H 69 4.66 -48.77 -23.18
CA LEU H 69 5.48 -48.28 -24.28
C LEU H 69 6.83 -48.99 -24.37
N GLU H 70 7.55 -49.01 -23.25
CA GLU H 70 8.89 -49.56 -23.21
C GLU H 70 8.87 -51.06 -22.95
N GLY H 71 7.76 -51.58 -22.43
CA GLY H 71 7.60 -53.02 -22.19
C GLY H 71 8.00 -53.47 -20.80
N VAL H 72 8.50 -52.55 -19.98
CA VAL H 72 8.97 -52.86 -18.63
C VAL H 72 8.63 -51.70 -17.70
N PRO H 73 8.13 -51.99 -16.48
CA PRO H 73 7.92 -50.93 -15.49
C PRO H 73 9.17 -50.11 -15.18
N LEU H 74 8.97 -48.87 -14.71
CA LEU H 74 10.06 -47.99 -14.33
C LEU H 74 10.83 -48.59 -13.16
N THR H 75 12.11 -48.22 -13.02
CA THR H 75 12.84 -48.49 -11.78
C THR H 75 12.10 -47.79 -10.68
N PHE H 76 12.35 -48.21 -9.45
CA PHE H 76 11.73 -47.51 -8.33
C PHE H 76 12.23 -46.08 -8.33
N ALA H 77 13.53 -45.91 -8.60
CA ALA H 77 14.12 -44.60 -8.71
C ALA H 77 13.35 -43.79 -9.76
N GLY H 78 13.09 -44.40 -10.92
CA GLY H 78 12.29 -43.78 -11.99
C GLY H 78 10.94 -43.29 -11.48
N LYS H 79 10.19 -44.21 -10.85
CA LYS H 79 8.88 -43.88 -10.28
C LYS H 79 8.93 -42.69 -9.32
N ILE H 80 9.94 -42.66 -8.43
CA ILE H 80 10.09 -41.51 -7.52
C ILE H 80 10.29 -40.22 -8.32
N ASN H 81 11.22 -40.25 -9.27
CA ASN H 81 11.52 -39.05 -10.03
C ASN H 81 10.28 -38.46 -10.67
N ARG H 82 9.50 -39.31 -11.34
CA ARG H 82 8.30 -38.88 -12.02
C ARG H 82 7.32 -38.16 -11.08
N LEU H 83 6.98 -38.79 -9.96
CA LEU H 83 6.11 -38.14 -8.98
C LEU H 83 6.75 -36.83 -8.52
N ALA H 84 8.05 -36.81 -8.28
CA ALA H 84 8.72 -35.57 -7.88
C ALA H 84 8.51 -34.45 -8.90
N ILE H 85 8.69 -34.77 -10.18
CA ILE H 85 8.54 -33.79 -11.26
C ILE H 85 7.13 -33.21 -11.24
N MET H 86 6.13 -34.11 -11.22
CA MET H 86 4.73 -33.78 -11.07
C MET H 86 4.48 -32.78 -9.93
N VAL H 87 4.96 -33.08 -8.73
CA VAL H 87 4.82 -32.14 -7.62
C VAL H 87 5.43 -30.78 -7.92
N ARG H 88 6.59 -30.73 -8.56
CA ARG H 88 7.25 -29.44 -8.88
C ARG H 88 6.40 -28.70 -9.88
N GLY H 89 5.93 -29.44 -10.89
CA GLY H 89 5.01 -28.92 -11.87
C GLY H 89 3.76 -28.28 -11.28
N ASN H 90 3.60 -28.32 -9.97
CA ASN H 90 2.44 -27.71 -9.34
C ASN H 90 2.77 -26.56 -8.39
N LEU H 91 4.07 -26.22 -8.34
CA LEU H 91 4.57 -25.21 -7.40
C LEU H 91 3.83 -23.92 -7.57
N ALA H 92 3.63 -23.55 -8.84
CA ALA H 92 2.89 -22.34 -9.21
C ALA H 92 1.52 -22.36 -8.51
N ALA H 93 0.73 -23.39 -8.83
CA ALA H 93 -0.60 -23.55 -8.21
C ALA H 93 -0.53 -23.63 -6.70
N ALA H 94 0.41 -24.42 -6.17
CA ALA H 94 0.57 -24.54 -4.72
C ALA H 94 0.73 -23.19 -4.07
N MET H 95 1.50 -22.32 -4.74
CA MET H 95 1.76 -20.95 -4.28
C MET H 95 0.48 -20.19 -4.04
N GLN H 96 -0.50 -20.40 -4.90
CA GLN H 96 -1.77 -19.70 -4.83
C GLN H 96 -2.79 -20.28 -3.86
N GLY H 97 -2.73 -21.58 -3.63
CA GLY H 97 -3.66 -22.22 -2.71
C GLY H 97 -3.75 -23.70 -2.98
N LEU H 98 -3.65 -24.05 -4.25
CA LEU H 98 -3.80 -25.41 -4.72
C LEU H 98 -2.61 -26.30 -4.35
N LEU H 99 -2.33 -26.36 -3.05
CA LEU H 99 -1.24 -27.17 -2.52
C LEU H 99 -1.65 -28.64 -2.32
N ALA H 100 -0.79 -29.57 -2.72
CA ALA H 100 -1.02 -31.00 -2.47
C ALA H 100 0.28 -31.82 -2.35
N LEU H 101 0.47 -32.45 -1.18
CA LEU H 101 1.70 -33.19 -0.89
C LEU H 101 1.49 -34.69 -0.85
N PRO H 102 2.16 -35.45 -1.73
CA PRO H 102 2.08 -36.93 -1.76
C PRO H 102 3.04 -37.67 -0.81
N LEU H 103 2.63 -38.88 -0.40
CA LEU H 103 3.51 -39.84 0.28
C LEU H 103 3.56 -41.09 -0.55
N LEU H 104 4.76 -41.55 -0.87
CA LEU H 104 4.93 -42.76 -1.67
C LEU H 104 5.31 -43.95 -0.81
N ALA H 105 4.64 -45.09 -1.03
CA ALA H 105 5.04 -46.37 -0.42
C ALA H 105 5.06 -47.45 -1.48
N GLY H 106 6.13 -48.22 -1.50
CA GLY H 106 6.28 -49.27 -2.51
C GLY H 106 7.17 -50.43 -2.10
N TYR H 107 7.12 -51.51 -2.88
CA TYR H 107 7.99 -52.65 -2.69
C TYR H 107 8.84 -52.79 -3.93
N ASP H 108 10.15 -52.62 -3.74
CA ASP H 108 11.11 -52.72 -4.84
C ASP H 108 11.48 -54.16 -5.08
N ILE H 109 10.86 -54.75 -6.11
CA ILE H 109 11.09 -56.14 -6.48
C ILE H 109 12.54 -56.42 -6.92
N HIS H 110 13.38 -55.39 -6.86
CA HIS H 110 14.77 -55.52 -7.27
C HIS H 110 15.76 -55.24 -6.14
N ALA H 111 15.26 -54.98 -4.94
CA ALA H 111 16.12 -54.75 -3.77
C ALA H 111 16.97 -55.98 -3.48
N SER H 112 18.21 -55.76 -3.02
CA SER H 112 19.12 -56.86 -2.69
C SER H 112 18.46 -57.79 -1.71
N ASP H 113 18.16 -57.28 -0.53
CA ASP H 113 17.48 -58.05 0.51
C ASP H 113 15.96 -57.85 0.40
N PRO H 114 15.24 -58.90 -0.07
CA PRO H 114 13.78 -58.88 -0.27
C PRO H 114 12.97 -58.73 1.03
N GLN H 115 13.67 -58.58 2.15
CA GLN H 115 13.05 -58.29 3.43
C GLN H 115 13.20 -56.81 3.79
N SER H 116 13.88 -56.06 2.92
CA SER H 116 14.05 -54.61 3.03
C SER H 116 13.63 -53.93 1.74
N ALA H 117 12.81 -54.61 0.96
CA ALA H 117 12.33 -54.08 -0.31
C ALA H 117 11.22 -53.06 -0.13
N GLY H 118 10.74 -52.91 1.11
CA GLY H 118 9.74 -51.91 1.44
C GLY H 118 10.35 -50.53 1.40
N ARG H 119 9.66 -49.60 0.72
CA ARG H 119 10.13 -48.20 0.61
C ARG H 119 9.09 -47.19 1.00
N ILE H 120 9.53 -46.16 1.71
CA ILE H 120 8.71 -44.99 2.00
C ILE H 120 9.43 -43.72 1.56
N VAL H 121 8.88 -43.05 0.55
CA VAL H 121 9.44 -41.78 0.03
C VAL H 121 8.54 -40.62 0.33
N SER H 122 9.01 -39.66 1.13
CA SER H 122 8.21 -38.46 1.39
C SER H 122 8.57 -37.33 0.40
N PHE H 123 7.62 -36.45 0.16
CA PHE H 123 7.83 -35.41 -0.86
C PHE H 123 7.68 -33.99 -0.37
N ASP H 124 8.31 -33.13 -1.13
CA ASP H 124 8.55 -31.74 -0.80
C ASP H 124 7.73 -30.89 -1.75
N ALA H 125 7.10 -29.85 -1.24
CA ALA H 125 6.30 -28.93 -2.08
C ALA H 125 7.03 -28.46 -3.37
N ALA H 126 8.36 -28.44 -3.32
CA ALA H 126 9.19 -27.99 -4.44
C ALA H 126 9.68 -29.12 -5.34
N GLY H 127 9.27 -30.36 -5.04
CA GLY H 127 9.64 -31.51 -5.84
C GLY H 127 10.81 -32.30 -5.27
N GLY H 128 11.21 -31.95 -4.05
CA GLY H 128 12.25 -32.67 -3.35
C GLY H 128 11.69 -33.96 -2.78
N TRP H 129 12.58 -34.91 -2.48
CA TRP H 129 12.16 -36.21 -1.94
C TRP H 129 13.26 -36.87 -1.11
N ASN H 130 12.87 -37.51 0.00
CA ASN H 130 13.79 -38.25 0.83
C ASN H 130 13.24 -39.62 1.07
N ILE H 131 14.01 -40.64 0.66
CA ILE H 131 13.72 -42.04 0.99
C ILE H 131 13.91 -42.22 2.49
N GLU H 132 12.82 -42.54 3.20
CA GLU H 132 12.76 -42.33 4.65
C GLU H 132 13.72 -43.14 5.50
N GLU H 133 13.88 -44.42 5.16
CA GLU H 133 14.67 -45.35 5.96
C GLU H 133 14.68 -45.03 7.46
N GLU H 134 13.52 -45.19 8.08
CA GLU H 134 13.39 -45.06 9.50
C GLU H 134 12.11 -45.75 9.85
N GLY H 135 11.49 -46.34 8.83
CA GLY H 135 10.38 -47.26 9.04
C GLY H 135 9.00 -46.66 9.00
N TYR H 136 8.89 -45.40 9.43
CA TYR H 136 7.61 -44.71 9.42
C TYR H 136 7.70 -43.30 8.91
N GLN H 137 6.58 -42.83 8.36
CA GLN H 137 6.42 -41.45 7.85
C GLN H 137 4.93 -41.07 7.78
N ALA H 138 4.63 -39.78 7.88
CA ALA H 138 3.27 -39.28 7.70
C ALA H 138 3.21 -37.95 6.92
N VAL H 139 2.06 -37.64 6.34
CA VAL H 139 1.81 -36.33 5.72
C VAL H 139 0.42 -35.91 6.08
N GLY H 140 0.23 -34.62 6.31
CA GLY H 140 -1.10 -34.07 6.53
C GLY H 140 -1.19 -33.27 7.81
N SER H 141 -2.36 -32.65 8.01
CA SER H 141 -2.60 -31.78 9.16
C SER H 141 -2.31 -32.43 10.49
N GLY H 142 -2.36 -33.77 10.55
CA GLY H 142 -2.12 -34.50 11.79
C GLY H 142 -0.87 -35.36 11.78
N SER H 143 -0.09 -35.28 10.69
CA SER H 143 1.10 -36.12 10.50
C SER H 143 2.09 -36.01 11.65
N LEU H 144 2.15 -34.84 12.25
CA LEU H 144 2.99 -34.55 13.40
C LEU H 144 2.61 -35.39 14.62
N PHE H 145 1.31 -35.54 14.88
CA PHE H 145 0.81 -36.39 15.96
C PHE H 145 1.04 -37.87 15.67
N ALA H 146 0.73 -38.28 14.44
CA ALA H 146 0.91 -39.67 14.05
C ALA H 146 2.37 -40.06 14.22
N LYS H 147 3.27 -39.39 13.50
CA LYS H 147 4.72 -39.63 13.60
C LYS H 147 5.21 -39.85 15.02
N SER H 148 4.75 -38.99 15.93
CA SER H 148 5.18 -39.01 17.32
C SER H 148 4.66 -40.24 18.08
N SER H 149 3.40 -40.61 17.83
CA SER H 149 2.81 -41.80 18.44
C SER H 149 3.45 -43.04 17.84
N MET H 150 3.51 -43.04 16.53
CA MET H 150 4.12 -44.08 15.76
C MET H 150 5.61 -44.26 16.11
N LYS H 151 6.21 -43.26 16.75
CA LYS H 151 7.60 -43.35 17.23
C LYS H 151 7.69 -44.39 18.33
N LYS H 152 6.81 -44.24 19.32
CA LYS H 152 6.73 -45.12 20.46
C LYS H 152 6.27 -46.53 20.04
N LEU H 153 5.20 -46.62 19.27
CA LEU H 153 4.61 -47.92 18.95
C LEU H 153 5.35 -48.71 17.86
N TYR H 154 6.56 -48.27 17.47
CA TYR H 154 7.21 -48.92 16.32
C TYR H 154 7.80 -50.28 16.62
N SER H 155 8.38 -50.40 17.81
CA SER H 155 8.96 -51.67 18.27
C SER H 155 7.98 -52.80 18.02
N GLN H 156 6.70 -52.58 18.34
CA GLN H 156 5.65 -53.57 18.15
C GLN H 156 5.49 -54.13 16.73
N VAL H 157 6.19 -53.57 15.75
CA VAL H 157 6.00 -54.02 14.36
C VAL H 157 6.79 -55.28 14.07
N THR H 158 6.09 -56.37 13.79
CA THR H 158 6.72 -57.67 13.60
C THR H 158 6.39 -58.25 12.23
N ASP H 159 5.18 -57.98 11.74
CA ASP H 159 4.72 -58.50 10.47
C ASP H 159 3.60 -57.61 9.92
N GLY H 160 3.09 -57.97 8.74
CA GLY H 160 1.99 -57.26 8.12
C GLY H 160 0.91 -56.85 9.11
N ASP H 161 0.10 -57.82 9.50
CA ASP H 161 -0.90 -57.69 10.55
C ASP H 161 -0.45 -56.78 11.68
N SER H 162 0.78 -57.03 12.12
CA SER H 162 1.36 -56.31 13.25
C SER H 162 1.50 -54.81 12.96
N GLY H 163 2.17 -54.48 11.85
CA GLY H 163 2.34 -53.10 11.40
C GLY H 163 1.01 -52.38 11.19
N LEU H 164 0.11 -53.04 10.46
CA LEU H 164 -1.21 -52.49 10.19
C LEU H 164 -1.92 -51.96 11.43
N ARG H 165 -1.76 -52.63 12.57
CA ARG H 165 -2.38 -52.17 13.81
C ARG H 165 -1.80 -50.83 14.26
N VAL H 166 -0.48 -50.69 14.16
CA VAL H 166 0.22 -49.48 14.58
C VAL H 166 -0.23 -48.33 13.69
N ALA H 167 -0.26 -48.60 12.38
CA ALA H 167 -0.82 -47.69 11.39
C ALA H 167 -2.16 -47.14 11.88
N VAL H 168 -3.14 -48.04 12.01
CA VAL H 168 -4.48 -47.62 12.43
C VAL H 168 -4.45 -46.86 13.75
N GLU H 169 -3.53 -47.24 14.63
CA GLU H 169 -3.45 -46.59 15.93
C GLU H 169 -2.90 -45.17 15.84
N ALA H 170 -1.90 -44.96 14.99
CA ALA H 170 -1.37 -43.62 14.73
C ALA H 170 -2.48 -42.72 14.18
N LEU H 171 -3.17 -43.18 13.14
CA LEU H 171 -4.35 -42.49 12.61
C LEU H 171 -5.37 -42.19 13.69
N TYR H 172 -5.59 -43.14 14.61
CA TYR H 172 -6.47 -42.89 15.76
C TYR H 172 -5.92 -41.73 16.62
N ASP H 173 -4.61 -41.78 16.90
CA ASP H 173 -3.93 -40.74 17.67
C ASP H 173 -3.91 -39.36 17.01
N ALA H 174 -3.86 -39.34 15.68
CA ALA H 174 -3.85 -38.08 14.93
C ALA H 174 -5.22 -37.44 15.08
N ALA H 175 -6.26 -38.22 14.80
CA ALA H 175 -7.63 -37.76 14.90
C ALA H 175 -7.92 -37.25 16.31
N ASP H 176 -7.11 -37.67 17.25
CA ASP H 176 -7.35 -37.35 18.63
C ASP H 176 -6.91 -35.96 18.94
N ASP H 177 -6.09 -35.42 18.05
CA ASP H 177 -5.49 -34.13 18.28
C ASP H 177 -5.69 -33.16 17.13
N ASP H 178 -5.71 -33.70 15.91
CA ASP H 178 -5.96 -32.91 14.70
C ASP H 178 -7.44 -33.01 14.32
N SER H 179 -8.16 -31.93 14.60
CA SER H 179 -9.58 -31.77 14.30
C SER H 179 -9.91 -31.98 12.82
N ALA H 180 -8.89 -31.95 11.98
CA ALA H 180 -9.12 -32.05 10.56
C ALA H 180 -8.78 -33.43 10.03
N THR H 181 -8.49 -34.37 10.94
CA THR H 181 -8.12 -35.75 10.57
C THR H 181 -9.26 -36.75 10.58
N GLY H 182 -10.05 -36.80 11.65
CA GLY H 182 -11.22 -37.70 11.67
C GLY H 182 -10.94 -39.18 11.94
N GLY H 183 -11.37 -39.63 13.11
CA GLY H 183 -11.17 -41.00 13.54
C GLY H 183 -12.24 -41.92 12.98
N PRO H 184 -12.35 -43.12 13.57
CA PRO H 184 -13.28 -44.13 13.06
C PRO H 184 -14.72 -43.82 13.46
N ASP H 185 -15.64 -43.87 12.50
CA ASP H 185 -17.03 -43.57 12.77
C ASP H 185 -17.79 -44.85 12.98
N LEU H 186 -18.01 -45.20 14.25
CA LEU H 186 -18.75 -46.42 14.56
C LEU H 186 -20.22 -46.21 14.22
N VAL H 187 -20.77 -45.07 14.65
CA VAL H 187 -22.19 -44.78 14.42
C VAL H 187 -22.58 -44.86 12.93
N ARG H 188 -21.60 -44.67 12.04
CA ARG H 188 -21.85 -44.66 10.60
C ARG H 188 -21.13 -45.81 9.90
N GLY H 189 -20.22 -46.47 10.61
CA GLY H 189 -19.45 -47.59 10.08
C GLY H 189 -18.48 -47.21 8.98
N ILE H 190 -17.74 -46.12 9.21
CA ILE H 190 -16.69 -45.62 8.29
C ILE H 190 -15.34 -45.69 8.98
N PHE H 191 -14.37 -46.28 8.28
CA PHE H 191 -13.04 -46.59 8.86
C PHE H 191 -11.92 -46.18 7.88
N PRO H 192 -10.72 -45.82 8.42
CA PRO H 192 -9.56 -45.47 7.56
C PRO H 192 -9.34 -46.55 6.52
N THR H 193 -8.92 -46.17 5.31
CA THR H 193 -8.60 -47.21 4.33
C THR H 193 -7.11 -47.49 4.38
N ALA H 194 -6.70 -48.65 3.85
CA ALA H 194 -5.29 -49.06 3.86
C ALA H 194 -4.88 -49.95 2.68
N VAL H 195 -3.57 -49.97 2.42
CA VAL H 195 -2.96 -50.80 1.39
C VAL H 195 -1.71 -51.48 1.93
N ILE H 196 -1.51 -52.75 1.57
CA ILE H 196 -0.31 -53.50 1.95
C ILE H 196 0.45 -53.95 0.70
N ILE H 197 1.78 -53.84 0.75
CA ILE H 197 2.61 -54.28 -0.34
C ILE H 197 3.74 -55.18 0.16
N ASP H 198 3.85 -56.38 -0.42
CA ASP H 198 4.95 -57.31 -0.20
C ASP H 198 5.31 -57.91 -1.55
N ALA H 199 6.18 -58.92 -1.56
CA ALA H 199 6.66 -59.52 -2.81
C ALA H 199 5.53 -59.93 -3.77
N ASP H 200 4.34 -60.16 -3.23
CA ASP H 200 3.19 -60.61 -4.03
C ASP H 200 2.44 -59.51 -4.74
N GLY H 201 2.59 -58.28 -4.24
CA GLY H 201 1.95 -57.12 -4.86
C GLY H 201 1.31 -56.20 -3.85
N ALA H 202 0.47 -55.28 -4.35
CA ALA H 202 -0.24 -54.38 -3.47
C ALA H 202 -1.71 -54.76 -3.44
N VAL H 203 -2.28 -54.79 -2.25
CA VAL H 203 -3.66 -55.19 -2.09
C VAL H 203 -4.36 -54.30 -1.06
N ASP H 204 -5.64 -54.02 -1.32
CA ASP H 204 -6.49 -53.27 -0.40
C ASP H 204 -6.82 -54.10 0.83
N VAL H 205 -6.48 -53.55 1.99
CA VAL H 205 -6.81 -54.18 3.26
C VAL H 205 -8.33 -54.08 3.46
N PRO H 206 -9.01 -55.22 3.67
CA PRO H 206 -10.47 -55.22 3.86
C PRO H 206 -10.84 -54.44 5.10
N GLU H 207 -11.94 -53.69 5.05
CA GLU H 207 -12.30 -52.83 6.17
C GLU H 207 -12.60 -53.62 7.44
N SER H 208 -13.01 -54.88 7.25
CA SER H 208 -13.25 -55.83 8.35
C SER H 208 -12.08 -55.83 9.32
N ARG H 209 -10.88 -56.13 8.82
CA ARG H 209 -9.71 -56.23 9.68
C ARG H 209 -9.38 -54.87 10.30
N ILE H 210 -9.68 -53.80 9.57
CA ILE H 210 -9.46 -52.44 10.07
C ILE H 210 -10.49 -52.10 11.15
N ALA H 211 -11.76 -52.29 10.82
CA ALA H 211 -12.87 -52.04 11.75
C ALA H 211 -12.64 -52.75 13.07
N GLU H 212 -12.25 -54.02 12.96
CA GLU H 212 -11.93 -54.84 14.12
C GLU H 212 -10.79 -54.17 14.88
N LEU H 213 -9.65 -54.01 14.21
CA LEU H 213 -8.47 -53.33 14.76
C LEU H 213 -8.77 -52.01 15.45
N ALA H 214 -9.68 -51.23 14.85
CA ALA H 214 -10.13 -49.95 15.40
C ALA H 214 -10.79 -50.11 16.75
N ARG H 215 -11.79 -51.00 16.83
CA ARG H 215 -12.56 -51.24 18.06
C ARG H 215 -11.67 -51.72 19.17
N ALA H 216 -10.66 -52.52 18.81
CA ALA H 216 -9.63 -52.94 19.72
C ALA H 216 -8.97 -51.74 20.40
N ILE H 217 -8.48 -50.81 19.59
CA ILE H 217 -7.86 -49.56 20.06
C ILE H 217 -8.82 -48.75 20.92
N ILE H 218 -10.06 -48.62 20.45
CA ILE H 218 -11.10 -47.85 21.15
C ILE H 218 -11.38 -48.45 22.53
N GLU H 219 -11.54 -49.77 22.60
CA GLU H 219 -11.80 -50.45 23.86
C GLU H 219 -10.61 -50.32 24.82
N SER H 220 -9.41 -50.61 24.33
CA SER H 220 -8.20 -50.58 25.17
C SER H 220 -7.95 -49.19 25.74
N ARG H 221 -8.14 -48.17 24.92
CA ARG H 221 -7.98 -46.80 25.39
C ARG H 221 -9.18 -46.36 26.23
N SER H 222 -10.33 -46.97 25.97
CA SER H 222 -11.57 -46.69 26.70
C SER H 222 -11.49 -47.17 28.16
N SER I 11 -7.05 42.40 60.53
CA SER I 11 -6.80 43.85 60.32
C SER I 11 -5.98 44.09 59.04
N PRO I 12 -6.59 43.83 57.87
CA PRO I 12 -5.97 44.00 56.53
C PRO I 12 -4.98 45.18 56.43
N GLU I 13 -5.39 46.35 56.92
CA GLU I 13 -4.58 47.57 56.91
C GLU I 13 -3.36 47.47 57.83
N GLN I 14 -3.61 47.08 59.07
CA GLN I 14 -2.57 46.88 60.08
C GLN I 14 -1.65 45.73 59.71
N ALA I 15 -2.21 44.71 59.04
CA ALA I 15 -1.44 43.57 58.55
C ALA I 15 -0.35 44.02 57.60
N MET I 16 -0.71 44.87 56.64
CA MET I 16 0.23 45.42 55.66
C MET I 16 1.38 46.21 56.30
N ARG I 17 1.10 46.81 57.45
CA ARG I 17 2.10 47.62 58.13
C ARG I 17 3.15 46.76 58.83
N GLU I 18 2.74 45.59 59.33
CA GLU I 18 3.66 44.62 59.93
C GLU I 18 4.60 44.03 58.87
N ARG I 19 4.05 43.74 57.69
CA ARG I 19 4.82 43.22 56.57
C ARG I 19 5.92 44.21 56.21
N SER I 20 5.51 45.47 55.99
CA SER I 20 6.40 46.59 55.70
C SER I 20 7.51 46.66 56.72
N GLU I 21 7.11 46.68 57.99
CA GLU I 21 8.06 46.76 59.10
C GLU I 21 9.11 45.65 59.05
N LEU I 22 8.64 44.40 59.04
CA LEU I 22 9.50 43.20 59.00
C LEU I 22 10.57 43.33 57.91
N ALA I 23 10.11 43.62 56.69
CA ALA I 23 10.99 43.77 55.54
C ALA I 23 11.97 44.93 55.75
N ARG I 24 11.46 46.10 56.11
CA ARG I 24 12.26 47.32 56.25
C ARG I 24 13.41 47.17 57.27
N LYS I 25 13.14 46.43 58.35
CA LYS I 25 14.15 46.11 59.36
C LYS I 25 15.26 45.25 58.77
N GLY I 26 14.87 44.16 58.10
CA GLY I 26 15.81 43.27 57.43
C GLY I 26 16.74 44.00 56.50
N ILE I 27 16.20 44.96 55.74
CA ILE I 27 17.01 45.77 54.83
C ILE I 27 18.05 46.59 55.62
N ALA I 28 17.61 47.15 56.74
CA ALA I 28 18.48 47.95 57.59
C ALA I 28 19.69 47.14 58.14
N ARG I 29 19.43 45.97 58.74
CA ARG I 29 20.52 45.14 59.31
C ARG I 29 21.46 44.56 58.24
N ALA I 30 21.06 44.64 56.98
CA ALA I 30 21.88 44.18 55.87
C ALA I 30 22.94 45.22 55.54
N LYS I 31 23.97 44.79 54.80
CA LYS I 31 25.07 45.65 54.36
C LYS I 31 24.62 46.72 53.34
N SER I 32 25.53 47.60 52.92
CA SER I 32 25.17 48.70 52.02
C SER I 32 25.69 48.54 50.59
N VAL I 33 24.87 49.00 49.65
CA VAL I 33 25.16 48.95 48.20
C VAL I 33 24.85 50.30 47.55
N VAL I 34 25.72 50.73 46.65
CA VAL I 34 25.55 52.01 45.96
C VAL I 34 25.83 51.88 44.46
N ALA I 35 25.00 52.54 43.67
CA ALA I 35 25.22 52.67 42.23
C ALA I 35 25.13 54.13 41.86
N LEU I 36 25.94 54.55 40.88
CA LEU I 36 25.92 55.93 40.41
C LEU I 36 26.37 56.09 38.97
N ALA I 37 25.90 57.18 38.34
CA ALA I 37 26.24 57.52 36.96
C ALA I 37 27.54 58.29 36.88
N TYR I 38 28.41 57.88 35.95
CA TYR I 38 29.70 58.54 35.72
C TYR I 38 29.99 58.56 34.23
N ALA I 39 31.04 59.29 33.84
CA ALA I 39 31.43 59.42 32.42
C ALA I 39 31.35 58.15 31.59
N GLY I 40 31.96 57.06 32.08
CA GLY I 40 32.02 55.81 31.33
C GLY I 40 30.76 54.96 31.30
N GLY I 41 29.79 55.29 32.16
CA GLY I 41 28.51 54.57 32.21
C GLY I 41 27.87 54.54 33.58
N VAL I 42 27.91 53.37 34.22
CA VAL I 42 27.39 53.19 35.58
C VAL I 42 28.36 52.40 36.47
N LEU I 43 28.53 52.86 37.71
CA LEU I 43 29.43 52.21 38.66
C LEU I 43 28.66 51.49 39.77
N PHE I 44 29.03 50.23 40.00
CA PHE I 44 28.47 49.42 41.08
C PHE I 44 29.49 49.14 42.18
N VAL I 45 29.17 49.59 43.39
CA VAL I 45 30.05 49.45 44.54
C VAL I 45 29.21 49.01 45.74
N ALA I 46 29.62 47.90 46.35
CA ALA I 46 28.94 47.38 47.54
C ALA I 46 29.93 46.71 48.46
N GLU I 47 29.78 46.89 49.76
CA GLU I 47 30.63 46.20 50.70
C GLU I 47 30.20 44.75 50.83
N ASN I 48 31.15 43.86 50.56
CA ASN I 48 30.90 42.43 50.56
C ASN I 48 32.19 41.71 50.96
N PRO I 49 32.24 41.19 52.20
CA PRO I 49 33.43 40.44 52.65
C PRO I 49 33.60 39.10 51.89
N SER I 50 32.48 38.46 51.52
CA SER I 50 32.49 37.19 50.78
C SER I 50 33.24 37.27 49.45
N ARG I 51 33.91 36.17 49.09
CA ARG I 51 34.62 36.11 47.81
C ARG I 51 33.70 35.65 46.65
N SER I 52 32.65 34.90 46.97
CA SER I 52 31.82 34.28 45.94
C SER I 52 30.36 34.75 45.95
N LEU I 53 29.80 34.99 47.14
CA LEU I 53 28.41 35.45 47.23
C LEU I 53 28.28 36.93 46.86
N GLN I 54 28.02 37.16 45.58
CA GLN I 54 28.03 38.49 44.99
C GLN I 54 26.68 39.18 45.03
N LYS I 55 26.71 40.50 45.19
CA LYS I 55 25.53 41.34 45.31
C LYS I 55 25.23 42.08 44.01
N ILE I 56 26.18 42.03 43.08
CA ILE I 56 26.10 42.76 41.81
C ILE I 56 26.34 41.80 40.66
N SER I 57 25.49 41.87 39.64
CA SER I 57 25.54 40.93 38.53
C SER I 57 25.10 41.53 37.18
N GLU I 58 25.49 40.87 36.10
CA GLU I 58 25.04 41.21 34.77
C GLU I 58 23.63 40.67 34.59
N LEU I 59 22.82 41.34 33.78
CA LEU I 59 21.53 40.79 33.36
C LEU I 59 21.53 40.55 31.86
N TYR I 60 21.62 41.63 31.07
CA TYR I 60 21.67 41.53 29.63
C TYR I 60 22.74 42.48 29.11
N ASP I 61 22.98 42.42 27.81
CA ASP I 61 23.95 43.28 27.12
C ASP I 61 24.34 44.55 27.85
N ARG I 62 23.40 45.47 28.00
CA ARG I 62 23.72 46.79 28.54
C ARG I 62 23.00 47.10 29.84
N VAL I 63 22.44 46.07 30.47
CA VAL I 63 21.66 46.27 31.67
C VAL I 63 22.26 45.45 32.82
N GLY I 64 22.22 46.01 34.02
CA GLY I 64 22.89 45.42 35.18
C GLY I 64 22.08 45.41 36.46
N PHE I 65 22.45 44.47 37.33
CA PHE I 65 21.70 44.18 38.56
C PHE I 65 22.56 44.38 39.80
N ALA I 66 21.95 44.96 40.83
CA ALA I 66 22.60 45.12 42.14
C ALA I 66 21.52 45.18 43.20
N ALA I 67 21.74 44.50 44.32
CA ALA I 67 20.73 44.42 45.38
C ALA I 67 21.32 44.28 46.77
N ALA I 68 20.63 44.81 47.78
CA ALA I 68 20.99 44.60 49.17
C ALA I 68 19.90 43.84 49.91
N GLY I 69 20.27 43.04 50.91
CA GLY I 69 19.31 42.30 51.71
C GLY I 69 19.65 40.83 51.87
N LYS I 70 18.62 40.01 52.12
CA LYS I 70 18.78 38.58 52.33
C LYS I 70 19.19 37.91 51.01
N PHE I 71 20.42 37.42 50.95
CA PHE I 71 21.03 36.91 49.73
C PHE I 71 20.12 35.94 48.94
N ASN I 72 19.79 34.80 49.55
CA ASN I 72 19.02 33.75 48.88
C ASN I 72 17.81 34.30 48.18
N GLU I 73 17.28 35.40 48.71
CA GLU I 73 16.11 36.03 48.16
C GLU I 73 16.44 36.86 46.93
N PHE I 74 17.41 37.78 47.03
CA PHE I 74 17.72 38.56 45.83
C PHE I 74 18.45 37.79 44.71
N ASP I 75 19.23 36.78 45.10
CA ASP I 75 19.91 35.89 44.15
C ASP I 75 18.87 35.20 43.30
N ASN I 76 17.75 34.89 43.93
CA ASN I 76 16.60 34.29 43.26
C ASN I 76 16.07 35.24 42.20
N LEU I 77 15.69 36.44 42.62
CA LEU I 77 15.23 37.47 41.71
C LEU I 77 16.24 37.73 40.59
N ARG I 78 17.53 37.78 40.94
CA ARG I 78 18.61 37.95 39.97
C ARG I 78 18.47 36.90 38.85
N ARG I 79 18.36 35.65 39.25
CA ARG I 79 18.23 34.55 38.31
C ARG I 79 17.01 34.73 37.43
N GLY I 80 15.89 35.07 38.06
CA GLY I 80 14.65 35.34 37.36
C GLY I 80 14.83 36.39 36.27
N GLY I 81 15.51 37.48 36.62
CA GLY I 81 15.83 38.56 35.68
C GLY I 81 16.61 38.05 34.47
N ILE I 82 17.71 37.36 34.75
CA ILE I 82 18.52 36.75 33.70
C ILE I 82 17.68 35.85 32.83
N GLN I 83 16.79 35.07 33.47
CA GLN I 83 15.83 34.21 32.78
C GLN I 83 14.92 34.98 31.84
N PHE I 84 14.28 36.01 32.36
CA PHE I 84 13.37 36.88 31.61
C PHE I 84 14.08 37.52 30.44
N ALA I 85 15.19 38.18 30.72
CA ALA I 85 15.94 38.91 29.71
C ALA I 85 16.36 38.01 28.55
N ASP I 86 17.04 36.92 28.84
CA ASP I 86 17.48 36.00 27.81
C ASP I 86 16.34 35.51 26.92
N THR I 87 15.17 35.21 27.50
CA THR I 87 14.04 34.69 26.71
C THR I 87 13.51 35.78 25.84
N ARG I 88 13.26 36.93 26.45
CA ARG I 88 12.77 38.12 25.78
C ARG I 88 13.60 38.43 24.55
N GLY I 89 14.91 38.49 24.76
CA GLY I 89 15.89 38.71 23.71
C GLY I 89 15.78 37.71 22.59
N TYR I 90 15.61 36.45 22.94
CA TYR I 90 15.48 35.39 21.94
C TYR I 90 14.15 35.46 21.20
N ALA I 91 13.10 35.85 21.90
CA ALA I 91 11.76 35.92 21.32
C ALA I 91 11.71 37.03 20.28
N TYR I 92 12.40 38.12 20.59
CA TYR I 92 12.37 39.31 19.73
C TYR I 92 13.72 39.62 19.12
N ASP I 93 14.41 40.61 19.68
CA ASP I 93 15.83 40.78 19.43
C ASP I 93 16.51 41.27 20.68
N ARG I 94 17.82 41.03 20.75
CA ARG I 94 18.66 41.49 21.83
C ARG I 94 18.38 42.93 22.17
N ARG I 95 18.24 43.75 21.12
CA ARG I 95 18.08 45.19 21.27
C ARG I 95 16.74 45.63 21.90
N ASP I 96 15.84 44.67 22.11
CA ASP I 96 14.51 44.96 22.62
C ASP I 96 14.36 44.76 24.14
N VAL I 97 15.47 44.45 24.81
CA VAL I 97 15.49 44.31 26.28
C VAL I 97 15.89 45.66 26.84
N THR I 98 15.23 46.14 27.89
CA THR I 98 15.45 47.52 28.28
C THR I 98 15.88 47.76 29.74
N GLY I 99 15.65 46.81 30.62
CA GLY I 99 15.99 47.08 32.02
C GLY I 99 15.01 48.05 32.67
N ARG I 100 14.40 48.90 31.86
CA ARG I 100 13.15 49.51 32.27
C ARG I 100 12.13 48.40 32.36
N GLN I 101 12.17 47.49 31.39
CA GLN I 101 11.37 46.27 31.39
C GLN I 101 11.63 45.47 32.65
N LEU I 102 12.91 45.21 32.92
CA LEU I 102 13.26 44.38 34.07
C LEU I 102 12.82 45.02 35.38
N ALA I 103 12.91 46.34 35.46
CA ALA I 103 12.42 47.07 36.62
C ALA I 103 10.93 46.80 36.84
N ASN I 104 10.14 46.82 35.77
CA ASN I 104 8.73 46.50 35.90
C ASN I 104 8.51 45.10 36.40
N VAL I 105 9.13 44.12 35.73
CA VAL I 105 9.04 42.72 36.12
C VAL I 105 9.36 42.54 37.58
N TYR I 106 10.44 43.18 38.04
CA TYR I 106 10.81 43.11 39.44
C TYR I 106 9.78 43.73 40.35
N ALA I 107 9.26 44.89 39.95
CA ALA I 107 8.23 45.58 40.72
C ALA I 107 7.00 44.70 40.78
N GLN I 108 6.71 44.02 39.68
CA GLN I 108 5.58 43.12 39.60
C GLN I 108 5.75 41.94 40.55
N THR I 109 6.90 41.28 40.46
CA THR I 109 7.20 40.11 41.27
C THR I 109 7.19 40.45 42.76
N LEU I 110 8.00 41.42 43.16
CA LEU I 110 8.07 41.88 44.54
C LEU I 110 6.70 42.33 45.04
N GLY I 111 5.93 42.95 44.16
CA GLY I 111 4.56 43.34 44.46
C GLY I 111 3.69 42.16 44.86
N THR I 112 3.65 41.14 44.02
CA THR I 112 2.93 39.90 44.32
C THR I 112 3.43 39.28 45.63
N ILE I 113 4.75 39.14 45.75
CA ILE I 113 5.38 38.55 46.94
C ILE I 113 4.90 39.22 48.24
N PHE I 114 4.93 40.55 48.25
CA PHE I 114 4.52 41.35 49.41
C PHE I 114 3.07 41.10 49.83
N THR I 115 2.30 40.45 48.96
CA THR I 115 0.89 40.16 49.20
C THR I 115 0.67 38.66 49.36
N GLU I 116 1.11 37.90 48.37
CA GLU I 116 0.84 36.46 48.33
C GLU I 116 1.69 35.61 49.27
N GLN I 117 3.02 35.82 49.24
CA GLN I 117 3.96 35.09 50.09
C GLN I 117 3.67 35.31 51.55
N ALA I 118 3.87 34.29 52.38
CA ALA I 118 3.70 34.43 53.81
C ALA I 118 4.55 35.57 54.35
N LYS I 119 5.87 35.50 54.15
CA LYS I 119 6.80 36.53 54.57
C LYS I 119 7.35 37.27 53.36
N PRO I 120 7.36 38.61 53.39
CA PRO I 120 7.80 39.41 52.24
C PRO I 120 9.31 39.34 52.07
N TYR I 121 9.79 39.55 50.86
CA TYR I 121 11.22 39.53 50.61
C TYR I 121 11.92 40.70 51.29
N GLU I 122 13.02 40.39 51.97
CA GLU I 122 13.88 41.39 52.61
C GLU I 122 14.97 41.82 51.64
N VAL I 123 14.57 42.59 50.62
CA VAL I 123 15.46 42.99 49.53
C VAL I 123 15.20 44.43 49.08
N GLU I 124 16.18 45.02 48.42
CA GLU I 124 15.96 46.26 47.67
C GLU I 124 16.86 46.20 46.45
N LEU I 125 16.29 46.47 45.29
CA LEU I 125 16.95 46.20 44.02
C LEU I 125 17.33 47.45 43.25
N CYS I 126 18.31 47.28 42.37
CA CYS I 126 18.71 48.34 41.46
C CYS I 126 18.99 47.79 40.07
N VAL I 127 18.23 48.28 39.10
CA VAL I 127 18.43 47.89 37.71
C VAL I 127 18.99 49.09 36.96
N ALA I 128 20.09 48.90 36.26
CA ALA I 128 20.76 50.01 35.58
C ALA I 128 21.06 49.71 34.12
N GLU I 129 20.75 50.67 33.26
CA GLU I 129 21.02 50.54 31.83
C GLU I 129 21.92 51.65 31.36
N VAL I 130 22.76 51.33 30.39
CA VAL I 130 23.63 52.35 29.81
C VAL I 130 23.77 52.15 28.30
N ALA I 131 23.43 53.19 27.56
CA ALA I 131 23.40 53.23 26.09
C ALA I 131 24.24 52.19 25.33
N HIS I 132 23.70 51.71 24.22
CA HIS I 132 24.43 50.78 23.35
C HIS I 132 25.73 51.42 22.83
N TYR I 133 26.62 50.60 22.27
CA TYR I 133 27.97 51.02 21.87
C TYR I 133 28.07 52.43 21.24
N GLY I 134 27.78 52.55 19.94
CA GLY I 134 27.92 53.82 19.25
C GLY I 134 27.08 54.92 19.85
N GLU I 135 25.81 54.60 20.08
CA GLU I 135 24.81 55.47 20.69
C GLU I 135 25.32 56.24 21.91
N THR I 136 24.74 57.42 22.16
CA THR I 136 25.00 58.17 23.38
C THR I 136 23.68 58.56 24.04
N LYS I 137 23.44 58.04 25.25
CA LYS I 137 22.22 58.31 25.98
C LYS I 137 22.50 58.33 27.47
N ARG I 138 21.70 59.12 28.18
CA ARG I 138 21.83 59.31 29.63
C ARG I 138 21.60 57.98 30.38
N PRO I 139 22.67 57.41 31.01
CA PRO I 139 22.52 56.17 31.77
C PRO I 139 21.34 56.24 32.73
N GLU I 140 20.63 55.13 32.87
CA GLU I 140 19.37 55.07 33.62
C GLU I 140 19.48 54.18 34.86
N LEU I 141 18.88 54.62 35.97
CA LEU I 141 18.92 53.88 37.22
C LEU I 141 17.53 53.72 37.81
N TYR I 142 17.17 52.48 38.15
CA TYR I 142 15.88 52.16 38.74
C TYR I 142 16.01 51.47 40.09
N ARG I 143 15.20 51.92 41.04
CA ARG I 143 15.16 51.35 42.37
C ARG I 143 13.81 50.70 42.61
N ILE I 144 13.84 49.41 42.93
CA ILE I 144 12.63 48.67 43.27
C ILE I 144 12.69 48.26 44.73
N THR I 145 11.67 48.68 45.49
CA THR I 145 11.59 48.38 46.91
C THR I 145 10.89 47.04 47.16
N TYR I 146 10.92 46.60 48.41
CA TYR I 146 10.31 45.33 48.83
C TYR I 146 8.81 45.20 48.54
N ASP I 147 8.10 46.31 48.59
CA ASP I 147 6.64 46.27 48.44
C ASP I 147 6.18 46.40 46.99
N GLY I 148 7.16 46.45 46.08
CA GLY I 148 6.88 46.51 44.64
C GLY I 148 6.87 47.91 44.07
N SER I 149 7.18 48.89 44.92
CA SER I 149 7.28 50.28 44.49
C SER I 149 8.53 50.45 43.65
N ILE I 150 8.43 51.34 42.66
CA ILE I 150 9.51 51.55 41.70
C ILE I 150 9.69 53.04 41.40
N ALA I 151 10.95 53.48 41.44
CA ALA I 151 11.31 54.87 41.16
C ALA I 151 12.63 54.91 40.38
N ASP I 152 12.84 55.97 39.60
CA ASP I 152 14.09 56.12 38.83
C ASP I 152 14.89 57.36 39.18
N GLU I 153 15.92 57.20 40.02
CA GLU I 153 16.82 58.32 40.28
C GLU I 153 17.66 58.63 39.05
N PRO I 154 17.99 59.91 38.84
CA PRO I 154 18.72 60.32 37.63
C PRO I 154 20.23 60.27 37.79
N HIS I 155 20.71 60.26 39.04
CA HIS I 155 22.13 60.41 39.33
C HIS I 155 22.76 59.24 40.08
N PHE I 156 22.17 58.85 41.21
CA PHE I 156 22.70 57.80 42.06
C PHE I 156 21.60 57.09 42.85
N VAL I 157 21.87 55.84 43.23
CA VAL I 157 20.94 55.06 44.04
C VAL I 157 21.66 54.38 45.22
N VAL I 158 21.08 54.56 46.40
CA VAL I 158 21.60 53.98 47.65
C VAL I 158 20.58 52.98 48.20
N MET I 159 21.09 51.90 48.80
CA MET I 159 20.24 50.84 49.39
C MET I 159 20.99 49.97 50.39
N GLY I 160 20.26 49.53 51.43
CA GLY I 160 20.81 48.65 52.46
C GLY I 160 21.43 49.43 53.61
N GLY I 161 21.11 49.01 54.83
CA GLY I 161 21.60 49.69 56.04
C GLY I 161 21.01 51.08 56.19
N THR I 162 21.73 51.96 56.88
CA THR I 162 21.31 53.34 57.03
C THR I 162 21.74 54.15 55.81
N THR I 163 20.75 54.60 55.03
CA THR I 163 21.04 55.27 53.76
C THR I 163 21.32 56.78 53.90
N GLU I 164 20.60 57.45 54.82
CA GLU I 164 20.71 58.90 55.05
C GLU I 164 22.14 59.42 54.97
N PRO I 165 23.03 58.97 55.88
CA PRO I 165 24.43 59.42 55.85
C PRO I 165 25.16 59.07 54.55
N ILE I 166 24.86 57.91 53.96
CA ILE I 166 25.49 57.47 52.71
C ILE I 166 24.96 58.27 51.54
N ALA I 167 23.64 58.46 51.50
CA ALA I 167 22.97 59.20 50.44
C ALA I 167 23.25 60.69 50.55
N ASN I 168 23.35 61.18 51.78
CA ASN I 168 23.63 62.58 52.02
C ASN I 168 25.01 62.97 51.50
N ALA I 169 26.01 62.16 51.84
CA ALA I 169 27.38 62.35 51.37
C ALA I 169 27.46 62.47 49.85
N LEU I 170 26.60 61.69 49.16
CA LEU I 170 26.52 61.74 47.70
C LEU I 170 25.81 62.99 47.17
N LYS I 171 24.77 63.45 47.88
CA LYS I 171 24.03 64.65 47.49
C LYS I 171 24.98 65.83 47.22
N GLU I 172 26.21 65.73 47.72
CA GLU I 172 27.24 66.75 47.51
C GLU I 172 28.44 66.22 46.73
N SER I 173 28.98 65.07 47.14
CA SER I 173 30.18 64.52 46.51
C SER I 173 29.98 64.02 45.06
N TYR I 174 28.73 63.87 44.65
CA TYR I 174 28.41 63.41 43.28
C TYR I 174 28.94 64.37 42.22
N ALA I 175 30.00 63.94 41.53
CA ALA I 175 30.51 64.67 40.39
C ALA I 175 29.77 64.19 39.15
N GLU I 176 28.90 65.07 38.65
CA GLU I 176 28.04 64.81 37.50
C GLU I 176 28.68 63.90 36.45
N ASN I 177 29.83 64.32 35.93
CA ASN I 177 30.52 63.57 34.90
C ASN I 177 31.88 63.06 35.34
N ALA I 178 31.92 62.41 36.49
CA ALA I 178 33.18 61.99 37.11
C ALA I 178 33.97 60.98 36.26
N SER I 179 35.17 60.65 36.72
CA SER I 179 35.97 59.60 36.11
C SER I 179 35.71 58.30 36.84
N LEU I 180 36.14 57.20 36.24
CA LEU I 180 36.03 55.88 36.86
C LEU I 180 36.72 55.87 38.23
N THR I 181 37.95 56.36 38.28
CA THR I 181 38.71 56.44 39.52
C THR I 181 38.20 57.54 40.45
N ASP I 182 37.58 58.56 39.87
CA ASP I 182 37.02 59.66 40.64
C ASP I 182 35.70 59.25 41.30
N ALA I 183 34.81 58.67 40.51
CA ALA I 183 33.51 58.18 40.98
C ALA I 183 33.64 57.08 42.05
N LEU I 184 34.64 56.20 41.87
CA LEU I 184 34.95 55.16 42.84
C LEU I 184 35.38 55.77 44.16
N ARG I 185 36.23 56.78 44.06
CA ARG I 185 36.70 57.58 45.20
C ARG I 185 35.49 58.18 45.94
N ILE I 186 34.69 58.94 45.19
CA ILE I 186 33.44 59.55 45.67
C ILE I 186 32.53 58.52 46.36
N ALA I 187 32.36 57.36 45.73
CA ALA I 187 31.51 56.27 46.22
C ALA I 187 31.98 55.70 47.56
N VAL I 188 33.15 55.04 47.57
CA VAL I 188 33.71 54.41 48.77
C VAL I 188 33.76 55.35 49.97
N ALA I 189 34.03 56.63 49.68
CA ALA I 189 34.01 57.68 50.69
C ALA I 189 32.60 57.87 51.26
N ALA I 190 31.64 58.09 50.36
CA ALA I 190 30.25 58.28 50.75
C ALA I 190 29.67 57.07 51.48
N LEU I 191 30.21 55.88 51.20
CA LEU I 191 29.78 54.65 51.83
C LEU I 191 30.25 54.59 53.29
N ARG I 192 31.50 54.94 53.53
CA ARG I 192 32.08 55.01 54.87
C ARG I 192 31.35 55.99 55.79
N ALA I 193 30.64 56.96 55.20
CA ALA I 193 29.86 57.95 55.96
C ALA I 193 28.78 57.30 56.82
N GLY I 194 28.22 56.18 56.34
CA GLY I 194 27.28 55.38 57.12
C GLY I 194 27.93 54.14 57.71
N SER I 195 28.81 54.35 58.69
CA SER I 195 29.52 53.25 59.35
C SER I 195 29.92 53.64 60.78
N LEU I 206 38.51 49.66 57.39
CA LEU I 206 37.21 49.66 56.71
C LEU I 206 37.27 50.21 55.27
N GLY I 207 36.36 49.72 54.43
CA GLY I 207 36.33 50.03 52.99
C GLY I 207 37.58 49.65 52.22
N VAL I 208 38.17 48.49 52.56
CA VAL I 208 39.42 47.98 51.96
C VAL I 208 39.12 47.31 50.61
N ALA I 209 40.17 46.91 49.87
CA ALA I 209 40.03 46.15 48.62
C ALA I 209 39.38 44.79 48.86
N SER I 210 38.64 44.70 49.97
CA SER I 210 37.85 43.53 50.31
C SER I 210 36.36 43.88 50.28
N LEU I 211 35.88 44.13 49.07
CA LEU I 211 34.45 44.41 48.81
C LEU I 211 34.15 44.06 47.33
N GLU I 212 32.99 44.49 46.82
CA GLU I 212 32.57 44.10 45.48
C GLU I 212 32.35 45.31 44.56
N VAL I 213 33.04 45.28 43.42
CA VAL I 213 33.02 46.38 42.46
C VAL I 213 32.85 45.87 41.03
N ALA I 214 31.95 46.51 40.28
CA ALA I 214 31.75 46.21 38.87
C ALA I 214 31.17 47.43 38.15
N VAL I 215 31.37 47.49 36.84
CA VAL I 215 30.84 48.63 36.05
C VAL I 215 30.08 48.25 34.78
N LEU I 216 29.17 49.14 34.40
CA LEU I 216 28.54 49.06 33.12
C LEU I 216 29.29 49.98 32.16
N ASP I 217 30.32 49.43 31.52
CA ASP I 217 31.17 50.22 30.63
C ASP I 217 30.54 50.45 29.26
N ALA I 218 29.94 51.65 29.11
CA ALA I 218 29.23 52.07 27.89
C ALA I 218 30.11 51.99 26.65
N ASN I 219 31.42 51.95 26.87
CA ASN I 219 32.36 51.92 25.77
C ASN I 219 32.58 50.53 25.20
N ARG I 220 32.15 49.50 25.94
CA ARG I 220 32.23 48.11 25.48
C ARG I 220 31.37 47.86 24.23
N PRO I 221 31.80 46.93 23.36
CA PRO I 221 31.09 46.68 22.10
C PRO I 221 29.69 46.08 22.33
N ARG I 222 29.63 44.89 22.93
CA ARG I 222 28.35 44.26 23.19
C ARG I 222 28.04 44.20 24.69
N ARG I 223 28.67 43.26 25.40
CA ARG I 223 28.37 43.06 26.81
C ARG I 223 28.98 44.14 27.67
N ALA I 224 28.16 45.09 28.06
CA ALA I 224 28.60 46.30 28.75
C ALA I 224 28.92 46.07 30.24
N PHE I 225 29.23 44.84 30.62
CA PHE I 225 29.53 44.54 32.02
C PHE I 225 31.00 44.23 32.19
N ARG I 226 31.53 44.58 33.36
CA ARG I 226 32.91 44.23 33.73
C ARG I 226 33.05 44.28 35.25
N ARG I 227 33.53 43.18 35.82
CA ARG I 227 33.92 43.14 37.23
C ARG I 227 35.31 43.74 37.36
N ILE I 228 35.51 44.56 38.38
CA ILE I 228 36.87 45.01 38.69
C ILE I 228 37.46 44.16 39.83
N THR I 229 38.49 43.38 39.45
CA THR I 229 39.11 42.38 40.31
C THR I 229 39.90 43.04 41.46
N GLY I 230 40.91 42.34 42.00
CA GLY I 230 41.64 42.82 43.17
C GLY I 230 42.74 43.80 42.88
N SER I 231 43.73 43.37 42.11
CA SER I 231 44.92 44.19 41.84
C SER I 231 44.57 45.44 41.03
N ALA I 232 43.81 45.27 39.95
CA ALA I 232 43.36 46.37 39.09
C ALA I 232 42.54 47.41 39.84
N LEU I 233 41.75 46.96 40.83
CA LEU I 233 40.97 47.87 41.69
C LEU I 233 41.83 48.82 42.52
N GLN I 234 42.88 48.30 43.14
CA GLN I 234 43.79 49.09 43.96
C GLN I 234 44.22 50.40 43.27
N ALA I 235 44.54 50.28 41.99
CA ALA I 235 45.02 51.39 41.17
C ALA I 235 43.99 52.52 40.99
N LEU I 236 42.80 52.35 41.57
CA LEU I 236 41.75 53.36 41.49
C LEU I 236 41.19 53.71 42.89
N LEU I 237 41.41 52.83 43.86
CA LEU I 237 40.82 52.90 45.19
C LEU I 237 41.20 54.17 45.99
N VAL I 238 40.26 54.60 46.84
CA VAL I 238 40.42 55.81 47.70
C VAL I 238 41.13 55.57 49.05
N ASP I 239 42.08 56.45 49.35
CA ASP I 239 42.76 56.48 50.65
C ASP I 239 41.77 56.93 51.75
N GLN I 240 41.71 56.19 52.86
CA GLN I 240 40.86 56.57 54.01
C GLN I 240 41.67 57.23 55.15
N THR J 1 27.23 22.86 0.81
CA THR J 1 27.96 23.47 1.94
C THR J 1 29.23 22.73 2.33
N THR J 2 30.17 23.49 2.90
CA THR J 2 31.36 22.93 3.50
C THR J 2 31.78 23.89 4.61
N ILE J 3 31.89 23.37 5.83
CA ILE J 3 32.49 24.12 6.93
C ILE J 3 33.71 23.30 7.27
N VAL J 4 34.81 23.97 7.59
CA VAL J 4 36.05 23.29 7.80
C VAL J 4 36.73 23.85 9.04
N ALA J 5 37.37 23.00 9.82
CA ALA J 5 38.10 23.45 11.01
C ALA J 5 39.51 22.85 11.09
N LEU J 6 40.48 23.70 11.43
CA LEU J 6 41.88 23.29 11.56
C LEU J 6 42.49 23.63 12.91
N LYS J 7 43.34 22.72 13.35
CA LYS J 7 44.09 22.90 14.58
C LYS J 7 45.54 23.23 14.22
N TYR J 8 46.05 24.34 14.75
CA TYR J 8 47.44 24.75 14.57
C TYR J 8 48.03 25.00 15.99
N PRO J 9 49.37 25.12 16.11
CA PRO J 9 50.03 25.28 17.42
C PRO J 9 49.40 26.31 18.37
N GLY J 10 49.16 27.54 17.88
CA GLY J 10 48.49 28.56 18.69
C GLY J 10 47.07 28.23 19.16
N GLY J 11 46.23 27.80 18.22
CA GLY J 11 44.84 27.46 18.50
C GLY J 11 44.09 26.78 17.37
N VAL J 12 42.93 27.33 17.00
CA VAL J 12 42.09 26.76 15.93
C VAL J 12 41.55 27.81 14.96
N VAL J 13 41.33 27.38 13.72
CA VAL J 13 40.65 28.19 12.72
C VAL J 13 39.46 27.42 12.15
N MET J 14 38.31 28.09 12.01
CA MET J 14 37.19 27.51 11.30
C MET J 14 36.72 28.45 10.20
N ALA J 15 36.43 27.88 9.03
CA ALA J 15 35.98 28.65 7.90
C ALA J 15 34.95 27.88 7.09
N GLY J 16 33.92 28.59 6.62
CA GLY J 16 32.92 27.99 5.77
C GLY J 16 32.43 28.88 4.64
N ASP J 17 31.98 28.28 3.54
CA ASP J 17 31.52 29.01 2.35
C ASP J 17 30.28 29.80 2.66
N ARG J 18 29.70 30.40 1.61
CA ARG J 18 28.44 31.17 1.76
C ARG J 18 27.31 30.82 0.80
N ARG J 19 27.41 29.68 0.10
CA ARG J 19 26.34 29.24 -0.80
C ARG J 19 25.16 28.70 -0.04
N SER J 20 23.98 28.96 -0.58
CA SER J 20 22.74 28.36 -0.10
C SER J 20 22.01 27.99 -1.35
N THR J 21 21.66 26.72 -1.41
CA THR J 21 21.08 26.21 -2.62
C THR J 21 19.70 25.62 -2.30
N GLN J 22 18.88 25.49 -3.34
CA GLN J 22 17.55 24.93 -3.17
C GLN J 22 17.18 24.18 -4.44
N GLY J 23 17.41 22.89 -4.41
CA GLY J 23 17.39 22.08 -5.60
C GLY J 23 18.77 22.31 -6.15
N ASN J 24 18.82 22.51 -7.44
CA ASN J 24 20.07 22.86 -8.08
C ASN J 24 20.00 24.34 -8.48
N MET J 25 19.55 25.17 -7.54
CA MET J 25 19.20 26.53 -7.83
C MET J 25 19.80 27.38 -6.75
N ILE J 26 20.78 28.21 -7.11
CA ILE J 26 21.46 29.06 -6.12
C ILE J 26 20.45 30.05 -5.55
N SER J 27 20.33 30.06 -4.24
CA SER J 27 19.36 30.92 -3.59
C SER J 27 20.01 31.75 -2.49
N GLY J 28 21.34 31.72 -2.43
CA GLY J 28 22.07 32.46 -1.44
C GLY J 28 23.51 32.55 -1.90
N ARG J 29 24.15 33.68 -1.66
CA ARG J 29 25.54 33.85 -2.09
C ARG J 29 26.42 34.46 -1.02
N ASP J 30 25.84 34.73 0.15
CA ASP J 30 26.60 35.37 1.23
C ASP J 30 26.14 34.96 2.61
N VAL J 31 25.80 33.68 2.75
CA VAL J 31 25.33 33.17 4.03
C VAL J 31 26.49 33.12 4.99
N ARG J 32 26.27 33.53 6.24
CA ARG J 32 27.30 33.40 7.26
C ARG J 32 27.11 32.11 8.03
N LYS J 33 27.86 31.09 7.64
CA LYS J 33 27.69 29.77 8.23
C LYS J 33 28.55 29.50 9.46
N VAL J 34 29.48 30.39 9.79
CA VAL J 34 30.33 30.22 10.98
C VAL J 34 30.10 31.34 12.00
N TYR J 35 29.82 30.95 13.25
CA TYR J 35 29.42 31.87 14.31
C TYR J 35 30.37 31.84 15.50
N ILE J 36 30.55 32.99 16.14
CA ILE J 36 31.30 33.01 17.39
C ILE J 36 30.34 32.82 18.54
N THR J 37 30.30 31.59 19.07
CA THR J 37 29.34 31.21 20.11
C THR J 37 29.58 31.91 21.44
N ASP J 38 30.83 31.90 21.88
CA ASP J 38 31.29 32.78 22.95
C ASP J 38 32.77 33.10 22.74
N ASP J 39 33.44 33.65 23.76
CA ASP J 39 34.84 34.11 23.65
C ASP J 39 35.84 33.11 23.13
N TYR J 40 35.60 31.83 23.41
CA TYR J 40 36.53 30.77 23.05
C TYR J 40 35.92 29.68 22.18
N THR J 41 34.70 29.93 21.69
CA THR J 41 33.99 28.92 20.91
C THR J 41 33.46 29.48 19.63
N ALA J 42 33.79 28.80 18.54
CA ALA J 42 33.16 29.06 17.26
C ALA J 42 32.38 27.83 16.84
N THR J 43 31.22 28.07 16.26
CA THR J 43 30.34 26.98 15.89
C THR J 43 29.86 27.16 14.44
N GLY J 44 30.10 26.14 13.60
CA GLY J 44 29.67 26.15 12.20
C GLY J 44 28.58 25.11 12.01
N ILE J 45 27.68 25.32 11.07
CA ILE J 45 26.45 24.53 10.99
C ILE J 45 26.04 24.24 9.56
N ALA J 46 25.74 22.98 9.24
CA ALA J 46 25.41 22.60 7.86
C ALA J 46 24.02 21.98 7.74
N GLY J 47 23.49 21.99 6.54
CA GLY J 47 22.15 21.45 6.30
C GLY J 47 21.04 22.47 6.17
N THR J 48 19.95 22.23 6.87
CA THR J 48 18.77 23.05 6.74
C THR J 48 18.97 24.40 7.41
N ALA J 49 18.92 25.44 6.58
CA ALA J 49 19.20 26.81 6.98
C ALA J 49 18.42 27.26 8.19
N ALA J 50 17.10 27.12 8.16
CA ALA J 50 16.28 27.59 9.28
C ALA J 50 16.77 27.02 10.62
N VAL J 51 17.14 25.73 10.61
CA VAL J 51 17.60 25.07 11.84
C VAL J 51 19.02 25.51 12.19
N ALA J 52 19.92 25.48 11.21
CA ALA J 52 21.31 25.92 11.41
C ALA J 52 21.38 27.28 12.12
N VAL J 53 20.65 28.26 11.58
CA VAL J 53 20.62 29.60 12.12
C VAL J 53 20.14 29.57 13.57
N GLU J 54 19.11 28.78 13.77
CA GLU J 54 18.48 28.68 15.07
C GLU J 54 19.37 27.94 16.09
N PHE J 55 20.08 26.89 15.65
CA PHE J 55 21.05 26.22 16.52
C PHE J 55 22.01 27.23 17.08
N ALA J 56 22.72 27.89 16.18
CA ALA J 56 23.74 28.87 16.54
C ALA J 56 23.17 29.87 17.54
N ARG J 57 22.12 30.56 17.10
CA ARG J 57 21.46 31.60 17.87
C ARG J 57 21.18 31.14 19.29
N LEU J 58 20.50 30.00 19.37
CA LEU J 58 20.04 29.39 20.63
C LEU J 58 21.19 28.97 21.54
N TYR J 59 22.18 28.31 20.93
CA TYR J 59 23.33 27.76 21.62
C TYR J 59 24.14 28.84 22.34
N ALA J 60 24.47 29.89 21.61
CA ALA J 60 25.14 31.03 22.17
C ALA J 60 24.40 31.59 23.40
N VAL J 61 23.07 31.67 23.31
CA VAL J 61 22.27 32.15 24.44
C VAL J 61 22.42 31.21 25.64
N GLU J 62 22.38 29.90 25.40
CA GLU J 62 22.52 28.92 26.48
C GLU J 62 23.84 29.10 27.23
N LEU J 63 24.94 29.18 26.47
CA LEU J 63 26.26 29.33 27.07
C LEU J 63 26.32 30.59 27.93
N GLU J 64 26.00 31.73 27.32
CA GLU J 64 25.99 33.01 28.01
C GLU J 64 25.07 32.98 29.25
N HIS J 65 23.95 32.29 29.12
CA HIS J 65 22.96 32.13 30.17
C HIS J 65 23.51 31.37 31.40
N TYR J 66 24.25 30.28 31.16
CA TYR J 66 24.89 29.56 32.28
C TYR J 66 25.85 30.48 33.00
N GLU J 67 26.67 31.17 32.21
CA GLU J 67 27.66 32.08 32.71
C GLU J 67 27.03 33.10 33.63
N LYS J 68 26.06 33.86 33.12
CA LYS J 68 25.39 34.86 33.95
C LYS J 68 24.77 34.29 35.21
N LEU J 69 24.35 33.02 35.19
CA LEU J 69 23.68 32.45 36.37
C LEU J 69 24.67 31.94 37.37
N GLU J 70 25.59 31.08 36.94
CA GLU J 70 26.53 30.44 37.85
C GLU J 70 27.78 31.28 38.11
N GLY J 71 28.03 32.27 37.25
CA GLY J 71 29.14 33.20 37.42
C GLY J 71 30.42 32.75 36.75
N VAL J 72 30.38 31.59 36.10
CA VAL J 72 31.56 31.02 35.46
C VAL J 72 31.13 30.30 34.19
N PRO J 73 31.91 30.45 33.09
CA PRO J 73 31.67 29.69 31.84
C PRO J 73 31.64 28.18 32.08
N LEU J 74 30.95 27.45 31.22
CA LEU J 74 30.93 26.00 31.30
C LEU J 74 32.30 25.46 30.96
N THR J 75 32.60 24.27 31.47
CA THR J 75 33.76 23.51 31.04
C THR J 75 33.64 23.31 29.54
N PHE J 76 34.74 23.01 28.86
CA PHE J 76 34.62 22.71 27.45
C PHE J 76 33.79 21.46 27.30
N ALA J 77 34.02 20.50 28.19
CA ALA J 77 33.22 19.28 28.21
C ALA J 77 31.76 19.64 28.32
N GLY J 78 31.44 20.56 29.23
CA GLY J 78 30.07 21.08 29.39
C GLY J 78 29.52 21.63 28.09
N LYS J 79 30.26 22.53 27.47
CA LYS J 79 29.85 23.12 26.22
C LYS J 79 29.56 22.09 25.14
N ILE J 80 30.41 21.08 25.00
CA ILE J 80 30.14 19.98 24.06
C ILE J 80 28.84 19.27 24.35
N ASN J 81 28.63 18.91 25.62
CA ASN J 81 27.44 18.16 26.03
C ASN J 81 26.13 18.88 25.66
N ARG J 82 26.07 20.17 25.97
CA ARG J 82 24.93 21.00 25.64
C ARG J 82 24.62 21.01 24.14
N LEU J 83 25.62 21.29 23.32
CA LEU J 83 25.42 21.25 21.88
C LEU J 83 24.90 19.89 21.48
N ALA J 84 25.51 18.83 22.01
CA ALA J 84 25.08 17.44 21.69
C ALA J 84 23.59 17.24 22.00
N ILE J 85 23.19 17.63 23.21
CA ILE J 85 21.82 17.53 23.65
C ILE J 85 20.87 18.18 22.63
N MET J 86 21.16 19.46 22.32
CA MET J 86 20.44 20.23 21.31
C MET J 86 20.28 19.46 19.99
N VAL J 87 21.37 18.95 19.45
CA VAL J 87 21.29 18.12 18.25
C VAL J 87 20.35 16.95 18.41
N ARG J 88 20.43 16.22 19.53
CA ARG J 88 19.51 15.07 19.72
C ARG J 88 18.08 15.55 19.76
N GLY J 89 17.87 16.65 20.48
CA GLY J 89 16.58 17.30 20.56
C GLY J 89 15.96 17.66 19.23
N ASN J 90 16.71 17.46 18.14
CA ASN J 90 16.21 17.73 16.78
C ASN J 90 16.02 16.47 15.93
N LEU J 91 16.21 15.30 16.54
CA LEU J 91 16.23 14.04 15.78
C LEU J 91 14.92 13.84 15.07
N ALA J 92 13.84 14.07 15.82
CA ALA J 92 12.48 14.02 15.29
C ALA J 92 12.39 14.83 14.00
N ALA J 93 12.69 16.13 14.11
CA ALA J 93 12.61 17.04 12.98
C ALA J 93 13.54 16.61 11.86
N ALA J 94 14.78 16.22 12.21
CA ALA J 94 15.79 15.75 11.23
C ALA J 94 15.26 14.60 10.41
N MET J 95 14.53 13.71 11.07
CA MET J 95 13.94 12.53 10.42
C MET J 95 13.03 12.94 9.30
N GLN J 96 12.34 14.06 9.48
CA GLN J 96 11.40 14.50 8.46
C GLN J 96 11.96 15.38 7.34
N GLY J 97 13.02 16.12 7.62
CA GLY J 97 13.67 16.91 6.58
C GLY J 97 14.58 17.92 7.22
N LEU J 98 14.14 18.45 8.34
CA LEU J 98 14.81 19.53 9.02
C LEU J 98 16.13 19.12 9.68
N LEU J 99 17.02 18.53 8.89
CA LEU J 99 18.32 18.05 9.39
C LEU J 99 19.38 19.15 9.43
N ALA J 100 20.13 19.22 10.52
CA ALA J 100 21.21 20.21 10.65
C ALA J 100 22.35 19.71 11.53
N LEU J 101 23.55 19.55 10.96
CA LEU J 101 24.75 19.10 11.71
C LEU J 101 25.78 20.18 11.99
N PRO J 102 26.10 20.42 13.27
CA PRO J 102 27.11 21.41 13.64
C PRO J 102 28.55 20.86 13.70
N LEU J 103 29.52 21.77 13.58
CA LEU J 103 30.94 21.49 13.84
C LEU J 103 31.40 22.48 14.89
N LEU J 104 31.99 21.97 15.95
CA LEU J 104 32.45 22.85 17.01
C LEU J 104 33.97 23.02 16.97
N ALA J 105 34.42 24.26 17.12
CA ALA J 105 35.84 24.56 17.28
C ALA J 105 36.04 25.54 18.43
N GLY J 106 36.98 25.22 19.31
CA GLY J 106 37.23 26.06 20.47
C GLY J 106 38.66 26.03 20.99
N TYR J 107 38.96 26.95 21.91
CA TYR J 107 40.22 26.98 22.65
C TYR J 107 39.91 26.75 24.12
N ASP J 108 40.34 25.61 24.65
CA ASP J 108 40.15 25.33 26.07
C ASP J 108 41.22 26.01 26.91
N ILE J 109 40.85 27.13 27.53
CA ILE J 109 41.77 27.91 28.38
C ILE J 109 42.26 27.14 29.61
N HIS J 110 41.83 25.88 29.74
CA HIS J 110 42.25 25.06 30.87
C HIS J 110 43.05 23.82 30.48
N ALA J 111 43.36 23.67 29.18
CA ALA J 111 44.17 22.57 28.69
C ALA J 111 45.54 22.61 29.37
N SER J 112 46.09 21.43 29.64
CA SER J 112 47.43 21.30 30.24
C SER J 112 48.44 22.09 29.41
N ASP J 113 48.62 21.66 28.16
CA ASP J 113 49.51 22.34 27.22
C ASP J 113 48.75 23.36 26.38
N PRO J 114 49.00 24.67 26.63
CA PRO J 114 48.30 25.77 25.96
C PRO J 114 48.62 25.88 24.48
N GLN J 115 49.41 24.94 23.98
CA GLN J 115 49.75 24.83 22.57
C GLN J 115 48.90 23.74 21.92
N SER J 116 48.11 23.04 22.74
CA SER J 116 47.22 21.97 22.31
C SER J 116 45.81 22.24 22.80
N ALA J 117 45.56 23.50 23.16
CA ALA J 117 44.27 23.90 23.71
C ALA J 117 43.20 24.04 22.62
N GLY J 118 43.62 23.92 21.36
CA GLY J 118 42.70 23.95 20.23
C GLY J 118 41.89 22.68 20.22
N ARG J 119 40.58 22.82 20.05
CA ARG J 119 39.65 21.68 19.98
C ARG J 119 38.79 21.67 18.73
N ILE J 120 38.63 20.50 18.15
CA ILE J 120 37.65 20.28 17.08
C ILE J 120 36.71 19.13 17.43
N VAL J 121 35.43 19.44 17.62
CA VAL J 121 34.45 18.43 17.98
C VAL J 121 33.40 18.30 16.88
N SER J 122 33.33 17.13 16.26
CA SER J 122 32.32 16.89 15.23
C SER J 122 31.09 16.23 15.82
N PHE J 123 29.95 16.46 15.20
CA PHE J 123 28.69 16.00 15.75
C PHE J 123 27.85 15.07 14.85
N ASP J 124 27.03 14.30 15.50
CA ASP J 124 26.36 13.17 14.93
C ASP J 124 24.86 13.47 14.98
N ALA J 125 24.14 13.14 13.91
CA ALA J 125 22.70 13.42 13.83
C ALA J 125 21.88 13.00 15.07
N ALA J 126 22.41 12.02 15.83
CA ALA J 126 21.75 11.43 17.00
C ALA J 126 22.23 12.02 18.32
N GLY J 127 23.12 12.99 18.25
CA GLY J 127 23.63 13.67 19.46
C GLY J 127 24.98 13.14 19.91
N GLY J 128 25.58 12.26 19.12
CA GLY J 128 26.93 11.76 19.36
C GLY J 128 27.97 12.80 19.00
N TRP J 129 29.18 12.66 19.55
CA TRP J 129 30.27 13.62 19.33
C TRP J 129 31.62 12.94 19.50
N ASN J 130 32.59 13.29 18.67
CA ASN J 130 33.95 12.78 18.80
C ASN J 130 34.92 13.93 18.69
N ILE J 131 35.69 14.15 19.76
CA ILE J 131 36.77 15.14 19.77
C ILE J 131 37.83 14.67 18.79
N GLU J 132 38.03 15.44 17.74
CA GLU J 132 38.70 14.94 16.54
C GLU J 132 40.14 14.51 16.67
N GLU J 133 40.94 15.27 17.41
CA GLU J 133 42.40 15.06 17.54
C GLU J 133 43.05 14.39 16.31
N GLU J 134 43.08 15.15 15.24
CA GLU J 134 43.71 14.72 14.01
C GLU J 134 43.96 16.00 13.23
N GLY J 135 43.61 17.12 13.85
CA GLY J 135 43.97 18.42 13.33
C GLY J 135 42.98 19.07 12.43
N TYR J 136 42.26 18.28 11.64
CA TYR J 136 41.25 18.82 10.74
C TYR J 136 39.98 18.01 10.72
N GLN J 137 38.89 18.70 10.37
CA GLN J 137 37.55 18.11 10.22
C GLN J 137 36.66 19.02 9.35
N ALA J 138 35.63 18.42 8.76
CA ALA J 138 34.70 19.14 7.90
C ALA J 138 33.27 18.59 8.02
N VAL J 139 32.28 19.42 7.71
CA VAL J 139 30.88 18.99 7.65
C VAL J 139 30.22 19.66 6.46
N GLY J 140 29.37 18.93 5.74
CA GLY J 140 28.60 19.50 4.66
C GLY J 140 28.68 18.69 3.40
N SER J 141 27.91 19.08 2.40
CA SER J 141 27.87 18.37 1.13
C SER J 141 29.23 18.19 0.48
N GLY J 142 30.17 19.07 0.78
CA GLY J 142 31.51 18.97 0.22
C GLY J 142 32.60 18.60 1.20
N SER J 143 32.22 18.30 2.45
CA SER J 143 33.17 17.99 3.51
C SER J 143 34.11 16.81 3.17
N LEU J 144 33.61 15.91 2.35
CA LEU J 144 34.38 14.79 1.87
C LEU J 144 35.59 15.25 1.04
N PHE J 145 35.36 16.18 0.11
CA PHE J 145 36.43 16.72 -0.73
C PHE J 145 37.39 17.56 0.06
N ALA J 146 36.85 18.39 0.95
CA ALA J 146 37.65 19.21 1.84
C ALA J 146 38.61 18.33 2.64
N LYS J 147 38.06 17.44 3.47
CA LYS J 147 38.86 16.54 4.32
C LYS J 147 40.01 15.87 3.58
N SER J 148 39.72 15.45 2.36
CA SER J 148 40.66 14.76 1.53
C SER J 148 41.82 15.68 1.03
N SER J 149 41.48 16.89 0.62
CA SER J 149 42.44 17.91 0.20
C SER J 149 43.29 18.32 1.40
N MET J 150 42.56 18.67 2.45
CA MET J 150 43.12 19.06 3.72
C MET J 150 43.98 17.96 4.36
N LYS J 151 43.85 16.73 3.88
CA LYS J 151 44.72 15.64 4.32
C LYS J 151 46.15 15.91 3.84
N LYS J 152 46.27 16.18 2.54
CA LYS J 152 47.52 16.46 1.88
C LYS J 152 48.14 17.73 2.41
N LEU J 153 47.35 18.81 2.45
CA LEU J 153 47.92 20.12 2.74
C LEU J 153 48.14 20.37 4.22
N TYR J 154 48.04 19.35 5.06
CA TYR J 154 48.10 19.63 6.50
C TYR J 154 49.51 19.88 7.06
N SER J 155 50.50 19.20 6.51
CA SER J 155 51.89 19.44 6.88
C SER J 155 52.23 20.93 6.84
N GLN J 156 51.70 21.65 5.84
CA GLN J 156 51.91 23.09 5.68
C GLN J 156 51.49 23.93 6.87
N VAL J 157 50.81 23.36 7.85
CA VAL J 157 50.24 24.17 8.93
C VAL J 157 51.25 24.46 10.03
N THR J 158 51.60 25.74 10.16
CA THR J 158 52.73 26.19 10.99
C THR J 158 52.25 27.14 12.06
N ASP J 159 51.32 28.02 11.68
CA ASP J 159 50.78 29.04 12.56
C ASP J 159 49.39 29.44 12.07
N GLY J 160 48.79 30.39 12.78
CA GLY J 160 47.47 30.93 12.43
C GLY J 160 47.35 31.19 10.94
N ASP J 161 47.97 32.26 10.48
CA ASP J 161 47.99 32.63 9.07
C ASP J 161 48.29 31.43 8.14
N SER J 162 49.20 30.56 8.59
CA SER J 162 49.54 29.34 7.85
C SER J 162 48.34 28.39 7.69
N GLY J 163 47.72 28.04 8.82
CA GLY J 163 46.52 27.21 8.82
C GLY J 163 45.38 27.81 8.01
N LEU J 164 45.09 29.09 8.24
CA LEU J 164 44.03 29.78 7.53
C LEU J 164 44.10 29.62 6.01
N ARG J 165 45.29 29.54 5.45
CA ARG J 165 45.42 29.39 4.00
C ARG J 165 44.96 28.00 3.56
N VAL J 166 45.29 26.99 4.36
CA VAL J 166 44.91 25.62 4.08
C VAL J 166 43.38 25.48 4.15
N ALA J 167 42.79 26.05 5.20
CA ALA J 167 41.33 26.14 5.33
C ALA J 167 40.73 26.67 4.04
N VAL J 168 41.02 27.93 3.70
CA VAL J 168 40.53 28.54 2.46
C VAL J 168 40.75 27.68 1.23
N GLU J 169 41.89 27.00 1.18
CA GLU J 169 42.21 26.15 0.02
C GLU J 169 41.32 24.91 -0.04
N ALA J 170 41.03 24.32 1.11
CA ALA J 170 40.15 23.15 1.15
C ALA J 170 38.73 23.57 0.74
N LEU J 171 38.23 24.70 1.26
CA LEU J 171 36.95 25.25 0.81
C LEU J 171 36.99 25.53 -0.67
N TYR J 172 38.12 25.97 -1.20
CA TYR J 172 38.24 26.11 -2.67
C TYR J 172 38.10 24.73 -3.37
N ASP J 173 38.78 23.74 -2.81
CA ASP J 173 38.76 22.37 -3.31
C ASP J 173 37.38 21.70 -3.22
N ALA J 174 36.64 22.06 -2.17
CA ALA J 174 35.27 21.61 -1.99
C ALA J 174 34.38 22.10 -3.12
N ALA J 175 34.37 23.42 -3.31
CA ALA J 175 33.55 24.07 -4.34
C ALA J 175 33.90 23.59 -5.74
N ASP J 176 35.11 23.05 -5.86
CA ASP J 176 35.62 22.56 -7.13
C ASP J 176 34.89 21.27 -7.55
N ASP J 177 34.27 20.60 -6.58
CA ASP J 177 33.71 19.27 -6.76
C ASP J 177 32.26 19.19 -6.32
N ASP J 178 31.92 19.90 -5.24
CA ASP J 178 30.54 19.97 -4.74
C ASP J 178 29.85 21.23 -5.22
N SER J 179 28.97 21.05 -6.20
CA SER J 179 28.18 22.15 -6.77
C SER J 179 27.35 22.88 -5.75
N ALA J 180 27.23 22.33 -4.55
CA ALA J 180 26.40 22.97 -3.54
C ALA J 180 27.23 23.74 -2.54
N THR J 181 28.54 23.84 -2.78
CA THR J 181 29.44 24.53 -1.82
C THR J 181 29.79 25.97 -2.21
N GLY J 182 30.14 26.23 -3.46
CA GLY J 182 30.38 27.62 -3.86
C GLY J 182 31.71 28.27 -3.46
N GLY J 183 32.55 28.50 -4.45
CA GLY J 183 33.87 29.06 -4.22
C GLY J 183 33.81 30.57 -4.11
N PRO J 184 34.97 31.23 -4.26
CA PRO J 184 35.04 32.68 -4.07
C PRO J 184 34.51 33.42 -5.29
N ASP J 185 33.67 34.42 -5.06
CA ASP J 185 33.09 35.19 -6.15
C ASP J 185 33.88 36.47 -6.37
N LEU J 186 34.78 36.45 -7.34
CA LEU J 186 35.54 37.66 -7.62
C LEU J 186 34.63 38.70 -8.28
N VAL J 187 33.85 38.30 -9.28
CA VAL J 187 32.93 39.20 -9.96
C VAL J 187 32.01 39.97 -9.00
N ARG J 188 31.75 39.40 -7.82
CA ARG J 188 30.80 39.97 -6.89
C ARG J 188 31.52 40.37 -5.59
N GLY J 189 32.74 39.88 -5.43
CA GLY J 189 33.55 40.19 -4.27
C GLY J 189 33.05 39.58 -2.98
N ILE J 190 32.65 38.31 -3.06
CA ILE J 190 32.18 37.54 -1.89
C ILE J 190 33.12 36.38 -1.63
N PHE J 191 33.54 36.25 -0.37
CA PHE J 191 34.54 35.25 0.01
C PHE J 191 34.10 34.45 1.25
N PRO J 192 34.60 33.20 1.41
CA PRO J 192 34.32 32.42 2.64
C PRO J 192 34.59 33.23 3.90
N THR J 193 33.79 33.03 4.94
CA THR J 193 34.07 33.69 6.22
C THR J 193 34.92 32.76 7.07
N ALA J 194 35.58 33.31 8.08
CA ALA J 194 36.39 32.51 9.01
C ALA J 194 36.47 33.10 10.40
N VAL J 195 36.90 32.27 11.36
CA VAL J 195 37.13 32.68 12.73
C VAL J 195 38.40 32.01 13.22
N ILE J 196 39.17 32.73 14.04
CA ILE J 196 40.38 32.18 14.66
C ILE J 196 40.28 32.27 16.18
N ILE J 197 40.73 31.22 16.85
CA ILE J 197 40.75 31.21 18.31
C ILE J 197 42.12 30.79 18.83
N ASP J 198 42.68 31.62 19.71
CA ASP J 198 43.91 31.33 20.43
C ASP J 198 43.72 31.81 21.87
N ALA J 199 44.77 31.78 22.68
CA ALA J 199 44.65 32.15 24.09
C ALA J 199 43.96 33.51 24.32
N ASP J 200 44.00 34.36 23.29
CA ASP J 200 43.46 35.70 23.38
C ASP J 200 41.95 35.77 23.17
N GLY J 201 41.39 34.77 22.50
CA GLY J 201 39.96 34.73 22.25
C GLY J 201 39.63 34.35 20.83
N ALA J 202 38.36 34.52 20.46
CA ALA J 202 37.91 34.24 19.09
C ALA J 202 37.66 35.54 18.35
N VAL J 203 38.14 35.61 17.11
CA VAL J 203 38.07 36.83 16.33
C VAL J 203 37.72 36.50 14.88
N ASP J 204 36.90 37.36 14.29
CA ASP J 204 36.55 37.26 12.89
C ASP J 204 37.72 37.62 12.01
N VAL J 205 38.13 36.69 11.16
CA VAL J 205 39.19 36.97 10.19
C VAL J 205 38.66 37.95 9.15
N PRO J 206 39.34 39.10 8.94
CA PRO J 206 38.85 40.10 8.00
C PRO J 206 38.90 39.56 6.58
N GLU J 207 37.94 39.95 5.76
CA GLU J 207 37.81 39.36 4.42
C GLU J 207 39.02 39.68 3.55
N SER J 208 39.67 40.81 3.84
CA SER J 208 40.91 41.21 3.17
C SER J 208 41.89 40.06 3.10
N ARG J 209 42.27 39.52 4.25
CA ARG J 209 43.26 38.43 4.29
C ARG J 209 42.75 37.18 3.60
N ILE J 210 41.44 36.97 3.64
CA ILE J 210 40.83 35.84 2.96
C ILE J 210 40.80 36.06 1.44
N ALA J 211 40.29 37.20 1.02
CA ALA J 211 40.20 37.55 -0.41
C ALA J 211 41.55 37.45 -1.07
N GLU J 212 42.56 37.99 -0.38
CA GLU J 212 43.96 37.91 -0.76
C GLU J 212 44.37 36.44 -0.92
N LEU J 213 44.31 35.69 0.18
CA LEU J 213 44.61 34.26 0.17
C LEU J 213 43.91 33.49 -0.93
N ALA J 214 42.66 33.86 -1.19
CA ALA J 214 41.86 33.24 -2.23
C ALA J 214 42.49 33.43 -3.61
N ARG J 215 42.81 34.69 -3.94
CA ARG J 215 43.38 35.00 -5.25
C ARG J 215 44.73 34.35 -5.44
N ALA J 216 45.46 34.18 -4.33
CA ALA J 216 46.70 33.42 -4.33
C ALA J 216 46.46 31.99 -4.85
N ILE J 217 45.50 31.29 -4.24
CA ILE J 217 45.13 29.94 -4.67
C ILE J 217 44.67 29.94 -6.12
N ILE J 218 43.82 30.90 -6.47
CA ILE J 218 43.26 30.99 -7.83
C ILE J 218 44.38 31.12 -8.87
N GLU J 219 45.33 32.04 -8.63
CA GLU J 219 46.46 32.28 -9.51
C GLU J 219 47.37 31.06 -9.64
N SER J 220 47.77 30.50 -8.50
CA SER J 220 48.66 29.33 -8.49
C SER J 220 48.05 28.11 -9.20
N ARG J 221 46.76 27.88 -8.98
CA ARG J 221 46.04 26.82 -9.67
C ARG J 221 45.81 27.18 -11.15
N SER J 222 45.72 28.48 -11.41
CA SER J 222 45.48 29.02 -12.75
C SER J 222 46.65 28.77 -13.71
N SER K 11 4.51 -24.78 -70.17
CA SER K 11 4.02 -23.83 -71.21
C SER K 11 3.07 -22.80 -70.61
N PRO K 12 3.59 -21.89 -69.75
CA PRO K 12 2.81 -20.83 -69.10
C PRO K 12 1.69 -20.22 -69.94
N GLU K 13 1.96 -19.92 -71.21
CA GLU K 13 0.97 -19.36 -72.13
C GLU K 13 -0.15 -20.36 -72.45
N GLN K 14 0.26 -21.55 -72.85
CA GLN K 14 -0.65 -22.63 -73.17
C GLN K 14 -1.39 -23.13 -71.92
N ALA K 15 -0.71 -23.04 -70.77
CA ALA K 15 -1.29 -23.38 -69.48
C ALA K 15 -2.54 -22.54 -69.19
N MET K 16 -2.43 -21.23 -69.37
CA MET K 16 -3.53 -20.29 -69.15
C MET K 16 -4.72 -20.54 -70.08
N ARG K 17 -4.45 -21.11 -71.24
CA ARG K 17 -5.50 -21.41 -72.22
C ARG K 17 -6.35 -22.62 -71.80
N GLU K 18 -5.71 -23.61 -71.16
CA GLU K 18 -6.41 -24.77 -70.59
C GLU K 18 -7.31 -24.37 -69.40
N ARG K 19 -6.80 -23.46 -68.57
CA ARG K 19 -7.57 -22.94 -67.43
C ARG K 19 -8.85 -22.29 -67.95
N SER K 20 -8.68 -21.35 -68.89
CA SER K 20 -9.79 -20.65 -69.55
C SER K 20 -10.81 -21.64 -70.08
N GLU K 21 -10.31 -22.60 -70.86
CA GLU K 21 -11.16 -23.64 -71.45
C GLU K 21 -11.98 -24.36 -70.39
N LEU K 22 -11.31 -24.96 -69.40
CA LEU K 22 -11.94 -25.69 -68.31
C LEU K 22 -13.10 -24.89 -67.70
N ALA K 23 -12.80 -23.66 -67.31
CA ALA K 23 -13.80 -22.76 -66.72
C ALA K 23 -14.95 -22.47 -67.67
N ARG K 24 -14.62 -22.07 -68.90
CA ARG K 24 -15.62 -21.63 -69.87
C ARG K 24 -16.61 -22.74 -70.22
N LYS K 25 -16.14 -23.99 -70.25
CA LYS K 25 -16.98 -25.16 -70.43
C LYS K 25 -17.98 -25.32 -69.29
N GLY K 26 -17.47 -25.29 -68.06
CA GLY K 26 -18.29 -25.38 -66.86
C GLY K 26 -19.42 -24.37 -66.83
N ILE K 27 -19.11 -23.14 -67.25
CA ILE K 27 -20.11 -22.07 -67.38
C ILE K 27 -21.21 -22.44 -68.39
N ALA K 28 -20.79 -23.01 -69.52
CA ALA K 28 -21.72 -23.43 -70.57
C ALA K 28 -22.72 -24.46 -70.06
N ARG K 29 -22.24 -25.55 -69.47
CA ARG K 29 -23.14 -26.63 -69.03
C ARG K 29 -24.01 -26.24 -67.82
N ALA K 30 -23.72 -25.09 -67.21
CA ALA K 30 -24.55 -24.56 -66.13
C ALA K 30 -25.79 -23.89 -66.70
N LYS K 31 -26.79 -23.68 -65.84
CA LYS K 31 -28.04 -23.06 -66.27
C LYS K 31 -27.87 -21.55 -66.54
N SER K 32 -28.94 -20.89 -66.96
CA SER K 32 -28.85 -19.48 -67.38
C SER K 32 -29.42 -18.47 -66.38
N VAL K 33 -28.76 -17.30 -66.31
CA VAL K 33 -29.16 -16.19 -65.44
C VAL K 33 -29.16 -14.89 -66.24
N VAL K 34 -30.17 -14.05 -65.99
CA VAL K 34 -30.30 -12.76 -66.65
C VAL K 34 -30.63 -11.63 -65.67
N ALA K 35 -29.97 -10.49 -65.85
CA ALA K 35 -30.31 -9.26 -65.16
C ALA K 35 -30.48 -8.13 -66.17
N LEU K 36 -31.44 -7.23 -65.90
CA LEU K 36 -31.69 -6.10 -66.79
C LEU K 36 -32.30 -4.90 -66.06
N ALA K 37 -32.06 -3.71 -66.61
CA ALA K 37 -32.60 -2.47 -66.05
C ALA K 37 -34.01 -2.16 -66.56
N TYR K 38 -34.88 -1.77 -65.63
CA TYR K 38 -36.26 -1.38 -65.94
C TYR K 38 -36.68 -0.21 -65.07
N ALA K 39 -37.87 0.33 -65.32
CA ALA K 39 -38.39 1.49 -64.61
C ALA K 39 -38.12 1.50 -63.11
N GLY K 40 -38.48 0.42 -62.43
CA GLY K 40 -38.39 0.36 -60.98
C GLY K 40 -37.00 0.13 -60.42
N GLY K 41 -36.04 -0.21 -61.28
CA GLY K 41 -34.67 -0.46 -60.84
C GLY K 41 -33.93 -1.52 -61.63
N VAL K 42 -33.73 -2.69 -61.03
CA VAL K 42 -33.10 -3.83 -61.70
C VAL K 42 -33.83 -5.15 -61.41
N LEU K 43 -34.00 -5.96 -62.47
CA LEU K 43 -34.66 -7.24 -62.35
C LEU K 43 -33.69 -8.42 -62.46
N PHE K 44 -33.81 -9.35 -61.51
CA PHE K 44 -33.05 -10.60 -61.52
C PHE K 44 -33.92 -11.81 -61.79
N VAL K 45 -33.62 -12.50 -62.89
CA VAL K 45 -34.34 -13.71 -63.26
C VAL K 45 -33.35 -14.78 -63.68
N ALA K 46 -33.50 -15.96 -63.08
CA ALA K 46 -32.69 -17.12 -63.43
C ALA K 46 -33.49 -18.39 -63.27
N GLU K 47 -33.28 -19.33 -64.19
CA GLU K 47 -33.90 -20.63 -64.04
C GLU K 47 -33.20 -21.47 -62.97
N ASN K 48 -33.98 -21.83 -61.96
CA ASN K 48 -33.51 -22.61 -60.84
C ASN K 48 -34.62 -23.52 -60.33
N PRO K 49 -34.45 -24.84 -60.54
CA PRO K 49 -35.43 -25.82 -60.09
C PRO K 49 -35.45 -25.90 -58.55
N SER K 50 -34.28 -25.75 -57.93
CA SER K 50 -34.14 -25.84 -56.47
C SER K 50 -34.99 -24.82 -55.73
N ARG K 51 -35.49 -25.21 -54.56
CA ARG K 51 -36.28 -24.34 -53.68
C ARG K 51 -35.39 -23.47 -52.79
N SER K 52 -34.20 -23.97 -52.45
CA SER K 52 -33.35 -23.34 -51.44
C SER K 52 -32.01 -22.85 -51.99
N LEU K 53 -31.42 -23.59 -52.92
CA LEU K 53 -30.13 -23.22 -53.49
C LEU K 53 -30.27 -22.07 -54.49
N GLN K 54 -30.15 -20.85 -53.97
CA GLN K 54 -30.42 -19.62 -54.71
C GLN K 54 -29.20 -19.11 -55.46
N LYS K 55 -29.44 -18.53 -56.63
CA LYS K 55 -28.39 -17.98 -57.50
C LYS K 55 -28.36 -16.45 -57.45
N ILE K 56 -29.36 -15.87 -56.77
CA ILE K 56 -29.51 -14.41 -56.68
C ILE K 56 -29.68 -14.02 -55.21
N SER K 57 -28.91 -13.03 -54.78
CA SER K 57 -28.98 -12.58 -53.39
C SER K 57 -28.71 -11.08 -53.19
N GLU K 58 -29.04 -10.61 -51.99
CA GLU K 58 -28.76 -9.25 -51.57
C GLU K 58 -27.29 -9.16 -51.19
N LEU K 59 -26.68 -7.99 -51.37
CA LEU K 59 -25.34 -7.76 -50.84
C LEU K 59 -25.38 -6.65 -49.80
N TYR K 60 -25.72 -5.44 -50.23
CA TYR K 60 -25.87 -4.30 -49.32
C TYR K 60 -27.14 -3.53 -49.71
N ASP K 61 -27.47 -2.53 -48.90
CA ASP K 61 -28.61 -1.66 -49.12
C ASP K 61 -29.17 -1.62 -50.55
N ARG K 62 -28.39 -1.08 -51.48
CA ARG K 62 -28.87 -0.85 -52.84
C ARG K 62 -28.10 -1.68 -53.86
N VAL K 63 -27.30 -2.63 -53.41
CA VAL K 63 -26.53 -3.44 -54.34
C VAL K 63 -26.89 -4.93 -54.24
N GLY K 64 -26.88 -5.61 -55.38
CA GLY K 64 -27.35 -6.98 -55.49
C GLY K 64 -26.47 -7.93 -56.29
N PHE K 65 -26.61 -9.21 -55.98
CA PHE K 65 -25.73 -10.25 -56.47
C PHE K 65 -26.53 -11.29 -57.25
N ALA K 66 -25.96 -11.73 -58.36
CA ALA K 66 -26.46 -12.90 -59.08
C ALA K 66 -25.32 -13.52 -59.88
N ALA K 67 -25.31 -14.85 -59.94
CA ALA K 67 -24.24 -15.58 -60.61
C ALA K 67 -24.72 -16.92 -61.16
N ALA K 68 -24.07 -17.35 -62.25
CA ALA K 68 -24.28 -18.69 -62.83
C ALA K 68 -23.01 -19.55 -62.73
N GLY K 69 -23.17 -20.86 -62.61
CA GLY K 69 -22.04 -21.78 -62.52
C GLY K 69 -22.09 -22.76 -61.36
N LYS K 70 -20.92 -23.23 -60.93
CA LYS K 70 -20.83 -24.18 -59.83
C LYS K 70 -21.23 -23.51 -58.51
N PHE K 71 -22.37 -23.92 -57.95
CA PHE K 71 -22.96 -23.29 -56.75
C PHE K 71 -21.97 -23.03 -55.63
N ASN K 72 -21.38 -24.10 -55.09
CA ASN K 72 -20.47 -24.02 -53.95
C ASN K 72 -19.40 -22.94 -54.12
N GLU K 73 -19.02 -22.70 -55.38
CA GLU K 73 -18.03 -21.69 -55.67
C GLU K 73 -18.61 -20.26 -55.65
N PHE K 74 -19.70 -20.00 -56.37
CA PHE K 74 -20.25 -18.64 -56.33
C PHE K 74 -20.90 -18.25 -54.98
N ASP K 75 -21.50 -19.23 -54.30
CA ASP K 75 -22.09 -18.95 -53.00
C ASP K 75 -21.00 -18.54 -52.03
N ASN K 76 -19.81 -19.07 -52.27
CA ASN K 76 -18.64 -18.67 -51.52
C ASN K 76 -18.33 -17.19 -51.74
N LEU K 77 -18.15 -16.80 -53.00
CA LEU K 77 -17.92 -15.40 -53.31
C LEU K 77 -19.06 -14.50 -52.83
N ARG K 78 -20.31 -14.96 -52.98
CA ARG K 78 -21.47 -14.24 -52.45
C ARG K 78 -21.27 -13.89 -50.97
N ARG K 79 -20.93 -14.89 -50.16
CA ARG K 79 -20.64 -14.71 -48.73
C ARG K 79 -19.54 -13.69 -48.51
N GLY K 80 -18.46 -13.86 -49.25
CA GLY K 80 -17.34 -12.90 -49.22
C GLY K 80 -17.76 -11.47 -49.47
N GLY K 81 -18.57 -11.27 -50.51
CA GLY K 81 -19.15 -9.97 -50.83
C GLY K 81 -19.91 -9.37 -49.66
N ILE K 82 -20.88 -10.13 -49.16
CA ILE K 82 -21.67 -9.75 -47.98
C ILE K 82 -20.74 -9.38 -46.83
N GLN K 83 -19.71 -10.20 -46.63
CA GLN K 83 -18.67 -9.95 -45.62
C GLN K 83 -17.99 -8.60 -45.81
N PHE K 84 -17.46 -8.39 -47.02
CA PHE K 84 -16.78 -7.14 -47.39
C PHE K 84 -17.67 -5.92 -47.21
N ALA K 85 -18.87 -5.96 -47.79
CA ALA K 85 -19.80 -4.84 -47.76
C ALA K 85 -20.13 -4.45 -46.34
N ASP K 86 -20.62 -5.41 -45.57
CA ASP K 86 -20.99 -5.12 -44.20
C ASP K 86 -19.86 -4.52 -43.38
N THR K 87 -18.62 -4.98 -43.60
CA THR K 87 -17.47 -4.44 -42.86
C THR K 87 -17.15 -3.01 -43.30
N ARG K 88 -17.07 -2.83 -44.63
CA ARG K 88 -16.79 -1.51 -45.21
C ARG K 88 -17.81 -0.47 -44.74
N GLY K 89 -19.09 -0.85 -44.81
CA GLY K 89 -20.16 -0.01 -44.28
C GLY K 89 -19.94 0.39 -42.83
N TYR K 90 -19.56 -0.56 -41.99
CA TYR K 90 -19.35 -0.28 -40.57
C TYR K 90 -18.09 0.57 -40.34
N ALA K 91 -17.06 0.38 -41.16
CA ALA K 91 -15.82 1.14 -40.99
C ALA K 91 -16.03 2.60 -41.37
N TYR K 92 -16.85 2.84 -42.38
CA TYR K 92 -17.08 4.18 -42.87
C TYR K 92 -18.54 4.61 -42.67
N ASP K 93 -19.35 4.57 -43.73
CA ASP K 93 -20.78 4.60 -43.55
C ASP K 93 -21.46 3.75 -44.61
N ARG K 94 -22.69 3.37 -44.32
CA ARG K 94 -23.52 2.58 -45.21
C ARG K 94 -23.45 3.13 -46.61
N ARG K 95 -23.53 4.47 -46.71
CA ARG K 95 -23.61 5.17 -47.99
C ARG K 95 -22.34 5.09 -48.84
N ASP K 96 -21.26 4.56 -48.26
CA ASP K 96 -19.95 4.50 -48.92
C ASP K 96 -19.67 3.17 -49.63
N VAL K 97 -20.65 2.26 -49.63
CA VAL K 97 -20.56 0.96 -50.33
C VAL K 97 -21.16 1.15 -51.72
N THR K 98 -20.51 0.64 -52.77
CA THR K 98 -20.89 1.07 -54.12
C THR K 98 -21.26 -0.05 -55.09
N GLY K 99 -20.83 -1.27 -54.82
CA GLY K 99 -21.10 -2.35 -55.77
C GLY K 99 -20.23 -2.23 -57.02
N ARG K 100 -19.83 -0.99 -57.34
CA ARG K 100 -18.68 -0.79 -58.21
C ARG K 100 -17.48 -1.31 -57.42
N GLN K 101 -17.45 -0.98 -56.12
CA GLN K 101 -16.47 -1.54 -55.19
C GLN K 101 -16.48 -3.06 -55.24
N LEU K 102 -17.66 -3.63 -55.06
CA LEU K 102 -17.80 -5.08 -54.99
C LEU K 102 -17.36 -5.73 -56.29
N ALA K 103 -17.67 -5.11 -57.42
CA ALA K 103 -17.20 -5.62 -58.71
C ALA K 103 -15.67 -5.70 -58.76
N ASN K 104 -14.99 -4.65 -58.28
CA ASN K 104 -13.54 -4.64 -58.15
C ASN K 104 -13.06 -5.84 -57.37
N VAL K 105 -13.53 -5.91 -56.13
CA VAL K 105 -13.17 -6.99 -55.20
C VAL K 105 -13.38 -8.36 -55.84
N TYR K 106 -14.50 -8.55 -56.51
CA TYR K 106 -14.76 -9.81 -57.16
C TYR K 106 -13.78 -10.06 -58.29
N ALA K 107 -13.52 -9.03 -59.10
CA ALA K 107 -12.55 -9.13 -60.19
C ALA K 107 -11.16 -9.45 -59.63
N GLN K 108 -10.83 -8.85 -58.50
CA GLN K 108 -9.57 -9.09 -57.81
C GLN K 108 -9.48 -10.56 -57.36
N THR K 109 -10.51 -11.01 -56.64
CA THR K 109 -10.56 -12.36 -56.11
C THR K 109 -10.48 -13.41 -57.21
N LEU K 110 -11.42 -13.34 -58.15
CA LEU K 110 -11.46 -14.27 -59.28
C LEU K 110 -10.17 -14.22 -60.09
N GLY K 111 -9.57 -13.02 -60.13
CA GLY K 111 -8.28 -12.81 -60.78
C GLY K 111 -7.20 -13.66 -60.15
N THR K 112 -7.06 -13.54 -58.83
CA THR K 112 -6.10 -14.36 -58.09
C THR K 112 -6.38 -15.86 -58.21
N ILE K 113 -7.65 -16.24 -58.00
CA ILE K 113 -8.07 -17.64 -58.13
C ILE K 113 -7.59 -18.23 -59.44
N PHE K 114 -7.87 -17.54 -60.54
CA PHE K 114 -7.49 -17.97 -61.89
C PHE K 114 -5.98 -18.21 -62.08
N THR K 115 -5.19 -17.72 -61.14
CA THR K 115 -3.75 -17.85 -61.18
C THR K 115 -3.27 -18.79 -60.07
N GLU K 116 -3.63 -18.46 -58.83
CA GLU K 116 -3.11 -19.17 -57.66
C GLU K 116 -3.75 -20.53 -57.40
N GLN K 117 -5.09 -20.59 -57.43
CA GLN K 117 -5.81 -21.85 -57.22
C GLN K 117 -5.47 -22.88 -58.27
N ALA K 118 -5.43 -24.16 -57.87
CA ALA K 118 -5.16 -25.22 -58.81
C ALA K 118 -6.15 -25.18 -59.97
N LYS K 119 -7.44 -25.30 -59.65
CA LYS K 119 -8.51 -25.21 -60.64
C LYS K 119 -9.26 -23.88 -60.50
N PRO K 120 -9.42 -23.14 -61.61
CA PRO K 120 -10.14 -21.86 -61.57
C PRO K 120 -11.63 -22.02 -61.30
N TYR K 121 -12.23 -20.98 -60.74
CA TYR K 121 -13.65 -20.99 -60.43
C TYR K 121 -14.51 -21.04 -61.70
N GLU K 122 -15.48 -21.95 -61.70
CA GLU K 122 -16.42 -22.07 -62.80
C GLU K 122 -17.64 -21.23 -62.51
N VAL K 123 -17.47 -19.92 -62.57
CA VAL K 123 -18.53 -18.97 -62.26
C VAL K 123 -18.52 -17.77 -63.20
N GLU K 124 -19.63 -17.05 -63.22
CA GLU K 124 -19.71 -15.73 -63.86
C GLU K 124 -20.67 -14.90 -63.03
N LEU K 125 -20.25 -13.70 -62.68
CA LEU K 125 -20.94 -12.94 -61.67
C LEU K 125 -21.58 -11.68 -62.23
N CYS K 126 -22.58 -11.18 -61.51
CA CYS K 126 -23.21 -9.91 -61.84
C CYS K 126 -23.52 -9.13 -60.56
N VAL K 127 -22.95 -7.93 -60.50
CA VAL K 127 -23.17 -7.01 -59.39
C VAL K 127 -23.99 -5.83 -59.91
N ALA K 128 -25.10 -5.53 -59.24
CA ALA K 128 -26.02 -4.49 -59.71
C ALA K 128 -26.36 -3.48 -58.62
N GLU K 129 -26.28 -2.21 -58.95
CA GLU K 129 -26.64 -1.14 -58.03
C GLU K 129 -27.76 -0.29 -58.61
N VAL K 130 -28.61 0.21 -57.73
CA VAL K 130 -29.70 1.09 -58.14
C VAL K 130 -29.92 2.20 -57.12
N ALA K 131 -29.79 3.44 -57.59
CA ALA K 131 -29.84 4.67 -56.78
C ALA K 131 -30.56 4.62 -55.43
N HIS K 132 -30.05 5.37 -54.44
CA HIS K 132 -30.69 5.44 -53.12
C HIS K 132 -32.11 6.02 -53.25
N TYR K 133 -32.89 5.88 -52.18
CA TYR K 133 -34.32 6.22 -52.18
C TYR K 133 -34.73 7.48 -52.98
N GLY K 134 -34.60 8.66 -52.38
CA GLY K 134 -35.01 9.92 -53.02
C GLY K 134 -34.31 10.16 -54.35
N GLU K 135 -32.98 10.01 -54.33
CA GLU K 135 -32.09 10.10 -55.48
C GLU K 135 -32.65 9.44 -56.77
N THR K 136 -32.30 9.98 -57.93
CA THR K 136 -32.52 9.26 -59.20
C THR K 136 -31.23 9.18 -60.01
N LYS K 137 -30.82 7.95 -60.31
CA LYS K 137 -29.57 7.67 -61.00
C LYS K 137 -29.76 6.43 -61.86
N ARG K 138 -29.05 6.40 -62.98
CA ARG K 138 -29.12 5.29 -63.93
C ARG K 138 -28.61 4.00 -63.30
N PRO K 139 -29.51 2.99 -63.08
CA PRO K 139 -29.11 1.71 -62.51
C PRO K 139 -27.88 1.14 -63.21
N GLU K 140 -26.96 0.58 -62.43
CA GLU K 140 -25.69 0.11 -62.98
C GLU K 140 -25.53 -1.41 -62.89
N LEU K 141 -24.98 -2.01 -63.95
CA LEU K 141 -24.76 -3.46 -64.01
C LEU K 141 -23.29 -3.81 -64.33
N TYR K 142 -22.70 -4.68 -63.50
CA TYR K 142 -21.33 -5.16 -63.70
C TYR K 142 -21.24 -6.66 -63.91
N ARG K 143 -20.44 -7.07 -64.88
CA ARG K 143 -20.21 -8.48 -65.15
C ARG K 143 -18.74 -8.84 -64.89
N ILE K 144 -18.53 -9.80 -64.00
CA ILE K 144 -17.19 -10.27 -63.69
C ILE K 144 -17.06 -11.70 -64.16
N THR K 145 -16.08 -11.93 -65.04
CA THR K 145 -15.82 -13.25 -65.61
C THR K 145 -14.90 -14.07 -64.72
N TYR K 146 -14.74 -15.35 -65.08
CA TYR K 146 -13.91 -16.29 -64.31
C TYR K 146 -12.45 -15.85 -64.19
N ASP K 147 -11.93 -15.18 -65.22
CA ASP K 147 -10.51 -14.82 -65.28
C ASP K 147 -10.20 -13.51 -64.57
N GLY K 148 -11.23 -12.91 -63.99
CA GLY K 148 -11.07 -11.65 -63.27
C GLY K 148 -11.33 -10.42 -64.11
N SER K 149 -11.73 -10.63 -65.36
CA SER K 149 -12.07 -9.50 -66.21
C SER K 149 -13.41 -8.92 -65.79
N ILE K 150 -13.56 -7.62 -65.99
CA ILE K 150 -14.71 -6.89 -65.51
C ILE K 150 -15.19 -5.87 -66.54
N ALA K 151 -16.49 -5.89 -66.82
CA ALA K 151 -17.12 -4.96 -67.77
C ALA K 151 -18.48 -4.50 -67.25
N ASP K 152 -18.93 -3.32 -67.67
CA ASP K 152 -20.24 -2.80 -67.25
C ASP K 152 -21.23 -2.55 -68.39
N GLU K 153 -22.14 -3.50 -68.61
CA GLU K 153 -23.22 -3.28 -69.56
C GLU K 153 -24.19 -2.21 -69.05
N PRO K 154 -24.71 -1.36 -69.96
CA PRO K 154 -25.59 -0.27 -69.55
C PRO K 154 -27.08 -0.66 -69.48
N HIS K 155 -27.44 -1.77 -70.10
CA HIS K 155 -28.85 -2.15 -70.22
C HIS K 155 -29.20 -3.51 -69.62
N PHE K 156 -28.47 -4.55 -70.01
CA PHE K 156 -28.75 -5.92 -69.57
C PHE K 156 -27.49 -6.79 -69.51
N VAL K 157 -27.52 -7.80 -68.65
CA VAL K 157 -26.42 -8.79 -68.62
C VAL K 157 -26.93 -10.23 -68.64
N VAL K 158 -26.30 -11.02 -69.50
CA VAL K 158 -26.60 -12.45 -69.61
C VAL K 158 -25.38 -13.29 -69.24
N MET K 159 -25.63 -14.45 -68.62
CA MET K 159 -24.57 -15.37 -68.22
C MET K 159 -25.07 -16.79 -67.92
N GLY K 160 -24.22 -17.76 -68.24
CA GLY K 160 -24.54 -19.18 -68.02
C GLY K 160 -25.18 -19.79 -69.24
N GLY K 161 -24.72 -20.98 -69.60
CA GLY K 161 -25.22 -21.67 -70.78
C GLY K 161 -24.86 -20.96 -72.07
N THR K 162 -25.65 -21.19 -73.11
CA THR K 162 -25.48 -20.48 -74.38
C THR K 162 -26.14 -19.11 -74.32
N THR K 163 -25.32 -18.05 -74.35
CA THR K 163 -25.80 -16.68 -74.18
C THR K 163 -26.30 -16.04 -75.47
N GLU K 164 -25.63 -16.32 -76.60
CA GLU K 164 -25.99 -15.72 -77.90
C GLU K 164 -27.49 -15.62 -78.15
N PRO K 165 -28.22 -16.77 -78.18
CA PRO K 165 -29.67 -16.71 -78.42
C PRO K 165 -30.46 -15.96 -77.33
N ILE K 166 -30.02 -16.07 -76.07
CA ILE K 166 -30.67 -15.38 -74.96
C ILE K 166 -30.34 -13.88 -75.00
N ALA K 167 -29.08 -13.55 -75.30
CA ALA K 167 -28.60 -12.17 -75.39
C ALA K 167 -29.12 -11.47 -76.63
N ASN K 168 -29.21 -12.23 -77.73
CA ASN K 168 -29.73 -11.69 -78.98
C ASN K 168 -31.20 -11.29 -78.87
N ALA K 169 -32.01 -12.18 -78.30
CA ALA K 169 -33.43 -11.91 -78.05
C ALA K 169 -33.64 -10.61 -77.27
N LEU K 170 -32.73 -10.31 -76.34
CA LEU K 170 -32.78 -9.06 -75.58
C LEU K 170 -32.31 -7.84 -76.37
N LYS K 171 -31.31 -8.02 -77.24
CA LYS K 171 -30.82 -6.93 -78.10
C LYS K 171 -31.97 -6.24 -78.82
N GLU K 172 -33.12 -6.91 -78.89
CA GLU K 172 -34.34 -6.35 -79.49
C GLU K 172 -35.49 -6.18 -78.51
N SER K 173 -35.81 -7.24 -77.75
CA SER K 173 -36.94 -7.19 -76.82
C SER K 173 -36.77 -6.24 -75.63
N TYR K 174 -35.53 -5.76 -75.38
CA TYR K 174 -35.28 -4.86 -74.27
C TYR K 174 -36.01 -3.53 -74.41
N ALA K 175 -37.05 -3.35 -73.58
CA ALA K 175 -37.74 -2.07 -73.49
C ALA K 175 -37.04 -1.18 -72.46
N GLU K 176 -36.38 -0.14 -72.99
CA GLU K 176 -35.54 0.78 -72.21
C GLU K 176 -36.09 1.05 -70.83
N ASN K 177 -37.34 1.50 -70.78
CA ASN K 177 -37.99 1.85 -69.52
C ASN K 177 -39.21 0.98 -69.23
N ALA K 178 -39.03 -0.34 -69.34
CA ALA K 178 -40.11 -1.31 -69.18
C ALA K 178 -40.80 -1.26 -67.83
N SER K 179 -41.91 -1.98 -67.70
CA SER K 179 -42.58 -2.17 -66.42
C SER K 179 -42.04 -3.43 -65.77
N LEU K 180 -42.30 -3.58 -64.47
CA LEU K 180 -41.94 -4.79 -63.72
C LEU K 180 -42.50 -6.05 -64.39
N THR K 181 -43.79 -6.01 -64.71
CA THR K 181 -44.46 -7.11 -65.38
C THR K 181 -44.06 -7.21 -66.85
N ASP K 182 -43.66 -6.07 -67.43
CA ASP K 182 -43.23 -6.02 -68.83
C ASP K 182 -41.82 -6.59 -69.01
N ALA K 183 -40.88 -6.11 -68.18
CA ALA K 183 -39.50 -6.56 -68.22
C ALA K 183 -39.36 -8.05 -67.86
N LEU K 184 -40.19 -8.53 -66.94
CA LEU K 184 -40.26 -9.96 -66.57
C LEU K 184 -40.70 -10.82 -67.76
N ARG K 185 -41.73 -10.34 -68.48
CA ARG K 185 -42.20 -10.96 -69.71
C ARG K 185 -41.07 -11.00 -70.74
N ILE K 186 -40.47 -9.84 -71.01
CA ILE K 186 -39.34 -9.70 -71.93
C ILE K 186 -38.20 -10.66 -71.56
N ALA K 187 -37.90 -10.76 -70.27
CA ALA K 187 -36.83 -11.62 -69.75
C ALA K 187 -37.11 -13.11 -69.97
N VAL K 188 -38.13 -13.65 -69.31
CA VAL K 188 -38.49 -15.08 -69.39
C VAL K 188 -38.60 -15.58 -70.85
N ALA K 189 -39.10 -14.70 -71.73
CA ALA K 189 -39.17 -14.98 -73.17
C ALA K 189 -37.77 -15.08 -73.77
N ALA K 190 -36.94 -14.06 -73.54
CA ALA K 190 -35.55 -14.02 -74.02
C ALA K 190 -34.73 -15.21 -73.50
N LEU K 191 -35.08 -15.70 -72.33
CA LEU K 191 -34.44 -16.85 -71.69
C LEU K 191 -34.76 -18.17 -72.43
N ARG K 192 -36.05 -18.38 -72.72
CA ARG K 192 -36.49 -19.55 -73.49
C ARG K 192 -35.88 -19.64 -74.90
N ALA K 193 -35.41 -18.51 -75.43
CA ALA K 193 -34.78 -18.50 -76.75
C ALA K 193 -33.52 -19.39 -76.80
N GLY K 194 -32.80 -19.47 -75.67
CA GLY K 194 -31.68 -20.40 -75.51
C GLY K 194 -32.05 -21.68 -74.75
N SER K 195 -32.86 -22.52 -75.39
CA SER K 195 -33.34 -23.78 -74.79
C SER K 195 -33.70 -24.78 -75.88
N LEU K 206 -41.71 -25.52 -69.79
CA LEU K 206 -40.49 -24.70 -69.74
C LEU K 206 -40.76 -23.27 -69.26
N GLY K 207 -39.84 -22.70 -68.47
CA GLY K 207 -39.94 -21.34 -67.92
C GLY K 207 -41.15 -21.10 -67.02
N VAL K 208 -41.50 -22.10 -66.21
CA VAL K 208 -42.68 -22.09 -65.31
C VAL K 208 -42.38 -21.27 -64.05
N ALA K 209 -43.40 -21.04 -63.21
CA ALA K 209 -43.21 -20.39 -61.90
C ALA K 209 -42.35 -21.24 -60.97
N SER K 210 -41.52 -22.08 -61.57
CA SER K 210 -40.52 -22.87 -60.87
C SER K 210 -39.14 -22.44 -61.31
N LEU K 211 -38.78 -21.23 -60.90
CA LEU K 211 -37.45 -20.64 -61.10
C LEU K 211 -37.20 -19.56 -60.03
N GLU K 212 -36.19 -18.72 -60.23
CA GLU K 212 -35.82 -17.74 -59.20
C GLU K 212 -35.89 -16.29 -59.70
N VAL K 213 -36.64 -15.47 -58.96
CA VAL K 213 -36.92 -14.09 -59.33
C VAL K 213 -36.79 -13.16 -58.12
N ALA K 214 -36.06 -12.06 -58.30
CA ALA K 214 -35.93 -11.01 -57.28
C ALA K 214 -35.62 -9.67 -57.94
N VAL K 215 -35.90 -8.57 -57.24
CA VAL K 215 -35.65 -7.24 -57.79
C VAL K 215 -34.90 -6.29 -56.87
N LEU K 216 -34.22 -5.34 -57.48
CA LEU K 216 -33.67 -4.20 -56.77
C LEU K 216 -34.62 -3.02 -56.93
N ASP K 217 -35.61 -2.97 -56.03
CA ASP K 217 -36.68 -1.98 -56.02
C ASP K 217 -36.17 -0.59 -55.56
N ALA K 218 -35.79 0.25 -56.52
CA ALA K 218 -35.25 1.58 -56.24
C ALA K 218 -36.20 2.43 -55.41
N ASN K 219 -37.48 2.03 -55.38
CA ASN K 219 -38.48 2.77 -54.64
C ASN K 219 -38.51 2.47 -53.15
N ARG K 220 -37.87 1.36 -52.74
CA ARG K 220 -37.78 1.00 -51.32
C ARG K 220 -36.95 2.02 -50.53
N PRO K 221 -37.26 2.18 -49.23
CA PRO K 221 -36.61 3.21 -48.41
C PRO K 221 -35.13 2.91 -48.18
N ARG K 222 -34.83 1.78 -47.53
CA ARG K 222 -33.44 1.40 -47.28
C ARG K 222 -33.00 0.19 -48.11
N ARG K 223 -33.39 -1.00 -47.67
CA ARG K 223 -32.97 -2.22 -48.32
C ARG K 223 -33.69 -2.45 -49.63
N ALA K 224 -33.01 -2.11 -50.72
CA ALA K 224 -33.58 -2.11 -52.05
C ALA K 224 -33.77 -3.50 -52.65
N PHE K 225 -33.83 -4.53 -51.82
CA PHE K 225 -33.92 -5.92 -52.30
C PHE K 225 -35.30 -6.49 -52.02
N ARG K 226 -35.79 -7.34 -52.91
CA ARG K 226 -37.05 -8.02 -52.70
C ARG K 226 -37.14 -9.26 -53.58
N ARG K 227 -37.39 -10.40 -52.94
CA ARG K 227 -37.62 -11.65 -53.65
C ARG K 227 -39.08 -11.69 -54.07
N ILE K 228 -39.33 -12.13 -55.30
CA ILE K 228 -40.71 -12.36 -55.73
C ILE K 228 -41.06 -13.84 -55.58
N THR K 229 -41.97 -14.10 -54.64
CA THR K 229 -42.38 -15.45 -54.25
C THR K 229 -43.15 -16.18 -55.36
N GLY K 230 -43.96 -17.16 -54.99
CA GLY K 230 -44.68 -18.00 -55.95
C GLY K 230 -45.96 -17.41 -56.49
N SER K 231 -46.92 -17.16 -55.59
CA SER K 231 -48.26 -16.67 -55.98
C SER K 231 -48.21 -15.26 -56.61
N ALA K 232 -47.50 -14.35 -55.94
CA ALA K 232 -47.32 -12.97 -56.42
C ALA K 232 -46.64 -12.90 -57.78
N LEU K 233 -45.70 -13.83 -58.02
CA LEU K 233 -44.99 -13.96 -59.30
C LEU K 233 -45.94 -14.22 -60.48
N GLN K 234 -46.84 -15.18 -60.30
CA GLN K 234 -47.82 -15.57 -61.32
C GLN K 234 -48.51 -14.37 -61.97
N ALA K 235 -48.91 -13.42 -61.12
CA ALA K 235 -49.62 -12.22 -61.53
C ALA K 235 -48.80 -11.29 -62.44
N LEU K 236 -47.58 -11.72 -62.77
CA LEU K 236 -46.69 -10.95 -63.62
C LEU K 236 -46.12 -11.79 -64.76
N LEU K 237 -46.12 -13.11 -64.56
CA LEU K 237 -45.44 -14.07 -65.44
C LEU K 237 -45.98 -14.12 -66.89
N VAL K 238 -45.09 -14.43 -67.83
CA VAL K 238 -45.43 -14.49 -69.27
C VAL K 238 -45.94 -15.86 -69.76
N ASP K 239 -46.98 -15.81 -70.58
CA ASP K 239 -47.54 -16.99 -71.24
C ASP K 239 -46.58 -17.48 -72.33
N GLN K 240 -46.28 -18.78 -72.35
CA GLN K 240 -45.43 -19.39 -73.41
C GLN K 240 -46.25 -20.13 -74.50
N THR L 1 -30.42 8.08 -17.01
CA THR L 1 -31.11 7.36 -18.11
C THR L 1 -32.21 6.44 -17.62
N THR L 2 -33.20 6.24 -18.48
CA THR L 2 -34.25 5.26 -18.25
C THR L 2 -34.69 4.84 -19.63
N ILE L 3 -34.66 3.54 -19.88
CA ILE L 3 -35.25 2.96 -21.08
C ILE L 3 -36.29 2.05 -20.51
N VAL L 4 -37.47 2.01 -21.13
CA VAL L 4 -38.53 1.21 -20.60
C VAL L 4 -39.17 0.40 -21.72
N ALA L 5 -39.60 -0.83 -21.42
CA ALA L 5 -40.33 -1.64 -22.41
C ALA L 5 -41.62 -2.27 -21.86
N LEU L 6 -42.67 -2.25 -22.68
CA LEU L 6 -43.97 -2.76 -22.30
C LEU L 6 -44.51 -3.78 -23.27
N LYS L 7 -45.17 -4.78 -22.71
CA LYS L 7 -45.85 -5.79 -23.49
C LYS L 7 -47.35 -5.53 -23.41
N TYR L 8 -47.97 -5.44 -24.58
CA TYR L 8 -49.42 -5.31 -24.68
C TYR L 8 -49.93 -6.41 -25.64
N PRO L 9 -51.24 -6.67 -25.67
CA PRO L 9 -51.84 -7.72 -26.50
C PRO L 9 -51.30 -7.81 -27.93
N GLY L 10 -51.30 -6.70 -28.65
CA GLY L 10 -50.79 -6.67 -30.03
C GLY L 10 -49.32 -7.01 -30.16
N GLY L 11 -48.48 -6.38 -29.34
CA GLY L 11 -47.03 -6.55 -29.38
C GLY L 11 -46.29 -5.87 -28.24
N VAL L 12 -45.28 -5.07 -28.58
CA VAL L 12 -44.45 -4.39 -27.57
C VAL L 12 -44.13 -2.94 -27.92
N VAL L 13 -43.95 -2.14 -26.87
CA VAL L 13 -43.46 -0.77 -27.02
C VAL L 13 -42.23 -0.55 -26.14
N MET L 14 -41.25 0.13 -26.71
CA MET L 14 -40.07 0.54 -25.96
C MET L 14 -39.85 2.04 -26.12
N ALA L 15 -39.57 2.71 -25.01
CA ALA L 15 -39.36 4.17 -24.99
C ALA L 15 -38.29 4.58 -23.99
N GLY L 16 -37.48 5.53 -24.39
CA GLY L 16 -36.45 6.02 -23.50
C GLY L 16 -36.21 7.51 -23.65
N ASP L 17 -35.75 8.13 -22.58
CA ASP L 17 -35.53 9.56 -22.52
C ASP L 17 -34.37 9.99 -23.40
N ARG L 18 -33.98 11.26 -23.31
CA ARG L 18 -32.94 11.83 -24.18
C ARG L 18 -31.80 12.51 -23.44
N ARG L 19 -31.79 12.44 -22.11
CA ARG L 19 -30.74 13.10 -21.34
C ARG L 19 -29.41 12.39 -21.47
N SER L 20 -28.34 13.17 -21.43
CA SER L 20 -27.02 12.64 -21.37
C SER L 20 -26.27 13.55 -20.44
N THR L 21 -25.73 12.97 -19.39
CA THR L 21 -25.12 13.73 -18.32
C THR L 21 -23.65 13.38 -18.13
N GLN L 22 -22.90 14.25 -17.49
CA GLN L 22 -21.48 14.07 -17.29
C GLN L 22 -21.11 14.70 -15.96
N GLY L 23 -21.13 13.89 -14.91
CA GLY L 23 -21.07 14.44 -13.58
C GLY L 23 -22.50 14.76 -13.29
N ASN L 24 -22.76 15.92 -12.72
CA ASN L 24 -24.13 16.37 -12.61
C ASN L 24 -24.31 17.56 -13.54
N MET L 25 -23.88 17.37 -14.78
CA MET L 25 -23.80 18.45 -15.72
C MET L 25 -24.45 17.95 -16.96
N ILE L 26 -25.60 18.52 -17.34
CA ILE L 26 -26.31 18.10 -18.54
C ILE L 26 -25.44 18.33 -19.76
N SER L 27 -25.23 17.27 -20.54
CA SER L 27 -24.35 17.39 -21.68
C SER L 27 -25.04 16.90 -22.95
N GLY L 28 -26.32 16.57 -22.84
CA GLY L 28 -27.11 16.13 -23.98
C GLY L 28 -28.56 16.30 -23.64
N ARG L 29 -29.36 16.66 -24.63
CA ARG L 29 -30.78 16.83 -24.36
C ARG L 29 -31.67 16.19 -25.42
N ASP L 30 -31.05 15.49 -26.36
CA ASP L 30 -31.75 14.94 -27.52
C ASP L 30 -31.11 13.61 -27.98
N VAL L 31 -30.59 12.84 -27.03
CA VAL L 31 -29.97 11.56 -27.38
C VAL L 31 -31.06 10.55 -27.80
N ARG L 32 -30.83 9.83 -28.89
CA ARG L 32 -31.75 8.77 -29.25
C ARG L 32 -31.24 7.46 -28.68
N LYS L 33 -31.83 7.06 -27.56
CA LYS L 33 -31.41 5.86 -26.86
C LYS L 33 -32.10 4.56 -27.29
N VAL L 34 -33.13 4.66 -28.14
CA VAL L 34 -33.89 3.48 -28.61
C VAL L 34 -33.72 3.28 -30.11
N TYR L 35 -33.30 2.09 -30.51
CA TYR L 35 -32.96 1.80 -31.91
C TYR L 35 -33.80 0.67 -32.50
N ILE L 36 -34.07 0.75 -33.80
CA ILE L 36 -34.75 -0.34 -34.48
C ILE L 36 -33.68 -1.25 -35.09
N THR L 37 -33.37 -2.31 -34.37
CA THR L 37 -32.30 -3.24 -34.71
C THR L 37 -32.55 -3.97 -36.04
N ASP L 38 -33.74 -4.55 -36.16
CA ASP L 38 -34.24 -5.03 -37.44
C ASP L 38 -35.77 -4.88 -37.48
N ASP L 39 -36.41 -5.52 -38.45
CA ASP L 39 -37.85 -5.40 -38.66
C ASP L 39 -38.72 -5.70 -37.43
N TYR L 40 -38.26 -6.61 -36.57
CA TYR L 40 -39.06 -7.00 -35.42
C TYR L 40 -38.33 -6.84 -34.10
N THR L 41 -37.20 -6.13 -34.11
CA THR L 41 -36.46 -5.95 -32.88
C THR L 41 -36.05 -4.51 -32.64
N ALA L 42 -36.38 -4.02 -31.46
CA ALA L 42 -35.91 -2.74 -31.00
C ALA L 42 -34.98 -2.98 -29.83
N THR L 43 -33.89 -2.22 -29.78
CA THR L 43 -32.95 -2.35 -28.69
C THR L 43 -32.60 -0.98 -28.09
N GLY L 44 -32.75 -0.87 -26.79
CA GLY L 44 -32.40 0.33 -26.06
C GLY L 44 -31.19 0.05 -25.20
N ILE L 45 -30.41 1.07 -24.88
CA ILE L 45 -29.08 0.86 -24.31
C ILE L 45 -28.74 1.94 -23.29
N ALA L 46 -28.27 1.53 -22.12
CA ALA L 46 -28.02 2.46 -21.02
C ALA L 46 -26.54 2.49 -20.62
N GLY L 47 -26.11 3.57 -19.98
CA GLY L 47 -24.73 3.67 -19.53
C GLY L 47 -23.83 4.53 -20.41
N THR L 48 -22.65 4.00 -20.69
CA THR L 48 -21.65 4.75 -21.40
C THR L 48 -22.03 4.94 -22.86
N ALA L 49 -22.25 6.20 -23.20
CA ALA L 49 -22.64 6.64 -24.54
C ALA L 49 -21.82 6.02 -25.66
N ALA L 50 -20.51 6.16 -25.63
CA ALA L 50 -19.74 5.67 -26.76
C ALA L 50 -20.04 4.20 -27.01
N VAL L 51 -20.23 3.43 -25.93
CA VAL L 51 -20.43 1.99 -26.02
C VAL L 51 -21.85 1.69 -26.49
N ALA L 52 -22.83 2.31 -25.82
CA ALA L 52 -24.24 2.12 -26.19
C ALA L 52 -24.53 2.35 -27.69
N VAL L 53 -24.04 3.46 -28.23
CA VAL L 53 -24.14 3.73 -29.66
C VAL L 53 -23.54 2.58 -30.47
N GLU L 54 -22.32 2.17 -30.08
CA GLU L 54 -21.61 1.15 -30.81
C GLU L 54 -22.27 -0.23 -30.72
N PHE L 55 -22.77 -0.58 -29.52
CA PHE L 55 -23.57 -1.80 -29.35
C PHE L 55 -24.64 -1.85 -30.41
N ALA L 56 -25.54 -0.87 -30.38
CA ALA L 56 -26.68 -0.77 -31.28
C ALA L 56 -26.26 -0.90 -32.75
N ARG L 57 -25.40 0.02 -33.17
CA ARG L 57 -24.94 0.05 -34.55
C ARG L 57 -24.35 -1.31 -34.99
N LEU L 58 -23.44 -1.87 -34.18
CA LEU L 58 -22.82 -3.15 -34.41
C LEU L 58 -23.80 -4.34 -34.46
N TYR L 59 -24.67 -4.43 -33.46
CA TYR L 59 -25.68 -5.48 -33.34
C TYR L 59 -26.56 -5.56 -34.57
N ALA L 60 -27.09 -4.43 -34.99
CA ALA L 60 -27.92 -4.33 -36.18
C ALA L 60 -27.19 -4.90 -37.40
N VAL L 61 -25.92 -4.55 -37.55
CA VAL L 61 -25.11 -5.07 -38.64
C VAL L 61 -25.04 -6.59 -38.56
N GLU L 62 -24.82 -7.11 -37.35
CA GLU L 62 -24.72 -8.54 -37.13
C GLU L 62 -25.97 -9.29 -37.62
N LEU L 63 -27.13 -8.85 -37.16
CA LEU L 63 -28.40 -9.49 -37.53
C LEU L 63 -28.64 -9.46 -39.05
N GLU L 64 -28.52 -8.29 -39.65
CA GLU L 64 -28.66 -8.15 -41.09
C GLU L 64 -27.66 -9.01 -41.85
N HIS L 65 -26.45 -9.10 -41.30
CA HIS L 65 -25.35 -9.91 -41.86
C HIS L 65 -25.69 -11.39 -41.92
N TYR L 66 -26.25 -11.92 -40.83
CA TYR L 66 -26.67 -13.32 -40.80
C TYR L 66 -27.70 -13.59 -41.87
N GLU L 67 -28.70 -12.71 -41.94
CA GLU L 67 -29.79 -12.82 -42.89
C GLU L 67 -29.29 -12.85 -44.32
N LYS L 68 -28.51 -11.84 -44.71
CA LYS L 68 -27.95 -11.83 -46.06
C LYS L 68 -27.13 -13.06 -46.37
N LEU L 69 -26.50 -13.65 -45.37
CA LEU L 69 -25.65 -14.82 -45.58
C LEU L 69 -26.45 -16.10 -45.71
N GLU L 70 -27.26 -16.39 -44.69
CA GLU L 70 -27.99 -17.63 -44.61
C GLU L 70 -29.31 -17.55 -45.34
N GLY L 71 -29.78 -16.34 -45.61
CA GLY L 71 -31.01 -16.14 -46.37
C GLY L 71 -32.25 -16.07 -45.50
N VAL L 72 -32.09 -16.23 -44.19
CA VAL L 72 -33.20 -16.21 -43.23
C VAL L 72 -32.76 -15.49 -41.96
N PRO L 73 -33.63 -14.64 -41.37
CA PRO L 73 -33.31 -14.00 -40.08
C PRO L 73 -33.04 -15.03 -38.97
N LEU L 74 -32.30 -14.64 -37.94
CA LEU L 74 -32.06 -15.52 -36.79
C LEU L 74 -33.35 -15.80 -36.05
N THR L 75 -33.39 -16.92 -35.35
CA THR L 75 -34.45 -17.18 -34.37
C THR L 75 -34.42 -16.04 -33.40
N PHE L 76 -35.51 -15.82 -32.68
CA PHE L 76 -35.45 -14.82 -31.63
C PHE L 76 -34.46 -15.27 -30.55
N ALA L 77 -34.42 -16.57 -30.28
CA ALA L 77 -33.44 -17.08 -29.34
C ALA L 77 -32.02 -16.80 -29.85
N GLY L 78 -31.80 -16.96 -31.16
CA GLY L 78 -30.55 -16.59 -31.79
C GLY L 78 -30.20 -15.13 -31.54
N LYS L 79 -31.12 -14.24 -31.89
CA LYS L 79 -30.97 -12.79 -31.64
C LYS L 79 -30.55 -12.49 -30.21
N ILE L 80 -31.26 -13.07 -29.25
CA ILE L 80 -30.92 -12.90 -27.84
C ILE L 80 -29.48 -13.27 -27.57
N ASN L 81 -29.08 -14.46 -28.02
CA ASN L 81 -27.76 -14.99 -27.71
C ASN L 81 -26.65 -14.10 -28.23
N ARG L 82 -26.75 -13.69 -29.48
CA ARG L 82 -25.76 -12.78 -30.05
C ARG L 82 -25.59 -11.49 -29.25
N LEU L 83 -26.70 -10.85 -28.88
CA LEU L 83 -26.63 -9.65 -28.03
C LEU L 83 -25.91 -9.99 -26.75
N ALA L 84 -26.29 -11.10 -26.12
CA ALA L 84 -25.66 -11.54 -24.87
C ALA L 84 -24.13 -11.65 -25.01
N ILE L 85 -23.71 -12.33 -26.07
CA ILE L 85 -22.30 -12.56 -26.31
C ILE L 85 -21.59 -11.22 -26.40
N MET L 86 -22.14 -10.31 -27.23
CA MET L 86 -21.61 -8.96 -27.36
C MET L 86 -21.44 -8.27 -25.99
N VAL L 87 -22.46 -8.31 -25.16
CA VAL L 87 -22.35 -7.76 -23.81
C VAL L 87 -21.21 -8.36 -23.01
N ARG L 88 -21.03 -9.70 -23.06
CA ARG L 88 -19.94 -10.33 -22.29
C ARG L 88 -18.61 -9.91 -22.85
N GLY L 89 -18.54 -9.86 -24.17
CA GLY L 89 -17.36 -9.35 -24.85
C GLY L 89 -16.92 -7.95 -24.43
N ASN L 90 -17.69 -7.29 -23.56
CA ASN L 90 -17.32 -5.96 -23.11
C ASN L 90 -17.03 -5.93 -21.61
N LEU L 91 -17.04 -7.11 -20.97
CA LEU L 91 -16.93 -7.21 -19.51
C LEU L 91 -15.63 -6.57 -19.03
N ALA L 92 -14.56 -6.78 -19.79
CA ALA L 92 -13.25 -6.18 -19.48
C ALA L 92 -13.40 -4.67 -19.45
N ALA L 93 -13.88 -4.11 -20.56
CA ALA L 93 -14.14 -2.67 -20.70
C ALA L 93 -15.03 -2.16 -19.57
N ALA L 94 -16.15 -2.86 -19.36
CA ALA L 94 -17.11 -2.50 -18.33
C ALA L 94 -16.43 -2.36 -16.98
N MET L 95 -15.51 -3.28 -16.71
CA MET L 95 -14.80 -3.33 -15.45
C MET L 95 -14.05 -2.06 -15.19
N GLN L 96 -13.54 -1.46 -16.26
CA GLN L 96 -12.79 -0.20 -16.16
C GLN L 96 -13.59 1.09 -16.14
N GLY L 97 -14.76 1.10 -16.77
CA GLY L 97 -15.61 2.26 -16.74
C GLY L 97 -16.61 2.20 -17.86
N LEU L 98 -16.18 1.68 -19.00
CA LEU L 98 -16.99 1.62 -20.19
C LEU L 98 -18.15 0.60 -20.12
N LEU L 99 -18.98 0.76 -19.07
CA LEU L 99 -20.15 -0.09 -18.84
C LEU L 99 -21.32 0.30 -19.72
N ALA L 100 -22.05 -0.67 -20.26
CA ALA L 100 -23.22 -0.39 -21.07
C ALA L 100 -24.16 -1.58 -21.11
N LEU L 101 -25.39 -1.38 -20.62
CA LEU L 101 -26.40 -2.45 -20.53
C LEU L 101 -27.57 -2.24 -21.46
N PRO L 102 -27.84 -3.22 -22.36
CA PRO L 102 -28.98 -3.18 -23.27
C PRO L 102 -30.29 -3.76 -22.74
N LEU L 103 -31.40 -3.29 -23.30
CA LEU L 103 -32.74 -3.87 -23.11
C LEU L 103 -33.24 -4.23 -24.47
N LEU L 104 -33.70 -5.47 -24.63
CA LEU L 104 -34.23 -5.93 -25.91
C LEU L 104 -35.73 -6.06 -25.87
N ALA L 105 -36.37 -5.56 -26.92
CA ALA L 105 -37.80 -5.73 -27.12
C ALA L 105 -38.06 -6.15 -28.56
N GLY L 106 -38.90 -7.17 -28.73
CA GLY L 106 -39.17 -7.70 -30.06
C GLY L 106 -40.50 -8.40 -30.17
N TYR L 107 -40.91 -8.66 -31.42
CA TYR L 107 -42.08 -9.46 -31.75
C TYR L 107 -41.63 -10.73 -32.46
N ASP L 108 -41.85 -11.88 -31.83
CA ASP L 108 -41.49 -13.17 -32.43
C ASP L 108 -42.59 -13.63 -33.37
N ILE L 109 -42.37 -13.44 -34.67
CA ILE L 109 -43.35 -13.81 -35.68
C ILE L 109 -43.57 -15.32 -35.75
N HIS L 110 -42.95 -16.06 -34.83
CA HIS L 110 -43.12 -17.51 -34.80
C HIS L 110 -43.68 -18.04 -33.48
N ALA L 111 -44.05 -17.14 -32.58
CA ALA L 111 -44.69 -17.54 -31.33
C ALA L 111 -46.02 -18.23 -31.60
N SER L 112 -46.37 -19.19 -30.76
CA SER L 112 -47.62 -19.97 -30.91
C SER L 112 -48.81 -19.03 -30.99
N ASP L 113 -48.99 -18.25 -29.92
CA ASP L 113 -50.07 -17.29 -29.82
C ASP L 113 -49.56 -15.91 -30.24
N PRO L 114 -49.98 -15.44 -31.45
CA PRO L 114 -49.54 -14.16 -32.00
C PRO L 114 -50.01 -12.92 -31.22
N GLN L 115 -50.70 -13.14 -30.10
CA GLN L 115 -51.03 -12.06 -29.17
C GLN L 115 -50.10 -12.07 -27.94
N SER L 116 -49.16 -13.00 -27.92
CA SER L 116 -48.13 -13.11 -26.88
C SER L 116 -46.76 -13.13 -27.52
N ALA L 117 -46.68 -12.67 -28.76
CA ALA L 117 -45.44 -12.70 -29.51
C ALA L 117 -44.53 -11.54 -29.10
N GLY L 118 -45.04 -10.67 -28.23
CA GLY L 118 -44.23 -9.58 -27.69
C GLY L 118 -43.20 -10.11 -26.72
N ARG L 119 -41.95 -9.68 -26.86
CA ARG L 119 -40.87 -10.14 -26.00
C ARG L 119 -40.08 -9.01 -25.39
N ILE L 120 -39.73 -9.18 -24.11
CA ILE L 120 -38.88 -8.24 -23.40
C ILE L 120 -37.73 -8.99 -22.72
N VAL L 121 -36.51 -8.78 -23.21
CA VAL L 121 -35.36 -9.48 -22.66
C VAL L 121 -34.40 -8.51 -22.02
N SER L 122 -34.19 -8.66 -20.71
CA SER L 122 -33.21 -7.82 -19.99
C SER L 122 -31.82 -8.47 -19.96
N PHE L 123 -30.79 -7.64 -19.87
CA PHE L 123 -29.42 -8.15 -19.92
C PHE L 123 -28.56 -7.78 -18.74
N ASP L 124 -27.53 -8.59 -18.59
CA ASP L 124 -26.70 -8.69 -17.41
C ASP L 124 -25.29 -8.27 -17.80
N ALA L 125 -24.66 -7.45 -16.99
CA ALA L 125 -23.28 -7.02 -17.29
C ALA L 125 -22.31 -8.13 -17.75
N ALA L 126 -22.59 -9.38 -17.37
CA ALA L 126 -21.72 -10.54 -17.65
C ALA L 126 -22.22 -11.37 -18.83
N GLY L 127 -23.28 -10.90 -19.48
CA GLY L 127 -23.83 -11.57 -20.66
C GLY L 127 -25.01 -12.47 -20.35
N GLY L 128 -25.51 -12.40 -19.12
CA GLY L 128 -26.72 -13.14 -18.73
C GLY L 128 -27.94 -12.45 -19.28
N TRP L 129 -29.06 -13.17 -19.34
CA TRP L 129 -30.30 -12.59 -19.88
C TRP L 129 -31.51 -13.34 -19.34
N ASN L 130 -32.59 -12.61 -19.04
CA ASN L 130 -33.87 -13.23 -18.62
C ASN L 130 -34.98 -12.66 -19.43
N ILE L 131 -35.68 -13.53 -20.16
CA ILE L 131 -36.92 -13.17 -20.84
C ILE L 131 -37.93 -12.82 -19.76
N GLU L 132 -38.36 -11.56 -19.76
CA GLU L 132 -39.05 -10.99 -18.61
C GLU L 132 -40.39 -11.57 -18.21
N GLU L 133 -41.24 -11.86 -19.19
CA GLU L 133 -42.59 -12.32 -18.92
C GLU L 133 -43.21 -11.79 -17.62
N GLU L 134 -43.43 -10.49 -17.60
CA GLU L 134 -44.16 -9.85 -16.52
C GLU L 134 -44.69 -8.56 -17.09
N GLY L 135 -44.45 -8.37 -18.38
CA GLY L 135 -45.07 -7.27 -19.12
C GLY L 135 -44.26 -6.01 -19.23
N TYR L 136 -43.49 -5.71 -18.18
CA TYR L 136 -42.65 -4.51 -18.19
C TYR L 136 -41.24 -4.77 -17.67
N GLN L 137 -40.30 -3.96 -18.16
CA GLN L 137 -38.95 -3.88 -17.63
C GLN L 137 -38.29 -2.52 -17.94
N ALA L 138 -37.26 -2.18 -17.17
CA ALA L 138 -36.54 -0.93 -17.36
C ALA L 138 -35.03 -1.12 -17.16
N VAL L 139 -34.22 -0.24 -17.75
CA VAL L 139 -32.78 -0.22 -17.54
C VAL L 139 -32.30 1.23 -17.44
N GLY L 140 -31.48 1.56 -16.45
CA GLY L 140 -30.85 2.86 -16.42
C GLY L 140 -30.90 3.42 -15.03
N SER L 141 -30.29 4.57 -14.83
CA SER L 141 -30.25 5.21 -13.52
C SER L 141 -31.61 5.38 -12.89
N GLY L 142 -32.65 5.45 -13.70
CA GLY L 142 -33.98 5.66 -13.18
C GLY L 142 -34.91 4.48 -13.34
N SER L 143 -34.39 3.38 -13.87
CA SER L 143 -35.21 2.19 -14.08
C SER L 143 -35.94 1.72 -12.85
N LEU L 144 -35.34 1.92 -11.69
CA LEU L 144 -35.95 1.57 -10.44
C LEU L 144 -37.29 2.27 -10.21
N PHE L 145 -37.34 3.56 -10.50
CA PHE L 145 -38.52 4.38 -10.33
C PHE L 145 -39.56 4.05 -11.39
N ALA L 146 -39.09 3.89 -12.64
CA ALA L 146 -39.96 3.53 -13.74
C ALA L 146 -40.68 2.24 -13.40
N LYS L 147 -39.94 1.14 -13.31
CA LYS L 147 -40.49 -0.16 -12.92
C LYS L 147 -41.55 -0.11 -11.82
N SER L 148 -41.30 0.68 -10.78
CA SER L 148 -42.19 0.75 -9.66
C SER L 148 -43.51 1.49 -10.00
N SER L 149 -43.42 2.54 -10.81
CA SER L 149 -44.59 3.30 -11.24
C SER L 149 -45.36 2.44 -12.19
N MET L 150 -44.65 1.96 -13.18
CA MET L 150 -45.14 1.05 -14.18
C MET L 150 -45.72 -0.24 -13.57
N LYS L 151 -45.44 -0.52 -12.31
CA LYS L 151 -46.06 -1.65 -11.62
C LYS L 151 -47.54 -1.35 -11.41
N LYS L 152 -47.84 -0.18 -10.87
CA LYS L 152 -49.20 0.28 -10.60
C LYS L 152 -49.99 0.55 -11.89
N LEU L 153 -49.37 1.25 -12.84
CA LEU L 153 -50.04 1.67 -14.07
C LEU L 153 -50.23 0.54 -15.08
N TYR L 154 -49.93 -0.70 -14.72
CA TYR L 154 -49.89 -1.72 -15.76
C TYR L 154 -51.27 -2.23 -16.18
N SER L 155 -52.20 -2.33 -15.23
CA SER L 155 -53.55 -2.77 -15.52
C SER L 155 -54.13 -1.96 -16.65
N GLN L 156 -53.85 -0.65 -16.69
CA GLN L 156 -54.37 0.21 -17.76
C GLN L 156 -53.95 -0.16 -19.18
N VAL L 157 -53.08 -1.14 -19.35
CA VAL L 157 -52.61 -1.44 -20.70
C VAL L 157 -53.59 -2.34 -21.44
N THR L 158 -54.14 -1.80 -22.53
CA THR L 158 -55.22 -2.43 -23.28
C THR L 158 -54.79 -2.70 -24.70
N ASP L 159 -54.05 -1.76 -25.27
CA ASP L 159 -53.61 -1.84 -26.67
C ASP L 159 -52.38 -0.98 -26.86
N GLY L 160 -51.89 -0.93 -28.09
CA GLY L 160 -50.74 -0.09 -28.47
C GLY L 160 -50.77 1.29 -27.83
N ASP L 161 -51.63 2.16 -28.33
CA ASP L 161 -51.72 3.51 -27.77
C ASP L 161 -51.91 3.51 -26.26
N SER L 162 -52.64 2.53 -25.73
CA SER L 162 -52.82 2.40 -24.29
C SER L 162 -51.50 2.19 -23.56
N GLY L 163 -50.73 1.17 -23.97
CA GLY L 163 -49.42 0.90 -23.42
C GLY L 163 -48.47 2.07 -23.55
N LEU L 164 -48.39 2.65 -24.75
CA LEU L 164 -47.54 3.81 -25.00
C LEU L 164 -47.68 4.92 -23.98
N ARG L 165 -48.89 5.16 -23.48
CA ARG L 165 -49.07 6.22 -22.50
C ARG L 165 -48.46 5.85 -21.16
N VAL L 166 -48.57 4.58 -20.78
CA VAL L 166 -47.98 4.12 -19.55
C VAL L 166 -46.45 4.23 -19.61
N ALA L 167 -45.88 3.79 -20.73
CA ALA L 167 -44.47 3.98 -21.04
C ALA L 167 -44.06 5.43 -20.76
N VAL L 168 -44.61 6.37 -21.52
CA VAL L 168 -44.25 7.77 -21.35
C VAL L 168 -44.43 8.26 -19.92
N GLU L 169 -45.42 7.73 -19.22
CA GLU L 169 -45.67 8.16 -17.86
C GLU L 169 -44.61 7.64 -16.90
N ALA L 170 -44.15 6.41 -17.13
CA ALA L 170 -43.07 5.84 -16.33
C ALA L 170 -41.81 6.65 -16.52
N LEU L 171 -41.41 6.88 -17.77
CA LEU L 171 -40.31 7.80 -18.07
C LEU L 171 -40.51 9.18 -17.41
N TYR L 172 -41.75 9.68 -17.37
CA TYR L 172 -42.04 10.90 -16.66
C TYR L 172 -41.74 10.75 -15.15
N ASP L 173 -42.20 9.64 -14.59
CA ASP L 173 -42.00 9.33 -13.18
C ASP L 173 -40.52 9.10 -12.80
N ALA L 174 -39.75 8.55 -13.75
CA ALA L 174 -38.32 8.35 -13.58
C ALA L 174 -37.59 9.68 -13.49
N ALA L 175 -37.78 10.54 -14.49
CA ALA L 175 -37.20 11.88 -14.47
C ALA L 175 -37.58 12.67 -13.23
N ASP L 176 -38.65 12.26 -12.58
CA ASP L 176 -39.16 12.96 -11.42
C ASP L 176 -38.28 12.74 -10.22
N ASP L 177 -37.49 11.67 -10.28
CA ASP L 177 -36.70 11.18 -9.14
C ASP L 177 -35.22 10.99 -9.48
N ASP L 178 -34.95 10.56 -10.71
CA ASP L 178 -33.59 10.42 -11.21
C ASP L 178 -33.19 11.65 -11.96
N SER L 179 -32.40 12.49 -11.30
CA SER L 179 -31.76 13.66 -11.90
C SER L 179 -30.99 13.39 -13.21
N ALA L 180 -30.75 12.13 -13.51
CA ALA L 180 -29.95 11.76 -14.67
C ALA L 180 -30.79 11.29 -15.81
N THR L 181 -32.12 11.32 -15.64
CA THR L 181 -33.05 10.80 -16.66
C THR L 181 -33.64 11.87 -17.57
N GLY L 182 -34.13 12.97 -17.03
CA GLY L 182 -34.65 14.02 -17.92
C GLY L 182 -36.04 13.81 -18.54
N GLY L 183 -36.99 14.63 -18.09
CA GLY L 183 -38.35 14.56 -18.55
C GLY L 183 -38.55 15.33 -19.84
N PRO L 184 -39.82 15.64 -20.17
CA PRO L 184 -40.15 16.31 -21.42
C PRO L 184 -39.81 17.80 -21.36
N ASP L 185 -39.14 18.30 -22.40
CA ASP L 185 -38.75 19.70 -22.45
C ASP L 185 -39.77 20.46 -23.32
N LEU L 186 -40.73 21.11 -22.68
CA LEU L 186 -41.71 21.91 -23.39
C LEU L 186 -41.03 23.15 -23.93
N VAL L 187 -40.25 23.81 -23.09
CA VAL L 187 -39.57 25.01 -23.50
C VAL L 187 -38.74 24.82 -24.78
N ARG L 188 -38.30 23.60 -25.03
CA ARG L 188 -37.39 23.32 -26.12
C ARG L 188 -38.04 22.39 -27.13
N GLY L 189 -39.15 21.77 -26.72
CA GLY L 189 -39.91 20.88 -27.58
C GLY L 189 -39.17 19.59 -27.86
N ILE L 190 -38.58 19.01 -26.81
CA ILE L 190 -37.87 17.72 -26.86
C ILE L 190 -38.62 16.70 -26.00
N PHE L 191 -38.88 15.51 -26.55
CA PHE L 191 -39.68 14.49 -25.86
C PHE L 191 -39.03 13.14 -26.01
N PRO L 192 -39.34 12.21 -25.08
CA PRO L 192 -38.83 10.83 -25.15
C PRO L 192 -39.13 10.21 -26.52
N THR L 193 -38.22 9.39 -27.06
CA THR L 193 -38.52 8.67 -28.29
C THR L 193 -39.11 7.30 -27.98
N ALA L 194 -39.78 6.70 -28.96
CA ALA L 194 -40.41 5.39 -28.78
C ALA L 194 -40.45 4.57 -30.05
N VAL L 195 -40.64 3.26 -29.89
CA VAL L 195 -40.79 2.30 -30.97
C VAL L 195 -41.90 1.32 -30.59
N ILE L 196 -42.73 0.93 -31.57
CA ILE L 196 -43.78 -0.08 -31.37
C ILE L 196 -43.57 -1.24 -32.31
N ILE L 197 -43.80 -2.44 -31.81
CA ILE L 197 -43.67 -3.64 -32.63
C ILE L 197 -44.91 -4.52 -32.48
N ASP L 198 -45.52 -4.86 -33.61
CA ASP L 198 -46.62 -5.84 -33.69
C ASP L 198 -46.39 -6.68 -34.94
N ALA L 199 -47.35 -7.52 -35.28
CA ALA L 199 -47.18 -8.44 -36.41
C ALA L 199 -46.72 -7.75 -37.70
N ASP L 200 -46.98 -6.45 -37.81
CA ASP L 200 -46.65 -5.70 -39.01
C ASP L 200 -45.21 -5.20 -39.08
N GLY L 201 -44.56 -5.11 -37.92
CA GLY L 201 -43.16 -4.72 -37.87
C GLY L 201 -42.87 -3.74 -36.77
N ALA L 202 -41.71 -3.12 -36.83
CA ALA L 202 -41.31 -2.12 -35.85
C ALA L 202 -41.32 -0.74 -36.48
N VAL L 203 -41.93 0.20 -35.78
CA VAL L 203 -42.16 1.55 -36.30
C VAL L 203 -41.85 2.59 -35.23
N ASP L 204 -41.22 3.68 -35.65
CA ASP L 204 -40.95 4.82 -34.78
C ASP L 204 -42.24 5.55 -34.48
N VAL L 205 -42.56 5.66 -33.20
CA VAL L 205 -43.72 6.42 -32.77
C VAL L 205 -43.45 7.90 -33.01
N PRO L 206 -44.34 8.59 -33.74
CA PRO L 206 -44.10 9.99 -34.07
C PRO L 206 -44.19 10.87 -32.83
N GLU L 207 -43.35 11.90 -32.76
CA GLU L 207 -43.24 12.69 -31.53
C GLU L 207 -44.54 13.34 -31.15
N SER L 208 -45.35 13.62 -32.17
CA SER L 208 -46.68 14.20 -32.05
C SER L 208 -47.48 13.47 -30.97
N ARG L 209 -47.69 12.17 -31.15
CA ARG L 209 -48.48 11.40 -30.20
C ARG L 209 -47.82 11.33 -28.83
N ILE L 210 -46.48 11.39 -28.81
CA ILE L 210 -45.73 11.39 -27.55
C ILE L 210 -45.88 12.75 -26.86
N ALA L 211 -45.59 13.82 -27.59
CA ALA L 211 -45.68 15.18 -27.08
C ALA L 211 -47.05 15.46 -26.49
N GLU L 212 -48.07 15.02 -27.21
CA GLU L 212 -49.46 15.10 -26.78
C GLU L 212 -49.63 14.36 -25.47
N LEU L 213 -49.38 13.05 -25.50
CA LEU L 213 -49.41 12.18 -24.33
C LEU L 213 -48.67 12.72 -23.12
N ALA L 214 -47.52 13.36 -23.36
CA ALA L 214 -46.74 14.02 -22.33
C ALA L 214 -47.51 15.13 -21.65
N ARG L 215 -48.06 16.04 -22.44
CA ARG L 215 -48.82 17.20 -21.93
C ARG L 215 -50.01 16.76 -21.13
N ALA L 216 -50.63 15.67 -21.57
CA ALA L 216 -51.70 15.02 -20.83
C ALA L 216 -51.27 14.72 -19.41
N ILE L 217 -50.16 13.98 -19.27
CA ILE L 217 -49.60 13.61 -17.97
C ILE L 217 -49.24 14.86 -17.14
N ILE L 218 -48.59 15.83 -17.78
CA ILE L 218 -48.19 17.05 -17.12
C ILE L 218 -49.39 17.79 -16.56
N GLU L 219 -50.45 17.95 -17.37
CA GLU L 219 -51.66 18.64 -16.90
C GLU L 219 -52.37 17.89 -15.78
N SER L 220 -52.56 16.59 -15.95
CA SER L 220 -53.26 15.78 -14.95
C SER L 220 -52.53 15.79 -13.62
N ARG L 221 -51.19 15.69 -13.66
CA ARG L 221 -50.38 15.77 -12.45
C ARG L 221 -50.32 17.19 -11.90
N SER L 222 -50.47 18.16 -12.80
CA SER L 222 -50.40 19.58 -12.49
C SER L 222 -51.63 20.07 -11.72
N SER M 11 -0.87 -30.76 -67.56
CA SER M 11 -2.18 -30.54 -68.26
C SER M 11 -3.33 -30.38 -67.25
N PRO M 12 -3.40 -29.21 -66.58
CA PRO M 12 -4.43 -28.82 -65.61
C PRO M 12 -5.84 -29.37 -65.91
N GLU M 13 -6.27 -29.28 -67.17
CA GLU M 13 -7.56 -29.77 -67.66
C GLU M 13 -7.66 -31.29 -67.55
N GLN M 14 -6.67 -31.95 -68.14
CA GLN M 14 -6.58 -33.39 -68.16
C GLN M 14 -6.33 -33.94 -66.76
N ALA M 15 -5.62 -33.17 -65.94
CA ALA M 15 -5.34 -33.55 -64.56
C ALA M 15 -6.64 -33.71 -63.76
N MET M 16 -7.54 -32.74 -63.89
CA MET M 16 -8.84 -32.76 -63.22
C MET M 16 -9.68 -33.97 -63.62
N ARG M 17 -9.48 -34.45 -64.84
CA ARG M 17 -10.24 -35.58 -65.36
C ARG M 17 -9.79 -36.91 -64.72
N GLU M 18 -8.48 -37.01 -64.44
CA GLU M 18 -7.93 -38.18 -63.74
C GLU M 18 -8.38 -38.25 -62.28
N ARG M 19 -8.46 -37.09 -61.62
CA ARG M 19 -8.98 -36.96 -60.27
C ARG M 19 -10.42 -37.48 -60.20
N SER M 20 -11.25 -36.96 -61.09
CA SER M 20 -12.66 -37.35 -61.21
C SER M 20 -12.77 -38.84 -61.40
N GLU M 21 -12.03 -39.35 -62.36
CA GLU M 21 -11.95 -40.78 -62.65
C GLU M 21 -11.66 -41.64 -61.42
N LEU M 22 -10.51 -41.41 -60.81
CA LEU M 22 -10.08 -42.12 -59.59
C LEU M 22 -11.18 -42.16 -58.52
N ALA M 23 -11.74 -40.99 -58.23
CA ALA M 23 -12.81 -40.86 -57.25
C ALA M 23 -14.04 -41.66 -57.66
N ARG M 24 -14.51 -41.43 -58.88
CA ARG M 24 -15.74 -42.02 -59.38
C ARG M 24 -15.72 -43.56 -59.36
N LYS M 25 -14.55 -44.13 -59.67
CA LYS M 25 -14.35 -45.57 -59.61
C LYS M 25 -14.47 -46.11 -58.19
N GLY M 26 -13.77 -45.49 -57.25
CA GLY M 26 -13.84 -45.82 -55.84
C GLY M 26 -15.27 -45.86 -55.32
N ILE M 27 -16.07 -44.86 -55.73
CA ILE M 27 -17.50 -44.79 -55.37
C ILE M 27 -18.24 -46.01 -55.90
N ALA M 28 -17.95 -46.38 -57.15
CA ALA M 28 -18.57 -47.54 -57.78
C ALA M 28 -18.30 -48.85 -57.01
N ARG M 29 -17.02 -49.14 -56.75
CA ARG M 29 -16.65 -50.38 -56.06
C ARG M 29 -17.14 -50.46 -54.60
N ALA M 30 -17.59 -49.32 -54.07
CA ALA M 30 -18.15 -49.27 -52.71
C ALA M 30 -19.60 -49.77 -52.70
N LYS M 31 -20.10 -50.05 -51.51
CA LYS M 31 -21.47 -50.53 -51.32
C LYS M 31 -22.50 -49.43 -51.61
N SER M 32 -23.79 -49.77 -51.53
CA SER M 32 -24.87 -48.81 -51.87
C SER M 32 -25.62 -48.31 -50.66
N VAL M 33 -26.01 -47.04 -50.76
CA VAL M 33 -26.77 -46.34 -49.71
C VAL M 33 -27.92 -45.55 -50.33
N VAL M 34 -29.08 -45.60 -49.67
CA VAL M 34 -30.30 -44.94 -50.16
C VAL M 34 -30.99 -44.15 -49.05
N ALA M 35 -31.44 -42.94 -49.40
CA ALA M 35 -32.31 -42.13 -48.54
C ALA M 35 -33.54 -41.72 -49.31
N LEU M 36 -34.69 -41.68 -48.65
CA LEU M 36 -35.94 -41.25 -49.29
C LEU M 36 -36.96 -40.63 -48.32
N ALA M 37 -37.82 -39.78 -48.85
CA ALA M 37 -38.85 -39.10 -48.06
C ALA M 37 -40.09 -39.97 -47.93
N TYR M 38 -40.63 -40.02 -46.72
CA TYR M 38 -41.82 -40.81 -46.41
C TYR M 38 -42.66 -40.07 -45.38
N ALA M 39 -43.88 -40.56 -45.13
CA ALA M 39 -44.84 -39.91 -44.22
C ALA M 39 -44.24 -39.39 -42.92
N GLY M 40 -43.47 -40.25 -42.24
CA GLY M 40 -42.90 -39.92 -40.93
C GLY M 40 -41.68 -39.02 -40.94
N GLY M 41 -41.08 -38.84 -42.12
CA GLY M 41 -39.92 -37.97 -42.25
C GLY M 41 -38.97 -38.42 -43.35
N VAL M 42 -37.83 -38.96 -42.95
CA VAL M 42 -36.80 -39.44 -43.88
C VAL M 42 -36.25 -40.80 -43.46
N LEU M 43 -36.13 -41.71 -44.42
CA LEU M 43 -35.62 -43.05 -44.18
C LEU M 43 -34.21 -43.27 -44.72
N PHE M 44 -33.33 -43.81 -43.87
CA PHE M 44 -31.95 -44.14 -44.25
C PHE M 44 -31.75 -45.64 -44.27
N VAL M 45 -31.39 -46.15 -45.44
CA VAL M 45 -31.15 -47.57 -45.65
C VAL M 45 -29.86 -47.76 -46.45
N ALA M 46 -28.95 -48.56 -45.91
CA ALA M 46 -27.69 -48.88 -46.59
C ALA M 46 -27.26 -50.30 -46.24
N GLU M 47 -26.72 -51.00 -47.23
CA GLU M 47 -26.16 -52.32 -46.98
C GLU M 47 -24.82 -52.21 -46.28
N ASN M 48 -24.75 -52.80 -45.09
CA ASN M 48 -23.57 -52.74 -44.26
C ASN M 48 -23.46 -54.01 -43.44
N PRO M 49 -22.53 -54.91 -43.84
CA PRO M 49 -22.30 -56.14 -43.07
C PRO M 49 -21.74 -55.86 -41.69
N SER M 50 -20.91 -54.83 -41.55
CA SER M 50 -20.26 -54.46 -40.29
C SER M 50 -21.28 -54.17 -39.18
N ARG M 51 -20.92 -54.50 -37.93
CA ARG M 51 -21.81 -54.23 -36.79
C ARG M 51 -21.57 -52.83 -36.20
N SER M 52 -20.35 -52.31 -36.38
CA SER M 52 -19.96 -51.07 -35.73
C SER M 52 -19.63 -49.94 -36.71
N LEU M 53 -19.03 -50.29 -37.86
CA LEU M 53 -18.66 -49.30 -38.86
C LEU M 53 -19.88 -48.79 -39.63
N GLN M 54 -20.48 -47.72 -39.11
CA GLN M 54 -21.75 -47.20 -39.62
C GLN M 54 -21.60 -46.14 -40.70
N LYS M 55 -22.52 -46.17 -41.67
CA LYS M 55 -22.50 -45.28 -42.82
C LYS M 55 -23.57 -44.18 -42.68
N ILE M 56 -24.40 -44.31 -41.66
CA ILE M 56 -25.49 -43.36 -41.39
C ILE M 56 -25.41 -42.87 -39.95
N SER M 57 -25.53 -41.56 -39.78
CA SER M 57 -25.32 -40.92 -38.48
C SER M 57 -26.20 -39.68 -38.26
N GLU M 58 -26.40 -39.33 -36.99
CA GLU M 58 -27.07 -38.09 -36.63
C GLU M 58 -26.09 -36.95 -36.81
N LEU M 59 -26.58 -35.75 -37.13
CA LEU M 59 -25.74 -34.55 -37.13
C LEU M 59 -26.21 -33.60 -36.05
N TYR M 60 -27.42 -33.05 -36.22
CA TYR M 60 -28.02 -32.16 -35.24
C TYR M 60 -29.49 -32.52 -35.07
N ASP M 61 -30.16 -31.87 -34.13
CA ASP M 61 -31.56 -32.14 -33.81
C ASP M 61 -32.40 -32.75 -34.92
N ARG M 62 -32.53 -32.07 -36.06
CA ARG M 62 -33.44 -32.52 -37.10
C ARG M 62 -32.73 -32.82 -38.41
N VAL M 63 -31.41 -32.90 -38.37
CA VAL M 63 -30.63 -33.10 -39.59
C VAL M 63 -29.79 -34.37 -39.48
N GLY M 64 -29.65 -35.08 -40.60
CA GLY M 64 -29.02 -36.39 -40.61
C GLY M 64 -28.03 -36.64 -41.74
N PHE M 65 -27.12 -37.57 -41.50
CA PHE M 65 -25.95 -37.83 -42.35
C PHE M 65 -25.98 -39.26 -42.85
N ALA M 66 -25.63 -39.43 -44.12
CA ALA M 66 -25.43 -40.75 -44.72
C ALA M 66 -24.48 -40.63 -45.90
N ALA M 67 -23.56 -41.57 -46.02
CA ALA M 67 -22.55 -41.51 -47.07
C ALA M 67 -22.10 -42.90 -47.55
N ALA M 68 -21.73 -42.99 -48.82
CA ALA M 68 -21.12 -44.21 -49.37
C ALA M 68 -19.68 -43.93 -49.81
N GLY M 69 -18.81 -44.93 -49.72
CA GLY M 69 -17.41 -44.78 -50.14
C GLY M 69 -16.39 -45.24 -49.11
N LYS M 70 -15.17 -44.71 -49.21
CA LYS M 70 -14.07 -45.08 -48.32
C LYS M 70 -14.36 -44.57 -46.90
N PHE M 71 -14.63 -45.50 -45.99
CA PHE M 71 -15.10 -45.17 -44.64
C PHE M 71 -14.30 -44.09 -43.90
N ASN M 72 -13.01 -44.34 -43.68
CA ASN M 72 -12.14 -43.41 -42.96
C ASN M 72 -12.25 -41.97 -43.46
N GLU M 73 -12.61 -41.84 -44.74
CA GLU M 73 -12.78 -40.53 -45.34
C GLU M 73 -14.12 -39.91 -44.98
N PHE M 74 -15.23 -40.62 -45.21
CA PHE M 74 -16.51 -40.00 -44.88
C PHE M 74 -16.75 -39.90 -43.38
N ASP M 75 -16.22 -40.84 -42.60
CA ASP M 75 -16.35 -40.75 -41.15
C ASP M 75 -15.68 -39.49 -40.64
N ASN M 76 -14.62 -39.09 -41.33
CA ASN M 76 -13.94 -37.83 -41.07
C ASN M 76 -14.91 -36.68 -41.27
N LEU M 77 -15.46 -36.58 -42.47
CA LEU M 77 -16.42 -35.56 -42.80
C LEU M 77 -17.62 -35.56 -41.85
N ARG M 78 -18.13 -36.75 -41.54
CA ARG M 78 -19.19 -36.91 -40.54
C ARG M 78 -18.83 -36.17 -39.23
N ARG M 79 -17.64 -36.46 -38.70
CA ARG M 79 -17.18 -35.84 -37.47
C ARG M 79 -17.14 -34.32 -37.61
N GLY M 80 -16.58 -33.85 -38.72
CA GLY M 80 -16.51 -32.43 -39.05
C GLY M 80 -17.88 -31.77 -39.03
N GLY M 81 -18.86 -32.43 -39.64
CA GLY M 81 -20.25 -31.99 -39.62
C GLY M 81 -20.77 -31.81 -38.21
N ILE M 82 -20.71 -32.87 -37.42
CA ILE M 82 -21.15 -32.79 -36.03
C ILE M 82 -20.42 -31.65 -35.31
N GLN M 83 -19.12 -31.49 -35.58
CA GLN M 83 -18.31 -30.41 -34.99
C GLN M 83 -18.88 -29.04 -35.36
N PHE M 84 -19.11 -28.84 -36.66
CA PHE M 84 -19.65 -27.58 -37.18
C PHE M 84 -21.01 -27.28 -36.58
N ALA M 85 -21.92 -28.25 -36.68
CA ALA M 85 -23.28 -28.08 -36.22
C ALA M 85 -23.34 -27.74 -34.74
N ASP M 86 -22.69 -28.54 -33.90
CA ASP M 86 -22.70 -28.28 -32.49
C ASP M 86 -22.18 -26.88 -32.12
N THR M 87 -21.15 -26.42 -32.82
CA THR M 87 -20.51 -25.12 -32.60
C THR M 87 -21.50 -24.00 -32.95
N ARG M 88 -22.01 -24.13 -34.17
CA ARG M 88 -22.95 -23.18 -34.75
C ARG M 88 -24.18 -23.01 -33.86
N GLY M 89 -24.76 -24.13 -33.43
CA GLY M 89 -25.85 -24.14 -32.48
C GLY M 89 -25.55 -23.38 -31.20
N TYR M 90 -24.36 -23.57 -30.64
CA TYR M 90 -24.00 -22.92 -29.38
C TYR M 90 -23.75 -21.44 -29.61
N ALA M 91 -23.23 -21.07 -30.79
CA ALA M 91 -22.93 -19.68 -31.12
C ALA M 91 -24.20 -18.85 -31.22
N TYR M 92 -25.21 -19.45 -31.84
CA TYR M 92 -26.46 -18.76 -32.08
C TYR M 92 -27.61 -19.41 -31.29
N ASP M 93 -28.40 -20.24 -31.97
CA ASP M 93 -29.34 -21.13 -31.30
C ASP M 93 -29.45 -22.44 -32.05
N ARG M 94 -29.86 -23.47 -31.32
CA ARG M 94 -30.13 -24.79 -31.90
C ARG M 94 -30.92 -24.67 -33.18
N ARG M 95 -31.94 -23.82 -33.16
CA ARG M 95 -32.86 -23.75 -34.28
C ARG M 95 -32.27 -23.07 -35.51
N ASP M 96 -31.03 -22.59 -35.42
CA ASP M 96 -30.39 -21.90 -36.53
C ASP M 96 -29.48 -22.79 -37.40
N VAL M 97 -29.46 -24.10 -37.10
CA VAL M 97 -28.68 -25.09 -37.87
C VAL M 97 -29.64 -25.70 -38.91
N THR M 98 -29.23 -25.80 -40.17
CA THR M 98 -30.21 -26.12 -41.22
C THR M 98 -29.93 -27.35 -42.05
N GLY M 99 -28.70 -27.84 -42.06
CA GLY M 99 -28.43 -29.01 -42.91
C GLY M 99 -28.36 -28.63 -44.37
N ARG M 100 -29.07 -27.57 -44.75
CA ARG M 100 -28.74 -26.88 -45.97
C ARG M 100 -27.38 -26.23 -45.76
N GLN M 101 -27.16 -25.71 -44.54
CA GLN M 101 -25.87 -25.19 -44.11
C GLN M 101 -24.80 -26.26 -44.22
N LEU M 102 -25.09 -27.42 -43.64
CA LEU M 102 -24.13 -28.52 -43.62
C LEU M 102 -23.79 -29.00 -45.04
N ALA M 103 -24.80 -29.01 -45.92
CA ALA M 103 -24.56 -29.34 -47.31
C ALA M 103 -23.54 -28.38 -47.94
N ASN M 104 -23.70 -27.08 -47.69
CA ASN M 104 -22.72 -26.10 -48.18
C ASN M 104 -21.32 -26.38 -47.66
N VAL M 105 -21.20 -26.45 -46.33
CA VAL M 105 -19.94 -26.82 -45.66
C VAL M 105 -19.29 -28.03 -46.32
N TYR M 106 -20.07 -29.09 -46.53
CA TYR M 106 -19.57 -30.30 -47.17
C TYR M 106 -19.13 -30.06 -48.60
N ALA M 107 -19.94 -29.31 -49.33
CA ALA M 107 -19.61 -28.97 -50.71
C ALA M 107 -18.34 -28.16 -50.74
N GLN M 108 -18.18 -27.26 -49.76
CA GLN M 108 -16.99 -26.45 -49.65
C GLN M 108 -15.75 -27.29 -49.36
N THR M 109 -15.86 -28.14 -48.34
CA THR M 109 -14.76 -29.02 -47.91
C THR M 109 -14.31 -29.96 -49.03
N LEU M 110 -15.26 -30.76 -49.55
CA LEU M 110 -15.00 -31.68 -50.65
C LEU M 110 -14.46 -30.94 -51.88
N GLY M 111 -14.94 -29.72 -52.08
CA GLY M 111 -14.47 -28.85 -53.16
C GLY M 111 -12.99 -28.55 -53.04
N THR M 112 -12.59 -28.07 -51.86
CA THR M 112 -11.18 -27.84 -51.52
C THR M 112 -10.34 -29.12 -51.68
N ILE M 113 -10.78 -30.21 -51.05
CA ILE M 113 -10.09 -31.49 -51.13
C ILE M 113 -9.78 -31.90 -52.57
N PHE M 114 -10.79 -31.82 -53.44
CA PHE M 114 -10.67 -32.19 -54.86
C PHE M 114 -9.60 -31.39 -55.60
N THR M 115 -9.14 -30.31 -54.97
CA THR M 115 -8.17 -29.39 -55.55
C THR M 115 -6.85 -29.48 -54.80
N GLU M 116 -6.91 -29.24 -53.50
CA GLU M 116 -5.73 -29.11 -52.67
C GLU M 116 -5.08 -30.44 -52.29
N GLN M 117 -5.88 -31.39 -51.81
CA GLN M 117 -5.39 -32.71 -51.39
C GLN M 117 -4.79 -33.47 -52.56
N ALA M 118 -3.74 -34.25 -52.29
CA ALA M 118 -3.10 -35.06 -53.31
C ALA M 118 -4.13 -35.93 -54.03
N LYS M 119 -4.78 -36.81 -53.25
CA LYS M 119 -5.80 -37.71 -53.77
C LYS M 119 -7.18 -37.29 -53.25
N PRO M 120 -8.17 -37.16 -54.18
CA PRO M 120 -9.51 -36.68 -53.83
C PRO M 120 -10.24 -37.70 -53.01
N TYR M 121 -11.17 -37.26 -52.17
CA TYR M 121 -11.96 -38.17 -51.36
C TYR M 121 -12.86 -39.04 -52.23
N GLU M 122 -12.86 -40.34 -51.93
CA GLU M 122 -13.71 -41.30 -52.61
C GLU M 122 -14.99 -41.47 -51.81
N VAL M 123 -15.84 -40.45 -51.84
CA VAL M 123 -17.08 -40.44 -51.05
C VAL M 123 -18.21 -39.76 -51.82
N GLU M 124 -19.44 -40.03 -51.38
CA GLU M 124 -20.61 -39.29 -51.83
C GLU M 124 -21.55 -39.17 -50.64
N LEU M 125 -22.00 -37.96 -50.37
CA LEU M 125 -22.70 -37.66 -49.13
C LEU M 125 -24.16 -37.31 -49.31
N CYS M 126 -24.92 -37.49 -48.22
CA CYS M 126 -26.32 -37.11 -48.16
C CYS M 126 -26.65 -36.45 -46.83
N VAL M 127 -27.10 -35.20 -46.90
CA VAL M 127 -27.58 -34.50 -45.72
C VAL M 127 -29.09 -34.34 -45.83
N ALA M 128 -29.80 -34.74 -44.79
CA ALA M 128 -31.27 -34.71 -44.80
C ALA M 128 -31.82 -33.98 -43.59
N GLU M 129 -32.78 -33.09 -43.84
CA GLU M 129 -33.46 -32.37 -42.78
C GLU M 129 -34.96 -32.65 -42.82
N VAL M 130 -35.58 -32.65 -41.64
CA VAL M 130 -37.00 -32.90 -41.52
C VAL M 130 -37.60 -32.00 -40.45
N ALA M 131 -38.57 -31.18 -40.85
CA ALA M 131 -39.24 -30.18 -40.01
C ALA M 131 -39.22 -30.39 -38.49
N HIS M 132 -39.14 -29.30 -37.75
CA HIS M 132 -39.19 -29.35 -36.28
C HIS M 132 -40.51 -29.92 -35.78
N TYR M 133 -40.57 -30.30 -34.50
CA TYR M 133 -41.71 -31.01 -33.91
C TYR M 133 -43.09 -30.59 -34.42
N GLY M 134 -43.67 -29.55 -33.83
CA GLY M 134 -45.02 -29.11 -34.19
C GLY M 134 -45.16 -28.79 -35.67
N GLU M 135 -44.20 -27.99 -36.17
CA GLU M 135 -44.09 -27.56 -37.57
C GLU M 135 -44.35 -28.68 -38.58
N THR M 136 -44.87 -28.33 -39.75
CA THR M 136 -44.94 -29.27 -40.88
C THR M 136 -44.32 -28.66 -42.12
N LYS M 137 -43.27 -29.33 -42.62
CA LYS M 137 -42.49 -28.85 -43.76
C LYS M 137 -42.00 -30.04 -44.57
N ARG M 138 -41.88 -29.83 -45.88
CA ARG M 138 -41.49 -30.89 -46.80
C ARG M 138 -40.02 -31.30 -46.54
N PRO M 139 -39.80 -32.54 -46.03
CA PRO M 139 -38.47 -33.06 -45.78
C PRO M 139 -37.51 -32.78 -46.94
N GLU M 140 -36.27 -32.41 -46.61
CA GLU M 140 -35.30 -31.96 -47.59
C GLU M 140 -34.09 -32.91 -47.70
N LEU M 141 -33.64 -33.17 -48.92
CA LEU M 141 -32.52 -34.07 -49.16
C LEU M 141 -31.46 -33.42 -50.05
N TYR M 142 -30.22 -33.47 -49.61
CA TYR M 142 -29.07 -32.90 -50.34
C TYR M 142 -28.02 -33.95 -50.66
N ARG M 143 -27.53 -33.92 -51.90
CA ARG M 143 -26.46 -34.81 -52.33
C ARG M 143 -25.22 -34.01 -52.67
N ILE M 144 -24.12 -34.33 -51.99
CA ILE M 144 -22.85 -33.69 -52.24
C ILE M 144 -21.87 -34.72 -52.82
N THR M 145 -21.35 -34.42 -54.02
CA THR M 145 -20.46 -35.32 -54.74
C THR M 145 -19.01 -35.06 -54.33
N TYR M 146 -18.13 -35.93 -54.80
CA TYR M 146 -16.70 -35.87 -54.49
C TYR M 146 -16.02 -34.56 -54.92
N ASP M 147 -16.52 -33.97 -56.01
CA ASP M 147 -15.90 -32.78 -56.60
C ASP M 147 -16.42 -31.49 -55.97
N GLY M 148 -17.29 -31.62 -54.98
CA GLY M 148 -17.86 -30.47 -54.28
C GLY M 148 -19.17 -29.97 -54.87
N SER M 149 -19.66 -30.67 -55.89
CA SER M 149 -20.95 -30.35 -56.49
C SER M 149 -22.07 -30.71 -55.52
N ILE M 150 -23.14 -29.93 -55.56
CA ILE M 150 -24.23 -30.07 -54.60
C ILE M 150 -25.57 -29.89 -55.30
N ALA M 151 -26.48 -30.85 -55.10
CA ALA M 151 -27.85 -30.77 -55.64
C ALA M 151 -28.86 -31.27 -54.61
N ASP M 152 -30.11 -30.86 -54.74
CA ASP M 152 -31.17 -31.31 -53.81
C ASP M 152 -32.33 -32.04 -54.48
N GLU M 153 -32.31 -33.38 -54.40
CA GLU M 153 -33.44 -34.15 -54.87
C GLU M 153 -34.64 -33.96 -53.94
N PRO M 154 -35.86 -33.92 -54.53
CA PRO M 154 -37.08 -33.66 -53.79
C PRO M 154 -37.67 -34.91 -53.13
N HIS M 155 -37.30 -36.09 -53.63
CA HIS M 155 -37.97 -37.31 -53.21
C HIS M 155 -37.05 -38.39 -52.63
N PHE M 156 -35.96 -38.69 -53.34
CA PHE M 156 -35.05 -39.75 -52.92
C PHE M 156 -33.64 -39.49 -53.42
N VAL M 157 -32.65 -40.04 -52.71
CA VAL M 157 -31.25 -39.95 -53.13
C VAL M 157 -30.55 -41.32 -53.08
N VAL M 158 -29.86 -41.65 -54.17
CA VAL M 158 -29.10 -42.89 -54.28
C VAL M 158 -27.61 -42.57 -54.43
N MET M 159 -26.77 -43.41 -53.83
CA MET M 159 -25.30 -43.24 -53.90
C MET M 159 -24.53 -44.53 -53.58
N GLY M 160 -23.40 -44.72 -54.26
CA GLY M 160 -22.54 -45.88 -54.06
C GLY M 160 -22.90 -47.02 -54.99
N GLY M 161 -21.88 -47.62 -55.60
CA GLY M 161 -22.08 -48.72 -56.54
C GLY M 161 -22.76 -48.26 -57.81
N THR M 162 -23.45 -49.19 -58.48
CA THR M 162 -24.20 -48.85 -59.68
C THR M 162 -25.57 -48.34 -59.27
N THR M 163 -25.81 -47.06 -59.56
CA THR M 163 -27.00 -46.37 -59.08
C THR M 163 -28.21 -46.50 -60.04
N GLU M 164 -27.97 -46.52 -61.35
CA GLU M 164 -29.04 -46.62 -62.37
C GLU M 164 -30.13 -47.63 -62.04
N PRO M 165 -29.77 -48.92 -61.84
CA PRO M 165 -30.79 -49.95 -61.50
C PRO M 165 -31.50 -49.69 -60.17
N ILE M 166 -30.75 -49.18 -59.19
CA ILE M 166 -31.28 -48.86 -57.86
C ILE M 166 -32.16 -47.61 -57.91
N ALA M 167 -31.68 -46.58 -58.60
CA ALA M 167 -32.41 -45.34 -58.79
C ALA M 167 -33.61 -45.48 -59.72
N ASN M 168 -33.48 -46.31 -60.77
CA ASN M 168 -34.59 -46.58 -61.68
C ASN M 168 -35.75 -47.25 -60.96
N ALA M 169 -35.45 -48.29 -60.17
CA ALA M 169 -36.45 -49.01 -59.38
C ALA M 169 -37.28 -48.05 -58.54
N LEU M 170 -36.62 -47.03 -58.00
CA LEU M 170 -37.26 -46.01 -57.19
C LEU M 170 -38.12 -45.05 -58.02
N LYS M 171 -37.65 -44.67 -59.20
CA LYS M 171 -38.40 -43.72 -60.02
C LYS M 171 -39.82 -44.22 -60.29
N GLU M 172 -40.10 -45.48 -59.97
CA GLU M 172 -41.46 -46.03 -60.02
C GLU M 172 -41.98 -46.45 -58.64
N SER M 173 -41.19 -47.21 -57.90
CA SER M 173 -41.60 -47.76 -56.61
C SER M 173 -41.84 -46.70 -55.53
N TYR M 174 -41.32 -45.49 -55.76
CA TYR M 174 -41.44 -44.42 -54.76
C TYR M 174 -42.90 -44.04 -54.52
N ALA M 175 -43.40 -44.41 -53.34
CA ALA M 175 -44.71 -44.00 -52.89
C ALA M 175 -44.57 -42.67 -52.15
N GLU M 176 -45.05 -41.60 -52.80
CA GLU M 176 -44.91 -40.22 -52.34
C GLU M 176 -45.04 -40.07 -50.82
N ASN M 177 -46.14 -40.58 -50.26
CA ASN M 177 -46.36 -40.49 -48.83
C ASN M 177 -46.45 -41.84 -48.15
N ALA M 178 -45.45 -42.67 -48.41
CA ALA M 178 -45.39 -44.05 -47.93
C ALA M 178 -45.48 -44.19 -46.41
N SER M 179 -45.59 -45.42 -45.95
CA SER M 179 -45.49 -45.74 -44.54
C SER M 179 -44.05 -46.11 -44.21
N LEU M 180 -43.70 -46.10 -42.93
CA LEU M 180 -42.38 -46.53 -42.46
C LEU M 180 -42.07 -47.94 -42.97
N THR M 181 -43.02 -48.86 -42.78
CA THR M 181 -42.87 -50.23 -43.22
C THR M 181 -43.00 -50.37 -44.74
N ASP M 182 -43.74 -49.45 -45.36
CA ASP M 182 -43.93 -49.44 -46.82
C ASP M 182 -42.70 -48.91 -47.54
N ALA M 183 -42.17 -47.78 -47.08
CA ALA M 183 -40.97 -47.15 -47.65
C ALA M 183 -39.73 -48.04 -47.50
N LEU M 184 -39.64 -48.73 -46.37
CA LEU M 184 -38.57 -49.68 -46.11
C LEU M 184 -38.62 -50.83 -47.09
N ARG M 185 -39.83 -51.35 -47.32
CA ARG M 185 -40.08 -52.38 -48.32
C ARG M 185 -39.66 -51.87 -49.70
N ILE M 186 -40.19 -50.72 -50.10
CA ILE M 186 -39.83 -50.01 -51.35
C ILE M 186 -38.31 -49.89 -51.52
N ALA M 187 -37.63 -49.46 -50.46
CA ALA M 187 -36.18 -49.24 -50.48
C ALA M 187 -35.36 -50.52 -50.68
N VAL M 188 -35.41 -51.43 -49.70
CA VAL M 188 -34.68 -52.69 -49.75
C VAL M 188 -34.87 -53.43 -51.07
N ALA M 189 -36.08 -53.36 -51.62
CA ALA M 189 -36.38 -53.94 -52.93
C ALA M 189 -35.61 -53.20 -54.04
N ALA M 190 -35.74 -51.87 -54.07
CA ALA M 190 -35.03 -51.04 -55.03
C ALA M 190 -33.52 -51.21 -54.96
N LEU M 191 -33.03 -51.54 -53.76
CA LEU M 191 -31.60 -51.73 -53.56
C LEU M 191 -31.11 -53.04 -54.17
N ARG M 192 -31.87 -54.12 -53.97
CA ARG M 192 -31.56 -55.42 -54.59
C ARG M 192 -31.52 -55.38 -56.12
N ALA M 193 -32.20 -54.39 -56.69
CA ALA M 193 -32.23 -54.16 -58.13
C ALA M 193 -30.83 -54.03 -58.73
N GLY M 194 -29.94 -53.35 -57.98
CA GLY M 194 -28.54 -53.22 -58.35
C GLY M 194 -27.66 -54.20 -57.60
N SER M 195 -27.79 -55.48 -57.94
CA SER M 195 -27.05 -56.56 -57.27
C SER M 195 -26.84 -57.76 -58.21
N LEU M 206 -29.52 -62.35 -49.71
CA LEU M 206 -29.20 -60.92 -49.86
C LEU M 206 -30.29 -59.98 -49.31
N GLY M 207 -29.86 -58.79 -48.88
CA GLY M 207 -30.73 -57.79 -48.25
C GLY M 207 -31.39 -58.25 -46.96
N VAL M 208 -30.66 -59.02 -46.14
CA VAL M 208 -31.21 -59.57 -44.88
C VAL M 208 -31.13 -58.53 -43.75
N ALA M 209 -31.67 -58.87 -42.57
CA ALA M 209 -31.59 -57.99 -41.40
C ALA M 209 -30.14 -57.79 -40.94
N SER M 210 -29.21 -57.95 -41.87
CA SER M 210 -27.80 -57.66 -41.67
C SER M 210 -27.38 -56.53 -42.58
N LEU M 211 -27.87 -55.34 -42.24
CA LEU M 211 -27.54 -54.07 -42.91
C LEU M 211 -27.78 -52.91 -41.93
N GLU M 212 -27.77 -51.68 -42.43
CA GLU M 212 -27.93 -50.50 -41.57
C GLU M 212 -29.14 -49.62 -41.89
N VAL M 213 -29.96 -49.39 -40.87
CA VAL M 213 -31.22 -48.67 -41.02
C VAL M 213 -31.43 -47.67 -39.89
N ALA M 214 -31.80 -46.45 -40.25
CA ALA M 214 -32.15 -45.41 -39.29
C ALA M 214 -33.09 -44.39 -39.91
N VAL M 215 -33.83 -43.65 -39.08
CA VAL M 215 -34.81 -42.69 -39.57
C VAL M 215 -34.72 -41.31 -38.92
N LEU M 216 -35.13 -40.29 -39.68
CA LEU M 216 -35.34 -38.97 -39.14
C LEU M 216 -36.83 -38.83 -38.82
N ASP M 217 -37.21 -39.26 -37.63
CA ASP M 217 -38.62 -39.26 -37.20
C ASP M 217 -39.13 -37.87 -36.84
N ALA M 218 -39.79 -37.22 -37.80
CA ALA M 218 -40.30 -35.85 -37.64
C ALA M 218 -41.24 -35.70 -36.46
N ASN M 219 -41.74 -36.84 -35.97
CA ASN M 219 -42.68 -36.88 -34.87
C ASN M 219 -42.00 -36.74 -33.50
N ARG M 220 -40.70 -36.99 -33.46
CA ARG M 220 -39.90 -36.84 -32.24
C ARG M 220 -39.87 -35.41 -31.74
N PRO M 221 -39.84 -35.21 -30.40
CA PRO M 221 -39.82 -33.88 -29.80
C PRO M 221 -38.60 -33.04 -30.19
N ARG M 222 -37.41 -33.47 -29.79
CA ARG M 222 -36.19 -32.75 -30.14
C ARG M 222 -35.31 -33.50 -31.12
N ARG M 223 -34.61 -34.52 -30.64
CA ARG M 223 -33.66 -35.24 -31.48
C ARG M 223 -34.39 -36.17 -32.43
N ALA M 224 -34.53 -35.73 -33.67
CA ALA M 224 -35.33 -36.43 -34.66
C ALA M 224 -34.64 -37.64 -35.29
N PHE M 225 -33.69 -38.23 -34.57
CA PHE M 225 -32.94 -39.36 -35.11
C PHE M 225 -33.31 -40.62 -34.33
N ARG M 226 -33.28 -41.77 -35.02
CA ARG M 226 -33.52 -43.05 -34.40
C ARG M 226 -32.97 -44.17 -35.27
N ARG M 227 -32.13 -45.02 -34.68
CA ARG M 227 -31.64 -46.21 -35.37
C ARG M 227 -32.66 -47.31 -35.20
N ILE M 228 -32.91 -48.07 -36.25
CA ILE M 228 -33.75 -49.25 -36.14
C ILE M 228 -32.88 -50.49 -35.95
N THR M 229 -32.99 -51.06 -34.74
CA THR M 229 -32.19 -52.20 -34.28
C THR M 229 -32.47 -53.49 -35.07
N GLY M 230 -32.16 -54.64 -34.51
CA GLY M 230 -32.33 -55.93 -35.19
C GLY M 230 -33.75 -56.49 -35.16
N SER M 231 -34.23 -56.77 -33.95
CA SER M 231 -35.54 -57.40 -33.76
C SER M 231 -36.68 -56.53 -34.28
N ALA M 232 -36.69 -55.26 -33.85
CA ALA M 232 -37.71 -54.29 -34.26
C ALA M 232 -37.75 -54.07 -35.78
N LEU M 233 -36.57 -54.21 -36.42
CA LEU M 233 -36.44 -54.08 -37.87
C LEU M 233 -37.22 -55.16 -38.62
N GLN M 234 -37.06 -56.40 -38.18
CA GLN M 234 -37.70 -57.55 -38.83
C GLN M 234 -39.19 -57.31 -39.05
N ALA M 235 -39.85 -56.74 -38.05
CA ALA M 235 -41.29 -56.47 -38.06
C ALA M 235 -41.74 -55.50 -39.16
N LEU M 236 -40.76 -55.03 -39.95
CA LEU M 236 -41.00 -54.05 -41.00
C LEU M 236 -40.42 -54.52 -42.34
N LEU M 237 -39.42 -55.39 -42.24
CA LEU M 237 -38.60 -55.82 -43.37
C LEU M 237 -39.35 -56.55 -44.50
N VAL M 238 -38.85 -56.38 -45.73
CA VAL M 238 -39.46 -56.97 -46.95
C VAL M 238 -38.99 -58.40 -47.29
N ASP M 239 -39.97 -59.25 -47.63
CA ASP M 239 -39.74 -60.61 -48.14
C ASP M 239 -39.09 -60.52 -49.55
N GLN M 240 -37.98 -61.23 -49.76
CA GLN M 240 -37.37 -61.30 -51.10
C GLN M 240 -37.72 -62.61 -51.85
N THR N 1 -29.97 -18.90 -3.30
CA THR N 1 -30.21 -20.12 -4.11
C THR N 1 -30.06 -21.37 -3.25
N THR N 2 -30.84 -22.39 -3.62
CA THR N 2 -30.69 -23.73 -3.11
C THR N 2 -31.08 -24.68 -4.24
N ILE N 3 -30.18 -25.59 -4.58
CA ILE N 3 -30.52 -26.71 -5.43
C ILE N 3 -30.35 -27.91 -4.52
N VAL N 4 -31.24 -28.89 -4.66
CA VAL N 4 -31.20 -30.03 -3.78
C VAL N 4 -31.37 -31.32 -4.58
N ALA N 5 -30.67 -32.38 -4.18
CA ALA N 5 -30.77 -33.67 -4.87
C ALA N 5 -30.97 -34.84 -3.91
N LEU N 6 -31.89 -35.73 -4.26
CA LEU N 6 -32.24 -36.87 -3.41
C LEU N 6 -32.15 -38.18 -4.14
N LYS N 7 -31.70 -39.19 -3.41
CA LYS N 7 -31.58 -40.55 -3.90
C LYS N 7 -32.69 -41.39 -3.26
N TYR N 8 -33.51 -42.02 -4.09
CA TYR N 8 -34.56 -42.92 -3.63
C TYR N 8 -34.37 -44.27 -4.36
N PRO N 9 -35.03 -45.37 -3.89
CA PRO N 9 -34.88 -46.71 -4.49
C PRO N 9 -34.91 -46.75 -6.02
N GLY N 10 -35.93 -46.17 -6.64
CA GLY N 10 -36.02 -46.13 -8.11
C GLY N 10 -34.89 -45.37 -8.81
N GLY N 11 -34.59 -44.17 -8.33
CA GLY N 11 -33.55 -43.33 -8.94
C GLY N 11 -33.20 -42.08 -8.14
N VAL N 12 -33.24 -40.91 -8.81
CA VAL N 12 -32.96 -39.62 -8.16
C VAL N 12 -33.94 -38.51 -8.53
N VAL N 13 -34.09 -37.56 -7.60
CA VAL N 13 -34.82 -36.33 -7.86
C VAL N 13 -33.93 -35.13 -7.54
N MET N 14 -33.95 -34.12 -8.42
CA MET N 14 -33.32 -32.85 -8.09
C MET N 14 -34.31 -31.70 -8.32
N ALA N 15 -34.30 -30.77 -7.37
CA ALA N 15 -35.18 -29.63 -7.41
C ALA N 15 -34.46 -28.39 -6.90
N GLY N 16 -34.72 -27.25 -7.53
CA GLY N 16 -34.20 -25.98 -7.04
C GLY N 16 -35.18 -24.85 -7.18
N ASP N 17 -35.06 -23.84 -6.31
CA ASP N 17 -35.95 -22.68 -6.33
C ASP N 17 -35.77 -21.84 -7.58
N ARG N 18 -36.38 -20.66 -7.59
CA ARG N 18 -36.33 -19.75 -8.75
C ARG N 18 -35.90 -18.30 -8.45
N ARG N 19 -35.44 -18.02 -7.24
CA ARG N 19 -35.04 -16.67 -6.88
C ARG N 19 -33.72 -16.30 -7.56
N SER N 20 -33.62 -15.04 -7.94
CA SER N 20 -32.37 -14.49 -8.38
C SER N 20 -32.30 -13.15 -7.74
N THR N 21 -31.24 -12.95 -6.99
CA THR N 21 -31.08 -11.76 -6.20
C THR N 21 -29.86 -10.94 -6.67
N GLN N 22 -29.81 -9.67 -6.30
CA GLN N 22 -28.69 -8.83 -6.63
C GLN N 22 -28.56 -7.78 -5.57
N GLY N 23 -27.66 -8.06 -4.64
CA GLY N 23 -27.62 -7.29 -3.42
C GLY N 23 -28.69 -7.95 -2.61
N ASN N 24 -29.48 -7.15 -1.95
CA ASN N 24 -30.62 -7.71 -1.26
C ASN N 24 -31.90 -7.28 -1.98
N MET N 25 -31.87 -7.46 -3.30
CA MET N 25 -32.87 -6.90 -4.13
C MET N 25 -33.30 -8.00 -5.07
N ILE N 26 -34.55 -8.45 -4.97
CA ILE N 26 -35.01 -9.56 -5.81
C ILE N 26 -35.04 -9.11 -7.26
N SER N 27 -34.37 -9.85 -8.12
CA SER N 27 -34.27 -9.47 -9.52
C SER N 27 -34.70 -10.60 -10.42
N GLY N 28 -35.25 -11.66 -9.83
CA GLY N 28 -35.71 -12.81 -10.58
C GLY N 28 -36.67 -13.57 -9.69
N ARG N 29 -37.72 -14.12 -10.30
CA ARG N 29 -38.71 -14.84 -9.50
C ARG N 29 -39.07 -16.19 -10.11
N ASP N 30 -38.46 -16.48 -11.27
CA ASP N 30 -38.85 -17.64 -12.05
C ASP N 30 -37.67 -18.22 -12.83
N VAL N 31 -36.49 -18.18 -12.22
CA VAL N 31 -35.32 -18.72 -12.85
C VAL N 31 -35.39 -20.24 -12.84
N ARG N 32 -35.02 -20.85 -13.96
CA ARG N 32 -34.94 -22.31 -14.03
C ARG N 32 -33.53 -22.75 -13.74
N LYS N 33 -33.30 -23.19 -12.51
CA LYS N 33 -31.95 -23.51 -12.10
C LYS N 33 -31.57 -24.99 -12.26
N VAL N 34 -32.53 -25.83 -12.66
CA VAL N 34 -32.28 -27.28 -12.85
C VAL N 34 -32.51 -27.70 -14.30
N TYR N 35 -31.52 -28.34 -14.91
CA TYR N 35 -31.57 -28.68 -16.34
C TYR N 35 -31.43 -30.16 -16.59
N ILE N 36 -32.06 -30.64 -17.66
CA ILE N 36 -31.90 -32.00 -18.09
C ILE N 36 -30.79 -32.03 -19.11
N THR N 37 -29.59 -32.40 -18.65
CA THR N 37 -28.39 -32.35 -19.46
C THR N 37 -28.37 -33.39 -20.59
N ASP N 38 -28.75 -34.62 -20.26
CA ASP N 38 -29.11 -35.63 -21.26
C ASP N 38 -30.16 -36.56 -20.66
N ASP N 39 -30.41 -37.69 -21.32
CA ASP N 39 -31.49 -38.60 -20.95
C ASP N 39 -31.45 -39.11 -19.51
N TYR N 40 -30.26 -39.20 -18.95
CA TYR N 40 -30.09 -39.73 -17.59
C TYR N 40 -29.35 -38.79 -16.66
N THR N 41 -29.11 -37.57 -17.10
CA THR N 41 -28.42 -36.61 -16.26
C THR N 41 -29.21 -35.34 -16.13
N ALA N 42 -29.39 -34.92 -14.88
CA ALA N 42 -29.84 -33.58 -14.59
C ALA N 42 -28.73 -32.83 -13.89
N THR N 43 -28.53 -31.57 -14.27
CA THR N 43 -27.57 -30.74 -13.58
C THR N 43 -28.17 -29.43 -13.08
N GLY N 44 -27.95 -29.15 -11.79
CA GLY N 44 -28.35 -27.90 -11.16
C GLY N 44 -27.12 -27.04 -10.90
N ILE N 45 -27.28 -25.72 -10.92
CA ILE N 45 -26.12 -24.78 -10.86
C ILE N 45 -26.38 -23.54 -10.01
N ALA N 46 -25.44 -23.21 -9.13
CA ALA N 46 -25.63 -22.13 -8.17
C ALA N 46 -24.58 -21.04 -8.36
N GLY N 47 -24.89 -19.84 -7.90
CA GLY N 47 -23.95 -18.72 -8.00
C GLY N 47 -24.25 -17.73 -9.11
N THR N 48 -23.23 -17.37 -9.87
CA THR N 48 -23.34 -16.34 -10.90
C THR N 48 -24.16 -16.84 -12.09
N ALA N 49 -25.31 -16.20 -12.28
CA ALA N 49 -26.29 -16.57 -13.28
C ALA N 49 -25.70 -16.71 -14.67
N ALA N 50 -25.00 -15.69 -15.15
CA ALA N 50 -24.47 -15.75 -16.51
C ALA N 50 -23.67 -17.04 -16.74
N VAL N 51 -22.89 -17.44 -15.71
CA VAL N 51 -22.03 -18.61 -15.79
C VAL N 51 -22.84 -19.89 -15.65
N ALA N 52 -23.69 -19.96 -14.61
CA ALA N 52 -24.55 -21.12 -14.39
C ALA N 52 -25.30 -21.52 -15.66
N VAL N 53 -25.95 -20.55 -16.31
CA VAL N 53 -26.70 -20.79 -17.54
C VAL N 53 -25.77 -21.36 -18.62
N GLU N 54 -24.59 -20.77 -18.73
CA GLU N 54 -23.63 -21.17 -19.73
C GLU N 54 -23.02 -22.54 -19.45
N PHE N 55 -22.76 -22.85 -18.18
CA PHE N 55 -22.31 -24.19 -17.81
C PHE N 55 -23.27 -25.22 -18.35
N ALA N 56 -24.53 -25.14 -17.90
CA ALA N 56 -25.58 -26.05 -18.32
C ALA N 56 -25.63 -26.18 -19.83
N ARG N 57 -25.87 -25.06 -20.50
CA ARG N 57 -26.02 -25.03 -21.95
C ARG N 57 -24.84 -25.75 -22.64
N LEU N 58 -23.63 -25.35 -22.26
CA LEU N 58 -22.40 -25.88 -22.84
C LEU N 58 -22.15 -27.38 -22.53
N TYR N 59 -22.35 -27.76 -21.27
CA TYR N 59 -22.21 -29.15 -20.82
C TYR N 59 -23.06 -30.14 -21.62
N ALA N 60 -24.35 -29.83 -21.73
CA ALA N 60 -25.27 -30.64 -22.50
C ALA N 60 -24.77 -30.81 -23.93
N VAL N 61 -24.27 -29.73 -24.53
CA VAL N 61 -23.75 -29.81 -25.88
C VAL N 61 -22.57 -30.78 -25.93
N GLU N 62 -21.67 -30.69 -24.95
CA GLU N 62 -20.52 -31.57 -24.91
C GLU N 62 -20.92 -33.05 -24.87
N LEU N 63 -21.83 -33.41 -23.94
CA LEU N 63 -22.28 -34.78 -23.82
C LEU N 63 -22.90 -35.30 -25.11
N GLU N 64 -23.84 -34.56 -25.66
CA GLU N 64 -24.49 -34.94 -26.90
C GLU N 64 -23.47 -35.03 -28.04
N HIS N 65 -22.48 -34.15 -28.01
CA HIS N 65 -21.42 -34.10 -29.02
C HIS N 65 -20.55 -35.36 -29.01
N TYR N 66 -20.19 -35.87 -27.82
CA TYR N 66 -19.44 -37.12 -27.70
C TYR N 66 -20.24 -38.26 -28.28
N GLU N 67 -21.51 -38.32 -27.90
CA GLU N 67 -22.45 -39.34 -28.35
C GLU N 67 -22.52 -39.37 -29.87
N LYS N 68 -22.85 -38.26 -30.49
CA LYS N 68 -22.90 -38.23 -31.94
C LYS N 68 -21.58 -38.59 -32.63
N LEU N 69 -20.46 -38.35 -31.97
CA LEU N 69 -19.18 -38.63 -32.59
C LEU N 69 -18.79 -40.09 -32.43
N GLU N 70 -18.80 -40.57 -31.20
CA GLU N 70 -18.31 -41.91 -30.92
C GLU N 70 -19.40 -42.97 -31.03
N GLY N 71 -20.65 -42.52 -31.07
CA GLY N 71 -21.79 -43.42 -31.26
C GLY N 71 -22.39 -43.96 -29.98
N VAL N 72 -21.79 -43.63 -28.84
CA VAL N 72 -22.26 -44.10 -27.55
C VAL N 72 -22.07 -43.01 -26.50
N PRO N 73 -23.05 -42.87 -25.58
CA PRO N 73 -22.92 -41.92 -24.46
C PRO N 73 -21.66 -42.16 -23.62
N LEU N 74 -21.16 -41.13 -22.95
CA LEU N 74 -20.05 -41.28 -22.04
C LEU N 74 -20.44 -42.18 -20.88
N THR N 75 -19.45 -42.83 -20.26
CA THR N 75 -19.62 -43.46 -18.95
C THR N 75 -20.10 -42.40 -17.98
N PHE N 76 -20.72 -42.81 -16.89
CA PHE N 76 -21.09 -41.82 -15.89
C PHE N 76 -19.82 -41.19 -15.35
N ALA N 77 -18.80 -42.01 -15.16
CA ALA N 77 -17.50 -41.49 -14.74
C ALA N 77 -17.02 -40.43 -15.73
N GLY N 78 -17.13 -40.72 -17.03
CA GLY N 78 -16.80 -39.76 -18.07
C GLY N 78 -17.56 -38.46 -17.89
N LYS N 79 -18.88 -38.55 -17.75
CA LYS N 79 -19.75 -37.39 -17.55
C LYS N 79 -19.27 -36.55 -16.38
N ILE N 80 -18.99 -37.20 -15.26
CA ILE N 80 -18.46 -36.47 -14.09
C ILE N 80 -17.16 -35.72 -14.42
N ASN N 81 -16.21 -36.40 -15.04
CA ASN N 81 -14.92 -35.80 -15.32
C ASN N 81 -15.03 -34.55 -16.20
N ARG N 82 -15.81 -34.64 -17.27
CA ARG N 82 -16.07 -33.50 -18.13
C ARG N 82 -16.58 -32.28 -17.36
N LEU N 83 -17.64 -32.47 -16.57
CA LEU N 83 -18.19 -31.38 -15.76
C LEU N 83 -17.08 -30.83 -14.86
N ALA N 84 -16.36 -31.71 -14.19
CA ALA N 84 -15.24 -31.27 -13.34
C ALA N 84 -14.25 -30.37 -14.08
N ILE N 85 -13.82 -30.82 -15.26
CA ILE N 85 -12.88 -30.07 -16.08
C ILE N 85 -13.39 -28.66 -16.31
N MET N 86 -14.63 -28.57 -16.79
CA MET N 86 -15.32 -27.31 -17.04
C MET N 86 -15.27 -26.38 -15.84
N VAL N 87 -15.67 -26.90 -14.68
CA VAL N 87 -15.57 -26.17 -13.44
C VAL N 87 -14.16 -25.61 -13.19
N ARG N 88 -13.12 -26.42 -13.36
CA ARG N 88 -11.73 -25.94 -13.11
C ARG N 88 -11.37 -24.89 -14.12
N GLY N 89 -11.76 -25.12 -15.37
CA GLY N 89 -11.62 -24.13 -16.43
C GLY N 89 -12.19 -22.75 -16.12
N ASN N 90 -12.92 -22.62 -15.00
CA ASN N 90 -13.53 -21.35 -14.59
C ASN N 90 -12.87 -20.74 -13.37
N LEU N 91 -11.83 -21.38 -12.87
CA LEU N 91 -11.27 -21.03 -11.58
C LEU N 91 -10.77 -19.61 -11.62
N ALA N 92 -10.16 -19.23 -12.75
CA ALA N 92 -9.67 -17.86 -12.97
C ALA N 92 -10.84 -16.90 -12.79
N ALA N 93 -11.88 -17.08 -13.59
CA ALA N 93 -13.10 -16.29 -13.52
C ALA N 93 -13.67 -16.27 -12.10
N ALA N 94 -13.84 -17.45 -11.50
CA ALA N 94 -14.40 -17.56 -10.16
C ALA N 94 -13.67 -16.67 -9.18
N MET N 95 -12.35 -16.63 -9.33
CA MET N 95 -11.47 -15.85 -8.48
C MET N 95 -11.86 -14.40 -8.47
N GLN N 96 -12.29 -13.92 -9.63
CA GLN N 96 -12.68 -12.54 -9.77
C GLN N 96 -14.10 -12.17 -9.36
N GLY N 97 -15.02 -13.11 -9.48
CA GLY N 97 -16.40 -12.87 -9.05
C GLY N 97 -17.30 -13.87 -9.71
N LEU N 98 -16.96 -14.21 -10.95
CA LEU N 98 -17.75 -15.10 -11.78
C LEU N 98 -17.79 -16.57 -11.30
N LEU N 99 -18.15 -16.75 -10.03
CA LEU N 99 -18.17 -18.07 -9.40
C LEU N 99 -19.47 -18.82 -9.70
N ALA N 100 -19.38 -20.12 -9.96
CA ALA N 100 -20.57 -20.94 -10.23
C ALA N 100 -20.35 -22.43 -9.95
N LEU N 101 -21.07 -22.97 -8.96
CA LEU N 101 -20.95 -24.37 -8.54
C LEU N 101 -22.11 -25.27 -8.97
N PRO N 102 -21.82 -26.31 -9.77
CA PRO N 102 -22.83 -27.25 -10.18
C PRO N 102 -23.07 -28.43 -9.19
N LEU N 103 -24.27 -29.01 -9.26
CA LEU N 103 -24.59 -30.27 -8.58
C LEU N 103 -25.11 -31.19 -9.64
N LEU N 104 -24.54 -32.40 -9.69
CA LEU N 104 -24.93 -33.40 -10.69
C LEU N 104 -25.80 -34.47 -10.08
N ALA N 105 -26.88 -34.82 -10.78
CA ALA N 105 -27.75 -35.95 -10.42
C ALA N 105 -28.03 -36.78 -11.66
N GLY N 106 -27.85 -38.10 -11.55
CA GLY N 106 -28.03 -38.99 -12.68
C GLY N 106 -28.40 -40.41 -12.31
N TYR N 107 -28.84 -41.17 -13.33
CA TYR N 107 -29.12 -42.59 -13.20
C TYR N 107 -28.16 -43.34 -14.09
N ASP N 108 -27.31 -44.15 -13.48
CA ASP N 108 -26.31 -44.93 -14.20
C ASP N 108 -26.94 -46.22 -14.69
N ILE N 109 -27.31 -46.26 -15.97
CA ILE N 109 -27.94 -47.43 -16.56
C ILE N 109 -27.04 -48.66 -16.59
N HIS N 110 -25.83 -48.52 -16.04
CA HIS N 110 -24.86 -49.60 -16.01
C HIS N 110 -24.49 -50.05 -14.60
N ALA N 111 -25.11 -49.47 -13.59
CA ALA N 111 -24.89 -49.86 -12.20
C ALA N 111 -25.28 -51.32 -11.99
N SER N 112 -24.52 -52.02 -11.14
CA SER N 112 -24.79 -53.42 -10.82
C SER N 112 -26.23 -53.58 -10.35
N ASP N 113 -26.56 -52.95 -9.23
CA ASP N 113 -27.94 -52.97 -8.73
C ASP N 113 -28.72 -51.75 -9.22
N PRO N 114 -29.68 -51.99 -10.14
CA PRO N 114 -30.50 -50.93 -10.75
C PRO N 114 -31.42 -50.20 -9.77
N GLN N 115 -31.33 -50.55 -8.49
CA GLN N 115 -32.05 -49.85 -7.45
C GLN N 115 -31.12 -48.91 -6.69
N SER N 116 -29.85 -48.91 -7.08
CA SER N 116 -28.83 -47.99 -6.55
C SER N 116 -28.11 -47.27 -7.68
N ALA N 117 -28.77 -47.22 -8.83
CA ALA N 117 -28.22 -46.56 -10.01
C ALA N 117 -28.35 -45.03 -9.94
N GLY N 118 -29.01 -44.55 -8.89
CA GLY N 118 -29.14 -43.12 -8.63
C GLY N 118 -27.81 -42.58 -8.14
N ARG N 119 -27.40 -41.45 -8.73
CA ARG N 119 -26.11 -40.81 -8.41
C ARG N 119 -26.25 -39.34 -8.07
N ILE N 120 -25.56 -38.91 -7.04
CA ILE N 120 -25.46 -37.50 -6.71
C ILE N 120 -23.99 -37.12 -6.57
N VAL N 121 -23.51 -36.27 -7.46
CA VAL N 121 -22.12 -35.85 -7.42
C VAL N 121 -22.01 -34.35 -7.19
N SER N 122 -21.35 -33.97 -6.10
CA SER N 122 -21.17 -32.58 -5.74
C SER N 122 -19.84 -32.09 -6.26
N PHE N 123 -19.74 -30.79 -6.55
CA PHE N 123 -18.52 -30.27 -7.12
C PHE N 123 -17.91 -29.11 -6.37
N ASP N 124 -16.65 -28.88 -6.70
CA ASP N 124 -15.71 -28.15 -5.91
C ASP N 124 -15.23 -27.02 -6.82
N ALA N 125 -15.12 -25.80 -6.29
CA ALA N 125 -14.70 -24.63 -7.10
C ALA N 125 -13.41 -24.85 -7.93
N ALA N 126 -12.60 -25.82 -7.51
CA ALA N 126 -11.31 -26.13 -8.13
C ALA N 126 -11.39 -27.31 -9.09
N GLY N 127 -12.60 -27.86 -9.28
CA GLY N 127 -12.81 -28.99 -10.18
C GLY N 127 -12.81 -30.35 -9.49
N GLY N 128 -12.77 -30.35 -8.15
CA GLY N 128 -12.90 -31.57 -7.37
C GLY N 128 -14.33 -32.05 -7.36
N TRP N 129 -14.54 -33.32 -7.05
CA TRP N 129 -15.88 -33.93 -7.02
C TRP N 129 -15.94 -35.11 -6.08
N ASN N 130 -17.05 -35.25 -5.35
CA ASN N 130 -17.28 -36.42 -4.51
C ASN N 130 -18.65 -36.98 -4.80
N ILE N 131 -18.68 -38.24 -5.23
CA ILE N 131 -19.94 -38.98 -5.36
C ILE N 131 -20.50 -39.16 -3.95
N GLU N 132 -21.67 -38.59 -3.72
CA GLU N 132 -22.19 -38.35 -2.37
C GLU N 132 -22.48 -39.57 -1.51
N GLU N 133 -23.07 -40.59 -2.11
CA GLU N 133 -23.58 -41.76 -1.38
C GLU N 133 -23.90 -41.51 0.09
N GLU N 134 -24.96 -40.72 0.28
CA GLU N 134 -25.50 -40.46 1.59
C GLU N 134 -26.95 -40.10 1.33
N GLY N 135 -27.33 -40.16 0.05
CA GLY N 135 -28.72 -39.98 -0.33
C GLY N 135 -29.14 -38.56 -0.65
N TYR N 136 -28.57 -37.59 0.03
CA TYR N 136 -28.91 -36.20 -0.24
C TYR N 136 -27.71 -35.29 -0.28
N GLN N 137 -27.86 -34.19 -1.04
CA GLN N 137 -26.87 -33.13 -1.16
C GLN N 137 -27.54 -31.83 -1.61
N ALA N 138 -26.89 -30.69 -1.32
CA ALA N 138 -27.39 -29.40 -1.75
C ALA N 138 -26.25 -28.44 -2.10
N VAL N 139 -26.57 -27.41 -2.89
CA VAL N 139 -25.61 -26.36 -3.26
C VAL N 139 -26.34 -25.03 -3.28
N GLY N 140 -25.73 -23.98 -2.74
CA GLY N 140 -26.31 -22.66 -2.80
C GLY N 140 -26.31 -21.96 -1.48
N SER N 141 -26.73 -20.70 -1.48
CA SER N 141 -26.73 -19.88 -0.29
C SER N 141 -27.52 -20.50 0.83
N GLY N 142 -28.50 -21.34 0.50
CA GLY N 142 -29.31 -21.99 1.53
C GLY N 142 -29.11 -23.48 1.69
N SER N 143 -28.15 -24.05 0.96
CA SER N 143 -27.90 -25.49 0.97
C SER N 143 -27.59 -26.01 2.37
N LEU N 144 -27.01 -25.16 3.21
CA LEU N 144 -26.76 -25.49 4.60
C LEU N 144 -28.05 -25.86 5.36
N PHE N 145 -29.07 -25.04 5.20
CA PHE N 145 -30.35 -25.24 5.85
C PHE N 145 -31.09 -26.42 5.24
N ALA N 146 -31.07 -26.53 3.92
CA ALA N 146 -31.64 -27.66 3.19
C ALA N 146 -31.07 -28.98 3.73
N LYS N 147 -29.76 -29.18 3.54
CA LYS N 147 -29.05 -30.38 4.02
C LYS N 147 -29.47 -30.82 5.41
N SER N 148 -29.56 -29.85 6.32
CA SER N 148 -29.82 -30.13 7.72
C SER N 148 -31.29 -30.57 7.98
N SER N 149 -32.23 -29.96 7.26
CA SER N 149 -33.64 -30.34 7.30
C SER N 149 -33.81 -31.70 6.67
N MET N 150 -33.30 -31.81 5.46
CA MET N 150 -33.27 -33.05 4.70
C MET N 150 -32.55 -34.18 5.43
N LYS N 151 -31.75 -33.86 6.46
CA LYS N 151 -31.13 -34.89 7.29
C LYS N 151 -32.21 -35.62 8.07
N LYS N 152 -33.06 -34.85 8.74
CA LYS N 152 -34.15 -35.38 9.52
C LYS N 152 -35.20 -36.05 8.64
N LEU N 153 -35.62 -35.38 7.57
CA LEU N 153 -36.73 -35.88 6.77
C LEU N 153 -36.35 -37.01 5.81
N TYR N 154 -35.15 -37.57 5.92
CA TYR N 154 -34.73 -38.53 4.90
C TYR N 154 -35.32 -39.94 5.05
N SER N 155 -35.55 -40.37 6.29
CA SER N 155 -36.19 -41.68 6.52
C SER N 155 -37.49 -41.80 5.74
N GLN N 156 -38.25 -40.71 5.64
CA GLN N 156 -39.50 -40.63 4.88
C GLN N 156 -39.42 -41.05 3.41
N VAL N 157 -38.21 -41.20 2.88
CA VAL N 157 -38.06 -41.43 1.44
C VAL N 157 -38.30 -42.89 1.08
N THR N 158 -39.36 -43.15 0.33
CA THR N 158 -39.80 -44.51 0.03
C THR N 158 -39.80 -44.76 -1.46
N ASP N 159 -40.18 -43.74 -2.22
CA ASP N 159 -40.32 -43.84 -3.65
C ASP N 159 -40.20 -42.45 -4.26
N GLY N 160 -40.28 -42.39 -5.60
CA GLY N 160 -40.24 -41.12 -6.32
C GLY N 160 -41.05 -40.02 -5.66
N ASP N 161 -42.37 -40.14 -5.77
CA ASP N 161 -43.29 -39.20 -5.15
C ASP N 161 -42.94 -38.91 -3.69
N SER N 162 -42.52 -39.94 -2.96
CA SER N 162 -42.12 -39.77 -1.56
C SER N 162 -40.90 -38.83 -1.43
N GLY N 163 -39.83 -39.12 -2.17
CA GLY N 163 -38.62 -38.31 -2.16
C GLY N 163 -38.92 -36.89 -2.57
N LEU N 164 -39.65 -36.73 -3.69
CA LEU N 164 -40.04 -35.40 -4.20
C LEU N 164 -40.60 -34.48 -3.13
N ARG N 165 -41.36 -35.02 -2.20
CA ARG N 165 -41.96 -34.18 -1.16
C ARG N 165 -40.89 -33.64 -0.23
N VAL N 166 -39.92 -34.50 0.09
CA VAL N 166 -38.82 -34.15 0.98
C VAL N 166 -37.97 -33.05 0.35
N ALA N 167 -37.64 -33.24 -0.93
CA ALA N 167 -36.99 -32.22 -1.73
C ALA N 167 -37.71 -30.88 -1.55
N VAL N 168 -38.95 -30.79 -2.02
CA VAL N 168 -39.73 -29.56 -1.96
C VAL N 168 -39.75 -28.97 -0.55
N GLU N 169 -39.76 -29.83 0.46
CA GLU N 169 -39.83 -29.36 1.84
C GLU N 169 -38.52 -28.78 2.32
N ALA N 170 -37.40 -29.38 1.92
CA ALA N 170 -36.10 -28.81 2.24
C ALA N 170 -35.94 -27.43 1.56
N LEU N 171 -36.25 -27.34 0.27
CA LEU N 171 -36.32 -26.05 -0.43
C LEU N 171 -37.21 -25.05 0.31
N TYR N 172 -38.32 -25.53 0.87
CA TYR N 172 -39.15 -24.68 1.71
C TYR N 172 -38.38 -24.21 2.98
N ASP N 173 -37.70 -25.17 3.62
CA ASP N 173 -36.89 -24.90 4.81
C ASP N 173 -35.69 -23.96 4.55
N ALA N 174 -35.14 -24.05 3.34
CA ALA N 174 -34.06 -23.19 2.88
C ALA N 174 -34.51 -21.73 2.83
N ALA N 175 -35.59 -21.50 2.07
CA ALA N 175 -36.15 -20.17 1.88
C ALA N 175 -36.61 -19.57 3.21
N ASP N 176 -36.81 -20.43 4.19
CA ASP N 176 -37.27 -20.00 5.50
C ASP N 176 -36.16 -19.32 6.28
N ASP N 177 -34.93 -19.55 5.85
CA ASP N 177 -33.75 -19.06 6.56
C ASP N 177 -32.80 -18.25 5.68
N ASP N 178 -32.67 -18.65 4.43
CA ASP N 178 -31.83 -17.95 3.48
C ASP N 178 -32.67 -17.02 2.61
N SER N 179 -32.59 -15.73 2.92
CA SER N 179 -33.30 -14.71 2.19
C SER N 179 -32.98 -14.68 0.71
N ALA N 180 -31.99 -15.44 0.29
CA ALA N 180 -31.60 -15.42 -1.12
C ALA N 180 -32.14 -16.61 -1.85
N THR N 181 -32.91 -17.45 -1.15
CA THR N 181 -33.46 -18.67 -1.78
C THR N 181 -34.87 -18.55 -2.34
N GLY N 182 -35.81 -18.01 -1.59
CA GLY N 182 -37.15 -17.83 -2.18
C GLY N 182 -38.08 -19.03 -2.25
N GLY N 183 -39.11 -18.99 -1.41
CA GLY N 183 -40.05 -20.08 -1.31
C GLY N 183 -41.12 -20.02 -2.39
N PRO N 184 -42.21 -20.79 -2.22
CA PRO N 184 -43.27 -20.82 -3.24
C PRO N 184 -44.13 -19.55 -3.22
N ASP N 185 -44.35 -18.95 -4.39
CA ASP N 185 -45.19 -17.76 -4.47
C ASP N 185 -46.61 -18.14 -4.84
N LEU N 186 -47.46 -18.18 -3.83
CA LEU N 186 -48.84 -18.50 -4.10
C LEU N 186 -49.50 -17.31 -4.79
N VAL N 187 -49.29 -16.11 -4.26
CA VAL N 187 -49.83 -14.88 -4.87
C VAL N 187 -49.58 -14.81 -6.39
N ARG N 188 -48.47 -15.39 -6.84
CA ARG N 188 -48.06 -15.26 -8.24
C ARG N 188 -48.07 -16.62 -8.95
N GLY N 189 -48.18 -17.69 -8.16
CA GLY N 189 -48.28 -19.05 -8.68
C GLY N 189 -46.99 -19.51 -9.31
N ILE N 190 -45.87 -19.27 -8.62
CA ILE N 190 -44.53 -19.71 -9.03
C ILE N 190 -43.97 -20.69 -7.99
N PHE N 191 -43.48 -21.83 -8.46
CA PHE N 191 -43.04 -22.91 -7.58
C PHE N 191 -41.70 -23.45 -8.01
N PRO N 192 -40.91 -24.04 -7.08
CA PRO N 192 -39.65 -24.71 -7.39
C PRO N 192 -39.79 -25.65 -8.57
N THR N 193 -38.79 -25.72 -9.44
CA THR N 193 -38.85 -26.73 -10.50
C THR N 193 -38.16 -28.01 -10.05
N ALA N 194 -38.43 -29.11 -10.74
CA ALA N 194 -37.84 -30.41 -10.39
C ALA N 194 -37.63 -31.34 -11.58
N VAL N 195 -36.73 -32.31 -11.40
CA VAL N 195 -36.47 -33.34 -12.40
C VAL N 195 -36.37 -34.68 -11.68
N ILE N 196 -36.91 -35.75 -12.29
CA ILE N 196 -36.78 -37.10 -11.75
C ILE N 196 -36.13 -38.03 -12.76
N ILE N 197 -35.22 -38.88 -12.27
CA ILE N 197 -34.55 -39.84 -13.12
C ILE N 197 -34.63 -41.25 -12.55
N ASP N 198 -35.08 -42.19 -13.37
CA ASP N 198 -35.14 -43.61 -13.06
C ASP N 198 -34.72 -44.36 -14.32
N ALA N 199 -34.86 -45.68 -14.31
CA ALA N 199 -34.45 -46.49 -15.45
C ALA N 199 -35.04 -46.02 -16.79
N ASP N 200 -36.17 -45.30 -16.71
CA ASP N 200 -36.90 -44.85 -17.90
C ASP N 200 -36.32 -43.58 -18.51
N GLY N 201 -35.64 -42.79 -17.68
CA GLY N 201 -35.02 -41.56 -18.16
C GLY N 201 -35.22 -40.41 -17.21
N ALA N 202 -34.94 -39.20 -17.69
CA ALA N 202 -35.15 -38.00 -16.90
C ALA N 202 -36.35 -37.22 -17.42
N VAL N 203 -37.20 -36.79 -16.50
CA VAL N 203 -38.42 -36.10 -16.86
C VAL N 203 -38.68 -34.92 -15.93
N ASP N 204 -39.19 -33.85 -16.50
CA ASP N 204 -39.64 -32.68 -15.75
C ASP N 204 -40.85 -32.99 -14.92
N VAL N 205 -40.73 -32.80 -13.60
CA VAL N 205 -41.88 -32.94 -12.72
C VAL N 205 -42.84 -31.77 -12.97
N PRO N 206 -44.10 -32.07 -13.33
CA PRO N 206 -45.05 -31.00 -13.60
C PRO N 206 -45.34 -30.18 -12.36
N GLU N 207 -45.52 -28.87 -12.55
CA GLU N 207 -45.66 -27.97 -11.40
C GLU N 207 -46.87 -28.27 -10.54
N SER N 208 -47.88 -28.87 -11.17
CA SER N 208 -49.09 -29.31 -10.48
C SER N 208 -48.73 -30.10 -9.23
N ARG N 209 -47.96 -31.18 -9.41
CA ARG N 209 -47.61 -32.06 -8.30
C ARG N 209 -46.75 -31.33 -7.27
N ILE N 210 -45.96 -30.37 -7.75
CA ILE N 210 -45.12 -29.54 -6.87
C ILE N 210 -45.99 -28.54 -6.11
N ALA N 211 -46.79 -27.77 -6.84
CA ALA N 211 -47.68 -26.76 -6.27
C ALA N 211 -48.55 -27.35 -5.19
N GLU N 212 -49.08 -28.53 -5.48
CA GLU N 212 -49.87 -29.30 -4.55
C GLU N 212 -49.04 -29.62 -3.31
N LEU N 213 -47.95 -30.36 -3.51
CA LEU N 213 -47.01 -30.70 -2.44
C LEU N 213 -46.55 -29.52 -1.59
N ALA N 214 -46.36 -28.38 -2.24
CA ALA N 214 -46.05 -27.12 -1.57
C ALA N 214 -47.13 -26.71 -0.57
N ARG N 215 -48.38 -26.63 -1.05
CA ARG N 215 -49.50 -26.20 -0.22
C ARG N 215 -49.69 -27.13 0.97
N ALA N 216 -49.42 -28.41 0.74
CA ALA N 216 -49.45 -29.40 1.80
C ALA N 216 -48.49 -28.99 2.92
N ILE N 217 -47.23 -28.72 2.56
CA ILE N 217 -46.21 -28.23 3.53
C ILE N 217 -46.66 -26.94 4.22
N ILE N 218 -47.17 -26.01 3.42
CA ILE N 218 -47.59 -24.71 3.93
C ILE N 218 -48.69 -24.86 4.97
N GLU N 219 -49.71 -25.65 4.64
CA GLU N 219 -50.84 -25.90 5.57
C GLU N 219 -50.39 -26.60 6.85
N SER N 220 -49.62 -27.68 6.71
CA SER N 220 -49.17 -28.45 7.88
C SER N 220 -48.28 -27.64 8.81
N ARG N 221 -47.42 -26.81 8.24
CA ARG N 221 -46.60 -25.90 9.03
C ARG N 221 -47.44 -24.74 9.58
N SER N 222 -48.48 -24.39 8.84
CA SER N 222 -49.37 -23.29 9.21
C SER N 222 -50.23 -23.61 10.44
N SER O 11 -15.29 25.33 67.96
CA SER O 11 -16.09 24.35 68.75
C SER O 11 -16.95 23.48 67.82
N PRO O 12 -16.31 22.51 67.12
CA PRO O 12 -16.98 21.57 66.22
C PRO O 12 -18.36 21.08 66.67
N GLU O 13 -18.52 20.74 67.95
CA GLU O 13 -19.82 20.28 68.47
C GLU O 13 -20.85 21.42 68.51
N GLN O 14 -20.44 22.55 69.07
CA GLN O 14 -21.29 23.75 69.14
C GLN O 14 -21.56 24.33 67.74
N ALA O 15 -20.59 24.18 66.85
CA ALA O 15 -20.75 24.61 65.45
C ALA O 15 -21.92 23.88 64.80
N MET O 16 -21.97 22.56 64.95
CA MET O 16 -23.04 21.72 64.39
C MET O 16 -24.42 22.16 64.89
N ARG O 17 -24.46 22.69 66.11
CA ARG O 17 -25.73 23.09 66.72
C ARG O 17 -26.26 24.38 66.11
N GLU O 18 -25.35 25.27 65.74
CA GLU O 18 -25.72 26.52 65.05
C GLU O 18 -26.25 26.25 63.65
N ARG O 19 -25.62 25.29 62.94
CA ARG O 19 -26.08 24.88 61.59
C ARG O 19 -27.50 24.35 61.67
N SER O 20 -27.73 23.41 62.59
CA SER O 20 -29.05 22.83 62.85
C SER O 20 -30.08 23.93 63.10
N GLU O 21 -29.75 24.82 64.04
CA GLU O 21 -30.57 25.99 64.38
C GLU O 21 -31.00 26.79 63.14
N LEU O 22 -30.00 27.33 62.43
CA LEU O 22 -30.22 28.14 61.23
C LEU O 22 -31.20 27.45 60.28
N ALA O 23 -30.93 26.20 59.97
CA ALA O 23 -31.78 25.43 59.06
C ALA O 23 -33.19 25.26 59.62
N ARG O 24 -33.28 24.81 60.86
CA ARG O 24 -34.56 24.48 61.50
C ARG O 24 -35.51 25.70 61.55
N LYS O 25 -34.94 26.89 61.74
CA LYS O 25 -35.71 28.14 61.72
C LYS O 25 -36.26 28.42 60.34
N GLY O 26 -35.40 28.33 59.34
CA GLY O 26 -35.79 28.52 57.94
C GLY O 26 -36.96 27.62 57.53
N ILE O 27 -36.92 26.38 57.99
CA ILE O 27 -38.01 25.42 57.75
C ILE O 27 -39.32 25.93 58.38
N ALA O 28 -39.21 26.43 59.63
CA ALA O 28 -40.37 26.94 60.36
C ALA O 28 -41.06 28.11 59.63
N ARG O 29 -40.29 29.13 59.26
CA ARG O 29 -40.85 30.32 58.59
C ARG O 29 -41.36 30.05 57.18
N ALA O 30 -41.06 28.87 56.64
CA ALA O 30 -41.58 28.42 55.35
C ALA O 30 -43.01 27.91 55.48
N LYS O 31 -43.72 27.80 54.34
CA LYS O 31 -45.10 27.32 54.34
C LYS O 31 -45.18 25.83 54.65
N SER O 32 -46.39 25.27 54.66
CA SER O 32 -46.58 23.87 55.02
C SER O 32 -46.94 22.94 53.86
N VAL O 33 -46.42 21.71 53.94
CA VAL O 33 -46.64 20.67 52.94
C VAL O 33 -47.01 19.37 53.64
N VAL O 34 -48.00 18.65 53.10
CA VAL O 34 -48.39 17.33 53.64
C VAL O 34 -48.59 16.28 52.55
N ALA O 35 -48.15 15.06 52.86
CA ALA O 35 -48.44 13.91 52.03
C ALA O 35 -49.02 12.82 52.92
N LEU O 36 -49.92 12.02 52.35
CA LEU O 36 -50.53 10.91 53.08
C LEU O 36 -51.01 9.78 52.16
N ALA O 37 -51.09 8.58 52.72
CA ALA O 37 -51.52 7.39 51.99
C ALA O 37 -53.04 7.28 52.00
N TYR O 38 -53.61 6.98 50.83
CA TYR O 38 -55.05 6.79 50.69
C TYR O 38 -55.33 5.67 49.66
N ALA O 39 -56.60 5.27 49.55
CA ALA O 39 -57.02 4.16 48.67
C ALA O 39 -56.33 4.12 47.31
N GLY O 40 -56.35 5.24 46.60
CA GLY O 40 -55.82 5.31 45.24
C GLY O 40 -54.31 5.38 45.13
N GLY O 41 -53.62 5.64 46.24
CA GLY O 41 -52.17 5.71 46.26
C GLY O 41 -51.61 6.68 47.28
N VAL O 42 -51.11 7.81 46.80
CA VAL O 42 -50.54 8.87 47.66
C VAL O 42 -51.03 10.26 47.25
N LEU O 43 -51.39 11.06 48.25
CA LEU O 43 -51.89 12.41 48.03
C LEU O 43 -50.89 13.48 48.46
N PHE O 44 -50.64 14.43 47.57
CA PHE O 44 -49.74 15.55 47.83
C PHE O 44 -50.51 16.85 47.89
N VAL O 45 -50.48 17.50 49.05
CA VAL O 45 -51.16 18.76 49.26
C VAL O 45 -50.23 19.74 49.99
N ALA O 46 -50.05 20.93 49.41
CA ALA O 46 -49.24 21.98 50.01
C ALA O 46 -49.80 23.34 49.67
N GLU O 47 -49.79 24.25 50.65
CA GLU O 47 -50.21 25.63 50.41
C GLU O 47 -49.16 26.39 49.61
N ASN O 48 -49.57 26.86 48.44
CA ASN O 48 -48.69 27.53 47.49
C ASN O 48 -49.49 28.58 46.73
N PRO O 49 -49.32 29.87 47.12
CA PRO O 49 -49.99 30.94 46.36
C PRO O 49 -49.48 31.08 44.91
N SER O 50 -48.20 30.79 44.67
CA SER O 50 -47.63 30.93 43.32
C SER O 50 -48.27 29.98 42.31
N ARG O 51 -48.31 30.43 41.06
CA ARG O 51 -48.90 29.71 39.94
C ARG O 51 -47.92 28.72 39.32
N SER O 52 -46.64 29.07 39.40
CA SER O 52 -45.57 28.40 38.65
C SER O 52 -44.56 27.70 39.56
N LEU O 53 -44.22 28.36 40.67
CA LEU O 53 -43.20 27.85 41.57
C LEU O 53 -43.76 26.72 42.42
N GLN O 54 -43.61 25.48 41.91
CA GLN O 54 -44.21 24.29 42.50
C GLN O 54 -43.35 23.63 43.56
N LYS O 55 -44.01 23.05 44.55
CA LYS O 55 -43.33 22.41 45.67
C LYS O 55 -43.48 20.88 45.59
N ILE O 56 -44.26 20.42 44.61
CA ILE O 56 -44.52 18.99 44.41
C ILE O 56 -44.30 18.63 42.95
N SER O 57 -43.55 17.54 42.73
CA SER O 57 -43.15 17.13 41.39
C SER O 57 -43.03 15.61 41.22
N GLU O 58 -43.05 15.19 39.96
CA GLU O 58 -42.80 13.81 39.58
C GLU O 58 -41.29 13.56 39.63
N LEU O 59 -40.90 12.33 39.95
CA LEU O 59 -39.50 11.91 39.84
C LEU O 59 -39.37 10.84 38.75
N TYR O 60 -39.91 9.66 39.05
CA TYR O 60 -39.91 8.56 38.10
C TYR O 60 -41.31 7.93 38.05
N ASP O 61 -41.47 6.96 37.16
CA ASP O 61 -42.75 6.27 36.95
C ASP O 61 -43.71 6.26 38.15
N ARG O 62 -43.26 5.65 39.26
CA ARG O 62 -44.16 5.45 40.40
C ARG O 62 -43.69 6.17 41.64
N VAL O 63 -42.70 7.04 41.52
CA VAL O 63 -42.20 7.75 42.68
C VAL O 63 -42.34 9.27 42.52
N GLY O 64 -42.59 9.95 43.64
CA GLY O 64 -42.90 11.37 43.64
C GLY O 64 -42.15 12.21 44.66
N PHE O 65 -42.08 13.49 44.40
CA PHE O 65 -41.29 14.44 45.18
C PHE O 65 -42.17 15.56 45.74
N ALA O 66 -41.90 15.92 46.98
CA ALA O 66 -42.54 17.08 47.62
C ALA O 66 -41.62 17.59 48.72
N ALA O 67 -41.51 18.92 48.83
CA ALA O 67 -40.60 19.52 49.81
C ALA O 67 -41.07 20.91 50.25
N ALA O 68 -40.72 21.25 51.49
CA ALA O 68 -40.95 22.59 52.02
C ALA O 68 -39.62 23.28 52.33
N GLY O 69 -39.60 24.60 52.20
CA GLY O 69 -38.40 25.37 52.51
C GLY O 69 -37.99 26.34 51.42
N LYS O 70 -36.73 26.72 51.40
CA LYS O 70 -36.23 27.70 50.44
C LYS O 70 -36.21 27.10 49.03
N PHE O 71 -37.05 27.66 48.17
CA PHE O 71 -37.35 27.08 46.86
C PHE O 71 -36.13 26.69 46.06
N ASN O 72 -35.29 27.68 45.72
CA ASN O 72 -34.16 27.42 44.82
C ASN O 72 -33.24 26.31 45.32
N GLU O 73 -33.33 26.02 46.61
CA GLU O 73 -32.62 24.92 47.22
C GLU O 73 -33.28 23.57 46.95
N PHE O 74 -34.56 23.43 47.29
CA PHE O 74 -35.21 22.14 47.02
C PHE O 74 -35.42 21.87 45.54
N ASP O 75 -35.66 22.91 44.75
CA ASP O 75 -35.85 22.76 43.31
C ASP O 75 -34.59 22.16 42.70
N ASN O 76 -33.46 22.54 43.28
CA ASN O 76 -32.16 21.99 42.91
C ASN O 76 -32.14 20.48 43.15
N LEU O 77 -32.39 20.09 44.38
CA LEU O 77 -32.45 18.68 44.76
C LEU O 77 -33.46 17.92 43.90
N ARG O 78 -34.61 18.55 43.63
CA ARG O 78 -35.63 17.94 42.77
C ARG O 78 -35.01 17.57 41.44
N ARG O 79 -34.33 18.53 40.82
CA ARG O 79 -33.67 18.33 39.53
C ARG O 79 -32.67 17.19 39.61
N GLY O 80 -31.84 17.21 40.66
CA GLY O 80 -30.88 16.14 40.91
C GLY O 80 -31.52 14.77 40.96
N GLY O 81 -32.63 14.66 41.68
CA GLY O 81 -33.41 13.43 41.76
C GLY O 81 -33.83 12.94 40.38
N ILE O 82 -34.49 13.82 39.63
CA ILE O 82 -34.94 13.48 38.30
C ILE O 82 -33.75 13.01 37.47
N GLN O 83 -32.61 13.68 37.65
CA GLN O 83 -31.38 13.31 36.93
C GLN O 83 -30.90 11.93 37.32
N PHE O 84 -30.82 11.67 38.63
CA PHE O 84 -30.40 10.35 39.13
C PHE O 84 -31.33 9.24 38.63
N ALA O 85 -32.62 9.44 38.82
CA ALA O 85 -33.63 8.44 38.45
C ALA O 85 -33.57 8.08 36.96
N ASP O 86 -33.68 9.08 36.11
CA ASP O 86 -33.61 8.85 34.68
C ASP O 86 -32.37 8.10 34.24
N THR O 87 -31.20 8.42 34.80
CA THR O 87 -29.96 7.73 34.38
C THR O 87 -29.98 6.30 34.88
N ARG O 88 -30.33 6.14 36.16
CA ARG O 88 -30.40 4.83 36.80
C ARG O 88 -31.32 3.90 36.02
N GLY O 89 -32.49 4.40 35.68
CA GLY O 89 -33.45 3.70 34.82
C GLY O 89 -32.84 3.27 33.50
N TYR O 90 -32.05 4.13 32.86
CA TYR O 90 -31.49 3.83 31.54
C TYR O 90 -30.35 2.84 31.66
N ALA O 91 -29.60 2.94 32.75
CA ALA O 91 -28.46 2.06 33.00
C ALA O 91 -28.91 0.63 33.16
N TYR O 92 -30.02 0.44 33.89
CA TYR O 92 -30.56 -0.88 34.22
C TYR O 92 -31.93 -1.14 33.58
N ASP O 93 -33.00 -0.95 34.36
CA ASP O 93 -34.35 -0.87 33.80
C ASP O 93 -35.20 0.08 34.59
N ARG O 94 -36.25 0.60 33.95
CA ARG O 94 -37.21 1.49 34.59
C ARG O 94 -37.63 0.92 35.94
N ARG O 95 -37.86 -0.39 35.96
CA ARG O 95 -38.41 -1.06 37.13
C ARG O 95 -37.45 -1.14 38.31
N ASP O 96 -36.20 -0.74 38.09
CA ASP O 96 -35.15 -0.84 39.11
C ASP O 96 -34.98 0.44 39.94
N VAL O 97 -35.82 1.44 39.69
CA VAL O 97 -35.78 2.71 40.44
C VAL O 97 -36.79 2.56 41.58
N THR O 98 -36.41 2.97 42.80
CA THR O 98 -37.24 2.64 43.97
C THR O 98 -37.76 3.81 44.81
N GLY O 99 -37.14 4.98 44.73
CA GLY O 99 -37.57 6.08 45.61
C GLY O 99 -37.17 5.83 47.05
N ARG O 100 -37.01 4.56 47.42
CA ARG O 100 -36.19 4.20 48.56
C ARG O 100 -34.76 4.59 48.20
N GLN O 101 -34.38 4.31 46.96
CA GLN O 101 -33.12 4.75 46.37
C GLN O 101 -32.95 6.24 46.51
N LEU O 102 -33.95 6.96 46.01
CA LEU O 102 -33.91 8.40 45.96
C LEU O 102 -33.82 9.01 47.35
N ALA O 103 -34.52 8.40 48.30
CA ALA O 103 -34.44 8.84 49.69
C ALA O 103 -33.00 8.74 50.20
N ASN O 104 -32.33 7.63 49.90
CA ASN O 104 -30.91 7.46 50.22
C ASN O 104 -30.06 8.58 49.64
N VAL O 105 -30.15 8.75 48.32
CA VAL O 105 -29.38 9.76 47.60
C VAL O 105 -29.61 11.12 48.21
N TYR O 106 -30.87 11.43 48.52
CA TYR O 106 -31.20 12.70 49.14
C TYR O 106 -30.58 12.86 50.53
N ALA O 107 -30.67 11.79 51.34
CA ALA O 107 -30.05 11.75 52.66
C ALA O 107 -28.54 11.95 52.54
N GLN O 108 -27.95 11.30 51.53
CA GLN O 108 -26.52 11.43 51.24
C GLN O 108 -26.17 12.87 50.95
N THR O 109 -26.86 13.45 49.97
CA THR O 109 -26.57 14.80 49.51
C THR O 109 -26.73 15.82 50.62
N LEU O 110 -27.91 15.82 51.25
CA LEU O 110 -28.22 16.73 52.33
C LEU O 110 -27.25 16.53 53.48
N GLY O 111 -26.83 15.29 53.66
CA GLY O 111 -25.80 14.94 54.65
C GLY O 111 -24.50 15.68 54.40
N THR O 112 -23.96 15.53 53.19
CA THR O 112 -22.76 16.25 52.76
C THR O 112 -22.92 17.75 52.91
N ILE O 113 -24.01 18.28 52.34
CA ILE O 113 -24.34 19.70 52.42
C ILE O 113 -24.19 20.25 53.83
N PHE O 114 -24.84 19.58 54.78
CA PHE O 114 -24.86 19.97 56.18
C PHE O 114 -23.45 20.04 56.80
N THR O 115 -22.47 19.44 56.12
CA THR O 115 -21.09 19.43 56.59
C THR O 115 -20.22 20.30 55.71
N GLU O 116 -20.23 20.03 54.41
CA GLU O 116 -19.33 20.69 53.45
C GLU O 116 -19.69 22.12 53.08
N GLN O 117 -20.96 22.34 52.72
CA GLN O 117 -21.42 23.67 52.31
C GLN O 117 -21.35 24.65 53.48
N ALA O 118 -21.03 25.90 53.17
CA ALA O 118 -20.95 26.94 54.18
C ALA O 118 -22.25 26.98 54.99
N LYS O 119 -23.35 27.23 54.32
CA LYS O 119 -24.66 27.30 54.96
C LYS O 119 -25.49 26.09 54.54
N PRO O 120 -26.08 25.38 55.51
CA PRO O 120 -26.84 24.17 55.23
C PRO O 120 -28.17 24.48 54.55
N TYR O 121 -28.69 23.51 53.80
CA TYR O 121 -29.92 23.70 53.06
C TYR O 121 -31.10 23.82 54.02
N GLU O 122 -31.94 24.82 53.77
CA GLU O 122 -33.14 25.04 54.54
C GLU O 122 -34.31 24.37 53.83
N VAL O 123 -34.31 23.04 53.87
CA VAL O 123 -35.35 22.24 53.23
C VAL O 123 -35.74 21.02 54.08
N GLU O 124 -36.89 20.45 53.76
CA GLU O 124 -37.30 19.14 54.29
C GLU O 124 -38.03 18.42 53.17
N LEU O 125 -37.63 17.18 52.91
CA LEU O 125 -38.05 16.46 51.71
C LEU O 125 -38.99 15.29 51.99
N CYS O 126 -39.77 14.93 50.99
CA CYS O 126 -40.63 13.76 51.02
C CYS O 126 -40.57 13.02 49.69
N VAL O 127 -40.13 11.77 49.75
CA VAL O 127 -40.13 10.87 48.61
C VAL O 127 -41.22 9.83 48.84
N ALA O 128 -42.10 9.67 47.86
CA ALA O 128 -43.23 8.74 47.98
C ALA O 128 -43.31 7.79 46.78
N GLU O 129 -43.46 6.50 47.07
CA GLU O 129 -43.63 5.50 46.03
C GLU O 129 -44.94 4.75 46.20
N VAL O 130 -45.53 4.35 45.07
CA VAL O 130 -46.78 3.61 45.07
C VAL O 130 -46.79 2.52 44.01
N ALA O 131 -46.96 1.28 44.45
CA ALA O 131 -46.86 0.07 43.62
C ALA O 131 -47.16 0.23 42.12
N HIS O 132 -46.46 -0.57 41.31
CA HIS O 132 -46.70 -0.59 39.86
C HIS O 132 -48.13 -1.00 39.52
N TYR O 133 -48.54 -0.79 38.27
CA TYR O 133 -49.95 -0.94 37.84
C TYR O 133 -50.69 -2.14 38.44
N GLY O 134 -50.48 -3.33 37.86
CA GLY O 134 -51.19 -4.54 38.31
C GLY O 134 -50.97 -4.88 39.77
N GLU O 135 -49.70 -4.90 40.15
CA GLU O 135 -49.21 -5.10 41.53
C GLU O 135 -50.06 -4.38 42.59
N THR O 136 -50.13 -4.95 43.79
CA THR O 136 -50.66 -4.21 44.94
C THR O 136 -49.69 -4.28 46.10
N LYS O 137 -49.25 -3.10 46.54
CA LYS O 137 -48.25 -2.97 47.58
C LYS O 137 -48.52 -1.72 48.39
N ARG O 138 -48.18 -1.79 49.67
CA ARG O 138 -48.43 -0.72 50.62
C ARG O 138 -47.61 0.52 50.24
N PRO O 139 -48.29 1.61 49.80
CA PRO O 139 -47.64 2.87 49.44
C PRO O 139 -46.61 3.30 50.49
N GLU O 140 -45.45 3.78 50.05
CA GLU O 140 -44.39 4.11 51.00
C GLU O 140 -44.03 5.60 51.00
N LEU O 141 -43.73 6.11 52.19
CA LEU O 141 -43.40 7.52 52.38
C LEU O 141 -42.09 7.68 53.14
N TYR O 142 -41.19 8.51 52.59
CA TYR O 142 -39.89 8.78 53.21
C TYR O 142 -39.69 10.27 53.48
N ARG O 143 -39.20 10.58 54.68
CA ARG O 143 -38.92 11.95 55.06
C ARG O 143 -37.42 12.15 55.27
N ILE O 144 -36.84 13.09 54.53
CA ILE O 144 -35.43 13.41 54.66
C ILE O 144 -35.28 14.81 55.20
N THR O 145 -34.58 14.92 56.33
CA THR O 145 -34.39 16.21 57.00
C THR O 145 -33.15 16.90 56.49
N TYR O 146 -32.95 18.15 56.92
CA TYR O 146 -31.83 19.00 56.47
C TYR O 146 -30.45 18.44 56.80
N ASP O 147 -30.36 17.71 57.90
CA ASP O 147 -29.07 17.17 58.36
C ASP O 147 -28.70 15.85 57.71
N GLY O 148 -29.57 15.36 56.83
CA GLY O 148 -29.34 14.10 56.13
C GLY O 148 -29.97 12.89 56.81
N SER O 149 -30.71 13.12 57.90
CA SER O 149 -31.44 12.05 58.56
C SER O 149 -32.63 11.63 57.71
N ILE O 150 -32.94 10.33 57.76
CA ILE O 150 -34.02 9.77 56.97
C ILE O 150 -34.86 8.80 57.78
N ALA O 151 -36.18 8.95 57.66
CA ALA O 151 -37.15 8.07 58.33
C ALA O 151 -38.33 7.80 57.38
N ASP O 152 -39.01 6.66 57.59
CA ASP O 152 -40.18 6.31 56.75
C ASP O 152 -41.48 6.15 57.53
N GLU O 153 -42.31 7.19 57.50
CA GLU O 153 -43.64 7.09 58.11
C GLU O 153 -44.53 6.18 57.29
N PRO O 154 -45.40 5.40 57.97
CA PRO O 154 -46.22 4.40 57.29
C PRO O 154 -47.55 4.96 56.78
N HIS O 155 -47.99 6.10 57.32
CA HIS O 155 -49.31 6.66 57.04
C HIS O 155 -49.32 8.06 56.39
N PHE O 156 -48.64 9.00 57.03
CA PHE O 156 -48.63 10.40 56.60
C PHE O 156 -47.33 11.11 56.96
N VAL O 157 -46.98 12.13 56.17
CA VAL O 157 -45.81 12.95 56.44
C VAL O 157 -46.12 14.45 56.39
N VAL O 158 -45.69 15.16 57.43
CA VAL O 158 -45.88 16.60 57.58
C VAL O 158 -44.52 17.30 57.58
N MET O 159 -44.45 18.51 56.99
CA MET O 159 -43.22 19.29 56.95
C MET O 159 -43.46 20.75 56.58
N GLY O 160 -42.64 21.62 57.18
CA GLY O 160 -42.71 23.05 56.93
C GLY O 160 -43.63 23.74 57.93
N GLY O 161 -43.17 24.87 58.46
CA GLY O 161 -43.92 25.63 59.46
C GLY O 161 -44.05 24.86 60.77
N THR O 162 -45.10 25.15 61.52
CA THR O 162 -45.37 24.43 62.75
C THR O 162 -46.14 23.15 62.45
N THR O 163 -45.49 22.02 62.68
CA THR O 163 -46.03 20.71 62.31
C THR O 163 -46.98 20.12 63.36
N GLU O 164 -46.67 20.32 64.64
CA GLU O 164 -47.45 19.75 65.76
C GLU O 164 -48.97 19.80 65.53
N PRO O 165 -49.55 21.02 65.39
CA PRO O 165 -51.02 21.10 65.20
C PRO O 165 -51.51 20.48 63.89
N ILE O 166 -50.69 20.54 62.84
CA ILE O 166 -51.03 19.96 61.55
C ILE O 166 -50.91 18.43 61.60
N ALA O 167 -49.84 17.95 62.23
CA ALA O 167 -49.59 16.51 62.38
C ALA O 167 -50.51 15.89 63.42
N ASN O 168 -50.83 16.66 64.47
CA ASN O 168 -51.75 16.20 65.50
C ASN O 168 -53.16 15.94 64.95
N ALA O 169 -53.66 16.93 64.18
CA ALA O 169 -54.96 16.81 63.52
C ALA O 169 -55.07 15.55 62.66
N LEU O 170 -53.95 15.16 62.03
CA LEU O 170 -53.89 13.94 61.24
C LEU O 170 -53.84 12.66 62.07
N LYS O 171 -53.13 12.71 63.20
CA LYS O 171 -53.04 11.56 64.10
C LYS O 171 -54.42 10.99 64.46
N GLU O 172 -55.46 11.79 64.20
CA GLU O 172 -56.85 11.36 64.39
C GLU O 172 -57.67 11.34 63.09
N SER O 173 -57.61 12.42 62.31
CA SER O 173 -58.41 12.54 61.08
C SER O 173 -58.00 11.55 59.97
N TYR O 174 -56.80 10.96 60.09
CA TYR O 174 -56.30 10.02 59.09
C TYR O 174 -57.21 8.79 58.93
N ALA O 175 -57.95 8.76 57.82
CA ALA O 175 -58.72 7.58 57.47
C ALA O 175 -57.83 6.62 56.66
N GLU O 176 -57.48 5.50 57.31
CA GLU O 176 -56.56 4.49 56.80
C GLU O 176 -56.67 4.29 55.28
N ASN O 177 -57.90 4.00 54.85
CA ASN O 177 -58.19 3.68 53.46
C ASN O 177 -59.15 4.70 52.83
N ALA O 178 -58.84 5.99 53.02
CA ALA O 178 -59.72 7.09 52.60
C ALA O 178 -59.97 7.13 51.09
N SER O 179 -60.89 7.98 50.67
CA SER O 179 -61.11 8.25 49.26
C SER O 179 -60.29 9.46 48.86
N LEU O 180 -60.14 9.65 47.55
CA LEU O 180 -59.43 10.82 47.01
C LEU O 180 -60.03 12.12 47.54
N THR O 181 -61.35 12.22 47.47
CA THR O 181 -62.03 13.42 47.94
C THR O 181 -62.12 13.46 49.47
N ASP O 182 -62.06 12.28 50.09
CA ASP O 182 -62.06 12.17 51.56
C ASP O 182 -60.73 12.56 52.17
N ALA O 183 -59.65 11.98 51.64
CA ALA O 183 -58.30 12.27 52.09
C ALA O 183 -57.91 13.73 51.86
N LEU O 184 -58.37 14.30 50.74
CA LEU O 184 -58.17 15.71 50.44
C LEU O 184 -58.86 16.59 51.48
N ARG O 185 -60.10 16.23 51.84
CA ARG O 185 -60.83 16.91 52.91
C ARG O 185 -60.06 16.83 54.21
N ILE O 186 -59.70 15.61 54.60
CA ILE O 186 -58.94 15.35 55.82
C ILE O 186 -57.64 16.16 55.85
N ALA O 187 -56.96 16.22 54.70
CA ALA O 187 -55.70 16.96 54.56
C ALA O 187 -55.87 18.48 54.78
N VAL O 188 -56.55 19.14 53.83
CA VAL O 188 -56.80 20.60 53.86
C VAL O 188 -57.28 21.08 55.24
N ALA O 189 -58.11 20.27 55.89
CA ALA O 189 -58.58 20.55 57.25
C ALA O 189 -57.43 20.50 58.26
N ALA O 190 -56.69 19.38 58.25
CA ALA O 190 -55.54 19.20 59.14
C ALA O 190 -54.48 20.28 58.94
N LEU O 191 -54.42 20.81 57.73
CA LEU O 191 -53.47 21.87 57.39
C LEU O 191 -53.85 23.21 58.01
N ARG O 192 -55.14 23.56 57.93
CA ARG O 192 -55.68 24.76 58.57
C ARG O 192 -55.49 24.79 60.09
N ALA O 193 -55.34 23.61 60.68
CA ALA O 193 -55.11 23.47 62.13
C ALA O 193 -53.86 24.25 62.59
N GLY O 194 -52.83 24.26 61.73
CA GLY O 194 -51.62 25.06 61.96
C GLY O 194 -51.61 26.37 61.17
N SER O 195 -52.51 27.28 61.57
CA SER O 195 -52.71 28.58 60.90
C SER O 195 -53.22 29.63 61.89
N LEU O 206 -58.83 31.35 53.69
CA LEU O 206 -57.74 30.41 53.98
C LEU O 206 -58.02 29.01 53.40
N GLY O 207 -56.97 28.36 52.89
CA GLY O 207 -57.07 27.03 52.28
C GLY O 207 -58.00 26.93 51.07
N VAL O 208 -58.00 27.95 50.21
CA VAL O 208 -58.88 27.98 49.03
C VAL O 208 -58.23 27.23 47.84
N ALA O 209 -58.94 27.14 46.71
CA ALA O 209 -58.44 26.48 45.50
C ALA O 209 -57.24 27.22 44.93
N SER O 210 -56.54 27.92 45.81
CA SER O 210 -55.33 28.65 45.52
C SER O 210 -54.17 28.04 46.29
N LEU O 211 -53.83 26.81 45.93
CA LEU O 211 -52.71 26.05 46.52
C LEU O 211 -52.24 24.97 45.53
N GLU O 212 -51.40 24.04 45.98
CA GLU O 212 -50.88 23.01 45.07
C GLU O 212 -51.27 21.59 45.47
N VAL O 213 -51.84 20.85 44.51
CA VAL O 213 -52.32 19.50 44.75
C VAL O 213 -51.95 18.58 43.58
N ALA O 214 -51.44 17.40 43.92
CA ALA O 214 -51.13 16.36 42.93
C ALA O 214 -51.18 14.99 43.59
N VAL O 215 -51.33 13.92 42.79
CA VAL O 215 -51.42 12.56 43.33
C VAL O 215 -50.54 11.53 42.62
N LEU O 216 -50.15 10.50 43.37
CA LEU O 216 -49.54 9.33 42.79
C LEU O 216 -50.62 8.27 42.61
N ASP O 217 -51.32 8.34 41.48
CA ASP O 217 -52.43 7.43 41.17
C ASP O 217 -51.95 6.03 40.79
N ALA O 218 -51.97 5.13 41.78
CA ALA O 218 -51.51 3.75 41.60
C ALA O 218 -52.27 3.02 40.50
N ASN O 219 -53.41 3.58 40.09
CA ASN O 219 -54.24 2.99 39.06
C ASN O 219 -53.75 3.28 37.65
N ARG O 220 -52.91 4.30 37.52
CA ARG O 220 -52.32 4.67 36.23
C ARG O 220 -51.44 3.54 35.66
N PRO O 221 -51.43 3.40 34.33
CA PRO O 221 -50.63 2.36 33.67
C PRO O 221 -49.12 2.49 33.94
N ARG O 222 -48.53 3.60 33.48
CA ARG O 222 -47.09 3.81 33.58
C ARG O 222 -46.77 4.92 34.58
N ARG O 223 -46.85 6.17 34.10
CA ARG O 223 -46.53 7.35 34.91
C ARG O 223 -47.61 7.63 35.94
N ALA O 224 -47.34 7.21 37.18
CA ALA O 224 -48.34 7.27 38.25
C ALA O 224 -48.48 8.67 38.87
N PHE O 225 -48.18 9.70 38.09
CA PHE O 225 -48.28 11.07 38.56
C PHE O 225 -49.44 11.79 37.88
N ARG O 226 -50.08 12.68 38.63
CA ARG O 226 -51.10 13.57 38.07
C ARG O 226 -51.32 14.79 38.95
N ARG O 227 -51.25 15.95 38.33
CA ARG O 227 -51.55 17.21 39.00
C ARG O 227 -53.06 17.41 38.97
N ILE O 228 -53.63 17.85 40.08
CA ILE O 228 -55.03 18.23 40.11
C ILE O 228 -55.15 19.75 39.89
N THR O 229 -55.72 20.10 38.73
CA THR O 229 -55.84 21.50 38.28
C THR O 229 -56.83 22.33 39.14
N GLY O 230 -57.38 23.40 38.58
CA GLY O 230 -58.26 24.29 39.34
C GLY O 230 -59.70 23.83 39.43
N SER O 231 -60.35 23.71 38.27
CA SER O 231 -61.77 23.37 38.18
C SER O 231 -62.07 21.99 38.77
N ALA O 232 -61.31 20.98 38.32
CA ALA O 232 -61.44 19.58 38.77
C ALA O 232 -61.22 19.44 40.28
N LEU O 233 -60.32 20.26 40.82
CA LEU O 233 -60.01 20.32 42.25
C LEU O 233 -61.23 20.68 43.11
N GLN O 234 -61.93 21.74 42.71
CA GLN O 234 -63.11 22.23 43.44
C GLN O 234 -64.09 21.10 43.76
N ALA O 235 -64.32 20.22 42.79
CA ALA O 235 -65.25 19.10 42.91
C ALA O 235 -64.89 18.09 44.01
N LEU O 236 -63.77 18.33 44.69
CA LEU O 236 -63.30 17.45 45.76
C LEU O 236 -62.98 18.23 47.05
N LEU O 237 -62.76 19.54 46.92
CA LEU O 237 -62.27 20.39 48.01
C LEU O 237 -63.23 20.51 49.21
N VAL O 238 -62.63 20.72 50.39
CA VAL O 238 -63.37 20.80 51.66
C VAL O 238 -63.87 22.21 52.03
N ASP O 239 -65.12 22.26 52.47
CA ASP O 239 -65.74 23.48 53.00
C ASP O 239 -65.09 23.86 54.35
N GLN O 240 -64.67 25.14 54.49
CA GLN O 240 -64.11 25.64 55.78
C GLN O 240 -65.12 26.46 56.58
N THR P 1 -35.04 -3.78 5.38
CA THR P 1 -35.94 -2.94 6.21
C THR P 1 -36.69 -1.90 5.40
N THR P 2 -37.90 -1.60 5.84
CA THR P 2 -38.67 -0.48 5.33
C THR P 2 -39.49 0.03 6.51
N ILE P 3 -39.35 1.31 6.80
CA ILE P 3 -40.22 2.00 7.73
C ILE P 3 -40.92 3.03 6.85
N VAL P 4 -42.22 3.20 7.05
CA VAL P 4 -43.00 4.07 6.19
C VAL P 4 -43.86 5.00 7.04
N ALA P 5 -44.02 6.24 6.62
CA ALA P 5 -44.87 7.19 7.36
C ALA P 5 -45.81 7.97 6.44
N LEU P 6 -47.09 8.06 6.83
CA LEU P 6 -48.13 8.75 6.07
C LEU P 6 -48.83 9.84 6.84
N LYS P 7 -49.15 10.91 6.11
CA LYS P 7 -49.91 12.03 6.63
C LYS P 7 -51.32 11.95 6.05
N TYR P 8 -52.31 11.92 6.94
CA TYR P 8 -53.73 12.00 6.55
C TYR P 8 -54.37 13.18 7.32
N PRO P 9 -55.61 13.58 6.95
CA PRO P 9 -56.30 14.71 7.55
C PRO P 9 -56.25 14.76 9.07
N GLY P 10 -56.63 13.65 9.72
CA GLY P 10 -56.59 13.58 11.19
C GLY P 10 -55.21 13.75 11.83
N GLY P 11 -54.24 12.98 11.34
CA GLY P 11 -52.88 13.02 11.85
C GLY P 11 -51.88 12.26 10.99
N VAL P 12 -51.15 11.32 11.61
CA VAL P 12 -50.14 10.48 10.93
C VAL P 12 -50.15 9.02 11.35
N VAL P 13 -49.73 8.17 10.41
CA VAL P 13 -49.50 6.76 10.64
C VAL P 13 -48.06 6.40 10.24
N MET P 14 -47.40 5.61 11.08
CA MET P 14 -46.12 5.03 10.71
C MET P 14 -46.16 3.53 10.92
N ALA P 15 -45.57 2.80 9.97
CA ALA P 15 -45.57 1.34 10.02
C ALA P 15 -44.30 0.78 9.41
N GLY P 16 -43.75 -0.25 10.03
CA GLY P 16 -42.55 -0.88 9.53
C GLY P 16 -42.56 -2.38 9.69
N ASP P 17 -41.87 -3.08 8.78
CA ASP P 17 -41.78 -4.54 8.79
C ASP P 17 -41.09 -5.08 10.02
N ARG P 18 -40.85 -6.39 10.05
CA ARG P 18 -40.16 -7.04 11.17
C ARG P 18 -38.97 -7.93 10.83
N ARG P 19 -38.50 -7.86 9.59
CA ARG P 19 -37.36 -8.65 9.14
C ARG P 19 -36.08 -8.13 9.74
N SER P 20 -35.21 -9.04 10.13
CA SER P 20 -33.84 -8.66 10.49
C SER P 20 -32.94 -9.65 9.85
N THR P 21 -32.01 -9.15 9.06
CA THR P 21 -31.22 -10.01 8.24
C THR P 21 -29.72 -9.82 8.55
N GLN P 22 -28.91 -10.79 8.17
CA GLN P 22 -27.48 -10.72 8.38
C GLN P 22 -26.80 -11.44 7.28
N GLY P 23 -26.31 -10.67 6.33
CA GLY P 23 -25.87 -11.24 5.08
C GLY P 23 -27.16 -11.45 4.35
N ASN P 24 -27.32 -12.60 3.71
CA ASN P 24 -28.59 -12.88 3.10
C ASN P 24 -29.23 -14.01 3.88
N MET P 25 -29.28 -13.83 5.19
CA MET P 25 -29.64 -14.87 6.08
C MET P 25 -30.62 -14.29 7.08
N ILE P 26 -31.87 -14.73 7.04
CA ILE P 26 -32.89 -14.19 7.95
C ILE P 26 -32.52 -14.54 9.37
N SER P 27 -32.50 -13.53 10.22
CA SER P 27 -32.05 -13.67 11.57
C SER P 27 -33.03 -13.04 12.53
N GLY P 28 -34.15 -12.58 11.99
CA GLY P 28 -35.19 -11.97 12.80
C GLY P 28 -36.46 -12.00 12.00
N ARG P 29 -37.57 -12.25 12.69
CA ARG P 29 -38.85 -12.37 11.99
C ARG P 29 -39.95 -11.58 12.67
N ASP P 30 -39.61 -10.93 13.78
CA ASP P 30 -40.60 -10.20 14.58
C ASP P 30 -40.00 -9.00 15.29
N VAL P 31 -39.10 -8.30 14.62
CA VAL P 31 -38.48 -7.10 15.20
C VAL P 31 -39.53 -6.00 15.26
N ARG P 32 -39.54 -5.27 16.37
CA ARG P 32 -40.41 -4.09 16.50
C ARG P 32 -39.60 -2.85 16.11
N LYS P 33 -39.77 -2.41 14.86
CA LYS P 33 -38.97 -1.30 14.35
C LYS P 33 -39.56 0.10 14.61
N VAL P 34 -40.78 0.15 15.11
CA VAL P 34 -41.51 1.42 15.26
C VAL P 34 -41.91 1.61 16.72
N TYR P 35 -41.49 2.73 17.32
CA TYR P 35 -41.67 2.97 18.74
C TYR P 35 -42.48 4.23 19.04
N ILE P 36 -43.20 4.22 20.17
CA ILE P 36 -43.93 5.40 20.63
C ILE P 36 -43.03 6.18 21.57
N THR P 37 -42.38 7.20 21.03
CA THR P 37 -41.36 7.97 21.75
C THR P 37 -41.94 8.76 22.91
N ASP P 38 -43.03 9.48 22.66
CA ASP P 38 -43.87 10.01 23.72
C ASP P 38 -45.30 10.10 23.21
N ASP P 39 -46.16 10.83 23.91
CA ASP P 39 -47.60 10.87 23.58
C ASP P 39 -47.95 11.25 22.16
N TYR P 40 -47.12 12.06 21.53
CA TYR P 40 -47.43 12.55 20.20
C TYR P 40 -46.34 12.27 19.20
N THR P 41 -45.40 11.41 19.58
CA THR P 41 -44.27 11.12 18.71
C THR P 41 -44.03 9.64 18.56
N ALA P 42 -43.96 9.20 17.31
CA ALA P 42 -43.54 7.87 17.00
C ALA P 42 -42.24 7.96 16.24
N THR P 43 -41.29 7.09 16.55
CA THR P 43 -40.00 7.06 15.86
C THR P 43 -39.63 5.69 15.32
N GLY P 44 -39.33 5.63 14.03
CA GLY P 44 -38.94 4.38 13.37
C GLY P 44 -37.49 4.46 12.99
N ILE P 45 -36.78 3.34 12.96
CA ILE P 45 -35.32 3.32 12.88
C ILE P 45 -34.79 2.22 11.98
N ALA P 46 -33.93 2.56 11.04
CA ALA P 46 -33.42 1.59 10.07
C ALA P 46 -31.91 1.39 10.17
N GLY P 47 -31.43 0.24 9.69
CA GLY P 47 -30.00 -0.06 9.72
C GLY P 47 -29.54 -0.99 10.82
N THR P 48 -28.52 -0.57 11.55
CA THR P 48 -27.85 -1.41 12.52
C THR P 48 -28.72 -1.56 13.75
N ALA P 49 -29.16 -2.80 13.99
CA ALA P 49 -30.06 -3.13 15.09
C ALA P 49 -29.64 -2.59 16.44
N ALA P 50 -28.43 -2.93 16.87
CA ALA P 50 -27.99 -2.52 18.21
C ALA P 50 -28.19 -1.02 18.41
N VAL P 51 -27.89 -0.24 17.38
CA VAL P 51 -28.00 1.22 17.46
C VAL P 51 -29.44 1.70 17.37
N ALA P 52 -30.17 1.20 16.39
CA ALA P 52 -31.58 1.53 16.23
C ALA P 52 -32.39 1.38 17.53
N VAL P 53 -32.25 0.23 18.20
CA VAL P 53 -32.87 -0.02 19.52
C VAL P 53 -32.45 1.05 20.51
N GLU P 54 -31.15 1.32 20.54
CA GLU P 54 -30.60 2.23 21.53
C GLU P 54 -31.01 3.68 21.25
N PHE P 55 -31.09 4.08 19.97
CA PHE P 55 -31.59 5.42 19.60
C PHE P 55 -32.96 5.63 20.20
N ALA P 56 -33.90 4.74 19.85
CA ALA P 56 -35.29 4.79 20.34
C ALA P 56 -35.34 4.88 21.85
N ARG P 57 -34.76 3.88 22.50
CA ARG P 57 -34.74 3.79 23.94
C ARG P 57 -34.25 5.10 24.57
N LEU P 58 -33.10 5.57 24.13
CA LEU P 58 -32.47 6.75 24.70
C LEU P 58 -33.24 8.04 24.40
N TYR P 59 -33.69 8.18 23.16
CA TYR P 59 -34.47 9.35 22.72
C TYR P 59 -35.68 9.58 23.61
N ALA P 60 -36.48 8.51 23.78
CA ALA P 60 -37.67 8.54 24.62
C ALA P 60 -37.33 9.07 26.01
N VAL P 61 -36.22 8.57 26.57
CA VAL P 61 -35.78 9.01 27.88
C VAL P 61 -35.48 10.50 27.88
N GLU P 62 -34.80 10.98 26.84
CA GLU P 62 -34.45 12.40 26.72
C GLU P 62 -35.69 13.27 26.75
N LEU P 63 -36.66 12.96 25.89
CA LEU P 63 -37.90 13.73 25.84
C LEU P 63 -38.62 13.77 27.19
N GLU P 64 -38.89 12.61 27.77
CA GLU P 64 -39.55 12.56 29.09
C GLU P 64 -38.74 13.24 30.19
N HIS P 65 -37.41 13.17 30.09
CA HIS P 65 -36.50 13.83 31.02
C HIS P 65 -36.63 15.35 30.97
N TYR P 66 -36.74 15.93 29.76
CA TYR P 66 -36.91 17.37 29.64
C TYR P 66 -38.24 17.80 30.26
N GLU P 67 -39.29 17.03 29.96
CA GLU P 67 -40.61 17.28 30.51
C GLU P 67 -40.61 17.29 32.02
N LYS P 68 -40.15 16.20 32.64
CA LYS P 68 -40.05 16.14 34.11
C LYS P 68 -39.24 17.26 34.71
N LEU P 69 -38.25 17.78 33.99
CA LEU P 69 -37.40 18.83 34.54
C LEU P 69 -38.03 20.20 34.40
N GLU P 70 -38.37 20.56 33.18
CA GLU P 70 -38.88 21.90 32.93
C GLU P 70 -40.38 22.00 33.11
N GLY P 71 -41.06 20.87 33.16
CA GLY P 71 -42.51 20.83 33.44
C GLY P 71 -43.40 20.85 32.21
N VAL P 72 -42.78 20.92 31.04
CA VAL P 72 -43.50 21.06 29.77
C VAL P 72 -42.75 20.28 28.70
N PRO P 73 -43.46 19.50 27.87
CA PRO P 73 -42.76 18.84 26.77
C PRO P 73 -42.06 19.83 25.83
N LEU P 74 -41.08 19.33 25.08
CA LEU P 74 -40.37 20.14 24.10
C LEU P 74 -41.27 20.58 22.96
N THR P 75 -40.91 21.70 22.34
CA THR P 75 -41.46 22.10 21.04
C THR P 75 -41.33 20.92 20.11
N PHE P 76 -42.15 20.85 19.06
CA PHE P 76 -41.86 19.82 18.09
C PHE P 76 -40.50 20.12 17.44
N ALA P 77 -40.21 21.40 17.23
CA ALA P 77 -38.90 21.77 16.69
C ALA P 77 -37.81 21.28 17.64
N GLY P 78 -38.03 21.45 18.93
CA GLY P 78 -37.09 20.95 19.93
C GLY P 78 -36.87 19.46 19.77
N LYS P 79 -37.96 18.72 19.73
CA LYS P 79 -37.88 17.28 19.60
C LYS P 79 -37.06 16.89 18.38
N ILE P 80 -37.31 17.55 17.24
CA ILE P 80 -36.56 17.35 16.00
C ILE P 80 -35.07 17.52 16.24
N ASN P 81 -34.72 18.66 16.81
CA ASN P 81 -33.33 19.02 16.99
C ASN P 81 -32.56 17.99 17.83
N ARG P 82 -33.15 17.58 18.96
CA ARG P 82 -32.54 16.54 19.79
C ARG P 82 -32.27 15.23 19.05
N LEU P 83 -33.25 14.71 18.33
CA LEU P 83 -33.02 13.52 17.53
C LEU P 83 -31.88 13.78 16.56
N ALA P 84 -31.88 14.93 15.89
CA ALA P 84 -30.84 15.25 14.91
C ALA P 84 -29.47 15.22 15.54
N ILE P 85 -29.35 15.84 16.72
CA ILE P 85 -28.07 15.87 17.44
C ILE P 85 -27.57 14.46 17.73
N MET P 86 -28.45 13.64 18.28
CA MET P 86 -28.21 12.23 18.55
C MET P 86 -27.66 11.49 17.30
N VAL P 87 -28.34 11.64 16.18
CA VAL P 87 -27.86 11.08 14.90
C VAL P 87 -26.43 11.54 14.58
N ARG P 88 -26.14 12.84 14.73
CA ARG P 88 -24.81 13.37 14.40
C ARG P 88 -23.77 12.79 15.33
N GLY P 89 -24.14 12.71 16.60
CA GLY P 89 -23.33 12.05 17.63
C GLY P 89 -22.97 10.60 17.34
N ASN P 90 -23.41 10.08 16.20
CA ASN P 90 -23.10 8.71 15.86
C ASN P 90 -22.36 8.60 14.55
N LEU P 91 -22.03 9.75 13.97
CA LEU P 91 -21.41 9.78 12.66
C LEU P 91 -20.12 8.98 12.66
N ALA P 92 -19.35 9.13 13.74
CA ALA P 92 -18.11 8.38 13.92
C ALA P 92 -18.43 6.89 13.76
N ALA P 93 -19.33 6.40 14.61
CA ALA P 93 -19.70 5.00 14.60
C ALA P 93 -20.21 4.59 13.23
N ALA P 94 -21.14 5.36 12.68
CA ALA P 94 -21.74 5.07 11.38
C ALA P 94 -20.66 4.87 10.31
N MET P 95 -19.64 5.72 10.37
CA MET P 95 -18.53 5.65 9.45
C MET P 95 -17.90 4.27 9.43
N GLN P 96 -17.83 3.64 10.60
CA GLN P 96 -17.23 2.31 10.71
C GLN P 96 -18.12 1.12 10.39
N GLY P 97 -19.42 1.25 10.58
CA GLY P 97 -20.37 0.18 10.26
C GLY P 97 -21.68 0.40 10.97
N LEU P 98 -21.57 0.89 12.20
CA LEU P 98 -22.69 1.14 13.10
C LEU P 98 -23.65 2.24 12.64
N LEU P 99 -24.11 2.14 11.38
CA LEU P 99 -25.05 3.10 10.78
C LEU P 99 -26.50 2.86 11.20
N ALA P 100 -27.21 3.93 11.55
CA ALA P 100 -28.64 3.83 11.85
C ALA P 100 -29.39 5.13 11.60
N LEU P 101 -30.34 5.09 10.68
CA LEU P 101 -31.14 6.25 10.29
C LEU P 101 -32.58 6.20 10.79
N PRO P 102 -33.00 7.18 11.62
CA PRO P 102 -34.39 7.30 12.06
C PRO P 102 -35.36 8.06 11.12
N LEU P 103 -36.65 7.72 11.21
CA LEU P 103 -37.79 8.48 10.64
C LEU P 103 -38.67 8.94 11.77
N LEU P 104 -38.97 10.23 11.81
CA LEU P 104 -39.85 10.75 12.85
C LEU P 104 -41.25 11.03 12.31
N ALA P 105 -42.25 10.61 13.07
CA ALA P 105 -43.65 10.96 12.79
C ALA P 105 -44.30 11.47 14.07
N GLY P 106 -45.00 12.60 13.98
CA GLY P 106 -45.63 13.19 15.15
C GLY P 106 -46.84 14.02 14.85
N TYR P 107 -47.57 14.37 15.91
CA TYR P 107 -48.70 15.28 15.84
C TYR P 107 -48.37 16.51 16.68
N ASP P 108 -48.22 17.64 16.03
CA ASP P 108 -47.93 18.90 16.70
C ASP P 108 -49.22 19.53 17.25
N ILE P 109 -49.46 19.33 18.55
CA ILE P 109 -50.66 19.85 19.19
C ILE P 109 -50.73 21.38 19.22
N HIS P 110 -49.75 22.03 18.60
CA HIS P 110 -49.70 23.49 18.57
C HIS P 110 -49.79 24.04 17.15
N ALA P 111 -49.93 23.17 16.16
CA ALA P 111 -50.07 23.61 14.77
C ALA P 111 -51.32 24.49 14.62
N SER P 112 -51.23 25.50 13.74
CA SER P 112 -52.35 26.40 13.43
C SER P 112 -53.58 25.59 13.10
N ASP P 113 -53.50 24.87 11.99
CA ASP P 113 -54.58 24.05 11.50
C ASP P 113 -54.43 22.60 12.01
N PRO P 114 -55.24 22.21 13.03
CA PRO P 114 -55.22 20.88 13.65
C PRO P 114 -55.51 19.73 12.72
N GLN P 115 -55.71 20.04 11.44
CA GLN P 115 -55.92 19.05 10.40
C GLN P 115 -54.64 18.85 9.59
N SER P 116 -53.62 19.66 9.90
CA SER P 116 -52.30 19.58 9.29
C SER P 116 -51.24 19.46 10.36
N ALA P 117 -51.65 19.00 11.54
CA ALA P 117 -50.76 18.86 12.68
C ALA P 117 -49.89 17.62 12.57
N GLY P 118 -50.15 16.80 11.55
CA GLY P 118 -49.34 15.63 11.28
C GLY P 118 -47.99 16.04 10.72
N ARG P 119 -46.92 15.48 11.28
CA ARG P 119 -45.55 15.76 10.82
C ARG P 119 -44.74 14.51 10.48
N ILE P 120 -43.99 14.60 9.39
CA ILE P 120 -43.06 13.57 9.00
C ILE P 120 -41.67 14.18 8.76
N VAL P 121 -40.73 13.84 9.62
CA VAL P 121 -39.37 14.38 9.53
C VAL P 121 -38.36 13.27 9.20
N SER P 122 -37.70 13.41 8.05
CA SER P 122 -36.67 12.45 7.66
C SER P 122 -35.27 12.90 8.10
N PHE P 123 -34.38 11.95 8.34
CA PHE P 123 -33.08 12.28 8.87
C PHE P 123 -31.90 11.79 8.05
N ASP P 124 -30.80 12.45 8.30
CA ASP P 124 -29.63 12.47 7.48
C ASP P 124 -28.49 11.88 8.32
N ALA P 125 -27.71 10.98 7.75
CA ALA P 125 -26.55 10.38 8.46
C ALA P 125 -25.68 11.39 9.24
N ALA P 126 -25.67 12.65 8.79
CA ALA P 126 -24.84 13.71 9.34
C ALA P 126 -25.59 14.57 10.34
N GLY P 127 -26.86 14.24 10.58
CA GLY P 127 -27.70 14.97 11.53
C GLY P 127 -28.57 16.03 10.88
N GLY P 128 -28.65 16.00 9.56
CA GLY P 128 -29.54 16.89 8.84
C GLY P 128 -30.96 16.35 8.93
N TRP P 129 -31.96 17.19 8.66
CA TRP P 129 -33.37 16.80 8.69
C TRP P 129 -34.22 17.67 7.78
N ASN P 130 -35.21 17.07 7.10
CA ASN P 130 -36.19 17.82 6.30
C ASN P 130 -37.57 17.43 6.69
N ILE P 131 -38.37 18.40 7.13
CA ILE P 131 -39.79 18.19 7.37
C ILE P 131 -40.41 17.95 6.02
N GLU P 132 -40.98 16.76 5.84
CA GLU P 132 -41.28 16.23 4.52
C GLU P 132 -42.32 16.97 3.68
N GLU P 133 -43.41 17.39 4.32
CA GLU P 133 -44.55 18.01 3.64
C GLU P 133 -44.73 17.55 2.19
N GLU P 134 -45.09 16.28 2.06
CA GLU P 134 -45.47 15.72 0.78
C GLU P 134 -46.32 14.52 1.11
N GLY P 135 -46.58 14.34 2.39
CA GLY P 135 -47.53 13.33 2.84
C GLY P 135 -46.95 11.97 3.17
N TYR P 136 -45.91 11.54 2.45
CA TYR P 136 -45.30 10.26 2.68
C TYR P 136 -43.78 10.32 2.67
N GLN P 137 -43.18 9.39 3.39
CA GLN P 137 -41.73 9.19 3.41
C GLN P 137 -41.39 7.76 3.87
N ALA P 138 -40.20 7.30 3.53
CA ALA P 138 -39.74 5.98 3.92
C ALA P 138 -38.22 5.96 4.22
N VAL P 139 -37.77 4.96 5.00
CA VAL P 139 -36.34 4.75 5.28
C VAL P 139 -36.06 3.27 5.33
N GLY P 140 -34.93 2.85 4.75
CA GLY P 140 -34.53 1.46 4.80
C GLY P 140 -34.21 0.88 3.45
N SER P 141 -33.72 -0.36 3.44
CA SER P 141 -33.30 -1.02 2.22
C SER P 141 -34.39 -1.06 1.15
N GLY P 142 -35.65 -0.94 1.56
CA GLY P 142 -36.72 -1.00 0.59
C GLY P 142 -37.51 0.28 0.48
N SER P 143 -37.08 1.33 1.17
CA SER P 143 -37.79 2.61 1.17
C SER P 143 -38.01 3.14 -0.24
N LEU P 144 -37.09 2.83 -1.14
CA LEU P 144 -37.20 3.30 -2.50
C LEU P 144 -38.43 2.73 -3.20
N PHE P 145 -38.70 1.44 -3.00
CA PHE P 145 -39.87 0.79 -3.56
C PHE P 145 -41.15 1.27 -2.89
N ALA P 146 -41.11 1.41 -1.57
CA ALA P 146 -42.27 1.87 -0.83
C ALA P 146 -42.67 3.25 -1.34
N LYS P 147 -41.78 4.23 -1.21
CA LYS P 147 -42.04 5.60 -1.66
C LYS P 147 -42.68 5.65 -3.04
N SER P 148 -42.21 4.81 -3.95
CA SER P 148 -42.66 4.87 -5.32
C SER P 148 -44.07 4.31 -5.48
N SER P 149 -44.38 3.26 -4.72
CA SER P 149 -45.71 2.64 -4.72
C SER P 149 -46.67 3.59 -4.05
N MET P 150 -46.28 3.99 -2.86
CA MET P 150 -46.98 4.97 -2.06
C MET P 150 -47.17 6.31 -2.80
N LYS P 151 -46.43 6.54 -3.89
CA LYS P 151 -46.64 7.73 -4.72
C LYS P 151 -47.98 7.61 -5.41
N LYS P 152 -48.22 6.47 -6.03
CA LYS P 152 -49.42 6.18 -6.77
C LYS P 152 -50.62 6.05 -5.84
N LEU P 153 -50.47 5.29 -4.77
CA LEU P 153 -51.59 5.00 -3.88
C LEU P 153 -51.92 6.14 -2.91
N TYR P 154 -51.34 7.31 -3.08
CA TYR P 154 -51.54 8.36 -2.07
C TYR P 154 -52.91 9.07 -2.14
N SER P 155 -53.44 9.21 -3.35
CA SER P 155 -54.75 9.80 -3.55
C SER P 155 -55.79 9.10 -2.68
N GLN P 156 -55.72 7.77 -2.60
CA GLN P 156 -56.63 6.99 -1.77
C GLN P 156 -56.69 7.36 -0.29
N VAL P 157 -55.82 8.25 0.18
CA VAL P 157 -55.77 8.52 1.63
C VAL P 157 -56.82 9.54 2.05
N THR P 158 -57.78 9.09 2.85
CA THR P 158 -58.91 9.93 3.23
C THR P 158 -59.01 10.09 4.73
N ASP P 159 -58.63 9.07 5.48
CA ASP P 159 -58.73 9.05 6.93
C ASP P 159 -57.73 8.06 7.50
N GLY P 160 -57.68 7.97 8.83
CA GLY P 160 -56.82 7.04 9.53
C GLY P 160 -56.79 5.67 8.89
N ASP P 161 -57.86 4.93 9.08
CA ASP P 161 -57.97 3.60 8.49
C ASP P 161 -57.62 3.58 7.00
N SER P 162 -57.98 4.65 6.29
CA SER P 162 -57.64 4.78 4.86
C SER P 162 -56.14 4.79 4.63
N GLY P 163 -55.45 5.72 5.31
CA GLY P 163 -53.99 5.83 5.22
C GLY P 163 -53.31 4.54 5.61
N LEU P 164 -53.70 3.98 6.75
CA LEU P 164 -53.14 2.71 7.25
C LEU P 164 -53.07 1.61 6.20
N ARG P 165 -54.06 1.53 5.31
CA ARG P 165 -54.05 0.48 4.30
C ARG P 165 -52.96 0.74 3.28
N VAL P 166 -52.76 2.00 2.92
CA VAL P 166 -51.76 2.36 1.94
C VAL P 166 -50.37 2.08 2.53
N ALA P 167 -50.16 2.46 3.79
CA ALA P 167 -48.95 2.11 4.51
C ALA P 167 -48.67 0.62 4.39
N VAL P 168 -49.54 -0.23 4.92
CA VAL P 168 -49.33 -1.68 4.85
C VAL P 168 -49.07 -2.15 3.42
N GLU P 169 -49.72 -1.50 2.46
CA GLU P 169 -49.55 -1.93 1.10
C GLU P 169 -48.18 -1.56 0.52
N ALA P 170 -47.68 -0.39 0.87
CA ALA P 170 -46.32 0.01 0.49
C ALA P 170 -45.30 -0.97 1.10
N LEU P 171 -45.42 -1.25 2.40
CA LEU P 171 -44.59 -2.28 3.05
C LEU P 171 -44.71 -3.63 2.34
N TYR P 172 -45.90 -3.95 1.83
CA TYR P 172 -46.05 -5.16 1.04
C TYR P 172 -45.26 -5.04 -0.29
N ASP P 173 -45.35 -3.88 -0.94
CA ASP P 173 -44.65 -3.60 -2.21
C ASP P 173 -43.14 -3.58 -2.03
N ALA P 174 -42.69 -3.15 -0.85
CA ALA P 174 -41.26 -3.11 -0.53
C ALA P 174 -40.70 -4.53 -0.43
N ALA P 175 -41.35 -5.35 0.40
CA ALA P 175 -40.95 -6.75 0.59
C ALA P 175 -40.99 -7.53 -0.72
N ASP P 176 -41.72 -6.99 -1.68
CA ASP P 176 -41.91 -7.65 -2.94
C ASP P 176 -40.67 -7.47 -3.81
N ASP P 177 -39.82 -6.54 -3.43
CA ASP P 177 -38.63 -6.17 -4.21
C ASP P 177 -37.34 -6.19 -3.43
N ASP P 178 -37.44 -5.84 -2.15
CA ASP P 178 -36.29 -5.84 -1.28
C ASP P 178 -36.35 -7.06 -0.41
N SER P 179 -35.48 -8.02 -0.74
CA SER P 179 -35.36 -9.25 0.03
C SER P 179 -34.98 -9.03 1.47
N ALA P 180 -34.60 -7.82 1.83
CA ALA P 180 -34.20 -7.55 3.20
C ALA P 180 -35.31 -6.93 3.99
N THR P 181 -36.50 -6.82 3.38
CA THR P 181 -37.66 -6.17 4.04
C THR P 181 -38.68 -7.11 4.67
N GLY P 182 -39.14 -8.11 3.96
CA GLY P 182 -39.99 -9.10 4.59
C GLY P 182 -41.46 -8.72 4.75
N GLY P 183 -42.29 -9.41 3.98
CA GLY P 183 -43.72 -9.17 4.00
C GLY P 183 -44.40 -9.91 5.13
N PRO P 184 -45.74 -10.06 5.02
CA PRO P 184 -46.54 -10.67 6.07
C PRO P 184 -46.40 -12.19 6.07
N ASP P 185 -46.15 -12.75 7.24
CA ASP P 185 -46.00 -14.18 7.36
C ASP P 185 -47.30 -14.83 7.83
N LEU P 186 -48.04 -15.38 6.89
CA LEU P 186 -49.31 -16.01 7.20
C LEU P 186 -49.06 -17.33 7.90
N VAL P 187 -48.14 -18.11 7.34
CA VAL P 187 -47.76 -19.38 7.94
C VAL P 187 -47.43 -19.24 9.44
N ARG P 188 -46.88 -18.09 9.85
CA ARG P 188 -46.43 -17.92 11.23
C ARG P 188 -47.25 -16.86 11.97
N GLY P 189 -48.06 -16.13 11.22
CA GLY P 189 -48.94 -15.11 11.79
C GLY P 189 -48.20 -13.92 12.35
N ILE P 190 -47.24 -13.43 11.57
CA ILE P 190 -46.46 -12.23 11.90
C ILE P 190 -46.74 -11.15 10.87
N PHE P 191 -47.01 -9.95 11.35
CA PHE P 191 -47.39 -8.82 10.50
C PHE P 191 -46.66 -7.54 10.86
N PRO P 192 -46.49 -6.62 9.90
CA PRO P 192 -45.88 -5.31 10.16
C PRO P 192 -46.51 -4.64 11.36
N THR P 193 -45.76 -3.92 12.18
CA THR P 193 -46.38 -3.16 13.26
C THR P 193 -46.68 -1.73 12.79
N ALA P 194 -47.58 -1.05 13.49
CA ALA P 194 -47.90 0.33 13.17
C ALA P 194 -48.32 1.17 14.37
N VAL P 195 -48.30 2.49 14.19
CA VAL P 195 -48.71 3.45 15.21
C VAL P 195 -49.48 4.56 14.52
N ILE P 196 -50.49 5.09 15.20
CA ILE P 196 -51.31 6.18 14.69
C ILE P 196 -51.27 7.35 15.65
N ILE P 197 -51.18 8.56 15.12
CA ILE P 197 -51.19 9.74 15.95
C ILE P 197 -52.16 10.78 15.43
N ASP P 198 -53.08 11.21 16.30
CA ASP P 198 -54.03 12.30 16.02
C ASP P 198 -54.13 13.13 17.29
N ALA P 199 -55.05 14.09 17.32
CA ALA P 199 -55.15 14.99 18.47
C ALA P 199 -55.22 14.25 19.81
N ASP P 200 -55.68 13.00 19.78
CA ASP P 200 -55.89 12.22 21.00
C ASP P 200 -54.63 11.60 21.52
N GLY P 201 -53.64 11.44 20.66
CA GLY P 201 -52.36 10.86 21.07
C GLY P 201 -51.83 9.82 20.09
N ALA P 202 -50.85 9.04 20.55
CA ALA P 202 -50.27 7.99 19.73
C ALA P 202 -50.69 6.65 20.30
N VAL P 203 -51.18 5.77 19.43
CA VAL P 203 -51.62 4.45 19.83
C VAL P 203 -51.14 3.38 18.87
N ASP P 204 -50.83 2.21 19.43
CA ASP P 204 -50.45 1.04 18.68
C ASP P 204 -51.62 0.47 17.93
N VAL P 205 -51.49 0.37 16.62
CA VAL P 205 -52.49 -0.27 15.78
C VAL P 205 -52.51 -1.75 16.08
N PRO P 206 -53.67 -2.31 16.46
CA PRO P 206 -53.72 -3.73 16.80
C PRO P 206 -53.49 -4.59 15.55
N GLU P 207 -52.82 -5.71 15.74
CA GLU P 207 -52.39 -6.51 14.57
C GLU P 207 -53.57 -7.03 13.77
N SER P 208 -54.69 -7.19 14.46
CA SER P 208 -55.94 -7.62 13.87
C SER P 208 -56.26 -6.80 12.62
N ARG P 209 -56.33 -5.49 12.79
CA ARG P 209 -56.67 -4.60 11.69
C ARG P 209 -55.62 -4.67 10.60
N ILE P 210 -54.37 -4.89 11.01
CA ILE P 210 -53.25 -5.01 10.06
C ILE P 210 -53.31 -6.33 9.32
N ALA P 211 -53.42 -7.43 10.07
CA ALA P 211 -53.51 -8.79 9.51
C ALA P 211 -54.63 -8.88 8.50
N GLU P 212 -55.79 -8.32 8.86
CA GLU P 212 -56.93 -8.24 7.97
C GLU P 212 -56.53 -7.49 6.71
N LEU P 213 -56.14 -6.22 6.88
CA LEU P 213 -55.69 -5.38 5.77
C LEU P 213 -54.66 -6.04 4.85
N ALA P 214 -53.77 -6.83 5.45
CA ALA P 214 -52.75 -7.55 4.71
C ALA P 214 -53.36 -8.59 3.78
N ARG P 215 -54.25 -9.43 4.33
CA ARG P 215 -54.91 -10.49 3.55
C ARG P 215 -55.72 -9.92 2.41
N ALA P 216 -56.31 -8.75 2.66
CA ALA P 216 -56.97 -7.94 1.64
C ALA P 216 -56.05 -7.73 0.44
N ILE P 217 -54.88 -7.12 0.70
CA ILE P 217 -53.84 -6.88 -0.30
C ILE P 217 -53.42 -8.16 -1.01
N ILE P 218 -53.17 -9.20 -0.22
CA ILE P 218 -52.70 -10.47 -0.76
C ILE P 218 -53.73 -11.08 -1.71
N GLU P 219 -55.00 -11.09 -1.30
CA GLU P 219 -56.09 -11.61 -2.14
C GLU P 219 -56.26 -10.81 -3.43
N SER P 220 -56.35 -9.48 -3.30
CA SER P 220 -56.58 -8.63 -4.47
C SER P 220 -55.44 -8.73 -5.47
N ARG P 221 -54.21 -8.80 -4.97
CA ARG P 221 -53.05 -8.99 -5.82
C ARG P 221 -52.97 -10.41 -6.34
N SER P 222 -53.49 -11.36 -5.56
CA SER P 222 -53.49 -12.77 -5.93
C SER P 222 -54.34 -13.03 -7.18
N SER Q 11 19.58 -31.27 -64.01
CA SER Q 11 21.05 -31.23 -64.28
C SER Q 11 21.70 -30.04 -63.55
N PRO Q 12 21.84 -30.16 -62.21
CA PRO Q 12 22.47 -29.16 -61.33
C PRO Q 12 23.65 -28.39 -61.95
N GLU Q 13 24.58 -29.11 -62.58
CA GLU Q 13 25.75 -28.50 -63.24
C GLU Q 13 25.37 -27.66 -64.46
N GLN Q 14 24.56 -28.26 -65.34
CA GLN Q 14 24.07 -27.58 -66.53
C GLN Q 14 23.13 -26.45 -66.17
N ALA Q 15 22.39 -26.62 -65.07
CA ALA Q 15 21.51 -25.57 -64.55
C ALA Q 15 22.27 -24.28 -64.25
N MET Q 16 23.38 -24.39 -63.53
CA MET Q 16 24.18 -23.21 -63.17
C MET Q 16 24.80 -22.53 -64.38
N ARG Q 17 24.96 -23.27 -65.48
CA ARG Q 17 25.50 -22.66 -66.70
C ARG Q 17 24.47 -21.80 -67.42
N GLU Q 18 23.20 -22.20 -67.35
CA GLU Q 18 22.10 -21.39 -67.88
C GLU Q 18 21.92 -20.09 -67.12
N ARG Q 19 22.05 -20.17 -65.80
CA ARG Q 19 21.96 -18.99 -64.92
C ARG Q 19 23.05 -18.01 -65.31
N SER Q 20 24.30 -18.48 -65.34
CA SER Q 20 25.45 -17.68 -65.75
C SER Q 20 25.21 -17.01 -67.09
N GLU Q 21 24.79 -17.80 -68.07
CA GLU Q 21 24.50 -17.30 -69.41
C GLU Q 21 23.48 -16.15 -69.36
N LEU Q 22 22.30 -16.42 -68.81
CA LEU Q 22 21.22 -15.44 -68.73
C LEU Q 22 21.72 -14.12 -68.17
N ALA Q 23 22.41 -14.19 -67.04
CA ALA Q 23 22.95 -13.00 -66.38
C ALA Q 23 24.00 -12.30 -67.26
N ARG Q 24 24.96 -13.07 -67.76
CA ARG Q 24 26.08 -12.53 -68.54
C ARG Q 24 25.61 -11.79 -69.80
N LYS Q 25 24.54 -12.30 -70.42
CA LYS Q 25 23.92 -11.62 -71.56
C LYS Q 25 23.31 -10.27 -71.17
N GLY Q 26 22.53 -10.26 -70.12
CA GLY Q 26 21.95 -9.02 -69.60
C GLY Q 26 22.97 -7.94 -69.31
N ILE Q 27 24.13 -8.33 -68.77
CA ILE Q 27 25.22 -7.38 -68.52
C ILE Q 27 25.74 -6.81 -69.84
N ALA Q 28 25.87 -7.67 -70.85
CA ALA Q 28 26.33 -7.24 -72.16
C ALA Q 28 25.43 -6.18 -72.79
N ARG Q 29 24.12 -6.46 -72.90
CA ARG Q 29 23.20 -5.51 -73.54
C ARG Q 29 22.97 -4.22 -72.73
N ALA Q 30 23.45 -4.19 -71.49
CA ALA Q 30 23.41 -2.97 -70.68
C ALA Q 30 24.55 -2.01 -71.07
N LYS Q 31 24.45 -0.75 -70.64
CA LYS Q 31 25.45 0.28 -70.96
C LYS Q 31 26.77 0.05 -70.22
N SER Q 32 27.75 0.92 -70.46
CA SER Q 32 29.09 0.75 -69.89
C SER Q 32 29.44 1.70 -68.74
N VAL Q 33 30.17 1.17 -67.76
CA VAL Q 33 30.60 1.93 -66.57
C VAL Q 33 32.11 1.69 -66.34
N VAL Q 34 32.84 2.75 -65.98
CA VAL Q 34 34.28 2.67 -65.72
C VAL Q 34 34.66 3.39 -64.43
N ALA Q 35 35.51 2.76 -63.63
CA ALA Q 35 36.17 3.45 -62.51
C ALA Q 35 37.67 3.25 -62.61
N LEU Q 36 38.42 4.27 -62.16
CA LEU Q 36 39.88 4.22 -62.22
C LEU Q 36 40.53 5.09 -61.13
N ALA Q 37 41.73 4.69 -60.73
CA ALA Q 37 42.52 5.44 -59.73
C ALA Q 37 43.30 6.57 -60.38
N TYR Q 38 43.27 7.73 -59.74
CA TYR Q 38 44.01 8.90 -60.20
C TYR Q 38 44.50 9.70 -59.00
N ALA Q 39 45.33 10.72 -59.26
CA ALA Q 39 45.97 11.54 -58.21
C ALA Q 39 45.06 11.89 -57.04
N GLY Q 40 43.88 12.43 -57.34
CA GLY Q 40 42.96 12.92 -56.32
C GLY Q 40 42.18 11.85 -55.56
N GLY Q 41 42.19 10.63 -56.07
CA GLY Q 41 41.47 9.51 -55.44
C GLY Q 41 40.95 8.48 -56.43
N VAL Q 42 39.64 8.46 -56.64
CA VAL Q 42 39.00 7.56 -57.63
C VAL Q 42 37.97 8.30 -58.48
N LEU Q 43 37.97 7.99 -59.78
CA LEU Q 43 37.05 8.60 -60.73
C LEU Q 43 35.97 7.62 -61.21
N PHE Q 44 34.72 8.07 -61.16
CA PHE Q 44 33.57 7.28 -61.64
C PHE Q 44 32.97 7.93 -62.88
N VAL Q 45 32.99 7.18 -63.97
CA VAL Q 45 32.41 7.65 -65.23
C VAL Q 45 31.61 6.52 -65.89
N ALA Q 46 30.36 6.84 -66.23
CA ALA Q 46 29.47 5.90 -66.89
C ALA Q 46 28.52 6.63 -67.84
N GLU Q 47 28.26 6.04 -68.99
CA GLU Q 47 27.29 6.60 -69.92
C GLU Q 47 25.87 6.37 -69.42
N ASN Q 48 25.16 7.49 -69.25
CA ASN Q 48 23.84 7.48 -68.66
C ASN Q 48 23.04 8.64 -69.25
N PRO Q 49 22.14 8.34 -70.19
CA PRO Q 49 21.26 9.36 -70.76
C PRO Q 49 20.28 9.97 -69.73
N SER Q 50 19.79 9.15 -68.80
CA SER Q 50 18.84 9.61 -67.78
C SER Q 50 19.38 10.72 -66.90
N ARG Q 51 18.49 11.59 -66.45
CA ARG Q 51 18.87 12.69 -65.58
C ARG Q 51 18.81 12.29 -64.11
N SER Q 52 17.97 11.31 -63.77
CA SER Q 52 17.74 10.96 -62.36
C SER Q 52 18.16 9.53 -62.00
N LEU Q 53 17.98 8.59 -62.93
CA LEU Q 53 18.33 7.19 -62.69
C LEU Q 53 19.84 6.99 -62.75
N GLN Q 54 20.48 7.12 -61.59
CA GLN Q 54 21.95 7.13 -61.48
C GLN Q 54 22.54 5.74 -61.27
N LYS Q 55 23.74 5.53 -61.83
CA LYS Q 55 24.44 4.24 -61.74
C LYS Q 55 25.62 4.30 -60.76
N ILE Q 56 25.88 5.50 -60.24
CA ILE Q 56 27.01 5.77 -59.34
C ILE Q 56 26.51 6.51 -58.11
N SER Q 57 26.89 6.02 -56.93
CA SER Q 57 26.42 6.59 -55.68
C SER Q 57 27.44 6.51 -54.53
N GLU Q 58 27.19 7.32 -53.51
CA GLU Q 58 27.99 7.28 -52.31
C GLU Q 58 27.52 6.10 -51.46
N LEU Q 59 28.41 5.54 -50.66
CA LEU Q 59 28.02 4.52 -49.68
C LEU Q 59 28.28 5.03 -48.27
N TYR Q 60 29.55 5.21 -47.93
CA TYR Q 60 29.96 5.72 -46.63
C TYR Q 60 31.05 6.77 -46.86
N ASP Q 61 31.43 7.46 -45.79
CA ASP Q 61 32.48 8.48 -45.80
C ASP Q 61 33.46 8.43 -46.98
N ARG Q 62 34.26 7.36 -47.04
CA ARG Q 62 35.35 7.28 -48.02
C ARG Q 62 35.14 6.14 -49.01
N VAL Q 63 33.95 5.54 -49.02
CA VAL Q 63 33.67 4.44 -49.94
C VAL Q 63 32.53 4.76 -50.91
N GLY Q 64 32.67 4.30 -52.15
CA GLY Q 64 31.73 4.63 -53.22
C GLY Q 64 31.23 3.43 -54.01
N PHE Q 65 30.08 3.61 -54.64
CA PHE Q 65 29.36 2.55 -55.35
C PHE Q 65 29.18 2.92 -56.83
N ALA Q 66 29.33 1.92 -57.68
CA ALA Q 66 29.02 2.07 -59.10
C ALA Q 66 28.71 0.70 -59.66
N ALA Q 67 27.70 0.62 -60.52
CA ALA Q 67 27.27 -0.67 -61.09
C ALA Q 67 26.67 -0.52 -62.48
N ALA Q 68 26.80 -1.57 -63.30
CA ALA Q 68 26.13 -1.65 -64.59
C ALA Q 68 25.12 -2.82 -64.61
N GLY Q 69 24.05 -2.68 -65.39
CA GLY Q 69 23.06 -3.74 -65.50
C GLY Q 69 21.62 -3.28 -65.28
N LYS Q 70 20.76 -4.21 -64.90
CA LYS Q 70 19.34 -3.92 -64.68
C LYS Q 70 19.14 -3.01 -63.45
N PHE Q 71 18.73 -1.77 -63.71
CA PHE Q 71 18.68 -0.74 -62.69
C PHE Q 71 18.04 -1.16 -61.35
N ASN Q 72 16.75 -1.51 -61.39
CA ASN Q 72 15.99 -1.87 -60.18
C ASN Q 72 16.70 -2.90 -59.31
N GLU Q 73 17.52 -3.72 -59.95
CA GLU Q 73 18.30 -4.73 -59.24
C GLU Q 73 19.53 -4.13 -58.56
N PHE Q 74 20.37 -3.39 -59.28
CA PHE Q 74 21.53 -2.79 -58.60
C PHE Q 74 21.17 -1.68 -57.61
N ASP Q 75 20.12 -0.91 -57.91
CA ASP Q 75 19.67 0.17 -57.02
C ASP Q 75 19.27 -0.42 -55.68
N ASN Q 76 18.72 -1.62 -55.75
CA ASN Q 76 18.36 -2.40 -54.58
C ASN Q 76 19.61 -2.66 -53.74
N LEU Q 77 20.61 -3.29 -54.38
CA LEU Q 77 21.88 -3.58 -53.73
C LEU Q 77 22.51 -2.32 -53.17
N ARG Q 78 22.48 -1.24 -53.96
CA ARG Q 78 22.98 0.07 -53.53
C ARG Q 78 22.35 0.43 -52.19
N ARG Q 79 21.03 0.37 -52.12
CA ARG Q 79 20.31 0.72 -50.89
C ARG Q 79 20.78 -0.16 -49.74
N GLY Q 80 20.90 -1.47 -50.02
CA GLY Q 80 21.36 -2.44 -49.03
C GLY Q 80 22.70 -2.08 -48.44
N GLY Q 81 23.65 -1.75 -49.33
CA GLY Q 81 24.98 -1.28 -48.94
C GLY Q 81 24.93 -0.07 -48.01
N ILE Q 82 24.22 0.97 -48.43
CA ILE Q 82 24.06 2.16 -47.63
C ILE Q 82 23.45 1.80 -46.27
N GLN Q 83 22.48 0.88 -46.28
CA GLN Q 83 21.86 0.33 -45.05
C GLN Q 83 22.90 -0.33 -44.14
N PHE Q 84 23.68 -1.25 -44.72
CA PHE Q 84 24.73 -1.98 -44.02
C PHE Q 84 25.75 -1.02 -43.41
N ALA Q 85 26.31 -0.17 -44.26
CA ALA Q 85 27.34 0.77 -43.87
C ALA Q 85 26.90 1.63 -42.70
N ASP Q 86 25.81 2.36 -42.87
CA ASP Q 86 25.31 3.22 -41.81
C ASP Q 86 25.12 2.51 -40.48
N THR Q 87 24.61 1.28 -40.51
CA THR Q 87 24.33 0.55 -39.26
C THR Q 87 25.66 0.18 -38.60
N ARG Q 88 26.54 -0.39 -39.41
CA ARG Q 88 27.87 -0.82 -39.00
C ARG Q 88 28.61 0.32 -38.32
N GLY Q 89 28.62 1.47 -39.01
CA GLY Q 89 29.20 2.70 -38.51
C GLY Q 89 28.65 3.07 -37.15
N TYR Q 90 27.34 2.95 -36.96
CA TYR Q 90 26.74 3.38 -35.71
C TYR Q 90 26.97 2.36 -34.61
N ALA Q 91 27.08 1.08 -34.98
CA ALA Q 91 27.30 0.01 -34.01
C ALA Q 91 28.70 0.12 -33.42
N TYR Q 92 29.67 0.53 -34.25
CA TYR Q 92 31.07 0.59 -33.87
C TYR Q 92 31.62 2.02 -33.92
N ASP Q 93 32.32 2.34 -35.01
CA ASP Q 93 32.61 3.74 -35.34
C ASP Q 93 32.63 3.91 -36.85
N ARG Q 94 32.42 5.16 -37.29
CA ARG Q 94 32.52 5.52 -38.70
C ARG Q 94 33.76 4.94 -39.35
N ARG Q 95 34.87 5.04 -38.62
CA ARG Q 95 36.18 4.66 -39.16
C ARG Q 95 36.35 3.13 -39.36
N ASP Q 96 35.36 2.35 -38.93
CA ASP Q 96 35.40 0.89 -38.97
C ASP Q 96 34.70 0.29 -40.19
N VAL Q 97 34.23 1.16 -41.09
CA VAL Q 97 33.60 0.72 -42.34
C VAL Q 97 34.68 0.72 -43.41
N THR Q 98 34.77 -0.33 -44.23
CA THR Q 98 35.94 -0.45 -45.12
C THR Q 98 35.68 -0.57 -46.63
N GLY Q 99 34.46 -0.92 -47.04
CA GLY Q 99 34.23 -1.08 -48.48
C GLY Q 99 34.90 -2.33 -49.04
N ARG Q 100 35.97 -2.77 -48.38
CA ARG Q 100 36.40 -4.17 -48.44
C ARG Q 100 35.26 -5.00 -47.79
N GLN Q 101 34.74 -4.48 -46.68
CA GLN Q 101 33.60 -5.07 -46.02
C GLN Q 101 32.41 -5.13 -46.96
N LEU Q 102 32.08 -4.01 -47.59
CA LEU Q 102 30.92 -3.94 -48.46
C LEU Q 102 31.07 -4.87 -49.66
N ALA Q 103 32.28 -4.98 -50.19
CA ALA Q 103 32.56 -5.92 -51.28
C ALA Q 103 32.20 -7.34 -50.85
N ASN Q 104 32.60 -7.72 -49.64
CA ASN Q 104 32.25 -9.03 -49.10
C ASN Q 104 30.74 -9.25 -49.04
N VAL Q 105 30.07 -8.31 -48.37
CA VAL Q 105 28.61 -8.32 -48.24
C VAL Q 105 27.93 -8.46 -49.61
N TYR Q 106 28.41 -7.70 -50.59
CA TYR Q 106 27.88 -7.79 -51.95
C TYR Q 106 28.11 -9.16 -52.56
N ALA Q 107 29.32 -9.67 -52.39
CA ALA Q 107 29.68 -10.98 -52.89
C ALA Q 107 28.80 -12.04 -52.26
N GLN Q 108 28.55 -11.89 -50.96
CA GLN Q 108 27.71 -12.80 -50.22
C GLN Q 108 26.28 -12.76 -50.77
N THR Q 109 25.72 -11.55 -50.89
CA THR Q 109 24.35 -11.39 -51.34
C THR Q 109 24.15 -11.92 -52.74
N LEU Q 110 24.96 -11.44 -53.67
CA LEU Q 110 24.87 -11.87 -55.06
C LEU Q 110 25.12 -13.36 -55.18
N GLY Q 111 25.95 -13.87 -54.28
CA GLY Q 111 26.22 -15.31 -54.18
C GLY Q 111 24.95 -16.09 -53.88
N THR Q 112 24.26 -15.70 -52.79
CA THR Q 112 22.97 -16.31 -52.43
C THR Q 112 21.96 -16.18 -53.56
N ILE Q 113 21.80 -14.96 -54.08
CA ILE Q 113 20.89 -14.67 -55.17
C ILE Q 113 21.07 -15.64 -56.33
N PHE Q 114 22.32 -15.82 -56.77
CA PHE Q 114 22.66 -16.68 -57.90
C PHE Q 114 22.26 -18.15 -57.67
N THR Q 115 21.97 -18.50 -56.42
CA THR Q 115 21.55 -19.86 -56.07
C THR Q 115 20.07 -19.91 -55.66
N GLU Q 116 19.69 -19.07 -54.70
CA GLU Q 116 18.36 -19.06 -54.11
C GLU Q 116 17.26 -18.47 -55.01
N GLN Q 117 17.49 -17.26 -55.51
CA GLN Q 117 16.53 -16.54 -56.37
C GLN Q 117 16.25 -17.33 -57.64
N ALA Q 118 15.01 -17.28 -58.10
CA ALA Q 118 14.64 -17.95 -59.35
C ALA Q 118 15.57 -17.49 -60.48
N LYS Q 119 15.58 -16.18 -60.74
CA LYS Q 119 16.42 -15.60 -61.78
C LYS Q 119 17.52 -14.77 -61.13
N PRO Q 120 18.78 -14.99 -61.56
CA PRO Q 120 19.93 -14.32 -60.96
C PRO Q 120 19.98 -12.84 -61.35
N TYR Q 121 20.59 -12.03 -60.49
CA TYR Q 121 20.72 -10.60 -60.72
C TYR Q 121 21.59 -10.30 -61.95
N GLU Q 122 21.07 -9.44 -62.82
CA GLU Q 122 21.77 -9.00 -64.03
C GLU Q 122 22.53 -7.71 -63.73
N VAL Q 123 23.58 -7.84 -62.91
CA VAL Q 123 24.37 -6.69 -62.46
C VAL Q 123 25.85 -7.02 -62.36
N GLU Q 124 26.66 -5.97 -62.28
CA GLU Q 124 28.08 -6.11 -61.97
C GLU Q 124 28.45 -4.87 -61.19
N LEU Q 125 29.11 -5.07 -60.06
CA LEU Q 125 29.30 -4.00 -59.11
C LEU Q 125 30.76 -3.57 -58.96
N CYS Q 126 30.93 -2.33 -58.49
CA CYS Q 126 32.24 -1.82 -58.13
C CYS Q 126 32.18 -1.01 -56.83
N VAL Q 127 32.96 -1.47 -55.86
CA VAL Q 127 33.09 -0.78 -54.58
C VAL Q 127 34.50 -0.17 -54.55
N ALA Q 128 34.58 1.12 -54.27
CA ALA Q 128 35.85 1.84 -54.25
C ALA Q 128 36.09 2.62 -52.95
N GLU Q 129 37.28 2.46 -52.38
CA GLU Q 129 37.66 3.18 -51.18
C GLU Q 129 38.88 4.04 -51.42
N VAL Q 130 38.94 5.19 -50.76
CA VAL Q 130 40.08 6.07 -50.89
C VAL Q 130 40.42 6.71 -49.55
N ALA Q 131 41.64 6.47 -49.09
CA ALA Q 131 42.14 6.89 -47.77
C ALA Q 131 41.47 8.08 -47.10
N HIS Q 132 41.39 8.05 -45.77
CA HIS Q 132 40.86 9.15 -44.97
C HIS Q 132 41.66 10.44 -45.18
N TYR Q 133 41.10 11.57 -44.76
CA TYR Q 133 41.65 12.90 -45.02
C TYR Q 133 43.18 13.00 -44.96
N GLY Q 134 43.75 13.15 -43.76
CA GLY Q 134 45.20 13.33 -43.59
C GLY Q 134 46.02 12.18 -44.16
N GLU Q 135 45.63 10.96 -43.78
CA GLU Q 135 46.16 9.69 -44.26
C GLU Q 135 46.50 9.67 -45.77
N THR Q 136 47.52 8.92 -46.14
CA THR Q 136 47.76 8.63 -47.57
C THR Q 136 47.90 7.13 -47.80
N LYS Q 137 47.01 6.60 -48.63
CA LYS Q 137 46.93 5.16 -48.89
C LYS Q 137 46.45 4.92 -50.31
N ARG Q 138 46.93 3.82 -50.87
CA ARG Q 138 46.65 3.42 -52.24
C ARG Q 138 45.15 3.18 -52.44
N PRO Q 139 44.44 4.05 -53.21
CA PRO Q 139 43.01 3.85 -53.47
C PRO Q 139 42.70 2.42 -53.90
N GLU Q 140 41.60 1.86 -53.41
CA GLU Q 140 41.29 0.46 -53.67
C GLU Q 140 39.99 0.27 -54.46
N LEU Q 141 40.02 -0.69 -55.38
CA LEU Q 141 38.87 -0.97 -56.22
C LEU Q 141 38.49 -2.46 -56.17
N TYR Q 142 37.20 -2.74 -55.90
CA TYR Q 142 36.67 -4.12 -55.91
C TYR Q 142 35.58 -4.32 -56.96
N ARG Q 143 35.67 -5.44 -57.67
CA ARG Q 143 34.64 -5.82 -58.63
C ARG Q 143 33.93 -7.07 -58.17
N ILE Q 144 32.62 -6.97 -58.01
CA ILE Q 144 31.80 -8.16 -57.71
C ILE Q 144 30.90 -8.49 -58.88
N THR Q 145 31.02 -9.73 -59.33
CA THR Q 145 30.26 -10.24 -60.46
C THR Q 145 28.90 -10.78 -60.00
N TYR Q 146 28.06 -11.14 -60.96
CA TYR Q 146 26.71 -11.65 -60.70
C TYR Q 146 26.66 -12.96 -59.91
N ASP Q 147 27.68 -13.80 -60.07
CA ASP Q 147 27.70 -15.10 -59.41
C ASP Q 147 28.30 -15.04 -57.99
N GLY Q 148 28.66 -13.84 -57.55
CA GLY Q 148 29.19 -13.63 -56.20
C GLY Q 148 30.70 -13.68 -56.13
N SER Q 149 31.36 -13.83 -57.29
CA SER Q 149 32.82 -13.78 -57.36
C SER Q 149 33.28 -12.36 -57.10
N ILE Q 150 34.44 -12.24 -56.47
CA ILE Q 150 34.97 -10.94 -56.09
C ILE Q 150 36.48 -10.86 -56.35
N ALA Q 151 36.91 -9.78 -56.99
CA ALA Q 151 38.31 -9.54 -57.29
C ALA Q 151 38.65 -8.06 -57.10
N ASP Q 152 39.92 -7.75 -56.82
CA ASP Q 152 40.34 -6.35 -56.63
C ASP Q 152 41.42 -5.89 -57.62
N GLU Q 153 40.99 -5.16 -58.65
CA GLU Q 153 41.90 -4.54 -59.59
C GLU Q 153 42.67 -3.41 -58.89
N PRO Q 154 44.00 -3.28 -59.18
CA PRO Q 154 44.78 -2.23 -58.51
C PRO Q 154 44.74 -0.85 -59.21
N HIS Q 155 44.32 -0.81 -60.46
CA HIS Q 155 44.39 0.43 -61.25
C HIS Q 155 43.02 0.93 -61.77
N PHE Q 156 42.28 0.06 -62.46
CA PHE Q 156 40.99 0.42 -63.06
C PHE Q 156 40.02 -0.76 -63.17
N VAL Q 157 38.73 -0.46 -63.19
CA VAL Q 157 37.69 -1.47 -63.35
C VAL Q 157 36.67 -1.09 -64.42
N VAL Q 158 36.41 -2.07 -65.29
CA VAL Q 158 35.49 -1.95 -66.42
C VAL Q 158 34.33 -2.94 -66.24
N MET Q 159 33.12 -2.52 -66.62
CA MET Q 159 31.92 -3.37 -66.52
C MET Q 159 30.74 -2.86 -67.35
N GLY Q 160 29.96 -3.80 -67.88
CA GLY Q 160 28.79 -3.48 -68.69
C GLY Q 160 29.13 -3.39 -70.16
N GLY Q 161 28.32 -4.01 -71.00
CA GLY Q 161 28.56 -4.04 -72.44
C GLY Q 161 29.79 -4.85 -72.80
N THR Q 162 30.39 -4.52 -73.95
CA THR Q 162 31.64 -5.17 -74.35
C THR Q 162 32.82 -4.46 -73.68
N THR Q 163 33.50 -5.18 -72.79
CA THR Q 163 34.58 -4.60 -71.99
C THR Q 163 35.95 -4.62 -72.69
N GLU Q 164 36.24 -5.69 -73.42
CA GLU Q 164 37.54 -5.85 -74.13
C GLU Q 164 38.07 -4.54 -74.74
N PRO Q 165 37.33 -3.91 -75.68
CA PRO Q 165 37.88 -2.71 -76.32
C PRO Q 165 37.98 -1.51 -75.36
N ILE Q 166 37.07 -1.43 -74.39
CA ILE Q 166 37.09 -0.37 -73.39
C ILE Q 166 38.23 -0.59 -72.37
N ALA Q 167 38.38 -1.86 -71.95
CA ALA Q 167 39.43 -2.25 -71.01
C ALA Q 167 40.81 -2.25 -71.66
N ASN Q 168 40.86 -2.64 -72.93
CA ASN Q 168 42.10 -2.64 -73.69
C ASN Q 168 42.67 -1.22 -73.83
N ALA Q 169 41.80 -0.29 -74.21
CA ALA Q 169 42.15 1.12 -74.34
C ALA Q 169 42.81 1.66 -73.08
N LEU Q 170 42.30 1.22 -71.93
CA LEU Q 170 42.85 1.60 -70.62
C LEU Q 170 44.20 0.93 -70.31
N LYS Q 171 44.35 -0.33 -70.70
CA LYS Q 171 45.60 -1.07 -70.53
C LYS Q 171 46.80 -0.25 -70.97
N GLU Q 172 46.54 0.76 -71.79
CA GLU Q 172 47.59 1.64 -72.30
C GLU Q 172 47.40 3.10 -71.87
N SER Q 173 46.19 3.61 -72.06
CA SER Q 173 45.90 5.02 -71.76
C SER Q 173 45.94 5.37 -70.27
N TYR Q 174 45.93 4.36 -69.40
CA TYR Q 174 45.94 4.59 -67.96
C TYR Q 174 47.20 5.30 -67.50
N ALA Q 175 47.05 6.56 -67.11
CA ALA Q 175 48.14 7.32 -66.52
C ALA Q 175 48.10 7.11 -65.01
N GLU Q 176 49.09 6.35 -64.52
CA GLU Q 176 49.18 5.92 -63.12
C GLU Q 176 48.73 7.00 -62.13
N ASN Q 177 49.32 8.18 -62.25
CA ASN Q 177 49.04 9.28 -61.33
C ASN Q 177 48.43 10.48 -62.07
N ALA Q 178 47.41 10.21 -62.90
CA ALA Q 178 46.78 11.22 -63.76
C ALA Q 178 46.18 12.39 -62.98
N SER Q 179 45.75 13.40 -63.71
CA SER Q 179 45.01 14.52 -63.15
C SER Q 179 43.52 14.22 -63.28
N LEU Q 180 42.70 14.95 -62.52
CA LEU Q 180 41.24 14.87 -62.61
C LEU Q 180 40.77 15.06 -64.05
N THR Q 181 41.25 16.12 -64.70
CA THR Q 181 40.89 16.41 -66.08
C THR Q 181 41.59 15.46 -67.06
N ASP Q 182 42.73 14.92 -66.64
CA ASP Q 182 43.50 13.99 -67.45
C ASP Q 182 42.87 12.60 -67.46
N ALA Q 183 42.56 12.10 -66.26
CA ALA Q 183 41.94 10.79 -66.09
C ALA Q 183 40.54 10.73 -66.70
N LEU Q 184 39.80 11.84 -66.62
CA LEU Q 184 38.49 11.97 -67.27
C LEU Q 184 38.60 11.87 -68.78
N ARG Q 185 39.60 12.56 -69.34
CA ARG Q 185 39.94 12.50 -70.76
C ARG Q 185 40.25 11.05 -71.16
N ILE Q 186 41.20 10.45 -70.44
CA ILE Q 186 41.60 9.05 -70.64
C ILE Q 186 40.38 8.10 -70.57
N ALA Q 187 39.50 8.32 -69.59
CA ALA Q 187 38.30 7.51 -69.39
C ALA Q 187 37.31 7.59 -70.56
N VAL Q 188 36.70 8.77 -70.75
CA VAL Q 188 35.69 8.98 -71.82
C VAL Q 188 36.18 8.52 -73.19
N ALA Q 189 37.48 8.68 -73.46
CA ALA Q 189 38.11 8.18 -74.67
C ALA Q 189 38.11 6.65 -74.73
N ALA Q 190 38.60 6.03 -73.66
CA ALA Q 190 38.61 4.56 -73.51
C ALA Q 190 37.20 3.96 -73.59
N LEU Q 191 36.20 4.73 -73.18
CA LEU Q 191 34.79 4.34 -73.23
C LEU Q 191 34.25 4.27 -74.67
N ARG Q 192 34.52 5.32 -75.45
CA ARG Q 192 34.16 5.38 -76.87
C ARG Q 192 34.76 4.26 -77.70
N ALA Q 193 35.86 3.67 -77.23
CA ALA Q 193 36.51 2.55 -77.92
C ALA Q 193 35.57 1.35 -78.10
N GLY Q 194 34.70 1.12 -77.11
CA GLY Q 194 33.64 0.10 -77.20
C GLY Q 194 32.28 0.69 -77.57
N SER Q 195 32.17 1.17 -78.81
CA SER Q 195 30.96 1.83 -79.34
C SER Q 195 30.84 1.65 -80.85
N LEU Q 206 28.39 11.35 -79.58
CA LEU Q 206 28.73 10.28 -78.65
C LEU Q 206 29.66 10.77 -77.53
N GLY Q 207 29.44 10.27 -76.31
CA GLY Q 207 30.23 10.64 -75.13
C GLY Q 207 30.17 12.12 -74.76
N VAL Q 208 28.99 12.74 -74.89
CA VAL Q 208 28.83 14.17 -74.61
C VAL Q 208 28.57 14.43 -73.12
N ALA Q 209 28.44 15.70 -72.72
CA ALA Q 209 28.15 16.07 -71.33
C ALA Q 209 26.77 15.59 -70.89
N SER Q 210 26.29 14.54 -71.55
CA SER Q 210 25.04 13.87 -71.23
C SER Q 210 25.34 12.44 -70.78
N LEU Q 211 25.97 12.33 -69.61
CA LEU Q 211 26.27 11.06 -68.96
C LEU Q 211 26.47 11.30 -67.45
N GLU Q 212 27.03 10.34 -66.73
CA GLU Q 212 27.15 10.44 -65.29
C GLU Q 212 28.58 10.38 -64.78
N VAL Q 213 28.96 11.39 -64.00
CA VAL Q 213 30.33 11.50 -63.50
C VAL Q 213 30.34 11.93 -62.03
N ALA Q 214 31.17 11.25 -61.23
CA ALA Q 214 31.39 11.61 -59.83
C ALA Q 214 32.75 11.10 -59.38
N VAL Q 215 33.27 11.66 -58.29
CA VAL Q 215 34.60 11.28 -57.78
C VAL Q 215 34.65 11.03 -56.29
N LEU Q 216 35.62 10.20 -55.89
CA LEU Q 216 35.97 10.02 -54.50
C LEU Q 216 37.17 10.89 -54.21
N ASP Q 217 36.91 12.16 -53.90
CA ASP Q 217 37.99 13.14 -53.66
C ASP Q 217 38.63 12.95 -52.28
N ALA Q 218 39.77 12.25 -52.29
CA ALA Q 218 40.50 11.93 -51.06
C ALA Q 218 40.94 13.18 -50.29
N ASN Q 219 40.86 14.33 -50.96
CA ASN Q 219 41.22 15.60 -50.36
C ASN Q 219 40.14 16.17 -49.45
N ARG Q 220 38.91 15.70 -49.62
CA ARG Q 220 37.78 16.14 -48.79
C ARG Q 220 37.96 15.73 -47.33
N PRO Q 221 37.48 16.59 -46.41
CA PRO Q 221 37.58 16.34 -44.96
C PRO Q 221 36.89 15.04 -44.50
N ARG Q 222 35.56 14.95 -44.62
CA ARG Q 222 34.87 13.74 -44.19
C ARG Q 222 34.29 12.97 -45.38
N ARG Q 223 33.17 13.44 -45.92
CA ARG Q 223 32.47 12.76 -47.01
C ARG Q 223 33.22 12.92 -48.33
N ALA Q 224 34.01 11.91 -48.69
CA ALA Q 224 34.88 11.96 -49.85
C ALA Q 224 34.16 11.73 -51.19
N PHE Q 225 32.87 12.05 -51.25
CA PHE Q 225 32.13 11.90 -52.49
C PHE Q 225 31.80 13.28 -53.07
N ARG Q 226 31.73 13.35 -54.41
CA ARG Q 226 31.31 14.56 -55.10
C ARG Q 226 30.83 14.22 -56.50
N ARG Q 227 29.62 14.65 -56.84
CA ARG Q 227 29.12 14.50 -58.21
C ARG Q 227 29.64 15.68 -59.01
N ILE Q 228 30.07 15.42 -60.25
CA ILE Q 228 30.42 16.49 -61.17
C ILE Q 228 29.22 16.83 -62.06
N THR Q 229 28.68 18.03 -61.85
CA THR Q 229 27.48 18.54 -62.52
C THR Q 229 27.69 18.76 -64.03
N GLY Q 230 26.86 19.60 -64.64
CA GLY Q 230 26.91 19.82 -66.08
C GLY Q 230 27.97 20.82 -66.51
N SER Q 231 27.84 22.05 -66.04
CA SER Q 231 28.71 23.16 -66.44
C SER Q 231 30.16 22.93 -66.04
N ALA Q 232 30.37 22.60 -64.77
CA ALA Q 232 31.70 22.31 -64.22
C ALA Q 232 32.39 21.14 -64.92
N LEU Q 233 31.58 20.16 -65.37
CA LEU Q 233 32.07 18.99 -66.13
C LEU Q 233 32.75 19.37 -67.44
N GLN Q 234 32.09 20.24 -68.21
CA GLN Q 234 32.61 20.70 -69.52
C GLN Q 234 34.06 21.17 -69.46
N ALA Q 235 34.38 21.92 -68.40
CA ALA Q 235 35.71 22.46 -68.14
C ALA Q 235 36.81 21.39 -68.01
N LEU Q 236 36.42 20.13 -68.09
CA LEU Q 236 37.33 19.00 -67.91
C LEU Q 236 37.21 17.99 -69.06
N LEU Q 237 36.05 17.98 -69.73
CA LEU Q 237 35.69 16.96 -70.74
C LEU Q 237 36.60 16.91 -71.98
N VAL Q 238 36.69 15.70 -72.54
CA VAL Q 238 37.52 15.38 -73.71
C VAL Q 238 36.84 15.68 -75.07
N ASP Q 239 37.59 16.34 -75.96
CA ASP Q 239 37.18 16.55 -77.35
C ASP Q 239 37.23 15.21 -78.12
N GLN Q 240 36.15 14.85 -78.82
CA GLN Q 240 36.13 13.63 -79.67
C GLN Q 240 36.32 13.92 -81.17
N THR R 1 22.12 22.29 -16.77
CA THR R 1 22.29 22.54 -18.25
C THR R 1 21.50 23.74 -18.75
N THR R 2 22.06 24.40 -19.77
CA THR R 2 21.35 25.38 -20.55
C THR R 2 21.87 25.29 -21.95
N ILE R 3 20.98 25.09 -22.90
CA ILE R 3 21.30 25.25 -24.31
C ILE R 3 20.47 26.44 -24.73
N VAL R 4 21.02 27.29 -25.58
CA VAL R 4 20.32 28.50 -25.95
C VAL R 4 20.43 28.68 -27.46
N ALA R 5 19.37 29.19 -28.10
CA ALA R 5 19.40 29.43 -29.55
C ALA R 5 18.84 30.80 -29.93
N LEU R 6 19.55 31.49 -30.82
CA LEU R 6 19.18 32.85 -31.25
C LEU R 6 19.04 32.97 -32.74
N LYS R 7 18.08 33.78 -33.14
CA LYS R 7 17.83 34.09 -34.53
C LYS R 7 18.27 35.53 -34.76
N TYR R 8 19.15 35.72 -35.74
CA TYR R 8 19.59 37.07 -36.17
C TYR R 8 19.38 37.16 -37.70
N PRO R 9 19.49 38.37 -38.29
CA PRO R 9 19.25 38.61 -39.73
C PRO R 9 19.88 37.59 -40.67
N GLY R 10 21.19 37.34 -40.52
CA GLY R 10 21.89 36.34 -41.34
C GLY R 10 21.40 34.90 -41.20
N GLY R 11 21.30 34.43 -39.96
CA GLY R 11 20.86 33.07 -39.68
C GLY R 11 20.56 32.80 -38.21
N VAL R 12 21.19 31.75 -37.66
CA VAL R 12 21.03 31.37 -36.24
C VAL R 12 22.33 31.00 -35.54
N VAL R 13 22.32 31.20 -34.23
CA VAL R 13 23.41 30.76 -33.35
C VAL R 13 22.84 29.93 -32.22
N MET R 14 23.50 28.82 -31.92
CA MET R 14 23.17 27.99 -30.77
C MET R 14 24.41 27.75 -29.93
N ALA R 15 24.25 27.88 -28.61
CA ALA R 15 25.36 27.73 -27.67
C ALA R 15 24.89 27.12 -26.37
N GLY R 16 25.70 26.20 -25.83
CA GLY R 16 25.39 25.58 -24.57
C GLY R 16 26.60 25.40 -23.69
N ASP R 17 26.39 25.40 -22.37
CA ASP R 17 27.48 25.22 -21.40
C ASP R 17 28.09 23.83 -21.48
N ARG R 18 28.96 23.51 -20.53
CA ARG R 18 29.58 22.17 -20.51
C ARG R 18 29.61 21.45 -19.17
N ARG R 19 28.75 21.87 -18.24
CA ARG R 19 28.63 21.23 -16.95
C ARG R 19 27.88 19.93 -17.10
N SER R 20 28.30 18.93 -16.35
CA SER R 20 27.55 17.68 -16.18
C SER R 20 27.59 17.35 -14.71
N THR R 21 26.40 17.24 -14.14
CA THR R 21 26.26 17.10 -12.70
C THR R 21 25.60 15.77 -12.37
N GLN R 22 25.81 15.30 -11.15
CA GLN R 22 25.18 14.08 -10.67
C GLN R 22 24.90 14.26 -9.22
N GLY R 23 23.64 14.57 -8.92
CA GLY R 23 23.29 15.01 -7.60
C GLY R 23 23.72 16.45 -7.61
N ASN R 24 24.35 16.87 -6.53
CA ASN R 24 24.91 18.21 -6.53
C ASN R 24 26.42 18.07 -6.56
N MET R 25 26.89 17.25 -7.49
CA MET R 25 28.27 16.85 -7.51
C MET R 25 28.74 16.99 -8.95
N ILE R 26 29.66 17.93 -9.20
CA ILE R 26 30.11 18.19 -10.56
C ILE R 26 30.82 16.97 -11.04
N SER R 27 30.42 16.47 -12.21
CA SER R 27 30.97 15.24 -12.74
C SER R 27 31.40 15.41 -14.18
N GLY R 28 31.35 16.63 -14.66
CA GLY R 28 31.76 16.96 -16.03
C GLY R 28 32.00 18.45 -16.08
N ARG R 29 33.01 18.85 -16.85
CA ARG R 29 33.38 20.27 -16.94
C ARG R 29 33.62 20.69 -18.38
N ASP R 30 33.43 19.76 -19.31
CA ASP R 30 33.82 19.96 -20.68
C ASP R 30 32.91 19.24 -21.66
N VAL R 31 31.65 19.04 -21.29
CA VAL R 31 30.74 18.30 -22.16
C VAL R 31 30.40 19.16 -23.39
N ARG R 32 30.38 18.50 -24.56
CA ARG R 32 29.95 19.15 -25.80
C ARG R 32 28.48 18.89 -25.97
N LYS R 33 27.65 19.84 -25.55
CA LYS R 33 26.20 19.67 -25.61
C LYS R 33 25.54 20.13 -26.94
N VAL R 34 26.33 20.75 -27.81
CA VAL R 34 25.83 21.28 -29.08
C VAL R 34 26.51 20.63 -30.29
N TYR R 35 25.73 20.01 -31.18
CA TYR R 35 26.26 19.25 -32.31
C TYR R 35 25.82 19.78 -33.67
N ILE R 36 26.67 19.61 -34.68
CA ILE R 36 26.32 19.96 -36.06
C ILE R 36 25.73 18.72 -36.71
N THR R 37 24.41 18.66 -36.77
CA THR R 37 23.73 17.45 -37.25
C THR R 37 23.91 17.23 -38.77
N ASP R 38 23.77 18.30 -39.54
CA ASP R 38 24.21 18.30 -40.94
C ASP R 38 24.67 19.71 -41.31
N ASP R 39 24.85 19.97 -42.60
CA ASP R 39 25.34 21.26 -43.09
C ASP R 39 24.56 22.49 -42.63
N TYR R 40 23.27 22.34 -42.40
CA TYR R 40 22.41 23.46 -42.04
C TYR R 40 21.65 23.27 -40.74
N THR R 41 22.01 22.23 -40.00
CA THR R 41 21.31 21.95 -38.76
C THR R 41 22.25 21.70 -37.61
N ALA R 42 22.02 22.44 -36.53
CA ALA R 42 22.67 22.15 -35.28
C ALA R 42 21.61 21.70 -34.29
N THR R 43 21.97 20.74 -33.46
CA THR R 43 21.04 20.24 -32.46
C THR R 43 21.70 20.19 -31.06
N GLY R 44 21.04 20.79 -30.09
CA GLY R 44 21.51 20.78 -28.71
C GLY R 44 20.55 19.93 -27.90
N ILE R 45 21.03 19.32 -26.82
CA ILE R 45 20.30 18.24 -26.11
C ILE R 45 20.49 18.34 -24.62
N ALA R 46 19.40 18.34 -23.87
CA ALA R 46 19.47 18.51 -22.41
C ALA R 46 18.96 17.28 -21.66
N GLY R 47 19.35 17.12 -20.40
CA GLY R 47 18.87 16.01 -19.59
C GLY R 47 19.87 14.87 -19.44
N THR R 48 19.41 13.65 -19.66
CA THR R 48 20.21 12.46 -19.40
C THR R 48 21.28 12.31 -20.45
N ALA R 49 22.53 12.43 -20.00
CA ALA R 49 23.70 12.35 -20.85
C ALA R 49 23.70 11.18 -21.84
N ALA R 50 23.58 9.95 -21.33
CA ALA R 50 23.62 8.79 -22.20
C ALA R 50 22.69 8.96 -23.39
N VAL R 51 21.50 9.49 -23.13
CA VAL R 51 20.50 9.62 -24.19
C VAL R 51 20.78 10.79 -25.11
N ALA R 52 21.09 11.94 -24.52
CA ALA R 52 21.42 13.16 -25.29
C ALA R 52 22.47 12.88 -26.37
N VAL R 53 23.61 12.29 -25.95
CA VAL R 53 24.68 11.88 -26.87
C VAL R 53 24.13 10.98 -27.98
N GLU R 54 23.36 9.98 -27.58
CA GLU R 54 22.84 9.00 -28.52
C GLU R 54 21.83 9.62 -29.48
N PHE R 55 20.99 10.54 -28.99
CA PHE R 55 20.06 11.28 -29.84
C PHE R 55 20.82 11.95 -30.95
N ALA R 56 21.74 12.82 -30.58
CA ALA R 56 22.57 13.55 -31.54
C ALA R 56 23.20 12.61 -32.56
N ARG R 57 23.97 11.66 -32.06
CA ARG R 57 24.69 10.71 -32.87
C ARG R 57 23.76 10.03 -33.90
N LEU R 58 22.64 9.52 -33.41
CA LEU R 58 21.69 8.77 -34.22
C LEU R 58 20.96 9.61 -35.24
N TYR R 59 20.49 10.78 -34.80
CA TYR R 59 19.80 11.75 -35.66
C TYR R 59 20.63 12.15 -36.88
N ALA R 60 21.87 12.57 -36.64
CA ALA R 60 22.86 12.86 -37.69
C ALA R 60 22.88 11.75 -38.72
N VAL R 61 22.95 10.52 -38.25
CA VAL R 61 23.05 9.38 -39.16
C VAL R 61 21.77 9.26 -39.98
N GLU R 62 20.64 9.50 -39.34
CA GLU R 62 19.35 9.42 -40.02
C GLU R 62 19.28 10.39 -41.18
N LEU R 63 19.56 11.67 -40.91
CA LEU R 63 19.56 12.71 -41.96
C LEU R 63 20.49 12.36 -43.12
N GLU R 64 21.77 12.09 -42.82
CA GLU R 64 22.75 11.68 -43.82
C GLU R 64 22.28 10.47 -44.62
N HIS R 65 21.70 9.50 -43.91
CA HIS R 65 21.15 8.27 -44.49
C HIS R 65 20.06 8.54 -45.53
N TYR R 66 19.15 9.47 -45.23
CA TYR R 66 18.09 9.82 -46.19
C TYR R 66 18.70 10.43 -47.43
N GLU R 67 19.65 11.33 -47.21
CA GLU R 67 20.34 12.02 -48.28
C GLU R 67 21.00 11.04 -49.22
N LYS R 68 21.84 10.17 -48.67
CA LYS R 68 22.53 9.15 -49.46
C LYS R 68 21.56 8.25 -50.23
N LEU R 69 20.38 8.00 -49.68
CA LEU R 69 19.43 7.10 -50.32
C LEU R 69 18.65 7.78 -51.43
N GLU R 70 18.00 8.89 -51.08
CA GLU R 70 17.11 9.57 -52.02
C GLU R 70 17.84 10.56 -52.90
N GLY R 71 19.05 10.93 -52.49
CA GLY R 71 19.89 11.83 -53.28
C GLY R 71 19.73 13.31 -52.94
N VAL R 72 18.85 13.62 -51.99
CA VAL R 72 18.48 14.99 -51.65
C VAL R 72 18.24 15.05 -50.15
N PRO R 73 18.75 16.09 -49.47
CA PRO R 73 18.45 16.25 -48.04
C PRO R 73 16.94 16.40 -47.77
N LEU R 74 16.50 16.08 -46.56
CA LEU R 74 15.10 16.26 -46.18
C LEU R 74 14.70 17.74 -46.19
N THR R 75 13.41 18.00 -46.38
CA THR R 75 12.82 19.30 -46.12
C THR R 75 13.16 19.66 -44.69
N PHE R 76 13.12 20.95 -44.36
CA PHE R 76 13.30 21.29 -42.97
C PHE R 76 12.15 20.70 -42.18
N ALA R 77 10.95 20.73 -42.74
CA ALA R 77 9.80 20.10 -42.08
C ALA R 77 10.04 18.62 -41.86
N GLY R 78 10.60 17.94 -42.86
CA GLY R 78 11.03 16.54 -42.69
C GLY R 78 11.99 16.35 -41.52
N LYS R 79 13.05 17.15 -41.50
CA LYS R 79 14.06 17.07 -40.45
C LYS R 79 13.42 17.21 -39.06
N ILE R 80 12.53 18.19 -38.92
CA ILE R 80 11.77 18.40 -37.69
C ILE R 80 11.00 17.13 -37.27
N ASN R 81 10.22 16.60 -38.21
CA ASN R 81 9.40 15.42 -38.00
C ASN R 81 10.20 14.25 -37.44
N ARG R 82 11.31 13.92 -38.11
CA ARG R 82 12.18 12.83 -37.70
C ARG R 82 12.65 12.98 -36.27
N LEU R 83 13.19 14.15 -35.93
CA LEU R 83 13.64 14.41 -34.56
C LEU R 83 12.47 14.18 -33.60
N ALA R 84 11.29 14.73 -33.94
CA ALA R 84 10.11 14.59 -33.08
C ALA R 84 9.80 13.11 -32.83
N ILE R 85 9.78 12.33 -33.90
CA ILE R 85 9.49 10.90 -33.80
C ILE R 85 10.45 10.24 -32.81
N MET R 86 11.75 10.44 -33.02
CA MET R 86 12.80 9.99 -32.13
C MET R 86 12.51 10.32 -30.66
N VAL R 87 12.19 11.58 -30.40
CA VAL R 87 11.79 12.01 -29.05
C VAL R 87 10.64 11.17 -28.50
N ARG R 88 9.61 10.95 -29.31
CA ARG R 88 8.44 10.18 -28.85
C ARG R 88 8.84 8.72 -28.54
N GLY R 89 9.60 8.15 -29.46
CA GLY R 89 10.17 6.85 -29.28
C GLY R 89 10.96 6.67 -28.00
N ASN R 90 11.05 7.70 -27.15
CA ASN R 90 11.80 7.59 -25.92
C ASN R 90 10.94 7.85 -24.70
N LEU R 91 9.65 8.07 -24.96
CA LEU R 91 8.71 8.43 -23.90
C LEU R 91 8.74 7.41 -22.78
N ALA R 92 8.70 6.12 -23.15
CA ALA R 92 8.78 5.01 -22.20
C ALA R 92 10.00 5.18 -21.30
N ALA R 93 11.18 5.29 -21.93
CA ALA R 93 12.44 5.52 -21.21
C ALA R 93 12.36 6.77 -20.31
N ALA R 94 11.93 7.88 -20.91
CA ALA R 94 11.86 9.16 -20.21
C ALA R 94 11.02 9.04 -18.95
N MET R 95 9.92 8.29 -19.07
CA MET R 95 9.02 8.01 -17.97
C MET R 95 9.75 7.40 -16.77
N GLN R 96 10.75 6.57 -17.03
CA GLN R 96 11.49 5.96 -15.92
C GLN R 96 12.70 6.71 -15.38
N GLY R 97 13.28 7.61 -16.18
CA GLY R 97 14.41 8.41 -15.71
C GLY R 97 15.17 8.94 -16.90
N LEU R 98 15.31 8.10 -17.90
CA LEU R 98 16.07 8.43 -19.12
C LEU R 98 15.49 9.56 -19.97
N LEU R 99 15.21 10.71 -19.34
CA LEU R 99 14.63 11.87 -20.03
C LEU R 99 15.68 12.71 -20.80
N ALA R 100 15.35 13.12 -22.02
CA ALA R 100 16.28 13.92 -22.81
C ALA R 100 15.56 14.79 -23.84
N LEU R 101 15.63 16.11 -23.68
CA LEU R 101 14.95 17.07 -24.56
C LEU R 101 15.89 17.83 -25.48
N PRO R 102 15.70 17.68 -26.81
CA PRO R 102 16.48 18.45 -27.80
C PRO R 102 15.94 19.83 -28.14
N LEU R 103 16.84 20.69 -28.62
CA LEU R 103 16.53 21.99 -29.18
C LEU R 103 17.15 22.04 -30.56
N LEU R 104 16.36 22.35 -31.57
CA LEU R 104 16.87 22.39 -32.94
C LEU R 104 17.05 23.80 -33.42
N ALA R 105 18.18 24.03 -34.09
CA ALA R 105 18.43 25.30 -34.79
C ALA R 105 18.97 25.03 -36.18
N GLY R 106 18.45 25.73 -37.18
CA GLY R 106 18.82 25.50 -38.56
C GLY R 106 18.60 26.67 -39.47
N TYR R 107 19.18 26.60 -40.66
CA TYR R 107 18.95 27.56 -41.71
C TYR R 107 18.28 26.84 -42.86
N ASP R 108 17.04 27.21 -43.16
CA ASP R 108 16.31 26.64 -44.28
C ASP R 108 16.69 27.33 -45.59
N ILE R 109 17.54 26.67 -46.36
CA ILE R 109 18.01 27.18 -47.66
C ILE R 109 16.87 27.35 -48.66
N HIS R 110 15.64 27.06 -48.24
CA HIS R 110 14.48 27.16 -49.12
C HIS R 110 13.45 28.18 -48.67
N ALA R 111 13.73 28.87 -47.56
CA ALA R 111 12.83 29.92 -47.11
C ALA R 111 12.70 31.03 -48.17
N SER R 112 11.50 31.62 -48.24
CA SER R 112 11.24 32.71 -49.18
C SER R 112 12.24 33.86 -49.00
N ASP R 113 12.24 34.44 -47.79
CA ASP R 113 13.19 35.49 -47.45
C ASP R 113 14.44 34.91 -46.76
N PRO R 114 15.61 34.91 -47.46
CA PRO R 114 16.84 34.27 -46.95
C PRO R 114 17.44 35.01 -45.77
N GLN R 115 16.75 36.05 -45.29
CA GLN R 115 17.13 36.77 -44.09
C GLN R 115 16.27 36.32 -42.90
N SER R 116 15.34 35.41 -43.18
CA SER R 116 14.43 34.81 -42.18
C SER R 116 14.51 33.29 -42.27
N ALA R 117 15.59 32.81 -42.88
CA ALA R 117 15.78 31.38 -43.06
C ALA R 117 16.27 30.70 -41.78
N GLY R 118 16.56 31.50 -40.76
CA GLY R 118 16.96 30.96 -39.47
C GLY R 118 15.76 30.34 -38.79
N ARG R 119 15.95 29.13 -38.24
CA ARG R 119 14.89 28.37 -37.59
C ARG R 119 15.25 27.94 -36.17
N ILE R 120 14.32 28.09 -35.24
CA ILE R 120 14.48 27.52 -33.91
C ILE R 120 13.25 26.68 -33.58
N VAL R 121 13.47 25.37 -33.44
CA VAL R 121 12.38 24.44 -33.11
C VAL R 121 12.58 23.82 -31.74
N SER R 122 11.65 24.06 -30.82
CA SER R 122 11.72 23.46 -29.47
C SER R 122 10.91 22.17 -29.40
N PHE R 123 11.35 21.25 -28.55
CA PHE R 123 10.73 19.91 -28.50
C PHE R 123 10.17 19.51 -27.16
N ASP R 124 9.18 18.64 -27.25
CA ASP R 124 8.33 18.32 -26.14
C ASP R 124 8.54 16.83 -25.80
N ALA R 125 8.59 16.51 -24.51
CA ALA R 125 8.84 15.11 -24.06
C ALA R 125 8.02 14.04 -24.79
N ALA R 126 6.86 14.44 -25.33
CA ALA R 126 5.91 13.54 -26.00
C ALA R 126 6.04 13.54 -27.53
N GLY R 127 7.01 14.30 -28.04
CA GLY R 127 7.26 14.36 -29.46
C GLY R 127 6.61 15.54 -30.14
N GLY R 128 6.05 16.46 -29.35
CA GLY R 128 5.51 17.70 -29.87
C GLY R 128 6.64 18.66 -30.21
N TRP R 129 6.34 19.65 -31.06
CA TRP R 129 7.31 20.67 -31.45
C TRP R 129 6.64 21.97 -31.86
N ASN R 130 7.24 23.09 -31.50
CA ASN R 130 6.75 24.40 -31.96
C ASN R 130 7.90 25.18 -32.53
N ILE R 131 7.78 25.56 -33.80
CA ILE R 131 8.73 26.47 -34.43
C ILE R 131 8.58 27.83 -33.76
N GLU R 132 9.66 28.27 -33.12
CA GLU R 132 9.61 29.33 -32.10
C GLU R 132 9.16 30.70 -32.53
N GLU R 133 9.61 31.14 -33.71
CA GLU R 133 9.42 32.53 -34.18
C GLU R 133 9.19 33.56 -33.08
N GLU R 134 10.24 33.79 -32.32
CA GLU R 134 10.28 34.84 -31.32
C GLU R 134 11.75 35.17 -31.13
N GLY R 135 12.60 34.53 -31.93
CA GLY R 135 14.00 34.87 -32.00
C GLY R 135 14.90 34.12 -31.05
N TYR R 136 14.38 33.74 -29.88
CA TYR R 136 15.17 33.02 -28.91
C TYR R 136 14.41 31.91 -28.22
N GLN R 137 15.15 30.90 -27.79
CA GLN R 137 14.63 29.79 -26.97
C GLN R 137 15.75 29.12 -26.17
N ALA R 138 15.40 28.43 -25.10
CA ALA R 138 16.37 27.65 -24.36
C ALA R 138 15.78 26.31 -23.85
N VAL R 139 16.66 25.38 -23.45
CA VAL R 139 16.25 24.12 -22.83
C VAL R 139 17.27 23.79 -21.77
N GLY R 140 16.80 23.27 -20.64
CA GLY R 140 17.70 22.80 -19.60
C GLY R 140 17.36 23.38 -18.25
N SER R 141 18.06 22.90 -17.23
CA SER R 141 17.83 23.31 -15.85
C SER R 141 17.85 24.80 -15.66
N GLY R 142 18.54 25.52 -16.53
CA GLY R 142 18.63 26.96 -16.42
C GLY R 142 17.97 27.73 -17.54
N SER R 143 17.28 27.02 -18.42
CA SER R 143 16.66 27.67 -19.59
C SER R 143 15.73 28.80 -19.18
N LEU R 144 15.09 28.67 -18.04
CA LEU R 144 14.21 29.71 -17.54
C LEU R 144 14.95 31.06 -17.32
N PHE R 145 16.14 31.00 -16.72
CA PHE R 145 16.93 32.20 -16.44
C PHE R 145 17.49 32.75 -17.73
N ALA R 146 17.95 31.87 -18.61
CA ALA R 146 18.48 32.31 -19.90
C ALA R 146 17.38 33.06 -20.70
N LYS R 147 16.27 32.39 -21.03
CA LYS R 147 15.14 33.01 -21.74
C LYS R 147 14.78 34.38 -21.20
N SER R 148 14.81 34.53 -19.90
CA SER R 148 14.37 35.75 -19.27
C SER R 148 15.38 36.90 -19.45
N SER R 149 16.67 36.56 -19.34
CA SER R 149 17.78 37.48 -19.59
C SER R 149 17.80 37.88 -21.04
N MET R 150 17.83 36.85 -21.87
CA MET R 150 17.84 36.98 -23.30
C MET R 150 16.55 37.66 -23.83
N LYS R 151 15.54 37.83 -22.98
CA LYS R 151 14.34 38.62 -23.30
C LYS R 151 14.76 40.09 -23.42
N LYS R 152 15.44 40.57 -22.38
CA LYS R 152 15.93 41.93 -22.28
C LYS R 152 17.01 42.24 -23.33
N LEU R 153 18.01 41.36 -23.44
CA LEU R 153 19.16 41.60 -24.30
C LEU R 153 18.91 41.34 -25.79
N TYR R 154 17.66 41.11 -26.19
CA TYR R 154 17.44 40.69 -27.58
C TYR R 154 17.53 41.82 -28.61
N SER R 155 17.10 43.02 -28.22
CA SER R 155 17.18 44.20 -29.06
C SER R 155 18.59 44.37 -29.60
N GLN R 156 19.60 44.14 -28.76
CA GLN R 156 21.01 44.24 -29.16
C GLN R 156 21.45 43.33 -30.31
N VAL R 157 20.57 42.45 -30.80
CA VAL R 157 20.98 41.51 -31.83
C VAL R 157 20.91 42.13 -33.23
N THR R 158 22.07 42.27 -33.86
CA THR R 158 22.23 43.00 -35.11
C THR R 158 22.76 42.10 -36.20
N ASP R 159 23.69 41.22 -35.83
CA ASP R 159 24.36 40.33 -36.76
C ASP R 159 24.91 39.12 -36.00
N GLY R 160 25.55 38.21 -36.73
CA GLY R 160 26.18 37.02 -36.14
C GLY R 160 26.90 37.32 -34.85
N ASP R 161 28.06 37.94 -34.96
CA ASP R 161 28.87 38.35 -33.82
C ASP R 161 28.03 39.02 -32.74
N SER R 162 27.05 39.83 -33.15
CA SER R 162 26.20 40.52 -32.21
C SER R 162 25.35 39.54 -31.41
N GLY R 163 24.64 38.66 -32.11
CA GLY R 163 23.82 37.61 -31.48
C GLY R 163 24.63 36.71 -30.56
N LEU R 164 25.74 36.20 -31.08
CA LEU R 164 26.64 35.37 -30.32
C LEU R 164 26.96 35.89 -28.92
N ARG R 165 27.09 37.20 -28.77
CA ARG R 165 27.42 37.78 -27.45
C ARG R 165 26.25 37.65 -26.50
N VAL R 166 25.04 37.86 -27.02
CA VAL R 166 23.82 37.74 -26.23
C VAL R 166 23.69 36.28 -25.76
N ALA R 167 23.89 35.35 -26.69
CA ALA R 167 23.96 33.92 -26.38
C ALA R 167 24.84 33.67 -25.17
N VAL R 168 26.15 33.90 -25.33
CA VAL R 168 27.09 33.69 -24.24
C VAL R 168 26.65 34.37 -22.94
N GLU R 169 26.03 35.53 -23.06
CA GLU R 169 25.65 36.28 -21.88
C GLU R 169 24.48 35.63 -21.15
N ALA R 170 23.53 35.10 -21.90
CA ALA R 170 22.42 34.36 -21.31
C ALA R 170 22.94 33.12 -20.60
N LEU R 171 23.78 32.32 -21.27
CA LEU R 171 24.44 31.19 -20.59
C LEU R 171 25.22 31.65 -19.35
N TYR R 172 25.81 32.84 -19.40
CA TYR R 172 26.42 33.37 -18.19
C TYR R 172 25.37 33.62 -17.09
N ASP R 173 24.22 34.18 -17.48
CA ASP R 173 23.13 34.49 -16.57
C ASP R 173 22.46 33.24 -16.00
N ALA R 174 22.45 32.18 -16.82
CA ALA R 174 21.89 30.89 -16.40
C ALA R 174 22.75 30.31 -15.29
N ALA R 175 24.05 30.18 -15.54
CA ALA R 175 24.97 29.64 -14.53
C ALA R 175 24.99 30.49 -13.26
N ASP R 176 24.46 31.68 -13.37
CA ASP R 176 24.53 32.59 -12.28
C ASP R 176 23.43 32.26 -11.28
N ASP R 177 22.44 31.49 -11.75
CA ASP R 177 21.28 31.13 -10.92
C ASP R 177 21.02 29.64 -10.85
N ASP R 178 21.37 28.92 -11.91
CA ASP R 178 21.22 27.48 -11.94
C ASP R 178 22.56 26.80 -11.68
N SER R 179 22.69 26.26 -10.47
CA SER R 179 23.93 25.59 -10.06
C SER R 179 24.25 24.36 -10.89
N ALA R 180 23.34 23.95 -11.76
CA ALA R 180 23.57 22.79 -12.61
C ALA R 180 24.01 23.19 -14.02
N THR R 181 24.19 24.49 -14.24
CA THR R 181 24.56 24.99 -15.59
C THR R 181 26.07 25.23 -15.79
N GLY R 182 26.72 25.94 -14.87
CA GLY R 182 28.17 26.11 -15.00
C GLY R 182 28.67 27.14 -16.02
N GLY R 183 29.21 28.23 -15.49
CA GLY R 183 29.68 29.35 -16.28
C GLY R 183 31.06 29.08 -16.83
N PRO R 184 31.76 30.14 -17.26
CA PRO R 184 33.08 29.99 -17.88
C PRO R 184 34.16 29.76 -16.83
N ASP R 185 35.00 28.76 -17.05
CA ASP R 185 36.08 28.48 -16.13
C ASP R 185 37.37 29.12 -16.62
N LEU R 186 37.70 30.28 -16.03
CA LEU R 186 38.94 30.96 -16.38
C LEU R 186 40.12 30.18 -15.83
N VAL R 187 40.03 29.77 -14.57
CA VAL R 187 41.09 28.99 -13.93
C VAL R 187 41.51 27.75 -14.74
N ARG R 188 40.60 27.20 -15.53
CA ARG R 188 40.89 25.98 -16.25
C ARG R 188 40.82 26.22 -17.75
N GLY R 189 40.29 27.38 -18.14
CA GLY R 189 40.19 27.75 -19.55
C GLY R 189 39.18 26.93 -20.34
N ILE R 190 37.99 26.78 -19.75
CA ILE R 190 36.88 26.05 -20.38
C ILE R 190 35.69 27.01 -20.55
N PHE R 191 35.11 27.00 -21.75
CA PHE R 191 34.09 27.98 -22.12
C PHE R 191 32.96 27.30 -22.86
N PRO R 192 31.74 27.88 -22.83
CA PRO R 192 30.60 27.30 -23.56
C PRO R 192 30.95 27.08 -25.03
N THR R 193 30.42 26.04 -25.66
CA THR R 193 30.66 25.86 -27.08
C THR R 193 29.51 26.50 -27.85
N ALA R 194 29.73 26.75 -29.14
CA ALA R 194 28.68 27.33 -29.99
C ALA R 194 28.78 26.95 -31.46
N VAL R 195 27.71 27.21 -32.20
CA VAL R 195 27.62 26.94 -33.62
C VAL R 195 26.83 28.07 -34.26
N ILE R 196 27.22 28.43 -35.49
CA ILE R 196 26.54 29.46 -36.26
C ILE R 196 26.11 28.91 -37.61
N ILE R 197 24.90 29.28 -38.04
CA ILE R 197 24.39 28.84 -39.32
C ILE R 197 23.83 30.02 -40.13
N ASP R 198 24.36 30.19 -41.34
CA ASP R 198 23.88 31.17 -42.31
C ASP R 198 23.83 30.49 -43.67
N ALA R 199 23.56 31.26 -44.73
CA ALA R 199 23.45 30.68 -46.07
C ALA R 199 24.64 29.80 -46.46
N ASP R 200 25.79 30.03 -45.83
CA ASP R 200 27.02 29.33 -46.16
C ASP R 200 27.16 27.98 -45.48
N GLY R 201 26.43 27.79 -44.39
CA GLY R 201 26.42 26.51 -43.69
C GLY R 201 26.51 26.64 -42.18
N ALA R 202 26.81 25.54 -41.51
CA ALA R 202 26.99 25.56 -40.07
C ALA R 202 28.47 25.38 -39.74
N VAL R 203 28.96 26.22 -38.84
CA VAL R 203 30.36 26.17 -38.42
C VAL R 203 30.50 26.35 -36.91
N ASP R 204 31.46 25.65 -36.35
CA ASP R 204 31.84 25.80 -34.96
C ASP R 204 32.49 27.14 -34.68
N VAL R 205 31.91 27.87 -33.75
CA VAL R 205 32.49 29.12 -33.29
C VAL R 205 33.76 28.79 -32.50
N PRO R 206 34.90 29.39 -32.89
CA PRO R 206 36.14 29.08 -32.18
C PRO R 206 36.08 29.62 -30.76
N GLU R 207 36.68 28.91 -29.83
CA GLU R 207 36.59 29.27 -28.42
C GLU R 207 37.18 30.64 -28.13
N SER R 208 38.15 31.04 -28.94
CA SER R 208 38.79 32.35 -28.86
C SER R 208 37.76 33.45 -28.77
N ARG R 209 36.89 33.52 -29.79
CA ARG R 209 35.86 34.55 -29.85
C ARG R 209 34.93 34.45 -28.64
N ILE R 210 34.70 33.22 -28.18
CA ILE R 210 33.83 32.96 -27.03
C ILE R 210 34.51 33.39 -25.74
N ALA R 211 35.73 32.90 -25.54
CA ALA R 211 36.50 33.19 -24.32
C ALA R 211 36.66 34.69 -24.14
N GLU R 212 36.96 35.36 -25.25
CA GLU R 212 37.08 36.81 -25.28
C GLU R 212 35.74 37.42 -24.84
N LEU R 213 34.68 37.14 -25.60
CA LEU R 213 33.31 37.58 -25.27
C LEU R 213 32.92 37.35 -23.82
N ALA R 214 33.33 36.22 -23.26
CA ALA R 214 33.02 35.90 -21.87
C ALA R 214 33.72 36.84 -20.91
N ARG R 215 35.02 37.06 -21.12
CA ARG R 215 35.81 37.99 -20.30
C ARG R 215 35.20 39.40 -20.29
N ALA R 216 34.72 39.81 -21.47
CA ALA R 216 33.98 41.07 -21.63
C ALA R 216 32.82 41.12 -20.64
N ILE R 217 31.94 40.11 -20.70
CA ILE R 217 30.81 39.95 -19.77
C ILE R 217 31.27 40.03 -18.32
N ILE R 218 32.28 39.22 -17.99
CA ILE R 218 32.79 39.14 -16.62
C ILE R 218 33.30 40.49 -16.13
N GLU R 219 34.10 41.18 -16.95
CA GLU R 219 34.63 42.53 -16.63
C GLU R 219 33.52 43.55 -16.39
N SER R 220 32.60 43.64 -17.35
CA SER R 220 31.52 44.62 -17.30
C SER R 220 30.59 44.39 -16.12
N ARG R 221 30.29 43.13 -15.81
CA ARG R 221 29.51 42.81 -14.63
C ARG R 221 30.32 42.96 -13.35
N SER R 222 31.63 42.79 -13.47
CA SER R 222 32.55 42.89 -12.35
C SER R 222 32.63 44.32 -11.83
N SER S 11 -0.16 38.01 63.48
CA SER S 11 1.03 38.87 63.69
C SER S 11 2.22 38.37 62.87
N PRO S 12 2.17 38.55 61.53
CA PRO S 12 3.20 38.11 60.57
C PRO S 12 4.64 38.26 61.09
N GLU S 13 4.95 39.42 61.67
CA GLU S 13 6.29 39.70 62.21
C GLU S 13 6.61 38.85 63.45
N GLN S 14 5.68 38.85 64.39
CA GLN S 14 5.79 38.08 65.62
C GLN S 14 5.76 36.58 65.33
N ALA S 15 5.03 36.20 64.29
CA ALA S 15 4.95 34.81 63.82
C ALA S 15 6.33 34.29 63.44
N MET S 16 7.05 35.06 62.63
CA MET S 16 8.39 34.69 62.18
C MET S 16 9.39 34.54 63.33
N ARG S 17 9.14 35.26 64.41
CA ARG S 17 10.01 35.18 65.60
C ARG S 17 9.85 33.87 66.37
N GLU S 18 8.62 33.37 66.42
CA GLU S 18 8.31 32.08 67.01
C GLU S 18 8.95 30.93 66.25
N ARG S 19 8.89 31.02 64.92
CA ARG S 19 9.50 30.04 64.03
C ARG S 19 11.00 29.96 64.29
N SER S 20 11.66 31.13 64.25
CA SER S 20 13.09 31.28 64.56
C SER S 20 13.41 30.62 65.89
N GLU S 21 12.67 31.01 66.92
CA GLU S 21 12.83 30.48 68.26
C GLU S 21 12.79 28.95 68.29
N LEU S 22 11.67 28.36 67.85
CA LEU S 22 11.48 26.90 67.81
C LEU S 22 12.69 26.21 67.19
N ALA S 23 13.08 26.68 66.02
CA ALA S 23 14.22 26.12 65.29
C ALA S 23 15.50 26.23 66.08
N ARG S 24 15.79 27.46 66.52
CA ARG S 24 17.01 27.83 67.26
C ARG S 24 17.24 26.93 68.49
N LYS S 25 16.16 26.66 69.21
CA LYS S 25 16.22 25.80 70.39
C LYS S 25 16.57 24.37 70.02
N GLY S 26 15.88 23.82 69.01
CA GLY S 26 16.18 22.50 68.50
C GLY S 26 17.64 22.30 68.13
N ILE S 27 18.22 23.31 67.49
CA ILE S 27 19.64 23.32 67.13
C ILE S 27 20.49 23.19 68.39
N ALA S 28 20.14 23.97 69.41
CA ALA S 28 20.87 23.98 70.68
C ALA S 28 20.89 22.61 71.37
N ARG S 29 19.70 22.00 71.54
CA ARG S 29 19.59 20.70 72.21
C ARG S 29 20.25 19.54 71.43
N ALA S 30 20.56 19.78 70.17
CA ALA S 30 21.25 18.81 69.33
C ALA S 30 22.74 18.77 69.65
N LYS S 31 23.41 17.71 69.20
CA LYS S 31 24.85 17.54 69.39
C LYS S 31 25.67 18.54 68.56
N SER S 32 27.00 18.50 68.72
CA SER S 32 27.89 19.47 68.05
C SER S 32 28.68 18.90 66.86
N VAL S 33 28.85 19.74 65.85
CA VAL S 33 29.56 19.40 64.60
C VAL S 33 30.54 20.52 64.24
N VAL S 34 31.74 20.14 63.80
CA VAL S 34 32.77 21.12 63.43
C VAL S 34 33.45 20.74 62.11
N ALA S 35 33.67 21.75 61.27
CA ALA S 35 34.48 21.61 60.07
C ALA S 35 35.55 22.69 60.08
N LEU S 36 36.75 22.37 59.58
CA LEU S 36 37.82 23.36 59.45
C LEU S 36 38.80 23.05 58.33
N ALA S 37 39.44 24.09 57.83
CA ALA S 37 40.43 23.97 56.77
C ALA S 37 41.83 23.63 57.32
N TYR S 38 42.49 22.68 56.67
CA TYR S 38 43.81 22.20 57.07
C TYR S 38 44.64 21.92 55.81
N ALA S 39 45.95 21.68 55.99
CA ALA S 39 46.87 21.41 54.87
C ALA S 39 46.31 20.52 53.76
N GLY S 40 45.77 19.36 54.15
CA GLY S 40 45.29 18.37 53.19
C GLY S 40 43.95 18.66 52.53
N GLY S 41 43.22 19.64 53.07
CA GLY S 41 41.92 20.01 52.53
C GLY S 41 40.95 20.51 53.59
N VAL S 42 39.94 19.68 53.90
CA VAL S 42 38.94 20.01 54.91
C VAL S 42 38.67 18.82 55.83
N LEU S 43 38.56 19.11 57.12
CA LEU S 43 38.30 18.09 58.13
C LEU S 43 36.90 18.18 58.74
N PHE S 44 36.21 17.04 58.77
CA PHE S 44 34.88 16.94 59.34
C PHE S 44 34.91 16.12 60.61
N VAL S 45 34.54 16.75 61.71
CA VAL S 45 34.49 16.11 63.03
C VAL S 45 33.18 16.44 63.74
N ALA S 46 32.46 15.42 64.17
CA ALA S 46 31.22 15.60 64.90
C ALA S 46 31.04 14.48 65.92
N GLU S 47 30.55 14.82 67.11
CA GLU S 47 30.24 13.78 68.07
C GLU S 47 28.95 13.05 67.70
N ASN S 48 29.10 11.74 67.55
CA ASN S 48 28.00 10.89 67.13
C ASN S 48 28.17 9.51 67.73
N PRO S 49 27.38 9.20 68.77
CA PRO S 49 27.45 7.86 69.36
C PRO S 49 26.97 6.75 68.42
N SER S 50 26.00 7.05 67.56
CA SER S 50 25.46 6.07 66.61
C SER S 50 26.52 5.53 65.66
N ARG S 51 26.36 4.26 65.27
CA ARG S 51 27.28 3.61 64.34
C ARG S 51 26.89 3.83 62.88
N SER S 52 25.60 4.04 62.62
CA SER S 52 25.08 4.11 61.26
C SER S 52 24.49 5.46 60.89
N LEU S 53 23.84 6.12 61.86
CA LEU S 53 23.19 7.41 61.64
C LEU S 53 24.22 8.53 61.55
N GLN S 54 24.68 8.80 60.33
CA GLN S 54 25.81 9.71 60.09
C GLN S 54 25.38 11.15 59.87
N LYS S 55 26.21 12.08 60.33
CA LYS S 55 25.95 13.51 60.23
C LYS S 55 26.84 14.17 59.17
N ILE S 56 27.77 13.39 58.62
CA ILE S 56 28.73 13.88 57.62
C ILE S 56 28.71 12.94 56.42
N SER S 57 28.64 13.53 55.22
CA SER S 57 28.49 12.76 54.00
C SER S 57 29.17 13.40 52.80
N GLU S 58 29.43 12.59 51.79
CA GLU S 58 29.90 13.09 50.50
C GLU S 58 28.71 13.66 49.69
N LEU S 59 28.99 14.66 48.87
CA LEU S 59 27.98 15.14 47.92
C LEU S 59 28.39 14.85 46.47
N TYR S 60 29.47 15.48 46.04
CA TYR S 60 30.02 15.25 44.70
C TYR S 60 31.54 15.19 44.83
N ASP S 61 32.20 14.90 43.70
CA ASP S 61 33.66 14.73 43.65
C ASP S 61 34.46 15.46 44.73
N ARG S 62 34.40 16.79 44.76
CA ARG S 62 35.24 17.55 45.67
C ARG S 62 34.45 18.34 46.70
N VAL S 63 33.16 18.03 46.82
CA VAL S 63 32.30 18.77 47.75
C VAL S 63 31.70 17.86 48.80
N GLY S 64 31.60 18.36 50.02
CA GLY S 64 31.16 17.56 51.17
C GLY S 64 30.10 18.19 52.05
N PHE S 65 29.37 17.32 52.73
CA PHE S 65 28.19 17.68 53.51
C PHE S 65 28.39 17.34 54.98
N ALA S 66 27.94 18.25 55.85
CA ALA S 66 27.93 18.04 57.31
C ALA S 66 26.82 18.91 57.91
N ALA S 67 26.04 18.34 58.83
CA ALA S 67 24.93 19.07 59.45
C ALA S 67 24.65 18.62 60.88
N ALA S 68 24.17 19.56 61.70
CA ALA S 68 23.69 19.25 63.06
C ALA S 68 22.19 19.51 63.16
N GLY S 69 21.52 18.74 64.02
CA GLY S 69 20.08 18.93 64.23
C GLY S 69 19.27 17.66 64.11
N LYS S 70 17.97 17.82 63.81
CA LYS S 70 17.05 16.68 63.70
C LYS S 70 17.41 15.84 62.48
N PHE S 71 17.87 14.61 62.73
CA PHE S 71 18.44 13.77 61.68
C PHE S 71 17.56 13.63 60.45
N ASN S 72 16.35 13.08 60.63
CA ASN S 72 15.44 12.83 59.50
C ASN S 72 15.29 14.04 58.58
N GLU S 73 15.47 15.22 59.16
CA GLU S 73 15.36 16.47 58.43
C GLU S 73 16.60 16.72 57.60
N PHE S 74 17.78 16.73 58.23
CA PHE S 74 19.00 17.00 57.44
C PHE S 74 19.39 15.88 56.50
N ASP S 75 19.08 14.64 56.88
CA ASP S 75 19.36 13.51 56.01
C ASP S 75 18.55 13.62 54.71
N ASN S 76 17.36 14.22 54.84
CA ASN S 76 16.52 14.57 53.71
C ASN S 76 17.23 15.56 52.78
N LEU S 77 17.64 16.70 53.33
CA LEU S 77 18.43 17.70 52.58
C LEU S 77 19.69 17.09 51.97
N ARG S 78 20.38 16.24 52.74
CA ARG S 78 21.55 15.52 52.23
C ARG S 78 21.21 14.80 50.93
N ARG S 79 20.18 13.98 50.98
CA ARG S 79 19.75 13.23 49.80
C ARG S 79 19.46 14.15 48.63
N GLY S 80 18.69 15.21 48.89
CA GLY S 80 18.37 16.25 47.89
C GLY S 80 19.62 16.82 47.24
N GLY S 81 20.63 17.14 48.06
CA GLY S 81 21.94 17.59 47.58
C GLY S 81 22.54 16.61 46.58
N ILE S 82 22.71 15.37 47.03
CA ILE S 82 23.27 14.31 46.22
C ILE S 82 22.50 14.23 44.92
N GLN S 83 21.17 14.29 45.02
CA GLN S 83 20.25 14.31 43.85
C GLN S 83 20.56 15.45 42.88
N PHE S 84 20.61 16.66 43.42
CA PHE S 84 20.91 17.86 42.66
C PHE S 84 22.26 17.75 41.96
N ALA S 85 23.30 17.50 42.75
CA ALA S 85 24.66 17.43 42.22
C ALA S 85 24.81 16.40 41.10
N ASP S 86 24.38 15.19 41.36
CA ASP S 86 24.46 14.15 40.35
C ASP S 86 23.80 14.52 39.05
N THR S 87 22.60 15.11 39.09
CA THR S 87 21.90 15.47 37.83
C THR S 87 22.59 16.61 37.12
N ARG S 88 22.93 17.65 37.89
CA ARG S 88 23.68 18.81 37.40
C ARG S 88 24.94 18.37 36.66
N GLY S 89 25.74 17.52 37.31
CA GLY S 89 26.92 16.92 36.68
C GLY S 89 26.64 16.23 35.36
N TYR S 90 25.55 15.46 35.32
CA TYR S 90 25.20 14.69 34.14
C TYR S 90 24.72 15.62 33.02
N ALA S 91 24.03 16.68 33.40
CA ALA S 91 23.47 17.62 32.43
C ALA S 91 24.60 18.38 31.73
N TYR S 92 25.62 18.72 32.48
CA TYR S 92 26.72 19.54 31.98
C TYR S 92 28.03 18.75 31.99
N ASP S 93 28.86 19.02 32.99
CA ASP S 93 30.02 18.19 33.28
C ASP S 93 30.25 18.11 34.78
N ARG S 94 30.87 17.01 35.20
CA ARG S 94 31.24 16.80 36.58
C ARG S 94 31.89 18.07 37.13
N ARG S 95 32.74 18.69 36.30
CA ARG S 95 33.56 19.85 36.68
C ARG S 95 32.73 21.12 36.97
N ASP S 96 31.45 21.08 36.63
CA ASP S 96 30.58 22.25 36.74
C ASP S 96 29.76 22.31 38.04
N VAL S 97 29.98 21.36 38.95
CA VAL S 97 29.31 21.38 40.25
C VAL S 97 30.23 22.08 41.24
N THR S 98 29.72 22.99 42.06
CA THR S 98 30.62 23.84 42.86
C THR S 98 30.44 23.80 44.38
N GLY S 99 29.31 23.33 44.87
CA GLY S 99 29.11 23.37 46.32
C GLY S 99 28.84 24.77 46.84
N ARG S 100 29.37 25.76 46.13
CA ARG S 100 28.81 27.11 46.20
C ARG S 100 27.39 27.02 45.65
N GLN S 101 27.22 26.25 44.57
CA GLN S 101 25.92 25.93 44.00
C GLN S 101 25.03 25.27 45.04
N LEU S 102 25.55 24.20 45.67
CA LEU S 102 24.78 23.44 46.64
C LEU S 102 24.39 24.30 47.83
N ALA S 103 25.29 25.18 48.25
CA ALA S 103 24.98 26.15 49.31
C ALA S 103 23.77 27.01 48.95
N ASN S 104 23.73 27.50 47.71
CA ASN S 104 22.58 28.26 47.24
C ASN S 104 21.30 27.44 47.34
N VAL S 105 21.31 26.27 46.68
CA VAL S 105 20.18 25.35 46.66
C VAL S 105 19.65 25.09 48.08
N TYR S 106 20.58 24.85 49.00
CA TYR S 106 20.21 24.60 50.38
C TYR S 106 19.59 25.84 51.03
N ALA S 107 20.18 27.00 50.79
CA ALA S 107 19.64 28.26 51.31
C ALA S 107 18.26 28.54 50.73
N GLN S 108 18.07 28.21 49.46
CA GLN S 108 16.79 28.34 48.79
C GLN S 108 15.76 27.43 49.44
N THR S 109 16.11 26.15 49.60
CA THR S 109 15.24 25.13 50.18
C THR S 109 14.82 25.47 51.60
N LEU S 110 15.81 25.63 52.47
CA LEU S 110 15.57 25.97 53.86
C LEU S 110 14.81 27.28 53.96
N GLY S 111 15.07 28.19 53.02
CA GLY S 111 14.36 29.46 52.92
C GLY S 111 12.87 29.28 52.73
N THR S 112 12.50 28.51 51.70
CA THR S 112 11.10 28.14 51.45
C THR S 112 10.49 27.43 52.67
N ILE S 113 11.18 26.42 53.17
CA ILE S 113 10.70 25.65 54.30
C ILE S 113 10.32 26.55 55.48
N PHE S 114 11.21 27.48 55.82
CA PHE S 114 10.98 28.40 56.94
C PHE S 114 9.75 29.29 56.76
N THR S 115 9.19 29.29 55.55
CA THR S 115 8.02 30.08 55.22
C THR S 115 6.81 29.18 54.98
N GLU S 116 6.97 28.25 54.04
CA GLU S 116 5.88 27.41 53.54
C GLU S 116 5.49 26.29 54.48
N GLN S 117 6.47 25.51 54.92
CA GLN S 117 6.22 24.36 55.82
C GLN S 117 5.66 24.82 57.16
N ALA S 118 4.80 23.99 57.75
CA ALA S 118 4.17 24.33 59.02
C ALA S 118 5.24 24.60 60.07
N LYS S 119 6.09 23.61 60.29
CA LYS S 119 7.18 23.71 61.25
C LYS S 119 8.51 23.78 60.49
N PRO S 120 9.37 24.77 60.85
CA PRO S 120 10.64 24.97 60.15
C PRO S 120 11.64 23.87 60.49
N TYR S 121 12.56 23.60 59.58
CA TYR S 121 13.60 22.60 59.80
C TYR S 121 14.51 22.97 60.96
N GLU S 122 14.73 22.02 61.87
CA GLU S 122 15.66 22.18 62.99
C GLU S 122 17.03 21.65 62.60
N VAL S 123 17.71 22.40 61.72
CA VAL S 123 18.99 21.97 61.17
C VAL S 123 19.91 23.16 60.97
N GLU S 124 21.19 22.86 60.81
CA GLU S 124 22.19 23.84 60.41
C GLU S 124 23.21 23.09 59.57
N LEU S 125 23.50 23.62 58.38
CA LEU S 125 24.25 22.91 57.36
C LEU S 125 25.66 23.46 57.11
N CYS S 126 26.53 22.61 56.59
CA CYS S 126 27.83 23.02 56.14
C CYS S 126 28.21 22.31 54.85
N VAL S 127 28.44 23.11 53.81
CA VAL S 127 28.90 22.60 52.53
C VAL S 127 30.35 23.05 52.35
N ALA S 128 31.22 22.09 52.04
CA ALA S 128 32.64 22.36 51.92
C ALA S 128 33.20 21.85 50.60
N GLU S 129 33.96 22.70 49.91
CA GLU S 129 34.65 22.30 48.68
C GLU S 129 36.15 22.45 48.82
N VAL S 130 36.88 21.58 48.13
CA VAL S 130 38.33 21.60 48.16
C VAL S 130 38.93 21.27 46.79
N ALA S 131 39.68 22.23 46.24
CA ALA S 131 40.28 22.18 44.90
C ALA S 131 40.45 20.82 44.25
N HIS S 132 40.27 20.77 42.93
CA HIS S 132 40.48 19.57 42.13
C HIS S 132 41.91 19.08 42.23
N TYR S 133 42.16 17.82 41.85
CA TYR S 133 43.44 17.14 42.06
C TYR S 133 44.68 18.02 41.86
N GLY S 134 45.10 18.22 40.62
CA GLY S 134 46.32 19.00 40.31
C GLY S 134 46.27 20.43 40.85
N GLU S 135 45.19 21.11 40.51
CA GLU S 135 44.84 22.46 40.99
C GLU S 135 45.20 22.73 42.47
N THR S 136 45.54 23.98 42.78
CA THR S 136 45.62 24.41 44.18
C THR S 136 44.78 25.66 44.41
N LYS S 137 43.80 25.53 45.30
CA LYS S 137 42.86 26.62 45.60
C LYS S 137 42.46 26.55 47.06
N ARG S 138 42.19 27.71 47.64
CA ARG S 138 41.87 27.82 49.05
C ARG S 138 40.52 27.14 49.34
N PRO S 139 40.55 26.04 50.14
CA PRO S 139 39.35 25.29 50.50
C PRO S 139 38.23 26.22 51.00
N GLU S 140 37.01 25.93 50.59
CA GLU S 140 35.89 26.83 50.90
C GLU S 140 34.83 26.19 51.78
N LEU S 141 34.30 26.99 52.70
CA LEU S 141 33.32 26.52 53.69
C LEU S 141 32.09 27.42 53.72
N TYR S 142 30.91 26.81 53.60
CA TYR S 142 29.63 27.53 53.63
C TYR S 142 28.73 27.04 54.75
N ARG S 143 28.11 27.99 55.44
CA ARG S 143 27.18 27.68 56.52
C ARG S 143 25.79 28.18 56.14
N ILE S 144 24.84 27.25 56.15
CA ILE S 144 23.46 27.58 55.85
C ILE S 144 22.61 27.35 57.09
N THR S 145 21.95 28.41 57.54
CA THR S 145 21.12 28.33 58.74
C THR S 145 19.70 27.91 58.40
N TYR S 146 18.90 27.67 59.44
CA TYR S 146 17.52 27.19 59.30
C TYR S 146 16.60 28.13 58.51
N ASP S 147 16.86 29.43 58.59
CA ASP S 147 16.01 30.44 57.98
C ASP S 147 16.39 30.70 56.53
N GLY S 148 17.40 30.00 56.05
CA GLY S 148 17.84 30.13 54.66
C GLY S 148 18.96 31.13 54.47
N SER S 149 19.44 31.69 55.57
CA SER S 149 20.61 32.58 55.53
C SER S 149 21.87 31.77 55.22
N ILE S 150 22.80 32.40 54.52
CA ILE S 150 23.99 31.72 54.03
C ILE S 150 25.23 32.63 54.18
N ALA S 151 26.28 32.08 54.76
CA ALA S 151 27.56 32.79 54.95
C ALA S 151 28.74 31.85 54.69
N ASP S 152 29.89 32.40 54.30
CA ASP S 152 31.10 31.58 54.06
C ASP S 152 32.29 31.94 54.95
N GLU S 153 32.49 31.17 56.03
CA GLU S 153 33.68 31.30 56.86
C GLU S 153 34.91 30.87 56.08
N PRO S 154 36.03 31.58 56.31
CA PRO S 154 37.24 31.30 55.54
C PRO S 154 38.13 30.22 56.19
N HIS S 155 37.91 29.96 57.48
CA HIS S 155 38.81 29.12 58.25
C HIS S 155 38.14 27.87 58.87
N PHE S 156 37.04 28.09 59.61
CA PHE S 156 36.35 27.02 60.33
C PHE S 156 34.86 27.33 60.51
N VAL S 157 34.05 26.27 60.62
CA VAL S 157 32.61 26.39 60.86
C VAL S 157 32.17 25.52 62.05
N VAL S 158 31.43 26.13 62.96
CA VAL S 158 30.86 25.44 64.14
C VAL S 158 29.33 25.47 64.04
N MET S 159 28.68 24.39 64.51
CA MET S 159 27.22 24.31 64.53
C MET S 159 26.70 23.20 65.45
N GLY S 160 25.54 23.46 66.06
CA GLY S 160 24.89 22.50 66.96
C GLY S 160 25.32 22.71 68.40
N GLY S 161 24.35 22.70 69.30
CA GLY S 161 24.62 22.93 70.73
C GLY S 161 25.08 24.35 71.00
N THR S 162 25.84 24.51 72.08
CA THR S 162 26.44 25.80 72.42
C THR S 162 27.73 25.99 71.62
N THR S 163 27.72 26.96 70.71
CA THR S 163 28.82 27.19 69.79
C THR S 163 29.94 28.05 70.40
N GLU S 164 29.56 29.08 71.15
CA GLU S 164 30.49 30.06 71.74
C GLU S 164 31.78 29.45 72.27
N PRO S 165 31.69 28.53 73.28
CA PRO S 165 32.92 27.94 73.83
C PRO S 165 33.68 27.05 72.84
N ILE S 166 32.95 26.37 71.93
CA ILE S 166 33.59 25.54 70.90
C ILE S 166 34.24 26.40 69.82
N ALA S 167 33.52 27.46 69.41
CA ALA S 167 33.99 28.41 68.40
C ALA S 167 35.12 29.28 68.93
N ASN S 168 35.02 29.63 70.21
CA ASN S 168 36.02 30.45 70.88
C ASN S 168 37.36 29.73 70.95
N ALA S 169 37.32 28.48 71.39
CA ALA S 169 38.52 27.63 71.48
C ALA S 169 39.24 27.56 70.13
N LEU S 170 38.48 27.57 69.04
CA LEU S 170 39.05 27.56 67.69
C LEU S 170 39.66 28.90 67.28
N LYS S 171 39.01 30.00 67.67
CA LYS S 171 39.49 31.34 67.32
C LYS S 171 40.96 31.52 67.72
N GLU S 172 41.46 30.61 68.56
CA GLU S 172 42.87 30.60 69.00
C GLU S 172 43.63 29.34 68.57
N SER S 173 43.05 28.16 68.83
CA SER S 173 43.73 26.90 68.51
C SER S 173 43.84 26.58 67.01
N TYR S 174 43.09 27.31 66.17
CA TYR S 174 43.13 27.12 64.71
C TYR S 174 44.53 27.35 64.13
N ALA S 175 45.20 26.27 63.76
CA ALA S 175 46.48 26.35 63.07
C ALA S 175 46.21 26.45 61.57
N GLU S 176 46.47 27.64 61.02
CA GLU S 176 46.16 27.99 59.63
C GLU S 176 46.41 26.84 58.65
N ASN S 177 47.63 26.30 58.69
CA ASN S 177 48.00 25.21 57.80
C ASN S 177 48.37 23.93 58.57
N ALA S 178 47.49 23.52 59.47
CA ALA S 178 47.72 22.36 60.36
C ALA S 178 47.93 21.04 59.60
N SER S 179 48.30 20.00 60.35
CA SER S 179 48.36 18.66 59.80
C SER S 179 47.04 17.95 60.06
N LEU S 180 46.84 16.83 59.38
CA LEU S 180 45.67 15.98 59.57
C LEU S 180 45.53 15.59 61.05
N THR S 181 46.62 15.10 61.63
CA THR S 181 46.62 14.71 63.04
C THR S 181 46.63 15.92 63.98
N ASP S 182 47.16 17.04 63.50
CA ASP S 182 47.19 18.28 64.27
C ASP S 182 45.83 18.96 64.33
N ALA S 183 45.18 19.10 63.17
CA ALA S 183 43.85 19.71 63.07
C ALA S 183 42.79 18.89 63.79
N LEU S 184 42.94 17.56 63.75
CA LEU S 184 42.08 16.64 64.49
C LEU S 184 42.19 16.87 66.00
N ARG S 185 43.44 16.97 66.46
CA ARG S 185 43.79 17.32 67.83
C ARG S 185 43.10 18.62 68.22
N ILE S 186 43.38 19.67 67.46
CA ILE S 186 42.82 21.01 67.64
C ILE S 186 41.29 20.96 67.71
N ALA S 187 40.68 20.20 66.79
CA ALA S 187 39.23 20.05 66.70
C ALA S 187 38.62 19.41 67.96
N VAL S 188 38.91 18.13 68.19
CA VAL S 188 38.33 17.37 69.32
C VAL S 188 38.51 18.09 70.67
N ALA S 189 39.64 18.79 70.81
CA ALA S 189 39.90 19.62 71.97
C ALA S 189 38.91 20.78 72.04
N ALA S 190 38.83 21.55 70.97
CA ALA S 190 37.89 22.68 70.86
C ALA S 190 36.44 22.26 71.07
N LEU S 191 36.11 21.02 70.68
CA LEU S 191 34.76 20.48 70.85
C LEU S 191 34.44 20.21 72.32
N ARG S 192 35.37 19.60 73.03
CA ARG S 192 35.24 19.36 74.48
C ARG S 192 35.04 20.63 75.31
N ALA S 193 35.47 21.78 74.76
CA ALA S 193 35.32 23.07 75.42
C ALA S 193 33.86 23.40 75.70
N GLY S 194 32.96 22.98 74.80
CA GLY S 194 31.51 23.10 74.98
C GLY S 194 30.87 21.79 75.44
N SER S 195 31.16 21.42 76.69
CA SER S 195 30.67 20.18 77.29
C SER S 195 30.62 20.31 78.82
N LEU S 206 34.79 11.12 77.55
CA LEU S 206 34.33 12.20 76.68
C LEU S 206 35.26 12.35 75.45
N GLY S 207 34.68 12.57 74.27
CA GLY S 207 35.43 12.72 73.01
C GLY S 207 36.30 11.53 72.61
N VAL S 208 35.80 10.32 72.85
CA VAL S 208 36.53 9.08 72.55
C VAL S 208 36.39 8.68 71.07
N ALA S 209 37.08 7.61 70.66
CA ALA S 209 37.00 7.08 69.30
C ALA S 209 35.59 6.57 68.98
N SER S 210 34.61 7.12 69.68
CA SER S 210 33.20 6.83 69.48
C SER S 210 32.48 8.10 69.03
N LEU S 211 32.82 8.55 67.82
CA LEU S 211 32.19 9.70 67.18
C LEU S 211 32.39 9.59 65.66
N GLU S 212 32.15 10.68 64.91
CA GLU S 212 32.20 10.61 63.45
C GLU S 212 33.24 11.56 62.84
N VAL S 213 34.11 10.97 62.01
CA VAL S 213 35.21 11.71 61.39
C VAL S 213 35.35 11.35 59.90
N ALA S 214 35.50 12.37 59.06
CA ALA S 214 35.77 12.20 57.64
C ALA S 214 36.50 13.41 57.10
N VAL S 215 37.17 13.24 55.96
CA VAL S 215 37.91 14.35 55.35
C VAL S 215 37.68 14.56 53.84
N LEU S 216 37.84 15.80 53.40
CA LEU S 216 37.94 16.09 51.98
C LEU S 216 39.41 16.14 51.59
N ASP S 217 39.98 14.98 51.26
CA ASP S 217 41.41 14.88 50.91
C ASP S 217 41.69 15.45 49.53
N ALA S 218 42.15 16.69 49.49
CA ALA S 218 42.47 17.41 48.25
C ALA S 218 43.48 16.65 47.39
N ASN S 219 44.19 15.72 48.00
CA ASN S 219 45.21 14.97 47.30
C ASN S 219 44.67 13.78 46.51
N ARG S 220 43.45 13.37 46.80
CA ARG S 220 42.80 12.29 46.05
C ARG S 220 42.57 12.67 44.57
N PRO S 221 42.62 11.67 43.66
CA PRO S 221 42.48 11.90 42.23
C PRO S 221 41.11 12.44 41.83
N ARG S 222 40.04 11.67 42.05
CA ARG S 222 38.70 12.16 41.73
C ARG S 222 37.83 12.43 42.98
N ARG S 223 37.31 11.37 43.60
CA ARG S 223 36.43 11.53 44.76
C ARG S 223 37.21 11.91 46.02
N ALA S 224 37.20 13.20 46.33
CA ALA S 224 38.01 13.75 47.42
C ALA S 224 37.40 13.52 48.80
N PHE S 225 36.62 12.45 48.94
CA PHE S 225 36.02 12.12 50.24
C PHE S 225 36.66 10.87 50.83
N ARG S 226 36.79 10.85 52.16
CA ARG S 226 37.28 9.68 52.87
C ARG S 226 36.82 9.71 54.33
N ARG S 227 36.18 8.63 54.75
CA ARG S 227 35.82 8.46 56.15
C ARG S 227 37.00 7.89 56.90
N ILE S 228 37.22 8.39 58.10
CA ILE S 228 38.25 7.86 58.98
C ILE S 228 37.62 6.85 59.95
N THR S 229 37.95 5.58 59.74
CA THR S 229 37.41 4.44 60.49
C THR S 229 37.80 4.45 61.98
N GLY S 230 37.75 3.29 62.64
CA GLY S 230 38.04 3.20 64.06
C GLY S 230 39.51 3.11 64.39
N SER S 231 40.18 2.05 63.93
CA SER S 231 41.57 1.81 64.32
C SER S 231 42.53 2.87 63.74
N ALA S 232 42.34 3.21 62.46
CA ALA S 232 43.14 4.24 61.79
C ALA S 232 43.01 5.61 62.47
N LEU S 233 41.81 5.89 62.98
CA LEU S 233 41.50 7.12 63.71
C LEU S 233 42.37 7.30 64.97
N GLN S 234 42.46 6.24 65.77
CA GLN S 234 43.20 6.27 67.03
C GLN S 234 44.62 6.82 66.85
N ALA S 235 45.26 6.42 65.74
CA ALA S 235 46.61 6.83 65.38
C ALA S 235 46.79 8.33 65.19
N LEU S 236 45.70 9.08 65.33
CA LEU S 236 45.72 10.52 65.10
C LEU S 236 45.04 11.27 66.26
N LEU S 237 44.19 10.56 67.01
CA LEU S 237 43.33 11.14 68.04
C LEU S 237 44.07 11.81 69.22
N VAL S 238 43.41 12.82 69.79
CA VAL S 238 43.95 13.64 70.92
C VAL S 238 43.70 13.05 72.32
N ASP S 239 44.76 13.05 73.13
CA ASP S 239 44.72 12.70 74.56
C ASP S 239 43.94 13.78 75.34
N GLN S 240 42.95 13.38 76.15
CA GLN S 240 42.21 14.32 77.01
C GLN S 240 42.64 14.27 78.50
N THR T 1 32.46 -3.37 14.96
CA THR T 1 32.85 -3.40 16.38
C THR T 1 32.98 -4.79 16.94
N THR T 2 33.91 -4.92 17.90
CA THR T 2 34.01 -6.09 18.77
C THR T 2 34.46 -5.64 20.13
N ILE T 3 33.70 -6.05 21.14
CA ILE T 3 34.09 -5.90 22.53
C ILE T 3 34.19 -7.34 23.01
N VAL T 4 35.24 -7.65 23.77
CA VAL T 4 35.48 -9.02 24.20
C VAL T 4 35.77 -9.06 25.69
N ALA T 5 35.31 -10.10 26.36
CA ALA T 5 35.58 -10.25 27.79
C ALA T 5 36.02 -11.67 28.17
N LEU T 6 37.09 -11.74 28.98
CA LEU T 6 37.66 -13.02 29.45
C LEU T 6 37.71 -13.15 30.96
N LYS T 7 37.44 -14.37 31.40
CA LYS T 7 37.55 -14.71 32.80
C LYS T 7 38.81 -15.56 32.97
N TYR T 8 39.67 -15.13 33.89
CA TYR T 8 40.88 -15.87 34.29
C TYR T 8 40.87 -16.05 35.82
N PRO T 9 41.71 -16.96 36.36
CA PRO T 9 41.82 -17.24 37.79
C PRO T 9 41.68 -16.02 38.72
N GLY T 10 42.52 -15.02 38.51
CA GLY T 10 42.49 -13.79 39.32
C GLY T 10 41.20 -12.97 39.23
N GLY T 11 40.74 -12.71 38.00
CA GLY T 11 39.55 -11.92 37.77
C GLY T 11 39.08 -11.92 36.32
N VAL T 12 38.89 -10.72 35.75
CA VAL T 12 38.43 -10.56 34.36
C VAL T 12 39.18 -9.48 33.57
N VAL T 13 39.26 -9.70 32.26
CA VAL T 13 39.77 -8.70 31.32
C VAL T 13 38.72 -8.42 30.22
N MET T 14 38.52 -7.13 29.91
CA MET T 14 37.65 -6.74 28.81
C MET T 14 38.42 -5.79 27.89
N ALA T 15 38.32 -6.06 26.60
CA ALA T 15 39.03 -5.28 25.60
C ALA T 15 38.18 -5.11 24.36
N GLY T 16 38.21 -3.90 23.79
CA GLY T 16 37.50 -3.65 22.55
C GLY T 16 38.28 -2.77 21.59
N ASP T 17 38.01 -2.91 20.29
CA ASP T 17 38.67 -2.14 19.24
C ASP T 17 38.30 -0.64 19.32
N ARG T 18 38.75 0.13 18.33
CA ARG T 18 38.46 1.58 18.26
C ARG T 18 37.85 2.08 16.97
N ARG T 19 37.40 1.18 16.09
CA ARG T 19 36.82 1.57 14.82
C ARG T 19 35.45 2.15 15.03
N SER T 20 35.12 3.16 14.24
CA SER T 20 33.76 3.63 14.16
C SER T 20 33.50 3.86 12.70
N THR T 21 32.49 3.17 12.20
CA THR T 21 32.20 3.23 10.79
C THR T 21 30.81 3.83 10.49
N GLN T 22 30.64 4.31 9.26
CA GLN T 22 29.35 4.85 8.84
C GLN T 22 29.11 4.49 7.39
N GLY T 23 28.33 3.46 7.18
CA GLY T 23 28.26 2.88 5.87
C GLY T 23 29.49 2.02 5.82
N ASN T 24 30.17 2.05 4.69
CA ASN T 24 31.46 1.37 4.61
C ASN T 24 32.59 2.41 4.59
N MET T 25 32.48 3.36 5.50
CA MET T 25 33.32 4.53 5.48
C MET T 25 33.85 4.70 6.90
N ILE T 26 35.17 4.58 7.06
CA ILE T 26 35.75 4.71 8.40
C ILE T 26 35.54 6.13 8.84
N SER T 27 34.97 6.31 10.02
CA SER T 27 34.72 7.65 10.52
C SER T 27 35.24 7.80 11.96
N GLY T 28 35.98 6.81 12.42
CA GLY T 28 36.59 6.86 13.73
C GLY T 28 37.72 5.85 13.75
N ARG T 29 38.81 6.21 14.42
CA ARG T 29 39.97 5.34 14.48
C ARG T 29 40.48 5.16 15.90
N ASP T 30 39.83 5.81 16.85
CA ASP T 30 40.33 5.86 18.22
C ASP T 30 39.21 5.96 19.25
N VAL T 31 38.08 5.33 18.95
CA VAL T 31 36.96 5.33 19.90
C VAL T 31 37.28 4.47 21.12
N ARG T 32 36.97 5.00 22.30
CA ARG T 32 37.13 4.25 23.54
C ARG T 32 35.83 3.54 23.87
N LYS T 33 35.73 2.27 23.48
CA LYS T 33 34.51 1.50 23.63
C LYS T 33 34.36 0.79 24.98
N VAL T 34 35.41 0.81 25.80
CA VAL T 34 35.40 0.10 27.07
C VAL T 34 35.60 1.08 28.25
N TYR T 35 34.70 1.03 29.22
CA TYR T 35 34.64 2.03 30.30
C TYR T 35 34.76 1.38 31.69
N ILE T 36 35.37 2.09 32.62
CA ILE T 36 35.43 1.66 34.02
C ILE T 36 34.21 2.24 34.73
N THR T 37 33.16 1.44 34.87
CA THR T 37 31.90 1.94 35.42
C THR T 37 31.99 2.31 36.91
N ASP T 38 32.58 1.41 37.69
CA ASP T 38 33.04 1.74 39.04
C ASP T 38 34.28 0.91 39.35
N ASP T 39 34.64 0.89 40.63
CA ASP T 39 35.86 0.20 41.08
C ASP T 39 36.00 -1.26 40.67
N TYR T 40 34.87 -1.96 40.54
CA TYR T 40 34.89 -3.39 40.20
C TYR T 40 34.10 -3.73 38.95
N THR T 41 33.67 -2.72 38.21
CA THR T 41 32.94 -3.01 37.00
C THR T 41 33.42 -2.23 35.80
N ALA T 42 33.61 -2.98 34.73
CA ALA T 42 33.91 -2.43 33.44
C ALA T 42 32.73 -2.75 32.52
N THR T 43 32.37 -1.77 31.69
CA THR T 43 31.27 -1.96 30.76
C THR T 43 31.68 -1.57 29.34
N GLY T 44 31.50 -2.51 28.40
CA GLY T 44 31.75 -2.27 26.98
C GLY T 44 30.41 -2.18 26.26
N ILE T 45 30.37 -1.43 25.15
CA ILE T 45 29.12 -1.04 24.51
C ILE T 45 29.24 -1.07 22.99
N ALA T 46 28.29 -1.72 22.32
CA ALA T 46 28.35 -1.87 20.87
C ALA T 46 27.12 -1.28 20.15
N GLY T 47 27.26 -0.95 18.87
CA GLY T 47 26.18 -0.37 18.09
C GLY T 47 26.23 1.14 17.88
N THR T 48 25.13 1.80 18.18
CA THR T 48 24.98 3.22 17.93
C THR T 48 25.80 4.05 18.93
N ALA T 49 26.82 4.71 18.39
CA ALA T 49 27.72 5.55 19.15
C ALA T 49 27.05 6.47 20.15
N ALA T 50 26.15 7.32 19.67
CA ALA T 50 25.55 8.30 20.57
C ALA T 50 24.97 7.62 21.82
N VAL T 51 24.31 6.47 21.61
CA VAL T 51 23.68 5.73 22.69
C VAL T 51 24.73 5.05 23.60
N ALA T 52 25.65 4.30 22.98
CA ALA T 52 26.74 3.61 23.68
C ALA T 52 27.41 4.53 24.68
N VAL T 53 27.88 5.68 24.21
CA VAL T 53 28.54 6.66 25.06
C VAL T 53 27.62 7.05 26.22
N GLU T 54 26.36 7.32 25.90
CA GLU T 54 25.39 7.78 26.88
C GLU T 54 25.01 6.69 27.89
N PHE T 55 24.88 5.45 27.44
CA PHE T 55 24.70 4.30 28.35
C PHE T 55 25.78 4.33 29.42
N ALA T 56 27.04 4.20 28.98
CA ALA T 56 28.18 4.16 29.89
C ALA T 56 28.13 5.32 30.86
N ARG T 57 28.14 6.53 30.30
CA ARG T 57 28.18 7.76 31.08
C ARG T 57 27.09 7.72 32.17
N LEU T 58 25.86 7.43 31.75
CA LEU T 58 24.69 7.41 32.63
C LEU T 58 24.76 6.32 33.70
N TYR T 59 25.10 5.12 33.26
CA TYR T 59 25.17 3.95 34.12
C TYR T 59 26.13 4.17 35.30
N ALA T 60 27.33 4.66 35.00
CA ALA T 60 28.32 4.97 36.04
C ALA T 60 27.74 5.94 37.06
N VAL T 61 27.02 6.95 36.57
CA VAL T 61 26.40 7.93 37.45
C VAL T 61 25.41 7.23 38.37
N GLU T 62 24.57 6.38 37.81
CA GLU T 62 23.58 5.64 38.58
C GLU T 62 24.21 4.85 39.73
N LEU T 63 25.23 4.04 39.42
CA LEU T 63 25.97 3.25 40.43
C LEU T 63 26.51 4.10 41.56
N GLU T 64 27.32 5.11 41.21
CA GLU T 64 27.90 6.03 42.18
C GLU T 64 26.83 6.78 42.99
N HIS T 65 25.71 7.07 42.33
CA HIS T 65 24.55 7.73 42.96
C HIS T 65 23.91 6.86 44.05
N TYR T 66 23.76 5.56 43.80
CA TYR T 66 23.23 4.67 44.83
C TYR T 66 24.15 4.64 46.02
N GLU T 67 25.44 4.48 45.74
CA GLU T 67 26.47 4.41 46.76
C GLU T 67 26.44 5.64 47.66
N LYS T 68 26.55 6.81 47.07
CA LYS T 68 26.49 8.06 47.84
C LYS T 68 25.22 8.18 48.68
N LEU T 69 24.12 7.59 48.21
CA LEU T 69 22.86 7.74 48.93
C LEU T 69 22.71 6.74 50.07
N GLU T 70 22.87 5.45 49.74
CA GLU T 70 22.65 4.39 50.74
C GLU T 70 23.91 4.08 51.53
N GLY T 71 25.06 4.54 51.04
CA GLY T 71 26.34 4.38 51.74
C GLY T 71 27.12 3.13 51.39
N VAL T 72 26.56 2.30 50.51
CA VAL T 72 27.12 1.00 50.16
C VAL T 72 26.87 0.80 48.67
N PRO T 73 27.88 0.28 47.92
CA PRO T 73 27.64 -0.08 46.51
C PRO T 73 26.55 -1.15 46.35
N LEU T 74 25.94 -1.20 45.18
CA LEU T 74 24.91 -2.21 44.95
C LEU T 74 25.54 -3.60 44.90
N THR T 75 24.72 -4.61 45.17
CA THR T 75 25.07 -6.01 44.91
C THR T 75 25.47 -6.13 43.45
N PHE T 76 26.25 -7.15 43.11
CA PHE T 76 26.52 -7.38 41.72
C PHE T 76 25.19 -7.63 40.99
N ALA T 77 24.31 -8.40 41.63
CA ALA T 77 22.96 -8.65 41.09
C ALA T 77 22.26 -7.31 40.84
N GLY T 78 22.33 -6.41 41.83
CA GLY T 78 21.79 -5.06 41.69
C GLY T 78 22.32 -4.36 40.45
N LYS T 79 23.65 -4.28 40.34
CA LYS T 79 24.28 -3.65 39.18
C LYS T 79 23.81 -4.23 37.83
N ILE T 80 23.74 -5.57 37.73
CA ILE T 80 23.22 -6.22 36.52
C ILE T 80 21.81 -5.72 36.19
N ASN T 81 20.94 -5.76 37.20
CA ASN T 81 19.55 -5.38 37.00
C ASN T 81 19.39 -3.94 36.47
N ARG T 82 20.08 -3.01 37.10
CA ARG T 82 20.06 -1.63 36.67
C ARG T 82 20.43 -1.47 35.20
N LEU T 83 21.55 -2.07 34.80
CA LEU T 83 21.95 -2.02 33.40
C LEU T 83 20.85 -2.61 32.52
N ALA T 84 20.29 -3.75 32.94
CA ALA T 84 19.23 -4.39 32.16
C ALA T 84 18.05 -3.43 31.93
N ILE T 85 17.60 -2.79 33.01
CA ILE T 85 16.48 -1.86 32.95
C ILE T 85 16.77 -0.80 31.91
N MET T 86 17.93 -0.17 32.04
CA MET T 86 18.44 0.85 31.11
C MET T 86 18.32 0.40 29.66
N VAL T 87 18.84 -0.78 29.34
CA VAL T 87 18.72 -1.31 27.99
C VAL T 87 17.25 -1.50 27.54
N ARG T 88 16.37 -1.94 28.43
CA ARG T 88 14.96 -2.11 28.03
C ARG T 88 14.35 -0.75 27.76
N GLY T 89 14.68 0.20 28.63
CA GLY T 89 14.30 1.60 28.48
C GLY T 89 14.69 2.20 27.12
N ASN T 90 15.46 1.46 26.32
CA ASN T 90 15.84 1.94 25.00
C ASN T 90 15.24 1.14 23.84
N LEU T 91 14.39 0.17 24.18
CA LEU T 91 13.80 -0.70 23.17
C LEU T 91 13.10 0.11 22.07
N ALA T 92 12.32 1.11 22.48
CA ALA T 92 11.63 1.98 21.54
C ALA T 92 12.63 2.56 20.54
N ALA T 93 13.61 3.29 21.07
CA ALA T 93 14.68 3.85 20.27
C ALA T 93 15.39 2.78 19.40
N ALA T 94 15.81 1.68 20.03
CA ALA T 94 16.44 0.54 19.32
C ALA T 94 15.64 0.17 18.07
N MET T 95 14.31 0.11 18.26
CA MET T 95 13.39 -0.30 17.22
C MET T 95 13.54 0.55 16.00
N GLN T 96 13.83 1.83 16.21
CA GLN T 96 13.93 2.79 15.11
C GLN T 96 15.29 2.89 14.46
N GLY T 97 16.35 2.58 15.19
CA GLY T 97 17.70 2.60 14.66
C GLY T 97 18.72 2.76 15.76
N LEU T 98 18.37 3.50 16.80
CA LEU T 98 19.27 3.79 17.89
C LEU T 98 19.48 2.58 18.80
N LEU T 99 19.96 1.50 18.21
CA LEU T 99 20.24 0.25 18.93
C LEU T 99 21.64 0.27 19.57
N ALA T 100 21.75 -0.23 20.80
CA ALA T 100 23.05 -0.34 21.47
C ALA T 100 23.08 -1.43 22.55
N LEU T 101 23.96 -2.42 22.33
CA LEU T 101 24.13 -3.59 23.24
C LEU T 101 25.35 -3.52 24.13
N PRO T 102 25.18 -3.54 25.46
CA PRO T 102 26.31 -3.57 26.40
C PRO T 102 26.78 -4.98 26.74
N LEU T 103 28.06 -5.06 27.15
CA LEU T 103 28.67 -6.25 27.75
C LEU T 103 29.24 -5.86 29.09
N LEU T 104 28.87 -6.60 30.13
CA LEU T 104 29.30 -6.30 31.49
C LEU T 104 30.40 -7.24 31.94
N ALA T 105 31.45 -6.68 32.54
CA ALA T 105 32.53 -7.46 33.17
C ALA T 105 32.83 -6.88 34.53
N GLY T 106 32.86 -7.75 35.54
CA GLY T 106 33.12 -7.30 36.89
C GLY T 106 33.78 -8.32 37.80
N TYR T 107 34.25 -7.85 38.95
CA TYR T 107 34.75 -8.73 40.01
C TYR T 107 33.86 -8.58 41.25
N ASP T 108 33.17 -9.66 41.60
CA ASP T 108 32.28 -9.70 42.75
C ASP T 108 33.09 -9.91 44.02
N ILE T 109 33.36 -8.83 44.73
CA ILE T 109 34.10 -8.87 46.00
C ILE T 109 33.41 -9.70 47.08
N HIS T 110 32.26 -10.26 46.74
CA HIS T 110 31.48 -11.03 47.70
C HIS T 110 31.31 -12.50 47.31
N ALA T 111 31.90 -12.89 46.17
CA ALA T 111 31.83 -14.29 45.71
C ALA T 111 32.45 -15.21 46.73
N SER T 112 31.90 -16.41 46.88
CA SER T 112 32.44 -17.39 47.84
C SER T 112 33.91 -17.67 47.56
N ASP T 113 34.21 -18.18 46.36
CA ASP T 113 35.58 -18.39 45.93
C ASP T 113 36.12 -17.16 45.20
N PRO T 114 37.02 -16.41 45.84
CA PRO T 114 37.64 -15.19 45.29
C PRO T 114 38.51 -15.43 44.04
N GLN T 115 38.57 -16.69 43.59
CA GLN T 115 39.24 -17.01 42.34
C GLN T 115 38.22 -17.27 41.22
N SER T 116 36.93 -17.13 41.56
CA SER T 116 35.81 -17.23 40.63
C SER T 116 34.93 -15.99 40.71
N ALA T 117 35.49 -14.92 41.28
CA ALA T 117 34.74 -13.69 41.48
C ALA T 117 34.62 -12.88 40.19
N GLY T 118 35.29 -13.33 39.14
CA GLY T 118 35.19 -12.72 37.82
C GLY T 118 33.82 -13.01 37.22
N ARG T 119 33.18 -11.97 36.69
CA ARG T 119 31.85 -12.11 36.07
C ARG T 119 31.81 -11.52 34.68
N ILE T 120 31.12 -12.24 33.80
CA ILE T 120 30.81 -11.73 32.47
C ILE T 120 29.30 -11.83 32.19
N VAL T 121 28.63 -10.69 32.09
CA VAL T 121 27.18 -10.66 31.85
C VAL T 121 26.88 -10.06 30.49
N SER T 122 26.28 -10.87 29.60
CA SER T 122 25.88 -10.37 28.28
C SER T 122 24.44 -9.89 28.30
N PHE T 123 24.13 -8.94 27.43
CA PHE T 123 22.82 -8.31 27.45
C PHE T 123 22.04 -8.41 26.16
N ASP T 124 20.74 -8.27 26.33
CA ASP T 124 19.75 -8.59 25.34
C ASP T 124 19.01 -7.30 24.97
N ALA T 125 18.76 -7.07 23.69
CA ALA T 125 18.10 -5.81 23.25
C ALA T 125 16.82 -5.48 24.02
N ALA T 126 16.23 -6.52 24.62
CA ALA T 126 14.97 -6.46 25.35
C ALA T 126 15.15 -6.25 26.85
N GLY T 127 16.41 -6.23 27.30
CA GLY T 127 16.72 -6.07 28.70
C GLY T 127 16.97 -7.38 29.40
N GLY T 128 17.07 -8.46 28.63
CA GLY T 128 17.44 -9.76 29.16
C GLY T 128 18.94 -9.81 29.44
N TRP T 129 19.35 -10.76 30.27
CA TRP T 129 20.78 -10.91 30.63
C TRP T 129 21.09 -12.33 31.04
N ASN T 130 22.26 -12.82 30.65
CA ASN T 130 22.71 -14.15 31.03
C ASN T 130 24.14 -14.04 31.54
N ILE T 131 24.34 -14.40 32.81
CA ILE T 131 25.69 -14.53 33.39
C ILE T 131 26.39 -15.68 32.67
N GLU T 132 27.48 -15.35 31.97
CA GLU T 132 28.07 -16.22 30.95
C GLU T 132 28.55 -17.58 31.41
N GLU T 133 29.27 -17.60 32.53
CA GLU T 133 29.95 -18.79 33.02
C GLU T 133 30.38 -19.77 31.90
N GLU T 134 31.34 -19.32 31.11
CA GLU T 134 31.97 -20.13 30.11
C GLU T 134 33.31 -19.49 29.81
N GLY T 135 33.61 -18.43 30.56
CA GLY T 135 34.91 -17.82 30.51
C GLY T 135 35.08 -16.69 29.53
N TYR T 136 34.36 -16.77 28.41
CA TYR T 136 34.46 -15.73 27.38
C TYR T 136 33.13 -15.36 26.74
N GLN T 137 33.08 -14.12 26.25
CA GLN T 137 31.93 -13.56 25.57
C GLN T 137 32.34 -12.38 24.71
N ALA T 138 31.55 -12.10 23.67
CA ALA T 138 31.78 -10.93 22.84
C ALA T 138 30.46 -10.26 22.40
N VAL T 139 30.54 -8.99 22.00
CA VAL T 139 29.42 -8.28 21.40
C VAL T 139 29.92 -7.38 20.29
N GLY T 140 29.15 -7.31 19.20
CA GLY T 140 29.49 -6.42 18.11
C GLY T 140 29.51 -7.12 16.77
N SER T 141 29.69 -6.33 15.71
CA SER T 141 29.69 -6.81 14.33
C SER T 141 30.64 -7.98 14.13
N GLY T 142 31.71 -8.03 14.92
CA GLY T 142 32.70 -9.09 14.80
C GLY T 142 32.69 -10.12 15.93
N SER T 143 31.75 -9.98 16.88
CA SER T 143 31.72 -10.83 18.06
C SER T 143 31.68 -12.32 17.73
N LEU T 144 31.05 -12.64 16.60
CA LEU T 144 30.96 -14.01 16.10
C LEU T 144 32.35 -14.63 15.83
N PHE T 145 33.22 -13.87 15.16
CA PHE T 145 34.57 -14.33 14.84
C PHE T 145 35.43 -14.36 16.08
N ALA T 146 35.30 -13.35 16.93
CA ALA T 146 36.05 -13.32 18.18
C ALA T 146 35.74 -14.57 19.04
N LYS T 147 34.48 -14.73 19.43
CA LYS T 147 34.03 -15.90 20.22
C LYS T 147 34.57 -17.23 19.69
N SER T 148 34.55 -17.38 18.37
CA SER T 148 34.99 -18.60 17.73
C SER T 148 36.51 -18.83 17.85
N SER T 149 37.30 -17.78 17.67
CA SER T 149 38.75 -17.89 17.81
C SER T 149 39.08 -18.07 19.29
N MET T 150 38.50 -17.19 20.10
CA MET T 150 38.56 -17.25 21.54
C MET T 150 38.11 -18.61 22.12
N LYS T 151 37.40 -19.41 21.32
CA LYS T 151 36.99 -20.74 21.76
C LYS T 151 38.21 -21.62 21.78
N LYS T 152 38.98 -21.58 20.69
CA LYS T 152 40.22 -22.34 20.55
C LYS T 152 41.31 -21.91 21.54
N LEU T 153 41.57 -20.60 21.59
CA LEU T 153 42.69 -20.09 22.39
C LEU T 153 42.39 -19.96 23.88
N TYR T 154 41.29 -20.52 24.35
CA TYR T 154 40.92 -20.32 25.75
C TYR T 154 41.77 -21.12 26.77
N SER T 155 42.14 -22.34 26.40
CA SER T 155 43.02 -23.19 27.21
C SER T 155 44.25 -22.39 27.68
N GLN T 156 44.81 -21.60 26.78
CA GLN T 156 46.01 -20.79 27.06
C GLN T 156 45.87 -19.81 28.22
N VAL T 157 44.67 -19.62 28.75
CA VAL T 157 44.48 -18.58 29.79
C VAL T 157 44.90 -19.11 31.16
N THR T 158 45.93 -18.49 31.72
CA THR T 158 46.55 -18.94 32.97
C THR T 158 46.44 -17.86 34.03
N ASP T 159 46.64 -16.60 33.61
CA ASP T 159 46.62 -15.46 34.52
C ASP T 159 46.25 -14.20 33.76
N GLY T 160 46.25 -13.07 34.47
CA GLY T 160 45.97 -11.76 33.87
C GLY T 160 46.64 -11.58 32.53
N ASP T 161 47.95 -11.35 32.54
CA ASP T 161 48.69 -11.14 31.29
C ASP T 161 48.47 -12.25 30.26
N SER T 162 48.24 -13.47 30.74
CA SER T 162 47.92 -14.61 29.87
C SER T 162 46.60 -14.40 29.13
N GLY T 163 45.53 -14.13 29.89
CA GLY T 163 44.21 -13.85 29.31
C GLY T 163 44.23 -12.65 28.37
N LEU T 164 44.82 -11.54 28.82
CA LEU T 164 44.94 -10.33 28.02
C LEU T 164 45.46 -10.56 26.59
N ARG T 165 46.37 -11.51 26.43
CA ARG T 165 46.90 -11.78 25.09
C ARG T 165 45.86 -12.45 24.18
N VAL T 166 45.07 -13.35 24.77
CA VAL T 166 44.00 -14.07 24.07
C VAL T 166 42.94 -13.05 23.63
N ALA T 167 42.56 -12.18 24.57
CA ALA T 167 41.72 -11.02 24.30
C ALA T 167 42.17 -10.30 23.03
N VAL T 168 43.35 -9.67 23.08
CA VAL T 168 43.88 -8.92 21.93
C VAL T 168 43.91 -9.77 20.66
N GLU T 169 44.16 -11.06 20.81
CA GLU T 169 44.25 -11.92 19.66
C GLU T 169 42.89 -12.12 19.03
N ALA T 170 41.86 -12.27 19.87
CA ALA T 170 40.49 -12.42 19.38
C ALA T 170 40.10 -11.17 18.61
N LEU T 171 40.33 -10.00 19.23
CA LEU T 171 40.13 -8.69 18.57
C LEU T 171 40.89 -8.61 17.25
N TYR T 172 42.10 -9.17 17.20
CA TYR T 172 42.82 -9.24 15.93
C TYR T 172 42.08 -10.13 14.91
N ASP T 173 41.57 -11.27 15.40
CA ASP T 173 40.87 -12.24 14.58
C ASP T 173 39.55 -11.67 14.04
N ALA T 174 38.92 -10.82 14.85
CA ALA T 174 37.64 -10.20 14.50
C ALA T 174 37.86 -9.21 13.34
N ALA T 175 38.80 -8.29 13.53
CA ALA T 175 39.16 -7.32 12.48
C ALA T 175 39.57 -8.02 11.20
N ASP T 176 39.94 -9.29 11.31
CA ASP T 176 40.46 -9.97 10.14
C ASP T 176 39.34 -10.44 9.26
N ASP T 177 38.14 -10.41 9.81
CA ASP T 177 36.98 -10.87 9.07
C ASP T 177 35.81 -9.87 9.05
N ASP T 178 35.70 -9.09 10.11
CA ASP T 178 34.68 -8.03 10.18
C ASP T 178 35.27 -6.68 9.83
N SER T 179 34.96 -6.21 8.61
CA SER T 179 35.45 -4.92 8.11
C SER T 179 35.03 -3.73 8.98
N ALA T 180 34.10 -3.97 9.89
CA ALA T 180 33.62 -2.92 10.76
C ALA T 180 34.33 -2.88 12.10
N THR T 181 35.33 -3.75 12.29
CA THR T 181 35.98 -3.90 13.61
C THR T 181 37.31 -3.20 13.74
N GLY T 182 38.20 -3.35 12.77
CA GLY T 182 39.45 -2.56 12.81
C GLY T 182 40.52 -3.04 13.76
N GLY T 183 41.60 -3.54 13.18
CA GLY T 183 42.71 -4.08 13.94
C GLY T 183 43.67 -3.00 14.40
N PRO T 184 44.88 -3.43 14.78
CA PRO T 184 45.88 -2.49 15.28
C PRO T 184 46.50 -1.65 14.17
N ASP T 185 46.53 -0.34 14.38
CA ASP T 185 47.13 0.57 13.40
C ASP T 185 48.56 0.88 13.78
N LEU T 186 49.50 0.19 13.15
CA LEU T 186 50.92 0.42 13.43
C LEU T 186 51.33 1.75 12.81
N VAL T 187 50.93 1.98 11.57
CA VAL T 187 51.24 3.23 10.86
C VAL T 187 50.84 4.48 11.65
N ARG T 188 49.85 4.35 12.53
CA ARG T 188 49.30 5.48 13.27
C ARG T 188 49.52 5.33 14.77
N GLY T 189 49.86 4.11 15.18
CA GLY T 189 50.11 3.80 16.59
C GLY T 189 48.87 3.80 17.45
N ILE T 190 47.79 3.19 16.93
CA ILE T 190 46.51 3.08 17.64
C ILE T 190 46.20 1.61 17.87
N PHE T 191 45.85 1.27 19.12
CA PHE T 191 45.65 -0.12 19.54
C PHE T 191 44.37 -0.29 20.35
N PRO T 192 43.77 -1.49 20.31
CA PRO T 192 42.63 -1.82 21.18
C PRO T 192 42.83 -1.34 22.61
N THR T 193 41.79 -0.85 23.28
CA THR T 193 41.93 -0.53 24.71
C THR T 193 41.50 -1.74 25.53
N ALA T 194 41.93 -1.79 26.80
CA ALA T 194 41.50 -2.86 27.72
C ALA T 194 41.40 -2.42 29.16
N VAL T 195 40.68 -3.23 29.95
CA VAL T 195 40.53 -3.05 31.40
C VAL T 195 40.70 -4.42 32.08
N ILE T 196 41.38 -4.43 33.23
CA ILE T 196 41.50 -5.65 34.03
C ILE T 196 40.89 -5.44 35.42
N ILE T 197 40.19 -6.45 35.92
CA ILE T 197 39.65 -6.40 37.26
C ILE T 197 40.00 -7.67 38.05
N ASP T 198 40.61 -7.48 39.23
CA ASP T 198 40.82 -8.54 40.22
C ASP T 198 40.50 -7.96 41.59
N ALA T 199 40.81 -8.69 42.66
CA ALA T 199 40.42 -8.26 44.01
C ALA T 199 40.88 -6.84 44.35
N ASP T 200 41.87 -6.33 43.62
CA ASP T 200 42.42 -5.00 43.88
C ASP T 200 41.64 -3.86 43.24
N GLY T 201 40.86 -4.16 42.21
CA GLY T 201 40.04 -3.16 41.53
C GLY T 201 40.11 -3.26 40.01
N ALA T 202 39.59 -2.24 39.33
CA ALA T 202 39.63 -2.17 37.88
C ALA T 202 40.67 -1.14 37.44
N VAL T 203 41.50 -1.53 36.47
CA VAL T 203 42.58 -0.68 36.02
C VAL T 203 42.70 -0.74 34.51
N ASP T 204 42.98 0.41 33.91
CA ASP T 204 43.27 0.52 32.49
C ASP T 204 44.58 -0.15 32.14
N VAL T 205 44.53 -1.12 31.22
CA VAL T 205 45.73 -1.75 30.70
C VAL T 205 46.50 -0.74 29.85
N PRO T 206 47.77 -0.43 30.21
CA PRO T 206 48.54 0.53 29.41
C PRO T 206 48.75 0.05 27.98
N GLU T 207 48.75 0.97 27.02
CA GLU T 207 48.79 0.60 25.60
C GLU T 207 50.06 -0.13 25.27
N SER T 208 51.12 0.21 26.00
CA SER T 208 52.44 -0.38 25.88
C SER T 208 52.34 -1.90 25.83
N ARG T 209 51.77 -2.50 26.88
CA ARG T 209 51.61 -3.95 26.97
C ARG T 209 50.72 -4.51 25.85
N ILE T 210 49.75 -3.71 25.42
CA ILE T 210 48.84 -4.08 24.35
C ILE T 210 49.57 -4.01 23.00
N ALA T 211 50.20 -2.86 22.74
CA ALA T 211 50.94 -2.61 21.50
C ALA T 211 51.98 -3.70 21.27
N GLU T 212 52.68 -4.02 22.34
CA GLU T 212 53.66 -5.09 22.33
C GLU T 212 52.97 -6.40 21.97
N LEU T 213 52.01 -6.83 22.80
CA LEU T 213 51.21 -8.04 22.54
C LEU T 213 50.68 -8.14 21.12
N ALA T 214 50.25 -7.01 20.57
CA ALA T 214 49.75 -6.90 19.20
C ALA T 214 50.81 -7.30 18.18
N ARG T 215 52.00 -6.68 18.29
CA ARG T 215 53.09 -6.95 17.35
C ARG T 215 53.57 -8.39 17.42
N ALA T 216 53.47 -8.97 18.62
CA ALA T 216 53.71 -10.40 18.81
C ALA T 216 52.80 -11.22 17.91
N ILE T 217 51.48 -10.98 18.01
CA ILE T 217 50.48 -11.65 17.17
C ILE T 217 50.76 -11.42 15.68
N ILE T 218 51.05 -10.16 15.33
CA ILE T 218 51.29 -9.77 13.93
C ILE T 218 52.45 -10.55 13.35
N GLU T 219 53.56 -10.58 14.10
CA GLU T 219 54.76 -11.29 13.67
C GLU T 219 54.54 -12.79 13.53
N SER T 220 53.97 -13.40 14.57
CA SER T 220 53.72 -14.84 14.58
C SER T 220 52.83 -15.28 13.42
N ARG T 221 51.78 -14.51 13.17
CA ARG T 221 50.90 -14.79 12.05
C ARG T 221 51.54 -14.41 10.72
N SER T 222 52.46 -13.46 10.77
CA SER T 222 53.14 -13.00 9.56
C SER T 222 54.15 -14.03 9.07
N SER U 11 -6.24 24.32 69.58
CA SER U 11 -5.91 23.29 70.62
C SER U 11 -6.08 21.88 70.07
N PRO U 12 -5.18 21.45 69.16
CA PRO U 12 -5.21 20.12 68.52
C PRO U 12 -5.62 18.97 69.44
N GLU U 13 -5.10 18.94 70.66
CA GLU U 13 -5.45 17.89 71.64
C GLU U 13 -6.90 18.01 72.11
N GLN U 14 -7.28 19.22 72.50
CA GLN U 14 -8.63 19.51 72.97
C GLN U 14 -9.63 19.41 71.82
N ALA U 15 -9.18 19.72 70.61
CA ALA U 15 -10.01 19.58 69.41
C ALA U 15 -10.45 18.14 69.21
N MET U 16 -9.51 17.19 69.31
CA MET U 16 -9.81 15.77 69.13
C MET U 16 -10.78 15.24 70.20
N ARG U 17 -10.82 15.88 71.36
CA ARG U 17 -11.74 15.44 72.39
C ARG U 17 -13.19 15.89 72.12
N GLU U 18 -13.35 17.05 71.50
CA GLU U 18 -14.66 17.53 71.07
C GLU U 18 -15.26 16.64 70.00
N ARG U 19 -14.42 16.19 69.07
CA ARG U 19 -14.85 15.30 67.99
C ARG U 19 -15.32 13.98 68.58
N SER U 20 -14.50 13.41 69.47
CA SER U 20 -14.83 12.18 70.21
C SER U 20 -16.20 12.34 70.85
N GLU U 21 -16.34 13.40 71.63
CA GLU U 21 -17.58 13.73 72.32
C GLU U 21 -18.80 13.75 71.40
N LEU U 22 -18.78 14.61 70.38
CA LEU U 22 -19.85 14.74 69.38
C LEU U 22 -20.29 13.38 68.85
N ALA U 23 -19.33 12.61 68.38
CA ALA U 23 -19.60 11.27 67.85
C ALA U 23 -20.21 10.35 68.93
N ARG U 24 -19.55 10.26 70.08
CA ARG U 24 -19.95 9.35 71.15
C ARG U 24 -21.40 9.59 71.62
N LYS U 25 -21.80 10.87 71.65
CA LYS U 25 -23.18 11.26 71.97
C LYS U 25 -24.17 10.73 70.94
N GLY U 26 -23.87 10.99 69.67
CA GLY U 26 -24.68 10.51 68.57
C GLY U 26 -24.93 9.02 68.61
N ILE U 27 -23.89 8.24 68.96
CA ILE U 27 -24.03 6.79 69.09
C ILE U 27 -24.98 6.44 70.24
N ALA U 28 -24.88 7.17 71.36
CA ALA U 28 -25.75 6.95 72.51
C ALA U 28 -27.24 7.15 72.17
N ARG U 29 -27.60 8.30 71.58
CA ARG U 29 -29.02 8.56 71.28
C ARG U 29 -29.58 7.69 70.15
N ALA U 30 -28.71 6.96 69.46
CA ALA U 30 -29.16 6.00 68.44
C ALA U 30 -29.63 4.70 69.09
N LYS U 31 -30.34 3.88 68.32
CA LYS U 31 -30.88 2.61 68.83
C LYS U 31 -29.78 1.57 69.07
N SER U 32 -30.16 0.39 69.57
CA SER U 32 -29.19 -0.64 69.91
C SER U 32 -29.10 -1.82 68.93
N VAL U 33 -27.88 -2.33 68.75
CA VAL U 33 -27.61 -3.48 67.89
C VAL U 33 -26.70 -4.47 68.60
N VAL U 34 -26.98 -5.75 68.42
CA VAL U 34 -26.22 -6.84 69.07
C VAL U 34 -25.88 -7.96 68.07
N ALA U 35 -24.64 -8.44 68.14
CA ALA U 35 -24.22 -9.63 67.42
C ALA U 35 -23.59 -10.60 68.39
N LEU U 36 -23.79 -11.89 68.19
CA LEU U 36 -23.18 -12.93 69.03
C LEU U 36 -22.96 -14.25 68.31
N ALA U 37 -21.98 -15.01 68.79
CA ALA U 37 -21.67 -16.32 68.22
C ALA U 37 -22.55 -17.41 68.84
N TYR U 38 -23.05 -18.30 67.99
CA TYR U 38 -23.87 -19.42 68.42
C TYR U 38 -23.57 -20.64 67.54
N ALA U 39 -24.16 -21.78 67.90
CA ALA U 39 -23.92 -23.06 67.20
C ALA U 39 -23.84 -22.96 65.68
N GLY U 40 -24.87 -22.36 65.08
CA GLY U 40 -25.01 -22.30 63.63
C GLY U 40 -24.11 -21.28 62.93
N GLY U 41 -23.50 -20.38 63.70
CA GLY U 41 -22.62 -19.35 63.14
C GLY U 41 -22.63 -18.04 63.92
N VAL U 42 -23.23 -17.00 63.32
CA VAL U 42 -23.36 -15.67 63.95
C VAL U 42 -24.79 -15.14 63.85
N LEU U 43 -25.29 -14.56 64.93
CA LEU U 43 -26.63 -13.99 65.00
C LEU U 43 -26.61 -12.46 65.03
N PHE U 44 -27.41 -11.85 64.15
CA PHE U 44 -27.56 -10.40 64.11
C PHE U 44 -28.97 -9.98 64.54
N VAL U 45 -29.03 -9.21 65.61
CA VAL U 45 -30.30 -8.72 66.17
C VAL U 45 -30.16 -7.23 66.50
N ALA U 46 -31.08 -6.43 65.97
CA ALA U 46 -31.10 -5.00 66.26
C ALA U 46 -32.52 -4.49 66.23
N GLU U 47 -32.85 -3.58 67.15
CA GLU U 47 -34.17 -2.97 67.13
C GLU U 47 -34.27 -1.92 66.02
N ASN U 48 -35.23 -2.14 65.13
CA ASN U 48 -35.43 -1.31 63.95
C ASN U 48 -36.91 -1.30 63.61
N PRO U 49 -37.58 -0.17 63.93
CA PRO U 49 -38.99 -0.01 63.58
C PRO U 49 -39.24 0.03 62.06
N SER U 50 -38.30 0.62 61.33
CA SER U 50 -38.41 0.76 59.87
C SER U 50 -38.51 -0.59 59.17
N ARG U 51 -39.26 -0.61 58.08
CA ARG U 51 -39.41 -1.83 57.28
C ARG U 51 -38.28 -1.98 56.23
N SER U 52 -37.71 -0.87 55.78
CA SER U 52 -36.75 -0.88 54.67
C SER U 52 -35.36 -0.44 55.08
N LEU U 53 -35.26 0.54 55.97
CA LEU U 53 -33.97 1.08 56.37
C LEU U 53 -33.27 0.14 57.34
N GLN U 54 -32.46 -0.75 56.76
CA GLN U 54 -31.82 -1.86 57.48
C GLN U 54 -30.48 -1.48 58.08
N LYS U 55 -30.18 -2.06 59.24
CA LYS U 55 -28.94 -1.81 59.95
C LYS U 55 -27.98 -3.01 59.86
N ILE U 56 -28.48 -4.09 59.26
CA ILE U 56 -27.71 -5.34 59.11
C ILE U 56 -27.75 -5.78 57.66
N SER U 57 -26.58 -6.15 57.13
CA SER U 57 -26.45 -6.50 55.72
C SER U 57 -25.36 -7.54 55.45
N GLU U 58 -25.47 -8.18 54.28
CA GLU U 58 -24.43 -9.05 53.77
C GLU U 58 -23.26 -8.21 53.18
N LEU U 59 -22.04 -8.73 53.27
CA LEU U 59 -20.89 -8.13 52.60
C LEU U 59 -20.39 -9.05 51.51
N TYR U 60 -19.86 -10.19 51.90
CA TYR U 60 -19.37 -11.17 50.95
C TYR U 60 -19.78 -12.57 51.45
N ASP U 61 -19.50 -13.58 50.63
CA ASP U 61 -19.86 -14.97 50.92
C ASP U 61 -20.11 -15.32 52.40
N ARG U 62 -19.08 -15.22 53.22
CA ARG U 62 -19.19 -15.68 54.61
C ARG U 62 -19.01 -14.54 55.61
N VAL U 63 -19.04 -13.31 55.13
CA VAL U 63 -18.82 -12.19 56.02
C VAL U 63 -20.02 -11.21 56.04
N GLY U 64 -20.33 -10.68 57.22
CA GLY U 64 -21.54 -9.88 57.43
C GLY U 64 -21.34 -8.55 58.14
N PHE U 65 -22.27 -7.63 57.88
CA PHE U 65 -22.21 -6.24 58.32
C PHE U 65 -23.37 -5.93 59.27
N ALA U 66 -23.06 -5.20 60.34
CA ALA U 66 -24.08 -4.63 61.23
C ALA U 66 -23.51 -3.37 61.86
N ALA U 67 -24.35 -2.33 61.98
CA ALA U 67 -23.92 -1.04 62.53
C ALA U 67 -25.04 -0.29 63.23
N ALA U 68 -24.69 0.50 64.25
CA ALA U 68 -25.63 1.44 64.87
C ALA U 68 -25.17 2.89 64.67
N GLY U 69 -26.13 3.81 64.64
CA GLY U 69 -25.82 5.24 64.49
C GLY U 69 -26.60 5.93 63.39
N LYS U 70 -26.03 7.03 62.88
CA LYS U 70 -26.68 7.81 61.82
C LYS U 70 -26.70 7.02 60.49
N PHE U 71 -27.90 6.64 60.05
CA PHE U 71 -28.08 5.71 58.92
C PHE U 71 -27.28 6.06 57.67
N ASN U 72 -27.55 7.23 57.09
CA ASN U 72 -26.90 7.64 55.84
C ASN U 72 -25.39 7.53 55.89
N GLU U 73 -24.82 7.59 57.08
CA GLU U 73 -23.39 7.44 57.26
C GLU U 73 -22.96 5.98 57.22
N PHE U 74 -23.56 5.12 58.04
CA PHE U 74 -23.17 3.71 58.01
C PHE U 74 -23.56 2.98 56.73
N ASP U 75 -24.69 3.37 56.13
CA ASP U 75 -25.15 2.75 54.88
C ASP U 75 -24.12 3.02 53.82
N ASN U 76 -23.49 4.18 53.93
CA ASN U 76 -22.40 4.57 53.06
C ASN U 76 -21.24 3.61 53.20
N LEU U 77 -20.73 3.47 54.42
CA LEU U 77 -19.68 2.51 54.72
C LEU U 77 -20.05 1.10 54.26
N ARG U 78 -21.31 0.71 54.52
CA ARG U 78 -21.83 -0.57 54.10
C ARG U 78 -21.56 -0.76 52.61
N ARG U 79 -22.01 0.20 51.81
CA ARG U 79 -21.84 0.13 50.35
C ARG U 79 -20.36 0.02 49.97
N GLY U 80 -19.52 0.86 50.59
CA GLY U 80 -18.08 0.82 50.40
C GLY U 80 -17.50 -0.56 50.63
N GLY U 81 -17.92 -1.19 51.74
CA GLY U 81 -17.52 -2.56 52.07
C GLY U 81 -17.86 -3.53 50.94
N ILE U 82 -19.15 -3.56 50.58
CA ILE U 82 -19.62 -4.38 49.47
C ILE U 82 -18.76 -4.13 48.23
N GLN U 83 -18.50 -2.84 47.95
CA GLN U 83 -17.63 -2.41 46.85
C GLN U 83 -16.24 -3.04 46.92
N PHE U 84 -15.58 -2.83 48.05
CA PHE U 84 -14.24 -3.36 48.31
C PHE U 84 -14.22 -4.88 48.14
N ALA U 85 -15.10 -5.56 48.87
CA ALA U 85 -15.22 -7.02 48.88
C ALA U 85 -15.32 -7.57 47.46
N ASP U 86 -16.37 -7.21 46.76
CA ASP U 86 -16.59 -7.69 45.42
C ASP U 86 -15.38 -7.51 44.52
N THR U 87 -14.67 -6.37 44.63
CA THR U 87 -13.55 -6.07 43.73
C THR U 87 -12.39 -6.97 44.05
N ARG U 88 -12.10 -7.03 45.36
CA ARG U 88 -11.02 -7.84 45.90
C ARG U 88 -11.20 -9.31 45.50
N GLY U 89 -12.42 -9.80 45.65
CA GLY U 89 -12.80 -11.13 45.21
C GLY U 89 -12.52 -11.36 43.75
N TYR U 90 -12.86 -10.39 42.89
CA TYR U 90 -12.68 -10.53 41.44
C TYR U 90 -11.22 -10.46 41.08
N ALA U 91 -10.48 -9.62 41.81
CA ALA U 91 -9.05 -9.43 41.62
C ALA U 91 -8.27 -10.72 41.84
N TYR U 92 -8.62 -11.43 42.92
CA TYR U 92 -7.91 -12.63 43.30
C TYR U 92 -8.81 -13.86 43.24
N ASP U 93 -9.36 -14.26 44.38
CA ASP U 93 -10.46 -15.24 44.42
C ASP U 93 -11.44 -14.91 45.54
N ARG U 94 -12.68 -15.40 45.38
CA ARG U 94 -13.72 -15.27 46.39
C ARG U 94 -13.17 -15.63 47.75
N ARG U 95 -12.38 -16.70 47.80
CA ARG U 95 -11.89 -17.26 49.04
C ARG U 95 -10.84 -16.40 49.76
N ASP U 96 -10.39 -15.32 49.13
CA ASP U 96 -9.35 -14.45 49.68
C ASP U 96 -9.88 -13.19 50.39
N VAL U 97 -11.21 -13.08 50.53
CA VAL U 97 -11.84 -11.98 51.27
C VAL U 97 -12.06 -12.47 52.70
N THR U 98 -11.69 -11.66 53.70
CA THR U 98 -11.66 -12.20 55.07
C THR U 98 -12.52 -11.49 56.12
N GLY U 99 -12.97 -10.28 55.86
CA GLY U 99 -13.77 -9.60 56.88
C GLY U 99 -12.91 -9.13 58.05
N ARG U 100 -11.81 -9.84 58.26
CA ARG U 100 -10.68 -9.27 58.97
C ARG U 100 -10.15 -8.13 58.10
N GLN U 101 -10.10 -8.38 56.78
CA GLN U 101 -9.71 -7.38 55.80
C GLN U 101 -10.65 -6.18 55.87
N LEU U 102 -11.95 -6.46 55.84
CA LEU U 102 -12.97 -5.41 55.85
C LEU U 102 -12.92 -4.57 57.13
N ALA U 103 -12.65 -5.23 58.25
CA ALA U 103 -12.48 -4.52 59.52
C ALA U 103 -11.32 -3.52 59.43
N ASN U 104 -10.21 -3.92 58.81
CA ASN U 104 -9.09 -3.00 58.60
C ASN U 104 -9.51 -1.80 57.78
N VAL U 105 -10.06 -2.09 56.60
CA VAL U 105 -10.53 -1.07 55.68
C VAL U 105 -11.47 -0.10 56.37
N TYR U 106 -12.39 -0.64 57.16
CA TYR U 106 -13.32 0.20 57.91
C TYR U 106 -12.60 1.05 58.97
N ALA U 107 -11.64 0.43 59.65
CA ALA U 107 -10.82 1.12 60.63
C ALA U 107 -10.04 2.24 59.95
N GLN U 108 -9.54 1.96 58.76
CA GLN U 108 -8.78 2.96 58.01
C GLN U 108 -9.66 4.14 57.62
N THR U 109 -10.80 3.83 57.03
CA THR U 109 -11.73 4.84 56.58
C THR U 109 -12.20 5.73 57.72
N LEU U 110 -12.79 5.13 58.75
CA LEU U 110 -13.29 5.89 59.88
C LEU U 110 -12.16 6.65 60.57
N GLY U 111 -10.96 6.10 60.50
CA GLY U 111 -9.76 6.75 61.03
C GLY U 111 -9.51 8.06 60.32
N THR U 112 -9.44 8.01 58.99
CA THR U 112 -9.29 9.19 58.14
C THR U 112 -10.42 10.19 58.41
N ILE U 113 -11.66 9.71 58.36
CA ILE U 113 -12.84 10.52 58.58
C ILE U 113 -12.71 11.34 59.85
N PHE U 114 -12.37 10.67 60.95
CA PHE U 114 -12.25 11.30 62.27
C PHE U 114 -11.19 12.43 62.30
N THR U 115 -10.37 12.50 61.26
CA THR U 115 -9.32 13.51 61.15
C THR U 115 -9.65 14.50 60.02
N GLU U 116 -9.85 13.96 58.82
CA GLU U 116 -10.05 14.78 57.62
C GLU U 116 -11.40 15.48 57.53
N GLN U 117 -12.47 14.71 57.65
CA GLN U 117 -13.85 15.21 57.58
C GLN U 117 -14.11 16.27 58.63
N ALA U 118 -14.91 17.27 58.28
CA ALA U 118 -15.26 18.32 59.24
C ALA U 118 -15.87 17.70 60.49
N LYS U 119 -16.96 16.95 60.30
CA LYS U 119 -17.66 16.30 61.39
C LYS U 119 -17.46 14.78 61.29
N PRO U 120 -17.03 14.12 62.38
CA PRO U 120 -16.74 12.69 62.34
C PRO U 120 -18.02 11.86 62.23
N TYR U 121 -17.89 10.64 61.70
CA TYR U 121 -19.03 9.76 61.53
C TYR U 121 -19.59 9.31 62.87
N GLU U 122 -20.90 9.41 62.99
CA GLU U 122 -21.60 8.98 64.20
C GLU U 122 -22.09 7.55 64.00
N VAL U 123 -21.13 6.63 63.99
CA VAL U 123 -21.42 5.23 63.75
C VAL U 123 -20.55 4.31 64.61
N GLU U 124 -20.95 3.05 64.68
CA GLU U 124 -20.14 2.02 65.28
C GLU U 124 -20.46 0.73 64.54
N LEU U 125 -19.41 0.04 64.10
CA LEU U 125 -19.55 -1.03 63.14
C LEU U 125 -19.22 -2.41 63.70
N CYS U 126 -19.78 -3.43 63.05
CA CYS U 126 -19.48 -4.82 63.36
C CYS U 126 -19.36 -5.65 62.10
N VAL U 127 -18.17 -6.21 61.91
CA VAL U 127 -17.91 -7.14 60.82
C VAL U 127 -17.76 -8.54 61.41
N ALA U 128 -18.51 -9.48 60.84
CA ALA U 128 -18.52 -10.84 61.35
C ALA U 128 -18.29 -11.86 60.24
N GLU U 129 -17.39 -12.81 60.50
CA GLU U 129 -17.14 -13.90 59.58
C GLU U 129 -17.39 -15.26 60.24
N VAL U 130 -17.83 -16.20 59.42
CA VAL U 130 -18.08 -17.55 59.89
C VAL U 130 -17.65 -18.59 58.85
N ALA U 131 -16.72 -19.45 59.26
CA ALA U 131 -16.09 -20.45 58.39
C ALA U 131 -16.84 -20.91 57.14
N HIS U 132 -16.09 -21.23 56.09
CA HIS U 132 -16.65 -21.75 54.83
C HIS U 132 -17.39 -23.06 55.06
N TYR U 133 -18.18 -23.48 54.07
CA TYR U 133 -19.11 -24.61 54.21
C TYR U 133 -18.57 -25.82 54.99
N GLY U 134 -17.78 -26.67 54.33
CA GLY U 134 -17.24 -27.90 54.96
C GLY U 134 -16.40 -27.63 56.21
N GLU U 135 -15.46 -26.71 56.07
CA GLU U 135 -14.58 -26.21 57.13
C GLU U 135 -15.30 -25.97 58.48
N THR U 136 -14.59 -26.16 59.59
CA THR U 136 -15.08 -25.66 60.88
C THR U 136 -14.05 -24.78 61.57
N LYS U 137 -14.46 -23.55 61.85
CA LYS U 137 -13.58 -22.58 62.47
C LYS U 137 -14.41 -21.66 63.37
N ARG U 138 -13.76 -21.15 64.42
CA ARG U 138 -14.38 -20.31 65.43
C ARG U 138 -14.86 -18.99 64.81
N PRO U 139 -16.20 -18.78 64.73
CA PRO U 139 -16.74 -17.55 64.14
C PRO U 139 -16.11 -16.30 64.75
N GLU U 140 -15.83 -15.31 63.90
CA GLU U 140 -15.06 -14.13 64.30
C GLU U 140 -15.89 -12.84 64.28
N LEU U 141 -15.70 -12.01 65.31
CA LEU U 141 -16.43 -10.74 65.43
C LEU U 141 -15.48 -9.57 65.63
N TYR U 142 -15.64 -8.51 64.81
CA TYR U 142 -14.82 -7.31 64.88
C TYR U 142 -15.66 -6.07 65.14
N ARG U 143 -15.20 -5.22 66.06
CA ARG U 143 -15.86 -3.95 66.31
C ARG U 143 -14.97 -2.78 65.95
N ILE U 144 -15.50 -1.92 65.10
CA ILE U 144 -14.79 -0.72 64.68
C ILE U 144 -15.53 0.49 65.23
N THR U 145 -14.84 1.30 66.01
CA THR U 145 -15.45 2.51 66.56
C THR U 145 -15.27 3.71 65.63
N TYR U 146 -15.89 4.82 66.02
CA TYR U 146 -15.92 6.03 65.20
C TYR U 146 -14.54 6.63 64.93
N ASP U 147 -13.62 6.45 65.87
CA ASP U 147 -12.28 7.05 65.77
C ASP U 147 -11.29 6.18 65.00
N GLY U 148 -11.78 5.05 64.48
CA GLY U 148 -10.96 4.14 63.69
C GLY U 148 -10.29 3.05 64.51
N SER U 149 -10.61 3.00 65.80
CA SER U 149 -10.11 1.94 66.65
C SER U 149 -10.82 0.63 66.33
N ILE U 150 -10.10 -0.47 66.51
CA ILE U 150 -10.57 -1.78 66.06
C ILE U 150 -10.22 -2.86 67.10
N ALA U 151 -11.21 -3.64 67.50
CA ALA U 151 -11.03 -4.73 68.48
C ALA U 151 -11.86 -5.95 68.07
N ASP U 152 -11.44 -7.15 68.50
CA ASP U 152 -12.20 -8.37 68.16
C ASP U 152 -12.66 -9.18 69.37
N GLU U 153 -13.93 -9.00 69.74
CA GLU U 153 -14.54 -9.81 70.79
C GLU U 153 -14.68 -11.25 70.33
N PRO U 154 -14.48 -12.21 71.25
CA PRO U 154 -14.52 -13.62 70.88
C PRO U 154 -15.92 -14.24 70.99
N HIS U 155 -16.83 -13.57 71.70
CA HIS U 155 -18.15 -14.15 71.96
C HIS U 155 -19.34 -13.30 71.45
N PHE U 156 -19.37 -12.03 71.83
CA PHE U 156 -20.48 -11.15 71.49
C PHE U 156 -20.06 -9.69 71.37
N VAL U 157 -20.79 -8.92 70.56
CA VAL U 157 -20.54 -7.48 70.42
C VAL U 157 -21.82 -6.65 70.54
N VAL U 158 -21.73 -5.61 71.37
CA VAL U 158 -22.82 -4.67 71.60
C VAL U 158 -22.44 -3.29 71.11
N MET U 159 -23.43 -2.55 70.59
CA MET U 159 -23.23 -1.16 70.18
C MET U 159 -24.52 -0.39 69.98
N GLY U 160 -24.45 0.91 70.23
CA GLY U 160 -25.58 1.82 70.08
C GLY U 160 -26.34 1.95 71.38
N GLY U 161 -26.66 3.18 71.76
CA GLY U 161 -27.36 3.45 73.01
C GLY U 161 -26.50 3.14 74.23
N THR U 162 -27.15 2.83 75.34
CA THR U 162 -26.44 2.43 76.55
C THR U 162 -26.10 0.96 76.47
N THR U 163 -24.81 0.66 76.36
CA THR U 163 -24.32 -0.72 76.20
C THR U 163 -24.20 -1.51 77.52
N GLU U 164 -23.76 -0.85 78.59
CA GLU U 164 -23.52 -1.51 79.90
C GLU U 164 -24.61 -2.52 80.28
N PRO U 165 -25.88 -2.07 80.44
CA PRO U 165 -26.93 -3.01 80.85
C PRO U 165 -27.20 -4.12 79.82
N ILE U 166 -27.04 -3.80 78.54
CA ILE U 166 -27.23 -4.76 77.46
C ILE U 166 -26.06 -5.75 77.39
N ALA U 167 -24.85 -5.22 77.52
CA ALA U 167 -23.62 -6.02 77.49
C ALA U 167 -23.46 -6.84 78.77
N ASN U 168 -23.88 -6.26 79.88
CA ASN U 168 -23.85 -6.92 81.17
C ASN U 168 -24.73 -8.17 81.19
N ALA U 169 -25.98 -8.00 80.73
CA ALA U 169 -26.93 -9.10 80.59
C ALA U 169 -26.35 -10.28 79.81
N LEU U 170 -25.58 -9.96 78.78
CA LEU U 170 -24.91 -10.98 77.98
C LEU U 170 -23.74 -11.65 78.70
N LYS U 171 -22.97 -10.87 79.45
CA LYS U 171 -21.82 -11.40 80.19
C LYS U 171 -22.19 -12.64 81.01
N GLU U 172 -23.50 -12.84 81.20
CA GLU U 172 -24.02 -13.99 81.93
C GLU U 172 -24.93 -14.88 81.07
N SER U 173 -25.89 -14.27 80.37
CA SER U 173 -26.86 -15.02 79.56
C SER U 173 -26.25 -15.71 78.32
N TYR U 174 -25.02 -15.32 77.95
CA TYR U 174 -24.38 -15.89 76.75
C TYR U 174 -24.12 -17.39 76.91
N ALA U 175 -24.90 -18.19 76.17
CA ALA U 175 -24.68 -19.62 76.10
C ALA U 175 -23.68 -19.88 74.98
N GLU U 176 -22.47 -20.28 75.39
CA GLU U 176 -21.33 -20.52 74.50
C GLU U 176 -21.72 -21.12 73.15
N ASN U 177 -22.41 -22.26 73.20
CA ASN U 177 -22.84 -22.97 72.01
C ASN U 177 -24.37 -23.06 71.88
N ALA U 178 -25.04 -21.92 72.01
CA ALA U 178 -26.50 -21.83 72.02
C ALA U 178 -27.14 -22.35 70.73
N SER U 179 -28.46 -22.45 70.75
CA SER U 179 -29.23 -22.75 69.55
C SER U 179 -29.65 -21.43 68.90
N LEU U 180 -30.10 -21.52 67.65
CA LEU U 180 -30.62 -20.35 66.95
C LEU U 180 -31.78 -19.72 67.72
N THR U 181 -32.71 -20.55 68.16
CA THR U 181 -33.85 -20.08 68.94
C THR U 181 -33.46 -19.71 70.39
N ASP U 182 -32.39 -20.33 70.88
CA ASP U 182 -31.86 -20.05 72.21
C ASP U 182 -31.11 -18.73 72.27
N ALA U 183 -30.19 -18.54 71.33
CA ALA U 183 -29.38 -17.33 71.22
C ALA U 183 -30.23 -16.10 70.94
N LEU U 184 -31.27 -16.27 70.12
CA LEU U 184 -32.23 -15.18 69.83
C LEU U 184 -32.96 -14.77 71.10
N ARG U 185 -33.41 -15.77 71.87
CA ARG U 185 -34.03 -15.55 73.17
C ARG U 185 -33.09 -14.79 74.09
N ILE U 186 -31.87 -15.32 74.25
CA ILE U 186 -30.80 -14.69 75.03
C ILE U 186 -30.55 -13.24 74.61
N ALA U 187 -30.51 -13.01 73.29
CA ALA U 187 -30.28 -11.69 72.71
C ALA U 187 -31.38 -10.67 73.02
N VAL U 188 -32.58 -10.89 72.47
CA VAL U 188 -33.74 -10.00 72.67
C VAL U 188 -33.97 -9.65 74.15
N ALA U 189 -33.74 -10.63 75.02
CA ALA U 189 -33.82 -10.41 76.47
C ALA U 189 -32.73 -9.44 76.96
N ALA U 190 -31.48 -9.74 76.59
CA ALA U 190 -30.33 -8.88 76.92
C ALA U 190 -30.50 -7.46 76.41
N LEU U 191 -31.20 -7.33 75.29
CA LEU U 191 -31.44 -6.02 74.67
C LEU U 191 -32.44 -5.18 75.48
N ARG U 192 -33.53 -5.82 75.90
CA ARG U 192 -34.53 -5.19 76.77
C ARG U 192 -33.96 -4.67 78.10
N ALA U 193 -32.84 -5.24 78.54
CA ALA U 193 -32.19 -4.81 79.78
C ALA U 193 -31.77 -3.34 79.73
N GLY U 194 -31.39 -2.87 78.54
CA GLY U 194 -31.11 -1.44 78.30
C GLY U 194 -32.26 -0.71 77.63
N SER U 195 -33.36 -0.53 78.38
CA SER U 195 -34.58 0.11 77.89
C SER U 195 -35.37 0.73 79.05
N LEU U 206 -42.68 -3.82 73.83
CA LEU U 206 -41.25 -3.69 73.60
C LEU U 206 -40.61 -5.01 73.11
N GLY U 207 -39.64 -4.89 72.22
CA GLY U 207 -38.94 -6.05 71.63
C GLY U 207 -39.82 -7.04 70.88
N VAL U 208 -40.81 -6.51 70.14
CA VAL U 208 -41.77 -7.35 69.40
C VAL U 208 -41.21 -7.76 68.02
N ALA U 209 -41.97 -8.57 67.27
CA ALA U 209 -41.60 -9.01 65.92
C ALA U 209 -41.47 -7.84 64.94
N SER U 210 -41.27 -6.64 65.50
CA SER U 210 -41.06 -5.41 64.73
C SER U 210 -39.65 -4.88 65.00
N LEU U 211 -38.67 -5.62 64.49
CA LEU U 211 -37.25 -5.27 64.58
C LEU U 211 -36.51 -5.99 63.44
N GLU U 212 -35.17 -6.00 63.49
CA GLU U 212 -34.38 -6.55 62.40
C GLU U 212 -33.50 -7.73 62.84
N VAL U 213 -33.64 -8.86 62.14
CA VAL U 213 -32.94 -10.09 62.48
C VAL U 213 -32.41 -10.79 61.24
N ALA U 214 -31.15 -11.19 61.29
CA ALA U 214 -30.52 -11.98 60.22
C ALA U 214 -29.37 -12.80 60.78
N VAL U 215 -28.96 -13.85 60.06
CA VAL U 215 -27.86 -14.70 60.53
C VAL U 215 -26.82 -15.04 59.47
N LEU U 216 -25.61 -15.31 59.96
CA LEU U 216 -24.56 -15.90 59.14
C LEU U 216 -24.57 -17.43 59.33
N ASP U 217 -25.40 -18.10 58.54
CA ASP U 217 -25.59 -19.55 58.63
C ASP U 217 -24.41 -20.32 58.06
N ALA U 218 -23.48 -20.71 58.94
CA ALA U 218 -22.27 -21.44 58.55
C ALA U 218 -22.57 -22.72 57.78
N ASN U 219 -23.80 -23.21 57.89
CA ASN U 219 -24.18 -24.44 57.22
C ASN U 219 -24.57 -24.24 55.76
N ARG U 220 -24.80 -22.99 55.37
CA ARG U 220 -25.07 -22.64 53.96
C ARG U 220 -23.90 -23.01 53.04
N PRO U 221 -24.20 -23.46 51.81
CA PRO U 221 -23.14 -23.82 50.87
C PRO U 221 -22.22 -22.64 50.50
N ARG U 222 -22.75 -21.59 49.88
CA ARG U 222 -21.94 -20.45 49.46
C ARG U 222 -22.23 -19.20 50.28
N ARG U 223 -23.31 -18.51 49.95
CA ARG U 223 -23.68 -17.27 50.62
C ARG U 223 -24.27 -17.52 52.01
N ALA U 224 -23.42 -17.34 53.01
CA ALA U 224 -23.77 -17.68 54.40
C ALA U 224 -24.64 -16.64 55.07
N PHE U 225 -25.40 -15.88 54.29
CA PHE U 225 -26.29 -14.87 54.85
C PHE U 225 -27.75 -15.30 54.72
N ARG U 226 -28.56 -14.96 55.73
CA ARG U 226 -30.00 -15.14 55.64
C ARG U 226 -30.74 -14.18 56.57
N ARG U 227 -31.70 -13.47 56.02
CA ARG U 227 -32.55 -12.60 56.82
C ARG U 227 -33.69 -13.46 57.37
N ILE U 228 -34.04 -13.23 58.64
CA ILE U 228 -35.21 -13.91 59.19
C ILE U 228 -36.43 -12.98 59.14
N THR U 229 -37.38 -13.38 58.30
CA THR U 229 -38.59 -12.63 57.99
C THR U 229 -39.52 -12.46 59.21
N GLY U 230 -40.82 -12.20 58.97
CA GLY U 230 -41.78 -11.96 60.05
C GLY U 230 -42.35 -13.22 60.69
N SER U 231 -43.03 -14.02 59.89
CA SER U 231 -43.73 -15.22 60.38
C SER U 231 -42.76 -16.26 60.94
N ALA U 232 -41.70 -16.55 60.17
CA ALA U 232 -40.63 -17.48 60.55
C ALA U 232 -39.95 -17.10 61.86
N LEU U 233 -39.78 -15.79 62.05
CA LEU U 233 -39.19 -15.20 63.26
C LEU U 233 -39.95 -15.56 64.53
N GLN U 234 -41.27 -15.39 64.50
CA GLN U 234 -42.12 -15.63 65.66
C GLN U 234 -41.88 -17.00 66.28
N ALA U 235 -41.68 -18.00 65.42
CA ALA U 235 -41.42 -19.38 65.80
C ALA U 235 -40.14 -19.58 66.63
N LEU U 236 -39.39 -18.49 66.85
CA LEU U 236 -38.13 -18.52 67.60
C LEU U 236 -38.14 -17.49 68.74
N LEU U 237 -38.98 -16.46 68.56
CA LEU U 237 -38.99 -15.25 69.40
C LEU U 237 -39.25 -15.51 70.89
N VAL U 238 -38.65 -14.67 71.75
CA VAL U 238 -38.75 -14.75 73.22
C VAL U 238 -39.98 -14.01 73.81
N ASP U 239 -40.67 -14.70 74.72
CA ASP U 239 -41.77 -14.08 75.46
C ASP U 239 -41.21 -13.08 76.49
N GLN U 240 -41.78 -11.87 76.54
CA GLN U 240 -41.39 -10.86 77.55
C GLN U 240 -42.36 -10.76 78.73
N THR V 1 -17.51 -24.69 18.41
CA THR V 1 -18.39 -24.47 19.60
C THR V 1 -19.88 -24.44 19.23
N THR V 2 -20.70 -24.94 20.15
CA THR V 2 -22.15 -24.82 20.06
C THR V 2 -22.69 -24.73 21.47
N ILE V 3 -23.47 -23.70 21.72
CA ILE V 3 -24.19 -23.60 22.96
C ILE V 3 -25.62 -23.55 22.48
N VAL V 4 -26.52 -24.24 23.18
CA VAL V 4 -27.89 -24.33 22.73
C VAL V 4 -28.85 -24.06 23.89
N ALA V 5 -29.99 -23.44 23.60
CA ALA V 5 -30.95 -23.07 24.63
C ALA V 5 -32.36 -23.43 24.21
N LEU V 6 -33.10 -24.12 25.10
CA LEU V 6 -34.48 -24.54 24.83
C LEU V 6 -35.47 -24.04 25.85
N LYS V 7 -36.66 -23.70 25.36
CA LYS V 7 -37.75 -23.29 26.21
C LYS V 7 -38.79 -24.43 26.23
N TYR V 8 -39.14 -24.87 27.42
CA TYR V 8 -40.19 -25.86 27.60
C TYR V 8 -41.21 -25.29 28.61
N PRO V 9 -42.42 -25.88 28.69
CA PRO V 9 -43.48 -25.45 29.62
C PRO V 9 -43.02 -25.01 31.03
N GLY V 10 -42.28 -25.86 31.73
CA GLY V 10 -41.76 -25.52 33.06
C GLY V 10 -40.80 -24.32 33.09
N GLY V 11 -39.79 -24.34 32.22
CA GLY V 11 -38.79 -23.29 32.17
C GLY V 11 -37.85 -23.36 30.97
N VAL V 12 -36.55 -23.33 31.22
CA VAL V 12 -35.52 -23.40 30.17
C VAL V 12 -34.37 -24.35 30.47
N VAL V 13 -33.76 -24.85 29.39
CA VAL V 13 -32.55 -25.63 29.48
C VAL V 13 -31.53 -25.07 28.51
N MET V 14 -30.29 -24.97 28.98
CA MET V 14 -29.16 -24.58 28.13
C MET V 14 -28.03 -25.59 28.27
N ALA V 15 -27.46 -25.99 27.14
CA ALA V 15 -26.41 -26.99 27.09
C ALA V 15 -25.39 -26.63 26.04
N GLY V 16 -24.10 -26.81 26.37
CA GLY V 16 -23.03 -26.59 25.40
C GLY V 16 -21.94 -27.65 25.50
N ASP V 17 -21.29 -27.93 24.37
CA ASP V 17 -20.21 -28.90 24.28
C ASP V 17 -18.99 -28.47 25.11
N ARG V 18 -17.89 -29.22 24.97
CA ARG V 18 -16.65 -28.90 25.71
C ARG V 18 -15.37 -28.81 24.89
N ARG V 19 -15.50 -28.78 23.57
CA ARG V 19 -14.34 -28.65 22.67
C ARG V 19 -13.73 -27.28 22.77
N SER V 20 -12.41 -27.23 22.65
CA SER V 20 -11.72 -25.98 22.52
C SER V 20 -10.62 -26.22 21.52
N THR V 21 -10.69 -25.48 20.43
CA THR V 21 -9.80 -25.72 19.31
C THR V 21 -8.87 -24.54 19.07
N GLN V 22 -7.78 -24.80 18.37
CA GLN V 22 -6.85 -23.75 18.03
C GLN V 22 -6.22 -24.03 16.69
N GLY V 23 -6.79 -23.43 15.65
CA GLY V 23 -6.48 -23.85 14.32
C GLY V 23 -7.39 -25.02 14.13
N ASN V 24 -6.86 -26.09 13.53
CA ASN V 24 -7.61 -27.33 13.48
C ASN V 24 -6.95 -28.36 14.41
N MET V 25 -6.65 -27.90 15.62
CA MET V 25 -5.89 -28.65 16.59
C MET V 25 -6.68 -28.64 17.89
N ILE V 26 -7.22 -29.80 18.29
CA ILE V 26 -7.96 -29.87 19.55
C ILE V 26 -7.03 -29.48 20.68
N SER V 27 -7.46 -28.52 21.49
CA SER V 27 -6.64 -28.02 22.58
C SER V 27 -7.42 -28.02 23.89
N GLY V 28 -8.60 -28.63 23.87
CA GLY V 28 -9.47 -28.69 25.03
C GLY V 28 -10.52 -29.75 24.77
N ARG V 29 -10.86 -30.50 25.81
CA ARG V 29 -11.82 -31.59 25.66
C ARG V 29 -12.86 -31.59 26.77
N ASP V 30 -12.77 -30.61 27.67
CA ASP V 30 -13.58 -30.56 28.90
C ASP V 30 -13.92 -29.15 29.34
N VAL V 31 -14.05 -28.23 28.40
CA VAL V 31 -14.34 -26.84 28.70
C VAL V 31 -15.77 -26.71 29.20
N ARG V 32 -15.95 -25.99 30.30
CA ARG V 32 -17.31 -25.70 30.81
C ARG V 32 -17.77 -24.38 30.21
N LYS V 33 -18.53 -24.48 29.13
CA LYS V 33 -19.00 -23.31 28.41
C LYS V 33 -20.32 -22.71 28.92
N VAL V 34 -21.00 -23.38 29.84
CA VAL V 34 -22.28 -22.88 30.35
C VAL V 34 -22.22 -22.63 31.85
N TYR V 35 -22.62 -21.44 32.28
CA TYR V 35 -22.46 -21.01 33.68
C TYR V 35 -23.78 -20.62 34.33
N ILE V 36 -23.88 -20.83 35.64
CA ILE V 36 -25.03 -20.38 36.41
C ILE V 36 -24.72 -18.98 36.94
N THR V 37 -25.22 -17.96 36.23
CA THR V 37 -24.91 -16.57 36.54
C THR V 37 -25.48 -16.12 37.88
N ASP V 38 -26.76 -16.41 38.09
CA ASP V 38 -27.38 -16.31 39.41
C ASP V 38 -28.47 -17.39 39.54
N ASP V 39 -29.31 -17.29 40.56
CA ASP V 39 -30.32 -18.32 40.84
C ASP V 39 -31.30 -18.62 39.69
N TYR V 40 -31.56 -17.63 38.84
CA TYR V 40 -32.49 -17.81 37.73
C TYR V 40 -31.89 -17.52 36.36
N THR V 41 -30.57 -17.39 36.31
CA THR V 41 -29.93 -17.09 35.05
C THR V 41 -28.75 -17.99 34.75
N ALA V 42 -28.79 -18.59 33.58
CA ALA V 42 -27.70 -19.33 33.03
C ALA V 42 -27.17 -18.55 31.82
N THR V 43 -25.84 -18.48 31.69
CA THR V 43 -25.22 -17.79 30.56
C THR V 43 -24.15 -18.65 29.88
N GLY V 44 -24.30 -18.86 28.58
CA GLY V 44 -23.31 -19.60 27.79
C GLY V 44 -22.59 -18.62 26.90
N ILE V 45 -21.36 -18.94 26.50
CA ILE V 45 -20.45 -17.99 25.85
C ILE V 45 -19.64 -18.67 24.77
N ALA V 46 -19.56 -18.07 23.59
CA ALA V 46 -18.84 -18.68 22.47
C ALA V 46 -17.76 -17.76 21.93
N GLY V 47 -16.79 -18.34 21.21
CA GLY V 47 -15.66 -17.57 20.71
C GLY V 47 -14.38 -17.68 21.51
N THR V 48 -13.78 -16.52 21.78
CA THR V 48 -12.48 -16.39 22.39
C THR V 48 -12.57 -16.77 23.87
N ALA V 49 -11.92 -17.89 24.21
CA ALA V 49 -11.96 -18.46 25.55
C ALA V 49 -11.61 -17.47 26.62
N ALA V 50 -10.46 -16.79 26.50
CA ALA V 50 -10.06 -15.83 27.53
C ALA V 50 -11.19 -14.86 27.89
N VAL V 51 -11.91 -14.41 26.86
CA VAL V 51 -12.99 -13.43 27.04
C VAL V 51 -14.26 -14.08 27.54
N ALA V 52 -14.65 -15.20 26.92
CA ALA V 52 -15.83 -15.95 27.36
C ALA V 52 -15.81 -16.19 28.86
N VAL V 53 -14.68 -16.70 29.36
CA VAL V 53 -14.49 -17.03 30.77
C VAL V 53 -14.71 -15.76 31.60
N GLU V 54 -14.08 -14.69 31.14
CA GLU V 54 -14.13 -13.44 31.88
C GLU V 54 -15.49 -12.77 31.85
N PHE V 55 -16.18 -12.87 30.71
CA PHE V 55 -17.55 -12.36 30.64
C PHE V 55 -18.37 -12.99 31.75
N ALA V 56 -18.46 -14.33 31.73
CA ALA V 56 -19.25 -15.07 32.69
C ALA V 56 -18.87 -14.67 34.11
N ARG V 57 -17.59 -14.81 34.42
CA ARG V 57 -17.09 -14.52 35.76
C ARG V 57 -17.54 -13.12 36.22
N LEU V 58 -17.25 -12.13 35.38
CA LEU V 58 -17.52 -10.73 35.68
C LEU V 58 -19.01 -10.42 35.83
N TYR V 59 -19.80 -10.97 34.89
CA TYR V 59 -21.25 -10.74 34.82
C TYR V 59 -21.92 -11.17 36.11
N ALA V 60 -21.61 -12.41 36.54
CA ALA V 60 -22.17 -12.96 37.77
C ALA V 60 -21.86 -12.03 38.94
N VAL V 61 -20.64 -11.52 38.99
CA VAL V 61 -20.25 -10.59 40.04
C VAL V 61 -21.12 -9.34 39.99
N GLU V 62 -21.37 -8.81 38.78
CA GLU V 62 -22.20 -7.61 38.65
C GLU V 62 -23.60 -7.81 39.18
N LEU V 63 -24.26 -8.89 38.74
CA LEU V 63 -25.60 -9.21 39.22
C LEU V 63 -25.64 -9.29 40.73
N GLU V 64 -24.80 -10.13 41.31
CA GLU V 64 -24.75 -10.33 42.75
C GLU V 64 -24.45 -9.04 43.50
N HIS V 65 -23.59 -8.21 42.90
CA HIS V 65 -23.23 -6.91 43.44
C HIS V 65 -24.41 -5.94 43.49
N TYR V 66 -25.25 -5.93 42.45
CA TYR V 66 -26.44 -5.07 42.47
C TYR V 66 -27.34 -5.47 43.62
N GLU V 67 -27.55 -6.78 43.71
CA GLU V 67 -28.36 -7.40 44.74
C GLU V 67 -27.93 -6.98 46.14
N LYS V 68 -26.68 -7.27 46.48
CA LYS V 68 -26.12 -6.88 47.75
C LYS V 68 -26.27 -5.38 48.04
N LEU V 69 -26.22 -4.55 47.00
CA LEU V 69 -26.29 -3.10 47.22
C LEU V 69 -27.71 -2.63 47.44
N GLU V 70 -28.56 -2.92 46.47
CA GLU V 70 -29.93 -2.40 46.47
C GLU V 70 -30.89 -3.28 47.27
N GLY V 71 -30.48 -4.51 47.55
CA GLY V 71 -31.27 -5.43 48.37
C GLY V 71 -32.22 -6.30 47.57
N VAL V 72 -32.24 -6.14 46.26
CA VAL V 72 -33.18 -6.87 45.40
C VAL V 72 -32.49 -7.16 44.06
N PRO V 73 -32.63 -8.39 43.52
CA PRO V 73 -32.05 -8.66 42.21
C PRO V 73 -32.59 -7.73 41.10
N LEU V 74 -31.84 -7.58 40.01
CA LEU V 74 -32.30 -6.76 38.89
C LEU V 74 -33.51 -7.38 38.22
N THR V 75 -34.30 -6.55 37.54
CA THR V 75 -35.33 -7.05 36.64
C THR V 75 -34.66 -7.93 35.61
N PHE V 76 -35.43 -8.81 34.97
CA PHE V 76 -34.84 -9.56 33.90
C PHE V 76 -34.36 -8.60 32.82
N ALA V 77 -35.17 -7.57 32.54
CA ALA V 77 -34.80 -6.53 31.59
C ALA V 77 -33.46 -5.92 32.00
N GLY V 78 -33.33 -5.63 33.29
CA GLY V 78 -32.07 -5.13 33.85
C GLY V 78 -30.92 -6.05 33.51
N LYS V 79 -31.07 -7.31 33.87
CA LYS V 79 -30.05 -8.32 33.62
C LYS V 79 -29.61 -8.36 32.15
N ILE V 80 -30.57 -8.37 31.24
CA ILE V 80 -30.30 -8.33 29.80
C ILE V 80 -29.45 -7.10 29.44
N ASN V 81 -29.88 -5.93 29.90
CA ASN V 81 -29.20 -4.71 29.55
C ASN V 81 -27.73 -4.74 29.94
N ARG V 82 -27.46 -5.13 31.19
CA ARG V 82 -26.08 -5.18 31.68
C ARG V 82 -25.20 -6.09 30.83
N LEU V 83 -25.68 -7.30 30.54
CA LEU V 83 -24.93 -8.19 29.64
C LEU V 83 -24.65 -7.49 28.30
N ALA V 84 -25.69 -6.86 27.74
CA ALA V 84 -25.54 -6.17 26.46
C ALA V 84 -24.43 -5.13 26.52
N ILE V 85 -24.46 -4.32 27.58
CA ILE V 85 -23.49 -3.27 27.78
C ILE V 85 -22.07 -3.83 27.75
N MET V 86 -21.84 -4.84 28.59
CA MET V 86 -20.60 -5.58 28.63
C MET V 86 -20.13 -6.02 27.23
N VAL V 87 -21.02 -6.64 26.45
CA VAL V 87 -20.68 -7.05 25.08
C VAL V 87 -20.22 -5.86 24.25
N ARG V 88 -20.93 -4.73 24.32
CA ARG V 88 -20.55 -3.57 23.50
C ARG V 88 -19.21 -3.07 23.96
N GLY V 89 -19.02 -3.04 25.28
CA GLY V 89 -17.73 -2.70 25.87
C GLY V 89 -16.55 -3.52 25.37
N ASN V 90 -16.81 -4.55 24.56
CA ASN V 90 -15.72 -5.36 24.02
C ASN V 90 -15.54 -5.21 22.53
N LEU V 91 -16.31 -4.31 21.94
CA LEU V 91 -16.37 -4.19 20.48
C LEU V 91 -14.99 -3.86 19.93
N ALA V 92 -14.26 -3.00 20.63
CA ALA V 92 -12.88 -2.67 20.25
C ALA V 92 -12.04 -3.96 20.17
N ALA V 93 -11.97 -4.69 21.29
CA ALA V 93 -11.28 -5.98 21.37
C ALA V 93 -11.75 -6.97 20.30
N ALA V 94 -13.07 -7.14 20.18
CA ALA V 94 -13.67 -8.02 19.20
C ALA V 94 -13.13 -7.74 17.81
N MET V 95 -13.01 -6.45 17.51
CA MET V 95 -12.54 -5.98 16.23
C MET V 95 -11.20 -6.58 15.90
N GLN V 96 -10.36 -6.69 16.92
CA GLN V 96 -8.99 -7.15 16.74
C GLN V 96 -8.80 -8.67 16.73
N GLY V 97 -9.67 -9.39 17.42
CA GLY V 97 -9.60 -10.85 17.44
C GLY V 97 -10.37 -11.35 18.62
N LEU V 98 -10.25 -10.66 19.74
CA LEU V 98 -10.87 -11.06 21.00
C LEU V 98 -12.40 -11.03 20.99
N LEU V 99 -13.00 -11.72 20.02
CA LEU V 99 -14.43 -11.78 19.84
C LEU V 99 -15.07 -12.83 20.77
N ALA V 100 -16.18 -12.49 21.43
CA ALA V 100 -16.92 -13.42 22.28
C ALA V 100 -18.39 -13.08 22.38
N LEU V 101 -19.25 -13.99 21.91
CA LEU V 101 -20.71 -13.80 21.94
C LEU V 101 -21.47 -14.67 22.96
N PRO V 102 -22.17 -14.05 23.92
CA PRO V 102 -22.99 -14.80 24.88
C PRO V 102 -24.41 -15.17 24.39
N LEU V 103 -24.98 -16.19 25.04
CA LEU V 103 -26.41 -16.53 24.95
C LEU V 103 -26.94 -16.59 26.36
N LEU V 104 -28.04 -15.89 26.61
CA LEU V 104 -28.63 -15.92 27.94
C LEU V 104 -29.87 -16.77 27.97
N ALA V 105 -30.00 -17.56 29.03
CA ALA V 105 -31.24 -18.30 29.35
C ALA V 105 -31.62 -18.07 30.79
N GLY V 106 -32.89 -17.73 31.02
CA GLY V 106 -33.37 -17.44 32.36
C GLY V 106 -34.83 -17.77 32.63
N TYR V 107 -35.19 -17.77 33.90
CA TYR V 107 -36.56 -17.92 34.33
C TYR V 107 -36.98 -16.61 35.02
N ASP V 108 -37.93 -15.90 34.42
CA ASP V 108 -38.41 -14.65 34.99
C ASP V 108 -39.50 -14.93 36.01
N ILE V 109 -39.13 -14.91 37.29
CA ILE V 109 -40.08 -15.17 38.38
C ILE V 109 -41.18 -14.12 38.50
N HIS V 110 -41.21 -13.16 37.58
CA HIS V 110 -42.24 -12.14 37.58
C HIS V 110 -43.10 -12.17 36.33
N ALA V 111 -42.87 -13.15 35.44
CA ALA V 111 -43.69 -13.31 34.24
C ALA V 111 -45.14 -13.53 34.61
N SER V 112 -46.07 -12.99 33.82
CA SER V 112 -47.50 -13.17 34.09
C SER V 112 -47.83 -14.64 34.18
N ASP V 113 -47.57 -15.36 33.10
CA ASP V 113 -47.81 -16.79 33.00
C ASP V 113 -46.54 -17.57 33.38
N PRO V 114 -46.52 -18.20 34.59
CA PRO V 114 -45.34 -18.90 35.13
C PRO V 114 -44.96 -20.14 34.32
N GLN V 115 -45.71 -20.41 33.26
CA GLN V 115 -45.38 -21.48 32.34
C GLN V 115 -44.73 -20.95 31.07
N SER V 116 -44.59 -19.63 30.98
CA SER V 116 -43.82 -18.99 29.91
C SER V 116 -42.80 -18.03 30.48
N ALA V 117 -42.38 -18.32 31.70
CA ALA V 117 -41.37 -17.54 32.41
C ALA V 117 -39.96 -17.83 31.89
N GLY V 118 -39.85 -18.85 31.03
CA GLY V 118 -38.57 -19.21 30.44
C GLY V 118 -38.19 -18.17 29.40
N ARG V 119 -36.94 -17.73 29.44
CA ARG V 119 -36.44 -16.74 28.49
C ARG V 119 -35.15 -17.14 27.79
N ILE V 120 -35.08 -16.86 26.49
CA ILE V 120 -33.84 -17.01 25.74
C ILE V 120 -33.50 -15.71 25.00
N VAL V 121 -32.40 -15.08 25.42
CA VAL V 121 -31.94 -13.83 24.81
C VAL V 121 -30.63 -14.04 24.09
N SER V 122 -30.64 -13.86 22.77
CA SER V 122 -29.39 -13.93 22.02
C SER V 122 -28.74 -12.54 21.83
N PHE V 123 -27.41 -12.54 21.66
CA PHE V 123 -26.65 -11.30 21.68
C PHE V 123 -25.84 -11.01 20.44
N ASP V 124 -25.55 -9.74 20.29
CA ASP V 124 -25.01 -9.10 19.09
C ASP V 124 -23.61 -8.65 19.39
N ALA V 125 -22.68 -8.86 18.47
CA ALA V 125 -21.32 -8.33 18.65
C ALA V 125 -21.26 -6.86 19.07
N ALA V 126 -22.30 -6.09 18.70
CA ALA V 126 -22.33 -4.64 18.97
C ALA V 126 -23.17 -4.28 20.19
N GLY V 127 -23.66 -5.29 20.89
CA GLY V 127 -24.41 -5.08 22.13
C GLY V 127 -25.91 -5.11 21.94
N GLY V 128 -26.35 -5.52 20.74
CA GLY V 128 -27.77 -5.69 20.45
C GLY V 128 -28.25 -6.99 21.07
N TRP V 129 -29.57 -7.13 21.23
CA TRP V 129 -30.14 -8.34 21.81
C TRP V 129 -31.57 -8.51 21.36
N ASN V 130 -31.98 -9.76 21.16
CA ASN V 130 -33.37 -10.07 20.81
C ASN V 130 -33.83 -11.21 21.67
N ILE V 131 -34.88 -10.95 22.46
CA ILE V 131 -35.56 -12.02 23.22
C ILE V 131 -36.22 -12.95 22.21
N GLU V 132 -35.77 -14.20 22.21
CA GLU V 132 -36.01 -15.13 21.09
C GLU V 132 -37.44 -15.48 20.74
N GLU V 133 -38.24 -15.75 21.76
CA GLU V 133 -39.63 -16.21 21.59
C GLU V 133 -39.85 -17.06 20.34
N GLU V 134 -39.23 -18.22 20.33
CA GLU V 134 -39.43 -19.20 19.29
C GLU V 134 -39.00 -20.52 19.85
N GLY V 135 -38.62 -20.49 21.13
CA GLY V 135 -38.38 -21.71 21.87
C GLY V 135 -36.94 -22.20 21.88
N TYR V 136 -36.24 -21.99 20.77
CA TYR V 136 -34.85 -22.43 20.65
C TYR V 136 -33.91 -21.38 20.05
N GLN V 137 -32.64 -21.46 20.44
CA GLN V 137 -31.59 -20.62 19.91
C GLN V 137 -30.21 -21.25 20.14
N ALA V 138 -29.23 -20.87 19.32
CA ALA V 138 -27.88 -21.37 19.45
C ALA V 138 -26.78 -20.31 19.09
N VAL V 139 -25.59 -20.47 19.64
CA VAL V 139 -24.45 -19.60 19.32
C VAL V 139 -23.21 -20.46 19.15
N GLY V 140 -22.38 -20.10 18.17
CA GLY V 140 -21.10 -20.76 18.01
C GLY V 140 -20.91 -21.34 16.64
N SER V 141 -19.72 -21.90 16.40
CA SER V 141 -19.32 -22.40 15.09
C SER V 141 -20.30 -23.38 14.48
N GLY V 142 -21.04 -24.07 15.34
CA GLY V 142 -22.00 -25.06 14.90
C GLY V 142 -23.46 -24.70 15.12
N SER V 143 -23.73 -23.49 15.63
CA SER V 143 -25.09 -23.12 16.00
C SER V 143 -26.07 -23.21 14.83
N LEU V 144 -25.51 -23.05 13.64
CA LEU V 144 -26.29 -23.14 12.42
C LEU V 144 -26.92 -24.52 12.30
N PHE V 145 -26.10 -25.55 12.49
CA PHE V 145 -26.53 -26.96 12.40
C PHE V 145 -27.49 -27.30 13.53
N ALA V 146 -27.14 -26.88 14.74
CA ALA V 146 -27.99 -27.12 15.90
C ALA V 146 -29.37 -26.55 15.63
N LYS V 147 -29.48 -25.23 15.47
CA LYS V 147 -30.75 -24.56 15.19
C LYS V 147 -31.62 -25.31 14.19
N SER V 148 -31.00 -25.82 13.13
CA SER V 148 -31.74 -26.41 12.05
C SER V 148 -32.26 -27.82 12.41
N SER V 149 -31.48 -28.57 13.18
CA SER V 149 -31.90 -29.88 13.66
C SER V 149 -32.98 -29.69 14.73
N MET V 150 -32.64 -28.84 15.70
CA MET V 150 -33.55 -28.46 16.74
C MET V 150 -34.84 -27.82 16.20
N LYS V 151 -34.86 -27.46 14.91
CA LYS V 151 -36.08 -26.96 14.29
C LYS V 151 -37.07 -28.10 14.18
N LYS V 152 -36.57 -29.22 13.64
CA LYS V 152 -37.36 -30.42 13.43
C LYS V 152 -37.76 -31.08 14.75
N LEU V 153 -36.79 -31.26 15.65
CA LEU V 153 -37.04 -31.99 16.88
C LEU V 153 -37.77 -31.18 17.96
N TYR V 154 -38.28 -30.00 17.62
CA TYR V 154 -38.85 -29.16 18.68
C TYR V 154 -40.24 -29.59 19.17
N SER V 155 -41.05 -30.12 18.27
CA SER V 155 -42.36 -30.63 18.64
C SER V 155 -42.27 -31.61 19.82
N GLN V 156 -41.21 -32.43 19.83
CA GLN V 156 -40.98 -33.42 20.89
C GLN V 156 -40.83 -32.84 22.30
N VAL V 157 -40.75 -31.52 22.43
CA VAL V 157 -40.47 -30.93 23.74
C VAL V 157 -41.74 -30.82 24.58
N THR V 158 -41.77 -31.55 25.69
CA THR V 158 -42.97 -31.68 26.50
C THR V 158 -42.72 -31.23 27.93
N ASP V 159 -41.53 -31.51 28.43
CA ASP V 159 -41.15 -31.16 29.79
C ASP V 159 -39.64 -31.07 29.88
N GLY V 160 -39.15 -30.80 31.09
CA GLY V 160 -37.72 -30.69 31.36
C GLY V 160 -36.92 -31.78 30.70
N ASP V 161 -37.01 -32.99 31.23
CA ASP V 161 -36.23 -34.06 30.64
C ASP V 161 -36.48 -34.24 29.14
N SER V 162 -37.70 -33.94 28.71
CA SER V 162 -38.05 -34.01 27.30
C SER V 162 -37.20 -33.05 26.48
N GLY V 163 -37.22 -31.76 26.85
CA GLY V 163 -36.39 -30.74 26.20
C GLY V 163 -34.90 -31.04 26.23
N LEU V 164 -34.38 -31.36 27.41
CA LEU V 164 -32.97 -31.70 27.57
C LEU V 164 -32.47 -32.75 26.55
N ARG V 165 -33.33 -33.70 26.17
CA ARG V 165 -32.94 -34.70 25.17
C ARG V 165 -32.69 -34.06 23.82
N VAL V 166 -33.56 -33.12 23.46
CA VAL V 166 -33.48 -32.43 22.17
C VAL V 166 -32.21 -31.60 22.15
N ALA V 167 -31.96 -30.91 23.26
CA ALA V 167 -30.72 -30.14 23.48
C ALA V 167 -29.52 -30.99 23.11
N VAL V 168 -29.29 -32.06 23.91
CA VAL V 168 -28.17 -32.99 23.69
C VAL V 168 -28.10 -33.48 22.23
N GLU V 169 -29.27 -33.68 21.63
CA GLU V 169 -29.32 -34.19 20.28
C GLU V 169 -28.87 -33.15 19.26
N ALA V 170 -29.28 -31.90 19.47
CA ALA V 170 -28.82 -30.83 18.61
C ALA V 170 -27.29 -30.70 18.73
N LEU V 171 -26.77 -30.61 19.96
CA LEU V 171 -25.32 -30.59 20.17
C LEU V 171 -24.63 -31.77 19.49
N TYR V 172 -25.29 -32.94 19.49
CA TYR V 172 -24.77 -34.10 18.77
C TYR V 172 -24.76 -33.82 17.26
N ASP V 173 -25.85 -33.24 16.76
CA ASP V 173 -25.99 -32.87 15.37
C ASP V 173 -24.98 -31.79 14.91
N ALA V 174 -24.62 -30.91 15.85
CA ALA V 174 -23.68 -29.85 15.62
C ALA V 174 -22.29 -30.45 15.36
N ALA V 175 -21.87 -31.28 16.31
CA ALA V 175 -20.53 -31.87 16.23
C ALA V 175 -20.41 -32.78 15.03
N ASP V 176 -21.55 -33.16 14.49
CA ASP V 176 -21.60 -34.07 13.37
C ASP V 176 -21.19 -33.35 12.11
N ASP V 177 -21.24 -32.02 12.15
CA ASP V 177 -21.03 -31.19 10.99
C ASP V 177 -19.98 -30.10 11.21
N ASP V 178 -19.92 -29.60 12.45
CA ASP V 178 -18.91 -28.59 12.84
C ASP V 178 -17.73 -29.24 13.55
N SER V 179 -16.62 -29.36 12.83
CA SER V 179 -15.41 -29.95 13.38
C SER V 179 -14.89 -29.23 14.61
N ALA V 180 -15.42 -28.07 14.91
CA ALA V 180 -14.93 -27.30 16.05
C ALA V 180 -15.85 -27.41 17.23
N THR V 181 -16.85 -28.31 17.14
CA THR V 181 -17.86 -28.46 18.19
C THR V 181 -17.63 -29.63 19.15
N GLY V 182 -17.34 -30.81 18.63
CA GLY V 182 -17.01 -31.93 19.51
C GLY V 182 -18.17 -32.62 20.23
N GLY V 183 -18.45 -33.84 19.80
CA GLY V 183 -19.53 -34.62 20.36
C GLY V 183 -19.13 -35.32 21.64
N PRO V 184 -19.90 -36.33 22.06
CA PRO V 184 -19.63 -36.98 23.34
C PRO V 184 -18.46 -37.96 23.20
N ASP V 185 -17.56 -37.91 24.17
CA ASP V 185 -16.37 -38.76 24.18
C ASP V 185 -16.64 -39.98 25.07
N LEU V 186 -17.04 -41.09 24.47
CA LEU V 186 -17.26 -42.29 25.26
C LEU V 186 -15.92 -42.85 25.74
N VAL V 187 -14.96 -42.96 24.83
CA VAL V 187 -13.62 -43.42 25.16
C VAL V 187 -13.04 -42.72 26.38
N ARG V 188 -13.41 -41.47 26.58
CA ARG V 188 -12.84 -40.68 27.68
C ARG V 188 -13.89 -40.33 28.74
N GLY V 189 -15.16 -40.58 28.41
CA GLY V 189 -16.26 -40.32 29.35
C GLY V 189 -16.50 -38.85 29.61
N ILE V 190 -16.44 -38.04 28.54
CA ILE V 190 -16.69 -36.59 28.59
C ILE V 190 -17.97 -36.29 27.80
N PHE V 191 -18.87 -35.53 28.41
CA PHE V 191 -20.17 -35.25 27.83
C PHE V 191 -20.52 -33.75 27.93
N PRO V 192 -21.38 -33.24 27.03
CA PRO V 192 -21.77 -31.80 27.10
C PRO V 192 -22.32 -31.47 28.49
N THR V 193 -22.08 -30.26 28.98
CA THR V 193 -22.67 -29.81 30.25
C THR V 193 -24.02 -29.15 29.98
N ALA V 194 -24.89 -29.12 31.00
CA ALA V 194 -26.19 -28.42 30.89
C ALA V 194 -26.67 -27.84 32.20
N VAL V 195 -27.67 -26.97 32.07
CA VAL V 195 -28.30 -26.29 33.20
C VAL V 195 -29.80 -26.19 32.91
N ILE V 196 -30.62 -26.38 33.94
CA ILE V 196 -32.06 -26.23 33.82
C ILE V 196 -32.56 -25.19 34.79
N ILE V 197 -33.53 -24.40 34.33
CA ILE V 197 -34.14 -23.38 35.16
C ILE V 197 -35.67 -23.46 35.11
N ASP V 198 -36.28 -23.55 36.29
CA ASP V 198 -37.74 -23.49 36.44
C ASP V 198 -38.02 -22.66 37.68
N ALA V 199 -39.27 -22.63 38.13
CA ALA V 199 -39.69 -21.83 39.28
C ALA V 199 -38.79 -22.01 40.49
N ASP V 200 -38.16 -23.17 40.58
CA ASP V 200 -37.35 -23.55 41.74
C ASP V 200 -35.94 -22.98 41.70
N GLY V 201 -35.45 -22.66 40.51
CA GLY V 201 -34.13 -22.10 40.35
C GLY V 201 -33.35 -22.74 39.22
N ALA V 202 -32.04 -22.50 39.21
CA ALA V 202 -31.16 -23.06 38.19
C ALA V 202 -30.29 -24.13 38.80
N VAL V 203 -30.21 -25.28 38.14
CA VAL V 203 -29.45 -26.40 38.65
C VAL V 203 -28.67 -27.06 37.54
N ASP V 204 -27.46 -27.52 37.89
CA ASP V 204 -26.61 -28.28 37.01
C ASP V 204 -27.19 -29.66 36.74
N VAL V 205 -27.44 -29.96 35.47
CA VAL V 205 -27.89 -31.28 35.08
C VAL V 205 -26.75 -32.27 35.25
N PRO V 206 -26.95 -33.31 36.09
CA PRO V 206 -25.88 -34.29 36.32
C PRO V 206 -25.49 -35.02 35.04
N GLU V 207 -24.21 -35.34 34.91
CA GLU V 207 -23.72 -35.91 33.65
C GLU V 207 -24.34 -37.26 33.35
N SER V 208 -24.72 -37.97 34.41
CA SER V 208 -25.40 -39.26 34.33
C SER V 208 -26.54 -39.21 33.33
N ARG V 209 -27.51 -38.32 33.58
CA ARG V 209 -28.68 -38.19 32.73
C ARG V 209 -28.27 -37.79 31.31
N ILE V 210 -27.21 -37.01 31.20
CA ILE V 210 -26.71 -36.57 29.90
C ILE V 210 -26.01 -37.73 29.18
N ALA V 211 -25.07 -38.37 29.87
CA ALA V 211 -24.32 -39.49 29.33
C ALA V 211 -25.26 -40.57 28.82
N GLU V 212 -26.29 -40.83 29.63
CA GLU V 212 -27.34 -41.76 29.29
C GLU V 212 -28.01 -41.32 27.99
N LEU V 213 -28.65 -40.15 28.05
CA LEU V 213 -29.27 -39.55 26.87
C LEU V 213 -28.41 -39.55 25.62
N ALA V 214 -27.12 -39.33 25.78
CA ALA V 214 -26.16 -39.35 24.66
C ALA V 214 -26.12 -40.72 24.01
N ARG V 215 -25.93 -41.76 24.82
CA ARG V 215 -25.81 -43.13 24.34
C ARG V 215 -27.08 -43.58 23.64
N ALA V 216 -28.20 -43.07 24.13
CA ALA V 216 -29.48 -43.25 23.48
C ALA V 216 -29.42 -42.76 22.04
N ILE V 217 -29.02 -41.50 21.85
CA ILE V 217 -28.87 -40.87 20.53
C ILE V 217 -27.91 -41.66 19.66
N ILE V 218 -26.77 -42.00 20.23
CA ILE V 218 -25.73 -42.75 19.54
C ILE V 218 -26.24 -44.09 19.00
N GLU V 219 -26.91 -44.85 19.86
CA GLU V 219 -27.46 -46.15 19.47
C GLU V 219 -28.52 -46.03 18.40
N SER V 220 -29.51 -45.14 18.60
CA SER V 220 -30.61 -44.98 17.65
C SER V 220 -30.13 -44.54 16.29
N ARG V 221 -29.16 -43.63 16.25
CA ARG V 221 -28.56 -43.21 14.99
C ARG V 221 -27.63 -44.29 14.44
N SER V 222 -27.07 -45.10 15.33
CA SER V 222 -26.15 -46.20 15.01
C SER V 222 -26.87 -47.33 14.29
N SER W 11 7.95 -42.11 -60.47
CA SER W 11 7.83 -43.58 -60.20
C SER W 11 8.19 -43.90 -58.75
N PRO W 12 7.28 -43.58 -57.81
CA PRO W 12 7.42 -43.79 -56.35
C PRO W 12 8.14 -45.09 -55.98
N GLU W 13 7.72 -46.20 -56.60
CA GLU W 13 8.32 -47.52 -56.35
C GLU W 13 9.77 -47.60 -56.83
N GLN W 14 9.98 -47.20 -58.09
CA GLN W 14 11.30 -47.22 -58.67
C GLN W 14 12.21 -46.18 -58.03
N ALA W 15 11.62 -45.08 -57.56
CA ALA W 15 12.35 -44.06 -56.82
C ALA W 15 13.02 -44.64 -55.58
N MET W 16 12.26 -45.38 -54.79
CA MET W 16 12.78 -46.03 -53.57
C MET W 16 13.92 -47.01 -53.85
N ARG W 17 13.91 -47.60 -55.05
CA ARG W 17 14.94 -48.57 -55.41
C ARG W 17 16.28 -47.89 -55.69
N GLU W 18 16.22 -46.69 -56.26
CA GLU W 18 17.41 -45.88 -56.50
C GLU W 18 18.05 -45.39 -55.21
N ARG W 19 17.20 -45.01 -54.26
CA ARG W 19 17.64 -44.59 -52.92
C ARG W 19 18.42 -45.73 -52.25
N SER W 20 17.79 -46.90 -52.23
CA SER W 20 18.39 -48.13 -51.69
C SER W 20 19.74 -48.40 -52.33
N GLU W 21 19.74 -48.40 -53.67
CA GLU W 21 20.95 -48.53 -54.48
C GLU W 21 22.09 -47.62 -54.02
N LEU W 22 21.86 -46.31 -54.13
CA LEU W 22 22.85 -45.30 -53.76
C LEU W 22 23.45 -45.58 -52.39
N ALA W 23 22.58 -45.80 -51.40
CA ALA W 23 23.01 -46.05 -50.03
C ALA W 23 23.82 -47.33 -49.93
N ARG W 24 23.29 -48.42 -50.47
CA ARG W 24 23.92 -49.74 -50.38
C ARG W 24 25.34 -49.78 -50.98
N LYS W 25 25.54 -49.03 -52.08
CA LYS W 25 26.85 -48.88 -52.70
C LYS W 25 27.83 -48.18 -51.76
N GLY W 26 27.42 -47.03 -51.23
CA GLY W 26 28.22 -46.28 -50.27
C GLY W 26 28.69 -47.13 -49.10
N ILE W 27 27.80 -47.98 -48.59
CA ILE W 27 28.12 -48.90 -47.50
C ILE W 27 29.24 -49.86 -47.94
N ALA W 28 29.12 -50.37 -49.16
CA ALA W 28 30.09 -51.31 -49.73
C ALA W 28 31.49 -50.70 -49.82
N ARG W 29 31.61 -49.52 -50.44
CA ARG W 29 32.92 -48.86 -50.62
C ARG W 29 33.55 -48.39 -49.29
N ALA W 30 32.77 -48.37 -48.21
CA ALA W 30 33.30 -48.02 -46.89
C ALA W 30 34.01 -49.21 -46.25
N LYS W 31 34.78 -48.93 -45.20
CA LYS W 31 35.55 -49.92 -44.46
C LYS W 31 34.64 -50.91 -43.72
N SER W 32 35.24 -51.90 -43.07
CA SER W 32 34.47 -52.93 -42.36
C SER W 32 34.50 -52.79 -40.84
N VAL W 33 33.37 -53.12 -40.20
CA VAL W 33 33.24 -53.09 -38.74
C VAL W 33 32.54 -54.36 -38.26
N VAL W 34 33.00 -54.90 -37.12
CA VAL W 34 32.44 -56.11 -36.56
C VAL W 34 32.23 -56.00 -35.06
N ALA W 35 31.12 -56.56 -34.60
CA ALA W 35 30.84 -56.68 -33.17
C ALA W 35 30.40 -58.11 -32.88
N LEU W 36 30.76 -58.62 -31.71
CA LEU W 36 30.40 -59.99 -31.32
C LEU W 36 30.35 -60.18 -29.82
N ALA W 37 29.54 -61.15 -29.39
CA ALA W 37 29.40 -61.49 -27.98
C ALA W 37 30.48 -62.46 -27.51
N TYR W 38 31.05 -62.18 -26.35
CA TYR W 38 32.07 -63.04 -25.75
C TYR W 38 31.89 -63.05 -24.24
N ALA W 39 32.66 -63.90 -23.55
CA ALA W 39 32.54 -64.08 -22.09
C ALA W 39 32.40 -62.79 -21.29
N GLY W 40 33.28 -61.82 -21.53
CA GLY W 40 33.29 -60.57 -20.77
C GLY W 40 32.21 -59.55 -21.12
N GLY W 41 31.52 -59.77 -22.24
CA GLY W 41 30.45 -58.88 -22.67
C GLY W 41 30.30 -58.77 -24.18
N VAL W 42 30.72 -57.64 -24.74
CA VAL W 42 30.67 -57.40 -26.20
C VAL W 42 31.97 -56.76 -26.70
N LEU W 43 32.47 -57.26 -27.82
CA LEU W 43 33.70 -56.75 -28.42
C LEU W 43 33.44 -55.97 -29.71
N PHE W 44 34.03 -54.78 -29.78
CA PHE W 44 33.95 -53.92 -30.96
C PHE W 44 35.31 -53.81 -31.66
N VAL W 45 35.34 -54.25 -32.91
CA VAL W 45 36.56 -54.24 -33.72
C VAL W 45 36.24 -53.71 -35.12
N ALA W 46 36.99 -52.69 -35.53
CA ALA W 46 36.78 -52.04 -36.82
C ALA W 46 38.12 -51.57 -37.37
N GLU W 47 38.34 -51.79 -38.66
CA GLU W 47 39.54 -51.24 -39.31
C GLU W 47 39.40 -49.74 -39.51
N ASN W 48 40.32 -49.00 -38.90
CA ASN W 48 40.31 -47.56 -38.95
C ASN W 48 41.73 -47.02 -38.89
N PRO W 49 42.23 -46.52 -40.04
CA PRO W 49 43.57 -45.95 -40.10
C PRO W 49 43.68 -44.67 -39.24
N SER W 50 42.61 -43.87 -39.21
CA SER W 50 42.61 -42.60 -38.48
C SER W 50 42.89 -42.76 -37.00
N ARG W 51 43.55 -41.76 -36.42
CA ARG W 51 43.84 -41.72 -35.00
C ARG W 51 42.66 -41.18 -34.19
N SER W 52 41.87 -40.30 -34.80
CA SER W 52 40.90 -39.51 -34.09
C SER W 52 39.46 -39.81 -34.53
N LEU W 53 39.27 -40.02 -35.83
CA LEU W 53 37.94 -40.23 -36.40
C LEU W 53 37.46 -41.65 -36.12
N GLN W 54 36.78 -41.80 -34.99
CA GLN W 54 36.41 -43.11 -34.48
C GLN W 54 35.05 -43.57 -34.96
N LYS W 55 34.92 -44.87 -35.12
CA LYS W 55 33.71 -45.50 -35.65
C LYS W 55 32.96 -46.25 -34.54
N ILE W 56 33.57 -46.32 -33.35
CA ILE W 56 32.99 -47.01 -32.19
C ILE W 56 32.97 -46.06 -30.98
N SER W 57 31.81 -45.97 -30.32
CA SER W 57 31.67 -45.06 -29.20
C SER W 57 30.71 -45.57 -28.10
N GLU W 58 30.83 -44.96 -26.92
CA GLU W 58 29.94 -45.20 -25.79
C GLU W 58 28.64 -44.43 -26.03
N LEU W 59 27.53 -44.96 -25.54
CA LEU W 59 26.25 -44.23 -25.57
C LEU W 59 25.80 -43.94 -24.15
N TYR W 60 25.51 -44.98 -23.41
CA TYR W 60 25.10 -44.85 -22.04
C TYR W 60 25.78 -45.96 -21.22
N ASP W 61 25.60 -45.94 -19.90
CA ASP W 61 26.19 -46.90 -18.98
C ASP W 61 26.61 -48.26 -19.55
N ARG W 62 25.63 -49.02 -20.03
CA ARG W 62 25.90 -50.39 -20.46
C ARG W 62 25.60 -50.58 -21.94
N VAL W 63 25.41 -49.49 -22.66
CA VAL W 63 25.06 -49.59 -24.09
C VAL W 63 26.11 -48.90 -24.96
N GLY W 64 26.39 -49.49 -26.12
CA GLY W 64 27.47 -49.04 -26.99
C GLY W 64 27.13 -48.92 -28.46
N PHE W 65 27.90 -48.08 -29.15
CA PHE W 65 27.63 -47.66 -30.53
C PHE W 65 28.80 -48.05 -31.42
N ALA W 66 28.47 -48.54 -32.61
CA ALA W 66 29.46 -48.76 -33.68
C ALA W 66 28.76 -48.71 -35.02
N ALA W 67 29.42 -48.10 -36.01
CA ALA W 67 28.82 -47.91 -37.32
C ALA W 67 29.86 -47.88 -38.44
N ALA W 68 29.46 -48.34 -39.62
CA ALA W 68 30.28 -48.24 -40.84
C ALA W 68 29.61 -47.33 -41.88
N GLY W 69 30.40 -46.61 -42.67
CA GLY W 69 29.87 -45.74 -43.72
C GLY W 69 30.42 -44.33 -43.69
N LYS W 70 29.65 -43.38 -44.24
CA LYS W 70 30.08 -41.98 -44.32
C LYS W 70 30.13 -41.33 -42.92
N PHE W 71 31.36 -41.01 -42.47
CA PHE W 71 31.61 -40.55 -41.09
C PHE W 71 30.66 -39.47 -40.61
N ASN W 72 30.71 -38.31 -41.24
CA ASN W 72 29.94 -37.16 -40.79
C ASN W 72 28.45 -37.48 -40.59
N GLU W 73 27.99 -38.51 -41.29
CA GLU W 73 26.61 -38.97 -41.17
C GLU W 73 26.41 -39.80 -39.91
N PHE W 74 27.19 -40.86 -39.72
CA PHE W 74 27.00 -41.68 -38.51
C PHE W 74 27.40 -40.98 -37.24
N ASP W 75 28.42 -40.13 -37.29
CA ASP W 75 28.86 -39.40 -36.10
C ASP W 75 27.75 -38.46 -35.64
N ASN W 76 26.95 -38.01 -36.60
CA ASN W 76 25.75 -37.25 -36.34
C ASN W 76 24.78 -38.08 -35.50
N LEU W 77 24.37 -39.23 -36.04
CA LEU W 77 23.51 -40.18 -35.33
C LEU W 77 24.09 -40.55 -33.96
N ARG W 78 25.39 -40.79 -33.91
CA ARG W 78 26.05 -41.06 -32.64
C ARG W 78 25.73 -39.99 -31.60
N ARG W 79 25.98 -38.73 -31.97
CA ARG W 79 25.70 -37.61 -31.06
C ARG W 79 24.23 -37.62 -30.64
N GLY W 80 23.33 -37.81 -31.61
CA GLY W 80 21.89 -37.88 -31.35
C GLY W 80 21.54 -38.92 -30.30
N GLY W 81 22.13 -40.11 -30.45
CA GLY W 81 21.97 -41.20 -29.50
C GLY W 81 22.38 -40.77 -28.10
N ILE W 82 23.62 -40.27 -27.98
CA ILE W 82 24.13 -39.78 -26.70
C ILE W 82 23.19 -38.73 -26.12
N GLN W 83 22.70 -37.85 -27.00
CA GLN W 83 21.69 -36.86 -26.65
C GLN W 83 20.43 -37.48 -26.04
N PHE W 84 19.84 -38.40 -26.80
CA PHE W 84 18.64 -39.09 -26.40
C PHE W 84 18.84 -39.82 -25.07
N ALA W 85 19.90 -40.62 -24.99
CA ALA W 85 20.19 -41.46 -23.82
C ALA W 85 20.29 -40.62 -22.55
N ASP W 86 21.18 -39.63 -22.59
CA ASP W 86 21.40 -38.74 -21.47
C ASP W 86 20.13 -38.07 -20.98
N THR W 87 19.28 -37.61 -21.90
CA THR W 87 18.03 -36.92 -21.50
C THR W 87 17.09 -37.89 -20.85
N ARG W 88 16.87 -39.00 -21.55
CA ARG W 88 16.01 -40.08 -21.12
C ARG W 88 16.36 -40.54 -19.69
N GLY W 89 17.67 -40.80 -19.48
CA GLY W 89 18.21 -41.12 -18.17
C GLY W 89 17.86 -40.10 -17.10
N TYR W 90 17.97 -38.81 -17.43
CA TYR W 90 17.70 -37.76 -16.44
C TYR W 90 16.22 -37.60 -16.18
N ALA W 91 15.41 -37.83 -17.21
CA ALA W 91 13.96 -37.77 -17.11
C ALA W 91 13.44 -38.82 -16.12
N TYR W 92 13.97 -40.02 -16.23
CA TYR W 92 13.49 -41.17 -15.45
C TYR W 92 14.56 -41.68 -14.48
N ASP W 93 15.25 -42.73 -14.87
CA ASP W 93 16.46 -43.16 -14.17
C ASP W 93 17.47 -43.74 -15.14
N ARG W 94 18.74 -43.68 -14.78
CA ARG W 94 19.82 -44.26 -15.56
C ARG W 94 19.44 -45.66 -16.01
N ARG W 95 18.86 -46.42 -15.10
CA ARG W 95 18.54 -47.83 -15.32
C ARG W 95 17.43 -48.07 -16.35
N ASP W 96 16.81 -46.99 -16.82
CA ASP W 96 15.68 -47.10 -17.74
C ASP W 96 16.05 -46.91 -19.20
N VAL W 97 17.35 -46.79 -19.49
CA VAL W 97 17.85 -46.70 -20.86
C VAL W 97 18.22 -48.10 -21.33
N THR W 98 17.83 -48.50 -22.53
CA THR W 98 17.98 -49.91 -22.88
C THR W 98 18.77 -50.22 -24.13
N GLY W 99 19.01 -49.26 -25.00
CA GLY W 99 19.73 -49.57 -26.23
C GLY W 99 18.90 -50.40 -27.20
N ARG W 100 17.96 -51.16 -26.65
CA ARG W 100 16.84 -51.61 -27.44
C ARG W 100 16.06 -50.36 -27.83
N GLN W 101 15.94 -49.43 -26.87
CA GLN W 101 15.36 -48.11 -27.08
C GLN W 101 16.10 -47.36 -28.17
N LEU W 102 17.42 -47.28 -28.03
CA LEU W 102 18.25 -46.56 -28.98
C LEU W 102 18.18 -47.15 -30.38
N ALA W 103 18.07 -48.47 -30.46
CA ALA W 103 17.87 -49.14 -31.74
C ALA W 103 16.59 -48.67 -32.42
N ASN W 104 15.50 -48.57 -31.66
CA ASN W 104 14.23 -48.04 -32.18
C ASN W 104 14.39 -46.63 -32.70
N VAL W 105 14.93 -45.76 -31.84
CA VAL W 105 15.17 -44.36 -32.19
C VAL W 105 15.97 -44.25 -33.48
N TYR W 106 17.03 -45.05 -33.59
CA TYR W 106 17.84 -45.04 -34.80
C TYR W 106 17.05 -45.53 -36.00
N ALA W 107 16.28 -46.60 -35.79
CA ALA W 107 15.41 -47.14 -36.84
C ALA W 107 14.44 -46.07 -37.31
N GLN W 108 13.90 -45.32 -36.35
CA GLN W 108 12.95 -44.25 -36.62
C GLN W 108 13.59 -43.14 -37.43
N THR W 109 14.73 -42.68 -36.96
CA THR W 109 15.48 -41.60 -37.58
C THR W 109 15.89 -41.93 -39.01
N LEU W 110 16.61 -43.04 -39.16
CA LEU W 110 17.06 -43.50 -40.48
C LEU W 110 15.88 -43.77 -41.40
N GLY W 111 14.79 -44.23 -40.81
CA GLY W 111 13.54 -44.46 -41.54
C GLY W 111 13.03 -43.17 -42.18
N THR W 112 12.90 -42.14 -41.35
CA THR W 112 12.53 -40.79 -41.80
C THR W 112 13.47 -40.28 -42.89
N ILE W 113 14.78 -40.31 -42.59
CA ILE W 113 15.80 -39.83 -43.52
C ILE W 113 15.68 -40.47 -44.89
N PHE W 114 15.50 -41.79 -44.92
CA PHE W 114 15.36 -42.55 -46.17
C PHE W 114 14.16 -42.11 -47.00
N THR W 115 13.26 -41.34 -46.40
CA THR W 115 12.05 -40.84 -47.07
C THR W 115 12.13 -39.31 -47.27
N GLU W 116 12.33 -38.60 -46.17
CA GLU W 116 12.33 -37.14 -46.10
C GLU W 116 13.53 -36.47 -46.75
N GLN W 117 14.73 -36.85 -46.32
CA GLN W 117 15.94 -36.20 -46.82
C GLN W 117 16.16 -36.49 -48.30
N ALA W 118 16.78 -35.55 -48.99
CA ALA W 118 17.02 -35.68 -50.42
C ALA W 118 17.80 -36.96 -50.68
N LYS W 119 18.98 -37.05 -50.06
CA LYS W 119 19.85 -38.22 -50.21
C LYS W 119 19.86 -39.00 -48.89
N PRO W 120 19.64 -40.33 -48.96
CA PRO W 120 19.60 -41.17 -47.76
C PRO W 120 20.97 -41.34 -47.14
N TYR W 121 20.99 -41.58 -45.83
CA TYR W 121 22.23 -41.79 -45.10
C TYR W 121 22.96 -43.05 -45.57
N GLU W 122 24.25 -42.89 -45.84
CA GLU W 122 25.08 -44.02 -46.23
C GLU W 122 25.77 -44.59 -45.00
N VAL W 123 24.98 -45.24 -44.16
CA VAL W 123 25.47 -45.81 -42.90
C VAL W 123 24.80 -47.15 -42.58
N GLU W 124 25.41 -47.87 -41.64
CA GLU W 124 24.82 -49.06 -41.04
C GLU W 124 25.31 -49.14 -39.61
N LEU W 125 24.35 -49.32 -38.70
CA LEU W 125 24.61 -49.11 -37.29
C LEU W 125 24.52 -50.38 -36.47
N CYS W 126 25.18 -50.35 -35.32
CA CYS W 126 25.05 -51.42 -34.36
C CYS W 126 24.98 -50.87 -32.96
N VAL W 127 23.92 -51.23 -32.27
CA VAL W 127 23.74 -50.86 -30.88
C VAL W 127 23.83 -52.14 -30.05
N ALA W 128 24.66 -52.10 -29.01
CA ALA W 128 24.94 -53.28 -28.21
C ALA W 128 24.80 -52.99 -26.71
N GLU W 129 24.10 -53.88 -26.02
CA GLU W 129 23.91 -53.72 -24.58
C GLU W 129 24.39 -54.97 -23.86
N VAL W 130 24.89 -54.77 -22.65
CA VAL W 130 25.47 -55.86 -21.85
C VAL W 130 25.15 -55.68 -20.37
N ALA W 131 24.43 -56.65 -19.80
CA ALA W 131 23.92 -56.66 -18.42
C ALA W 131 24.61 -55.74 -17.41
N HIS W 132 23.81 -55.17 -16.49
CA HIS W 132 24.33 -54.35 -15.39
C HIS W 132 25.29 -55.16 -14.54
N TYR W 133 26.07 -54.48 -13.71
CA TYR W 133 27.17 -55.10 -12.96
C TYR W 133 26.88 -56.49 -12.36
N GLY W 134 26.19 -56.55 -11.22
CA GLY W 134 25.91 -57.82 -10.55
C GLY W 134 25.13 -58.81 -11.41
N GLU W 135 24.06 -58.30 -12.02
CA GLU W 135 23.18 -59.06 -12.91
C GLU W 135 23.94 -59.89 -13.95
N THR W 136 23.34 -60.98 -14.39
CA THR W 136 23.84 -61.73 -15.55
C THR W 136 22.74 -61.90 -16.58
N LYS W 137 22.99 -61.39 -17.78
CA LYS W 137 22.02 -61.48 -18.88
C LYS W 137 22.76 -61.59 -20.20
N ARG W 138 22.11 -62.25 -21.15
CA ARG W 138 22.62 -62.51 -22.48
C ARG W 138 22.87 -61.19 -23.22
N PRO W 139 24.14 -60.81 -23.44
CA PRO W 139 24.44 -59.59 -24.19
C PRO W 139 23.64 -59.47 -25.49
N GLU W 140 23.18 -58.25 -25.80
CA GLU W 140 22.29 -58.04 -26.93
C GLU W 140 22.90 -57.18 -28.03
N LEU W 141 22.65 -57.56 -29.28
CA LEU W 141 23.16 -56.85 -30.44
C LEU W 141 22.05 -56.48 -31.42
N TYR W 142 22.01 -55.21 -31.83
CA TYR W 142 21.03 -54.71 -32.79
C TYR W 142 21.67 -54.07 -34.00
N ARG W 143 21.16 -54.43 -35.18
CA ARG W 143 21.66 -53.84 -36.42
C ARG W 143 20.56 -53.03 -37.08
N ILE W 144 20.87 -51.76 -37.34
CA ILE W 144 19.96 -50.86 -38.02
C ILE W 144 20.52 -50.50 -39.39
N THR W 145 19.77 -50.80 -40.44
CA THR W 145 20.23 -50.49 -41.80
C THR W 145 19.81 -49.09 -42.21
N TYR W 146 20.28 -48.67 -43.39
CA TYR W 146 20.03 -47.32 -43.93
C TYR W 146 18.54 -47.00 -44.12
N ASP W 147 17.73 -48.00 -44.44
CA ASP W 147 16.32 -47.80 -44.76
C ASP W 147 15.44 -47.79 -43.51
N GLY W 148 16.06 -47.95 -42.35
CA GLY W 148 15.35 -47.92 -41.07
C GLY W 148 14.93 -49.30 -40.58
N SER W 149 15.34 -50.34 -41.31
CA SER W 149 15.08 -51.71 -40.91
C SER W 149 15.96 -52.06 -39.71
N ILE W 150 15.42 -52.89 -38.83
CA ILE W 150 16.09 -53.25 -37.58
C ILE W 150 15.95 -54.73 -37.28
N ALA W 151 17.08 -55.37 -36.98
CA ALA W 151 17.13 -56.80 -36.62
C ALA W 151 18.10 -56.99 -35.46
N ASP W 152 17.90 -58.05 -34.68
CA ASP W 152 18.84 -58.37 -33.59
C ASP W 152 19.51 -59.74 -33.68
N GLU W 153 20.76 -59.76 -34.13
CA GLU W 153 21.55 -60.98 -34.13
C GLU W 153 21.88 -61.40 -32.70
N PRO W 154 21.90 -62.71 -32.43
CA PRO W 154 22.15 -63.22 -31.09
C PRO W 154 23.63 -63.40 -30.76
N HIS W 155 24.48 -63.47 -31.79
CA HIS W 155 25.89 -63.81 -31.60
C HIS W 155 26.88 -62.77 -32.08
N PHE W 156 26.73 -62.33 -33.33
CA PHE W 156 27.65 -61.37 -33.92
C PHE W 156 26.99 -60.53 -35.03
N VAL W 157 27.54 -59.34 -35.25
CA VAL W 157 27.06 -58.42 -36.29
C VAL W 157 28.19 -57.90 -37.16
N VAL W 158 28.01 -57.99 -38.47
CA VAL W 158 28.98 -57.52 -39.46
C VAL W 158 28.35 -56.40 -40.30
N MET W 159 29.16 -55.42 -40.68
CA MET W 159 28.71 -54.28 -41.50
C MET W 159 29.85 -53.53 -42.17
N GLY W 160 29.57 -53.03 -43.38
CA GLY W 160 30.53 -52.24 -44.13
C GLY W 160 31.38 -53.12 -45.04
N GLY W 161 31.55 -52.69 -46.29
CA GLY W 161 32.28 -53.45 -47.29
C GLY W 161 31.57 -54.74 -47.68
N THR W 162 32.35 -55.73 -48.11
CA THR W 162 31.82 -57.05 -48.44
C THR W 162 31.69 -57.87 -47.15
N THR W 163 30.45 -58.13 -46.74
CA THR W 163 30.18 -58.86 -45.49
C THR W 163 30.27 -60.39 -45.60
N GLU W 164 29.79 -60.97 -46.70
CA GLU W 164 29.76 -62.44 -46.91
C GLU W 164 31.01 -63.15 -46.39
N PRO W 165 32.19 -62.85 -46.97
CA PRO W 165 33.43 -63.50 -46.52
C PRO W 165 33.78 -63.23 -45.04
N ILE W 166 33.49 -62.03 -44.55
CA ILE W 166 33.75 -61.66 -43.16
C ILE W 166 32.75 -62.34 -42.22
N ALA W 167 31.48 -62.35 -42.62
CA ALA W 167 30.39 -62.96 -41.85
C ALA W 167 30.45 -64.48 -41.91
N ASN W 168 30.84 -65.01 -43.06
CA ASN W 168 30.98 -66.46 -43.22
C ASN W 168 32.07 -67.02 -42.32
N ALA W 169 33.23 -66.36 -42.31
CA ALA W 169 34.34 -66.71 -41.44
C ALA W 169 33.90 -66.83 -39.97
N LEU W 170 33.01 -65.94 -39.55
CA LEU W 170 32.46 -65.95 -38.20
C LEU W 170 31.45 -67.07 -37.96
N LYS W 171 30.63 -67.38 -38.98
CA LYS W 171 29.64 -68.47 -38.88
C LYS W 171 30.28 -69.75 -38.37
N GLU W 172 31.61 -69.82 -38.44
CA GLU W 172 32.39 -70.98 -37.99
C GLU W 172 33.32 -70.63 -36.82
N SER W 173 34.14 -69.60 -37.00
CA SER W 173 35.14 -69.23 -35.99
C SER W 173 34.56 -68.67 -34.69
N TYR W 174 33.27 -68.32 -34.68
CA TYR W 174 32.61 -67.77 -33.49
C TYR W 174 32.60 -68.77 -32.33
N ALA W 175 33.42 -68.49 -31.32
CA ALA W 175 33.44 -69.27 -30.09
C ALA W 175 32.44 -68.66 -29.11
N GLU W 176 31.34 -69.39 -28.94
CA GLU W 176 30.19 -68.99 -28.12
C GLU W 176 30.59 -68.18 -26.89
N ASN W 177 31.45 -68.75 -26.07
CA ASN W 177 31.88 -68.10 -24.85
C ASN W 177 33.39 -67.82 -24.83
N ALA W 178 33.87 -67.19 -25.90
CA ALA W 178 35.30 -66.93 -26.09
C ALA W 178 35.92 -66.09 -24.98
N SER W 179 37.24 -65.94 -25.04
CA SER W 179 37.95 -65.02 -24.16
C SER W 179 38.12 -63.69 -24.88
N LEU W 180 38.48 -62.65 -24.14
CA LEU W 180 38.75 -61.35 -24.73
C LEU W 180 39.86 -61.44 -25.80
N THR W 181 40.95 -62.13 -25.47
CA THR W 181 42.05 -62.33 -26.39
C THR W 181 41.71 -63.37 -27.48
N ASP W 182 40.80 -64.28 -27.15
CA ASP W 182 40.34 -65.30 -28.11
C ASP W 182 39.38 -64.71 -29.15
N ALA W 183 38.38 -63.96 -28.67
CA ALA W 183 37.39 -63.34 -29.55
C ALA W 183 38.01 -62.27 -30.45
N LEU W 184 39.00 -61.55 -29.93
CA LEU W 184 39.74 -60.56 -30.70
C LEU W 184 40.49 -61.25 -31.84
N ARG W 185 41.13 -62.37 -31.53
CA ARG W 185 41.82 -63.22 -32.51
C ARG W 185 40.83 -63.70 -33.58
N ILE W 186 39.73 -64.31 -33.14
CA ILE W 186 38.64 -64.74 -34.01
C ILE W 186 38.15 -63.61 -34.93
N ALA W 187 37.95 -62.42 -34.36
CA ALA W 187 37.46 -61.25 -35.09
C ALA W 187 38.43 -60.76 -36.18
N VAL W 188 39.61 -60.28 -35.79
CA VAL W 188 40.59 -59.73 -36.74
C VAL W 188 40.93 -60.71 -37.88
N ALA W 189 40.88 -62.01 -37.57
CA ALA W 189 41.04 -63.05 -38.58
C ALA W 189 39.86 -63.07 -39.55
N ALA W 190 38.65 -63.15 -39.01
CA ALA W 190 37.42 -63.11 -39.80
C ALA W 190 37.30 -61.85 -40.66
N LEU W 191 37.89 -60.75 -40.16
CA LEU W 191 37.91 -59.47 -40.86
C LEU W 191 38.79 -59.53 -42.11
N ARG W 192 40.01 -60.06 -41.95
CA ARG W 192 40.96 -60.26 -43.04
C ARG W 192 40.40 -61.12 -44.18
N ALA W 193 39.40 -61.96 -43.87
CA ALA W 193 38.77 -62.83 -44.87
C ALA W 193 38.14 -62.03 -46.01
N GLY W 194 37.59 -60.86 -45.70
CA GLY W 194 37.08 -59.92 -46.69
C GLY W 194 38.07 -58.81 -47.01
N SER W 195 39.19 -59.17 -47.66
CA SER W 195 40.27 -58.25 -48.01
C SER W 195 41.03 -58.74 -49.26
N LEU W 206 48.55 -55.95 -43.22
CA LEU W 206 47.09 -55.84 -43.03
C LEU W 206 46.65 -56.29 -41.63
N GLY W 207 45.61 -55.65 -41.11
CA GLY W 207 45.07 -55.92 -39.77
C GLY W 207 46.04 -55.71 -38.62
N VAL W 208 46.88 -54.68 -38.71
CA VAL W 208 47.90 -54.43 -37.68
C VAL W 208 47.30 -53.60 -36.52
N ALA W 209 48.09 -53.32 -35.49
CA ALA W 209 47.67 -52.52 -34.32
C ALA W 209 47.34 -51.08 -34.71
N SER W 210 47.03 -50.89 -35.99
CA SER W 210 46.56 -49.62 -36.51
C SER W 210 45.10 -49.76 -37.00
N LEU W 211 44.19 -49.89 -36.03
CA LEU W 211 42.75 -49.91 -36.25
C LEU W 211 42.05 -49.54 -34.94
N GLU W 212 40.75 -49.82 -34.82
CA GLU W 212 39.95 -49.35 -33.69
C GLU W 212 39.29 -50.47 -32.91
N VAL W 213 39.58 -50.54 -31.61
CA VAL W 213 39.08 -51.60 -30.74
C VAL W 213 38.58 -51.04 -29.39
N ALA W 214 37.41 -51.50 -28.97
CA ALA W 214 36.86 -51.19 -27.66
C ALA W 214 35.91 -52.28 -27.22
N VAL W 215 35.65 -52.36 -25.92
CA VAL W 215 34.71 -53.37 -25.40
C VAL W 215 33.64 -52.86 -24.42
N LEU W 216 32.54 -53.59 -24.37
CA LEU W 216 31.55 -53.42 -23.33
C LEU W 216 31.80 -54.41 -22.21
N ASP W 217 32.67 -54.03 -21.28
CA ASP W 217 33.09 -54.89 -20.18
C ASP W 217 31.99 -55.02 -19.13
N ALA W 218 31.21 -56.10 -19.23
CA ALA W 218 30.11 -56.39 -18.29
C ALA W 218 30.55 -56.40 -16.83
N ASN W 219 31.85 -56.59 -16.60
CA ASN W 219 32.41 -56.68 -15.26
C ASN W 219 32.61 -55.32 -14.58
N ARG W 220 32.60 -54.24 -15.39
CA ARG W 220 32.71 -52.86 -14.89
C ARG W 220 31.54 -52.48 -13.99
N PRO W 221 31.80 -51.59 -12.99
CA PRO W 221 30.77 -51.24 -12.02
C PRO W 221 29.62 -50.44 -12.67
N ARG W 222 29.93 -49.28 -13.23
CA ARG W 222 28.92 -48.44 -13.86
C ARG W 222 29.09 -48.38 -15.37
N ARG W 223 30.04 -47.56 -15.83
CA ARG W 223 30.25 -47.35 -17.27
C ARG W 223 30.96 -48.52 -17.91
N ALA W 224 30.18 -49.37 -18.56
CA ALA W 224 30.68 -50.63 -19.10
C ALA W 224 31.46 -50.47 -20.40
N PHE W 225 32.05 -49.31 -20.62
CA PHE W 225 32.79 -49.08 -21.85
C PHE W 225 34.27 -48.97 -21.57
N ARG W 226 35.07 -49.41 -22.53
CA ARG W 226 36.52 -49.32 -22.42
C ARG W 226 37.15 -49.41 -23.82
N ARG W 227 37.95 -48.42 -24.17
CA ARG W 227 38.73 -48.45 -25.39
C ARG W 227 40.02 -49.23 -25.11
N ILE W 228 40.41 -50.08 -26.04
CA ILE W 228 41.69 -50.77 -25.93
C ILE W 228 42.74 -50.00 -26.75
N THR W 229 43.68 -49.40 -26.03
CA THR W 229 44.72 -48.53 -26.58
C THR W 229 45.73 -49.29 -27.48
N GLY W 230 46.93 -48.75 -27.69
CA GLY W 230 47.90 -49.36 -28.60
C GLY W 230 48.72 -50.49 -27.99
N SER W 231 49.47 -50.17 -26.94
CA SER W 231 50.36 -51.10 -26.27
C SER W 231 49.60 -52.29 -25.68
N ALA W 232 48.56 -52.01 -24.89
CA ALA W 232 47.66 -53.01 -24.27
C ALA W 232 46.98 -53.95 -25.28
N LEU W 233 46.70 -53.42 -26.47
CA LEU W 233 46.10 -54.18 -27.56
C LEU W 233 47.02 -55.30 -28.07
N GLN W 234 48.29 -54.95 -28.30
CA GLN W 234 49.28 -55.88 -28.84
C GLN W 234 49.30 -57.25 -28.15
N ALA W 235 49.24 -57.29 -26.81
CA ALA W 235 49.31 -58.61 -26.20
C ALA W 235 48.01 -59.35 -26.07
N LEU W 236 47.09 -58.98 -26.96
CA LEU W 236 45.89 -59.75 -27.24
C LEU W 236 45.82 -60.07 -28.73
N LEU W 237 46.49 -59.26 -29.55
CA LEU W 237 46.33 -59.25 -31.00
C LEU W 237 46.76 -60.55 -31.70
N VAL W 238 46.10 -60.85 -32.82
CA VAL W 238 46.33 -62.09 -33.63
C VAL W 238 47.48 -62.00 -34.67
N ASP W 239 48.34 -63.02 -34.67
CA ASP W 239 49.40 -63.20 -35.69
C ASP W 239 48.76 -63.52 -37.06
N GLN W 240 49.18 -62.80 -38.11
CA GLN W 240 48.70 -63.05 -39.49
C GLN W 240 49.68 -63.90 -40.29
N THR X 1 22.81 -26.13 8.05
CA THR X 1 23.78 -26.85 7.16
C THR X 1 25.17 -26.26 7.24
N THR X 2 26.14 -27.13 6.99
CA THR X 2 27.53 -26.75 6.82
C THR X 2 28.15 -27.75 5.91
N ILE X 3 28.77 -27.27 4.85
CA ILE X 3 29.57 -28.10 3.99
C ILE X 3 30.93 -27.44 4.08
N VAL X 4 31.97 -28.25 4.17
CA VAL X 4 33.31 -27.70 4.30
C VAL X 4 34.24 -28.39 3.35
N ALA X 5 35.22 -27.65 2.85
CA ALA X 5 36.27 -28.26 2.03
C ALA X 5 37.69 -27.82 2.41
N LEU X 6 38.59 -28.81 2.38
CA LEU X 6 39.99 -28.61 2.78
C LEU X 6 40.97 -29.02 1.70
N LYS X 7 42.02 -28.24 1.57
CA LYS X 7 43.10 -28.56 0.65
C LYS X 7 44.31 -28.99 1.47
N TYR X 8 44.82 -30.18 1.14
CA TYR X 8 46.06 -30.71 1.73
C TYR X 8 47.01 -31.07 0.60
N PRO X 9 48.32 -31.28 0.93
CA PRO X 9 49.35 -31.64 -0.07
C PRO X 9 48.94 -32.60 -1.19
N GLY X 10 48.37 -33.75 -0.84
CA GLY X 10 47.91 -34.71 -1.85
C GLY X 10 46.78 -34.24 -2.74
N GLY X 11 45.72 -33.70 -2.13
CA GLY X 11 44.56 -33.21 -2.87
C GLY X 11 43.58 -32.41 -2.04
N VAL X 12 42.31 -32.82 -2.08
CA VAL X 12 41.23 -32.14 -1.33
C VAL X 12 40.27 -33.09 -0.63
N VAL X 13 39.71 -32.61 0.47
CA VAL X 13 38.66 -33.32 1.19
C VAL X 13 37.44 -32.40 1.35
N MET X 14 36.24 -32.92 1.10
CA MET X 14 35.02 -32.19 1.38
C MET X 14 34.09 -33.02 2.22
N ALA X 15 33.48 -32.38 3.21
CA ALA X 15 32.60 -33.06 4.15
C ALA X 15 31.46 -32.16 4.57
N GLY X 16 30.25 -32.72 4.65
CA GLY X 16 29.09 -31.98 5.12
C GLY X 16 28.15 -32.79 5.99
N ASP X 17 27.47 -32.11 6.91
CA ASP X 17 26.52 -32.72 7.84
C ASP X 17 25.36 -33.36 7.12
N ARG X 18 24.36 -33.79 7.91
CA ARG X 18 23.20 -34.55 7.41
C ARG X 18 21.85 -33.98 7.84
N ARG X 19 21.87 -32.85 8.56
CA ARG X 19 20.64 -32.28 9.09
C ARG X 19 19.82 -31.62 7.98
N SER X 20 18.52 -31.75 8.11
CA SER X 20 17.61 -31.06 7.23
C SER X 20 16.51 -30.51 8.14
N THR X 21 16.39 -29.20 8.16
CA THR X 21 15.49 -28.50 9.07
C THR X 21 14.32 -27.86 8.31
N GLN X 22 13.26 -27.55 9.03
CA GLN X 22 12.12 -26.90 8.43
C GLN X 22 11.48 -26.07 9.52
N GLY X 23 11.85 -24.80 9.56
CA GLY X 23 11.52 -23.98 10.70
C GLY X 23 12.59 -24.33 11.70
N ASN X 24 12.20 -24.52 12.94
CA ASN X 24 13.15 -25.03 13.92
C ASN X 24 12.77 -26.47 14.27
N MET X 25 12.49 -27.24 13.24
CA MET X 25 11.93 -28.56 13.39
C MET X 25 12.76 -29.51 12.53
N ILE X 26 13.44 -30.45 13.18
CA ILE X 26 14.29 -31.39 12.45
C ILE X 26 13.42 -32.22 11.54
N SER X 27 13.78 -32.28 10.27
CA SER X 27 12.98 -32.95 9.26
C SER X 27 13.82 -33.93 8.46
N GLY X 28 15.10 -34.04 8.83
CA GLY X 28 16.03 -34.91 8.16
C GLY X 28 17.20 -35.13 9.10
N ARG X 29 17.73 -36.36 9.11
CA ARG X 29 18.88 -36.66 9.95
C ARG X 29 19.98 -37.41 9.22
N ASP X 30 19.77 -37.66 7.93
CA ASP X 30 20.72 -38.45 7.13
C ASP X 30 20.82 -38.02 5.69
N VAL X 31 20.75 -36.72 5.46
CA VAL X 31 20.79 -36.20 4.11
C VAL X 31 22.22 -36.29 3.62
N ARG X 32 22.40 -36.74 2.38
CA ARG X 32 23.74 -36.74 1.78
C ARG X 32 23.95 -35.46 0.98
N LYS X 33 24.62 -34.51 1.61
CA LYS X 33 24.82 -33.19 1.01
C LYS X 33 26.05 -33.06 0.12
N VAL X 34 26.89 -34.11 0.09
CA VAL X 34 28.17 -34.10 -0.64
C VAL X 34 28.14 -35.17 -1.75
N TYR X 35 28.41 -34.76 -3.00
CA TYR X 35 28.24 -35.64 -4.16
C TYR X 35 29.51 -35.74 -4.97
N ILE X 36 29.75 -36.90 -5.56
CA ILE X 36 30.87 -37.09 -6.50
C ILE X 36 30.39 -36.78 -7.90
N THR X 37 30.64 -35.56 -8.36
CA THR X 37 30.11 -35.10 -9.64
C THR X 37 30.73 -35.85 -10.84
N ASP X 38 32.06 -36.00 -10.81
CA ASP X 38 32.76 -36.88 -11.73
C ASP X 38 34.00 -37.42 -11.02
N ASP X 39 34.91 -38.04 -11.76
CA ASP X 39 36.06 -38.73 -11.17
C ASP X 39 37.01 -37.85 -10.35
N TYR X 40 37.07 -36.55 -10.68
CA TYR X 40 37.93 -35.60 -9.96
C TYR X 40 37.18 -34.39 -9.37
N THR X 41 35.86 -34.46 -9.33
CA THR X 41 35.07 -33.37 -8.77
C THR X 41 34.05 -33.85 -7.77
N ALA X 42 34.09 -33.23 -6.60
CA ALA X 42 33.04 -33.37 -5.62
C ALA X 42 32.32 -32.02 -5.50
N THR X 43 30.99 -32.07 -5.42
CA THR X 43 30.22 -30.86 -5.19
C THR X 43 29.25 -30.96 -4.03
N GLY X 44 29.36 -29.99 -3.12
CA GLY X 44 28.46 -29.90 -1.99
C GLY X 44 27.50 -28.74 -2.21
N ILE X 45 26.30 -28.82 -1.65
CA ILE X 45 25.21 -27.87 -1.96
C ILE X 45 24.37 -27.49 -0.71
N ALA X 46 24.16 -26.20 -0.50
CA ALA X 46 23.49 -25.73 0.72
C ALA X 46 22.21 -24.98 0.39
N GLY X 47 21.30 -24.90 1.36
CA GLY X 47 20.02 -24.23 1.15
C GLY X 47 18.81 -25.10 0.87
N THR X 48 18.09 -24.77 -0.20
CA THR X 48 16.84 -25.44 -0.52
C THR X 48 17.12 -26.83 -1.06
N ALA X 49 16.67 -27.81 -0.27
CA ALA X 49 16.82 -29.24 -0.58
C ALA X 49 16.45 -29.63 -2.00
N ALA X 50 15.24 -29.29 -2.42
CA ALA X 50 14.79 -29.71 -3.75
C ALA X 50 15.75 -29.21 -4.85
N VAL X 51 16.28 -28.01 -4.67
CA VAL X 51 17.18 -27.41 -5.64
C VAL X 51 18.60 -28.00 -5.53
N ALA X 52 19.16 -28.04 -4.32
CA ALA X 52 20.47 -28.67 -4.08
C ALA X 52 20.60 -30.08 -4.71
N VAL X 53 19.61 -30.94 -4.45
CA VAL X 53 19.59 -32.28 -5.05
C VAL X 53 19.61 -32.20 -6.57
N GLU X 54 18.76 -31.34 -7.12
CA GLU X 54 18.65 -31.19 -8.56
C GLU X 54 19.91 -30.60 -9.19
N PHE X 55 20.52 -29.60 -8.54
CA PHE X 55 21.80 -29.06 -9.03
C PHE X 55 22.79 -30.20 -9.23
N ALA X 56 23.12 -30.90 -8.13
CA ALA X 56 24.04 -32.02 -8.13
C ALA X 56 23.72 -32.98 -9.26
N ARG X 57 22.51 -33.53 -9.23
CA ARG X 57 22.08 -34.53 -10.20
C ARG X 57 22.32 -34.03 -11.63
N LEU X 58 21.86 -32.80 -11.90
CA LEU X 58 21.93 -32.20 -13.23
C LEU X 58 23.36 -31.89 -13.69
N TYR X 59 24.13 -31.30 -12.80
CA TYR X 59 25.53 -30.94 -13.07
C TYR X 59 26.34 -32.14 -13.53
N ALA X 60 26.28 -33.22 -12.75
CA ALA X 60 27.00 -34.44 -13.07
C ALA X 60 26.64 -34.94 -14.47
N VAL X 61 25.35 -34.90 -14.81
CA VAL X 61 24.94 -35.29 -16.14
C VAL X 61 25.59 -34.39 -17.18
N GLU X 62 25.62 -33.08 -16.91
CA GLU X 62 26.20 -32.14 -17.88
C GLU X 62 27.66 -32.48 -18.16
N LEU X 63 28.45 -32.65 -17.11
CA LEU X 63 29.87 -33.03 -17.24
C LEU X 63 30.07 -34.30 -18.06
N GLU X 64 29.44 -35.39 -17.61
CA GLU X 64 29.49 -36.66 -18.32
C GLU X 64 29.03 -36.55 -19.77
N HIS X 65 28.01 -35.72 -20.00
CA HIS X 65 27.47 -35.48 -21.35
C HIS X 65 28.50 -34.81 -22.27
N TYR X 66 29.25 -33.84 -21.75
CA TYR X 66 30.29 -33.18 -22.55
C TYR X 66 31.34 -34.19 -22.94
N GLU X 67 31.74 -34.99 -21.96
CA GLU X 67 32.78 -35.99 -22.16
C GLU X 67 32.40 -36.99 -23.24
N LYS X 68 31.24 -37.62 -23.08
CA LYS X 68 30.77 -38.57 -24.09
C LYS X 68 30.63 -37.95 -25.47
N LEU X 69 30.41 -36.64 -25.54
CA LEU X 69 30.22 -36.00 -26.83
C LEU X 69 31.52 -35.63 -27.49
N GLU X 70 32.35 -34.88 -26.77
CA GLU X 70 33.61 -34.39 -27.32
C GLU X 70 34.76 -35.38 -27.13
N GLY X 71 34.55 -36.38 -26.27
CA GLY X 71 35.54 -37.43 -26.06
C GLY X 71 36.56 -37.12 -24.97
N VAL X 72 36.47 -35.94 -24.37
CA VAL X 72 37.42 -35.47 -23.38
C VAL X 72 36.68 -34.72 -22.28
N PRO X 73 37.00 -34.95 -20.99
CA PRO X 73 36.41 -34.15 -19.91
C PRO X 73 36.68 -32.64 -20.09
N LEU X 74 35.84 -31.80 -19.50
CA LEU X 74 36.03 -30.35 -19.56
C LEU X 74 37.27 -29.96 -18.80
N THR X 75 37.86 -28.82 -19.16
CA THR X 75 38.88 -28.19 -18.34
C THR X 75 38.31 -27.98 -16.97
N PHE X 76 39.15 -27.85 -15.95
CA PHE X 76 38.63 -27.48 -14.66
C PHE X 76 37.95 -26.09 -14.73
N ALA X 77 38.55 -25.19 -15.50
CA ALA X 77 37.94 -23.89 -15.74
C ALA X 77 36.56 -24.10 -16.36
N GLY X 78 36.49 -24.99 -17.35
CA GLY X 78 35.20 -25.36 -17.97
C GLY X 78 34.17 -25.78 -16.95
N LYS X 79 34.52 -26.79 -16.16
CA LYS X 79 33.65 -27.30 -15.10
C LYS X 79 33.14 -26.19 -14.19
N ILE X 80 34.04 -25.28 -13.78
CA ILE X 80 33.68 -24.16 -12.91
C ILE X 80 32.61 -23.29 -13.59
N ASN X 81 32.84 -22.93 -14.85
CA ASN X 81 31.96 -22.06 -15.61
C ASN X 81 30.54 -22.63 -15.69
N ARG X 82 30.45 -23.90 -16.05
CA ARG X 82 29.18 -24.55 -16.17
C ARG X 82 28.37 -24.52 -14.88
N LEU X 83 29.01 -24.87 -13.76
CA LEU X 83 28.36 -24.75 -12.46
C LEU X 83 27.87 -23.33 -12.25
N ALA X 84 28.74 -22.35 -12.50
CA ALA X 84 28.39 -20.92 -12.32
C ALA X 84 27.15 -20.56 -13.11
N ILE X 85 27.14 -20.95 -14.39
CA ILE X 85 26.00 -20.66 -15.26
C ILE X 85 24.70 -21.20 -14.63
N MET X 86 24.74 -22.48 -14.26
CA MET X 86 23.62 -23.15 -13.58
C MET X 86 23.10 -22.33 -12.38
N VAL X 87 24.00 -21.94 -11.48
CA VAL X 87 23.64 -21.09 -10.36
C VAL X 87 22.94 -19.81 -10.80
N ARG X 88 23.49 -19.13 -11.82
CA ARG X 88 22.89 -17.89 -12.33
C ARG X 88 21.48 -18.18 -12.83
N GLY X 89 21.35 -19.22 -13.63
CA GLY X 89 20.05 -19.66 -14.14
C GLY X 89 19.01 -19.94 -13.08
N ASN X 90 19.36 -19.77 -11.81
CA ASN X 90 18.44 -20.02 -10.72
C ASN X 90 18.14 -18.75 -9.91
N LEU X 91 18.73 -17.64 -10.34
CA LEU X 91 18.60 -16.37 -9.64
C LEU X 91 17.15 -15.97 -9.46
N ALA X 92 16.35 -16.13 -10.52
CA ALA X 92 14.91 -15.95 -10.49
C ALA X 92 14.27 -16.69 -9.31
N ALA X 93 14.43 -18.02 -9.31
CA ALA X 93 13.91 -18.88 -8.25
C ALA X 93 14.47 -18.53 -6.87
N ALA X 94 15.78 -18.35 -6.81
CA ALA X 94 16.46 -17.91 -5.59
C ALA X 94 15.76 -16.71 -4.96
N MET X 95 15.45 -15.72 -5.79
CA MET X 95 14.78 -14.49 -5.42
C MET X 95 13.54 -14.77 -4.61
N GLN X 96 12.82 -15.81 -5.04
CA GLN X 96 11.54 -16.12 -4.44
C GLN X 96 11.58 -17.03 -3.22
N GLY X 97 12.64 -17.82 -3.09
CA GLY X 97 12.81 -18.65 -1.92
C GLY X 97 13.70 -19.82 -2.22
N LEU X 98 13.58 -20.36 -3.43
CA LEU X 98 14.34 -21.53 -3.88
C LEU X 98 15.83 -21.29 -4.05
N LEU X 99 16.46 -20.78 -2.99
CA LEU X 99 17.89 -20.47 -2.98
C LEU X 99 18.74 -21.69 -2.73
N ALA X 100 19.79 -21.87 -3.52
CA ALA X 100 20.74 -22.98 -3.31
C ALA X 100 22.20 -22.67 -3.74
N LEU X 101 23.12 -22.62 -2.77
CA LEU X 101 24.53 -22.32 -3.04
C LEU X 101 25.46 -23.53 -3.00
N PRO X 102 26.17 -23.80 -4.13
CA PRO X 102 27.13 -24.90 -4.19
C PRO X 102 28.57 -24.55 -3.73
N LEU X 103 29.30 -25.57 -3.27
CA LEU X 103 30.75 -25.48 -3.03
C LEU X 103 31.39 -26.52 -3.89
N LEU X 104 32.39 -26.15 -4.68
CA LEU X 104 33.08 -27.10 -5.53
C LEU X 104 34.46 -27.44 -4.99
N ALA X 105 34.77 -28.74 -4.99
CA ALA X 105 36.12 -29.26 -4.64
C ALA X 105 36.58 -30.25 -5.69
N GLY X 106 37.77 -30.04 -6.22
CA GLY X 106 38.30 -30.94 -7.25
C GLY X 106 39.83 -31.09 -7.25
N TYR X 107 40.29 -32.08 -8.01
CA TYR X 107 41.72 -32.26 -8.28
C TYR X 107 41.96 -32.03 -9.78
N ASP X 108 42.69 -30.98 -10.10
CA ASP X 108 43.02 -30.67 -11.49
C ASP X 108 44.22 -31.50 -11.95
N ILE X 109 43.94 -32.58 -12.68
CA ILE X 109 44.96 -33.49 -13.18
C ILE X 109 45.93 -32.82 -14.17
N HIS X 110 45.75 -31.53 -14.40
CA HIS X 110 46.57 -30.78 -15.34
C HIS X 110 47.36 -29.64 -14.68
N ALA X 111 47.24 -29.51 -13.35
CA ALA X 111 47.96 -28.47 -12.61
C ALA X 111 49.46 -28.70 -12.75
N SER X 112 50.23 -27.61 -12.80
CA SER X 112 51.69 -27.70 -12.94
C SER X 112 52.26 -28.57 -11.83
N ASP X 113 52.04 -28.15 -10.60
CA ASP X 113 52.50 -28.87 -9.42
C ASP X 113 51.39 -29.80 -8.90
N PRO X 114 51.57 -31.13 -9.04
CA PRO X 114 50.54 -32.13 -8.70
C PRO X 114 50.32 -32.22 -7.21
N GLN X 115 51.01 -31.39 -6.45
CA GLN X 115 50.83 -31.28 -5.01
C GLN X 115 49.98 -30.07 -4.66
N SER X 116 49.60 -29.30 -5.68
CA SER X 116 48.74 -28.12 -5.55
C SER X 116 47.56 -28.23 -6.50
N ALA X 117 47.28 -29.45 -6.95
CA ALA X 117 46.23 -29.70 -7.91
C ALA X 117 44.84 -29.70 -7.24
N GLY X 118 44.83 -29.61 -5.90
CA GLY X 118 43.59 -29.50 -5.14
C GLY X 118 42.98 -28.13 -5.36
N ARG X 119 41.68 -28.12 -5.63
CA ARG X 119 40.95 -26.86 -5.86
C ARG X 119 39.70 -26.74 -5.02
N ILE X 120 39.49 -25.54 -4.49
CA ILE X 120 38.26 -25.20 -3.78
C ILE X 120 37.64 -23.94 -4.40
N VAL X 121 36.48 -24.11 -5.03
CA VAL X 121 35.79 -23.00 -5.70
C VAL X 121 34.47 -22.70 -4.99
N SER X 122 34.35 -21.50 -4.43
CA SER X 122 33.10 -21.08 -3.80
C SER X 122 32.21 -20.31 -4.78
N PHE X 123 30.90 -20.41 -4.59
CA PHE X 123 29.93 -19.79 -5.52
C PHE X 123 28.99 -18.76 -4.93
N ASP X 124 28.57 -17.90 -5.84
CA ASP X 124 27.82 -16.68 -5.61
C ASP X 124 26.39 -16.90 -6.01
N ALA X 125 25.43 -16.42 -5.23
CA ALA X 125 24.01 -16.51 -5.65
C ALA X 125 23.70 -16.00 -7.07
N ALA X 126 24.57 -15.12 -7.59
CA ALA X 126 24.43 -14.48 -8.90
C ALA X 126 25.27 -15.15 -9.98
N GLY X 127 25.97 -16.22 -9.63
CA GLY X 127 26.75 -16.97 -10.60
C GLY X 127 28.21 -16.59 -10.59
N GLY X 128 28.61 -15.80 -9.59
CA GLY X 128 30.01 -15.47 -9.39
C GLY X 128 30.74 -16.63 -8.73
N TRP X 129 32.06 -16.63 -8.82
CA TRP X 129 32.88 -17.70 -8.24
C TRP X 129 34.29 -17.22 -7.95
N ASN X 130 34.86 -17.70 -6.86
CA ASN X 130 36.23 -17.37 -6.50
C ASN X 130 36.98 -18.64 -6.12
N ILE X 131 38.03 -18.96 -6.88
CA ILE X 131 38.94 -20.06 -6.55
C ILE X 131 39.67 -19.67 -5.26
N GLU X 132 39.43 -20.45 -4.21
CA GLU X 132 39.69 -19.99 -2.86
C GLU X 132 41.11 -19.75 -2.45
N GLU X 133 42.01 -20.64 -2.87
CA GLU X 133 43.45 -20.53 -2.56
C GLU X 133 43.74 -19.93 -1.16
N GLU X 134 43.28 -20.65 -0.14
CA GLU X 134 43.54 -20.32 1.26
C GLU X 134 43.37 -21.61 2.03
N GLY X 135 43.11 -22.69 1.30
CA GLY X 135 43.11 -24.02 1.88
C GLY X 135 41.77 -24.52 2.38
N TYR X 136 40.95 -23.63 2.94
CA TYR X 136 39.64 -24.02 3.43
C TYR X 136 38.53 -23.07 3.03
N GLN X 137 37.32 -23.60 2.99
CA GLN X 137 36.10 -22.84 2.67
C GLN X 137 34.86 -23.58 3.17
N ALA X 138 33.81 -22.85 3.45
CA ALA X 138 32.56 -23.44 3.90
C ALA X 138 31.33 -22.74 3.31
N VAL X 139 30.21 -23.45 3.24
CA VAL X 139 28.92 -22.91 2.79
C VAL X 139 27.82 -23.44 3.70
N GLY X 140 26.86 -22.59 4.05
CA GLY X 140 25.70 -23.03 4.84
C GLY X 140 25.48 -22.23 6.11
N SER X 141 24.34 -22.46 6.77
CA SER X 141 24.00 -21.72 7.97
C SER X 141 25.05 -21.74 9.07
N GLY X 142 25.96 -22.72 9.05
CA GLY X 142 27.03 -22.76 10.04
C GLY X 142 28.43 -22.51 9.50
N SER X 143 28.53 -22.26 8.20
CA SER X 143 29.80 -22.08 7.51
C SER X 143 30.71 -21.06 8.21
N LEU X 144 30.07 -20.07 8.80
CA LEU X 144 30.75 -19.00 9.52
C LEU X 144 31.55 -19.55 10.71
N PHE X 145 30.94 -20.46 11.46
CA PHE X 145 31.55 -21.09 12.61
C PHE X 145 32.65 -22.07 12.17
N ALA X 146 32.37 -22.85 11.12
CA ALA X 146 33.36 -23.82 10.61
C ALA X 146 34.60 -23.06 10.17
N LYS X 147 34.46 -22.17 9.19
CA LYS X 147 35.57 -21.35 8.71
C LYS X 147 36.49 -20.83 9.83
N SER X 148 35.87 -20.35 10.89
CA SER X 148 36.59 -19.70 11.99
C SER X 148 37.37 -20.71 12.83
N SER X 149 36.78 -21.88 13.07
CA SER X 149 37.45 -22.96 13.79
C SER X 149 38.54 -23.55 12.92
N MET X 150 38.15 -23.89 11.70
CA MET X 150 39.05 -24.37 10.69
C MET X 150 40.19 -23.38 10.39
N LYS X 151 40.04 -22.13 10.83
CA LYS X 151 41.10 -21.12 10.75
C LYS X 151 42.27 -21.54 11.63
N LYS X 152 41.93 -21.84 12.88
CA LYS X 152 42.87 -22.24 13.91
C LYS X 152 43.48 -23.61 13.61
N LEU X 153 42.62 -24.58 13.31
CA LEU X 153 43.08 -25.94 13.18
C LEU X 153 43.72 -26.25 11.82
N TYR X 154 44.07 -25.23 11.03
CA TYR X 154 44.57 -25.51 9.67
C TYR X 154 46.01 -26.00 9.64
N SER X 155 46.84 -25.44 10.51
CA SER X 155 48.25 -25.82 10.57
C SER X 155 48.40 -27.33 10.70
N GLN X 156 47.50 -27.95 11.47
CA GLN X 156 47.50 -29.40 11.69
C GLN X 156 47.32 -30.25 10.42
N VAL X 157 47.07 -29.63 9.27
CA VAL X 157 46.79 -30.42 8.07
C VAL X 157 48.05 -30.79 7.34
N THR X 158 48.23 -32.10 7.20
CA THR X 158 49.52 -32.70 6.93
C THR X 158 49.38 -33.63 5.72
N ASP X 159 48.28 -34.37 5.73
CA ASP X 159 47.93 -35.29 4.65
C ASP X 159 46.42 -35.53 4.66
N GLY X 160 45.97 -36.41 3.77
CA GLY X 160 44.57 -36.82 3.67
C GLY X 160 43.92 -37.03 5.02
N ASP X 161 44.19 -38.16 5.62
CA ASP X 161 43.81 -38.50 6.98
C ASP X 161 43.87 -37.32 7.96
N SER X 162 44.95 -36.54 7.88
CA SER X 162 45.11 -35.38 8.76
C SER X 162 44.05 -34.31 8.47
N GLY X 163 43.92 -33.91 7.20
CA GLY X 163 42.92 -32.92 6.82
C GLY X 163 41.51 -33.37 7.19
N LEU X 164 41.17 -34.60 6.85
CA LEU X 164 39.85 -35.12 7.14
C LEU X 164 39.44 -34.94 8.60
N ARG X 165 40.40 -35.01 9.53
CA ARG X 165 40.05 -34.86 10.94
C ARG X 165 39.64 -33.42 11.26
N VAL X 166 40.34 -32.46 10.67
CA VAL X 166 40.01 -31.05 10.89
C VAL X 166 38.65 -30.74 10.24
N ALA X 167 38.40 -31.29 9.04
CA ALA X 167 37.08 -31.23 8.40
C ALA X 167 36.01 -31.61 9.41
N VAL X 168 36.03 -32.87 9.81
CA VAL X 168 35.07 -33.41 10.79
C VAL X 168 34.95 -32.51 12.02
N GLU X 169 36.07 -31.96 12.48
CA GLU X 169 36.05 -31.14 13.69
C GLU X 169 35.38 -29.77 13.46
N ALA X 170 35.60 -29.17 12.30
CA ALA X 170 34.91 -27.93 12.00
C ALA X 170 33.40 -28.18 11.93
N LEU X 171 32.98 -29.22 11.20
CA LEU X 171 31.59 -29.68 11.22
C LEU X 171 31.08 -29.89 12.62
N TYR X 172 31.92 -30.43 13.51
CA TYR X 172 31.51 -30.56 14.91
C TYR X 172 31.27 -29.17 15.53
N ASP X 173 32.21 -28.25 15.26
CA ASP X 173 32.13 -26.90 15.82
C ASP X 173 31.01 -26.08 15.24
N ALA X 174 30.66 -26.37 13.97
CA ALA X 174 29.49 -25.80 13.31
C ALA X 174 28.25 -26.13 14.11
N ALA X 175 28.00 -27.43 14.24
CA ALA X 175 26.79 -27.90 14.91
C ALA X 175 26.74 -27.48 16.36
N ASP X 176 27.88 -27.05 16.88
CA ASP X 176 27.93 -26.65 18.28
C ASP X 176 27.34 -25.27 18.47
N ASP X 177 27.20 -24.52 17.38
CA ASP X 177 26.65 -23.15 17.44
C ASP X 177 25.50 -22.89 16.49
N ASP X 178 25.48 -23.63 15.37
CA ASP X 178 24.40 -23.53 14.40
C ASP X 178 23.40 -24.67 14.61
N SER X 179 22.27 -24.34 15.23
CA SER X 179 21.23 -25.34 15.48
C SER X 179 20.66 -25.96 14.22
N ALA X 180 21.07 -25.45 13.06
CA ALA X 180 20.54 -25.95 11.81
C ALA X 180 21.53 -26.86 11.10
N THR X 181 22.68 -27.10 11.77
CA THR X 181 23.79 -27.93 11.23
C THR X 181 23.79 -29.42 11.64
N GLY X 182 23.66 -29.72 12.92
CA GLY X 182 23.54 -31.12 13.34
C GLY X 182 24.84 -31.90 13.37
N GLY X 183 25.28 -32.23 14.59
CA GLY X 183 26.52 -32.96 14.79
C GLY X 183 26.32 -34.46 14.63
N PRO X 184 27.25 -35.25 15.21
CA PRO X 184 27.23 -36.70 15.06
C PRO X 184 26.24 -37.35 16.01
N ASP X 185 25.38 -38.22 15.48
CA ASP X 185 24.41 -38.88 16.32
C ASP X 185 24.92 -40.23 16.72
N LEU X 186 25.43 -40.31 17.94
CA LEU X 186 25.89 -41.59 18.44
C LEU X 186 24.67 -42.47 18.67
N VAL X 187 23.66 -41.96 19.37
CA VAL X 187 22.47 -42.75 19.71
C VAL X 187 21.87 -43.46 18.49
N ARG X 188 22.08 -42.90 17.30
CA ARG X 188 21.46 -43.42 16.10
C ARG X 188 22.52 -43.93 15.13
N GLY X 189 23.77 -43.56 15.40
CA GLY X 189 24.88 -43.95 14.55
C GLY X 189 24.87 -43.30 13.17
N ILE X 190 24.62 -41.98 13.15
CA ILE X 190 24.64 -41.18 11.92
C ILE X 190 25.74 -40.15 12.00
N PHE X 191 26.53 -40.03 10.94
CA PHE X 191 27.76 -39.23 10.98
C PHE X 191 27.90 -38.46 9.66
N PRO X 192 28.54 -37.27 9.69
CA PRO X 192 28.87 -36.48 8.49
C PRO X 192 29.42 -37.34 7.37
N THR X 193 29.05 -37.08 6.11
CA THR X 193 29.69 -37.83 5.02
C THR X 193 30.83 -36.99 4.47
N ALA X 194 31.72 -37.63 3.72
CA ALA X 194 32.84 -36.94 3.10
C ALA X 194 33.32 -37.59 1.81
N VAL X 195 34.13 -36.84 1.06
CA VAL X 195 34.79 -37.32 -0.15
C VAL X 195 36.22 -36.79 -0.16
N ILE X 196 37.14 -37.62 -0.68
CA ILE X 196 38.55 -37.28 -0.82
C ILE X 196 38.99 -37.39 -2.29
N ILE X 197 39.75 -36.41 -2.75
CA ILE X 197 40.25 -36.42 -4.11
C ILE X 197 41.75 -36.15 -4.15
N ASP X 198 42.47 -37.06 -4.79
CA ASP X 198 43.89 -36.91 -5.10
C ASP X 198 44.12 -37.41 -6.53
N ALA X 199 45.37 -37.55 -6.95
CA ALA X 199 45.66 -37.92 -8.34
C ALA X 199 44.96 -39.22 -8.77
N ASP X 200 44.55 -40.03 -7.79
CA ASP X 200 43.90 -41.31 -8.04
C ASP X 200 42.43 -41.21 -8.38
N GLY X 201 41.80 -40.13 -7.94
CA GLY X 201 40.37 -39.91 -8.19
C GLY X 201 39.62 -39.45 -6.96
N ALA X 202 38.29 -39.53 -7.02
CA ALA X 202 37.45 -39.14 -5.90
C ALA X 202 36.81 -40.38 -5.32
N VAL X 203 36.85 -40.48 -4.00
CA VAL X 203 36.35 -41.66 -3.30
C VAL X 203 35.60 -41.26 -2.05
N ASP X 204 34.54 -42.01 -1.75
CA ASP X 204 33.75 -41.79 -0.55
C ASP X 204 34.51 -42.28 0.67
N VAL X 205 34.73 -41.38 1.62
CA VAL X 205 35.33 -41.74 2.89
C VAL X 205 34.38 -42.63 3.68
N PRO X 206 34.83 -43.84 4.04
CA PRO X 206 33.93 -44.75 4.77
C PRO X 206 33.53 -44.17 6.13
N GLU X 207 32.30 -44.44 6.56
CA GLU X 207 31.79 -43.87 7.81
C GLU X 207 32.62 -44.26 9.02
N SER X 208 33.22 -45.45 8.93
CA SER X 208 34.06 -46.00 9.98
C SER X 208 35.12 -44.98 10.40
N ARG X 209 35.94 -44.52 9.46
CA ARG X 209 37.01 -43.61 9.83
C ARG X 209 36.47 -42.28 10.30
N ILE X 210 35.29 -41.92 9.81
CA ILE X 210 34.59 -40.69 10.25
C ILE X 210 34.04 -40.86 11.67
N ALA X 211 33.26 -41.94 11.89
CA ALA X 211 32.66 -42.23 13.19
C ALA X 211 33.72 -42.32 14.29
N GLU X 212 34.83 -42.98 13.97
CA GLU X 212 36.01 -43.06 14.82
C GLU X 212 36.51 -41.64 15.14
N LEU X 213 36.94 -40.93 14.09
CA LEU X 213 37.35 -39.52 14.17
C LEU X 213 36.45 -38.61 14.99
N ALA X 214 35.14 -38.81 14.84
CA ALA X 214 34.13 -38.07 15.59
C ALA X 214 34.22 -38.33 17.10
N ARG X 215 34.25 -39.61 17.49
CA ARG X 215 34.36 -40.00 18.91
C ARG X 215 35.64 -39.49 19.55
N ALA X 216 36.71 -39.46 18.75
CA ALA X 216 37.95 -38.82 19.16
C ALA X 216 37.70 -37.39 19.61
N ILE X 217 37.09 -36.59 18.73
CA ILE X 217 36.77 -35.19 19.04
C ILE X 217 35.85 -35.07 20.24
N ILE X 218 34.82 -35.92 20.29
CA ILE X 218 33.84 -35.90 21.40
C ILE X 218 34.54 -36.14 22.73
N GLU X 219 35.40 -37.18 22.77
CA GLU X 219 36.14 -37.54 23.98
C GLU X 219 37.07 -36.42 24.40
N SER X 220 37.90 -35.94 23.48
CA SER X 220 38.88 -34.90 23.82
C SER X 220 38.23 -33.60 24.28
N ARG X 221 37.12 -33.22 23.66
CA ARG X 221 36.36 -32.04 24.11
C ARG X 221 35.58 -32.35 25.39
N SER X 222 35.23 -33.62 25.59
CA SER X 222 34.48 -34.05 26.76
C SER X 222 35.32 -34.02 28.04
N SER Y 11 17.20 -39.00 -61.02
CA SER Y 11 18.25 -40.04 -60.79
C SER Y 11 19.14 -39.65 -59.60
N PRO Y 12 18.60 -39.74 -58.36
CA PRO Y 12 19.29 -39.47 -57.09
C PRO Y 12 20.79 -39.81 -57.08
N GLU Y 13 21.14 -41.00 -57.57
CA GLU Y 13 22.53 -41.48 -57.66
C GLU Y 13 23.36 -40.65 -58.64
N GLN Y 14 22.85 -40.55 -59.87
CA GLN Y 14 23.45 -39.77 -60.93
C GLN Y 14 23.49 -38.28 -60.60
N ALA Y 15 22.48 -37.81 -59.87
CA ALA Y 15 22.40 -36.43 -59.41
C ALA Y 15 23.62 -36.07 -58.57
N MET Y 16 23.92 -36.93 -57.58
CA MET Y 16 25.05 -36.72 -56.68
C MET Y 16 26.39 -36.65 -57.40
N ARG Y 17 26.47 -37.32 -58.55
CA ARG Y 17 27.69 -37.38 -59.33
C ARG Y 17 27.95 -36.06 -60.06
N GLU Y 18 26.87 -35.40 -60.50
CA GLU Y 18 27.00 -34.09 -61.14
C GLU Y 18 27.37 -32.99 -60.15
N ARG Y 19 26.84 -33.08 -58.93
CA ARG Y 19 27.21 -32.17 -57.83
C ARG Y 19 28.71 -32.26 -57.59
N SER Y 20 29.18 -33.49 -57.35
CA SER Y 20 30.60 -33.80 -57.15
C SER Y 20 31.44 -33.21 -58.27
N GLU Y 21 31.07 -33.53 -59.51
CA GLU Y 21 31.75 -33.01 -60.69
C GLU Y 21 31.87 -31.48 -60.67
N LEU Y 22 30.73 -30.79 -60.60
CA LEU Y 22 30.68 -29.32 -60.60
C LEU Y 22 31.67 -28.74 -59.58
N ALA Y 23 31.59 -29.24 -58.35
CA ALA Y 23 32.45 -28.80 -57.27
C ALA Y 23 33.91 -29.06 -57.56
N ARG Y 24 34.21 -30.32 -57.91
CA ARG Y 24 35.59 -30.78 -58.14
C ARG Y 24 36.32 -29.95 -59.23
N LYS Y 25 35.58 -29.56 -60.27
CA LYS Y 25 36.09 -28.72 -61.35
C LYS Y 25 36.48 -27.35 -60.82
N GLY Y 26 35.54 -26.74 -60.10
CA GLY Y 26 35.76 -25.44 -59.47
C GLY Y 26 37.01 -25.40 -58.62
N ILE Y 27 37.25 -26.47 -57.85
CA ILE Y 27 38.46 -26.55 -57.01
C ILE Y 27 39.71 -26.60 -57.90
N ALA Y 28 39.62 -27.33 -59.01
CA ALA Y 28 40.73 -27.44 -59.96
C ALA Y 28 41.14 -26.08 -60.53
N ARG Y 29 40.18 -25.34 -61.09
CA ARG Y 29 40.49 -24.05 -61.73
C ARG Y 29 40.89 -22.95 -60.72
N ALA Y 30 40.72 -23.22 -59.44
CA ALA Y 30 41.17 -22.31 -58.37
C ALA Y 30 42.68 -22.47 -58.12
N LYS Y 31 43.26 -21.49 -57.43
CA LYS Y 31 44.70 -21.46 -57.13
C LYS Y 31 45.07 -22.56 -56.13
N SER Y 32 46.36 -22.67 -55.80
CA SER Y 32 46.82 -23.72 -54.88
C SER Y 32 47.20 -23.23 -53.47
N VAL Y 33 46.93 -24.09 -52.49
CA VAL Y 33 47.21 -23.80 -51.08
C VAL Y 33 47.85 -25.05 -50.43
N VAL Y 34 48.86 -24.82 -49.60
CA VAL Y 34 49.61 -25.90 -48.93
C VAL Y 34 49.85 -25.60 -47.44
N ALA Y 35 49.64 -26.61 -46.61
CA ALA Y 35 50.01 -26.55 -45.20
C ALA Y 35 50.86 -27.75 -44.85
N LEU Y 36 51.85 -27.56 -43.99
CA LEU Y 36 52.71 -28.66 -43.53
C LEU Y 36 53.25 -28.45 -42.12
N ALA Y 37 53.59 -29.57 -41.47
CA ALA Y 37 54.15 -29.52 -40.11
C ALA Y 37 55.66 -29.34 -40.16
N TYR Y 38 56.15 -28.46 -39.28
CA TYR Y 38 57.58 -28.18 -39.17
C TYR Y 38 57.93 -27.95 -37.70
N ALA Y 39 59.22 -27.84 -37.40
CA ALA Y 39 59.73 -27.70 -36.03
C ALA Y 39 58.94 -26.74 -35.14
N GLY Y 40 58.69 -25.53 -35.64
CA GLY Y 40 58.01 -24.51 -34.87
C GLY Y 40 56.51 -24.64 -34.73
N GLY Y 41 55.90 -25.52 -35.52
CA GLY Y 41 54.46 -25.75 -35.48
C GLY Y 41 53.86 -26.16 -36.82
N VAL Y 42 53.12 -25.24 -37.44
CA VAL Y 42 52.51 -25.45 -38.76
C VAL Y 42 52.70 -24.23 -39.67
N LEU Y 43 53.01 -24.52 -40.94
CA LEU Y 43 53.26 -23.49 -41.93
C LEU Y 43 52.11 -23.42 -42.95
N PHE Y 44 51.62 -22.20 -43.19
CA PHE Y 44 50.58 -21.95 -44.19
C PHE Y 44 51.13 -21.12 -45.34
N VAL Y 45 51.09 -21.71 -46.54
CA VAL Y 45 51.59 -21.09 -47.76
C VAL Y 45 50.58 -21.29 -48.91
N ALA Y 46 50.16 -20.17 -49.52
CA ALA Y 46 49.24 -20.21 -50.65
C ALA Y 46 49.55 -19.09 -51.62
N GLU Y 47 49.48 -19.38 -52.92
CA GLU Y 47 49.65 -18.32 -53.92
C GLU Y 47 48.38 -17.46 -53.97
N ASN Y 48 48.59 -16.16 -53.75
CA ASN Y 48 47.51 -15.19 -53.63
C ASN Y 48 48.03 -13.83 -54.11
N PRO Y 49 47.68 -13.45 -55.35
CA PRO Y 49 48.05 -12.14 -55.88
C PRO Y 49 47.42 -10.98 -55.10
N SER Y 50 46.18 -11.16 -54.63
CA SER Y 50 45.47 -10.13 -53.91
C SER Y 50 46.18 -9.70 -52.63
N ARG Y 51 46.02 -8.42 -52.28
CA ARG Y 51 46.61 -7.85 -51.08
C ARG Y 51 45.72 -8.04 -49.85
N SER Y 52 44.42 -8.11 -50.06
CA SER Y 52 43.47 -8.14 -48.94
C SER Y 52 42.64 -9.41 -48.85
N LEU Y 53 42.29 -9.99 -50.00
CA LEU Y 53 41.46 -11.19 -50.03
C LEU Y 53 42.29 -12.42 -49.67
N GLN Y 54 42.31 -12.73 -48.38
CA GLN Y 54 43.18 -13.77 -47.83
C GLN Y 54 42.54 -15.15 -47.81
N LYS Y 55 43.36 -16.18 -47.96
CA LYS Y 55 42.90 -17.56 -48.01
C LYS Y 55 43.29 -18.31 -46.73
N ILE Y 56 44.06 -17.64 -45.88
CA ILE Y 56 44.55 -18.20 -44.63
C ILE Y 56 44.24 -17.27 -43.47
N SER Y 57 43.71 -17.83 -42.39
CA SER Y 57 43.25 -17.04 -41.25
C SER Y 57 43.34 -17.77 -39.90
N GLU Y 58 43.29 -16.99 -38.84
CA GLU Y 58 43.26 -17.51 -37.48
C GLU Y 58 41.83 -17.97 -37.17
N LEU Y 59 41.68 -18.97 -36.31
CA LEU Y 59 40.35 -19.33 -35.82
C LEU Y 59 40.28 -19.11 -34.32
N TYR Y 60 41.06 -19.88 -33.57
CA TYR Y 60 41.13 -19.72 -32.13
C TYR Y 60 42.59 -19.80 -31.68
N ASP Y 61 42.83 -19.57 -30.40
CA ASP Y 61 44.18 -19.56 -29.82
C ASP Y 61 45.26 -20.36 -30.59
N ARG Y 62 45.08 -21.67 -30.69
CA ARG Y 62 46.12 -22.53 -31.27
C ARG Y 62 45.64 -23.24 -32.53
N VAL Y 63 44.50 -22.83 -33.07
CA VAL Y 63 43.95 -23.47 -34.26
C VAL Y 63 43.84 -22.49 -35.44
N GLY Y 64 44.11 -22.97 -36.65
CA GLY Y 64 44.19 -22.12 -37.83
C GLY Y 64 43.44 -22.63 -39.06
N PHE Y 65 43.10 -21.70 -39.93
CA PHE Y 65 42.23 -21.94 -41.10
C PHE Y 65 42.95 -21.62 -42.39
N ALA Y 66 42.74 -22.46 -43.40
CA ALA Y 66 43.24 -22.22 -44.74
C ALA Y 66 42.36 -23.00 -45.72
N ALA Y 67 42.02 -22.36 -46.83
CA ALA Y 67 41.14 -22.98 -47.83
C ALA Y 67 41.44 -22.51 -49.26
N ALA Y 68 41.16 -23.38 -50.22
CA ALA Y 68 41.22 -23.04 -51.64
C ALA Y 68 39.83 -23.15 -52.29
N GLY Y 69 39.57 -22.31 -53.29
CA GLY Y 69 38.29 -22.33 -54.02
C GLY Y 69 37.63 -20.96 -54.13
N LYS Y 70 36.30 -20.97 -54.31
CA LYS Y 70 35.54 -19.74 -54.49
C LYS Y 70 35.51 -18.92 -53.20
N PHE Y 71 36.19 -17.77 -53.21
CA PHE Y 71 36.40 -16.94 -52.00
C PHE Y 71 35.16 -16.73 -51.13
N ASN Y 72 34.15 -16.07 -51.69
CA ASN Y 72 32.93 -15.73 -50.95
C ASN Y 72 32.37 -16.92 -50.17
N GLU Y 73 32.61 -18.12 -50.68
CA GLU Y 73 32.13 -19.34 -50.06
C GLU Y 73 33.00 -19.73 -48.87
N PHE Y 74 34.31 -19.87 -49.07
CA PHE Y 74 35.17 -20.24 -47.94
C PHE Y 74 35.24 -19.17 -46.85
N ASP Y 75 35.23 -17.91 -47.24
CA ASP Y 75 35.33 -16.81 -46.27
C ASP Y 75 34.10 -16.83 -45.39
N ASN Y 76 33.00 -17.31 -45.96
CA ASN Y 76 31.76 -17.55 -45.22
C ASN Y 76 32.01 -18.59 -44.13
N LEU Y 77 32.49 -19.77 -44.55
CA LEU Y 77 32.86 -20.84 -43.62
C LEU Y 77 33.85 -20.38 -42.56
N ARG Y 78 34.85 -19.63 -43.02
CA ARG Y 78 35.85 -19.06 -42.14
C ARG Y 78 35.15 -18.34 -40.99
N ARG Y 79 34.26 -17.40 -41.33
CA ARG Y 79 33.57 -16.59 -40.34
C ARG Y 79 32.78 -17.48 -39.39
N GLY Y 80 32.08 -18.46 -39.97
CA GLY Y 80 31.31 -19.43 -39.21
C GLY Y 80 32.16 -20.10 -38.16
N GLY Y 81 33.34 -20.57 -38.58
CA GLY Y 81 34.32 -21.17 -37.66
C GLY Y 81 34.67 -20.25 -36.51
N ILE Y 82 35.13 -19.04 -36.83
CA ILE Y 82 35.50 -18.07 -35.81
C ILE Y 82 34.31 -17.87 -34.88
N GLN Y 83 33.11 -17.81 -35.45
CA GLN Y 83 31.85 -17.69 -34.70
C GLN Y 83 31.67 -18.84 -33.70
N PHE Y 84 31.76 -20.06 -34.23
CA PHE Y 84 31.62 -21.27 -33.44
C PHE Y 84 32.68 -21.33 -32.32
N ALA Y 85 33.94 -21.16 -32.69
CA ALA Y 85 35.05 -21.24 -31.73
C ALA Y 85 34.91 -20.25 -30.59
N ASP Y 86 34.78 -18.97 -30.93
CA ASP Y 86 34.62 -17.95 -29.91
C ASP Y 86 33.47 -18.24 -28.94
N THR Y 87 32.31 -18.72 -29.43
CA THR Y 87 31.16 -18.97 -28.52
C THR Y 87 31.42 -20.18 -27.62
N ARG Y 88 31.92 -21.24 -28.25
CA ARG Y 88 32.29 -22.48 -27.56
C ARG Y 88 33.28 -22.19 -26.43
N GLY Y 89 34.33 -21.43 -26.75
CA GLY Y 89 35.30 -20.96 -25.77
C GLY Y 89 34.65 -20.24 -24.60
N TYR Y 90 33.68 -19.36 -24.88
CA TYR Y 90 33.03 -18.56 -23.84
C TYR Y 90 32.06 -19.41 -23.03
N ALA Y 91 31.42 -20.38 -23.68
CA ALA Y 91 30.53 -21.30 -23.00
C ALA Y 91 31.24 -22.13 -21.96
N TYR Y 92 32.43 -22.62 -22.30
CA TYR Y 92 33.19 -23.51 -21.45
C TYR Y 92 34.50 -22.87 -21.00
N ASP Y 93 35.58 -23.22 -21.68
CA ASP Y 93 36.88 -22.54 -21.49
C ASP Y 93 37.60 -22.49 -22.83
N ARG Y 94 38.44 -21.47 -22.98
CA ARG Y 94 39.29 -21.32 -24.15
C ARG Y 94 39.97 -22.65 -24.49
N ARG Y 95 40.44 -23.33 -23.45
CA ARG Y 95 41.18 -24.59 -23.59
C ARG Y 95 40.38 -25.78 -24.14
N ASP Y 96 39.06 -25.63 -24.25
CA ASP Y 96 38.16 -26.71 -24.70
C ASP Y 96 37.85 -26.68 -26.20
N VAL Y 97 38.47 -25.76 -26.94
CA VAL Y 97 38.30 -25.67 -28.40
C VAL Y 97 39.43 -26.49 -29.02
N THR Y 98 39.11 -27.33 -30.00
CA THR Y 98 40.11 -28.30 -30.47
C THR Y 98 40.51 -28.23 -31.95
N GLY Y 99 39.69 -27.63 -32.80
CA GLY Y 99 40.00 -27.63 -34.23
C GLY Y 99 39.76 -28.99 -34.85
N ARG Y 100 39.88 -30.03 -34.03
CA ARG Y 100 39.28 -31.29 -34.38
C ARG Y 100 37.77 -31.05 -34.34
N GLN Y 101 37.33 -30.29 -33.35
CA GLN Y 101 35.93 -29.87 -33.26
C GLN Y 101 35.52 -29.10 -34.50
N LEU Y 102 36.34 -28.11 -34.88
CA LEU Y 102 36.01 -27.27 -36.01
C LEU Y 102 36.00 -28.07 -37.33
N ALA Y 103 36.91 -29.02 -37.45
CA ALA Y 103 36.90 -29.92 -38.60
C ALA Y 103 35.56 -30.68 -38.71
N ASN Y 104 35.04 -31.18 -37.58
CA ASN Y 104 33.73 -31.84 -37.56
C ASN Y 104 32.63 -30.89 -38.03
N VAL Y 105 32.56 -29.73 -37.37
CA VAL Y 105 31.60 -28.68 -37.72
C VAL Y 105 31.65 -28.36 -39.22
N TYR Y 106 32.86 -28.20 -39.76
CA TYR Y 106 33.00 -27.91 -41.17
C TYR Y 106 32.51 -29.07 -42.02
N ALA Y 107 32.87 -30.30 -41.62
CA ALA Y 107 32.43 -31.50 -42.32
C ALA Y 107 30.91 -31.59 -42.28
N GLN Y 108 30.33 -31.22 -41.14
CA GLN Y 108 28.87 -31.21 -40.98
C GLN Y 108 28.22 -30.22 -41.93
N THR Y 109 28.72 -28.98 -41.92
CA THR Y 109 28.14 -27.90 -42.73
C THR Y 109 28.26 -28.21 -44.21
N LEU Y 110 29.48 -28.49 -44.68
CA LEU Y 110 29.72 -28.78 -46.08
C LEU Y 110 28.92 -30.00 -46.51
N GLY Y 111 28.73 -30.92 -45.56
CA GLY Y 111 27.93 -32.12 -45.77
C GLY Y 111 26.50 -31.75 -46.10
N THR Y 112 25.88 -30.95 -45.24
CA THR Y 112 24.52 -30.46 -45.46
C THR Y 112 24.42 -29.66 -46.77
N ILE Y 113 25.34 -28.70 -46.97
CA ILE Y 113 25.40 -27.91 -48.20
C ILE Y 113 25.34 -28.78 -49.46
N PHE Y 114 26.21 -29.79 -49.49
CA PHE Y 114 26.32 -30.74 -50.59
C PHE Y 114 25.00 -31.46 -50.92
N THR Y 115 24.05 -31.41 -49.99
CA THR Y 115 22.74 -32.03 -50.16
C THR Y 115 21.64 -30.99 -50.27
N GLU Y 116 21.56 -30.09 -49.29
CA GLU Y 116 20.46 -29.12 -49.18
C GLU Y 116 20.56 -27.95 -50.17
N GLN Y 117 21.71 -27.30 -50.22
CA GLN Y 117 21.91 -26.16 -51.13
C GLN Y 117 21.77 -26.59 -52.57
N ALA Y 118 21.21 -25.70 -53.41
CA ALA Y 118 21.07 -26.01 -54.84
C ALA Y 118 22.43 -26.35 -55.46
N LYS Y 119 23.39 -25.44 -55.33
CA LYS Y 119 24.74 -25.64 -55.85
C LYS Y 119 25.70 -25.87 -54.67
N PRO Y 120 26.49 -26.96 -54.71
CA PRO Y 120 27.42 -27.26 -53.61
C PRO Y 120 28.60 -26.30 -53.59
N TYR Y 121 29.18 -26.11 -52.41
CA TYR Y 121 30.30 -25.20 -52.24
C TYR Y 121 31.54 -25.68 -52.99
N GLU Y 122 32.17 -24.77 -53.72
CA GLU Y 122 33.39 -25.07 -54.45
C GLU Y 122 34.60 -24.67 -53.60
N VAL Y 123 34.82 -25.45 -52.55
CA VAL Y 123 35.89 -25.20 -51.60
C VAL Y 123 36.56 -26.48 -51.14
N GLU Y 124 37.73 -26.33 -50.52
CA GLU Y 124 38.41 -27.41 -49.82
C GLU Y 124 39.16 -26.76 -48.67
N LEU Y 125 38.95 -27.31 -47.48
CA LEU Y 125 39.37 -26.66 -46.26
C LEU Y 125 40.51 -27.38 -45.53
N CYS Y 126 41.24 -26.62 -44.73
CA CYS Y 126 42.26 -27.16 -43.86
C CYS Y 126 42.21 -26.52 -42.49
N VAL Y 127 41.99 -27.34 -41.48
CA VAL Y 127 42.02 -26.88 -40.10
C VAL Y 127 43.27 -27.47 -39.44
N ALA Y 128 44.07 -26.63 -38.81
CA ALA Y 128 45.34 -27.04 -38.22
C ALA Y 128 45.48 -26.60 -36.77
N GLU Y 129 45.86 -27.54 -35.90
CA GLU Y 129 46.10 -27.22 -34.49
C GLU Y 129 47.55 -27.52 -34.10
N VAL Y 130 48.08 -26.73 -33.18
CA VAL Y 130 49.42 -26.94 -32.67
C VAL Y 130 49.49 -26.67 -31.17
N ALA Y 131 49.89 -27.70 -30.42
CA ALA Y 131 49.94 -27.70 -28.94
C ALA Y 131 50.03 -26.34 -28.24
N HIS Y 132 49.41 -26.27 -27.07
CA HIS Y 132 49.50 -25.08 -26.21
C HIS Y 132 50.94 -24.76 -25.82
N TYR Y 133 51.16 -23.55 -25.31
CA TYR Y 133 52.51 -23.02 -25.01
C TYR Y 133 53.53 -24.04 -24.45
N GLY Y 134 53.47 -24.29 -23.14
CA GLY Y 134 54.42 -25.19 -22.48
C GLY Y 134 54.41 -26.61 -23.04
N GLU Y 135 53.20 -27.16 -23.15
CA GLU Y 135 52.93 -28.49 -23.74
C GLU Y 135 53.72 -28.79 -25.02
N THR Y 136 54.04 -30.06 -25.24
CA THR Y 136 54.56 -30.52 -26.54
C THR Y 136 53.70 -31.66 -27.10
N LYS Y 137 53.14 -31.42 -28.27
CA LYS Y 137 52.23 -32.36 -28.91
C LYS Y 137 52.38 -32.26 -30.42
N ARG Y 138 52.20 -33.41 -31.06
CA ARG Y 138 52.27 -33.59 -32.50
C ARG Y 138 51.27 -32.68 -33.22
N PRO Y 139 51.75 -31.61 -33.91
CA PRO Y 139 50.83 -30.73 -34.67
C PRO Y 139 49.86 -31.53 -35.56
N GLU Y 140 48.60 -31.11 -35.59
CA GLU Y 140 47.56 -31.88 -36.29
C GLU Y 140 46.97 -31.13 -37.49
N LEU Y 141 46.73 -31.86 -38.57
CA LEU Y 141 46.19 -31.30 -39.81
C LEU Y 141 44.95 -32.04 -40.28
N TYR Y 142 43.88 -31.30 -40.55
CA TYR Y 142 42.61 -31.85 -41.03
C TYR Y 142 42.20 -31.28 -42.38
N ARG Y 143 41.77 -32.15 -43.28
CA ARG Y 143 41.30 -31.72 -44.58
C ARG Y 143 39.84 -32.08 -44.75
N ILE Y 144 39.02 -31.06 -45.02
CA ILE Y 144 37.60 -31.25 -45.27
C ILE Y 144 37.29 -30.93 -46.72
N THR Y 145 36.72 -31.91 -47.42
CA THR Y 145 36.38 -31.74 -48.81
C THR Y 145 34.97 -31.17 -48.96
N TYR Y 146 34.61 -30.85 -50.21
CA TYR Y 146 33.32 -30.22 -50.54
C TYR Y 146 32.10 -31.05 -50.16
N ASP Y 147 32.25 -32.37 -50.21
CA ASP Y 147 31.15 -33.29 -49.96
C ASP Y 147 30.96 -33.58 -48.48
N GLY Y 148 31.79 -32.97 -47.64
CA GLY Y 148 31.71 -33.14 -46.19
C GLY Y 148 32.57 -34.25 -45.65
N SER Y 149 33.36 -34.89 -46.53
CA SER Y 149 34.32 -35.91 -46.12
C SER Y 149 35.49 -35.26 -45.39
N ILE Y 150 36.04 -35.97 -44.41
CA ILE Y 150 37.08 -35.43 -43.57
C ILE Y 150 38.16 -36.46 -43.29
N ALA Y 151 39.42 -36.05 -43.46
CA ALA Y 151 40.57 -36.90 -43.17
C ALA Y 151 41.68 -36.08 -42.52
N ASP Y 152 42.58 -36.74 -41.78
CA ASP Y 152 43.68 -36.03 -41.13
C ASP Y 152 45.06 -36.55 -41.54
N GLU Y 153 45.70 -35.80 -42.43
CA GLU Y 153 47.09 -36.08 -42.80
C GLU Y 153 48.02 -35.80 -41.63
N PRO Y 154 49.06 -36.65 -41.46
CA PRO Y 154 49.97 -36.49 -40.34
C PRO Y 154 51.13 -35.52 -40.61
N HIS Y 155 51.41 -35.24 -41.88
CA HIS Y 155 52.58 -34.45 -42.25
C HIS Y 155 52.30 -33.16 -43.03
N PHE Y 156 51.56 -33.28 -44.12
CA PHE Y 156 51.25 -32.13 -44.98
C PHE Y 156 49.90 -32.27 -45.69
N VAL Y 157 49.33 -31.12 -46.04
CA VAL Y 157 48.03 -31.06 -46.73
C VAL Y 157 48.10 -30.13 -47.97
N VAL Y 158 47.64 -30.68 -49.10
CA VAL Y 158 47.62 -29.97 -50.37
C VAL Y 158 46.16 -29.82 -50.84
N MET Y 159 45.84 -28.69 -51.44
CA MET Y 159 44.50 -28.43 -51.99
C MET Y 159 44.44 -27.28 -52.98
N GLY Y 160 43.55 -27.40 -53.97
CA GLY Y 160 43.36 -26.38 -54.99
C GLY Y 160 44.23 -26.63 -56.21
N GLY Y 161 43.65 -26.52 -57.39
CA GLY Y 161 44.36 -26.80 -58.64
C GLY Y 161 44.74 -28.26 -58.78
N THR Y 162 45.81 -28.51 -59.53
CA THR Y 162 46.34 -29.86 -59.71
C THR Y 162 47.26 -30.19 -58.53
N THR Y 163 46.81 -31.13 -57.68
CA THR Y 163 47.53 -31.49 -56.45
C THR Y 163 48.67 -32.51 -56.66
N GLU Y 164 48.48 -33.50 -57.55
CA GLU Y 164 49.48 -34.56 -57.75
C GLU Y 164 50.92 -34.07 -57.82
N PRO Y 165 51.25 -33.15 -58.75
CA PRO Y 165 52.64 -32.69 -58.86
C PRO Y 165 53.11 -31.90 -57.63
N ILE Y 166 52.20 -31.14 -57.02
CA ILE Y 166 52.52 -30.38 -55.80
C ILE Y 166 52.66 -31.31 -54.59
N ALA Y 167 51.74 -32.27 -54.49
CA ALA Y 167 51.73 -33.25 -53.40
C ALA Y 167 52.86 -34.26 -53.56
N ASN Y 168 53.16 -34.62 -54.80
CA ASN Y 168 54.25 -35.55 -55.08
C ASN Y 168 55.61 -34.98 -54.69
N ALA Y 169 55.86 -33.73 -55.07
CA ALA Y 169 57.10 -33.04 -54.70
C ALA Y 169 57.32 -33.03 -53.19
N LEU Y 170 56.23 -32.92 -52.43
CA LEU Y 170 56.28 -32.98 -50.96
C LEU Y 170 56.55 -34.37 -50.42
N LYS Y 171 55.96 -35.39 -51.06
CA LYS Y 171 56.16 -36.79 -50.62
C LYS Y 171 57.64 -37.13 -50.48
N GLU Y 172 58.51 -36.29 -51.04
CA GLU Y 172 59.96 -36.44 -50.93
C GLU Y 172 60.63 -35.26 -50.22
N SER Y 173 60.31 -34.04 -50.65
CA SER Y 173 60.95 -32.84 -50.11
C SER Y 173 60.61 -32.56 -48.64
N TYR Y 174 59.55 -33.18 -48.13
CA TYR Y 174 59.11 -32.95 -46.75
C TYR Y 174 60.17 -33.37 -45.72
N ALA Y 175 60.79 -32.37 -45.08
CA ALA Y 175 61.72 -32.63 -44.00
C ALA Y 175 60.93 -32.67 -42.70
N GLU Y 176 60.85 -33.88 -42.14
CA GLU Y 176 60.08 -34.19 -40.93
C GLU Y 176 60.04 -33.05 -39.91
N ASN Y 177 61.23 -32.62 -39.50
CA ASN Y 177 61.39 -31.59 -38.49
C ASN Y 177 62.14 -30.36 -39.03
N ALA Y 178 61.67 -29.86 -40.18
CA ALA Y 178 62.34 -28.76 -40.88
C ALA Y 178 62.40 -27.46 -40.06
N SER Y 179 63.10 -26.48 -40.60
CA SER Y 179 63.14 -25.15 -40.03
C SER Y 179 62.06 -24.29 -40.69
N LEU Y 180 61.73 -23.16 -40.08
CA LEU Y 180 60.82 -22.19 -40.64
C LEU Y 180 61.24 -21.79 -42.06
N THR Y 181 62.51 -21.42 -42.20
CA THR Y 181 63.08 -21.04 -43.49
C THR Y 181 63.27 -22.25 -44.42
N ASP Y 182 63.46 -23.42 -43.81
CA ASP Y 182 63.63 -24.67 -44.56
C ASP Y 182 62.31 -25.17 -45.14
N ALA Y 183 61.29 -25.25 -44.29
CA ALA Y 183 59.96 -25.70 -44.70
C ALA Y 183 59.33 -24.77 -45.73
N LEU Y 184 59.57 -23.47 -45.58
CA LEU Y 184 59.11 -22.46 -46.54
C LEU Y 184 59.72 -22.71 -47.92
N ARG Y 185 61.03 -22.93 -47.92
CA ARG Y 185 61.78 -23.32 -49.10
C ARG Y 185 61.15 -24.55 -49.75
N ILE Y 186 61.03 -25.62 -48.96
CA ILE Y 186 60.42 -26.89 -49.38
C ILE Y 186 59.02 -26.68 -49.95
N ALA Y 187 58.24 -25.85 -49.29
CA ALA Y 187 56.88 -25.55 -49.72
C ALA Y 187 56.84 -24.86 -51.09
N VAL Y 188 57.31 -23.61 -51.15
CA VAL Y 188 57.24 -22.79 -52.37
C VAL Y 188 57.78 -23.52 -53.59
N ALA Y 189 58.80 -24.35 -53.36
CA ALA Y 189 59.37 -25.20 -54.41
C ALA Y 189 58.36 -26.26 -54.85
N ALA Y 190 57.81 -26.99 -53.88
CA ALA Y 190 56.80 -28.02 -54.13
C ALA Y 190 55.57 -27.45 -54.83
N LEU Y 191 55.29 -26.18 -54.57
CA LEU Y 191 54.15 -25.48 -55.16
C LEU Y 191 54.38 -25.19 -56.66
N ARG Y 192 55.57 -24.69 -56.98
CA ARG Y 192 55.99 -24.46 -58.37
C ARG Y 192 55.92 -25.71 -59.25
N ALA Y 193 56.00 -26.88 -58.63
CA ALA Y 193 55.96 -28.15 -59.35
C ALA Y 193 54.65 -28.31 -60.13
N GLY Y 194 53.55 -27.80 -59.57
CA GLY Y 194 52.26 -27.75 -60.25
C GLY Y 194 51.96 -26.39 -60.85
N SER Y 195 52.72 -26.04 -61.89
CA SER Y 195 52.58 -24.75 -62.58
C SER Y 195 53.03 -24.87 -64.04
N LEU Y 206 57.44 -16.28 -61.16
CA LEU Y 206 56.55 -17.22 -60.46
C LEU Y 206 57.02 -17.48 -59.01
N GLY Y 207 56.05 -17.63 -58.11
CA GLY Y 207 56.30 -17.87 -56.68
C GLY Y 207 57.07 -16.77 -55.96
N VAL Y 208 56.79 -15.51 -56.30
CA VAL Y 208 57.52 -14.35 -55.75
C VAL Y 208 56.93 -13.93 -54.39
N ALA Y 209 57.54 -12.94 -53.74
CA ALA Y 209 57.06 -12.40 -52.46
C ALA Y 209 55.69 -11.73 -52.62
N SER Y 210 54.96 -12.17 -53.65
CA SER Y 210 53.61 -11.73 -53.93
C SER Y 210 52.66 -12.93 -53.81
N LEU Y 211 52.48 -13.40 -52.57
CA LEU Y 211 51.55 -14.48 -52.22
C LEU Y 211 51.22 -14.39 -50.72
N GLU Y 212 50.61 -15.41 -50.15
CA GLU Y 212 50.16 -15.35 -48.75
C GLU Y 212 50.81 -16.40 -47.85
N VAL Y 213 51.39 -15.92 -46.75
CA VAL Y 213 52.16 -16.74 -45.82
C VAL Y 213 51.81 -16.41 -44.37
N ALA Y 214 51.55 -17.44 -43.58
CA ALA Y 214 51.31 -17.31 -42.13
C ALA Y 214 51.66 -18.61 -41.41
N VAL Y 215 51.93 -18.53 -40.10
CA VAL Y 215 52.29 -19.73 -39.33
C VAL Y 215 51.54 -19.87 -38.01
N LEU Y 216 51.40 -21.11 -37.57
CA LEU Y 216 50.95 -21.37 -36.21
C LEU Y 216 52.16 -21.65 -35.33
N ASP Y 217 52.72 -20.56 -34.78
CA ASP Y 217 53.92 -20.61 -33.97
C ASP Y 217 53.65 -21.17 -32.59
N ALA Y 218 53.92 -22.46 -32.42
CA ALA Y 218 53.70 -23.19 -31.16
C ALA Y 218 54.44 -22.57 -29.99
N ASN Y 219 55.43 -21.74 -30.29
CA ASN Y 219 56.21 -21.12 -29.26
C ASN Y 219 55.55 -19.87 -28.66
N ARG Y 220 54.56 -19.33 -29.36
CA ARG Y 220 53.80 -18.17 -28.86
C ARG Y 220 53.04 -18.50 -27.56
N PRO Y 221 52.90 -17.51 -26.67
CA PRO Y 221 52.26 -17.76 -25.37
C PRO Y 221 50.78 -18.14 -25.50
N ARG Y 222 49.97 -17.23 -26.07
CA ARG Y 222 48.54 -17.46 -26.23
C ARG Y 222 48.15 -17.69 -27.69
N ARG Y 223 47.98 -16.59 -28.43
CA ARG Y 223 47.53 -16.66 -29.82
C ARG Y 223 48.65 -17.14 -30.73
N ALA Y 224 48.61 -18.43 -31.06
CA ALA Y 224 49.68 -19.05 -31.82
C ALA Y 224 49.59 -18.78 -33.33
N PHE Y 225 49.05 -17.63 -33.71
CA PHE Y 225 48.98 -17.25 -35.12
C PHE Y 225 49.92 -16.10 -35.39
N ARG Y 226 50.48 -16.06 -36.60
CA ARG Y 226 51.31 -14.95 -37.07
C ARG Y 226 51.39 -14.93 -38.58
N ARG Y 227 51.07 -13.77 -39.16
CA ARG Y 227 51.21 -13.56 -40.60
C ARG Y 227 52.63 -13.15 -40.86
N ILE Y 228 53.24 -13.70 -41.92
CA ILE Y 228 54.54 -13.22 -42.32
C ILE Y 228 54.41 -12.21 -43.46
N THR Y 229 54.77 -10.97 -43.13
CA THR Y 229 54.60 -9.81 -44.00
C THR Y 229 55.52 -9.85 -45.24
N GLY Y 230 55.83 -8.71 -45.83
CA GLY Y 230 56.61 -8.64 -47.06
C GLY Y 230 58.11 -8.73 -46.88
N SER Y 231 58.69 -7.75 -46.18
CA SER Y 231 60.15 -7.69 -46.05
C SER Y 231 60.73 -8.83 -45.21
N ALA Y 232 60.08 -9.13 -44.07
CA ALA Y 232 60.45 -10.25 -43.20
C ALA Y 232 60.44 -11.59 -43.92
N LEU Y 233 59.47 -11.74 -44.83
CA LEU Y 233 59.30 -12.93 -45.68
C LEU Y 233 60.53 -13.20 -46.56
N GLN Y 234 61.01 -12.16 -47.23
CA GLN Y 234 62.14 -12.26 -48.15
C GLN Y 234 63.34 -12.97 -47.51
N ALA Y 235 63.60 -12.64 -46.25
CA ALA Y 235 64.71 -13.21 -45.48
C ALA Y 235 64.62 -14.73 -45.26
N LEU Y 236 63.54 -15.34 -45.75
CA LEU Y 236 63.34 -16.80 -45.64
C LEU Y 236 63.04 -17.45 -46.99
N LEU Y 237 62.60 -16.64 -47.95
CA LEU Y 237 62.10 -17.09 -49.26
C LEU Y 237 63.13 -17.87 -50.12
N VAL Y 238 62.62 -18.81 -50.92
CA VAL Y 238 63.42 -19.68 -51.78
C VAL Y 238 63.73 -19.08 -53.17
N ASP Y 239 64.99 -19.19 -53.58
CA ASP Y 239 65.45 -18.82 -54.91
C ASP Y 239 64.89 -19.83 -55.94
N GLN Y 240 64.28 -19.34 -57.03
CA GLN Y 240 63.81 -20.22 -58.10
C GLN Y 240 64.69 -20.17 -59.36
N THR Z 1 35.62 -1.08 -2.83
CA THR Z 1 36.45 -1.12 -4.08
C THR Z 1 36.92 0.25 -4.53
N THR Z 2 38.08 0.26 -5.17
CA THR Z 2 38.62 1.40 -5.87
C THR Z 2 39.47 0.87 -7.02
N ILE Z 3 39.16 1.32 -8.23
CA ILE Z 3 40.03 1.11 -9.36
C ILE Z 3 40.43 2.53 -9.71
N VAL Z 4 41.67 2.69 -10.14
CA VAL Z 4 42.18 4.02 -10.45
C VAL Z 4 42.97 3.97 -11.74
N ALA Z 5 42.91 5.03 -12.53
CA ALA Z 5 43.68 5.09 -13.77
C ALA Z 5 44.36 6.43 -13.94
N LEU Z 6 45.61 6.37 -14.39
CA LEU Z 6 46.46 7.53 -14.55
C LEU Z 6 47.05 7.64 -15.94
N LYS Z 7 47.13 8.86 -16.43
CA LYS Z 7 47.72 9.19 -17.70
C LYS Z 7 49.07 9.88 -17.44
N TYR Z 8 50.13 9.32 -18.02
CA TYR Z 8 51.47 9.90 -17.96
C TYR Z 8 51.99 10.04 -19.41
N PRO Z 9 53.06 10.83 -19.63
CA PRO Z 9 53.63 11.09 -20.95
C PRO Z 9 53.71 9.87 -21.89
N GLY Z 10 54.28 8.76 -21.42
CA GLY Z 10 54.38 7.52 -22.21
C GLY Z 10 53.05 6.87 -22.57
N GLY Z 11 52.19 6.66 -21.58
CA GLY Z 11 50.90 6.03 -21.79
C GLY Z 11 49.95 6.14 -20.61
N VAL Z 12 49.43 5.00 -20.15
CA VAL Z 12 48.50 4.91 -19.00
C VAL Z 12 48.81 3.78 -18.02
N VAL Z 13 48.44 4.01 -16.76
CA VAL Z 13 48.51 2.98 -15.72
C VAL Z 13 47.14 2.84 -15.07
N MET Z 14 46.70 1.60 -14.87
CA MET Z 14 45.49 1.34 -14.11
C MET Z 14 45.80 0.34 -13.01
N ALA Z 15 45.30 0.63 -11.80
CA ALA Z 15 45.51 -0.24 -10.65
C ALA Z 15 44.29 -0.25 -9.73
N GLY Z 16 43.98 -1.42 -9.20
CA GLY Z 16 42.85 -1.57 -8.29
C GLY Z 16 43.13 -2.56 -7.17
N ASP Z 17 42.49 -2.34 -6.02
CA ASP Z 17 42.69 -3.18 -4.84
C ASP Z 17 42.16 -4.60 -5.05
N ARG Z 18 42.11 -5.39 -3.98
CA ARG Z 18 41.65 -6.78 -4.05
C ARG Z 18 40.59 -7.17 -3.02
N ARG Z 19 40.02 -6.21 -2.32
CA ARG Z 19 38.99 -6.52 -1.35
C ARG Z 19 37.68 -6.89 -2.04
N SER Z 20 36.96 -7.80 -1.40
CA SER Z 20 35.62 -8.10 -1.80
C SER Z 20 34.87 -8.30 -0.52
N THR Z 21 33.82 -7.50 -0.36
CA THR Z 21 33.09 -7.48 0.88
C THR Z 21 31.65 -7.89 0.65
N GLN Z 22 30.97 -8.23 1.73
CA GLN Z 22 29.59 -8.63 1.67
C GLN Z 22 28.94 -8.25 2.96
N GLY Z 23 28.27 -7.12 2.94
CA GLY Z 23 27.82 -6.50 4.17
C GLY Z 23 29.04 -5.77 4.62
N ASN Z 24 29.36 -5.90 5.89
CA ASN Z 24 30.62 -5.37 6.38
C ASN Z 24 31.51 -6.55 6.80
N MET Z 25 31.58 -7.52 5.91
CA MET Z 25 32.19 -8.79 6.19
C MET Z 25 33.12 -9.09 5.04
N ILE Z 26 34.43 -9.12 5.31
CA ILE Z 26 35.42 -9.36 4.28
C ILE Z 26 35.23 -10.75 3.73
N SER Z 27 35.08 -10.86 2.42
CA SER Z 27 34.78 -12.14 1.79
C SER Z 27 35.74 -12.42 0.64
N GLY Z 28 36.76 -11.58 0.52
CA GLY Z 28 37.75 -11.70 -0.54
C GLY Z 28 38.92 -10.81 -0.17
N ARG Z 29 40.12 -11.29 -0.47
CA ARG Z 29 41.33 -10.55 -0.11
C ARG Z 29 42.33 -10.53 -1.26
N ASP Z 30 41.93 -11.09 -2.41
CA ASP Z 30 42.82 -11.41 -3.50
C ASP Z 30 42.16 -11.26 -4.86
N VAL Z 31 41.10 -10.48 -4.94
CA VAL Z 31 40.33 -10.32 -6.17
C VAL Z 31 41.15 -9.55 -7.21
N ARG Z 32 41.15 -10.04 -8.45
CA ARG Z 32 41.84 -9.34 -9.53
C ARG Z 32 40.84 -8.49 -10.30
N LYS Z 33 40.75 -7.22 -9.93
CA LYS Z 33 39.73 -6.34 -10.50
C LYS Z 33 40.15 -5.64 -11.79
N VAL Z 34 41.41 -5.79 -12.19
CA VAL Z 34 41.90 -5.11 -13.38
C VAL Z 34 42.34 -6.12 -14.43
N TYR Z 35 41.79 -6.01 -15.64
CA TYR Z 35 42.03 -6.98 -16.72
C TYR Z 35 42.66 -6.38 -17.96
N ILE Z 36 43.46 -7.19 -18.66
CA ILE Z 36 44.03 -6.78 -19.93
C ILE Z 36 43.08 -7.24 -21.04
N THR Z 37 42.24 -6.34 -21.51
CA THR Z 37 41.18 -6.69 -22.46
C THR Z 37 41.74 -7.08 -23.83
N ASP Z 38 42.66 -6.28 -24.33
CA ASP Z 38 43.47 -6.67 -25.47
C ASP Z 38 44.85 -6.00 -25.37
N ASP Z 39 45.61 -6.01 -26.45
CA ASP Z 39 46.99 -5.55 -26.37
C ASP Z 39 47.19 -4.09 -25.95
N TYR Z 40 46.19 -3.26 -26.19
CA TYR Z 40 46.28 -1.85 -25.84
C TYR Z 40 45.15 -1.36 -24.94
N THR Z 41 44.38 -2.30 -24.38
CA THR Z 41 43.32 -1.91 -23.48
C THR Z 41 43.27 -2.70 -22.19
N ALA Z 42 43.22 -1.96 -21.10
CA ALA Z 42 42.97 -2.52 -19.79
C ALA Z 42 41.60 -2.03 -19.32
N THR Z 43 40.86 -2.93 -18.69
CA THR Z 43 39.53 -2.62 -18.19
C THR Z 43 39.39 -3.03 -16.73
N GLY Z 44 39.02 -2.07 -15.87
CA GLY Z 44 38.75 -2.32 -14.45
C GLY Z 44 37.26 -2.21 -14.21
N ILE Z 45 36.74 -2.92 -13.21
CA ILE Z 45 35.29 -3.05 -13.02
C ILE Z 45 34.89 -3.06 -11.56
N ALA Z 46 33.92 -2.26 -11.19
CA ALA Z 46 33.52 -2.14 -9.80
C ALA Z 46 32.06 -2.54 -9.56
N GLY Z 47 31.73 -2.87 -8.32
CA GLY Z 47 30.37 -3.29 -7.98
C GLY Z 47 30.19 -4.79 -7.82
N THR Z 48 29.14 -5.31 -8.45
CA THR Z 48 28.71 -6.69 -8.30
C THR Z 48 29.69 -7.63 -9.00
N ALA Z 49 30.39 -8.42 -8.18
CA ALA Z 49 31.46 -9.31 -8.64
C ALA Z 49 31.06 -10.23 -9.80
N ALA Z 50 29.95 -10.94 -9.66
CA ALA Z 50 29.53 -11.83 -10.74
C ALA Z 50 29.45 -11.10 -12.10
N VAL Z 51 28.97 -9.87 -12.08
CA VAL Z 51 28.80 -9.09 -13.30
C VAL Z 51 30.14 -8.57 -13.77
N ALA Z 52 30.88 -7.96 -12.86
CA ALA Z 52 32.22 -7.44 -13.13
C ALA Z 52 33.09 -8.43 -13.92
N VAL Z 53 33.22 -9.63 -13.34
CA VAL Z 53 33.98 -10.72 -13.93
C VAL Z 53 33.47 -11.00 -15.35
N GLU Z 54 32.14 -11.07 -15.48
CA GLU Z 54 31.52 -11.40 -16.76
C GLU Z 54 31.69 -10.32 -17.80
N PHE Z 55 31.57 -9.06 -17.38
CA PHE Z 55 31.82 -7.93 -18.28
C PHE Z 55 33.17 -8.12 -18.93
N ALA Z 56 34.22 -8.13 -18.10
CA ALA Z 56 35.60 -8.25 -18.56
C ALA Z 56 35.76 -9.40 -19.52
N ARG Z 57 35.44 -10.59 -19.02
CA ARG Z 57 35.58 -11.83 -19.80
C ARG Z 57 34.88 -11.70 -21.17
N LEU Z 58 33.61 -11.32 -21.15
CA LEU Z 58 32.81 -11.14 -22.38
C LEU Z 58 33.38 -10.08 -23.31
N TYR Z 59 33.73 -8.93 -22.73
CA TYR Z 59 34.26 -7.80 -23.49
C TYR Z 59 35.50 -8.18 -24.30
N ALA Z 60 36.49 -8.76 -23.62
CA ALA Z 60 37.71 -9.18 -24.31
C ALA Z 60 37.40 -10.12 -25.48
N VAL Z 61 36.42 -11.00 -25.29
CA VAL Z 61 36.01 -11.93 -26.35
C VAL Z 61 35.45 -11.14 -27.54
N GLU Z 62 34.64 -10.12 -27.26
CA GLU Z 62 34.05 -9.30 -28.32
C GLU Z 62 35.12 -8.65 -29.17
N LEU Z 63 36.06 -7.96 -28.50
CA LEU Z 63 37.13 -7.28 -29.21
C LEU Z 63 37.93 -8.24 -30.11
N GLU Z 64 38.46 -9.31 -29.52
CA GLU Z 64 39.22 -10.29 -30.26
C GLU Z 64 38.40 -10.92 -31.38
N HIS Z 65 37.10 -11.07 -31.14
CA HIS Z 65 36.19 -11.60 -32.14
C HIS Z 65 36.03 -10.70 -33.37
N TYR Z 66 35.95 -9.37 -33.16
CA TYR Z 66 35.91 -8.42 -34.30
C TYR Z 66 37.19 -8.52 -35.11
N GLU Z 67 38.31 -8.54 -34.38
CA GLU Z 67 39.62 -8.63 -35.00
C GLU Z 67 39.70 -9.84 -35.90
N LYS Z 68 39.47 -11.01 -35.32
CA LYS Z 68 39.54 -12.22 -36.11
C LYS Z 68 38.61 -12.21 -37.31
N LEU Z 69 37.51 -11.46 -37.24
CA LEU Z 69 36.54 -11.47 -38.32
C LEU Z 69 36.89 -10.49 -39.41
N GLU Z 70 37.11 -9.25 -39.02
CA GLU Z 70 37.39 -8.18 -39.98
C GLU Z 70 38.86 -8.05 -40.34
N GLY Z 71 39.72 -8.65 -39.52
CA GLY Z 71 41.15 -8.68 -39.78
C GLY Z 71 41.90 -7.53 -39.16
N VAL Z 72 41.19 -6.63 -38.49
CA VAL Z 72 41.77 -5.41 -37.95
C VAL Z 72 41.08 -5.11 -36.62
N PRO Z 73 41.85 -4.76 -35.56
CA PRO Z 73 41.22 -4.33 -34.29
C PRO Z 73 40.26 -3.14 -34.48
N LEU Z 74 39.30 -2.98 -33.57
CA LEU Z 74 38.38 -1.85 -33.60
C LEU Z 74 39.12 -0.54 -33.37
N THR Z 75 38.55 0.57 -33.85
CA THR Z 75 39.01 1.90 -33.46
C THR Z 75 38.88 2.00 -31.96
N PHE Z 76 39.62 2.93 -31.35
CA PHE Z 76 39.43 3.14 -29.94
C PHE Z 76 37.99 3.60 -29.71
N ALA Z 77 37.50 4.45 -30.59
CA ALA Z 77 36.10 4.88 -30.50
C ALA Z 77 35.18 3.66 -30.55
N GLY Z 78 35.47 2.74 -31.47
CA GLY Z 78 34.74 1.48 -31.54
C GLY Z 78 34.75 0.73 -30.23
N LYS Z 79 35.94 0.54 -29.67
CA LYS Z 79 36.10 -0.16 -28.39
C LYS Z 79 35.25 0.47 -27.28
N ILE Z 80 35.30 1.80 -27.18
CA ILE Z 80 34.49 2.53 -26.21
C ILE Z 80 33.00 2.25 -26.38
N ASN Z 81 32.54 2.40 -27.62
CA ASN Z 81 31.16 2.18 -27.94
C ASN Z 81 30.63 0.80 -27.50
N ARG Z 82 31.36 -0.25 -27.84
CA ARG Z 82 30.97 -1.60 -27.48
C ARG Z 82 30.86 -1.80 -25.97
N LEU Z 83 31.86 -1.35 -25.22
CA LEU Z 83 31.76 -1.43 -23.74
C LEU Z 83 30.52 -0.69 -23.28
N ALA Z 84 30.31 0.53 -23.80
CA ALA Z 84 29.11 1.31 -23.46
C ALA Z 84 27.83 0.52 -23.65
N ILE Z 85 27.67 -0.07 -24.83
CA ILE Z 85 26.46 -0.83 -25.16
C ILE Z 85 26.23 -1.93 -24.13
N MET Z 86 27.27 -2.73 -23.88
CA MET Z 86 27.28 -3.77 -22.84
C MET Z 86 26.75 -3.23 -21.51
N VAL Z 87 27.31 -2.11 -21.05
CA VAL Z 87 26.84 -1.49 -19.83
C VAL Z 87 25.35 -1.16 -19.90
N ARG Z 88 24.87 -0.61 -21.03
CA ARG Z 88 23.42 -0.30 -21.11
C ARG Z 88 22.61 -1.57 -21.06
N GLY Z 89 23.05 -2.57 -21.82
CA GLY Z 89 22.47 -3.89 -21.79
C GLY Z 89 22.30 -4.51 -20.40
N ASN Z 90 22.79 -3.85 -19.37
CA ASN Z 90 22.69 -4.38 -18.01
C ASN Z 90 21.82 -3.52 -17.10
N LEU Z 91 21.28 -2.44 -17.66
CA LEU Z 91 20.50 -1.46 -16.88
C LEU Z 91 19.38 -2.14 -16.12
N ALA Z 92 18.66 -3.03 -16.82
CA ALA Z 92 17.62 -3.87 -16.22
C ALA Z 92 18.15 -4.48 -14.94
N ALA Z 93 19.21 -5.30 -15.08
CA ALA Z 93 19.85 -6.01 -13.99
C ALA Z 93 20.33 -5.05 -12.90
N ALA Z 94 21.04 -4.01 -13.30
CA ALA Z 94 21.56 -2.99 -12.37
C ALA Z 94 20.45 -2.43 -11.49
N MET Z 95 19.30 -2.21 -12.10
CA MET Z 95 18.12 -1.70 -11.45
C MET Z 95 17.75 -2.53 -10.25
N GLN Z 96 17.95 -3.84 -10.39
CA GLN Z 96 17.55 -4.75 -9.33
C GLN Z 96 18.61 -5.10 -8.28
N GLY Z 97 19.88 -4.96 -8.63
CA GLY Z 97 20.94 -5.12 -7.64
C GLY Z 97 22.24 -5.38 -8.36
N LEU Z 98 22.14 -6.09 -9.47
CA LEU Z 98 23.28 -6.50 -10.27
C LEU Z 98 23.99 -5.32 -10.96
N LEU Z 99 24.37 -4.31 -10.20
CA LEU Z 99 25.02 -3.13 -10.76
C LEU Z 99 26.53 -3.35 -10.88
N ALA Z 100 27.13 -2.93 -12.00
CA ALA Z 100 28.58 -3.00 -12.20
C ALA Z 100 29.07 -1.96 -13.18
N LEU Z 101 29.94 -1.07 -12.71
CA LEU Z 101 30.51 0.02 -13.53
C LEU Z 101 31.98 -0.18 -13.89
N PRO Z 102 32.30 -0.22 -15.21
CA PRO Z 102 33.67 -0.33 -15.70
C PRO Z 102 34.41 1.01 -15.79
N LEU Z 103 35.74 0.94 -15.77
CA LEU Z 103 36.62 2.06 -16.12
C LEU Z 103 37.54 1.56 -17.20
N LEU Z 104 37.63 2.29 -18.31
CA LEU Z 104 38.51 1.89 -19.40
C LEU Z 104 39.81 2.69 -19.43
N ALA Z 105 40.93 1.98 -19.63
CA ALA Z 105 42.24 2.61 -19.84
C ALA Z 105 42.88 2.00 -21.07
N GLY Z 106 43.39 2.85 -21.97
CA GLY Z 106 43.98 2.35 -23.21
C GLY Z 106 45.03 3.24 -23.83
N TYR Z 107 45.80 2.68 -24.76
CA TYR Z 107 46.75 3.44 -25.58
C TYR Z 107 46.29 3.39 -27.03
N ASP Z 108 45.94 4.55 -27.58
CA ASP Z 108 45.48 4.65 -28.97
C ASP Z 108 46.67 4.76 -29.89
N ILE Z 109 47.04 3.65 -30.51
CA ILE Z 109 48.17 3.59 -31.43
C ILE Z 109 47.97 4.47 -32.69
N HIS Z 110 46.85 5.18 -32.76
CA HIS Z 110 46.62 6.08 -33.90
C HIS Z 110 46.44 7.53 -33.51
N ALA Z 111 46.66 7.85 -32.24
CA ALA Z 111 46.61 9.24 -31.79
C ALA Z 111 47.68 10.04 -32.53
N SER Z 112 47.37 11.30 -32.81
CA SER Z 112 48.31 12.18 -33.51
C SER Z 112 49.63 12.27 -32.76
N ASP Z 113 49.53 12.71 -31.51
CA ASP Z 113 50.69 12.84 -30.63
C ASP Z 113 50.85 11.57 -29.77
N PRO Z 114 51.86 10.72 -30.10
CA PRO Z 114 52.09 9.43 -29.44
C PRO Z 114 52.40 9.56 -27.96
N GLN Z 115 52.49 10.81 -27.48
CA GLN Z 115 52.76 11.07 -26.07
C GLN Z 115 51.48 11.45 -25.34
N SER Z 116 50.39 11.51 -26.09
CA SER Z 116 49.05 11.75 -25.56
C SER Z 116 48.09 10.66 -26.02
N ALA Z 117 48.64 9.50 -26.36
CA ALA Z 117 47.87 8.38 -26.85
C ALA Z 117 47.22 7.61 -25.69
N GLY Z 118 47.57 7.99 -24.46
CA GLY Z 118 46.95 7.39 -23.28
C GLY Z 118 45.51 7.86 -23.16
N ARG Z 119 44.58 6.92 -22.92
CA ARG Z 119 43.16 7.24 -22.76
C ARG Z 119 42.57 6.71 -21.47
N ILE Z 120 41.73 7.53 -20.82
CA ILE Z 120 40.92 7.06 -19.71
C ILE Z 120 39.45 7.40 -19.96
N VAL Z 121 38.62 6.36 -20.10
CA VAL Z 121 37.19 6.52 -20.39
C VAL Z 121 36.38 6.01 -19.22
N SER Z 122 35.60 6.89 -18.59
CA SER Z 122 34.77 6.46 -17.46
C SER Z 122 33.35 6.19 -17.93
N PHE Z 123 32.64 5.32 -17.21
CA PHE Z 123 31.36 4.84 -17.69
C PHE Z 123 30.21 5.04 -16.74
N ASP Z 124 29.04 5.10 -17.34
CA ASP Z 124 27.81 5.58 -16.76
C ASP Z 124 26.87 4.38 -16.69
N ALA Z 125 26.19 4.19 -15.56
CA ALA Z 125 25.25 3.05 -15.41
C ALA Z 125 24.22 2.89 -16.56
N ALA Z 126 24.00 3.98 -17.31
CA ALA Z 126 23.06 3.99 -18.42
C ALA Z 126 23.72 3.78 -19.77
N GLY Z 127 25.03 3.57 -19.77
CA GLY Z 127 25.78 3.38 -21.00
C GLY Z 127 26.41 4.64 -21.55
N GLY Z 128 26.38 5.72 -20.76
CA GLY Z 128 27.09 6.95 -21.10
C GLY Z 128 28.58 6.80 -20.86
N TRP Z 129 29.39 7.67 -21.48
CA TRP Z 129 30.85 7.63 -21.31
C TRP Z 129 31.47 8.99 -21.55
N ASN Z 130 32.50 9.32 -20.77
CA ASN Z 130 33.24 10.56 -20.99
C ASN Z 130 34.70 10.26 -20.99
N ILE Z 131 35.36 10.54 -22.12
CA ILE Z 131 36.83 10.49 -22.23
C ILE Z 131 37.40 11.55 -21.30
N GLU Z 132 38.12 11.10 -20.28
CA GLU Z 132 38.41 11.92 -19.11
C GLU Z 132 39.21 13.20 -19.32
N GLU Z 133 40.29 13.09 -20.10
CA GLU Z 133 41.22 14.21 -20.34
C GLU Z 133 41.41 15.14 -19.14
N GLU Z 134 41.94 14.58 -18.06
CA GLU Z 134 42.31 15.36 -16.89
C GLU Z 134 43.36 14.54 -16.18
N GLY Z 135 43.73 13.43 -16.80
CA GLY Z 135 44.87 12.64 -16.34
C GLY Z 135 44.55 11.52 -15.37
N TYR Z 136 43.55 11.73 -14.52
CA TYR Z 136 43.20 10.74 -13.52
C TYR Z 136 41.70 10.52 -13.43
N GLN Z 137 41.32 9.30 -13.04
CA GLN Z 137 39.93 8.94 -12.77
C GLN Z 137 39.86 7.69 -11.89
N ALA Z 138 38.76 7.53 -11.18
CA ALA Z 138 38.55 6.36 -10.33
C ALA Z 138 37.08 5.87 -10.34
N VAL Z 139 36.88 4.61 -9.98
CA VAL Z 139 35.53 4.03 -9.86
C VAL Z 139 35.50 3.14 -8.61
N GLY Z 140 34.41 3.20 -7.86
CA GLY Z 140 34.21 2.28 -6.74
C GLY Z 140 33.87 3.00 -5.46
N SER Z 141 33.64 2.23 -4.41
CA SER Z 141 33.22 2.77 -3.12
C SER Z 141 34.18 3.78 -2.52
N GLY Z 142 35.43 3.73 -2.95
CA GLY Z 142 36.43 4.70 -2.48
C GLY Z 142 36.98 5.64 -3.54
N SER Z 143 36.46 5.54 -4.76
CA SER Z 143 36.87 6.38 -5.87
C SER Z 143 36.94 7.87 -5.49
N LEU Z 144 36.00 8.29 -4.65
CA LEU Z 144 35.95 9.65 -4.17
C LEU Z 144 37.24 10.09 -3.47
N PHE Z 145 37.71 9.25 -2.55
CA PHE Z 145 38.92 9.51 -1.76
C PHE Z 145 40.14 9.45 -2.66
N ALA Z 146 40.19 8.42 -3.52
CA ALA Z 146 41.26 8.29 -4.51
C ALA Z 146 41.41 9.55 -5.35
N LYS Z 147 40.42 9.85 -6.20
CA LYS Z 147 40.41 11.07 -7.03
C LYS Z 147 40.95 12.31 -6.30
N SER Z 148 40.52 12.48 -5.04
CA SER Z 148 40.81 13.69 -4.30
C SER Z 148 42.28 13.75 -3.87
N SER Z 149 42.83 12.59 -3.50
CA SER Z 149 44.24 12.44 -3.13
C SER Z 149 45.09 12.57 -4.37
N MET Z 150 44.70 11.79 -5.38
CA MET Z 150 45.25 11.81 -6.71
C MET Z 150 45.19 13.19 -7.38
N LYS Z 151 44.35 14.09 -6.86
CA LYS Z 151 44.29 15.47 -7.33
C LYS Z 151 45.58 16.17 -6.95
N LYS Z 152 45.93 16.07 -5.67
CA LYS Z 152 47.12 16.68 -5.11
C LYS Z 152 48.43 16.05 -5.65
N LEU Z 153 48.51 14.73 -5.67
CA LEU Z 153 49.75 14.07 -6.06
C LEU Z 153 49.97 13.95 -7.57
N TYR Z 154 49.16 14.64 -8.38
CA TYR Z 154 49.28 14.46 -9.83
C TYR Z 154 50.50 15.11 -10.47
N SER Z 155 50.89 16.29 -9.97
CA SER Z 155 52.06 16.98 -10.52
C SER Z 155 53.31 16.08 -10.47
N GLN Z 156 53.41 15.24 -9.44
CA GLN Z 156 54.50 14.28 -9.33
C GLN Z 156 54.65 13.29 -10.50
N VAL Z 157 53.67 13.25 -11.41
CA VAL Z 157 53.69 12.22 -12.47
C VAL Z 157 54.59 12.65 -13.63
N THR Z 158 55.64 11.85 -13.84
CA THR Z 158 56.71 12.21 -14.75
C THR Z 158 56.87 11.14 -15.81
N ASP Z 159 56.75 9.89 -15.38
CA ASP Z 159 56.91 8.72 -16.24
C ASP Z 159 56.14 7.54 -15.68
N GLY Z 160 56.20 6.42 -16.38
CA GLY Z 160 55.56 5.17 -15.97
C GLY Z 160 55.71 4.90 -14.48
N ASP Z 161 56.91 4.49 -14.09
CA ASP Z 161 57.19 4.23 -12.67
C ASP Z 161 56.75 5.39 -11.76
N SER Z 162 56.87 6.61 -12.25
CA SER Z 162 56.44 7.80 -11.51
C SER Z 162 54.93 7.77 -11.25
N GLY Z 163 54.15 7.64 -12.32
CA GLY Z 163 52.69 7.53 -12.22
C GLY Z 163 52.23 6.38 -11.34
N LEU Z 164 52.77 5.19 -11.61
CA LEU Z 164 52.46 3.99 -10.85
C LEU Z 164 52.53 4.18 -9.33
N ARG Z 165 53.43 5.05 -8.85
CA ARG Z 165 53.53 5.27 -7.41
C ARG Z 165 52.34 6.07 -6.90
N VAL Z 166 51.93 7.06 -7.68
CA VAL Z 166 50.76 7.88 -7.32
C VAL Z 166 49.52 6.98 -7.29
N ALA Z 167 49.37 6.14 -8.32
CA ALA Z 167 48.29 5.17 -8.38
C ALA Z 167 48.19 4.42 -7.07
N VAL Z 168 49.26 3.70 -6.73
CA VAL Z 168 49.30 2.88 -5.53
C VAL Z 168 49.01 3.71 -4.27
N GLU Z 169 49.46 4.96 -4.29
CA GLU Z 169 49.25 5.83 -3.16
C GLU Z 169 47.79 6.28 -3.00
N ALA Z 170 47.12 6.57 -4.11
CA ALA Z 170 45.68 6.87 -4.03
C ALA Z 170 44.91 5.64 -3.52
N LEU Z 171 45.17 4.46 -4.10
CA LEU Z 171 44.58 3.22 -3.58
C LEU Z 171 44.85 3.04 -2.07
N TYR Z 172 46.05 3.44 -1.62
CA TYR Z 172 46.34 3.43 -0.19
C TYR Z 172 45.42 4.42 0.54
N ASP Z 173 45.26 5.61 -0.03
CA ASP Z 173 44.43 6.66 0.54
C ASP Z 173 42.97 6.29 0.54
N ALA Z 174 42.54 5.55 -0.49
CA ALA Z 174 41.17 5.06 -0.59
C ALA Z 174 40.87 4.13 0.61
N ALA Z 175 41.76 3.13 0.75
CA ALA Z 175 41.65 2.10 1.76
C ALA Z 175 41.65 2.72 3.15
N ASP Z 176 42.24 3.91 3.22
CA ASP Z 176 42.39 4.60 4.48
C ASP Z 176 41.08 5.16 5.00
N ASP Z 177 40.08 5.25 4.12
CA ASP Z 177 38.81 5.91 4.42
C ASP Z 177 37.61 5.09 4.01
N ASP Z 178 37.78 4.30 2.95
CA ASP Z 178 36.73 3.41 2.47
C ASP Z 178 36.96 1.98 2.99
N SER Z 179 36.21 1.61 4.03
CA SER Z 179 36.32 0.30 4.65
C SER Z 179 36.04 -0.85 3.67
N ALA Z 180 35.61 -0.52 2.46
CA ALA Z 180 35.27 -1.56 1.51
C ALA Z 180 36.32 -1.66 0.44
N THR Z 181 37.42 -0.92 0.60
CA THR Z 181 38.49 -0.91 -0.39
C THR Z 181 39.67 -1.82 -0.09
N GLY Z 182 40.23 -1.73 1.12
CA GLY Z 182 41.30 -2.67 1.49
C GLY Z 182 42.68 -2.33 0.96
N GLY Z 183 43.57 -1.97 1.88
CA GLY Z 183 44.93 -1.59 1.55
C GLY Z 183 45.82 -2.80 1.42
N PRO Z 184 47.15 -2.59 1.48
CA PRO Z 184 48.12 -3.65 1.26
C PRO Z 184 48.25 -4.54 2.49
N ASP Z 185 48.19 -5.86 2.29
CA ASP Z 185 48.29 -6.79 3.41
C ASP Z 185 49.71 -7.29 3.52
N LEU Z 186 50.47 -6.69 4.44
CA LEU Z 186 51.85 -7.14 4.65
C LEU Z 186 51.83 -8.51 5.32
N VAL Z 187 51.04 -8.66 6.39
CA VAL Z 187 50.93 -9.94 7.10
C VAL Z 187 50.65 -11.14 6.20
N ARG Z 188 50.03 -10.89 5.05
CA ARG Z 188 49.60 -11.96 4.15
C ARG Z 188 50.37 -11.85 2.82
N GLY Z 189 51.02 -10.69 2.59
CA GLY Z 189 51.71 -10.41 1.35
C GLY Z 189 50.82 -10.30 0.12
N ILE Z 190 49.72 -9.55 0.28
CA ILE Z 190 48.73 -9.28 -0.77
C ILE Z 190 48.76 -7.79 -1.12
N PHE Z 191 48.87 -7.46 -2.41
CA PHE Z 191 49.04 -6.07 -2.85
C PHE Z 191 48.17 -5.76 -4.06
N PRO Z 192 47.80 -4.47 -4.24
CA PRO Z 192 46.96 -4.06 -5.39
C PRO Z 192 47.56 -4.59 -6.68
N THR Z 193 46.73 -4.96 -7.66
CA THR Z 193 47.26 -5.31 -8.98
C THR Z 193 47.29 -4.06 -9.86
N ALA Z 194 48.11 -4.10 -10.92
CA ALA Z 194 48.21 -2.99 -11.86
C ALA Z 194 48.56 -3.43 -13.29
N VAL Z 195 48.31 -2.53 -14.23
CA VAL Z 195 48.63 -2.75 -15.64
C VAL Z 195 49.12 -1.42 -16.22
N ILE Z 196 50.12 -1.50 -17.10
CA ILE Z 196 50.69 -0.32 -17.76
C ILE Z 196 50.55 -0.46 -19.26
N ILE Z 197 50.20 0.64 -19.93
CA ILE Z 197 50.11 0.61 -21.39
C ILE Z 197 50.87 1.78 -22.02
N ASP Z 198 51.77 1.44 -22.94
CA ASP Z 198 52.53 2.40 -23.73
C ASP Z 198 52.54 1.90 -25.18
N ALA Z 199 53.32 2.56 -26.06
CA ALA Z 199 53.36 2.19 -27.47
C ALA Z 199 53.68 0.71 -27.68
N ASP Z 200 54.31 0.09 -26.68
CA ASP Z 200 54.73 -1.30 -26.77
C ASP Z 200 53.63 -2.31 -26.45
N GLY Z 201 52.63 -1.87 -25.70
CA GLY Z 201 51.48 -2.73 -25.37
C GLY Z 201 51.08 -2.62 -23.92
N ALA Z 202 50.26 -3.58 -23.48
CA ALA Z 202 49.78 -3.62 -22.12
C ALA Z 202 50.46 -4.76 -21.37
N VAL Z 203 50.96 -4.46 -20.19
CA VAL Z 203 51.72 -5.41 -19.40
C VAL Z 203 51.32 -5.35 -17.93
N ASP Z 204 51.26 -6.53 -17.31
CA ASP Z 204 51.03 -6.61 -15.87
C ASP Z 204 52.23 -6.15 -15.10
N VAL Z 205 52.01 -5.17 -14.22
CA VAL Z 205 53.04 -4.69 -13.33
C VAL Z 205 53.31 -5.77 -12.30
N PRO Z 206 54.58 -6.22 -12.18
CA PRO Z 206 54.91 -7.28 -11.22
C PRO Z 206 54.70 -6.79 -9.78
N GLU Z 207 54.28 -7.70 -8.90
CA GLU Z 207 53.89 -7.30 -7.54
C GLU Z 207 55.06 -6.73 -6.77
N SER Z 208 56.24 -7.20 -7.14
CA SER Z 208 57.50 -6.76 -6.57
C SER Z 208 57.58 -5.24 -6.53
N ARG Z 209 57.48 -4.61 -7.69
CA ARG Z 209 57.55 -3.15 -7.79
C ARG Z 209 56.42 -2.49 -7.01
N ILE Z 210 55.27 -3.15 -6.97
CA ILE Z 210 54.11 -2.64 -6.23
C ILE Z 210 54.35 -2.77 -4.72
N ALA Z 211 54.72 -3.97 -4.29
CA ALA Z 211 54.92 -4.28 -2.88
C ALA Z 211 55.98 -3.37 -2.29
N GLU Z 212 57.00 -3.12 -3.08
CA GLU Z 212 58.06 -2.21 -2.73
C GLU Z 212 57.46 -0.81 -2.55
N LEU Z 213 56.91 -0.26 -3.64
CA LEU Z 213 56.21 1.02 -3.63
C LEU Z 213 55.22 1.24 -2.48
N ALA Z 214 54.49 0.17 -2.14
CA ALA Z 214 53.58 0.17 -1.00
C ALA Z 214 54.30 0.44 0.30
N ARG Z 215 55.37 -0.31 0.57
CA ARG Z 215 56.14 -0.20 1.82
C ARG Z 215 56.76 1.17 1.96
N ALA Z 216 57.17 1.74 0.82
CA ALA Z 216 57.62 3.11 0.75
C ALA Z 216 56.57 4.06 1.32
N ILE Z 217 55.35 3.98 0.78
CA ILE Z 217 54.18 4.74 1.26
C ILE Z 217 53.95 4.54 2.74
N ILE Z 218 53.91 3.28 3.16
CA ILE Z 218 53.62 2.94 4.55
C ILE Z 218 54.66 3.53 5.51
N GLU Z 219 55.93 3.39 5.17
CA GLU Z 219 57.03 3.95 5.96
C GLU Z 219 56.95 5.48 6.06
N SER Z 220 56.85 6.15 4.92
CA SER Z 220 56.80 7.62 4.87
C SER Z 220 55.62 8.19 5.65
N ARG Z 221 54.45 7.57 5.51
CA ARG Z 221 53.27 7.95 6.29
C ARG Z 221 53.40 7.53 7.75
N SER Z 222 54.16 6.47 8.00
CA SER Z 222 54.35 5.95 9.34
C SER Z 222 55.22 6.89 10.17
N SER AA 11 0.48 29.91 68.06
CA SER AA 11 1.75 29.68 68.80
C SER AA 11 2.48 28.42 68.28
N PRO AA 12 3.06 28.49 67.06
CA PRO AA 12 3.80 27.39 66.42
C PRO AA 12 4.62 26.51 67.38
N GLU AA 13 5.34 27.14 68.32
CA GLU AA 13 6.15 26.45 69.33
C GLU AA 13 5.28 25.63 70.30
N GLN AA 14 4.31 26.34 70.88
CA GLN AA 14 3.36 25.78 71.82
C GLN AA 14 2.46 24.74 71.15
N ALA AA 15 2.17 24.96 69.86
CA ALA AA 15 1.39 24.04 69.05
C ALA AA 15 2.06 22.65 68.97
N MET AA 16 3.35 22.63 68.67
CA MET AA 16 4.11 21.38 68.58
C MET AA 16 4.18 20.61 69.90
N ARG AA 17 4.07 21.33 71.02
CA ARG AA 17 4.09 20.73 72.33
C ARG AA 17 2.80 19.96 72.64
N GLU AA 18 1.67 20.50 72.15
CA GLU AA 18 0.37 19.85 72.25
C GLU AA 18 0.31 18.54 71.44
N ARG AA 19 0.88 18.59 70.24
CA ARG AA 19 0.95 17.43 69.35
C ARG AA 19 1.71 16.32 70.05
N SER AA 20 2.91 16.66 70.53
CA SER AA 20 3.77 15.74 71.27
C SER AA 20 3.02 15.11 72.44
N GLU AA 21 2.41 15.97 73.25
CA GLU AA 21 1.57 15.55 74.37
C GLU AA 21 0.51 14.50 73.97
N LEU AA 22 -0.37 14.89 73.05
CA LEU AA 22 -1.45 14.03 72.56
C LEU AA 22 -0.93 12.65 72.19
N ALA AA 23 0.11 12.63 71.36
CA ALA AA 23 0.72 11.40 70.89
C ALA AA 23 1.30 10.58 72.04
N ARG AA 24 2.12 11.22 72.86
CA ARG AA 24 2.83 10.51 73.94
C ARG AA 24 1.87 9.86 74.97
N LYS AA 25 0.73 10.51 75.22
CA LYS AA 25 -0.30 9.94 76.08
C LYS AA 25 -0.90 8.67 75.47
N GLY AA 26 -1.28 8.75 74.19
CA GLY AA 26 -1.79 7.60 73.45
C GLY AA 26 -0.87 6.39 73.51
N ILE AA 27 0.44 6.64 73.39
CA ILE AA 27 1.50 5.62 73.55
C ILE AA 27 1.41 4.96 74.92
N ALA AA 28 1.29 5.80 75.94
CA ALA AA 28 1.22 5.34 77.32
C ALA AA 28 0.05 4.39 77.57
N ARG AA 29 -1.17 4.80 77.20
CA ARG AA 29 -2.35 3.98 77.48
C ARG AA 29 -2.44 2.73 76.59
N ALA AA 30 -1.57 2.64 75.59
CA ALA AA 30 -1.44 1.43 74.77
C ALA AA 30 -0.65 0.35 75.51
N LYS AA 31 -0.77 -0.89 75.04
CA LYS AA 31 -0.07 -2.02 75.67
C LYS AA 31 1.45 -1.95 75.42
N SER AA 32 2.19 -2.94 75.93
CA SER AA 32 3.64 -2.89 75.80
C SER AA 32 4.24 -3.93 74.85
N VAL AA 33 5.33 -3.52 74.19
CA VAL AA 33 6.03 -4.35 73.21
C VAL AA 33 7.54 -4.26 73.44
N VAL AA 34 8.22 -5.40 73.32
CA VAL AA 34 9.67 -5.49 73.56
C VAL AA 34 10.37 -6.30 72.47
N ALA AA 35 11.53 -5.79 72.06
CA ALA AA 35 12.44 -6.51 71.16
C ALA AA 35 13.83 -6.52 71.77
N LEU AA 36 14.55 -7.64 71.61
CA LEU AA 36 15.92 -7.75 72.13
C LEU AA 36 16.79 -8.70 71.32
N ALA AA 37 18.10 -8.47 71.35
CA ALA AA 37 19.04 -9.32 70.62
C ALA AA 37 19.46 -10.53 71.48
N TYR AA 38 19.51 -11.70 70.83
CA TYR AA 38 19.89 -12.95 71.49
C TYR AA 38 20.71 -13.81 70.52
N ALA AA 39 21.27 -14.91 71.01
CA ALA AA 39 22.13 -15.80 70.22
C ALA AA 39 21.64 -16.07 68.79
N GLY AA 40 20.38 -16.46 68.65
CA GLY AA 40 19.80 -16.85 67.37
C GLY AA 40 19.42 -15.70 66.44
N GLY AA 41 19.40 -14.48 66.97
CA GLY AA 41 19.08 -13.30 66.17
C GLY AA 41 18.37 -12.21 66.96
N VAL AA 42 17.07 -12.05 66.71
CA VAL AA 42 16.23 -11.05 67.39
C VAL AA 42 14.89 -11.65 67.84
N LEU AA 43 14.49 -11.31 69.07
CA LEU AA 43 13.22 -11.80 69.63
C LEU AA 43 12.18 -10.69 69.76
N PHE AA 44 10.98 -10.99 69.27
CA PHE AA 44 9.84 -10.08 69.39
C PHE AA 44 8.79 -10.63 70.33
N VAL AA 45 8.51 -9.86 71.38
CA VAL AA 45 7.53 -10.24 72.39
C VAL AA 45 6.67 -9.02 72.71
N ALA AA 46 5.36 -9.19 72.61
CA ALA AA 46 4.40 -8.15 72.96
C ALA AA 46 3.13 -8.77 73.53
N GLU AA 47 2.57 -8.13 74.55
CA GLU AA 47 1.29 -8.57 75.08
C GLU AA 47 0.17 -8.18 74.14
N ASN AA 48 -0.57 -9.19 73.70
CA ASN AA 48 -1.65 -9.00 72.74
C ASN AA 48 -2.71 -10.07 72.96
N PRO AA 49 -3.84 -9.67 73.56
CA PRO AA 49 -4.94 -10.61 73.78
C PRO AA 49 -5.59 -11.08 72.46
N SER AA 50 -5.63 -10.20 71.46
CA SER AA 50 -6.21 -10.50 70.14
C SER AA 50 -5.55 -11.71 69.48
N ARG AA 51 -6.36 -12.48 68.76
CA ARG AA 51 -5.87 -13.63 68.02
C ARG AA 51 -5.35 -13.24 66.62
N SER AA 52 -5.90 -12.19 66.04
CA SER AA 52 -5.62 -11.82 64.66
C SER AA 52 -4.92 -10.48 64.51
N LEU AA 53 -5.28 -9.50 65.35
CA LEU AA 53 -4.70 -8.16 65.25
C LEU AA 53 -3.27 -8.14 65.83
N GLN AA 54 -2.31 -8.36 64.94
CA GLN AA 54 -0.91 -8.54 65.32
C GLN AA 54 -0.11 -7.24 65.36
N LYS AA 55 0.83 -7.17 66.31
CA LYS AA 55 1.67 -5.99 66.53
C LYS AA 55 3.08 -6.21 66.00
N ILE AA 56 3.35 -7.42 65.53
CA ILE AA 56 4.68 -7.84 65.07
C ILE AA 56 4.53 -8.53 63.72
N SER AA 57 5.36 -8.11 62.76
CA SER AA 57 5.26 -8.61 61.39
C SER AA 57 6.61 -8.68 60.66
N GLU AA 58 6.66 -9.49 59.61
CA GLU AA 58 7.80 -9.51 58.72
C GLU AA 58 7.77 -8.29 57.80
N LEU AA 59 8.94 -7.83 57.37
CA LEU AA 59 9.05 -6.79 56.35
C LEU AA 59 9.70 -7.35 55.09
N TYR AA 60 11.00 -7.66 55.20
CA TYR AA 60 11.74 -8.28 54.11
C TYR AA 60 12.54 -9.45 54.67
N ASP AA 61 13.21 -10.17 53.77
CA ASP AA 61 14.03 -11.31 54.09
C ASP AA 61 14.55 -11.37 55.53
N ARG AA 62 15.40 -10.40 55.90
CA ARG AA 62 16.09 -10.44 57.19
C ARG AA 62 15.72 -9.28 58.09
N VAL AA 63 14.68 -8.54 57.71
CA VAL AA 63 14.24 -7.39 58.51
C VAL AA 63 12.80 -7.55 59.04
N GLY AA 64 12.58 -7.06 60.25
CA GLY AA 64 11.32 -7.26 60.94
C GLY AA 64 10.71 -6.04 61.59
N PHE AA 65 9.40 -6.10 61.76
CA PHE AA 65 8.58 -4.98 62.20
C PHE AA 65 7.89 -5.30 63.52
N ALA AA 66 7.87 -4.32 64.43
CA ALA AA 66 7.10 -4.40 65.67
C ALA AA 66 6.78 -2.99 66.14
N ALA AA 67 5.54 -2.77 66.59
CA ALA AA 67 5.09 -1.44 66.98
C ALA AA 67 4.02 -1.48 68.09
N ALA AA 68 4.01 -0.45 68.93
CA ALA AA 68 2.95 -0.26 69.93
C ALA AA 68 2.15 1.01 69.63
N GLY AA 69 0.87 1.00 70.01
CA GLY AA 69 0.00 2.16 69.81
C GLY AA 69 -1.32 1.87 69.10
N LYS AA 70 -1.88 2.90 68.48
CA LYS AA 70 -3.18 2.78 67.81
C LYS AA 70 -3.03 1.88 66.57
N PHE AA 71 -3.62 0.69 66.63
CA PHE AA 71 -3.46 -0.35 65.59
C PHE AA 71 -3.58 0.16 64.15
N ASN AA 72 -4.77 0.67 63.80
CA ASN AA 72 -5.04 1.11 62.44
C ASN AA 72 -3.94 2.01 61.89
N GLU AA 73 -3.27 2.71 62.79
CA GLU AA 73 -2.19 3.60 62.40
C GLU AA 73 -0.89 2.85 62.11
N PHE AA 74 -0.42 2.04 63.05
CA PHE AA 74 0.82 1.29 62.77
C PHE AA 74 0.68 0.24 61.67
N ASP AA 75 -0.50 -0.39 61.61
CA ASP AA 75 -0.74 -1.42 60.60
C ASP AA 75 -0.61 -0.81 59.23
N ASN AA 76 -0.96 0.48 59.13
CA ASN AA 76 -0.83 1.28 57.91
C ASN AA 76 0.64 1.42 57.55
N LEU AA 77 1.43 1.93 58.49
CA LEU AA 77 2.88 2.06 58.32
C LEU AA 77 3.53 0.71 57.99
N ARG AA 78 3.08 -0.34 58.69
CA ARG AA 78 3.52 -1.70 58.42
C ARG AA 78 3.37 -2.02 56.94
N ARG AA 79 2.16 -1.86 56.43
CA ARG AA 79 1.87 -2.12 55.03
C ARG AA 79 2.79 -1.31 54.13
N GLY AA 80 2.94 -0.03 54.44
CA GLY AA 80 3.81 0.89 53.69
C GLY AA 80 5.23 0.36 53.60
N GLY AA 81 5.75 -0.11 54.75
CA GLY AA 81 7.07 -0.75 54.84
C GLY AA 81 7.20 -1.90 53.87
N ILE AA 82 6.28 -2.87 53.99
CA ILE AA 82 6.25 -4.04 53.13
C ILE AA 82 6.23 -3.60 51.68
N GLN AA 83 5.42 -2.58 51.40
CA GLN AA 83 5.31 -1.98 50.08
C GLN AA 83 6.66 -1.43 49.58
N PHE AA 84 7.29 -0.60 50.42
CA PHE AA 84 8.60 -0.02 50.11
C PHE AA 84 9.66 -1.09 49.87
N ALA AA 85 9.78 -2.01 50.82
CA ALA AA 85 10.79 -3.06 50.79
C ALA AA 85 10.68 -3.90 49.51
N ASP AA 86 9.50 -4.44 49.26
CA ASP AA 86 9.27 -5.26 48.08
C ASP AA 86 9.60 -4.56 46.76
N THR AA 87 9.29 -3.27 46.66
CA THR AA 87 9.57 -2.52 45.43
C THR AA 87 11.07 -2.33 45.28
N ARG AA 88 11.69 -1.85 46.35
CA ARG AA 88 13.11 -1.57 46.38
C ARG AA 88 13.88 -2.82 45.96
N GLY AA 89 13.52 -3.95 46.58
CA GLY AA 89 14.10 -5.26 46.26
C GLY AA 89 14.01 -5.58 44.79
N TYR AA 90 12.83 -5.33 44.20
CA TYR AA 90 12.62 -5.66 42.78
C TYR AA 90 13.33 -4.67 41.85
N ALA AA 91 13.47 -3.43 42.28
CA ALA AA 91 14.19 -2.44 41.49
C ALA AA 91 15.67 -2.77 41.42
N TYR AA 92 16.25 -3.20 42.53
CA TYR AA 92 17.69 -3.49 42.59
C TYR AA 92 17.97 -4.97 42.82
N ASP AA 93 18.24 -5.35 44.06
CA ASP AA 93 18.30 -6.75 44.47
C ASP AA 93 17.76 -6.90 45.88
N ARG AA 94 17.25 -8.10 46.19
CA ARG AA 94 16.79 -8.44 47.53
C ARG AA 94 17.81 -7.99 48.56
N ARG AA 95 19.08 -8.22 48.23
CA ARG AA 95 20.21 -8.00 49.14
C ARG AA 95 20.43 -6.52 49.45
N ASP AA 96 19.73 -5.64 48.74
CA ASP AA 96 19.94 -4.20 48.86
C ASP AA 96 18.97 -3.51 49.82
N VAL AA 97 18.10 -4.31 50.44
CA VAL AA 97 17.13 -3.83 51.46
C VAL AA 97 17.79 -3.90 52.82
N THR AA 98 17.70 -2.86 53.64
CA THR AA 98 18.52 -2.86 54.85
C THR AA 98 17.79 -2.72 56.18
N GLY AA 99 16.56 -2.25 56.17
CA GLY AA 99 15.87 -2.01 57.45
C GLY AA 99 16.44 -0.83 58.24
N ARG AA 100 17.73 -0.54 58.02
CA ARG AA 100 18.27 0.78 58.28
C ARG AA 100 17.51 1.74 57.32
N GLN AA 101 17.37 1.29 56.07
CA GLN AA 101 16.60 2.01 55.07
C GLN AA 101 15.16 2.21 55.54
N LEU AA 102 14.54 1.13 56.00
CA LEU AA 102 13.15 1.20 56.44
C LEU AA 102 12.98 2.13 57.64
N ALA AA 103 13.96 2.14 58.54
CA ALA AA 103 13.92 3.05 59.68
C ALA AA 103 13.92 4.50 59.20
N ASN AA 104 14.76 4.83 58.22
CA ASN AA 104 14.76 6.17 57.61
C ASN AA 104 13.37 6.52 57.08
N VAL AA 105 12.85 5.67 56.19
CA VAL AA 105 11.55 5.88 55.57
C VAL AA 105 10.49 6.09 56.63
N TYR AA 106 10.53 5.28 57.69
CA TYR AA 106 9.58 5.42 58.75
C TYR AA 106 9.75 6.74 59.49
N ALA AA 107 10.99 7.11 59.77
CA ALA AA 107 11.27 8.40 60.40
C ALA AA 107 10.80 9.55 59.52
N GLN AA 108 11.00 9.42 58.21
CA GLN AA 108 10.55 10.41 57.25
C GLN AA 108 9.04 10.57 57.26
N THR AA 109 8.33 9.44 57.18
CA THR AA 109 6.87 9.41 57.14
C THR AA 109 6.26 9.99 58.40
N LEU AA 110 6.64 9.43 59.54
CA LEU AA 110 6.13 9.89 60.83
C LEU AA 110 6.50 11.35 61.07
N GLY AA 111 7.66 11.75 60.55
CA GLY AA 111 8.08 13.15 60.60
C GLY AA 111 7.10 14.07 59.89
N THR AA 112 6.80 13.76 58.63
CA THR AA 112 5.80 14.48 57.85
C THR AA 112 4.46 14.50 58.58
N ILE AA 113 3.99 13.32 58.97
CA ILE AA 113 2.72 13.17 59.65
C ILE AA 113 2.60 14.11 60.87
N PHE AA 114 3.63 14.13 61.71
CA PHE AA 114 3.67 14.96 62.90
C PHE AA 114 3.57 16.46 62.61
N THR AA 115 3.75 16.84 61.34
CA THR AA 115 3.65 18.23 60.90
C THR AA 115 2.42 18.44 60.03
N GLU AA 116 2.28 17.62 58.99
CA GLU AA 116 1.24 17.82 57.98
C GLU AA 116 -0.16 17.35 58.40
N GLN AA 117 -0.24 16.13 58.94
CA GLN AA 117 -1.54 15.56 59.36
C GLN AA 117 -2.12 16.36 60.52
N ALA AA 118 -3.45 16.48 60.55
CA ALA AA 118 -4.11 17.21 61.62
C ALA AA 118 -3.70 16.64 62.98
N LYS AA 119 -3.93 15.35 63.17
CA LYS AA 119 -3.56 14.67 64.41
C LYS AA 119 -2.40 13.71 64.15
N PRO AA 120 -1.32 13.81 64.95
CA PRO AA 120 -0.15 12.97 64.75
C PRO AA 120 -0.42 11.52 65.11
N TYR AA 121 0.36 10.62 64.51
CA TYR AA 121 0.22 9.19 64.75
C TYR AA 121 0.57 8.82 66.19
N GLU AA 122 -0.30 8.04 66.82
CA GLU AA 122 -0.07 7.54 68.18
C GLU AA 122 0.57 6.16 68.09
N VAL AA 123 1.84 6.16 67.67
CA VAL AA 123 2.60 4.92 67.48
C VAL AA 123 4.07 5.08 67.91
N GLU AA 124 4.72 3.94 68.12
CA GLU AA 124 6.18 3.89 68.24
C GLU AA 124 6.65 2.58 67.64
N LEU AA 125 7.66 2.69 66.79
CA LEU AA 125 8.04 1.60 65.90
C LEU AA 125 9.38 1.00 66.25
N CYS AA 126 9.57 -0.25 65.82
CA CYS AA 126 10.83 -0.93 65.95
C CYS AA 126 11.14 -1.72 64.69
N VAL AA 127 12.25 -1.37 64.05
CA VAL AA 127 12.72 -2.09 62.88
C VAL AA 127 13.97 -2.86 63.29
N ALA AA 128 13.98 -4.17 63.01
CA ALA AA 128 15.12 -5.02 63.37
C ALA AA 128 15.66 -5.83 62.20
N GLU AA 129 16.98 -5.82 62.03
CA GLU AA 129 17.63 -6.64 61.01
C GLU AA 129 18.63 -7.59 61.65
N VAL AA 130 18.79 -8.75 61.03
CA VAL AA 130 19.70 -9.78 61.52
C VAL AA 130 20.39 -10.47 60.36
N ALA AA 131 21.73 -10.39 60.36
CA ALA AA 131 22.62 -10.92 59.30
C ALA AA 131 22.06 -12.02 58.39
N HIS AA 132 22.44 -11.94 57.10
CA HIS AA 132 22.08 -12.96 56.11
C HIS AA 132 22.63 -14.33 56.51
N TYR AA 133 22.10 -15.40 55.91
CA TYR AA 133 22.36 -16.77 56.34
C TYR AA 133 23.81 -17.09 56.78
N GLY AA 134 24.70 -17.31 55.83
CA GLY AA 134 26.09 -17.67 56.14
C GLY AA 134 26.81 -16.64 56.98
N GLU AA 135 26.70 -15.38 56.55
CA GLU AA 135 27.24 -14.20 57.22
C GLU AA 135 27.03 -14.20 58.75
N THR AA 136 27.94 -13.54 59.47
CA THR AA 136 27.73 -13.26 60.91
C THR AA 136 27.95 -11.77 61.20
N LYS AA 137 26.91 -11.12 61.69
CA LYS AA 137 26.93 -9.69 61.97
C LYS AA 137 26.03 -9.40 63.15
N ARG AA 138 26.41 -8.38 63.90
CA ARG AA 138 25.71 -7.93 65.09
C ARG AA 138 24.28 -7.48 64.75
N PRO AA 139 23.25 -8.26 65.16
CA PRO AA 139 21.85 -7.87 64.90
C PRO AA 139 21.55 -6.42 65.30
N GLU AA 140 20.74 -5.74 64.50
CA GLU AA 140 20.54 -4.31 64.65
C GLU AA 140 19.09 -3.95 64.99
N LEU AA 141 18.92 -2.99 65.89
CA LEU AA 141 17.60 -2.57 66.35
C LEU AA 141 17.43 -1.05 66.23
N TYR AA 142 16.34 -0.63 65.58
CA TYR AA 142 16.02 0.78 65.39
C TYR AA 142 14.68 1.14 66.01
N ARG AA 143 14.66 2.26 66.72
CA ARG AA 143 13.43 2.78 67.32
C ARG AA 143 13.05 4.11 66.69
N ILE AA 144 11.84 4.17 66.14
CA ILE AA 144 11.34 5.40 65.55
C ILE AA 144 10.13 5.88 66.35
N THR AA 145 10.21 7.11 66.82
CA THR AA 145 9.14 7.68 67.66
C THR AA 145 8.12 8.40 66.79
N TYR AA 146 7.04 8.86 67.44
CA TYR AA 146 5.93 9.52 66.76
C TYR AA 146 6.32 10.81 66.03
N ASP AA 147 7.32 11.51 66.54
CA ASP AA 147 7.72 12.80 65.98
C ASP AA 147 8.74 12.66 64.83
N GLY AA 148 9.09 11.42 64.49
CA GLY AA 148 10.02 11.16 63.39
C GLY AA 148 11.47 11.03 63.83
N SER AA 149 11.68 11.09 65.14
CA SER AA 149 13.01 10.87 65.72
C SER AA 149 13.37 9.40 65.59
N ILE AA 150 14.66 9.14 65.39
CA ILE AA 150 15.16 7.79 65.16
C ILE AA 150 16.48 7.54 65.91
N ALA AA 151 16.53 6.44 66.64
CA ALA AA 151 17.73 6.02 67.38
C ALA AA 151 17.92 4.51 67.26
N ASP AA 152 19.16 4.04 67.43
CA ASP AA 152 19.44 2.59 67.35
C ASP AA 152 20.06 2.00 68.61
N GLU AA 153 19.24 1.35 69.44
CA GLU AA 153 19.77 0.66 70.62
C GLU AA 153 20.55 -0.57 70.19
N PRO AA 154 21.67 -0.85 70.88
CA PRO AA 154 22.50 -1.99 70.49
C PRO AA 154 22.05 -3.34 71.07
N HIS AA 155 21.22 -3.32 72.11
CA HIS AA 155 20.89 -4.53 72.85
C HIS AA 155 19.37 -4.87 72.86
N PHE AA 156 18.55 -3.90 73.26
CA PHE AA 156 17.11 -4.12 73.41
C PHE AA 156 16.31 -2.84 73.21
N VAL AA 157 15.06 -2.98 72.79
CA VAL AA 157 14.15 -1.84 72.64
C VAL AA 157 12.79 -2.07 73.30
N VAL AA 158 12.37 -1.08 74.07
CA VAL AA 158 11.11 -1.09 74.80
C VAL AA 158 10.21 0.01 74.26
N MET AA 159 8.90 -0.25 74.20
CA MET AA 159 7.89 0.71 73.72
C MET AA 159 6.45 0.35 74.11
N GLY AA 160 5.67 1.41 74.38
CA GLY AA 160 4.26 1.25 74.75
C GLY AA 160 4.07 1.14 76.24
N GLY AA 161 3.09 1.88 76.77
CA GLY AA 161 2.85 1.91 78.21
C GLY AA 161 3.97 2.55 78.99
N THR AA 162 4.11 2.15 80.26
CA THR AA 162 5.20 2.63 81.10
C THR AA 162 6.46 1.82 80.82
N THR AA 163 7.46 2.46 80.22
CA THR AA 163 8.70 1.80 79.81
C THR AA 163 9.73 1.62 80.94
N GLU AA 164 9.90 2.63 81.79
CA GLU AA 164 10.93 2.62 82.85
C GLU AA 164 11.06 1.28 83.58
N PRO AA 165 9.96 0.79 84.21
CA PRO AA 165 10.04 -0.49 84.94
C PRO AA 165 10.36 -1.68 84.04
N ILE AA 166 9.84 -1.66 82.82
CA ILE AA 166 10.07 -2.73 81.85
C ILE AA 166 11.51 -2.65 81.30
N ALA AA 167 11.94 -1.43 80.99
CA ALA AA 167 13.28 -1.18 80.45
C ALA AA 167 14.35 -1.34 81.53
N ASN AA 168 14.01 -0.95 82.76
CA ASN AA 168 14.94 -1.08 83.87
C ASN AA 168 15.24 -2.54 84.19
N ALA AA 169 14.18 -3.36 84.24
CA ALA AA 169 14.31 -4.81 84.46
C ALA AA 169 15.28 -5.45 83.45
N LEU AA 170 15.26 -4.94 82.22
CA LEU AA 170 16.15 -5.40 81.15
C LEU AA 170 17.60 -4.92 81.34
N LYS AA 171 17.76 -3.67 81.79
CA LYS AA 171 19.08 -3.09 82.03
C LYS AA 171 19.96 -4.04 82.84
N GLU AA 172 19.34 -5.00 83.52
CA GLU AA 172 20.04 -6.02 84.31
C GLU AA 172 19.83 -7.44 83.79
N SER AA 173 18.57 -7.82 83.57
CA SER AA 173 18.24 -9.19 83.15
C SER AA 173 18.75 -9.56 81.75
N TYR AA 174 19.11 -8.56 80.95
CA TYR AA 174 19.60 -8.79 79.59
C TYR AA 174 20.86 -9.65 79.57
N ALA AA 175 20.71 -10.90 79.14
CA ALA AA 175 21.84 -11.79 78.91
C ALA AA 175 22.35 -11.59 77.49
N GLU AA 176 23.53 -10.97 77.38
CA GLU AA 176 24.15 -10.58 76.10
C GLU AA 176 23.92 -11.58 74.98
N ASN AA 177 24.31 -12.83 75.23
CA ASN AA 177 24.17 -13.90 74.23
C ASN AA 177 23.24 -15.00 74.71
N ALA AA 178 22.05 -14.63 75.16
CA ALA AA 178 21.08 -15.57 75.75
C ALA AA 178 20.62 -16.65 74.76
N SER AA 179 19.83 -17.59 75.28
CA SER AA 179 19.19 -18.61 74.47
C SER AA 179 17.79 -18.12 74.07
N LEU AA 180 17.18 -18.77 73.07
CA LEU AA 180 15.79 -18.46 72.68
C LEU AA 180 14.86 -18.59 73.87
N THR AA 181 14.97 -19.71 74.60
CA THR AA 181 14.16 -19.94 75.78
C THR AA 181 14.58 -19.09 76.98
N ASP AA 182 15.85 -18.70 76.99
CA ASP AA 182 16.40 -17.84 78.05
C ASP AA 182 15.97 -16.38 77.87
N ALA AA 183 16.14 -15.88 76.65
CA ALA AA 183 15.76 -14.50 76.32
C ALA AA 183 14.26 -14.27 76.42
N LEU AA 184 13.47 -15.29 76.07
CA LEU AA 184 12.02 -15.23 76.22
C LEU AA 184 11.62 -15.13 77.69
N ARG AA 185 12.29 -15.95 78.51
CA ARG AA 185 12.18 -15.92 79.98
C ARG AA 185 12.48 -14.51 80.50
N ILE AA 186 13.67 -14.02 80.16
CA ILE AA 186 14.13 -12.67 80.49
C ILE AA 186 13.12 -11.57 80.06
N ALA AA 187 12.59 -11.72 78.85
CA ALA AA 187 11.63 -10.76 78.29
C ALA AA 187 10.30 -10.72 79.07
N VAL AA 188 9.53 -11.82 79.02
CA VAL AA 188 8.21 -11.91 79.68
C VAL AA 188 8.25 -11.47 81.14
N ALA AA 189 9.36 -11.78 81.81
CA ALA AA 189 9.58 -11.34 83.19
C ALA AA 189 9.75 -9.82 83.27
N ALA AA 190 10.65 -9.28 82.44
CA ALA AA 190 10.88 -7.85 82.37
C ALA AA 190 9.62 -7.06 82.01
N LEU AA 191 8.73 -7.70 81.23
CA LEU AA 191 7.47 -7.07 80.83
C LEU AA 191 6.48 -6.98 81.99
N ARG AA 192 6.36 -8.05 82.77
CA ARG AA 192 5.50 -8.05 83.95
C ARG AA 192 5.91 -7.02 85.02
N ALA AA 193 7.17 -6.57 84.99
CA ALA AA 193 7.65 -5.54 85.92
C ALA AA 193 6.87 -4.22 85.77
N GLY AA 194 6.42 -3.91 84.54
CA GLY AA 194 5.52 -2.78 84.27
C GLY AA 194 4.06 -3.20 84.15
N SER AA 195 3.49 -3.64 85.28
CA SER AA 195 2.12 -4.15 85.35
C SER AA 195 1.50 -3.92 86.73
N LEU AA 206 -1.48 -13.27 84.48
CA LEU AA 206 -0.72 -12.25 83.73
C LEU AA 206 0.45 -12.88 82.95
N GLY AA 207 0.71 -12.36 81.75
CA GLY AA 207 1.79 -12.85 80.86
C GLY AA 207 1.70 -14.32 80.47
N VAL AA 208 0.49 -14.80 80.20
CA VAL AA 208 0.27 -16.22 79.85
C VAL AA 208 0.47 -16.44 78.32
N ALA AA 209 0.34 -17.69 77.87
CA ALA AA 209 0.50 -18.05 76.45
C ALA AA 209 -0.57 -17.40 75.57
N SER AA 210 -1.13 -16.30 76.07
CA SER AA 210 -2.09 -15.48 75.34
C SER AA 210 -1.49 -14.10 75.09
N LEU AA 211 -0.48 -14.07 74.22
CA LEU AA 211 0.14 -12.84 73.74
C LEU AA 211 0.80 -13.12 72.38
N GLU AA 212 1.69 -12.24 71.93
CA GLU AA 212 2.25 -12.37 70.58
C GLU AA 212 3.78 -12.47 70.57
N VAL AA 213 4.28 -13.54 69.95
CA VAL AA 213 5.71 -13.85 69.93
C VAL AA 213 6.16 -14.26 68.53
N ALA AA 214 7.28 -13.70 68.08
CA ALA AA 214 7.92 -14.09 66.83
C ALA AA 214 9.42 -13.81 66.90
N VAL AA 215 10.20 -14.46 66.03
CA VAL AA 215 11.65 -14.22 66.00
C VAL AA 215 12.22 -13.99 64.61
N LEU AA 216 13.33 -13.26 64.58
CA LEU AA 216 14.16 -13.16 63.38
C LEU AA 216 15.32 -14.16 63.47
N ASP AA 217 15.02 -15.39 63.02
CA ASP AA 217 15.94 -16.52 63.11
C ASP AA 217 17.08 -16.39 62.10
N ALA AA 218 18.21 -15.86 62.54
CA ALA AA 218 19.39 -15.65 61.70
C ALA AA 218 19.87 -16.94 61.02
N ASN AA 219 19.44 -18.07 61.57
CA ASN AA 219 19.82 -19.38 61.10
C ASN AA 219 19.05 -19.83 59.87
N ARG AA 220 17.91 -19.20 59.61
CA ARG AA 220 17.08 -19.50 58.45
C ARG AA 220 17.81 -19.16 57.14
N PRO AA 221 17.55 -19.94 56.06
CA PRO AA 221 18.19 -19.71 54.77
C PRO AA 221 17.86 -18.36 54.14
N ARG AA 222 16.57 -18.14 53.83
CA ARG AA 222 16.17 -16.88 53.21
C ARG AA 222 15.34 -16.01 54.16
N ARG AA 223 14.06 -16.33 54.29
CA ARG AA 223 13.16 -15.51 55.12
C ARG AA 223 13.36 -15.77 56.60
N ALA AA 224 14.09 -14.85 57.23
CA ALA AA 224 14.52 -15.00 58.61
C ALA AA 224 13.41 -14.68 59.63
N PHE AA 225 12.16 -14.88 59.25
CA PHE AA 225 11.03 -14.62 60.14
C PHE AA 225 10.39 -15.93 60.54
N ARG AA 226 9.91 -15.98 61.78
CA ARG AA 226 9.11 -17.10 62.26
C ARG AA 226 8.25 -16.67 63.44
N ARG AA 227 6.96 -16.96 63.34
CA ARG AA 227 6.02 -16.75 64.43
C ARG AA 227 6.10 -17.97 65.34
N ILE AA 228 6.10 -17.74 66.65
CA ILE AA 228 6.01 -18.85 67.61
C ILE AA 228 4.56 -19.05 68.06
N THR AA 229 3.98 -20.17 67.64
CA THR AA 229 2.57 -20.50 67.84
C THR AA 229 2.23 -20.73 69.33
N GLY AA 230 1.15 -21.45 69.60
CA GLY AA 230 0.70 -21.67 70.98
C GLY AA 230 1.41 -22.79 71.73
N SER AA 231 1.30 -24.02 71.21
CA SER AA 231 1.86 -25.21 71.87
C SER AA 231 3.39 -25.16 71.97
N ALA AA 232 4.02 -24.85 70.83
CA ALA AA 232 5.48 -24.69 70.73
C ALA AA 232 6.04 -23.65 71.69
N LEU AA 233 5.28 -22.55 71.87
CA LEU AA 233 5.62 -21.47 72.80
C LEU AA 233 5.75 -21.92 74.25
N GLN AA 234 4.77 -22.71 74.72
CA GLN AA 234 4.74 -23.21 76.09
C GLN AA 234 6.08 -23.82 76.50
N ALA AA 235 6.65 -24.61 75.59
CA ALA AA 235 7.92 -25.32 75.84
C ALA AA 235 9.12 -24.39 76.05
N LEU AA 236 8.86 -23.09 76.03
CA LEU AA 236 9.90 -22.06 76.20
C LEU AA 236 9.52 -21.07 77.30
N LEU AA 237 8.21 -20.91 77.54
CA LEU AA 237 7.68 -19.82 78.37
C LEU AA 237 8.09 -19.87 79.86
N VAL AA 238 8.13 -18.68 80.46
CA VAL AA 238 8.56 -18.49 81.87
C VAL AA 238 7.43 -18.63 82.93
N ASP AA 239 7.76 -19.36 83.99
CA ASP AA 239 6.89 -19.51 85.15
C ASP AA 239 6.82 -18.16 85.88
N GLN AA 240 5.60 -17.71 86.22
CA GLN AA 240 5.41 -16.49 87.01
C GLN AA 240 5.06 -16.77 88.48
N THR BA 1 12.43 -24.39 22.79
CA THR BA 1 12.09 -24.63 24.22
C THR BA 1 10.99 -25.67 24.43
N THR BA 2 11.06 -26.33 25.57
CA THR BA 2 9.99 -27.17 26.07
C THR BA 2 10.06 -27.15 27.59
N ILE BA 3 8.92 -26.87 28.20
CA ILE BA 3 8.73 -27.00 29.62
C ILE BA 3 7.62 -28.03 29.69
N VAL BA 4 7.74 -28.94 30.64
CA VAL BA 4 6.77 -30.01 30.75
C VAL BA 4 6.37 -30.19 32.21
N ALA BA 5 5.11 -30.54 32.44
CA ALA BA 5 4.65 -30.80 33.81
C ALA BA 5 3.81 -32.08 33.95
N LEU BA 6 4.06 -32.82 35.03
CA LEU BA 6 3.44 -34.12 35.29
C LEU BA 6 2.77 -34.19 36.64
N LYS BA 7 1.62 -34.82 36.65
CA LYS BA 7 0.87 -35.04 37.85
C LYS BA 7 1.04 -36.52 38.21
N TYR BA 8 1.52 -36.77 39.43
CA TYR BA 8 1.62 -38.13 39.98
C TYR BA 8 0.85 -38.18 41.30
N PRO BA 9 0.61 -39.40 41.86
CA PRO BA 9 -0.17 -39.57 43.11
C PRO BA 9 0.21 -38.61 44.24
N GLY BA 10 1.51 -38.52 44.56
CA GLY BA 10 1.98 -37.59 45.60
C GLY BA 10 1.75 -36.11 45.34
N GLY BA 11 2.13 -35.66 44.14
CA GLY BA 11 2.00 -34.26 43.75
C GLY BA 11 2.30 -34.02 42.28
N VAL BA 12 3.22 -33.09 42.00
CA VAL BA 12 3.58 -32.69 40.62
C VAL BA 12 5.08 -32.53 40.41
N VAL BA 13 5.51 -32.80 39.19
CA VAL BA 13 6.86 -32.48 38.75
C VAL BA 13 6.82 -31.58 37.49
N MET BA 14 7.67 -30.56 37.46
CA MET BA 14 7.86 -29.76 36.25
C MET BA 14 9.34 -29.70 35.89
N ALA BA 15 9.63 -29.91 34.61
CA ALA BA 15 11.00 -29.90 34.11
C ALA BA 15 11.10 -29.22 32.74
N GLY BA 16 12.14 -28.41 32.55
CA GLY BA 16 12.38 -27.77 31.27
C GLY BA 16 13.84 -27.78 30.87
N ASP BA 17 14.09 -27.77 29.55
CA ASP BA 17 15.43 -27.73 28.97
C ASP BA 17 16.16 -26.42 29.28
N ARG BA 18 17.35 -26.23 28.68
CA ARG BA 18 18.23 -25.09 28.96
C ARG BA 18 18.70 -24.36 27.70
N ARG BA 19 18.17 -24.76 26.54
CA ARG BA 19 18.49 -24.10 25.25
C ARG BA 19 17.96 -22.69 25.20
N SER BA 20 18.76 -21.80 24.64
CA SER BA 20 18.25 -20.49 24.24
C SER BA 20 18.84 -20.20 22.87
N THR BA 21 17.95 -19.98 21.93
CA THR BA 21 18.39 -19.82 20.56
C THR BA 21 18.00 -18.43 20.01
N GLN BA 22 18.68 -18.04 18.95
CA GLN BA 22 18.43 -16.75 18.32
C GLN BA 22 18.66 -16.88 16.83
N GLY BA 23 17.57 -17.09 16.11
CA GLY BA 23 17.69 -17.51 14.73
C GLY BA 23 17.82 -18.99 14.86
N ASN BA 24 18.70 -19.55 14.05
CA ASN BA 24 19.07 -20.93 14.27
C ASN BA 24 20.50 -20.98 14.81
N MET BA 25 20.71 -20.21 15.86
CA MET BA 25 22.02 -19.98 16.39
C MET BA 25 21.94 -20.16 17.89
N ILE BA 26 22.56 -21.21 18.44
CA ILE BA 26 22.48 -21.43 19.88
C ILE BA 26 23.18 -20.28 20.57
N SER BA 27 22.50 -19.70 21.54
CA SER BA 27 22.97 -18.53 22.22
C SER BA 27 22.86 -18.72 23.72
N GLY BA 28 22.49 -19.92 24.15
CA GLY BA 28 22.33 -20.27 25.56
C GLY BA 28 22.39 -21.79 25.68
N ARG BA 29 23.04 -22.29 26.72
CA ARG BA 29 23.08 -23.74 26.92
C ARG BA 29 22.76 -24.17 28.34
N ASP BA 30 22.44 -23.19 29.19
CA ASP BA 30 22.21 -23.45 30.61
C ASP BA 30 21.17 -22.51 31.22
N VAL BA 31 20.13 -22.17 30.46
CA VAL BA 31 19.09 -21.30 30.98
C VAL BA 31 18.25 -22.08 32.00
N ARG BA 32 17.94 -21.40 33.10
CA ARG BA 32 17.00 -21.90 34.12
C ARG BA 32 15.57 -21.50 33.73
N LYS BA 33 14.83 -22.39 33.07
CA LYS BA 33 13.50 -22.06 32.60
C LYS BA 33 12.39 -22.35 33.61
N VAL BA 34 12.72 -23.07 34.68
CA VAL BA 34 11.76 -23.48 35.70
C VAL BA 34 12.06 -22.85 37.06
N TYR BA 35 11.08 -22.17 37.65
CA TYR BA 35 11.28 -21.41 38.90
C TYR BA 35 10.38 -21.85 40.02
N ILE BA 36 10.86 -21.77 41.27
CA ILE BA 36 10.04 -22.02 42.44
C ILE BA 36 9.38 -20.72 42.88
N THR BA 37 8.14 -20.50 42.45
CA THR BA 37 7.45 -19.23 42.67
C THR BA 37 7.14 -18.98 44.15
N ASP BA 38 6.59 -19.98 44.83
CA ASP BA 38 6.58 -20.00 46.29
C ASP BA 38 6.63 -21.45 46.76
N ASP BA 39 6.33 -21.70 48.03
CA ASP BA 39 6.51 -23.02 48.62
C ASP BA 39 5.75 -24.15 47.96
N TYR BA 40 4.63 -23.82 47.31
CA TYR BA 40 3.77 -24.82 46.67
C TYR BA 40 3.60 -24.61 45.18
N THR BA 41 4.36 -23.68 44.62
CA THR BA 41 4.15 -23.31 43.24
C THR BA 41 5.44 -23.24 42.47
N ALA BA 42 5.47 -23.97 41.36
CA ALA BA 42 6.54 -23.87 40.40
C ALA BA 42 5.98 -23.29 39.10
N THR BA 43 6.71 -22.34 38.49
CA THR BA 43 6.28 -21.77 37.23
C THR BA 43 7.36 -21.81 36.14
N GLY BA 44 7.01 -22.38 35.00
CA GLY BA 44 7.92 -22.46 33.86
C GLY BA 44 7.44 -21.51 32.78
N ILE BA 45 8.34 -21.03 31.92
CA ILE BA 45 8.02 -19.93 31.03
C ILE BA 45 8.71 -20.04 29.69
N ALA BA 46 7.95 -19.90 28.61
CA ALA BA 46 8.49 -20.12 27.26
C ALA BA 46 8.39 -18.86 26.41
N GLY BA 47 9.22 -18.79 25.37
CA GLY BA 47 9.23 -17.64 24.49
C GLY BA 47 10.37 -16.66 24.72
N THR BA 48 10.01 -15.37 24.77
CA THR BA 48 10.98 -14.27 24.85
C THR BA 48 11.64 -14.25 26.23
N ALA BA 49 12.94 -14.55 26.24
CA ALA BA 49 13.72 -14.65 27.45
C ALA BA 49 13.57 -13.46 28.38
N ALA BA 50 13.76 -12.23 27.87
CA ALA BA 50 13.68 -11.06 28.73
C ALA BA 50 12.36 -11.03 29.51
N VAL BA 51 11.28 -11.41 28.83
CA VAL BA 51 9.96 -11.39 29.44
C VAL BA 51 9.78 -12.57 30.40
N ALA BA 52 10.09 -13.78 29.94
CA ALA BA 52 9.96 -14.98 30.78
C ALA BA 52 10.66 -14.85 32.16
N VAL BA 53 11.92 -14.38 32.14
CA VAL BA 53 12.65 -14.09 33.38
C VAL BA 53 11.88 -13.10 34.24
N GLU BA 54 11.41 -12.02 33.61
CA GLU BA 54 10.70 -10.98 34.35
C GLU BA 54 9.33 -11.42 34.86
N PHE BA 55 8.59 -12.21 34.08
CA PHE BA 55 7.34 -12.80 34.58
C PHE BA 55 7.61 -13.53 35.90
N ALA BA 56 8.49 -14.54 35.85
CA ALA BA 56 8.84 -15.33 37.01
C ALA BA 56 9.17 -14.44 38.19
N ARG BA 57 10.20 -13.63 38.01
CA ARG BA 57 10.73 -12.80 39.07
C ARG BA 57 9.61 -11.96 39.70
N LEU BA 58 8.82 -11.28 38.86
CA LEU BA 58 7.75 -10.40 39.30
C LEU BA 58 6.63 -11.14 40.00
N TYR BA 59 6.20 -12.25 39.40
CA TYR BA 59 5.13 -13.12 39.93
C TYR BA 59 5.40 -13.54 41.36
N ALA BA 60 6.59 -14.08 41.58
CA ALA BA 60 7.02 -14.54 42.91
C ALA BA 60 6.89 -13.42 43.93
N VAL BA 61 7.33 -12.23 43.53
CA VAL BA 61 7.24 -11.06 44.37
C VAL BA 61 5.78 -10.76 44.72
N GLU BA 62 4.88 -10.83 43.73
CA GLU BA 62 3.47 -10.57 43.98
C GLU BA 62 2.88 -11.53 45.01
N LEU BA 63 3.09 -12.83 44.81
CA LEU BA 63 2.60 -13.84 45.75
C LEU BA 63 3.06 -13.58 47.18
N GLU BA 64 4.38 -13.46 47.34
CA GLU BA 64 4.97 -13.21 48.63
C GLU BA 64 4.47 -11.90 49.25
N HIS BA 65 4.25 -10.89 48.39
CA HIS BA 65 3.72 -9.57 48.78
C HIS BA 65 2.31 -9.67 49.37
N TYR BA 66 1.44 -10.48 48.76
CA TYR BA 66 0.08 -10.70 49.28
C TYR BA 66 0.15 -11.31 50.66
N GLU BA 67 0.97 -12.34 50.76
CA GLU BA 67 1.16 -13.09 51.98
C GLU BA 67 1.58 -12.16 53.10
N LYS BA 68 2.68 -11.44 52.92
CA LYS BA 68 3.17 -10.51 53.93
C LYS BA 68 2.14 -9.44 54.31
N LEU BA 69 1.25 -9.09 53.37
CA LEU BA 69 0.26 -8.04 53.66
C LEU BA 69 -0.96 -8.57 54.39
N GLU BA 70 -1.58 -9.61 53.83
CA GLU BA 70 -2.80 -10.13 54.40
C GLU BA 70 -2.56 -11.21 55.45
N GLY BA 71 -1.35 -11.74 55.50
CA GLY BA 71 -0.94 -12.72 56.51
C GLY BA 71 -1.17 -14.17 56.11
N VAL BA 72 -1.69 -14.39 54.91
CA VAL BA 72 -2.06 -15.71 54.45
C VAL BA 72 -1.78 -15.79 52.96
N PRO BA 73 -1.13 -16.88 52.48
CA PRO BA 73 -0.99 -17.08 51.03
C PRO BA 73 -2.33 -17.03 50.27
N LEU BA 74 -2.28 -16.72 48.98
CA LEU BA 74 -3.48 -16.68 48.15
C LEU BA 74 -4.04 -18.08 47.93
N THR BA 75 -5.34 -18.17 47.64
CA THR BA 75 -5.95 -19.40 47.16
C THR BA 75 -5.15 -19.88 45.98
N PHE BA 76 -5.24 -21.16 45.65
CA PHE BA 76 -4.65 -21.56 44.41
C PHE BA 76 -5.36 -20.85 43.24
N ALA BA 77 -6.68 -20.73 43.36
CA ALA BA 77 -7.46 -20.00 42.38
C ALA BA 77 -6.93 -18.56 42.27
N GLY BA 78 -6.67 -17.96 43.42
CA GLY BA 78 -6.05 -16.64 43.49
C GLY BA 78 -4.76 -16.59 42.68
N LYS BA 79 -3.84 -17.49 43.01
CA LYS BA 79 -2.56 -17.54 42.33
C LYS BA 79 -2.72 -17.66 40.82
N ILE BA 80 -3.63 -18.52 40.37
CA ILE BA 80 -3.91 -18.68 38.94
C ILE BA 80 -4.34 -17.34 38.32
N ASN BA 81 -5.33 -16.68 38.94
CA ASN BA 81 -5.86 -15.42 38.42
C ASN BA 81 -4.77 -14.37 38.23
N ARG BA 82 -3.94 -14.17 39.26
CA ARG BA 82 -2.83 -13.24 39.22
C ARG BA 82 -1.90 -13.47 38.02
N LEU BA 83 -1.46 -14.72 37.85
CA LEU BA 83 -0.61 -15.05 36.69
C LEU BA 83 -1.34 -14.65 35.41
N ALA BA 84 -2.61 -15.06 35.29
CA ALA BA 84 -3.37 -14.79 34.05
C ALA BA 84 -3.44 -13.31 33.75
N ILE BA 85 -3.72 -12.50 34.76
CA ILE BA 85 -3.76 -11.05 34.64
C ILE BA 85 -2.45 -10.53 34.06
N MET BA 86 -1.35 -10.91 34.70
CA MET BA 86 -0.01 -10.59 34.24
C MET BA 86 0.18 -10.92 32.74
N VAL BA 87 -0.14 -12.16 32.35
CA VAL BA 87 -0.09 -12.54 30.93
C VAL BA 87 -0.91 -11.61 30.04
N ARG BA 88 -2.14 -11.26 30.44
CA ARG BA 88 -2.96 -10.37 29.61
C ARG BA 88 -2.31 -9.01 29.51
N GLY BA 89 -1.81 -8.54 30.66
CA GLY BA 89 -1.03 -7.31 30.74
C GLY BA 89 0.17 -7.22 29.79
N ASN BA 90 0.44 -8.30 29.05
CA ASN BA 90 1.57 -8.32 28.15
C ASN BA 90 1.13 -8.46 26.69
N LEU BA 91 -0.19 -8.52 26.47
CA LEU BA 91 -0.75 -8.79 25.13
C LEU BA 91 -0.23 -7.79 24.13
N ALA BA 92 -0.24 -6.51 24.51
CA ALA BA 92 0.33 -5.44 23.69
C ALA BA 92 1.75 -5.81 23.21
N ALA BA 93 2.64 -6.04 24.18
CA ALA BA 93 4.04 -6.48 23.95
C ALA BA 93 4.13 -7.74 23.08
N ALA BA 94 3.34 -8.75 23.48
CA ALA BA 94 3.26 -9.99 22.75
C ALA BA 94 3.03 -9.77 21.28
N MET BA 95 2.05 -8.89 21.00
CA MET BA 95 1.65 -8.52 19.66
C MET BA 95 2.83 -8.10 18.80
N GLN BA 96 3.74 -7.37 19.41
CA GLN BA 96 4.92 -6.84 18.74
C GLN BA 96 6.06 -7.84 18.56
N GLY BA 97 6.24 -8.74 19.51
CA GLY BA 97 7.31 -9.73 19.42
C GLY BA 97 7.63 -10.30 20.77
N LEU BA 98 7.47 -9.48 21.81
CA LEU BA 98 7.79 -9.86 23.17
C LEU BA 98 6.80 -10.88 23.77
N LEU BA 99 6.58 -11.97 23.04
CA LEU BA 99 5.63 -13.00 23.45
C LEU BA 99 6.23 -13.97 24.51
N ALA BA 100 5.47 -14.26 25.56
CA ALA BA 100 5.94 -15.19 26.59
C ALA BA 100 4.81 -15.95 27.30
N LEU BA 101 4.76 -17.27 27.12
CA LEU BA 101 3.72 -18.11 27.72
C LEU BA 101 4.20 -18.96 28.91
N PRO BA 102 3.57 -18.77 30.08
CA PRO BA 102 3.88 -19.57 31.29
C PRO BA 102 3.07 -20.87 31.42
N LEU BA 103 3.66 -21.82 32.15
CA LEU BA 103 3.01 -23.07 32.59
C LEU BA 103 3.09 -23.13 34.11
N LEU BA 104 1.94 -23.30 34.76
CA LEU BA 104 1.93 -23.36 36.21
C LEU BA 104 1.77 -24.79 36.71
N ALA BA 105 2.58 -25.15 37.70
CA ALA BA 105 2.47 -26.40 38.42
C ALA BA 105 2.50 -26.15 39.92
N GLY BA 106 1.51 -26.70 40.64
CA GLY BA 106 1.42 -26.48 42.09
C GLY BA 106 0.78 -27.61 42.85
N TYR BA 107 0.92 -27.58 44.17
CA TYR BA 107 0.25 -28.49 45.07
C TYR BA 107 -0.69 -27.70 45.96
N ASP BA 108 -1.98 -27.93 45.79
CA ASP BA 108 -2.99 -27.21 46.57
C ASP BA 108 -3.20 -27.90 47.92
N ILE BA 109 -2.57 -27.34 48.97
CA ILE BA 109 -2.66 -27.89 50.33
C ILE BA 109 -4.07 -27.88 50.90
N HIS BA 110 -5.04 -27.45 50.09
CA HIS BA 110 -6.43 -27.41 50.53
C HIS BA 110 -7.37 -28.26 49.67
N ALA BA 111 -6.80 -29.01 48.72
CA ALA BA 111 -7.60 -29.95 47.93
C ALA BA 111 -8.23 -31.03 48.84
N SER BA 112 -9.43 -31.48 48.50
CA SER BA 112 -10.17 -32.48 49.28
C SER BA 112 -9.33 -33.74 49.42
N ASP BA 113 -8.95 -34.31 48.28
CA ASP BA 113 -8.11 -35.50 48.20
C ASP BA 113 -6.66 -35.07 48.00
N PRO BA 114 -5.79 -35.25 49.02
CA PRO BA 114 -4.41 -34.74 48.99
C PRO BA 114 -3.49 -35.63 48.15
N GLN BA 115 -4.11 -36.61 47.47
CA GLN BA 115 -3.46 -37.42 46.47
C GLN BA 115 -3.80 -36.86 45.06
N SER BA 116 -4.67 -35.83 45.04
CA SER BA 116 -5.11 -35.13 43.82
C SER BA 116 -4.80 -33.65 43.91
N ALA BA 117 -3.99 -33.26 44.89
CA ALA BA 117 -3.72 -31.84 45.13
C ALA BA 117 -2.70 -31.27 44.15
N GLY BA 118 -2.18 -32.13 43.28
CA GLY BA 118 -1.28 -31.70 42.22
C GLY BA 118 -2.08 -30.97 41.15
N ARG BA 119 -1.57 -29.82 40.73
CA ARG BA 119 -2.27 -29.01 39.72
C ARG BA 119 -1.36 -28.56 38.58
N ILE BA 120 -1.91 -28.65 37.38
CA ILE BA 120 -1.24 -28.17 36.19
C ILE BA 120 -2.14 -27.19 35.42
N VAL BA 121 -1.74 -25.91 35.41
CA VAL BA 121 -2.54 -24.88 34.73
C VAL BA 121 -1.79 -24.31 33.54
N SER BA 122 -2.37 -24.47 32.35
CA SER BA 122 -1.79 -23.94 31.12
C SER BA 122 -2.32 -22.53 30.80
N PHE BA 123 -1.50 -21.70 30.17
CA PHE BA 123 -1.87 -20.32 29.97
C PHE BA 123 -1.92 -19.89 28.51
N ASP BA 124 -2.73 -18.87 28.28
CA ASP BA 124 -3.17 -18.42 26.99
C ASP BA 124 -2.57 -17.04 26.74
N ALA BA 125 -2.10 -16.77 25.53
CA ALA BA 125 -1.54 -15.43 25.19
C ALA BA 125 -2.41 -14.22 25.58
N ALA BA 126 -3.72 -14.48 25.71
CA ALA BA 126 -4.73 -13.48 26.02
C ALA BA 126 -5.09 -13.42 27.49
N GLY BA 127 -4.46 -14.27 28.30
CA GLY BA 127 -4.75 -14.33 29.73
C GLY BA 127 -5.76 -15.39 30.14
N GLY BA 128 -6.12 -16.26 29.20
CA GLY BA 128 -6.95 -17.43 29.47
C GLY BA 128 -6.15 -18.51 30.14
N TRP BA 129 -6.83 -19.44 30.81
CA TRP BA 129 -6.18 -20.56 31.51
C TRP BA 129 -7.11 -21.75 31.62
N ASN BA 130 -6.56 -22.95 31.50
CA ASN BA 130 -7.32 -24.20 31.71
C ASN BA 130 -6.55 -25.08 32.65
N ILE BA 131 -7.18 -25.39 33.79
CA ILE BA 131 -6.66 -26.40 34.71
C ILE BA 131 -6.70 -27.74 33.99
N GLU BA 132 -5.53 -28.28 33.72
CA GLU BA 132 -5.35 -29.38 32.77
C GLU BA 132 -6.11 -30.67 33.02
N GLU BA 133 -6.08 -31.16 34.26
CA GLU BA 133 -6.68 -32.46 34.62
C GLU BA 133 -6.63 -33.50 33.48
N GLU BA 134 -5.41 -33.89 33.12
CA GLU BA 134 -5.15 -34.98 32.19
C GLU BA 134 -3.75 -35.49 32.52
N GLY BA 135 -3.16 -34.92 33.57
CA GLY BA 135 -1.93 -35.42 34.13
C GLY BA 135 -0.67 -34.81 33.57
N TYR BA 136 -0.70 -34.42 32.31
CA TYR BA 136 0.49 -33.80 31.71
C TYR BA 136 0.15 -32.64 30.79
N GLN BA 137 1.13 -31.75 30.62
CA GLN BA 137 1.02 -30.59 29.73
C GLN BA 137 2.42 -30.07 29.41
N ALA BA 138 2.53 -29.36 28.29
CA ALA BA 138 3.81 -28.77 27.92
C ALA BA 138 3.61 -27.42 27.24
N VAL BA 139 4.66 -26.62 27.20
CA VAL BA 139 4.65 -25.33 26.50
C VAL BA 139 6.00 -25.08 25.87
N GLY BA 140 6.01 -24.59 24.63
CA GLY BA 140 7.27 -24.24 23.96
C GLY BA 140 7.37 -24.84 22.58
N SER BA 141 8.45 -24.50 21.89
CA SER BA 141 8.64 -24.89 20.50
C SER BA 141 8.52 -26.37 20.29
N GLY BA 142 8.80 -27.15 21.33
CA GLY BA 142 8.75 -28.60 21.23
C GLY BA 142 7.65 -29.27 22.04
N SER BA 143 6.83 -28.46 22.69
CA SER BA 143 5.77 -28.97 23.55
C SER BA 143 4.85 -29.97 22.82
N LEU BA 144 4.70 -29.78 21.52
CA LEU BA 144 3.92 -30.70 20.68
C LEU BA 144 4.49 -32.13 20.72
N PHE BA 145 5.80 -32.24 20.56
CA PHE BA 145 6.46 -33.55 20.58
C PHE BA 145 6.46 -34.13 21.97
N ALA BA 146 6.73 -33.29 22.98
CA ALA BA 146 6.73 -33.78 24.36
C ALA BA 146 5.35 -34.35 24.73
N LYS BA 147 4.30 -33.53 24.65
CA LYS BA 147 2.93 -33.99 24.93
C LYS BA 147 2.60 -35.34 24.28
N SER BA 148 2.99 -35.52 23.02
CA SER BA 148 2.66 -36.73 22.30
C SER BA 148 3.42 -37.97 22.81
N SER BA 149 4.70 -37.78 23.18
CA SER BA 149 5.51 -38.86 23.75
C SER BA 149 4.98 -39.18 25.12
N MET BA 150 4.88 -38.12 25.91
CA MET BA 150 4.35 -38.18 27.26
C MET BA 150 2.91 -38.71 27.29
N LYS BA 151 2.25 -38.80 26.12
CA LYS BA 151 0.93 -39.44 26.02
C LYS BA 151 1.10 -40.93 26.25
N LYS BA 152 2.04 -41.51 25.52
CA LYS BA 152 2.36 -42.93 25.57
C LYS BA 152 2.96 -43.35 26.92
N LEU BA 153 3.95 -42.59 27.38
CA LEU BA 153 4.69 -42.94 28.59
C LEU BA 153 3.98 -42.60 29.91
N TYR BA 154 2.72 -42.20 29.87
CA TYR BA 154 2.07 -41.75 31.11
C TYR BA 154 1.66 -42.89 32.06
N SER BA 155 1.24 -44.02 31.51
CA SER BA 155 0.89 -45.19 32.30
C SER BA 155 1.98 -45.50 33.32
N GLN BA 156 3.23 -45.39 32.90
CA GLN BA 156 4.37 -45.70 33.76
C GLN BA 156 4.54 -44.78 34.98
N VAL BA 157 3.70 -43.78 35.14
CA VAL BA 157 3.85 -42.87 36.27
C VAL BA 157 3.20 -43.42 37.53
N THR BA 158 4.03 -43.70 38.53
CA THR BA 158 3.60 -44.38 39.74
C THR BA 158 3.89 -43.56 40.98
N ASP BA 159 5.01 -42.84 40.96
CA ASP BA 159 5.44 -42.04 42.08
C ASP BA 159 6.32 -40.89 41.58
N GLY BA 160 6.76 -40.03 42.50
CA GLY BA 160 7.69 -38.94 42.20
C GLY BA 160 8.77 -39.35 41.23
N ASP BA 161 9.74 -40.13 41.72
CA ASP BA 161 10.84 -40.60 40.88
C ASP BA 161 10.36 -41.23 39.57
N SER BA 162 9.22 -41.91 39.63
CA SER BA 162 8.64 -42.53 38.45
C SER BA 162 8.23 -41.47 37.43
N GLY BA 163 7.44 -40.49 37.85
CA GLY BA 163 7.04 -39.39 36.98
C GLY BA 163 8.23 -38.64 36.41
N LEU BA 164 9.15 -38.25 37.30
CA LEU BA 164 10.35 -37.53 36.93
C LEU BA 164 11.10 -38.14 35.72
N ARG BA 165 11.08 -39.46 35.62
CA ARG BA 165 11.77 -40.10 34.49
C ARG BA 165 11.04 -39.83 33.19
N VAL BA 166 9.71 -39.89 33.24
CA VAL BA 166 8.87 -39.64 32.06
C VAL BA 166 9.07 -38.21 31.58
N ALA BA 167 9.02 -37.27 32.53
CA ALA BA 167 9.35 -35.87 32.30
C ALA BA 167 10.64 -35.70 31.48
N VAL BA 168 11.76 -36.13 32.05
CA VAL BA 168 13.07 -36.09 31.36
C VAL BA 168 13.01 -36.75 30.00
N GLU BA 169 12.27 -37.85 29.88
CA GLU BA 169 12.20 -38.57 28.61
C GLU BA 169 11.47 -37.77 27.54
N ALA BA 170 10.40 -37.09 27.95
CA ALA BA 170 9.63 -36.23 27.06
C ALA BA 170 10.53 -35.08 26.56
N LEU BA 171 11.21 -34.41 27.49
CA LEU BA 171 12.20 -33.38 27.12
C LEU BA 171 13.27 -33.96 26.19
N TYR BA 172 13.69 -35.21 26.42
CA TYR BA 172 14.61 -35.86 25.46
C TYR BA 172 13.96 -35.99 24.06
N ASP BA 173 12.70 -36.44 24.05
CA ASP BA 173 11.95 -36.62 22.81
C ASP BA 173 11.68 -35.29 22.09
N ALA BA 174 11.51 -34.24 22.89
CA ALA BA 174 11.30 -32.90 22.35
C ALA BA 174 12.52 -32.47 21.57
N ALA BA 175 13.68 -32.52 22.23
CA ALA BA 175 14.91 -32.04 21.60
C ALA BA 175 15.29 -32.92 20.43
N ASP BA 176 14.61 -34.06 20.33
CA ASP BA 176 14.92 -34.96 19.26
C ASP BA 176 14.33 -34.52 17.96
N ASP BA 177 13.33 -33.63 18.06
CA ASP BA 177 12.61 -33.16 16.91
C ASP BA 177 12.54 -31.61 16.79
N ASP BA 178 12.57 -30.93 17.94
CA ASP BA 178 12.61 -29.46 17.95
C ASP BA 178 14.04 -29.01 18.18
N SER BA 179 14.67 -28.56 17.09
CA SER BA 179 16.04 -28.01 17.11
C SER BA 179 16.16 -26.79 18.01
N ALA BA 180 15.06 -26.31 18.54
CA ALA BA 180 15.10 -25.17 19.43
C ALA BA 180 15.00 -25.56 20.90
N THR BA 181 14.93 -26.87 21.18
CA THR BA 181 14.74 -27.36 22.56
C THR BA 181 16.02 -27.80 23.25
N GLY BA 182 16.87 -28.59 22.59
CA GLY BA 182 18.17 -28.95 23.21
C GLY BA 182 18.16 -29.99 24.32
N GLY BA 183 18.75 -31.15 24.01
CA GLY BA 183 18.76 -32.28 24.92
C GLY BA 183 19.88 -32.19 25.93
N PRO BA 184 20.21 -33.32 26.59
CA PRO BA 184 21.30 -33.35 27.57
C PRO BA 184 22.69 -33.24 26.93
N ASP BA 185 23.53 -32.36 27.47
CA ASP BA 185 24.90 -32.23 26.99
C ASP BA 185 25.85 -33.02 27.86
N LEU BA 186 26.19 -34.22 27.41
CA LEU BA 186 27.14 -35.03 28.16
C LEU BA 186 28.52 -34.38 28.07
N VAL BA 187 28.92 -34.02 26.86
CA VAL BA 187 30.20 -33.41 26.61
C VAL BA 187 30.49 -32.23 27.56
N ARG BA 188 29.43 -31.54 28.00
CA ARG BA 188 29.57 -30.33 28.82
C ARG BA 188 29.02 -30.55 30.22
N GLY BA 189 28.24 -31.61 30.39
CA GLY BA 189 27.63 -31.92 31.68
C GLY BA 189 26.52 -30.98 32.07
N ILE BA 190 25.63 -30.68 31.11
CA ILE BA 190 24.47 -29.80 31.28
C ILE BA 190 23.18 -30.60 31.04
N PHE BA 191 22.24 -30.47 31.95
CA PHE BA 191 21.05 -31.33 31.95
C PHE BA 191 19.82 -30.51 32.27
N PRO BA 192 18.62 -30.94 31.80
CA PRO BA 192 17.37 -30.22 32.09
C PRO BA 192 17.20 -30.00 33.58
N THR BA 193 16.63 -28.86 34.00
CA THR BA 193 16.35 -28.67 35.43
C THR BA 193 14.93 -29.16 35.73
N ALA BA 194 14.65 -29.41 37.00
CA ALA BA 194 13.29 -29.76 37.40
C ALA BA 194 12.96 -29.38 38.83
N VAL BA 195 11.66 -29.47 39.14
CA VAL BA 195 11.11 -29.14 40.46
C VAL BA 195 10.04 -30.19 40.79
N ILE BA 196 9.99 -30.61 42.06
CA ILE BA 196 8.93 -31.50 42.54
C ILE BA 196 8.15 -30.86 43.67
N ILE BA 197 6.84 -31.04 43.63
CA ILE BA 197 5.96 -30.50 44.65
C ILE BA 197 5.02 -31.58 45.20
N ASP BA 198 5.05 -31.76 46.51
CA ASP BA 198 4.15 -32.65 47.23
C ASP BA 198 3.74 -31.95 48.52
N ALA BA 199 3.02 -32.64 49.41
CA ALA BA 199 2.52 -32.03 50.64
C ALA BA 199 3.61 -31.31 51.44
N ASP BA 200 4.86 -31.68 51.22
CA ASP BA 200 5.99 -31.14 51.97
C ASP BA 200 6.50 -29.82 51.43
N GLY BA 201 6.22 -29.55 50.16
CA GLY BA 201 6.64 -28.30 49.53
C GLY BA 201 7.23 -28.53 48.15
N ALA BA 202 7.91 -27.50 47.63
CA ALA BA 202 8.54 -27.53 46.32
C ALA BA 202 10.05 -27.57 46.50
N VAL BA 203 10.69 -28.48 45.80
CA VAL BA 203 12.13 -28.69 45.95
C VAL BA 203 12.77 -28.91 44.58
N ASP BA 204 13.96 -28.34 44.43
CA ASP BA 204 14.76 -28.51 43.22
C ASP BA 204 15.32 -29.91 43.15
N VAL BA 205 14.98 -30.61 42.06
CA VAL BA 205 15.51 -31.94 41.80
C VAL BA 205 17.01 -31.82 41.51
N PRO BA 206 17.85 -32.55 42.27
CA PRO BA 206 19.31 -32.44 42.07
C PRO BA 206 19.70 -33.00 40.72
N GLU BA 207 20.68 -32.37 40.06
CA GLU BA 207 21.05 -32.74 38.70
C GLU BA 207 21.52 -34.18 38.60
N SER BA 208 22.07 -34.67 39.70
CA SER BA 208 22.54 -36.04 39.82
C SER BA 208 21.46 -37.02 39.35
N ARG BA 209 20.29 -36.96 39.97
CA ARG BA 209 19.21 -37.87 39.64
C ARG BA 209 18.75 -37.70 38.19
N ILE BA 210 18.82 -36.46 37.71
CA ILE BA 210 18.44 -36.10 36.34
C ILE BA 210 19.49 -36.65 35.36
N ALA BA 211 20.76 -36.33 35.62
CA ALA BA 211 21.88 -36.74 34.77
C ALA BA 211 21.91 -38.26 34.65
N GLU BA 212 21.69 -38.92 35.77
CA GLU BA 212 21.56 -40.37 35.81
C GLU BA 212 20.41 -40.81 34.89
N LEU BA 213 19.20 -40.40 35.25
CA LEU BA 213 18.00 -40.67 34.44
C LEU BA 213 18.17 -40.42 32.95
N ALA BA 214 18.89 -39.35 32.61
CA ALA BA 214 19.20 -39.00 31.21
C ALA BA 214 19.99 -40.11 30.53
N ARG BA 215 21.10 -40.51 31.17
CA ARG BA 215 22.00 -41.54 30.65
C ARG BA 215 21.27 -42.85 30.45
N ALA BA 216 20.34 -43.12 31.36
CA ALA BA 216 19.41 -44.24 31.25
C ALA BA 216 18.70 -44.23 29.90
N ILE BA 217 18.01 -43.11 29.62
CA ILE BA 217 17.28 -42.93 28.36
C ILE BA 217 18.21 -43.04 27.16
N ILE BA 218 19.38 -42.39 27.25
CA ILE BA 218 20.35 -42.38 26.14
C ILE BA 218 20.79 -43.79 25.80
N GLU BA 219 21.16 -44.56 26.83
CA GLU BA 219 21.60 -45.92 26.67
C GLU BA 219 20.51 -46.82 26.08
N SER BA 220 19.33 -46.81 26.70
CA SER BA 220 18.25 -47.67 26.24
C SER BA 220 17.80 -47.37 24.81
N ARG BA 221 17.77 -46.08 24.45
CA ARG BA 221 17.48 -45.71 23.06
C ARG BA 221 18.68 -45.97 22.13
N SER BA 222 19.88 -45.97 22.71
CA SER BA 222 21.12 -46.20 21.96
C SER BA 222 21.27 -47.65 21.53
O3 M1N CA . -27.49 18.77 -3.14
C2 M1N CA . -27.17 18.92 -1.95
N1 M1N CA . -27.83 20.04 -1.34
C15 M1N CA . -27.52 21.39 -1.85
B M1N CA . -26.45 22.06 -2.71
O17 M1N CA . -25.43 21.23 -3.41
O16 M1N CA . -25.68 23.04 -1.90
C22 M1N CA . -27.44 22.00 -0.41
C23 M1N CA . -28.43 22.39 0.68
C25 M1N CA . -29.48 21.39 0.74
C24 M1N CA . -27.87 22.77 1.97
C4 M1N CA . -26.25 17.92 -1.51
N6 M1N CA . -25.32 17.39 -2.55
C7 M1N CA . -24.21 18.03 -3.19
N9 M1N CA . -22.97 18.61 -2.75
C14 M1N CA . -22.56 17.80 -1.55
C13 M1N CA . -21.28 18.38 -0.92
O12 M1N CA . -20.85 19.55 -1.73
C11 M1N CA . -20.70 19.41 -3.23
C10 M1N CA . -21.94 18.76 -3.86
O8 M1N CA . -24.22 18.19 -4.49
C5 M1N CA . -26.90 16.80 -1.01
C31 M1N CA . -26.85 16.52 0.44
C36 M1N CA . -25.98 17.09 1.40
C35 M1N CA . -26.07 16.64 2.79
C34 M1N CA . -27.01 15.66 3.24
C33 M1N CA . -27.88 15.09 2.26
C40 M1N CA . -28.79 14.09 2.68
C39 M1N CA . -29.66 13.49 1.77
C38 M1N CA . -29.62 13.87 0.40
C37 M1N CA . -28.68 14.88 -0.07
C32 M1N CA . -27.80 15.51 0.86
O3 M1N DA . -3.47 32.49 -6.69
C2 M1N DA . -3.71 32.43 -5.48
N1 M1N DA . -3.73 33.74 -4.88
C15 M1N DA . -2.45 34.49 -4.83
B M1N DA . -0.97 34.20 -5.05
O17 M1N DA . -0.53 32.76 -5.01
O16 M1N DA . -0.21 35.01 -4.04
C22 M1N DA . -2.64 34.76 -3.29
C23 M1N DA . -3.49 35.69 -2.45
C25 M1N DA . -4.90 35.44 -2.65
C24 M1N DA . -3.06 35.96 -1.10
C4 M1N DA . -3.97 31.10 -5.01
N6 M1N DA . -3.35 29.98 -5.76
C7 M1N DA . -1.97 29.59 -5.91
N9 M1N DA . -0.95 29.19 -5.02
C14 M1N DA . -1.62 28.24 -4.07
C13 M1N DA . -0.68 27.98 -2.87
O12 M1N DA . 0.68 28.48 -3.20
C11 M1N DA . 1.25 28.18 -4.57
C10 M1N DA . 0.33 28.70 -5.71
O8 M1N DA . -1.44 29.58 -7.09
C5 M1N DA . -5.31 30.81 -5.03
C31 M1N DA . -5.95 30.50 -3.73
C36 M1N DA . -5.28 30.17 -2.55
C35 M1N DA . -6.04 29.84 -1.34
C34 M1N DA . -7.49 29.87 -1.33
C33 M1N DA . -8.17 30.22 -2.54
C40 M1N DA . -9.57 30.23 -2.51
C39 M1N DA . -10.30 30.54 -3.65
C38 M1N DA . -9.61 30.85 -4.84
C37 M1N DA . -8.16 30.84 -4.90
C32 M1N DA . -7.40 30.53 -3.73
O3 M1N EA . -2.40 24.21 -23.24
C2 M1N EA . -2.09 23.14 -23.83
N1 M1N EA . -2.36 23.18 -25.25
C15 M1N EA . -3.70 23.67 -25.63
B M1N EA . -5.13 23.48 -25.13
O17 M1N EA . -5.37 23.05 -23.69
O16 M1N EA . -5.82 22.48 -26.00
C22 M1N EA . -3.58 23.02 -27.05
C23 M1N EA . -2.65 22.99 -28.23
C25 M1N EA . -1.31 23.18 -27.74
C24 M1N EA . -2.84 21.83 -29.09
C4 M1N EA . -1.52 22.12 -23.00
N6 M1N EA . -2.01 21.99 -21.62
C7 M1N EA . -3.36 21.67 -21.22
N9 M1N EA . -4.22 20.54 -21.35
C14 M1N EA . -3.27 19.36 -21.37
C13 M1N EA . -4.10 18.07 -21.32
O12 M1N EA . -5.52 18.39 -21.61
C11 M1N EA . -6.25 19.37 -20.71
C10 M1N EA . -5.31 20.51 -20.29
O8 M1N EA . -4.04 22.59 -20.61
C5 M1N EA . -0.16 22.25 -22.86
C31 M1N EA . 0.63 21.22 -23.56
C36 M1N EA . 0.13 20.00 -24.02
C35 M1N EA . 1.06 19.05 -24.65
C34 M1N EA . 2.46 19.35 -24.84
C33 M1N EA . 2.96 20.62 -24.37
C40 M1N EA . 4.32 20.91 -24.56
C39 M1N EA . 4.86 22.11 -24.10
C38 M1N EA . 4.01 23.06 -23.46
C37 M1N EA . 2.59 22.79 -23.26
C32 M1N EA . 2.04 21.56 -23.72
O3 M1N FA . -9.24 -31.85 4.35
C2 M1N FA . -8.99 -31.61 3.15
N1 M1N FA . -8.81 -32.80 2.38
C15 M1N FA . -7.88 -33.80 2.97
B M1N FA . -6.65 -33.72 3.88
O17 M1N FA . -6.51 -32.62 4.92
O16 M1N FA . -5.37 -33.62 3.12
C22 M1N FA . -7.55 -34.44 1.57
C23 M1N FA . -8.25 -35.23 0.48
C25 M1N FA . -9.62 -34.78 0.30
C24 M1N FA . -7.50 -35.50 -0.75
C4 M1N FA . -9.02 -30.19 2.88
N6 M1N FA . -8.60 -29.31 4.00
C7 M1N FA . -7.27 -29.12 4.54
N9 M1N FA . -6.02 -28.84 3.89
C14 M1N FA . -6.42 -27.89 2.78
C13 M1N FA . -5.27 -27.75 1.77
O12 M1N FA . -4.01 -28.10 2.47
C11 M1N FA . -3.87 -27.66 3.92
C10 M1N FA . -4.88 -28.41 4.82
O8 M1N FA . -7.02 -29.22 5.83
C5 M1N FA . -10.27 -29.78 2.49
C31 M1N FA . -10.45 -29.62 1.02
C36 M1N FA . -9.40 -29.60 0.08
C35 M1N FA . -9.71 -29.37 -1.34
C34 M1N FA . -11.06 -29.18 -1.81
C33 M1N FA . -12.13 -29.20 -0.85
C40 M1N FA . -13.45 -29.00 -1.31
C39 M1N FA . -14.54 -28.99 -0.44
C38 M1N FA . -14.32 -29.19 0.94
C37 M1N FA . -12.96 -29.40 1.46
C32 M1N FA . -11.83 -29.41 0.57
O3 M1N GA . 22.67 24.65 1.18
C2 M1N GA . 21.84 24.81 2.09
N1 M1N GA . 22.37 25.55 3.20
C15 M1N GA . 23.78 25.30 3.59
B M1N GA . 24.75 24.11 3.73
O17 M1N GA . 24.36 22.70 3.37
O16 M1N GA . 25.34 24.05 5.11
C22 M1N GA . 23.48 25.92 4.99
C23 M1N GA . 23.18 27.28 5.56
C25 M1N GA . 22.10 27.89 4.81
C24 M1N GA . 23.12 27.40 7.01
C4 M1N GA . 20.54 24.23 1.83
N6 M1N GA . 20.52 23.06 0.92
C7 M1N GA . 21.18 21.81 1.17
N9 M1N GA . 21.14 20.89 2.28
C14 M1N GA . 19.67 20.74 2.60
C13 M1N GA . 19.49 20.03 3.95
O12 M1N GA . 20.75 19.33 4.30
C11 M1N GA . 21.48 18.63 3.15
C10 M1N GA . 22.04 19.65 2.14
O8 M1N GA . 22.07 21.38 0.30
C5 M1N GA . 19.61 25.10 1.31
C31 M1N GA . 18.54 25.48 2.25
C36 M1N GA . 18.39 24.94 3.54
C35 M1N GA . 17.24 25.39 4.35
C34 M1N GA . 16.29 26.38 3.90
C33 M1N GA . 16.46 26.92 2.59
C40 M1N GA . 15.52 27.88 2.14
C39 M1N GA . 15.62 28.44 0.87
C38 M1N GA . 16.69 28.04 0.02
C37 M1N GA . 17.69 27.06 0.45
C32 M1N GA . 17.58 26.48 1.76
O3 M1N HA . -25.89 9.85 -19.25
C2 M1N HA . -25.13 9.12 -19.91
N1 M1N HA . -25.76 8.56 -21.08
C15 M1N HA . -27.13 8.03 -20.93
B M1N HA . -27.83 7.18 -19.89
O17 M1N HA . -27.32 7.26 -18.50
O16 M1N HA . -27.77 5.76 -20.35
C22 M1N HA . -27.01 7.21 -22.24
C23 M1N HA . -26.73 7.44 -23.72
C25 M1N HA . -25.79 8.54 -23.89
C24 M1N HA . -26.40 6.25 -24.52
C4 M1N HA . -23.82 9.05 -19.33
N6 M1N HA . -23.80 8.97 -17.84
C7 M1N HA . -24.22 7.90 -16.98
N9 M1N HA . -23.92 6.51 -16.83
C14 M1N HA . -22.41 6.42 -16.95
C13 M1N HA . -22.04 4.94 -17.14
O12 M1N HA . -23.21 4.09 -16.79
C11 M1N HA . -23.98 4.44 -15.54
C10 M1N HA . -24.57 5.87 -15.62
O8 M1N HA . -25.12 8.14 -16.06
C5 M1N HA . -22.96 10.06 -19.69
C31 M1N HA . -21.99 9.73 -20.77
C36 M1N HA . -21.71 8.42 -21.20
C35 M1N HA . -20.71 8.20 -22.26
C34 M1N HA . -19.99 9.29 -22.88
C33 M1N HA . -20.28 10.62 -22.44
C40 M1N HA . -19.58 11.66 -23.06
C39 M1N HA . -19.78 12.98 -22.69
C38 M1N HA . -20.71 13.26 -21.66
C37 M1N HA . -21.48 12.20 -21.01
C32 M1N HA . -21.27 10.84 -21.39
O3 M1N IA . -29.19 -15.38 -6.92
C2 M1N IA . -28.40 -15.37 -7.89
N1 M1N IA . -28.78 -16.34 -8.89
C15 M1N IA . -29.09 -17.69 -8.36
B M1N IA . -28.59 -18.51 -7.20
O17 M1N IA . -27.67 -17.82 -6.23
O16 M1N IA . -27.91 -19.66 -7.83
C22 M1N IA . -28.54 -18.38 -9.65
C23 M1N IA . -29.07 -18.82 -10.98
C25 M1N IA . -29.51 -17.65 -11.71
C24 M1N IA . -28.22 -19.75 -11.73
C4 M1N IA . -27.33 -14.42 -7.79
N6 M1N IA . -26.90 -14.06 -6.39
C7 M1N IA . -26.08 -14.86 -5.53
N9 M1N IA . -24.82 -15.50 -5.73
C14 M1N IA . -23.99 -14.44 -6.44
C13 M1N IA . -22.82 -15.16 -7.13
O12 M1N IA . -22.64 -16.46 -6.44
C11 M1N IA . -22.74 -16.43 -4.93
C10 M1N IA . -24.19 -16.15 -4.51
O8 M1N IA . -26.47 -15.13 -4.30
C5 M1N IA . -27.56 -13.22 -8.42
C31 M1N IA . -27.09 -13.10 -9.82
C36 M1N IA . -26.14 -13.96 -10.40
C35 M1N IA . -25.75 -13.71 -11.78
C34 M1N IA . -26.27 -12.64 -12.59
C33 M1N IA . -27.22 -11.76 -11.99
C40 M1N IA . -27.70 -10.71 -12.79
C39 M1N IA . -28.63 -9.81 -12.27
C38 M1N IA . -29.08 -9.97 -10.93
C37 M1N IA . -28.58 -11.05 -10.06
C32 M1N IA . -27.63 -11.98 -10.60
O3 M1N JA . -31.77 -5.95 8.66
C2 M1N JA . -31.38 -5.45 9.74
N1 M1N JA . -32.49 -5.16 10.63
C15 M1N JA . -33.38 -4.05 10.18
B M1N JA . -33.33 -3.04 9.04
O17 M1N JA . -32.07 -3.05 8.20
O16 M1N JA . -33.43 -1.64 9.52
C22 M1N JA . -33.32 -3.29 11.54
C23 M1N JA . -33.61 -3.56 13.00
C25 M1N JA . -32.98 -4.83 13.34
C24 M1N JA . -33.31 -2.45 13.91
C4 M1N JA . -29.95 -5.35 9.84
N6 M1N JA . -29.20 -5.29 8.55
C7 M1N JA . -29.20 -4.24 7.56
N9 M1N JA . -28.70 -2.90 7.52
C14 M1N JA . -27.37 -3.01 8.24
C13 M1N JA . -26.88 -1.59 8.61
O12 M1N JA . -27.50 -0.62 7.67
C11 M1N JA . -27.70 -1.08 6.23
C10 M1N JA . -28.69 -2.28 6.13
O8 M1N JA . -29.80 -4.48 6.43
C5 M1N JA . -29.39 -6.47 10.39
C31 M1N JA . -28.72 -6.36 11.70
C36 M1N JA . -28.26 -5.16 12.26
C35 M1N JA . -27.57 -5.24 13.56
C34 M1N JA . -27.38 -6.46 14.28
C33 M1N JA . -27.85 -7.67 13.69
C40 M1N JA . -27.64 -8.87 14.41
C39 M1N JA . -28.07 -10.10 13.90
C38 M1N JA . -28.72 -10.12 12.63
C37 M1N JA . -28.96 -8.88 11.87
C32 M1N JA . -28.52 -7.62 12.40
O3 M1N KA . 24.06 17.23 -16.16
C2 M1N KA . 23.53 16.28 -16.79
N1 M1N KA . 23.59 16.44 -18.22
C15 M1N KA . 23.47 17.84 -18.69
B M1N KA . 22.35 18.90 -18.58
O17 M1N KA . 21.66 19.07 -17.23
O16 M1N KA . 21.22 18.62 -19.53
C22 M1N KA . 23.81 17.46 -20.18
C23 M1N KA . 24.75 16.54 -20.90
C25 M1N KA . 25.48 15.75 -19.91
C24 M1N KA . 24.20 15.75 -21.99
C4 M1N KA . 23.02 15.28 -15.91
N6 M1N KA . 22.23 15.83 -14.77
C7 M1N KA . 21.00 16.61 -14.81
N9 M1N KA . 19.75 16.49 -15.52
C14 M1N KA . 19.66 15.01 -15.85
C13 M1N KA . 18.21 14.56 -16.16
O12 M1N KA . 17.43 15.74 -16.60
C11 M1N KA . 17.33 16.93 -15.65
C10 M1N KA . 18.58 17.11 -14.76
O8 M1N KA . 20.90 17.71 -14.08
C5 M1N KA . 24.03 14.49 -15.41
C31 M1N KA . 24.01 13.09 -15.92
C36 M1N KA . 23.04 12.56 -16.79
C35 M1N KA . 23.14 11.14 -17.16
C34 M1N KA . 24.20 10.29 -16.69
C33 M1N KA . 25.21 10.84 -15.81
C40 M1N KA . 26.26 10.02 -15.34
C39 M1N KA . 27.25 10.49 -14.49
C38 M1N KA . 27.21 11.85 -14.08
C37 M1N KA . 26.13 12.76 -14.53
C32 M1N KA . 25.11 12.25 -15.42
O3 M1N LA . 30.85 1.27 13.94
C2 M1N LA . 30.09 1.94 14.71
N1 M1N LA . 30.65 2.22 16.01
C15 M1N LA . 31.05 1.00 16.79
B M1N LA . 30.63 -0.46 16.78
O17 M1N LA . 29.90 -1.09 15.60
O16 M1N LA . 29.83 -0.84 17.98
C22 M1N LA . 30.73 1.63 18.20
C23 M1N LA . 31.11 2.84 19.04
C25 M1N LA . 31.16 4.08 18.24
C24 M1N LA . 30.46 2.89 20.36
C4 M1N LA . 28.86 2.32 14.07
N6 M1N LA . 28.39 1.34 13.05
C7 M1N LA . 27.88 0.01 13.27
N9 M1N LA . 26.76 -0.50 14.02
C14 M1N LA . 25.72 0.61 13.83
C13 M1N LA . 24.54 0.38 14.80
O12 M1N LA . 24.58 -1.05 15.20
C11 M1N LA . 24.87 -2.04 14.09
C10 M1N LA . 26.35 -1.92 13.64
O8 M1N LA . 28.52 -1.04 12.77
C5 M1N LA . 28.92 3.57 13.48
C31 M1N LA . 28.19 4.68 14.16
C36 M1N LA . 27.26 4.50 15.21
C35 M1N LA . 26.57 5.65 15.78
C34 M1N LA . 26.83 6.99 15.33
C33 M1N LA . 27.78 7.21 14.27
C40 M1N LA . 28.01 8.54 13.83
C39 M1N LA . 28.90 8.83 12.80
C38 M1N LA . 29.60 7.76 12.18
C37 M1N LA . 29.39 6.35 12.61
C32 M1N LA . 28.47 6.05 13.67
O3 M1N MA . -12.71 -23.61 20.10
C2 M1N MA . -12.58 -22.59 20.83
N1 M1N MA . -13.22 -22.79 22.10
C15 M1N MA . -14.69 -22.60 22.17
B M1N MA . -15.83 -22.13 21.28
O17 M1N MA . -15.45 -21.23 20.10
O16 M1N MA . -16.85 -21.45 22.14
C22 M1N MA . -14.61 -21.54 23.33
C23 M1N MA . -14.68 -21.58 24.83
C25 M1N MA . -13.46 -22.23 25.25
C24 M1N MA . -14.96 -20.29 25.45
C4 M1N MA . -11.81 -21.49 20.27
N6 M1N MA . -11.89 -21.30 18.80
C7 M1N MA . -12.92 -20.64 18.06
N9 M1N MA . -13.44 -19.31 18.04
C14 M1N MA . -12.19 -18.44 17.99
C13 M1N MA . -12.57 -16.98 18.35
O12 M1N MA . -13.96 -16.69 17.88
C11 M1N MA . -14.51 -17.52 16.72
C10 M1N MA . -14.48 -19.05 16.96
O8 M1N MA . -13.61 -21.32 17.18
C5 M1N MA . -10.44 -21.52 20.52
C31 M1N MA . -9.86 -20.65 21.59
C36 M1N MA . -10.46 -19.47 22.07
C35 M1N MA . -9.78 -18.68 23.09
C34 M1N MA . -8.51 -19.05 23.65
C33 M1N MA . -7.88 -20.24 23.16
C40 M1N MA . -6.62 -20.59 23.70
C39 M1N MA . -5.94 -21.73 23.26
C38 M1N MA . -6.53 -22.56 22.26
C37 M1N MA . -7.84 -22.22 21.68
C32 M1N MA . -8.55 -21.04 22.12
O3 M1N NA . 18.25 -27.34 6.41
C2 M1N NA . 17.87 -27.58 5.24
N1 M1N NA . 18.63 -28.62 4.58
C15 M1N NA . 20.09 -28.38 4.35
B M1N NA . 21.08 -27.24 4.50
O17 M1N NA . 20.53 -25.85 4.79
O16 M1N NA . 21.96 -27.15 3.30
C22 M1N NA . 20.04 -28.70 2.84
C23 M1N NA . 20.18 -29.89 1.94
C25 M1N NA . 19.16 -30.83 2.36
C24 M1N NA . 20.18 -29.53 0.52
C4 M1N NA . 16.74 -26.77 4.82
N6 M1N NA . 16.52 -25.45 5.51
C7 M1N NA . 17.39 -24.28 5.51
N9 M1N NA . 17.90 -23.40 4.49
C14 M1N NA . 16.65 -23.02 3.72
C13 M1N NA . 17.04 -22.27 2.42
O12 M1N NA . 18.45 -21.80 2.55
C11 M1N NA . 18.93 -21.25 3.90
C10 M1N NA . 18.83 -22.31 5.02
O8 M1N NA . 17.93 -23.85 6.64
C5 M1N NA . 15.54 -27.46 4.86
C31 M1N NA . 14.78 -27.64 3.59
C36 M1N NA . 15.07 -26.99 2.36
C35 M1N NA . 14.20 -27.25 1.20
C34 M1N NA . 13.08 -28.16 1.26
C33 M1N NA . 12.79 -28.81 2.51
C40 M1N NA . 11.68 -29.69 2.56
C39 M1N NA . 11.35 -30.35 3.74
C38 M1N NA . 12.13 -30.13 4.91
C37 M1N NA . 13.29 -29.23 4.89
C32 M1N NA . 13.64 -28.55 3.67
O3 M1N OA . 33.20 -5.71 -2.84
C2 M1N OA . 32.58 -6.13 -3.83
N1 M1N OA . 33.42 -6.44 -4.95
C15 M1N OA . 34.28 -5.37 -5.51
B M1N OA . 34.26 -3.85 -5.72
O17 M1N OA . 32.92 -3.17 -5.41
O16 M1N OA . 34.65 -3.55 -7.15
C22 M1N OA . 34.14 -5.97 -6.92
C23 M1N OA . 34.89 -7.01 -7.71
C25 M1N OA . 34.56 -8.32 -7.15
C24 M1N OA . 34.86 -6.83 -9.16
C4 M1N OA . 31.17 -6.29 -3.60
N6 M1N OA . 30.49 -5.28 -2.75
C7 M1N OA . 30.27 -3.87 -2.97
N9 M1N OA . 29.53 -3.09 -3.93
C14 M1N OA . 28.20 -3.79 -4.13
C13 M1N OA . 27.45 -3.09 -5.28
O12 M1N OA . 28.38 -2.10 -5.90
C11 M1N OA . 29.01 -1.00 -5.04
C10 M1N OA . 29.51 -1.58 -3.70
O8 M1N OA . 30.86 -3.02 -2.15
C5 M1N OA . 30.89 -7.52 -3.03
C31 M1N OA . 30.27 -8.56 -3.90
C36 M1N OA . 29.75 -8.34 -5.19
C35 M1N OA . 29.14 -9.46 -5.92
C34 M1N OA . 29.08 -10.78 -5.35
C33 M1N OA . 29.62 -11.01 -4.04
C40 M1N OA . 29.54 -12.31 -3.48
C39 M1N OA . 30.04 -12.61 -2.22
C38 M1N OA . 30.63 -11.56 -1.47
C37 M1N OA . 30.72 -10.20 -1.99
C32 M1N OA . 30.22 -9.90 -3.31
O3 M1N PA . 15.08 -20.06 22.78
C2 M1N PA . 14.86 -19.06 23.50
N1 M1N PA . 14.96 -19.43 24.90
C15 M1N PA . 13.86 -20.31 25.40
B M1N PA . 12.59 -20.93 24.82
O17 M1N PA . 12.16 -20.63 23.39
O16 M1N PA . 11.40 -20.68 25.71
C22 M1N PA . 13.42 -19.33 26.53
C23 M1N PA . 13.80 -18.96 27.93
C25 M1N PA . 14.96 -18.07 27.88
C24 M1N PA . 12.67 -18.54 28.75
C4 M1N PA . 14.59 -17.83 22.77
N6 M1N PA . 14.11 -17.96 21.37
C7 M1N PA . 12.91 -18.49 20.76
N9 M1N PA . 11.49 -18.18 20.69
C14 M1N PA . 11.27 -17.15 21.78
C13 M1N PA . 9.90 -16.44 21.58
O12 M1N PA . 9.06 -17.39 20.82
C11 M1N PA . 9.50 -17.49 19.35
C10 M1N PA . 11.04 -17.67 19.31
O8 M1N PA . 13.08 -19.58 20.03
C5 M1N PA . 15.71 -17.04 22.55
C31 M1N PA . 15.73 -15.64 23.06
C36 M1N PA . 14.64 -14.95 23.64
C35 M1N PA . 14.79 -13.56 24.08
C34 M1N PA . 16.04 -12.87 23.95
C33 M1N PA . 17.16 -13.56 23.37
C40 M1N PA . 18.39 -12.86 23.23
C39 M1N PA . 19.52 -13.48 22.68
C38 M1N PA . 19.43 -14.83 22.23
C37 M1N PA . 18.17 -15.58 22.33
C32 M1N PA . 17.00 -14.95 22.91
#